data_6BA1
#
_entry.id   6BA1
#
_cell.length_a   163.270
_cell.length_b   80.240
_cell.length_c   223.820
_cell.angle_alpha   90.000
_cell.angle_beta   106.500
_cell.angle_gamma   90.000
#
_symmetry.space_group_name_H-M   'P 1 21 1'
#
loop_
_entity.id
_entity.type
_entity.pdbx_description
1 polymer 'Inosine-uridine preferring nucleoside hydrolase'
2 non-polymer 'CALCIUM ION'
#
_entity_poly.entity_id   1
_entity_poly.type   'polypeptide(L)'
_entity_poly.pdbx_seq_one_letter_code
;GSHMKKLILDLDTGVDDTLAISYALGSPEMELIGITGTYGNVLMEQGVRNALAITDLLGHPEVKVYKGLSHASTKDSFEV
LPISAFIHGDNGIGDVEIPDSPRKAEDESAVDFIIDSVKKYGKDLVYVPTGPMTNIAAALKKAPEIKDEIGKIVLMGGAL
TIHGNVNAWTEANISQDPDAADILFRSGAPVTMIGLDVTLQTLLTYKETKQWRDLNTKAGKFLADMTDFYIKAYETTAPH
LGGCGLHDPLAVAVAVDPTLVTTLPINMQVDVEGPTRGRTIGDVTRLNDPVKTMQVAVGVDVPRFLNEFMTRISGLAKIA
G
;
_entity_poly.pdbx_strand_id   A,B,C,D,E,F,G,H,I,J,K,L,M,N,O,P,Q,R
#
# COMPACT_ATOMS: atom_id res chain seq x y z
N LYS A 5 10.58 -12.02 -27.12
CA LYS A 5 11.39 -11.03 -27.90
C LYS A 5 12.65 -10.67 -27.12
N LYS A 6 13.77 -10.54 -27.83
CA LYS A 6 15.10 -10.47 -27.21
C LYS A 6 16.00 -9.37 -27.80
N LEU A 7 16.70 -8.67 -26.92
CA LEU A 7 17.33 -7.38 -27.23
C LEU A 7 18.86 -7.42 -27.10
N ILE A 8 19.56 -6.80 -28.05
CA ILE A 8 20.99 -6.51 -27.93
C ILE A 8 21.18 -5.01 -28.12
N LEU A 9 21.85 -4.36 -27.17
CA LEU A 9 22.29 -2.98 -27.33
C LEU A 9 23.74 -2.96 -27.82
N ASP A 10 24.09 -1.96 -28.64
CA ASP A 10 25.45 -1.78 -29.16
C ASP A 10 25.84 -0.35 -28.77
N LEU A 11 26.65 -0.22 -27.71
CA LEU A 11 26.77 1.04 -26.96
C LEU A 11 28.19 1.59 -26.81
N ASP A 12 28.30 2.91 -27.02
CA ASP A 12 29.50 3.68 -26.68
C ASP A 12 29.26 4.36 -25.33
N THR A 13 29.27 3.54 -24.28
CA THR A 13 28.69 3.92 -22.98
C THR A 13 29.56 4.90 -22.17
N GLY A 14 29.22 6.19 -22.04
CA GLY A 14 28.06 6.88 -22.66
C GLY A 14 26.95 7.20 -21.69
N VAL A 15 26.58 8.47 -21.59
CA VAL A 15 25.58 8.93 -20.61
C VAL A 15 24.17 8.55 -21.04
N ASP A 16 23.78 9.03 -22.23
CA ASP A 16 22.50 8.62 -22.82
C ASP A 16 22.46 7.11 -23.09
N ASP A 17 23.63 6.53 -23.36
CA ASP A 17 23.74 5.08 -23.55
C ASP A 17 23.34 4.27 -22.30
N THR A 18 23.66 4.74 -21.10
CA THR A 18 23.20 4.04 -19.88
C THR A 18 21.72 4.25 -19.61
N LEU A 19 21.19 5.39 -20.05
CA LEU A 19 19.76 5.63 -19.98
C LEU A 19 19.02 4.66 -20.90
N ALA A 20 19.67 4.27 -22.01
CA ALA A 20 19.16 3.20 -22.87
C ALA A 20 19.18 1.84 -22.19
N ILE A 21 20.27 1.56 -21.46
CA ILE A 21 20.36 0.35 -20.65
C ILE A 21 19.26 0.35 -19.60
N SER A 22 19.12 1.47 -18.89
CA SER A 22 18.11 1.63 -17.83
C SER A 22 16.68 1.43 -18.35
N TYR A 23 16.37 2.02 -19.50
CA TYR A 23 15.05 1.84 -20.15
C TYR A 23 14.85 0.37 -20.55
N ALA A 24 15.92 -0.26 -21.06
CA ALA A 24 15.85 -1.65 -21.50
C ALA A 24 15.56 -2.58 -20.32
N LEU A 25 16.37 -2.47 -19.27
CA LEU A 25 16.19 -3.29 -18.06
C LEU A 25 14.90 -2.95 -17.29
N GLY A 26 14.40 -1.73 -17.45
CA GLY A 26 13.09 -1.34 -16.91
C GLY A 26 11.88 -1.78 -17.73
N SER A 27 12.13 -2.38 -18.90
CA SER A 27 11.09 -2.77 -19.84
C SER A 27 10.93 -4.30 -19.86
N PRO A 28 9.76 -4.81 -19.39
CA PRO A 28 9.56 -6.26 -19.34
C PRO A 28 9.25 -6.96 -20.67
N GLU A 29 9.07 -6.21 -21.76
CA GLU A 29 8.73 -6.80 -23.06
C GLU A 29 9.93 -7.46 -23.76
N MET A 30 11.14 -7.08 -23.35
CA MET A 30 12.37 -7.57 -23.94
C MET A 30 13.24 -8.22 -22.87
N GLU A 31 13.96 -9.27 -23.24
CA GLU A 31 15.08 -9.77 -22.45
C GLU A 31 16.35 -9.21 -23.06
N LEU A 32 17.07 -8.39 -22.32
CA LEU A 32 18.35 -7.86 -22.75
C LEU A 32 19.39 -8.99 -22.69
N ILE A 33 19.76 -9.54 -23.85
CA ILE A 33 20.68 -10.68 -23.93
C ILE A 33 22.12 -10.21 -23.62
N GLY A 34 22.54 -9.15 -24.30
CA GLY A 34 23.88 -8.62 -24.13
C GLY A 34 24.05 -7.19 -24.58
N ILE A 35 25.15 -6.59 -24.15
CA ILE A 35 25.55 -5.24 -24.53
C ILE A 35 26.81 -5.38 -25.33
N THR A 36 26.69 -5.19 -26.65
CA THR A 36 27.87 -5.06 -27.51
C THR A 36 28.52 -3.68 -27.29
N GLY A 37 29.84 -3.64 -27.14
CA GLY A 37 30.57 -2.40 -26.85
C GLY A 37 31.18 -1.80 -28.10
N THR A 38 31.07 -0.48 -28.26
CA THR A 38 31.73 0.24 -29.35
C THR A 38 32.28 1.55 -28.81
N TYR A 39 32.66 2.46 -29.72
CA TYR A 39 33.52 3.62 -29.39
C TYR A 39 32.83 4.92 -29.79
N GLY A 40 33.34 6.06 -29.31
CA GLY A 40 32.82 7.37 -29.71
C GLY A 40 32.77 8.33 -28.54
N ASN A 41 31.70 8.22 -27.76
CA ASN A 41 31.55 8.98 -26.51
C ASN A 41 32.77 8.74 -25.62
N VAL A 42 33.24 7.49 -25.62
CA VAL A 42 34.41 7.10 -24.87
C VAL A 42 35.12 5.94 -25.59
N LEU A 43 36.40 5.74 -25.28
CA LEU A 43 37.20 4.63 -25.82
C LEU A 43 36.47 3.29 -25.66
N MET A 44 36.64 2.39 -26.64
CA MET A 44 35.86 1.16 -26.71
C MET A 44 35.86 0.35 -25.40
N GLU A 45 37.06 0.17 -24.85
CA GLU A 45 37.27 -0.55 -23.58
C GLU A 45 36.51 0.10 -22.43
N GLN A 46 36.66 1.42 -22.28
CA GLN A 46 35.89 2.18 -21.29
C GLN A 46 34.38 1.93 -21.41
N GLY A 47 33.89 1.81 -22.64
CA GLY A 47 32.49 1.43 -22.92
C GLY A 47 32.09 0.12 -22.26
N VAL A 48 33.00 -0.86 -22.29
CA VAL A 48 32.79 -2.15 -21.66
C VAL A 48 32.85 -2.08 -20.12
N ARG A 49 33.86 -1.38 -19.57
CA ARG A 49 33.97 -1.21 -18.12
C ARG A 49 32.70 -0.63 -17.52
N ASN A 50 32.17 0.38 -18.19
CA ASN A 50 30.97 1.09 -17.75
C ASN A 50 29.75 0.18 -17.85
N ALA A 51 29.61 -0.47 -19.01
CA ALA A 51 28.51 -1.41 -19.25
C ALA A 51 28.39 -2.46 -18.16
N LEU A 52 29.52 -3.11 -17.84
CA LEU A 52 29.57 -4.14 -16.80
C LEU A 52 29.20 -3.56 -15.44
N ALA A 53 29.88 -2.48 -15.06
CA ALA A 53 29.66 -1.81 -13.77
C ALA A 53 28.23 -1.33 -13.55
N ILE A 54 27.62 -0.81 -14.63
CA ILE A 54 26.27 -0.23 -14.55
C ILE A 54 25.20 -1.32 -14.54
N THR A 55 25.34 -2.33 -15.40
CA THR A 55 24.42 -3.47 -15.40
C THR A 55 24.37 -4.14 -14.03
N ASP A 56 25.54 -4.29 -13.40
CA ASP A 56 25.64 -4.73 -11.99
C ASP A 56 24.84 -3.82 -11.06
N LEU A 57 25.13 -2.51 -11.11
CA LEU A 57 24.51 -1.54 -10.19
C LEU A 57 22.98 -1.52 -10.23
N LEU A 58 22.40 -1.72 -11.41
CA LEU A 58 20.94 -1.69 -11.58
C LEU A 58 20.23 -2.99 -11.13
N GLY A 59 21.04 -4.03 -10.88
CA GLY A 59 20.56 -5.31 -10.37
C GLY A 59 20.46 -6.40 -11.41
N HIS A 60 21.23 -6.28 -12.50
CA HIS A 60 21.18 -7.23 -13.60
C HIS A 60 22.60 -7.59 -14.07
N PRO A 61 23.33 -8.37 -13.26
CA PRO A 61 24.65 -8.83 -13.68
C PRO A 61 24.65 -10.04 -14.62
N GLU A 62 23.47 -10.51 -15.06
CA GLU A 62 23.36 -11.52 -16.10
C GLU A 62 23.66 -10.98 -17.51
N VAL A 63 23.65 -9.66 -17.66
CA VAL A 63 23.86 -9.01 -18.95
C VAL A 63 25.33 -9.18 -19.35
N LYS A 64 25.57 -10.00 -20.37
CA LYS A 64 26.89 -10.36 -20.82
C LYS A 64 27.38 -9.30 -21.80
N VAL A 65 28.52 -8.68 -21.49
CA VAL A 65 29.06 -7.59 -22.29
C VAL A 65 30.13 -8.11 -23.24
N TYR A 66 29.90 -7.95 -24.55
CA TYR A 66 30.81 -8.43 -25.58
C TYR A 66 31.68 -7.28 -26.09
N LYS A 67 32.71 -7.62 -26.85
CA LYS A 67 33.77 -6.71 -27.21
C LYS A 67 33.78 -6.50 -28.73
N GLY A 68 33.30 -5.33 -29.16
CA GLY A 68 33.32 -4.95 -30.58
C GLY A 68 34.64 -4.33 -31.01
N LEU A 69 34.61 -3.53 -32.08
CA LEU A 69 35.80 -2.97 -32.71
C LEU A 69 36.17 -1.61 -32.13
N SER A 70 37.47 -1.32 -32.07
CA SER A 70 38.00 -0.07 -31.46
C SER A 70 37.94 1.15 -32.38
N HIS A 71 38.26 0.94 -33.66
CA HIS A 71 38.35 2.04 -34.64
C HIS A 71 37.34 1.85 -35.78
N ALA A 72 37.20 2.89 -36.60
CA ALA A 72 36.25 2.89 -37.72
C ALA A 72 36.63 1.95 -38.86
N SER A 73 35.59 1.46 -39.56
CA SER A 73 35.70 0.75 -40.85
C SER A 73 36.91 1.14 -41.70
N THR A 74 37.11 2.44 -41.89
CA THR A 74 38.14 2.98 -42.78
C THR A 74 39.21 3.85 -42.07
N LYS A 75 39.42 3.62 -40.78
CA LYS A 75 40.48 4.31 -40.02
C LYS A 75 41.37 3.29 -39.29
N ASP A 76 42.58 3.72 -38.96
CA ASP A 76 43.57 2.88 -38.28
C ASP A 76 43.37 2.91 -36.76
N SER A 77 43.07 4.09 -36.22
CA SER A 77 42.98 4.33 -34.78
C SER A 77 41.69 5.07 -34.40
N PHE A 78 41.58 5.42 -33.11
CA PHE A 78 40.52 6.28 -32.63
C PHE A 78 40.91 6.95 -31.30
N GLU A 79 40.69 8.26 -31.21
CA GLU A 79 40.81 9.02 -29.96
C GLU A 79 39.46 9.63 -29.64
N VAL A 80 39.18 9.80 -28.35
CA VAL A 80 37.96 10.50 -27.92
C VAL A 80 38.17 11.99 -28.20
N LEU A 81 37.21 12.61 -28.88
CA LEU A 81 37.26 14.05 -29.16
C LEU A 81 37.01 14.82 -27.84
N PRO A 82 37.66 16.00 -27.65
CA PRO A 82 37.48 16.71 -26.38
C PRO A 82 36.05 17.22 -26.14
N ILE A 83 35.29 17.41 -27.22
CA ILE A 83 33.87 17.81 -27.16
C ILE A 83 33.06 16.74 -26.42
N SER A 84 33.20 15.48 -26.84
CA SER A 84 32.50 14.34 -26.20
C SER A 84 33.01 14.06 -24.78
N ALA A 85 34.28 14.37 -24.52
CA ALA A 85 34.84 14.32 -23.17
C ALA A 85 34.24 15.38 -22.24
N PHE A 86 33.85 16.53 -22.78
CA PHE A 86 33.17 17.58 -22.01
C PHE A 86 31.73 17.19 -21.65
N ILE A 87 31.03 16.59 -22.61
CA ILE A 87 29.62 16.21 -22.46
C ILE A 87 29.47 14.99 -21.52
N HIS A 88 30.06 13.87 -21.94
CA HIS A 88 29.93 12.60 -21.21
C HIS A 88 30.99 12.39 -20.11
N GLY A 89 31.98 13.30 -20.02
CA GLY A 89 33.04 13.20 -19.02
C GLY A 89 34.20 12.33 -19.46
N ASP A 90 35.17 12.17 -18.56
CA ASP A 90 36.39 11.41 -18.87
C ASP A 90 36.13 9.91 -18.80
N ASN A 91 35.54 9.48 -17.69
CA ASN A 91 35.06 8.09 -17.56
C ASN A 91 33.90 7.73 -18.52
N GLY A 92 33.18 8.73 -19.02
CA GLY A 92 32.05 8.53 -19.96
C GLY A 92 30.72 8.30 -19.26
N ILE A 93 30.63 8.72 -18.00
CA ILE A 93 29.49 8.41 -17.11
C ILE A 93 29.21 9.62 -16.20
N GLY A 94 29.23 10.81 -16.78
CA GLY A 94 29.40 12.04 -15.98
C GLY A 94 30.84 12.02 -15.51
N ASP A 95 31.06 12.20 -14.21
CA ASP A 95 32.33 11.78 -13.61
C ASP A 95 31.99 11.06 -12.32
N VAL A 96 30.96 10.22 -12.42
CA VAL A 96 30.37 9.59 -11.25
C VAL A 96 31.17 8.35 -10.92
N GLU A 97 31.64 8.29 -9.66
CA GLU A 97 32.46 7.19 -9.18
C GLU A 97 31.56 6.00 -8.87
N ILE A 98 31.91 4.85 -9.43
CA ILE A 98 31.09 3.65 -9.35
C ILE A 98 32.03 2.44 -9.34
N PRO A 99 31.79 1.46 -8.44
CA PRO A 99 32.73 0.33 -8.38
C PRO A 99 32.80 -0.47 -9.68
N ASP A 100 34.02 -0.86 -10.08
CA ASP A 100 34.23 -1.75 -11.22
C ASP A 100 33.52 -3.07 -10.98
N SER A 101 32.92 -3.63 -12.02
CA SER A 101 32.35 -4.98 -11.91
C SER A 101 33.50 -5.98 -11.93
N PRO A 102 33.47 -6.98 -11.04
CA PRO A 102 34.46 -8.05 -11.11
C PRO A 102 34.23 -9.02 -12.28
N ARG A 103 33.04 -8.99 -12.88
CA ARG A 103 32.76 -9.71 -14.14
C ARG A 103 33.53 -8.98 -15.20
N LYS A 104 33.86 -9.72 -16.26
CA LYS A 104 34.63 -9.18 -17.39
C LYS A 104 34.01 -9.54 -18.73
N ALA A 105 34.58 -9.00 -19.81
CA ALA A 105 34.02 -9.18 -21.15
C ALA A 105 34.07 -10.63 -21.58
N GLU A 106 33.06 -11.08 -22.32
CA GLU A 106 33.01 -12.46 -22.84
C GLU A 106 34.15 -12.70 -23.82
N ASP A 107 34.44 -13.97 -24.06
CA ASP A 107 35.63 -14.36 -24.83
C ASP A 107 35.49 -14.01 -26.30
N GLU A 108 34.35 -14.35 -26.88
CA GLU A 108 34.10 -14.07 -28.31
C GLU A 108 33.87 -12.58 -28.60
N SER A 109 34.13 -12.22 -29.86
CA SER A 109 33.90 -10.85 -30.34
C SER A 109 32.41 -10.58 -30.46
N ALA A 110 32.07 -9.30 -30.42
CA ALA A 110 30.68 -8.87 -30.53
C ALA A 110 30.14 -9.04 -31.93
N VAL A 111 31.04 -8.95 -32.91
CA VAL A 111 30.72 -9.28 -34.30
C VAL A 111 30.09 -10.67 -34.37
N ASP A 112 30.76 -11.67 -33.78
CA ASP A 112 30.30 -13.06 -33.78
C ASP A 112 29.10 -13.30 -32.87
N PHE A 113 29.01 -12.57 -31.76
CA PHE A 113 27.86 -12.66 -30.86
C PHE A 113 26.57 -12.26 -31.56
N ILE A 114 26.63 -11.19 -32.34
CA ILE A 114 25.50 -10.72 -33.13
C ILE A 114 25.08 -11.80 -34.14
N ILE A 115 26.05 -12.27 -34.92
CA ILE A 115 25.79 -13.26 -35.97
C ILE A 115 25.18 -14.53 -35.37
N ASP A 116 25.75 -14.97 -34.26
CA ASP A 116 25.28 -16.14 -33.52
C ASP A 116 23.86 -15.91 -32.98
N SER A 117 23.65 -14.75 -32.35
CA SER A 117 22.33 -14.38 -31.79
C SER A 117 21.23 -14.31 -32.86
N VAL A 118 21.61 -13.86 -34.06
CA VAL A 118 20.68 -13.84 -35.20
C VAL A 118 20.25 -15.25 -35.58
N LYS A 119 21.20 -16.17 -35.65
CA LYS A 119 20.89 -17.57 -35.98
C LYS A 119 20.14 -18.30 -34.87
N LYS A 120 20.37 -17.92 -33.61
CA LYS A 120 19.64 -18.52 -32.48
C LYS A 120 18.19 -18.03 -32.41
N TYR A 121 18.03 -16.71 -32.28
CA TYR A 121 16.73 -16.12 -31.98
C TYR A 121 15.98 -15.59 -33.21
N GLY A 122 16.64 -15.55 -34.38
CA GLY A 122 15.98 -15.21 -35.65
C GLY A 122 15.17 -13.93 -35.61
N LYS A 123 13.87 -14.05 -35.86
CA LYS A 123 12.95 -12.91 -35.90
C LYS A 123 12.45 -12.43 -34.53
N ASP A 124 12.82 -13.12 -33.45
CA ASP A 124 12.60 -12.61 -32.09
C ASP A 124 13.71 -11.64 -31.65
N LEU A 125 14.82 -11.60 -32.38
CA LEU A 125 15.95 -10.72 -32.05
C LEU A 125 15.75 -9.28 -32.51
N VAL A 126 16.11 -8.34 -31.64
CA VAL A 126 16.04 -6.91 -31.92
C VAL A 126 17.37 -6.28 -31.53
N TYR A 127 18.09 -5.72 -32.51
CA TYR A 127 19.41 -5.11 -32.30
C TYR A 127 19.28 -3.60 -32.34
N VAL A 128 19.68 -2.92 -31.26
CA VAL A 128 19.42 -1.49 -31.07
C VAL A 128 20.74 -0.76 -30.82
N PRO A 129 21.45 -0.38 -31.90
CA PRO A 129 22.75 0.28 -31.79
C PRO A 129 22.65 1.78 -31.64
N THR A 130 23.14 2.31 -30.53
CA THR A 130 23.17 3.76 -30.31
C THR A 130 24.61 4.29 -30.17
N GLY A 131 25.52 3.57 -30.83
CA GLY A 131 26.84 4.08 -31.11
C GLY A 131 27.03 3.96 -32.62
N PRO A 132 28.27 4.15 -33.09
CA PRO A 132 28.62 3.86 -34.47
C PRO A 132 28.17 2.49 -34.95
N MET A 133 27.90 2.40 -36.25
CA MET A 133 27.39 1.19 -36.88
C MET A 133 28.51 0.20 -37.20
N THR A 134 29.76 0.63 -37.03
CA THR A 134 30.98 -0.18 -37.24
C THR A 134 30.84 -1.68 -36.98
N ASN A 135 30.22 -2.02 -35.86
CA ASN A 135 30.06 -3.42 -35.46
C ASN A 135 29.14 -4.20 -36.40
N ILE A 136 27.89 -3.76 -36.56
CA ILE A 136 26.94 -4.48 -37.43
C ILE A 136 27.28 -4.41 -38.94
N ALA A 137 28.10 -3.44 -39.34
CA ALA A 137 28.66 -3.41 -40.69
C ALA A 137 29.60 -4.59 -40.92
N ALA A 138 30.49 -4.83 -39.95
CA ALA A 138 31.38 -5.99 -39.96
C ALA A 138 30.61 -7.32 -39.87
N ALA A 139 29.51 -7.33 -39.11
CA ALA A 139 28.64 -8.50 -39.00
C ALA A 139 27.95 -8.83 -40.33
N LEU A 140 27.33 -7.83 -40.93
CA LEU A 140 26.70 -7.96 -42.26
C LEU A 140 27.70 -8.28 -43.36
N LYS A 141 28.90 -7.69 -43.25
CA LYS A 141 30.03 -8.05 -44.11
C LYS A 141 30.33 -9.56 -44.01
N LYS A 142 30.67 -10.04 -42.81
CA LYS A 142 31.03 -11.45 -42.60
C LYS A 142 29.87 -12.42 -42.87
N ALA A 143 28.66 -12.05 -42.45
CA ALA A 143 27.47 -12.89 -42.64
C ALA A 143 26.29 -12.06 -43.17
N PRO A 144 26.21 -11.90 -44.51
CA PRO A 144 25.11 -11.09 -45.08
C PRO A 144 23.71 -11.70 -44.95
N GLU A 145 23.61 -13.00 -44.67
CA GLU A 145 22.31 -13.67 -44.41
C GLU A 145 21.47 -12.95 -43.36
N ILE A 146 22.15 -12.39 -42.34
CA ILE A 146 21.54 -11.63 -41.25
C ILE A 146 20.33 -10.79 -41.69
N LYS A 147 20.53 -10.02 -42.76
CA LYS A 147 19.49 -9.15 -43.37
C LYS A 147 18.07 -9.66 -43.19
N ASP A 148 17.83 -10.86 -43.72
CA ASP A 148 16.50 -11.46 -43.78
C ASP A 148 16.19 -12.24 -42.50
N GLU A 149 17.22 -12.83 -41.89
CA GLU A 149 17.07 -13.62 -40.66
C GLU A 149 16.71 -12.79 -39.42
N ILE A 150 17.31 -11.61 -39.27
CA ILE A 150 17.08 -10.76 -38.08
C ILE A 150 15.67 -10.18 -38.03
N GLY A 151 15.15 -10.00 -36.81
CA GLY A 151 13.82 -9.47 -36.57
C GLY A 151 13.72 -8.01 -36.97
N LYS A 152 14.45 -7.16 -36.25
CA LYS A 152 14.56 -5.74 -36.60
C LYS A 152 15.76 -5.04 -35.96
N ILE A 153 16.32 -4.08 -36.69
CA ILE A 153 17.34 -3.17 -36.18
C ILE A 153 16.67 -1.82 -35.95
N VAL A 154 17.01 -1.14 -34.86
CA VAL A 154 16.42 0.16 -34.52
C VAL A 154 17.50 1.05 -33.93
N LEU A 155 18.20 1.78 -34.79
CA LEU A 155 19.36 2.59 -34.36
C LEU A 155 18.99 3.98 -33.90
N MET A 156 19.91 4.60 -33.18
CA MET A 156 19.89 6.05 -32.90
C MET A 156 21.08 6.63 -33.63
N GLY A 157 20.80 7.62 -34.47
CA GLY A 157 21.80 8.27 -35.30
C GLY A 157 21.22 8.94 -36.53
N GLY A 158 22.04 9.76 -37.17
CA GLY A 158 21.65 10.48 -38.38
C GLY A 158 20.71 11.65 -38.18
N ALA A 159 20.44 12.34 -39.28
CA ALA A 159 19.46 13.42 -39.34
C ALA A 159 19.00 13.52 -40.78
N LEU A 160 17.73 13.24 -41.05
CA LEU A 160 17.20 13.24 -42.41
C LEU A 160 16.75 14.62 -42.80
N THR A 161 15.73 15.12 -42.09
CA THR A 161 15.04 16.35 -42.47
C THR A 161 15.57 17.60 -41.76
N ILE A 162 16.77 17.53 -41.20
CA ILE A 162 17.25 18.61 -40.32
C ILE A 162 18.78 18.67 -40.27
N HIS A 163 19.32 19.74 -39.70
CA HIS A 163 20.76 19.87 -39.50
C HIS A 163 21.28 18.81 -38.53
N GLY A 164 22.44 18.24 -38.85
CA GLY A 164 23.17 17.37 -37.94
C GLY A 164 23.75 18.17 -36.78
N ASN A 165 24.41 17.48 -35.84
CA ASN A 165 25.02 18.13 -34.68
C ASN A 165 26.55 18.26 -34.72
N VAL A 166 27.23 17.42 -35.51
CA VAL A 166 28.70 17.55 -35.67
C VAL A 166 29.01 18.70 -36.61
N ASN A 167 28.39 18.66 -37.79
CA ASN A 167 28.40 19.77 -38.74
C ASN A 167 26.94 20.02 -39.16
N ALA A 168 26.71 20.82 -40.19
CA ALA A 168 25.34 21.09 -40.66
C ALA A 168 24.63 19.88 -41.30
N TRP A 169 25.38 18.84 -41.67
CA TRP A 169 24.81 17.70 -42.42
C TRP A 169 25.08 16.28 -41.86
N THR A 170 25.82 16.15 -40.76
CA THR A 170 26.12 14.83 -40.17
C THR A 170 25.85 14.79 -38.67
N GLU A 171 25.46 13.63 -38.18
CA GLU A 171 25.23 13.39 -36.75
C GLU A 171 26.32 12.48 -36.18
N ALA A 172 26.64 12.68 -34.89
CA ALA A 172 27.77 12.02 -34.20
C ALA A 172 28.01 10.53 -34.51
N ASN A 173 27.06 9.66 -34.14
CA ASN A 173 27.19 8.21 -34.35
C ASN A 173 27.45 7.83 -35.83
N ILE A 174 26.86 8.57 -36.76
CA ILE A 174 27.10 8.36 -38.19
C ILE A 174 28.45 8.96 -38.58
N SER A 175 28.76 10.14 -38.03
CA SER A 175 30.02 10.84 -38.29
C SER A 175 31.24 9.99 -38.02
N GLN A 176 31.21 9.23 -36.92
CA GLN A 176 32.38 8.44 -36.47
C GLN A 176 32.72 7.30 -37.45
N ASP A 177 31.70 6.71 -38.07
CA ASP A 177 31.88 5.76 -39.15
C ASP A 177 30.71 5.84 -40.15
N PRO A 178 30.86 6.70 -41.17
CA PRO A 178 29.87 6.82 -42.22
C PRO A 178 29.78 5.59 -43.13
N ASP A 179 30.94 5.03 -43.48
CA ASP A 179 31.00 3.94 -44.46
C ASP A 179 30.25 2.71 -43.95
N ALA A 180 30.39 2.46 -42.65
CA ALA A 180 29.65 1.39 -41.97
C ALA A 180 28.15 1.64 -42.01
N ALA A 181 27.76 2.85 -41.62
CA ALA A 181 26.36 3.26 -41.65
C ALA A 181 25.74 3.09 -43.05
N ASP A 182 26.50 3.44 -44.09
CA ASP A 182 26.07 3.24 -45.47
C ASP A 182 25.78 1.77 -45.74
N ILE A 183 26.73 0.91 -45.35
CA ILE A 183 26.60 -0.54 -45.57
C ILE A 183 25.33 -1.08 -44.91
N LEU A 184 25.07 -0.64 -43.68
CA LEU A 184 23.85 -1.02 -42.96
C LEU A 184 22.58 -0.59 -43.68
N PHE A 185 22.51 0.68 -44.05
CA PHE A 185 21.29 1.25 -44.64
C PHE A 185 20.97 0.56 -45.96
N ARG A 186 22.00 0.45 -46.80
CA ARG A 186 21.93 -0.24 -48.09
C ARG A 186 21.69 -1.75 -47.99
N SER A 187 22.16 -2.38 -46.90
CA SER A 187 21.99 -3.83 -46.68
C SER A 187 20.61 -4.38 -47.04
N GLY A 188 19.57 -3.62 -46.71
CA GLY A 188 18.20 -4.05 -46.90
C GLY A 188 17.62 -4.69 -45.66
N ALA A 189 18.37 -4.64 -44.56
CA ALA A 189 17.89 -5.12 -43.27
C ALA A 189 16.77 -4.22 -42.82
N PRO A 190 15.83 -4.75 -42.00
CA PRO A 190 14.71 -3.95 -41.52
C PRO A 190 15.10 -2.93 -40.45
N VAL A 191 15.76 -1.87 -40.87
CA VAL A 191 16.25 -0.81 -39.99
C VAL A 191 15.15 0.23 -39.73
N THR A 192 15.22 0.86 -38.56
CA THR A 192 14.42 2.03 -38.22
C THR A 192 15.37 3.08 -37.66
N MET A 193 15.63 4.11 -38.44
CA MET A 193 16.51 5.20 -38.00
C MET A 193 15.76 6.13 -37.08
N ILE A 194 16.30 6.38 -35.88
CA ILE A 194 15.76 7.38 -34.97
C ILE A 194 16.82 8.45 -34.81
N GLY A 195 16.72 9.47 -35.66
CA GLY A 195 17.69 10.54 -35.76
C GLY A 195 17.28 11.79 -35.02
N LEU A 196 18.05 12.86 -35.23
CA LEU A 196 17.90 14.11 -34.51
C LEU A 196 16.54 14.75 -34.74
N ASP A 197 16.03 14.64 -35.97
CA ASP A 197 14.66 15.08 -36.32
C ASP A 197 13.57 14.65 -35.33
N VAL A 198 13.81 13.55 -34.64
CA VAL A 198 12.93 13.10 -33.55
C VAL A 198 13.55 13.27 -32.15
N THR A 199 14.85 12.99 -31.98
CA THR A 199 15.46 13.02 -30.63
C THR A 199 15.63 14.42 -30.03
N LEU A 200 15.75 15.43 -30.88
CA LEU A 200 15.85 16.81 -30.42
C LEU A 200 14.52 17.40 -29.93
N GLN A 201 13.41 16.70 -30.22
CA GLN A 201 12.11 17.01 -29.61
C GLN A 201 12.01 16.50 -28.15
N THR A 202 12.77 15.46 -27.82
CA THR A 202 12.85 14.93 -26.45
C THR A 202 13.66 15.81 -25.53
N LEU A 203 13.28 15.82 -24.26
CA LEU A 203 13.89 16.70 -23.26
C LEU A 203 13.68 16.15 -21.83
N LEU A 204 14.70 16.27 -20.98
CA LEU A 204 14.49 16.23 -19.53
C LEU A 204 15.44 17.17 -18.78
N THR A 205 14.94 17.69 -17.65
CA THR A 205 15.60 18.73 -16.86
C THR A 205 15.84 18.18 -15.45
N TYR A 206 16.34 19.03 -14.54
CA TYR A 206 16.52 18.65 -13.13
C TYR A 206 15.21 18.29 -12.41
N LYS A 207 14.08 18.79 -12.89
CA LYS A 207 12.75 18.38 -12.39
C LYS A 207 12.60 16.85 -12.38
N GLU A 208 13.12 16.20 -13.42
CA GLU A 208 13.05 14.74 -13.60
C GLU A 208 14.14 13.98 -12.80
N THR A 209 15.35 14.53 -12.72
CA THR A 209 16.45 13.86 -12.02
C THR A 209 16.33 13.96 -10.49
N LYS A 210 15.68 15.02 -10.00
CA LYS A 210 15.34 15.16 -8.57
C LYS A 210 14.37 14.06 -8.10
N GLN A 211 13.54 13.53 -9.01
CA GLN A 211 12.64 12.40 -8.70
C GLN A 211 13.41 11.10 -8.45
N TRP A 212 14.50 10.89 -9.20
CA TRP A 212 15.38 9.74 -8.99
C TRP A 212 16.15 9.81 -7.66
N ARG A 213 16.54 11.02 -7.25
CA ARG A 213 17.16 11.23 -5.93
C ARG A 213 16.21 10.89 -4.78
N ASP A 214 14.91 11.19 -4.97
CA ASP A 214 13.88 10.91 -3.95
C ASP A 214 13.70 9.41 -3.64
N LEU A 215 14.09 8.53 -4.56
CA LEU A 215 14.03 7.08 -4.34
C LEU A 215 15.08 6.56 -3.35
N ASN A 216 16.15 7.33 -3.12
CA ASN A 216 17.17 7.06 -2.08
C ASN A 216 18.02 5.81 -2.29
N THR A 217 18.07 5.29 -3.53
CA THR A 217 18.79 4.06 -3.82
C THR A 217 20.20 4.32 -4.37
N LYS A 218 21.01 3.26 -4.41
CA LYS A 218 22.32 3.30 -5.04
C LYS A 218 22.17 3.72 -6.51
N ALA A 219 21.23 3.09 -7.21
CA ALA A 219 20.94 3.37 -8.62
C ALA A 219 20.33 4.74 -8.87
N GLY A 220 19.35 5.11 -8.05
CA GLY A 220 18.67 6.41 -8.15
C GLY A 220 19.62 7.59 -8.05
N LYS A 221 20.50 7.55 -7.04
CA LYS A 221 21.53 8.58 -6.85
C LYS A 221 22.55 8.61 -7.99
N PHE A 222 22.90 7.44 -8.53
CA PHE A 222 23.84 7.34 -9.66
C PHE A 222 23.31 8.01 -10.92
N LEU A 223 22.12 7.57 -11.37
CA LEU A 223 21.51 8.11 -12.59
C LEU A 223 21.24 9.61 -12.52
N ALA A 224 20.89 10.09 -11.32
CA ALA A 224 20.69 11.53 -11.08
C ALA A 224 22.00 12.30 -11.19
N ASP A 225 23.01 11.88 -10.43
CA ASP A 225 24.36 12.48 -10.48
C ASP A 225 24.92 12.51 -11.91
N MET A 226 24.70 11.40 -12.62
CA MET A 226 25.23 11.22 -13.97
C MET A 226 24.62 12.18 -14.98
N THR A 227 23.29 12.16 -15.09
CA THR A 227 22.58 13.00 -16.05
C THR A 227 22.63 14.50 -15.71
N ASP A 228 22.89 14.83 -14.44
CA ASP A 228 23.11 16.23 -14.03
C ASP A 228 24.44 16.79 -14.54
N PHE A 229 25.47 15.95 -14.67
CA PHE A 229 26.70 16.32 -15.39
C PHE A 229 26.40 16.58 -16.86
N TYR A 230 25.59 15.69 -17.44
CA TYR A 230 25.15 15.75 -18.83
C TYR A 230 24.32 17.01 -19.13
N ILE A 231 23.47 17.41 -18.16
CA ILE A 231 22.67 18.64 -18.32
C ILE A 231 23.54 19.91 -18.19
N LYS A 232 24.44 19.94 -17.21
CA LYS A 232 25.37 21.08 -17.01
C LYS A 232 26.35 21.28 -18.18
N ALA A 233 26.67 20.19 -18.86
CA ALA A 233 27.39 20.26 -20.13
C ALA A 233 26.50 20.87 -21.21
N TYR A 234 25.25 20.38 -21.31
CA TYR A 234 24.27 20.95 -22.23
C TYR A 234 23.93 22.42 -21.95
N GLU A 235 23.99 22.83 -20.68
CA GLU A 235 23.84 24.26 -20.32
C GLU A 235 24.83 25.19 -21.03
N THR A 236 26.03 24.70 -21.36
CA THR A 236 27.02 25.48 -22.13
C THR A 236 27.01 25.15 -23.64
N THR A 237 26.91 23.87 -24.00
CA THR A 237 26.91 23.46 -25.43
C THR A 237 25.60 23.75 -26.16
N ALA A 238 24.50 23.88 -25.42
CA ALA A 238 23.19 24.18 -26.01
C ALA A 238 22.20 24.74 -24.95
N PRO A 239 22.41 25.99 -24.52
CA PRO A 239 21.48 26.63 -23.55
C PRO A 239 20.08 26.94 -24.11
N HIS A 240 19.92 26.86 -25.44
CA HIS A 240 18.61 26.99 -26.09
C HIS A 240 17.58 25.86 -25.78
N LEU A 241 18.04 24.76 -25.16
CA LEU A 241 17.15 23.66 -24.74
C LEU A 241 16.84 23.63 -23.24
N GLY A 242 17.80 24.00 -22.38
CA GLY A 242 17.55 24.09 -20.91
C GLY A 242 17.93 22.85 -20.11
N GLY A 243 17.65 21.68 -20.67
CA GLY A 243 18.04 20.38 -20.09
C GLY A 243 18.87 19.60 -21.07
N CYS A 244 18.54 18.33 -21.29
CA CYS A 244 19.31 17.43 -22.16
C CYS A 244 18.42 16.60 -23.09
N GLY A 245 18.97 16.15 -24.20
CA GLY A 245 18.28 15.31 -25.16
C GLY A 245 18.24 13.85 -24.70
N LEU A 246 17.14 13.18 -25.02
CA LEU A 246 16.99 11.76 -24.73
C LEU A 246 17.17 10.98 -26.02
N HIS A 247 18.41 10.89 -26.47
CA HIS A 247 18.71 10.40 -27.81
C HIS A 247 18.63 8.87 -27.86
N ASP A 248 19.54 8.21 -27.16
CA ASP A 248 19.72 6.76 -27.25
C ASP A 248 18.55 5.96 -26.61
N PRO A 249 17.96 6.46 -25.49
CA PRO A 249 16.81 5.76 -24.91
C PRO A 249 15.62 5.62 -25.84
N LEU A 250 15.38 6.65 -26.65
CA LEU A 250 14.25 6.68 -27.54
C LEU A 250 14.31 5.56 -28.57
N ALA A 251 15.51 5.23 -29.03
CA ALA A 251 15.72 4.08 -29.91
C ALA A 251 15.20 2.79 -29.28
N VAL A 252 15.51 2.61 -28.00
CA VAL A 252 15.05 1.43 -27.26
C VAL A 252 13.53 1.48 -27.07
N ALA A 253 13.00 2.66 -26.74
CA ALA A 253 11.56 2.84 -26.57
C ALA A 253 10.76 2.48 -27.82
N VAL A 254 11.31 2.80 -28.98
CA VAL A 254 10.69 2.48 -30.28
C VAL A 254 10.87 1.01 -30.65
N ALA A 255 11.97 0.41 -30.18
CA ALA A 255 12.18 -1.02 -30.32
C ALA A 255 11.09 -1.81 -29.59
N VAL A 256 10.75 -1.39 -28.37
CA VAL A 256 9.69 -2.04 -27.60
C VAL A 256 8.30 -1.67 -28.12
N ASP A 257 8.11 -0.38 -28.43
CA ASP A 257 6.82 0.14 -28.85
C ASP A 257 6.98 1.07 -30.06
N PRO A 258 6.86 0.51 -31.28
CA PRO A 258 7.05 1.35 -32.48
C PRO A 258 5.99 2.44 -32.71
N THR A 259 4.87 2.40 -31.96
CA THR A 259 3.86 3.45 -32.05
C THR A 259 4.24 4.77 -31.37
N LEU A 260 5.35 4.81 -30.63
CA LEU A 260 5.87 6.07 -30.07
C LEU A 260 6.34 7.05 -31.14
N VAL A 261 6.61 6.57 -32.35
CA VAL A 261 7.20 7.34 -33.43
C VAL A 261 6.33 7.23 -34.70
N THR A 262 6.38 8.27 -35.54
CA THR A 262 5.78 8.26 -36.87
C THR A 262 6.90 8.24 -37.90
N THR A 263 6.98 7.17 -38.69
CA THR A 263 8.09 6.96 -39.61
C THR A 263 7.71 7.28 -41.04
N LEU A 264 8.73 7.48 -41.86
CA LEU A 264 8.58 7.75 -43.28
C LEU A 264 9.26 6.60 -44.03
N PRO A 265 8.47 5.71 -44.66
CA PRO A 265 9.06 4.64 -45.46
C PRO A 265 9.96 5.20 -46.56
N ILE A 266 11.24 4.79 -46.57
CA ILE A 266 12.22 5.40 -47.47
C ILE A 266 13.48 4.55 -47.61
N ASN A 267 13.83 4.19 -48.83
CA ASN A 267 15.12 3.55 -49.11
C ASN A 267 16.23 4.59 -48.94
N MET A 268 17.19 4.28 -48.06
CA MET A 268 18.19 5.25 -47.59
C MET A 268 19.61 4.88 -47.98
N GLN A 269 20.50 5.84 -47.78
CA GLN A 269 21.94 5.67 -47.93
C GLN A 269 22.64 6.63 -46.98
N VAL A 270 23.97 6.53 -46.92
CA VAL A 270 24.78 7.53 -46.25
C VAL A 270 25.81 8.01 -47.25
N ASP A 271 26.03 9.31 -47.28
CA ASP A 271 26.94 9.91 -48.23
C ASP A 271 28.37 9.61 -47.78
N VAL A 272 29.15 9.10 -48.72
CA VAL A 272 30.53 8.70 -48.48
C VAL A 272 31.54 9.61 -49.22
N GLU A 273 31.27 9.93 -50.49
CA GLU A 273 32.27 10.58 -51.35
C GLU A 273 32.34 12.10 -51.28
N GLY A 274 31.19 12.75 -51.34
CA GLY A 274 31.11 14.20 -51.52
C GLY A 274 31.51 15.04 -50.34
N PRO A 275 31.34 16.38 -50.45
CA PRO A 275 31.52 17.28 -49.30
C PRO A 275 30.36 17.20 -48.30
N THR A 276 29.32 16.41 -48.64
CA THR A 276 28.28 16.00 -47.70
C THR A 276 28.56 14.63 -47.05
N ARG A 277 29.82 14.17 -47.01
CA ARG A 277 30.19 12.90 -46.39
C ARG A 277 29.66 12.80 -44.96
N GLY A 278 28.93 11.72 -44.67
CA GLY A 278 28.34 11.47 -43.35
C GLY A 278 26.88 11.86 -43.18
N ARG A 279 26.26 12.31 -44.27
CA ARG A 279 24.86 12.72 -44.27
C ARG A 279 23.97 11.53 -44.52
N THR A 280 22.89 11.45 -43.76
CA THR A 280 21.86 10.44 -43.96
C THR A 280 20.83 11.02 -44.92
N ILE A 281 20.57 10.31 -46.02
CA ILE A 281 19.74 10.84 -47.09
C ILE A 281 19.17 9.71 -47.94
N GLY A 282 18.00 9.93 -48.55
CA GLY A 282 17.39 8.94 -49.42
C GLY A 282 18.18 8.67 -50.68
N ASP A 283 18.22 7.40 -51.09
CA ASP A 283 18.86 7.02 -52.33
C ASP A 283 17.84 7.21 -53.43
N VAL A 284 18.22 7.99 -54.44
CA VAL A 284 17.31 8.31 -55.56
C VAL A 284 17.06 7.05 -56.36
N THR A 285 18.11 6.29 -56.60
CA THR A 285 18.06 5.01 -57.31
C THR A 285 16.90 4.13 -56.86
N ARG A 286 16.68 4.08 -55.54
CA ARG A 286 15.62 3.25 -54.97
C ARG A 286 14.41 4.08 -54.50
N LEU A 287 14.16 5.21 -55.14
CA LEU A 287 12.98 6.03 -54.83
C LEU A 287 11.74 5.40 -55.45
N ASN A 288 11.83 5.02 -56.72
CA ASN A 288 10.72 4.42 -57.45
C ASN A 288 10.51 2.93 -57.15
N ASP A 289 11.47 2.29 -56.50
CA ASP A 289 11.29 0.96 -55.92
C ASP A 289 10.24 1.05 -54.80
N PRO A 290 9.05 0.41 -54.97
CA PRO A 290 8.00 0.54 -53.94
C PRO A 290 8.33 -0.13 -52.61
N VAL A 291 9.20 -1.14 -52.63
CA VAL A 291 9.61 -1.85 -51.42
C VAL A 291 10.62 -0.98 -50.67
N LYS A 292 10.20 -0.47 -49.51
CA LYS A 292 11.03 0.40 -48.69
C LYS A 292 11.76 -0.39 -47.58
N THR A 293 13.09 -0.44 -47.66
CA THR A 293 13.91 -1.28 -46.79
C THR A 293 13.94 -0.80 -45.34
N MET A 294 14.04 0.51 -45.12
CA MET A 294 14.05 1.08 -43.78
C MET A 294 13.13 2.28 -43.64
N GLN A 295 12.94 2.75 -42.41
CA GLN A 295 11.97 3.80 -42.08
C GLN A 295 12.63 4.82 -41.18
N VAL A 296 12.53 6.11 -41.52
CA VAL A 296 13.13 7.18 -40.72
C VAL A 296 12.05 7.86 -39.89
N ALA A 297 12.37 8.10 -38.63
CA ALA A 297 11.44 8.70 -37.70
C ALA A 297 11.40 10.18 -37.93
N VAL A 298 10.20 10.72 -38.07
CA VAL A 298 10.00 12.16 -38.28
C VAL A 298 9.12 12.82 -37.22
N GLY A 299 8.10 12.11 -36.73
CA GLY A 299 7.27 12.56 -35.61
C GLY A 299 7.42 11.65 -34.41
N VAL A 300 7.06 12.16 -33.23
CA VAL A 300 7.22 11.43 -31.97
C VAL A 300 6.25 11.93 -30.90
N ASP A 301 5.74 11.01 -30.09
CA ASP A 301 4.83 11.30 -28.97
C ASP A 301 5.68 11.62 -27.73
N VAL A 302 6.15 12.86 -27.63
CA VAL A 302 7.16 13.25 -26.62
C VAL A 302 6.67 13.09 -25.17
N PRO A 303 5.43 13.56 -24.86
CA PRO A 303 4.95 13.43 -23.48
C PRO A 303 4.69 11.99 -23.02
N ARG A 304 4.27 11.13 -23.95
CA ARG A 304 4.07 9.70 -23.65
C ARG A 304 5.41 8.98 -23.49
N PHE A 305 6.36 9.29 -24.37
CA PHE A 305 7.73 8.77 -24.25
C PHE A 305 8.36 9.19 -22.93
N LEU A 306 8.24 10.47 -22.58
CA LEU A 306 8.78 10.97 -21.31
C LEU A 306 8.15 10.30 -20.09
N ASN A 307 6.85 9.97 -20.17
CA ASN A 307 6.16 9.22 -19.11
C ASN A 307 6.60 7.75 -19.06
N GLU A 308 6.69 7.12 -20.22
CA GLU A 308 7.18 5.74 -20.36
C GLU A 308 8.59 5.61 -19.82
N PHE A 309 9.43 6.57 -20.18
CA PHE A 309 10.84 6.69 -19.75
C PHE A 309 10.98 6.74 -18.23
N MET A 310 10.27 7.66 -17.60
CA MET A 310 10.36 7.84 -16.14
C MET A 310 9.75 6.69 -15.35
N THR A 311 8.60 6.17 -15.82
CA THR A 311 7.95 5.01 -15.21
C THR A 311 8.87 3.79 -15.17
N ARG A 312 9.48 3.48 -16.32
CA ARG A 312 10.37 2.32 -16.42
C ARG A 312 11.65 2.46 -15.61
N ILE A 313 12.30 3.61 -15.70
CA ILE A 313 13.60 3.85 -15.05
C ILE A 313 13.46 4.08 -13.55
N SER A 314 12.45 4.85 -13.13
CA SER A 314 12.18 5.02 -11.68
C SER A 314 11.76 3.70 -11.01
N GLY A 315 11.06 2.84 -11.74
CA GLY A 315 10.73 1.49 -11.27
C GLY A 315 11.95 0.60 -11.09
N LEU A 316 12.90 0.70 -12.03
CA LEU A 316 14.17 -0.04 -11.95
C LEU A 316 15.09 0.49 -10.84
N ALA A 317 15.18 1.81 -10.72
CA ALA A 317 16.00 2.44 -9.68
C ALA A 317 15.52 2.10 -8.26
N LYS A 318 14.20 1.92 -8.10
CA LYS A 318 13.61 1.46 -6.82
C LYS A 318 14.06 0.04 -6.44
N ILE A 319 14.26 -0.82 -7.45
CA ILE A 319 14.70 -2.22 -7.24
C ILE A 319 16.16 -2.36 -6.73
N ALA A 320 17.07 -1.47 -7.11
CA ALA A 320 18.45 -1.49 -6.58
C ALA A 320 18.59 -0.62 -5.33
N LYS B 5 46.36 -19.34 -7.38
CA LYS B 5 45.59 -20.48 -6.76
C LYS B 5 44.10 -20.22 -6.88
N LYS B 6 43.33 -21.27 -7.16
CA LYS B 6 41.93 -21.15 -7.59
C LYS B 6 40.99 -22.13 -6.90
N LEU B 7 39.82 -21.64 -6.49
CA LEU B 7 38.94 -22.30 -5.53
C LEU B 7 37.59 -22.68 -6.12
N ILE B 8 37.10 -23.89 -5.80
CA ILE B 8 35.72 -24.30 -6.05
C ILE B 8 35.11 -24.73 -4.73
N LEU B 9 33.97 -24.15 -4.37
CA LEU B 9 33.17 -24.63 -3.24
C LEU B 9 32.08 -25.58 -3.76
N ASP B 10 31.73 -26.59 -2.96
CA ASP B 10 30.67 -27.55 -3.28
C ASP B 10 29.71 -27.49 -2.10
N LEU B 11 28.57 -26.80 -2.27
CA LEU B 11 27.78 -26.31 -1.14
C LEU B 11 26.31 -26.72 -1.13
N ASP B 12 25.83 -27.11 0.05
CA ASP B 12 24.40 -27.30 0.33
C ASP B 12 23.90 -26.04 1.05
N THR B 13 23.80 -24.95 0.29
CA THR B 13 23.71 -23.60 0.85
C THR B 13 22.32 -23.27 1.45
N GLY B 14 22.14 -23.20 2.77
CA GLY B 14 23.13 -23.49 3.84
C GLY B 14 23.64 -22.26 4.53
N VAL B 15 23.49 -22.21 5.86
CA VAL B 15 23.86 -21.03 6.66
C VAL B 15 25.36 -20.92 6.83
N ASP B 16 25.96 -21.95 7.40
CA ASP B 16 27.43 -22.03 7.50
C ASP B 16 28.07 -22.07 6.09
N ASP B 17 27.35 -22.63 5.12
CA ASP B 17 27.81 -22.65 3.74
C ASP B 17 27.99 -21.25 3.14
N THR B 18 27.13 -20.29 3.47
CA THR B 18 27.32 -18.91 2.99
C THR B 18 28.45 -18.19 3.72
N LEU B 19 28.67 -18.58 4.98
CA LEU B 19 29.81 -18.07 5.73
C LEU B 19 31.12 -18.55 5.09
N ALA B 20 31.08 -19.75 4.49
CA ALA B 20 32.20 -20.25 3.68
C ALA B 20 32.39 -19.44 2.40
N ILE B 21 31.29 -19.07 1.75
CA ILE B 21 31.33 -18.19 0.59
C ILE B 21 31.91 -16.84 1.00
N SER B 22 31.40 -16.28 2.10
CA SER B 22 31.85 -14.99 2.61
C SER B 22 33.35 -14.98 2.94
N TYR B 23 33.83 -16.02 3.61
CA TYR B 23 35.27 -16.16 3.92
C TYR B 23 36.08 -16.27 2.62
N ALA B 24 35.55 -17.02 1.65
CA ALA B 24 36.24 -17.21 0.37
C ALA B 24 36.38 -15.90 -0.38
N LEU B 25 35.26 -15.20 -0.57
CA LEU B 25 35.27 -13.90 -1.25
C LEU B 25 36.00 -12.80 -0.48
N GLY B 26 36.08 -12.95 0.85
CA GLY B 26 36.89 -12.06 1.69
C GLY B 26 38.38 -12.37 1.72
N SER B 27 38.79 -13.46 1.07
CA SER B 27 40.16 -13.94 1.08
C SER B 27 40.83 -13.71 -0.28
N PRO B 28 41.85 -12.82 -0.34
CA PRO B 28 42.51 -12.50 -1.62
C PRO B 28 43.48 -13.56 -2.16
N GLU B 29 43.77 -14.62 -1.41
CA GLU B 29 44.74 -15.63 -1.83
C GLU B 29 44.17 -16.59 -2.89
N MET B 30 42.84 -16.67 -2.97
CA MET B 30 42.15 -17.58 -3.88
C MET B 30 41.23 -16.76 -4.80
N GLU B 31 41.10 -17.21 -6.05
CA GLU B 31 40.02 -16.77 -6.91
C GLU B 31 38.94 -17.85 -6.87
N LEU B 32 37.76 -17.49 -6.36
CA LEU B 32 36.62 -18.41 -6.35
C LEU B 32 36.08 -18.54 -7.77
N ILE B 33 36.36 -19.66 -8.42
CA ILE B 33 35.97 -19.89 -9.82
C ILE B 33 34.47 -20.15 -9.90
N GLY B 34 33.98 -21.07 -9.07
CA GLY B 34 32.57 -21.43 -9.08
C GLY B 34 32.09 -22.09 -7.80
N ILE B 35 30.77 -22.12 -7.65
CA ILE B 35 30.12 -22.78 -6.54
C ILE B 35 29.34 -23.95 -7.12
N THR B 36 29.84 -25.16 -6.91
CA THR B 36 29.09 -26.36 -7.22
C THR B 36 27.98 -26.56 -6.17
N GLY B 37 26.76 -26.86 -6.62
CA GLY B 37 25.60 -27.00 -5.72
C GLY B 37 25.31 -28.45 -5.39
N THR B 38 25.01 -28.73 -4.13
CA THR B 38 24.59 -30.07 -3.71
C THR B 38 23.46 -29.93 -2.68
N TYR B 39 23.14 -31.02 -1.97
CA TYR B 39 21.89 -31.16 -1.21
C TYR B 39 22.20 -31.46 0.25
N GLY B 40 21.20 -31.34 1.12
CA GLY B 40 21.33 -31.72 2.54
C GLY B 40 20.63 -30.74 3.44
N ASN B 41 21.33 -29.64 3.73
CA ASN B 41 20.75 -28.53 4.50
C ASN B 41 19.45 -28.05 3.83
N VAL B 42 19.48 -28.05 2.50
CA VAL B 42 18.32 -27.68 1.71
C VAL B 42 18.37 -28.44 0.38
N LEU B 43 17.20 -28.55 -0.29
CA LEU B 43 17.08 -29.18 -1.61
C LEU B 43 18.10 -28.60 -2.59
N MET B 44 18.62 -29.46 -3.48
CA MET B 44 19.74 -29.09 -4.35
C MET B 44 19.54 -27.77 -5.10
N GLU B 45 18.36 -27.63 -5.70
CA GLU B 45 17.97 -26.42 -6.44
C GLU B 45 17.99 -25.17 -5.57
N GLN B 46 17.37 -25.25 -4.39
CA GLN B 46 17.42 -24.18 -3.40
C GLN B 46 18.87 -23.76 -3.07
N GLY B 47 19.77 -24.73 -3.02
CA GLY B 47 21.22 -24.48 -2.86
C GLY B 47 21.78 -23.55 -3.93
N VAL B 48 21.33 -23.76 -5.16
CA VAL B 48 21.73 -22.93 -6.29
C VAL B 48 21.11 -21.52 -6.24
N ARG B 49 19.79 -21.44 -5.96
CA ARG B 49 19.11 -20.12 -5.84
C ARG B 49 19.82 -19.22 -4.83
N ASN B 50 20.17 -19.82 -3.70
CA ASN B 50 20.81 -19.10 -2.60
C ASN B 50 22.21 -18.67 -3.00
N ALA B 51 22.98 -19.62 -3.56
CA ALA B 51 24.35 -19.35 -4.02
C ALA B 51 24.41 -18.16 -4.97
N LEU B 52 23.54 -18.15 -5.98
CA LEU B 52 23.48 -17.06 -6.95
C LEU B 52 23.11 -15.74 -6.26
N ALA B 53 22.01 -15.76 -5.51
CA ALA B 53 21.51 -14.57 -4.81
C ALA B 53 22.52 -13.96 -3.83
N ILE B 54 23.26 -14.82 -3.14
CA ILE B 54 24.21 -14.39 -2.10
C ILE B 54 25.52 -13.88 -2.71
N THR B 55 26.04 -14.60 -3.71
CA THR B 55 27.22 -14.13 -4.44
C THR B 55 27.00 -12.74 -5.04
N ASP B 56 25.81 -12.51 -5.60
CA ASP B 56 25.38 -11.19 -6.05
C ASP B 56 25.43 -10.18 -4.90
N LEU B 57 24.74 -10.49 -3.78
CA LEU B 57 24.62 -9.56 -2.65
C LEU B 57 25.97 -9.08 -2.08
N LEU B 58 26.96 -9.97 -2.04
CA LEU B 58 28.28 -9.65 -1.49
C LEU B 58 29.17 -8.83 -2.44
N GLY B 59 28.74 -8.71 -3.70
CA GLY B 59 29.40 -7.90 -4.71
C GLY B 59 30.23 -8.70 -5.70
N HIS B 60 29.91 -9.98 -5.87
CA HIS B 60 30.67 -10.87 -6.75
C HIS B 60 29.74 -11.73 -7.60
N PRO B 61 29.07 -11.11 -8.60
CA PRO B 61 28.23 -11.87 -9.51
C PRO B 61 28.98 -12.60 -10.63
N GLU B 62 30.31 -12.55 -10.64
CA GLU B 62 31.13 -13.36 -11.55
C GLU B 62 31.19 -14.83 -11.16
N VAL B 63 30.79 -15.15 -9.93
CA VAL B 63 30.85 -16.52 -9.42
C VAL B 63 29.78 -17.36 -10.10
N LYS B 64 30.23 -18.28 -10.95
CA LYS B 64 29.35 -19.09 -11.78
C LYS B 64 28.91 -20.31 -10.98
N VAL B 65 27.60 -20.47 -10.81
CA VAL B 65 27.05 -21.55 -9.99
C VAL B 65 26.64 -22.73 -10.88
N TYR B 66 27.26 -23.89 -10.63
CA TYR B 66 26.99 -25.10 -11.42
C TYR B 66 26.03 -26.01 -10.66
N LYS B 67 25.52 -27.01 -11.37
CA LYS B 67 24.40 -27.83 -10.91
C LYS B 67 24.86 -29.28 -10.72
N GLY B 68 25.05 -29.68 -9.47
CA GLY B 68 25.40 -31.06 -9.12
C GLY B 68 24.20 -31.98 -9.03
N LEU B 69 24.35 -33.07 -8.27
CA LEU B 69 23.34 -34.14 -8.20
C LEU B 69 22.34 -33.90 -7.06
N SER B 70 21.09 -34.31 -7.26
CA SER B 70 19.99 -34.07 -6.30
C SER B 70 19.96 -35.07 -5.14
N HIS B 71 20.21 -36.34 -5.44
CA HIS B 71 20.11 -37.44 -4.46
C HIS B 71 21.45 -38.13 -4.27
N ALA B 72 21.52 -39.00 -3.26
CA ALA B 72 22.74 -39.73 -2.91
C ALA B 72 23.14 -40.79 -3.92
N SER B 73 24.45 -41.04 -4.00
CA SER B 73 25.07 -42.18 -4.70
C SER B 73 24.18 -43.43 -4.80
N THR B 74 23.62 -43.85 -3.66
CA THR B 74 22.86 -45.10 -3.53
C THR B 74 21.38 -44.90 -3.13
N LYS B 75 20.82 -43.73 -3.42
CA LYS B 75 19.39 -43.46 -3.17
C LYS B 75 18.70 -42.95 -4.45
N ASP B 76 17.39 -43.11 -4.50
CA ASP B 76 16.59 -42.65 -5.65
C ASP B 76 16.21 -41.17 -5.54
N SER B 77 15.87 -40.73 -4.32
CA SER B 77 15.36 -39.38 -4.06
C SER B 77 16.07 -38.70 -2.90
N PHE B 78 15.59 -37.52 -2.53
CA PHE B 78 16.05 -36.84 -1.32
C PHE B 78 15.02 -35.80 -0.85
N GLU B 79 14.72 -35.83 0.46
CA GLU B 79 13.91 -34.81 1.12
C GLU B 79 14.76 -34.15 2.19
N VAL B 80 14.49 -32.88 2.46
CA VAL B 80 15.16 -32.17 3.56
C VAL B 80 14.56 -32.70 4.86
N LEU B 81 15.42 -33.10 5.80
CA LEU B 81 14.98 -33.57 7.12
C LEU B 81 14.47 -32.36 7.92
N PRO B 82 13.45 -32.56 8.78
CA PRO B 82 12.91 -31.40 9.52
C PRO B 82 13.90 -30.77 10.53
N ILE B 83 14.87 -31.57 10.97
CA ILE B 83 15.95 -31.09 11.86
C ILE B 83 16.77 -30.00 11.16
N SER B 84 17.22 -30.26 9.94
CA SER B 84 17.99 -29.29 9.14
C SER B 84 17.13 -28.09 8.70
N ALA B 85 15.83 -28.30 8.52
CA ALA B 85 14.88 -27.20 8.27
C ALA B 85 14.71 -26.29 9.49
N PHE B 86 14.84 -26.82 10.69
CA PHE B 86 14.81 -26.02 11.94
C PHE B 86 16.06 -25.16 12.09
N ILE B 87 17.22 -25.75 11.79
CA ILE B 87 18.52 -25.07 11.95
C ILE B 87 18.73 -24.00 10.88
N HIS B 88 18.75 -24.42 9.61
CA HIS B 88 19.03 -23.52 8.49
C HIS B 88 17.78 -22.84 7.91
N GLY B 89 16.60 -23.20 8.38
CA GLY B 89 15.34 -22.60 7.90
C GLY B 89 14.79 -23.28 6.67
N ASP B 90 13.68 -22.75 6.16
CA ASP B 90 12.99 -23.34 5.01
C ASP B 90 13.69 -22.98 3.72
N ASN B 91 13.97 -21.69 3.53
CA ASN B 91 14.81 -21.22 2.42
C ASN B 91 16.28 -21.69 2.50
N GLY B 92 16.75 -22.06 3.70
CA GLY B 92 18.13 -22.52 3.92
C GLY B 92 19.12 -21.40 4.20
N ILE B 93 18.60 -20.24 4.62
CA ILE B 93 19.37 -19.00 4.75
C ILE B 93 18.88 -18.22 5.99
N GLY B 94 18.66 -18.92 7.09
CA GLY B 94 17.81 -18.39 8.17
C GLY B 94 16.39 -18.43 7.63
N ASP B 95 15.68 -17.32 7.71
CA ASP B 95 14.50 -17.12 6.86
C ASP B 95 14.59 -15.71 6.32
N VAL B 96 15.80 -15.34 5.92
CA VAL B 96 16.11 -13.98 5.56
C VAL B 96 15.72 -13.76 4.10
N GLU B 97 14.89 -12.73 3.88
CA GLU B 97 14.38 -12.41 2.55
C GLU B 97 15.46 -11.67 1.78
N ILE B 98 15.75 -12.15 0.58
CA ILE B 98 16.84 -11.65 -0.23
C ILE B 98 16.43 -11.78 -1.70
N PRO B 99 16.65 -10.73 -2.52
CA PRO B 99 16.21 -10.83 -3.91
C PRO B 99 16.87 -11.96 -4.70
N ASP B 100 16.08 -12.67 -5.51
CA ASP B 100 16.60 -13.69 -6.42
C ASP B 100 17.59 -13.05 -7.39
N SER B 101 18.68 -13.75 -7.69
CA SER B 101 19.59 -13.30 -8.73
C SER B 101 18.94 -13.57 -10.09
N PRO B 102 19.00 -12.59 -11.01
CA PRO B 102 18.52 -12.84 -12.37
C PRO B 102 19.47 -13.73 -13.19
N ARG B 103 20.70 -13.91 -12.72
CA ARG B 103 21.66 -14.90 -13.29
C ARG B 103 21.08 -16.25 -12.88
N LYS B 104 21.44 -17.25 -13.68
CA LYS B 104 20.98 -18.62 -13.49
C LYS B 104 22.13 -19.62 -13.60
N ALA B 105 21.84 -20.88 -13.31
CA ALA B 105 22.87 -21.92 -13.28
C ALA B 105 23.47 -22.15 -14.66
N GLU B 106 24.77 -22.45 -14.70
CA GLU B 106 25.46 -22.73 -15.96
C GLU B 106 24.91 -23.99 -16.61
N ASP B 107 25.18 -24.14 -17.91
CA ASP B 107 24.56 -25.21 -18.70
C ASP B 107 25.08 -26.58 -18.33
N GLU B 108 26.39 -26.71 -18.23
CA GLU B 108 27.02 -27.99 -17.89
C GLU B 108 26.81 -28.40 -16.42
N SER B 109 26.92 -29.70 -16.18
CA SER B 109 26.82 -30.26 -14.82
C SER B 109 28.07 -29.91 -14.02
N ALA B 110 27.92 -29.92 -12.71
CA ALA B 110 29.02 -29.62 -11.79
C ALA B 110 30.04 -30.74 -11.76
N VAL B 111 29.57 -31.96 -12.00
CA VAL B 111 30.45 -33.11 -12.21
C VAL B 111 31.51 -32.78 -13.27
N ASP B 112 31.04 -32.32 -14.44
CA ASP B 112 31.92 -31.99 -15.57
C ASP B 112 32.73 -30.71 -15.35
N PHE B 113 32.16 -29.73 -14.63
CA PHE B 113 32.87 -28.50 -14.30
C PHE B 113 34.11 -28.77 -13.45
N ILE B 114 33.96 -29.68 -12.49
CA ILE B 114 35.08 -30.09 -11.64
C ILE B 114 36.17 -30.76 -12.49
N ILE B 115 35.76 -31.75 -13.29
CA ILE B 115 36.70 -32.52 -14.12
C ILE B 115 37.45 -31.58 -15.06
N ASP B 116 36.70 -30.68 -15.70
CA ASP B 116 37.25 -29.67 -16.61
C ASP B 116 38.21 -28.73 -15.87
N SER B 117 37.77 -28.21 -14.71
CA SER B 117 38.60 -27.31 -13.88
C SER B 117 39.92 -27.95 -13.42
N VAL B 118 39.87 -29.25 -13.14
CA VAL B 118 41.08 -30.02 -12.78
C VAL B 118 42.06 -30.03 -13.94
N LYS B 119 41.57 -30.29 -15.15
CA LYS B 119 42.44 -30.32 -16.33
C LYS B 119 42.93 -28.93 -16.74
N LYS B 120 42.16 -27.88 -16.47
CA LYS B 120 42.60 -26.51 -16.76
C LYS B 120 43.66 -26.04 -15.77
N TYR B 121 43.31 -26.03 -14.49
CA TYR B 121 44.13 -25.40 -13.46
C TYR B 121 45.05 -26.37 -12.70
N GLY B 122 44.87 -27.67 -12.91
CA GLY B 122 45.79 -28.69 -12.36
C GLY B 122 46.04 -28.55 -10.86
N LYS B 123 47.30 -28.35 -10.50
CA LYS B 123 47.72 -28.23 -9.11
C LYS B 123 47.51 -26.84 -8.47
N ASP B 124 47.05 -25.87 -9.24
CA ASP B 124 46.59 -24.60 -8.69
C ASP B 124 45.13 -24.67 -8.19
N LEU B 125 44.40 -25.73 -8.56
CA LEU B 125 43.00 -25.90 -8.15
C LEU B 125 42.86 -26.46 -6.73
N VAL B 126 41.91 -25.89 -5.98
CA VAL B 126 41.58 -26.31 -4.63
C VAL B 126 40.07 -26.48 -4.53
N TYR B 127 39.61 -27.71 -4.28
CA TYR B 127 38.18 -28.04 -4.19
C TYR B 127 37.79 -28.22 -2.73
N VAL B 128 36.83 -27.45 -2.24
CA VAL B 128 36.49 -27.37 -0.81
C VAL B 128 35.01 -27.67 -0.61
N PRO B 129 34.65 -28.95 -0.53
CA PRO B 129 33.26 -29.38 -0.38
C PRO B 129 32.78 -29.40 1.05
N THR B 130 31.78 -28.60 1.37
CA THR B 130 31.18 -28.59 2.70
C THR B 130 29.70 -29.01 2.67
N GLY B 131 29.39 -29.84 1.67
CA GLY B 131 28.16 -30.61 1.65
C GLY B 131 28.58 -32.05 1.47
N PRO B 132 27.61 -32.93 1.19
CA PRO B 132 27.89 -34.30 0.79
C PRO B 132 28.92 -34.42 -0.33
N MET B 133 29.64 -35.54 -0.30
CA MET B 133 30.72 -35.80 -1.25
C MET B 133 30.21 -36.33 -2.58
N THR B 134 28.91 -36.64 -2.64
CA THR B 134 28.20 -37.13 -3.84
C THR B 134 28.73 -36.66 -5.17
N ASN B 135 29.00 -35.34 -5.26
CA ASN B 135 29.46 -34.74 -6.51
C ASN B 135 30.86 -35.21 -6.90
N ILE B 136 31.85 -35.00 -6.04
CA ILE B 136 33.23 -35.41 -6.37
C ILE B 136 33.46 -36.94 -6.42
N ALA B 137 32.56 -37.71 -5.82
CA ALA B 137 32.54 -39.17 -6.00
C ALA B 137 32.21 -39.53 -7.44
N ALA B 138 31.16 -38.90 -7.98
CA ALA B 138 30.79 -39.05 -9.39
C ALA B 138 31.88 -38.53 -10.35
N ALA B 139 32.58 -37.46 -9.95
CA ALA B 139 33.69 -36.92 -10.73
C ALA B 139 34.86 -37.88 -10.79
N LEU B 140 35.28 -38.38 -9.63
CA LEU B 140 36.36 -39.38 -9.52
C LEU B 140 35.98 -40.71 -10.18
N LYS B 141 34.70 -41.07 -10.08
CA LYS B 141 34.14 -42.21 -10.82
C LYS B 141 34.36 -42.02 -12.33
N LYS B 142 33.80 -40.95 -12.90
CA LYS B 142 33.89 -40.69 -14.35
C LYS B 142 35.33 -40.43 -14.83
N ALA B 143 36.10 -39.68 -14.05
CA ALA B 143 37.49 -39.35 -14.40
C ALA B 143 38.42 -39.56 -13.19
N PRO B 144 38.92 -40.80 -13.01
CA PRO B 144 39.80 -41.08 -11.87
C PRO B 144 41.19 -40.40 -11.91
N GLU B 145 41.62 -39.94 -13.09
CA GLU B 145 42.88 -39.18 -13.25
C GLU B 145 42.99 -38.01 -12.26
N ILE B 146 41.84 -37.37 -11.99
CA ILE B 146 41.72 -36.23 -11.05
C ILE B 146 42.65 -36.36 -9.84
N LYS B 147 42.60 -37.52 -9.19
CA LYS B 147 43.42 -37.86 -8.01
C LYS B 147 44.77 -37.15 -7.96
N ASP B 148 45.57 -37.40 -8.99
CA ASP B 148 46.96 -36.95 -9.07
C ASP B 148 47.04 -35.55 -9.68
N GLU B 149 46.13 -35.24 -10.60
CA GLU B 149 46.08 -33.94 -11.28
C GLU B 149 45.67 -32.76 -10.37
N ILE B 150 44.69 -32.98 -9.49
CA ILE B 150 44.17 -31.91 -8.62
C ILE B 150 45.19 -31.47 -7.55
N GLY B 151 45.15 -30.19 -7.21
CA GLY B 151 46.05 -29.60 -6.22
C GLY B 151 45.78 -30.12 -4.83
N LYS B 152 44.60 -29.80 -4.29
CA LYS B 152 44.15 -30.36 -3.02
C LYS B 152 42.63 -30.25 -2.80
N ILE B 153 42.08 -31.24 -2.12
CA ILE B 153 40.71 -31.22 -1.64
C ILE B 153 40.74 -30.97 -0.13
N VAL B 154 39.83 -30.16 0.37
CA VAL B 154 39.78 -29.80 1.79
C VAL B 154 38.32 -29.73 2.23
N LEU B 155 37.78 -30.87 2.66
CA LEU B 155 36.34 -30.96 2.98
C LEU B 155 36.03 -30.59 4.43
N MET B 156 34.75 -30.30 4.66
CA MET B 156 34.19 -30.23 6.01
C MET B 156 33.21 -31.38 6.14
N GLY B 157 33.43 -32.21 7.15
CA GLY B 157 32.62 -33.39 7.39
C GLY B 157 33.34 -34.44 8.22
N GLY B 158 32.58 -35.42 8.68
CA GLY B 158 33.10 -36.52 9.49
C GLY B 158 33.45 -36.16 10.92
N ALA B 159 33.85 -37.19 11.66
CA ALA B 159 34.37 -37.07 13.02
C ALA B 159 35.25 -38.28 13.29
N LEU B 160 36.55 -38.06 13.49
CA LEU B 160 37.49 -39.17 13.67
C LEU B 160 37.55 -39.55 15.13
N THR B 161 38.01 -38.63 15.96
CA THR B 161 38.34 -38.91 17.35
C THR B 161 37.19 -38.60 18.32
N ILE B 162 35.97 -38.44 17.81
CA ILE B 162 34.88 -37.92 18.64
C ILE B 162 33.51 -38.39 18.15
N HIS B 163 32.48 -38.16 18.96
CA HIS B 163 31.11 -38.48 18.56
C HIS B 163 30.65 -37.60 17.40
N GLY B 164 29.96 -38.22 16.44
CA GLY B 164 29.29 -37.50 15.37
C GLY B 164 28.11 -36.71 15.90
N ASN B 165 27.44 -35.97 15.01
CA ASN B 165 26.25 -35.16 15.40
C ASN B 165 24.90 -35.72 14.96
N VAL B 166 24.87 -36.58 13.94
CA VAL B 166 23.61 -37.23 13.52
C VAL B 166 23.29 -38.37 14.48
N ASN B 167 24.25 -39.25 14.67
CA ASN B 167 24.21 -40.29 15.70
C ASN B 167 25.54 -40.22 16.46
N ALA B 168 25.83 -41.21 17.29
CA ALA B 168 27.11 -41.24 18.03
C ALA B 168 28.37 -41.44 17.16
N TRP B 169 28.22 -41.90 15.92
CA TRP B 169 29.35 -42.27 15.07
C TRP B 169 29.39 -41.66 13.65
N THR B 170 28.40 -40.85 13.25
CA THR B 170 28.39 -40.23 11.91
C THR B 170 28.08 -38.73 11.97
N GLU B 171 28.64 -37.99 11.04
CA GLU B 171 28.43 -36.56 10.90
C GLU B 171 27.57 -36.26 9.66
N ALA B 172 26.77 -35.19 9.73
CA ALA B 172 25.77 -34.83 8.70
C ALA B 172 26.17 -35.01 7.23
N ASN B 173 27.15 -34.24 6.77
CA ASN B 173 27.61 -34.29 5.37
C ASN B 173 28.04 -35.71 4.91
N ILE B 174 28.64 -36.48 5.81
CA ILE B 174 29.01 -37.86 5.53
C ILE B 174 27.76 -38.75 5.60
N SER B 175 26.91 -38.50 6.59
CA SER B 175 25.66 -39.25 6.78
C SER B 175 24.78 -39.28 5.54
N GLN B 176 24.69 -38.15 4.84
CA GLN B 176 23.78 -38.01 3.70
C GLN B 176 24.21 -38.89 2.50
N ASP B 177 25.52 -39.05 2.33
CA ASP B 177 26.07 -40.00 1.37
C ASP B 177 27.41 -40.56 1.87
N PRO B 178 27.36 -41.68 2.61
CA PRO B 178 28.56 -42.35 3.09
C PRO B 178 29.36 -43.01 1.97
N ASP B 179 28.68 -43.64 1.02
CA ASP B 179 29.35 -44.43 -0.01
C ASP B 179 30.23 -43.55 -0.88
N ALA B 180 29.74 -42.35 -1.16
CA ALA B 180 30.50 -41.33 -1.89
C ALA B 180 31.74 -40.89 -1.11
N ALA B 181 31.53 -40.56 0.16
CA ALA B 181 32.62 -40.19 1.05
C ALA B 181 33.71 -41.26 1.12
N ASP B 182 33.30 -42.53 1.16
CA ASP B 182 34.24 -43.65 1.13
C ASP B 182 35.08 -43.61 -0.14
N ILE B 183 34.41 -43.46 -1.28
CA ILE B 183 35.09 -43.43 -2.59
C ILE B 183 36.14 -42.32 -2.62
N LEU B 184 35.78 -41.13 -2.12
CA LEU B 184 36.71 -40.01 -2.03
C LEU B 184 37.93 -40.31 -1.17
N PHE B 185 37.69 -40.80 0.04
CA PHE B 185 38.77 -41.03 1.02
C PHE B 185 39.76 -42.07 0.49
N ARG B 186 39.19 -43.18 0.00
CA ARG B 186 39.95 -44.26 -0.62
C ARG B 186 40.64 -43.90 -1.93
N SER B 187 40.06 -42.95 -2.69
CA SER B 187 40.61 -42.50 -3.98
C SER B 187 42.13 -42.30 -3.99
N GLY B 188 42.66 -41.76 -2.90
CA GLY B 188 44.07 -41.42 -2.80
C GLY B 188 44.34 -39.99 -3.18
N ALA B 189 43.29 -39.21 -3.41
CA ALA B 189 43.41 -37.78 -3.68
C ALA B 189 43.91 -37.10 -2.43
N PRO B 190 44.62 -35.97 -2.58
CA PRO B 190 45.16 -35.25 -1.43
C PRO B 190 44.10 -34.51 -0.62
N VAL B 191 43.31 -35.26 0.14
CA VAL B 191 42.21 -34.74 0.95
C VAL B 191 42.72 -34.26 2.31
N THR B 192 42.03 -33.28 2.88
CA THR B 192 42.22 -32.85 4.26
C THR B 192 40.84 -32.79 4.88
N MET B 193 40.54 -33.73 5.77
CA MET B 193 39.24 -33.75 6.45
C MET B 193 39.25 -32.77 7.61
N ILE B 194 38.27 -31.86 7.63
CA ILE B 194 38.07 -30.96 8.76
C ILE B 194 36.73 -31.30 9.38
N GLY B 195 36.78 -32.21 10.35
CA GLY B 195 35.60 -32.76 11.00
C GLY B 195 35.27 -32.09 12.32
N LEU B 196 34.31 -32.70 13.02
CA LEU B 196 33.76 -32.14 14.25
C LEU B 196 34.82 -31.99 15.34
N ASP B 197 35.73 -32.95 15.42
CA ASP B 197 36.91 -32.89 16.33
C ASP B 197 37.65 -31.54 16.32
N VAL B 198 37.57 -30.81 15.21
CA VAL B 198 38.09 -29.46 15.11
C VAL B 198 37.00 -28.37 15.05
N THR B 199 35.89 -28.61 14.32
CA THR B 199 34.87 -27.56 14.13
C THR B 199 34.03 -27.24 15.37
N LEU B 200 33.89 -28.22 16.27
CA LEU B 200 33.17 -28.00 17.53
C LEU B 200 33.96 -27.19 18.55
N GLN B 201 35.26 -26.99 18.31
CA GLN B 201 36.07 -26.02 19.07
C GLN B 201 35.80 -24.56 18.63
N THR B 202 35.37 -24.37 17.38
CA THR B 202 34.98 -23.04 16.87
C THR B 202 33.66 -22.58 17.41
N LEU B 203 33.52 -21.28 17.56
CA LEU B 203 32.33 -20.66 18.16
C LEU B 203 32.18 -19.18 17.73
N LEU B 204 30.94 -18.75 17.47
CA LEU B 204 30.62 -17.32 17.52
C LEU B 204 29.20 -17.05 18.04
N THR B 205 29.06 -15.91 18.72
CA THR B 205 27.85 -15.54 19.45
C THR B 205 27.32 -14.22 18.85
N TYR B 206 26.28 -13.65 19.46
CA TYR B 206 25.74 -12.36 19.05
C TYR B 206 26.73 -11.19 19.19
N LYS B 207 27.72 -11.32 20.08
CA LYS B 207 28.84 -10.37 20.18
C LYS B 207 29.49 -10.09 18.81
N GLU B 208 29.63 -11.16 18.01
CA GLU B 208 30.25 -11.11 16.68
C GLU B 208 29.29 -10.62 15.58
N THR B 209 28.02 -11.02 15.64
CA THR B 209 27.03 -10.64 14.61
C THR B 209 26.57 -9.18 14.76
N LYS B 210 26.59 -8.66 15.99
CA LYS B 210 26.33 -7.23 16.25
C LYS B 210 27.38 -6.32 15.59
N GLN B 211 28.60 -6.82 15.39
CA GLN B 211 29.66 -6.09 14.68
C GLN B 211 29.34 -5.93 13.18
N TRP B 212 28.74 -6.96 12.60
CA TRP B 212 28.29 -6.90 11.20
C TRP B 212 27.13 -5.92 10.98
N ARG B 213 26.23 -5.84 11.97
CA ARG B 213 25.15 -4.84 11.94
C ARG B 213 25.67 -3.40 11.97
N ASP B 214 26.76 -3.19 12.72
CA ASP B 214 27.40 -1.86 12.84
C ASP B 214 27.95 -1.31 11.52
N LEU B 215 28.24 -2.18 10.55
CA LEU B 215 28.71 -1.76 9.22
C LEU B 215 27.62 -1.11 8.36
N ASN B 216 26.35 -1.36 8.69
CA ASN B 216 25.18 -0.69 8.07
C ASN B 216 24.95 -1.00 6.59
N THR B 217 25.51 -2.11 6.09
CA THR B 217 25.42 -2.46 4.67
C THR B 217 24.30 -3.46 4.40
N LYS B 218 23.97 -3.62 3.12
CA LYS B 218 23.04 -4.66 2.68
C LYS B 218 23.55 -6.04 3.12
N ALA B 219 24.84 -6.28 2.86
CA ALA B 219 25.49 -7.55 3.22
C ALA B 219 25.65 -7.77 4.73
N GLY B 220 26.09 -6.72 5.44
CA GLY B 220 26.27 -6.77 6.89
C GLY B 220 25.00 -7.15 7.63
N LYS B 221 23.89 -6.49 7.28
CA LYS B 221 22.58 -6.79 7.87
C LYS B 221 22.09 -8.20 7.52
N PHE B 222 22.38 -8.66 6.30
CA PHE B 222 21.99 -10.01 5.86
C PHE B 222 22.68 -11.11 6.68
N LEU B 223 24.01 -11.08 6.70
CA LEU B 223 24.81 -12.08 7.41
C LEU B 223 24.49 -12.12 8.91
N ALA B 224 24.21 -10.96 9.49
CA ALA B 224 23.82 -10.86 10.90
C ALA B 224 22.46 -11.50 11.15
N ASP B 225 21.44 -11.06 10.39
CA ASP B 225 20.08 -11.65 10.45
C ASP B 225 20.09 -13.17 10.26
N MET B 226 20.91 -13.61 9.31
CA MET B 226 21.00 -15.03 8.93
C MET B 226 21.57 -15.90 10.05
N THR B 227 22.77 -15.56 10.52
CA THR B 227 23.44 -16.33 11.56
C THR B 227 22.77 -16.23 12.94
N ASP B 228 21.98 -15.17 13.15
CA ASP B 228 21.16 -15.05 14.38
C ASP B 228 19.99 -16.04 14.41
N PHE B 229 19.44 -16.40 13.25
CA PHE B 229 18.48 -17.52 13.14
C PHE B 229 19.19 -18.83 13.48
N TYR B 230 20.40 -18.98 12.95
CA TYR B 230 21.27 -20.15 13.17
C TYR B 230 21.67 -20.31 14.64
N ILE B 231 21.92 -19.19 15.34
CA ILE B 231 22.25 -19.23 16.77
C ILE B 231 21.02 -19.57 17.63
N LYS B 232 19.87 -18.95 17.33
CA LYS B 232 18.61 -19.23 18.06
C LYS B 232 18.10 -20.67 17.88
N ALA B 233 18.44 -21.28 16.75
CA ALA B 233 18.24 -22.71 16.54
C ALA B 233 19.22 -23.50 17.43
N TYR B 234 20.49 -23.11 17.44
CA TYR B 234 21.50 -23.72 18.32
C TYR B 234 21.18 -23.53 19.82
N GLU B 235 20.53 -22.43 20.18
CA GLU B 235 20.05 -22.23 21.56
C GLU B 235 19.13 -23.35 22.08
N THR B 236 18.37 -24.00 21.18
CA THR B 236 17.53 -25.15 21.54
C THR B 236 18.20 -26.51 21.23
N THR B 237 18.85 -26.64 20.07
CA THR B 237 19.50 -27.91 19.69
C THR B 237 20.80 -28.20 20.43
N ALA B 238 21.46 -27.16 20.96
CA ALA B 238 22.71 -27.32 21.71
C ALA B 238 23.00 -26.08 22.58
N PRO B 239 22.23 -25.90 23.69
CA PRO B 239 22.49 -24.77 24.62
C PRO B 239 23.80 -24.87 25.41
N HIS B 240 24.45 -26.04 25.39
CA HIS B 240 25.78 -26.22 25.99
C HIS B 240 26.93 -25.45 25.31
N LEU B 241 26.68 -24.87 24.11
CA LEU B 241 27.67 -24.03 23.41
C LEU B 241 27.42 -22.51 23.53
N GLY B 242 26.14 -22.10 23.53
CA GLY B 242 25.78 -20.67 23.70
C GLY B 242 25.58 -19.88 22.41
N GLY B 243 26.43 -20.14 21.43
CA GLY B 243 26.32 -19.56 20.08
C GLY B 243 26.21 -20.65 19.04
N CYS B 244 27.03 -20.58 17.98
CA CYS B 244 26.98 -21.54 16.86
C CYS B 244 28.36 -21.99 16.42
N GLY B 245 28.43 -23.16 15.80
CA GLY B 245 29.67 -23.71 15.27
C GLY B 245 30.03 -23.07 13.93
N LEU B 246 31.34 -22.91 13.69
CA LEU B 246 31.84 -22.40 12.42
C LEU B 246 32.42 -23.57 11.62
N HIS B 247 31.52 -24.38 11.10
CA HIS B 247 31.92 -25.67 10.52
C HIS B 247 32.52 -25.49 9.12
N ASP B 248 31.70 -25.05 8.17
CA ASP B 248 32.07 -24.98 6.76
C ASP B 248 33.13 -23.90 6.45
N PRO B 249 33.08 -22.72 7.13
CA PRO B 249 34.10 -21.71 6.91
C PRO B 249 35.52 -22.16 7.21
N LEU B 250 35.67 -22.98 8.26
CA LEU B 250 36.97 -23.43 8.69
C LEU B 250 37.66 -24.27 7.62
N ALA B 251 36.89 -25.06 6.88
CA ALA B 251 37.42 -25.79 5.73
C ALA B 251 38.08 -24.87 4.71
N VAL B 252 37.42 -23.75 4.44
CA VAL B 252 37.95 -22.73 3.52
C VAL B 252 39.19 -22.08 4.12
N ALA B 253 39.13 -21.74 5.40
CA ALA B 253 40.25 -21.13 6.10
C ALA B 253 41.53 -21.98 6.05
N VAL B 254 41.35 -23.30 6.14
CA VAL B 254 42.46 -24.26 6.08
C VAL B 254 42.94 -24.47 4.64
N ALA B 255 42.02 -24.33 3.68
CA ALA B 255 42.37 -24.32 2.27
C ALA B 255 43.32 -23.18 1.94
N VAL B 256 43.04 -21.98 2.46
CA VAL B 256 43.92 -20.82 2.24
C VAL B 256 45.19 -20.89 3.09
N ASP B 257 45.03 -21.29 4.35
CA ASP B 257 46.12 -21.32 5.31
C ASP B 257 46.10 -22.63 6.11
N PRO B 258 46.83 -23.67 5.63
CA PRO B 258 46.81 -24.96 6.34
C PRO B 258 47.46 -24.96 7.74
N THR B 259 48.17 -23.90 8.11
CA THR B 259 48.73 -23.77 9.46
C THR B 259 47.70 -23.44 10.55
N LEU B 260 46.47 -23.12 10.18
CA LEU B 260 45.39 -22.95 11.18
C LEU B 260 45.02 -24.24 11.93
N VAL B 261 45.40 -25.39 11.36
CA VAL B 261 45.00 -26.69 11.86
C VAL B 261 46.25 -27.58 12.06
N THR B 262 46.14 -28.51 13.01
CA THR B 262 47.15 -29.57 13.22
C THR B 262 46.54 -30.90 12.78
N THR B 263 47.11 -31.51 11.75
CA THR B 263 46.55 -32.71 11.16
C THR B 263 47.28 -33.97 11.58
N LEU B 264 46.62 -35.10 11.40
CA LEU B 264 47.15 -36.41 11.69
C LEU B 264 47.23 -37.18 10.37
N PRO B 265 48.44 -37.39 9.83
CA PRO B 265 48.56 -38.20 8.61
C PRO B 265 47.99 -39.59 8.80
N ILE B 266 47.03 -39.98 7.97
CA ILE B 266 46.28 -41.22 8.17
C ILE B 266 45.51 -41.65 6.93
N ASN B 267 45.77 -42.87 6.45
CA ASN B 267 44.96 -43.47 5.39
C ASN B 267 43.58 -43.81 5.95
N MET B 268 42.54 -43.27 5.33
CA MET B 268 41.17 -43.29 5.86
C MET B 268 40.19 -44.07 4.99
N GLN B 269 39.01 -44.30 5.57
CA GLN B 269 37.88 -44.90 4.89
C GLN B 269 36.60 -44.36 5.52
N VAL B 270 35.47 -44.74 4.96
CA VAL B 270 34.18 -44.51 5.60
C VAL B 270 33.47 -45.85 5.66
N ASP B 271 32.86 -46.12 6.79
CA ASP B 271 32.19 -47.39 7.02
C ASP B 271 30.90 -47.41 6.22
N VAL B 272 30.72 -48.48 5.46
CA VAL B 272 29.57 -48.66 4.58
C VAL B 272 28.64 -49.79 5.06
N GLU B 273 29.21 -50.94 5.46
CA GLU B 273 28.45 -52.16 5.72
C GLU B 273 27.84 -52.29 7.12
N GLY B 274 28.64 -52.03 8.14
CA GLY B 274 28.28 -52.40 9.52
C GLY B 274 27.21 -51.55 10.16
N PRO B 275 26.96 -51.76 11.47
CA PRO B 275 26.09 -50.87 12.25
C PRO B 275 26.78 -49.54 12.59
N THR B 276 28.06 -49.40 12.23
CA THR B 276 28.78 -48.13 12.21
C THR B 276 28.76 -47.44 10.84
N ARG B 277 27.81 -47.76 9.96
CA ARG B 277 27.71 -47.15 8.63
C ARG B 277 27.69 -45.62 8.73
N GLY B 278 28.58 -44.96 8.00
CA GLY B 278 28.71 -43.49 7.98
C GLY B 278 29.79 -42.91 8.87
N ARG B 279 30.57 -43.78 9.52
CA ARG B 279 31.65 -43.38 10.41
C ARG B 279 32.92 -43.16 9.61
N THR B 280 33.61 -42.08 9.93
CA THR B 280 34.93 -41.79 9.37
C THR B 280 35.97 -42.43 10.28
N ILE B 281 36.82 -43.27 9.71
CA ILE B 281 37.75 -44.06 10.50
C ILE B 281 38.94 -44.53 9.65
N GLY B 282 40.08 -44.74 10.28
CA GLY B 282 41.26 -45.21 9.58
C GLY B 282 41.12 -46.62 9.03
N ASP B 283 41.65 -46.85 7.84
CA ASP B 283 41.66 -48.18 7.24
C ASP B 283 42.89 -48.90 7.79
N VAL B 284 42.65 -50.06 8.37
CA VAL B 284 43.73 -50.86 8.98
C VAL B 284 44.67 -51.35 7.90
N THR B 285 44.07 -51.83 6.81
CA THR B 285 44.80 -52.30 5.63
C THR B 285 45.95 -51.39 5.23
N ARG B 286 45.69 -50.08 5.26
CA ARG B 286 46.69 -49.09 4.88
C ARG B 286 47.30 -48.35 6.09
N LEU B 287 47.37 -49.03 7.24
CA LEU B 287 48.02 -48.47 8.43
C LEU B 287 49.54 -48.55 8.28
N ASN B 288 50.02 -49.72 7.88
CA ASN B 288 51.46 -49.96 7.71
C ASN B 288 52.04 -49.41 6.41
N ASP B 289 51.17 -49.02 5.47
CA ASP B 289 51.57 -48.24 4.28
C ASP B 289 52.07 -46.86 4.76
N PRO B 290 53.39 -46.56 4.59
CA PRO B 290 53.90 -45.27 5.09
C PRO B 290 53.37 -44.03 4.36
N VAL B 291 52.94 -44.20 3.11
CA VAL B 291 52.39 -43.11 2.32
C VAL B 291 50.95 -42.84 2.78
N LYS B 292 50.74 -41.69 3.43
CA LYS B 292 49.43 -41.31 3.94
C LYS B 292 48.67 -40.42 2.96
N THR B 293 47.55 -40.92 2.43
CA THR B 293 46.82 -40.27 1.34
C THR B 293 46.11 -38.97 1.77
N MET B 294 45.50 -38.97 2.95
CA MET B 294 44.82 -37.80 3.50
C MET B 294 45.17 -37.54 4.96
N GLN B 295 44.75 -36.37 5.45
CA GLN B 295 45.11 -35.89 6.79
C GLN B 295 43.87 -35.39 7.51
N VAL B 296 43.65 -35.86 8.74
CA VAL B 296 42.48 -35.44 9.52
C VAL B 296 42.90 -34.41 10.55
N ALA B 297 42.09 -33.36 10.66
CA ALA B 297 42.37 -32.26 11.55
C ALA B 297 41.98 -32.67 12.95
N VAL B 298 42.89 -32.47 13.90
CA VAL B 298 42.65 -32.79 15.30
C VAL B 298 42.81 -31.59 16.25
N GLY B 299 43.77 -30.71 15.95
CA GLY B 299 43.94 -29.45 16.68
C GLY B 299 43.68 -28.24 15.79
N VAL B 300 43.41 -27.10 16.41
CA VAL B 300 43.06 -25.88 15.66
C VAL B 300 43.35 -24.62 16.49
N ASP B 301 43.83 -23.57 15.81
CA ASP B 301 44.11 -22.27 16.42
C ASP B 301 42.82 -21.44 16.42
N VAL B 302 41.97 -21.66 17.40
CA VAL B 302 40.60 -21.10 17.41
C VAL B 302 40.56 -19.56 17.45
N PRO B 303 41.36 -18.93 18.33
CA PRO B 303 41.34 -17.46 18.39
C PRO B 303 41.89 -16.76 17.15
N ARG B 304 42.87 -17.37 16.48
CA ARG B 304 43.41 -16.84 15.22
C ARG B 304 42.44 -17.04 14.07
N PHE B 305 41.82 -18.22 14.01
CA PHE B 305 40.76 -18.48 13.03
C PHE B 305 39.59 -17.52 13.20
N LEU B 306 39.13 -17.32 14.43
CA LEU B 306 38.05 -16.38 14.72
C LEU B 306 38.39 -14.94 14.32
N ASN B 307 39.66 -14.54 14.49
CA ASN B 307 40.13 -13.22 14.04
C ASN B 307 40.23 -13.13 12.52
N GLU B 308 40.78 -14.16 11.89
CA GLU B 308 40.88 -14.26 10.43
C GLU B 308 39.48 -14.21 9.79
N PHE B 309 38.56 -14.96 10.39
CA PHE B 309 37.14 -15.04 9.98
C PHE B 309 36.45 -13.68 9.98
N MET B 310 36.53 -12.97 11.10
CA MET B 310 35.87 -11.67 11.24
C MET B 310 36.52 -10.57 10.40
N THR B 311 37.86 -10.57 10.32
CA THR B 311 38.60 -9.61 9.48
C THR B 311 38.19 -9.72 8.01
N ARG B 312 38.19 -10.95 7.49
CA ARG B 312 37.85 -11.20 6.09
C ARG B 312 36.39 -10.87 5.76
N ILE B 313 35.46 -11.33 6.60
CA ILE B 313 34.03 -11.19 6.34
C ILE B 313 33.52 -9.77 6.62
N SER B 314 33.99 -9.14 7.70
CA SER B 314 33.65 -7.74 7.96
C SER B 314 34.22 -6.79 6.89
N GLY B 315 35.39 -7.13 6.35
CA GLY B 315 35.97 -6.40 5.20
C GLY B 315 35.14 -6.51 3.94
N LEU B 316 34.61 -7.71 3.68
CA LEU B 316 33.73 -7.96 2.53
C LEU B 316 32.36 -7.31 2.68
N ALA B 317 31.79 -7.40 3.88
CA ALA B 317 30.49 -6.79 4.17
C ALA B 317 30.51 -5.25 4.04
N LYS B 318 31.66 -4.64 4.35
CA LYS B 318 31.87 -3.20 4.14
C LYS B 318 31.83 -2.80 2.66
N ILE B 319 32.31 -3.69 1.78
CA ILE B 319 32.33 -3.46 0.32
C ILE B 319 30.93 -3.44 -0.35
N ALA B 320 29.96 -4.21 0.15
CA ALA B 320 28.58 -4.18 -0.38
C ALA B 320 27.72 -3.18 0.39
N LYS C 5 85.73 -33.00 -17.69
CA LYS C 5 85.52 -34.48 -17.53
C LYS C 5 84.21 -34.90 -18.22
N LYS C 6 84.24 -36.05 -18.90
CA LYS C 6 83.18 -36.44 -19.84
C LYS C 6 82.75 -37.90 -19.68
N LEU C 7 81.44 -38.13 -19.75
CA LEU C 7 80.79 -39.36 -19.29
C LEU C 7 80.09 -40.12 -20.41
N ILE C 8 80.25 -41.44 -20.44
CA ILE C 8 79.43 -42.33 -21.27
C ILE C 8 78.78 -43.35 -20.36
N LEU C 9 77.46 -43.49 -20.43
CA LEU C 9 76.74 -44.58 -19.77
C LEU C 9 76.53 -45.72 -20.78
N ASP C 10 76.53 -46.96 -20.29
CA ASP C 10 76.29 -48.15 -21.12
C ASP C 10 75.14 -48.88 -20.43
N LEU C 11 73.92 -48.75 -20.96
CA LEU C 11 72.70 -49.03 -20.21
C LEU C 11 71.73 -50.02 -20.85
N ASP C 12 71.22 -50.92 -20.01
CA ASP C 12 70.09 -51.80 -20.35
C ASP C 12 68.82 -51.18 -19.77
N THR C 13 68.39 -50.08 -20.39
CA THR C 13 67.45 -49.14 -19.78
C THR C 13 65.98 -49.65 -19.75
N GLY C 14 65.41 -50.05 -18.61
CA GLY C 14 66.04 -50.18 -17.28
C GLY C 14 65.59 -49.10 -16.31
N VAL C 15 65.06 -49.52 -15.16
CA VAL C 15 64.49 -48.59 -14.18
C VAL C 15 65.58 -47.87 -13.40
N ASP C 16 66.43 -48.65 -12.73
CA ASP C 16 67.63 -48.09 -12.07
C ASP C 16 68.57 -47.42 -13.09
N ASP C 17 68.57 -47.93 -14.32
CA ASP C 17 69.37 -47.34 -15.39
C ASP C 17 68.96 -45.89 -15.73
N THR C 18 67.66 -45.57 -15.68
CA THR C 18 67.23 -44.17 -15.89
C THR C 18 67.54 -43.28 -14.70
N LEU C 19 67.56 -43.88 -13.51
CA LEU C 19 67.98 -43.16 -12.32
C LEU C 19 69.46 -42.80 -12.42
N ALA C 20 70.23 -43.65 -13.10
CA ALA C 20 71.63 -43.34 -13.44
C ALA C 20 71.74 -42.18 -14.44
N ILE C 21 70.86 -42.19 -15.44
CA ILE C 21 70.78 -41.08 -16.39
C ILE C 21 70.41 -39.80 -15.64
N SER C 22 69.39 -39.87 -14.81
CA SER C 22 68.92 -38.73 -14.02
C SER C 22 70.01 -38.15 -13.11
N TYR C 23 70.74 -39.01 -12.42
CA TYR C 23 71.88 -38.59 -11.57
C TYR C 23 72.96 -37.94 -12.43
N ALA C 24 73.22 -38.52 -13.60
CA ALA C 24 74.26 -38.01 -14.50
C ALA C 24 73.91 -36.61 -14.99
N LEU C 25 72.70 -36.46 -15.54
CA LEU C 25 72.24 -35.16 -16.05
C LEU C 25 72.01 -34.13 -14.93
N GLY C 26 71.76 -34.60 -13.70
CA GLY C 26 71.69 -33.74 -12.52
C GLY C 26 73.03 -33.33 -11.92
N SER C 27 74.12 -33.90 -12.45
CA SER C 27 75.46 -33.68 -11.93
C SER C 27 76.28 -32.78 -12.89
N PRO C 28 76.62 -31.56 -12.43
CA PRO C 28 77.36 -30.64 -13.30
C PRO C 28 78.86 -30.92 -13.50
N GLU C 29 79.42 -31.91 -12.80
CA GLU C 29 80.86 -32.21 -12.91
C GLU C 29 81.21 -32.97 -14.20
N MET C 30 80.22 -33.60 -14.82
CA MET C 30 80.40 -34.40 -16.02
C MET C 30 79.52 -33.86 -17.14
N GLU C 31 80.01 -33.94 -18.38
CA GLU C 31 79.16 -33.80 -19.55
C GLU C 31 78.86 -35.21 -20.05
N LEU C 32 77.58 -35.58 -20.03
CA LEU C 32 77.15 -36.87 -20.57
C LEU C 32 77.21 -36.80 -22.09
N ILE C 33 78.22 -37.44 -22.68
CA ILE C 33 78.43 -37.40 -24.14
C ILE C 33 77.40 -38.26 -24.85
N GLY C 34 77.23 -39.49 -24.39
CA GLY C 34 76.30 -40.42 -25.01
C GLY C 34 75.90 -41.58 -24.11
N ILE C 35 74.82 -42.25 -24.51
CA ILE C 35 74.31 -43.43 -23.83
C ILE C 35 74.47 -44.58 -24.78
N THR C 36 75.45 -45.43 -24.51
CA THR C 36 75.57 -46.71 -25.21
C THR C 36 74.47 -47.66 -24.74
N GLY C 37 73.80 -48.34 -25.67
CA GLY C 37 72.68 -49.25 -25.34
C GLY C 37 73.10 -50.69 -25.31
N THR C 38 72.65 -51.43 -24.29
CA THR C 38 72.88 -52.88 -24.22
C THR C 38 71.61 -53.56 -23.72
N TYR C 39 71.71 -54.84 -23.33
CA TYR C 39 70.55 -55.73 -23.15
C TYR C 39 70.53 -56.28 -21.73
N GLY C 40 69.41 -56.89 -21.33
CA GLY C 40 69.30 -57.56 -20.03
C GLY C 40 67.96 -57.30 -19.38
N ASN C 41 67.85 -56.14 -18.73
CA ASN C 41 66.58 -55.69 -18.14
C ASN C 41 65.50 -55.67 -19.22
N VAL C 42 65.90 -55.27 -20.42
CA VAL C 42 65.03 -55.24 -21.58
C VAL C 42 65.84 -55.48 -22.85
N LEU C 43 65.17 -55.91 -23.92
CA LEU C 43 65.78 -56.09 -25.25
C LEU C 43 66.60 -54.87 -25.68
N MET C 44 67.71 -55.10 -26.36
CA MET C 44 68.68 -54.04 -26.66
C MET C 44 68.06 -52.80 -27.30
N GLU C 45 67.21 -53.02 -28.31
CA GLU C 45 66.48 -51.97 -29.01
C GLU C 45 65.59 -51.15 -28.08
N GLN C 46 64.79 -51.84 -27.27
CA GLN C 46 63.98 -51.19 -26.23
C GLN C 46 64.82 -50.29 -25.31
N GLY C 47 66.04 -50.72 -24.99
CA GLY C 47 67.01 -49.91 -24.24
C GLY C 47 67.29 -48.56 -24.90
N VAL C 48 67.40 -48.57 -26.23
CA VAL C 48 67.62 -47.36 -27.00
C VAL C 48 66.36 -46.48 -27.07
N ARG C 49 65.19 -47.07 -27.34
CA ARG C 49 63.93 -46.29 -27.37
C ARG C 49 63.71 -45.52 -26.08
N ASN C 50 63.98 -46.19 -24.96
CA ASN C 50 63.79 -45.62 -23.63
C ASN C 50 64.80 -44.51 -23.39
N ALA C 51 66.07 -44.80 -23.69
CA ALA C 51 67.16 -43.83 -23.53
C ALA C 51 66.87 -42.52 -24.24
N LEU C 52 66.47 -42.61 -25.51
CA LEU C 52 66.13 -41.43 -26.31
C LEU C 52 64.96 -40.68 -25.70
N ALA C 53 63.85 -41.40 -25.46
CA ALA C 53 62.63 -40.82 -24.89
C ALA C 53 62.82 -40.14 -23.54
N ILE C 54 63.67 -40.74 -22.69
CA ILE C 54 63.89 -40.26 -21.33
C ILE C 54 64.85 -39.07 -21.32
N THR C 55 65.93 -39.15 -22.08
CA THR C 55 66.86 -38.01 -22.23
C THR C 55 66.14 -36.75 -22.72
N ASP C 56 65.23 -36.94 -23.68
CA ASP C 56 64.32 -35.88 -24.12
C ASP C 56 63.49 -35.34 -22.96
N LEU C 57 62.78 -36.23 -22.25
CA LEU C 57 61.87 -35.82 -21.18
C LEU C 57 62.52 -34.99 -20.06
N LEU C 58 63.76 -35.31 -19.72
CA LEU C 58 64.49 -34.61 -18.65
C LEU C 58 65.06 -33.24 -19.07
N GLY C 59 65.02 -32.98 -20.38
CA GLY C 59 65.42 -31.69 -20.96
C GLY C 59 66.81 -31.71 -21.59
N HIS C 60 67.27 -32.89 -22.02
CA HIS C 60 68.60 -33.04 -22.59
C HIS C 60 68.55 -33.94 -23.84
N PRO C 61 67.98 -33.41 -24.95
CA PRO C 61 67.97 -34.17 -26.20
C PRO C 61 69.28 -34.12 -26.99
N GLU C 62 70.33 -33.49 -26.45
CA GLU C 62 71.68 -33.54 -27.04
C GLU C 62 72.37 -34.88 -26.81
N VAL C 63 71.87 -35.68 -25.87
CA VAL C 63 72.48 -36.95 -25.52
C VAL C 63 72.27 -37.95 -26.66
N LYS C 64 73.34 -38.28 -27.35
CA LYS C 64 73.32 -39.11 -28.54
C LYS C 64 73.37 -40.57 -28.11
N VAL C 65 72.36 -41.34 -28.51
CA VAL C 65 72.24 -42.74 -28.08
C VAL C 65 72.79 -43.66 -29.18
N TYR C 66 73.82 -44.44 -28.82
CA TYR C 66 74.47 -45.35 -29.76
C TYR C 66 73.96 -46.77 -29.56
N LYS C 67 74.29 -47.65 -30.51
CA LYS C 67 73.69 -48.96 -30.62
C LYS C 67 74.76 -50.03 -30.40
N GLY C 68 74.74 -50.66 -29.23
CA GLY C 68 75.65 -51.77 -28.91
C GLY C 68 75.14 -53.11 -29.40
N LEU C 69 75.62 -54.19 -28.77
CA LEU C 69 75.34 -55.56 -29.22
C LEU C 69 74.08 -56.14 -28.56
N SER C 70 73.36 -56.97 -29.30
CA SER C 70 72.07 -57.56 -28.84
C SER C 70 72.22 -58.75 -27.90
N HIS C 71 73.18 -59.63 -28.20
CA HIS C 71 73.38 -60.88 -27.46
C HIS C 71 74.77 -60.93 -26.82
N ALA C 72 74.98 -61.93 -25.96
CA ALA C 72 76.23 -62.10 -25.23
C ALA C 72 77.41 -62.53 -26.10
N SER C 73 78.61 -62.13 -25.66
CA SER C 73 79.91 -62.61 -26.17
C SER C 73 79.89 -64.03 -26.74
N THR C 74 79.33 -64.97 -25.97
CA THR C 74 79.34 -66.40 -26.30
C THR C 74 77.94 -67.01 -26.51
N LYS C 75 76.95 -66.20 -26.88
CA LYS C 75 75.61 -66.68 -27.21
C LYS C 75 75.18 -66.19 -28.59
N ASP C 76 74.23 -66.89 -29.20
CA ASP C 76 73.66 -66.51 -30.50
C ASP C 76 72.56 -65.49 -30.38
N SER C 77 71.70 -65.63 -29.37
CA SER C 77 70.50 -64.79 -29.20
C SER C 77 70.38 -64.24 -27.78
N PHE C 78 69.25 -63.57 -27.52
CA PHE C 78 68.90 -63.12 -26.17
C PHE C 78 67.39 -62.85 -26.05
N GLU C 79 66.78 -63.37 -24.99
CA GLU C 79 65.39 -63.09 -24.63
C GLU C 79 65.44 -62.44 -23.22
N VAL C 80 64.46 -61.56 -22.95
CA VAL C 80 64.30 -61.00 -21.62
C VAL C 80 63.74 -62.09 -20.71
N LEU C 81 64.38 -62.31 -19.56
CA LEU C 81 63.89 -63.28 -18.58
C LEU C 81 62.61 -62.74 -17.92
N PRO C 82 61.65 -63.62 -17.56
CA PRO C 82 60.39 -63.10 -16.99
C PRO C 82 60.55 -62.42 -15.63
N ILE C 83 61.62 -62.78 -14.90
CA ILE C 83 61.96 -62.15 -13.61
C ILE C 83 62.22 -60.65 -13.82
N SER C 84 63.09 -60.31 -14.78
CA SER C 84 63.42 -58.92 -15.10
C SER C 84 62.23 -58.16 -15.72
N ALA C 85 61.36 -58.88 -16.43
CA ALA C 85 60.11 -58.31 -16.94
C ALA C 85 59.12 -57.95 -15.81
N PHE C 86 59.15 -58.71 -14.70
CA PHE C 86 58.34 -58.40 -13.52
C PHE C 86 58.84 -57.15 -12.78
N ILE C 87 60.16 -57.04 -12.65
CA ILE C 87 60.79 -55.94 -11.91
C ILE C 87 60.71 -54.62 -12.70
N HIS C 88 61.32 -54.61 -13.88
CA HIS C 88 61.41 -53.39 -14.71
C HIS C 88 60.23 -53.20 -15.66
N GLY C 89 59.32 -54.18 -15.74
CA GLY C 89 58.15 -54.09 -16.62
C GLY C 89 58.43 -54.56 -18.04
N ASP C 90 57.43 -54.45 -18.90
CA ASP C 90 57.52 -54.94 -20.28
C ASP C 90 58.29 -53.94 -21.14
N ASN C 91 57.87 -52.67 -21.06
CA ASN C 91 58.63 -51.57 -21.69
C ASN C 91 60.03 -51.33 -21.07
N GLY C 92 60.24 -51.77 -19.83
CA GLY C 92 61.51 -51.62 -19.12
C GLY C 92 61.63 -50.31 -18.36
N ILE C 93 60.49 -49.68 -18.06
CA ILE C 93 60.42 -48.32 -17.51
C ILE C 93 59.24 -48.24 -16.50
N GLY C 94 59.12 -49.26 -15.66
CA GLY C 94 57.85 -49.51 -14.97
C GLY C 94 56.89 -50.01 -16.03
N ASP C 95 55.71 -49.43 -16.14
CA ASP C 95 54.92 -49.53 -17.36
C ASP C 95 54.41 -48.15 -17.69
N VAL C 96 55.30 -47.17 -17.53
CA VAL C 96 54.94 -45.77 -17.60
C VAL C 96 54.94 -45.35 -19.06
N GLU C 97 53.82 -44.79 -19.50
CA GLU C 97 53.63 -44.36 -20.88
C GLU C 97 54.32 -43.02 -21.05
N ILE C 98 55.17 -42.94 -22.08
CA ILE C 98 56.01 -41.78 -22.32
C ILE C 98 56.20 -41.65 -23.84
N PRO C 99 56.05 -40.43 -24.39
CA PRO C 99 56.16 -40.30 -25.85
C PRO C 99 57.53 -40.72 -26.40
N ASP C 100 57.51 -41.44 -27.53
CA ASP C 100 58.73 -41.81 -28.25
C ASP C 100 59.47 -40.55 -28.67
N SER C 101 60.79 -40.56 -28.58
CA SER C 101 61.58 -39.46 -29.11
C SER C 101 61.61 -39.59 -30.64
N PRO C 102 61.40 -38.46 -31.35
CA PRO C 102 61.55 -38.49 -32.81
C PRO C 102 63.03 -38.57 -33.26
N ARG C 103 63.97 -38.30 -32.36
CA ARG C 103 65.41 -38.56 -32.60
C ARG C 103 65.56 -40.04 -32.60
N LYS C 104 66.60 -40.50 -33.30
CA LYS C 104 66.89 -41.94 -33.43
C LYS C 104 68.37 -42.23 -33.15
N ALA C 105 68.71 -43.51 -33.14
CA ALA C 105 70.06 -43.95 -32.81
C ALA C 105 71.07 -43.47 -33.84
N GLU C 106 72.29 -43.14 -33.38
CA GLU C 106 73.35 -42.71 -34.28
C GLU C 106 73.77 -43.83 -35.22
N ASP C 107 74.44 -43.47 -36.31
CA ASP C 107 74.74 -44.41 -37.38
C ASP C 107 75.76 -45.45 -36.97
N GLU C 108 76.85 -44.99 -36.35
CA GLU C 108 77.92 -45.90 -35.92
C GLU C 108 77.54 -46.76 -34.71
N SER C 109 78.23 -47.88 -34.58
CA SER C 109 78.05 -48.79 -33.44
C SER C 109 78.63 -48.17 -32.17
N ALA C 110 78.12 -48.63 -31.04
CA ALA C 110 78.57 -48.15 -29.73
C ALA C 110 79.98 -48.64 -29.40
N VAL C 111 80.31 -49.81 -29.93
CA VAL C 111 81.68 -50.34 -29.88
C VAL C 111 82.66 -49.26 -30.39
N ASP C 112 82.40 -48.76 -31.59
CA ASP C 112 83.26 -47.74 -32.23
C ASP C 112 83.16 -46.36 -31.57
N PHE C 113 81.98 -46.01 -31.06
CA PHE C 113 81.80 -44.74 -30.34
C PHE C 113 82.68 -44.67 -29.10
N ILE C 114 82.76 -45.79 -28.37
CA ILE C 114 83.62 -45.88 -27.19
C ILE C 114 85.09 -45.71 -27.59
N ILE C 115 85.51 -46.49 -28.58
CA ILE C 115 86.91 -46.47 -29.04
C ILE C 115 87.30 -45.07 -29.50
N ASP C 116 86.41 -44.46 -30.28
CA ASP C 116 86.59 -43.10 -30.80
C ASP C 116 86.64 -42.08 -29.64
N SER C 117 85.68 -42.18 -28.71
CA SER C 117 85.63 -41.30 -27.54
C SER C 117 86.87 -41.38 -26.65
N VAL C 118 87.44 -42.58 -26.55
CA VAL C 118 88.69 -42.80 -25.81
C VAL C 118 89.83 -42.02 -26.47
N LYS C 119 89.93 -42.12 -27.79
CA LYS C 119 90.99 -41.40 -28.51
C LYS C 119 90.78 -39.89 -28.56
N LYS C 120 89.53 -39.43 -28.51
CA LYS C 120 89.24 -37.99 -28.46
C LYS C 120 89.54 -37.39 -27.08
N TYR C 121 88.88 -37.92 -26.06
CA TYR C 121 88.91 -37.33 -24.73
C TYR C 121 89.91 -37.96 -23.76
N GLY C 122 90.53 -39.08 -24.15
CA GLY C 122 91.62 -39.69 -23.37
C GLY C 122 91.32 -39.90 -21.90
N LYS C 123 92.10 -39.25 -21.05
CA LYS C 123 91.97 -39.38 -19.60
C LYS C 123 90.89 -38.48 -18.97
N ASP C 124 90.23 -37.64 -19.76
CA ASP C 124 89.02 -36.94 -19.32
C ASP C 124 87.76 -37.81 -19.45
N LEU C 125 87.85 -38.92 -20.18
CA LEU C 125 86.70 -39.82 -20.40
C LEU C 125 86.46 -40.77 -19.22
N VAL C 126 85.18 -40.93 -18.86
CA VAL C 126 84.75 -41.83 -17.80
C VAL C 126 83.60 -42.69 -18.34
N TYR C 127 83.80 -43.99 -18.42
CA TYR C 127 82.81 -44.94 -18.96
C TYR C 127 82.16 -45.69 -17.80
N VAL C 128 80.84 -45.62 -17.67
CA VAL C 128 80.11 -46.12 -16.49
C VAL C 128 79.02 -47.10 -16.94
N PRO C 129 79.39 -48.36 -17.15
CA PRO C 129 78.46 -49.40 -17.62
C PRO C 129 77.67 -50.05 -16.52
N THR C 130 76.34 -49.91 -16.55
CA THR C 130 75.47 -50.56 -15.57
C THR C 130 74.53 -51.57 -16.25
N GLY C 131 75.01 -52.11 -17.36
CA GLY C 131 74.43 -53.31 -17.95
C GLY C 131 75.58 -54.29 -18.10
N PRO C 132 75.35 -55.39 -18.83
CA PRO C 132 76.41 -56.31 -19.22
C PRO C 132 77.63 -55.61 -19.83
N MET C 133 78.77 -56.24 -19.63
CA MET C 133 80.05 -55.70 -20.08
C MET C 133 80.32 -55.99 -21.56
N THR C 134 79.45 -56.81 -22.17
CA THR C 134 79.50 -57.19 -23.60
C THR C 134 80.07 -56.16 -24.55
N ASN C 135 79.63 -54.92 -24.39
CA ASN C 135 80.05 -53.82 -25.27
C ASN C 135 81.53 -53.48 -25.11
N ILE C 136 81.95 -53.11 -23.90
CA ILE C 136 83.37 -52.75 -23.68
C ILE C 136 84.36 -53.92 -23.81
N ALA C 137 83.88 -55.16 -23.69
CA ALA C 137 84.68 -56.34 -24.01
C ALA C 137 85.03 -56.37 -25.50
N ALA C 138 84.03 -56.14 -26.35
CA ALA C 138 84.24 -56.02 -27.79
C ALA C 138 85.11 -54.81 -28.17
N ALA C 139 84.98 -53.72 -27.41
CA ALA C 139 85.81 -52.53 -27.62
C ALA C 139 87.28 -52.80 -27.29
N LEU C 140 87.53 -53.37 -26.11
CA LEU C 140 88.88 -53.78 -25.69
C LEU C 140 89.47 -54.87 -26.58
N LYS C 141 88.61 -55.79 -27.03
CA LYS C 141 88.99 -56.77 -28.05
C LYS C 141 89.51 -56.07 -29.32
N LYS C 142 88.66 -55.25 -29.97
CA LYS C 142 89.03 -54.56 -31.21
C LYS C 142 90.18 -53.56 -31.04
N ALA C 143 90.17 -52.81 -29.94
CA ALA C 143 91.21 -51.81 -29.66
C ALA C 143 91.71 -51.92 -28.21
N PRO C 144 92.70 -52.81 -27.97
CA PRO C 144 93.21 -52.97 -26.60
C PRO C 144 93.98 -51.77 -26.01
N GLU C 145 94.42 -50.84 -26.86
CA GLU C 145 95.08 -49.59 -26.41
C GLU C 145 94.26 -48.84 -25.35
N ILE C 146 92.93 -48.88 -25.51
CA ILE C 146 91.96 -48.25 -24.60
C ILE C 146 92.39 -48.31 -23.13
N LYS C 147 92.78 -49.50 -22.68
CA LYS C 147 93.27 -49.77 -21.30
C LYS C 147 93.95 -48.58 -20.64
N ASP C 148 95.04 -48.14 -21.28
CA ASP C 148 95.92 -47.11 -20.75
C ASP C 148 95.44 -45.70 -21.12
N GLU C 149 94.82 -45.59 -22.30
CA GLU C 149 94.30 -44.30 -22.80
C GLU C 149 93.09 -43.76 -22.03
N ILE C 150 92.16 -44.64 -21.64
CA ILE C 150 90.92 -44.22 -20.95
C ILE C 150 91.20 -43.71 -19.53
N GLY C 151 90.38 -42.74 -19.10
CA GLY C 151 90.50 -42.13 -17.78
C GLY C 151 90.15 -43.11 -16.67
N LYS C 152 88.88 -43.52 -16.64
CA LYS C 152 88.44 -44.57 -15.72
C LYS C 152 87.11 -45.22 -16.11
N ILE C 153 86.99 -46.51 -15.82
CA ILE C 153 85.74 -47.25 -15.94
C ILE C 153 85.19 -47.46 -14.53
N VAL C 154 83.88 -47.34 -14.35
CA VAL C 154 83.23 -47.48 -13.04
C VAL C 154 81.90 -48.20 -13.23
N LEU C 155 81.93 -49.53 -13.16
CA LEU C 155 80.75 -50.34 -13.46
C LEU C 155 79.88 -50.60 -12.25
N MET C 156 78.63 -50.99 -12.52
CA MET C 156 77.75 -51.58 -11.51
C MET C 156 77.54 -53.02 -11.92
N GLY C 157 77.84 -53.92 -10.99
CA GLY C 157 77.75 -55.35 -11.23
C GLY C 157 78.62 -56.16 -10.28
N GLY C 158 78.40 -57.47 -10.27
CA GLY C 158 79.15 -58.40 -9.44
C GLY C 158 78.81 -58.36 -7.95
N ALA C 159 79.45 -59.28 -7.22
CA ALA C 159 79.40 -59.34 -5.77
C ALA C 159 80.66 -60.05 -5.30
N LEU C 160 81.52 -59.34 -4.57
CA LEU C 160 82.80 -59.91 -4.14
C LEU C 160 82.62 -60.64 -2.82
N THR C 161 82.27 -59.90 -1.78
CA THR C 161 82.26 -60.40 -0.42
C THR C 161 80.90 -60.94 0.03
N ILE C 162 79.98 -61.20 -0.90
CA ILE C 162 78.60 -61.50 -0.53
C ILE C 162 77.90 -62.36 -1.59
N HIS C 163 76.72 -62.87 -1.25
CA HIS C 163 75.90 -63.63 -2.21
C HIS C 163 75.43 -62.74 -3.36
N GLY C 164 75.49 -63.29 -4.57
CA GLY C 164 74.89 -62.67 -5.73
C GLY C 164 73.36 -62.69 -5.65
N ASN C 165 72.70 -62.10 -6.65
CA ASN C 165 71.23 -62.05 -6.69
C ASN C 165 70.57 -63.01 -7.70
N VAL C 166 71.29 -63.45 -8.72
CA VAL C 166 70.75 -64.44 -9.68
C VAL C 166 70.81 -65.82 -9.06
N ASN C 167 71.99 -66.20 -8.59
CA ASN C 167 72.19 -67.39 -7.78
C ASN C 167 73.00 -66.97 -6.55
N ALA C 168 73.51 -67.92 -5.77
CA ALA C 168 74.32 -67.59 -4.58
C ALA C 168 75.69 -66.95 -4.89
N TRP C 169 76.16 -67.03 -6.13
CA TRP C 169 77.52 -66.58 -6.49
C TRP C 169 77.66 -65.62 -7.68
N THR C 170 76.56 -65.28 -8.36
CA THR C 170 76.61 -64.37 -9.53
C THR C 170 75.57 -63.25 -9.43
N GLU C 171 75.91 -62.09 -9.99
CA GLU C 171 75.02 -60.94 -10.05
C GLU C 171 74.55 -60.71 -11.50
N ALA C 172 73.33 -60.18 -11.65
CA ALA C 172 72.64 -60.02 -12.94
C ALA C 172 73.49 -59.56 -14.14
N ASN C 173 74.01 -58.33 -14.08
CA ASN C 173 74.81 -57.76 -15.18
C ASN C 173 76.04 -58.63 -15.56
N ILE C 174 76.66 -59.27 -14.57
CA ILE C 174 77.76 -60.20 -14.82
C ILE C 174 77.21 -61.53 -15.36
N SER C 175 76.11 -61.99 -14.78
CA SER C 175 75.44 -63.23 -15.19
C SER C 175 75.12 -63.29 -16.67
N GLN C 176 74.67 -62.17 -17.24
CA GLN C 176 74.21 -62.13 -18.63
C GLN C 176 75.36 -62.33 -19.63
N ASP C 177 76.55 -61.82 -19.27
CA ASP C 177 77.77 -62.10 -20.02
C ASP C 177 78.99 -62.12 -19.08
N PRO C 178 79.31 -63.31 -18.54
CA PRO C 178 80.49 -63.47 -17.69
C PRO C 178 81.80 -63.34 -18.44
N ASP C 179 81.86 -63.90 -19.65
CA ASP C 179 83.12 -63.96 -20.40
C ASP C 179 83.62 -62.57 -20.74
N ALA C 180 82.67 -61.69 -21.08
CA ALA C 180 82.96 -60.28 -21.32
C ALA C 180 83.50 -59.59 -20.08
N ALA C 181 82.78 -59.77 -18.97
CA ALA C 181 83.19 -59.22 -17.68
C ALA C 181 84.60 -59.67 -17.29
N ASP C 182 84.92 -60.94 -17.55
CA ASP C 182 86.28 -61.46 -17.31
C ASP C 182 87.30 -60.66 -18.11
N ILE C 183 87.03 -60.50 -19.42
CA ILE C 183 87.93 -59.79 -20.32
C ILE C 183 88.21 -58.37 -19.80
N LEU C 184 87.14 -57.69 -19.38
CA LEU C 184 87.26 -56.34 -18.81
C LEU C 184 88.15 -56.31 -17.55
N PHE C 185 87.86 -57.19 -16.60
CA PHE C 185 88.55 -57.18 -15.31
C PHE C 185 90.04 -57.47 -15.50
N ARG C 186 90.32 -58.51 -16.28
CA ARG C 186 91.67 -58.91 -16.64
C ARG C 186 92.41 -57.90 -17.53
N SER C 187 91.68 -57.14 -18.35
CA SER C 187 92.27 -56.13 -19.25
C SER C 187 93.38 -55.28 -18.63
N GLY C 188 93.19 -54.90 -17.37
CA GLY C 188 94.11 -54.02 -16.67
C GLY C 188 93.69 -52.57 -16.76
N ALA C 189 92.50 -52.33 -17.31
CA ALA C 189 91.94 -50.98 -17.36
C ALA C 189 91.62 -50.55 -15.95
N PRO C 190 91.63 -49.23 -15.68
CA PRO C 190 91.34 -48.73 -14.34
C PRO C 190 89.86 -48.80 -13.97
N VAL C 191 89.41 -50.02 -13.68
CA VAL C 191 88.01 -50.31 -13.33
C VAL C 191 87.76 -50.08 -11.84
N THR C 192 86.53 -49.72 -11.50
CA THR C 192 86.05 -49.68 -10.13
C THR C 192 84.72 -50.44 -10.11
N MET C 193 84.72 -51.63 -9.53
CA MET C 193 83.49 -52.43 -9.43
C MET C 193 82.65 -51.92 -8.28
N ILE C 194 81.38 -51.61 -8.56
CA ILE C 194 80.41 -51.27 -7.53
C ILE C 194 79.34 -52.34 -7.54
N GLY C 195 79.56 -53.37 -6.73
CA GLY C 195 78.71 -54.55 -6.68
C GLY C 195 77.72 -54.52 -5.54
N LEU C 196 77.06 -55.67 -5.36
CA LEU C 196 75.96 -55.81 -4.40
C LEU C 196 76.40 -55.52 -2.97
N ASP C 197 77.61 -55.96 -2.62
CA ASP C 197 78.24 -55.64 -1.32
C ASP C 197 78.14 -54.18 -0.88
N VAL C 198 78.02 -53.27 -1.84
CA VAL C 198 77.76 -51.86 -1.59
C VAL C 198 76.33 -51.41 -1.97
N THR C 199 75.79 -51.89 -3.10
CA THR C 199 74.47 -51.40 -3.59
C THR C 199 73.27 -51.88 -2.76
N LEU C 200 73.40 -53.03 -2.11
CA LEU C 200 72.34 -53.54 -1.24
C LEU C 200 72.24 -52.79 0.10
N GLN C 201 73.25 -51.97 0.42
CA GLN C 201 73.16 -51.02 1.54
C GLN C 201 72.32 -49.77 1.19
N THR C 202 72.25 -49.43 -0.10
CA THR C 202 71.41 -48.33 -0.59
C THR C 202 69.94 -48.69 -0.59
N LEU C 203 69.09 -47.68 -0.37
CA LEU C 203 67.65 -47.86 -0.25
C LEU C 203 66.89 -46.55 -0.55
N LEU C 204 65.76 -46.66 -1.24
CA LEU C 204 64.74 -45.60 -1.18
C LEU C 204 63.31 -46.17 -1.25
N THR C 205 62.39 -45.46 -0.60
CA THR C 205 61.01 -45.88 -0.38
C THR C 205 60.09 -44.83 -1.01
N TYR C 206 58.78 -45.00 -0.82
CA TYR C 206 57.79 -44.02 -1.28
C TYR C 206 57.93 -42.63 -0.64
N LYS C 207 58.53 -42.57 0.55
CA LYS C 207 58.88 -41.29 1.20
C LYS C 207 59.67 -40.38 0.24
N GLU C 208 60.58 -40.97 -0.53
CA GLU C 208 61.44 -40.27 -1.48
C GLU C 208 60.75 -39.96 -2.82
N THR C 209 59.93 -40.89 -3.33
CA THR C 209 59.25 -40.71 -4.62
C THR C 209 58.08 -39.72 -4.53
N LYS C 210 57.45 -39.62 -3.36
CA LYS C 210 56.43 -38.60 -3.09
C LYS C 210 56.98 -37.18 -3.17
N GLN C 211 58.27 -37.00 -2.90
CA GLN C 211 58.95 -35.69 -3.06
C GLN C 211 59.06 -35.27 -4.52
N TRP C 212 59.29 -36.25 -5.41
CA TRP C 212 59.32 -35.97 -6.86
C TRP C 212 57.94 -35.60 -7.42
N ARG C 213 56.88 -36.22 -6.89
CA ARG C 213 55.51 -35.85 -7.24
C ARG C 213 55.17 -34.41 -6.85
N ASP C 214 55.70 -33.96 -5.70
CA ASP C 214 55.49 -32.59 -5.21
C ASP C 214 56.03 -31.49 -6.12
N LEU C 215 57.00 -31.81 -6.98
CA LEU C 215 57.55 -30.87 -7.95
C LEU C 215 56.60 -30.54 -9.12
N ASN C 216 55.61 -31.41 -9.35
CA ASN C 216 54.51 -31.19 -10.32
C ASN C 216 54.93 -31.14 -11.78
N THR C 217 56.10 -31.67 -12.12
CA THR C 217 56.64 -31.59 -13.49
C THR C 217 56.35 -32.86 -14.28
N LYS C 218 56.55 -32.78 -15.60
CA LYS C 218 56.48 -33.94 -16.48
C LYS C 218 57.48 -35.00 -16.02
N ALA C 219 58.71 -34.57 -15.75
CA ALA C 219 59.80 -35.46 -15.29
C ALA C 219 59.59 -36.01 -13.87
N GLY C 220 59.17 -35.14 -12.95
CA GLY C 220 58.91 -35.53 -11.56
C GLY C 220 57.87 -36.63 -11.44
N LYS C 221 56.75 -36.45 -12.13
CA LYS C 221 55.67 -37.45 -12.17
C LYS C 221 56.13 -38.77 -12.81
N PHE C 222 56.95 -38.67 -13.86
CA PHE C 222 57.49 -39.87 -14.55
C PHE C 222 58.36 -40.73 -13.64
N LEU C 223 59.41 -40.12 -13.08
CA LEU C 223 60.36 -40.83 -12.22
C LEU C 223 59.69 -41.43 -10.98
N ALA C 224 58.67 -40.74 -10.45
CA ALA C 224 57.89 -41.24 -9.32
C ALA C 224 57.06 -42.47 -9.71
N ASP C 225 56.25 -42.33 -10.76
CA ASP C 225 55.45 -43.44 -11.31
C ASP C 225 56.31 -44.67 -11.64
N MET C 226 57.48 -44.41 -12.21
CA MET C 226 58.40 -45.45 -12.66
C MET C 226 58.97 -46.26 -11.50
N THR C 227 59.61 -45.57 -10.56
CA THR C 227 60.26 -46.23 -9.41
C THR C 227 59.25 -46.84 -8.43
N ASP C 228 58.00 -46.36 -8.44
CA ASP C 228 56.92 -46.98 -7.65
C ASP C 228 56.51 -48.36 -8.19
N PHE C 229 56.59 -48.57 -9.50
CA PHE C 229 56.45 -49.92 -10.09
C PHE C 229 57.60 -50.81 -9.63
N TYR C 230 58.79 -50.24 -9.63
CA TYR C 230 60.03 -50.91 -9.21
C TYR C 230 60.00 -51.29 -7.72
N ILE C 231 59.41 -50.43 -6.88
CA ILE C 231 59.26 -50.73 -5.45
C ILE C 231 58.21 -51.82 -5.19
N LYS C 232 57.06 -51.72 -5.86
CA LYS C 232 55.98 -52.74 -5.75
C LYS C 232 56.38 -54.12 -6.25
N ALA C 233 57.31 -54.15 -7.21
CA ALA C 233 57.96 -55.39 -7.61
C ALA C 233 58.89 -55.89 -6.49
N TYR C 234 59.69 -55.00 -5.93
CA TYR C 234 60.55 -55.32 -4.78
C TYR C 234 59.76 -55.74 -3.53
N GLU C 235 58.56 -55.20 -3.35
CA GLU C 235 57.65 -55.65 -2.27
C GLU C 235 57.35 -57.15 -2.29
N THR C 236 57.35 -57.77 -3.47
CA THR C 236 57.17 -59.24 -3.61
C THR C 236 58.51 -60.00 -3.75
N THR C 237 59.45 -59.48 -4.55
CA THR C 237 60.75 -60.16 -4.76
C THR C 237 61.71 -60.04 -3.57
N ALA C 238 61.53 -59.03 -2.74
CA ALA C 238 62.38 -58.81 -1.55
C ALA C 238 61.69 -57.89 -0.52
N PRO C 239 60.66 -58.40 0.18
CA PRO C 239 59.99 -57.62 1.24
C PRO C 239 60.84 -57.34 2.50
N HIS C 240 61.98 -58.04 2.62
CA HIS C 240 62.95 -57.79 3.70
C HIS C 240 63.67 -56.41 3.62
N LEU C 241 63.53 -55.68 2.50
CA LEU C 241 64.10 -54.33 2.35
C LEU C 241 63.09 -53.19 2.47
N GLY C 242 61.84 -53.40 2.00
CA GLY C 242 60.77 -52.38 2.15
C GLY C 242 60.58 -51.43 0.97
N GLY C 243 61.70 -51.01 0.39
CA GLY C 243 61.71 -50.17 -0.82
C GLY C 243 62.51 -50.84 -1.92
N CYS C 244 63.43 -50.11 -2.55
CA CYS C 244 64.23 -50.62 -3.68
C CYS C 244 65.69 -50.25 -3.58
N GLY C 245 66.55 -51.02 -4.22
CA GLY C 245 67.98 -50.78 -4.27
C GLY C 245 68.34 -49.69 -5.27
N LEU C 246 69.36 -48.91 -4.94
CA LEU C 246 69.88 -47.89 -5.84
C LEU C 246 71.19 -48.38 -6.45
N HIS C 247 71.05 -49.32 -7.37
CA HIS C 247 72.21 -50.06 -7.89
C HIS C 247 73.02 -49.22 -8.89
N ASP C 248 72.40 -48.94 -10.02
CA ASP C 248 73.09 -48.30 -11.16
C ASP C 248 73.46 -46.82 -10.90
N PRO C 249 72.60 -46.06 -10.19
CA PRO C 249 72.95 -44.67 -9.87
C PRO C 249 74.23 -44.52 -9.07
N LEU C 250 74.46 -45.45 -8.15
CA LEU C 250 75.61 -45.38 -7.27
C LEU C 250 76.92 -45.46 -8.05
N ALA C 251 76.93 -46.25 -9.12
CA ALA C 251 78.09 -46.30 -10.02
C ALA C 251 78.43 -44.92 -10.58
N VAL C 252 77.40 -44.19 -10.98
CA VAL C 252 77.56 -42.84 -11.50
C VAL C 252 78.03 -41.90 -10.39
N ALA C 253 77.42 -42.02 -9.22
CA ALA C 253 77.80 -41.20 -8.05
C ALA C 253 79.27 -41.34 -7.68
N VAL C 254 79.80 -42.56 -7.80
CA VAL C 254 81.20 -42.85 -7.51
C VAL C 254 82.12 -42.40 -8.65
N ALA C 255 81.59 -42.40 -9.87
CA ALA C 255 82.30 -41.83 -11.01
C ALA C 255 82.56 -40.34 -10.80
N VAL C 256 81.56 -39.61 -10.32
CA VAL C 256 81.71 -38.17 -10.05
C VAL C 256 82.50 -37.92 -8.77
N ASP C 257 82.21 -38.70 -7.73
CA ASP C 257 82.82 -38.52 -6.41
C ASP C 257 83.26 -39.88 -5.83
N PRO C 258 84.51 -40.29 -6.08
CA PRO C 258 84.97 -41.59 -5.58
C PRO C 258 85.06 -41.72 -4.05
N THR C 259 84.96 -40.61 -3.31
CA THR C 259 84.95 -40.65 -1.85
C THR C 259 83.63 -41.14 -1.23
N LEU C 260 82.59 -41.33 -2.03
CA LEU C 260 81.33 -41.94 -1.55
C LEU C 260 81.50 -43.41 -1.15
N VAL C 261 82.57 -44.06 -1.63
CA VAL C 261 82.78 -45.48 -1.47
C VAL C 261 84.17 -45.74 -0.87
N THR C 262 84.31 -46.85 -0.14
CA THR C 262 85.60 -47.35 0.34
C THR C 262 85.94 -48.62 -0.44
N THR C 263 87.03 -48.57 -1.20
CA THR C 263 87.38 -49.67 -2.10
C THR C 263 88.50 -50.53 -1.53
N LEU C 264 88.61 -51.73 -2.09
CA LEU C 264 89.64 -52.69 -1.73
C LEU C 264 90.50 -52.92 -2.98
N PRO C 265 91.74 -52.39 -3.00
CA PRO C 265 92.63 -52.65 -4.15
C PRO C 265 92.84 -54.15 -4.34
N ILE C 266 92.51 -54.65 -5.54
CA ILE C 266 92.51 -56.10 -5.78
C ILE C 266 92.50 -56.43 -7.28
N ASN C 267 93.49 -57.21 -7.72
CA ASN C 267 93.47 -57.77 -9.07
C ASN C 267 92.38 -58.84 -9.16
N MET C 268 91.45 -58.66 -10.10
CA MET C 268 90.22 -59.43 -10.17
C MET C 268 90.10 -60.29 -11.43
N GLN C 269 89.11 -61.18 -11.40
CA GLN C 269 88.72 -61.99 -12.55
C GLN C 269 87.23 -62.29 -12.42
N VAL C 270 86.68 -62.95 -13.44
CA VAL C 270 85.36 -63.52 -13.36
C VAL C 270 85.48 -64.98 -13.73
N ASP C 271 84.79 -65.83 -12.98
CA ASP C 271 84.85 -67.27 -13.17
C ASP C 271 84.06 -67.62 -14.42
N VAL C 272 84.70 -68.38 -15.30
CA VAL C 272 84.15 -68.79 -16.57
C VAL C 272 83.86 -70.29 -16.63
N GLU C 273 84.81 -71.12 -16.15
CA GLU C 273 84.76 -72.58 -16.37
C GLU C 273 83.94 -73.37 -15.36
N GLY C 274 84.13 -73.10 -14.07
CA GLY C 274 83.63 -73.98 -13.01
C GLY C 274 82.13 -73.91 -12.77
N PRO C 275 81.66 -74.61 -11.72
CA PRO C 275 80.27 -74.46 -11.27
C PRO C 275 80.02 -73.14 -10.54
N THR C 276 81.07 -72.35 -10.33
CA THR C 276 80.98 -70.95 -9.92
C THR C 276 81.01 -69.95 -11.10
N ARG C 277 80.69 -70.40 -12.32
CA ARG C 277 80.67 -69.53 -13.50
C ARG C 277 79.82 -68.28 -13.26
N GLY C 278 80.41 -67.10 -13.49
CA GLY C 278 79.75 -65.80 -13.31
C GLY C 278 80.04 -65.09 -12.00
N ARG C 279 80.93 -65.68 -11.19
CA ARG C 279 81.31 -65.11 -9.90
C ARG C 279 82.44 -64.13 -10.09
N THR C 280 82.33 -63.00 -9.40
CA THR C 280 83.40 -62.00 -9.35
C THR C 280 84.29 -62.34 -8.17
N ILE C 281 85.59 -62.51 -8.43
CA ILE C 281 86.52 -62.99 -7.41
C ILE C 281 87.95 -62.60 -7.75
N GLY C 282 88.79 -62.44 -6.73
CA GLY C 282 90.20 -62.12 -6.95
C GLY C 282 90.97 -63.22 -7.65
N ASP C 283 91.88 -62.82 -8.54
CA ASP C 283 92.77 -63.76 -9.20
C ASP C 283 93.94 -63.97 -8.28
N VAL C 284 94.20 -65.25 -7.96
CA VAL C 284 95.28 -65.62 -7.04
C VAL C 284 96.61 -65.30 -7.69
N THR C 285 96.72 -65.64 -8.96
CA THR C 285 97.90 -65.37 -9.79
C THR C 285 98.46 -63.97 -9.59
N ARG C 286 97.56 -62.98 -9.54
CA ARG C 286 97.95 -61.58 -9.38
C ARG C 286 97.69 -61.05 -7.95
N LEU C 287 97.75 -61.93 -6.95
CA LEU C 287 97.60 -61.51 -5.55
C LEU C 287 98.91 -60.85 -5.07
N ASN C 288 100.02 -61.51 -5.34
CA ASN C 288 101.34 -61.03 -4.93
C ASN C 288 101.91 -59.91 -5.81
N ASP C 289 101.30 -59.70 -6.99
CA ASP C 289 101.58 -58.52 -7.81
C ASP C 289 101.09 -57.28 -7.05
N PRO C 290 102.02 -56.38 -6.64
CA PRO C 290 101.60 -55.20 -5.84
C PRO C 290 100.75 -54.18 -6.61
N VAL C 291 100.89 -54.15 -7.93
CA VAL C 291 100.12 -53.23 -8.78
C VAL C 291 98.71 -53.79 -8.93
N LYS C 292 97.73 -53.10 -8.33
CA LYS C 292 96.33 -53.51 -8.36
C LYS C 292 95.57 -52.80 -9.47
N THR C 293 95.09 -53.58 -10.46
CA THR C 293 94.48 -53.03 -11.68
C THR C 293 93.11 -52.39 -11.43
N MET C 294 92.28 -53.01 -10.61
CA MET C 294 90.95 -52.49 -10.27
C MET C 294 90.66 -52.53 -8.78
N GLN C 295 89.56 -51.89 -8.38
CA GLN C 295 89.21 -51.71 -6.97
C GLN C 295 87.74 -52.05 -6.76
N VAL C 296 87.44 -52.91 -5.78
CA VAL C 296 86.05 -53.31 -5.51
C VAL C 296 85.54 -52.55 -4.30
N ALA C 297 84.31 -52.06 -4.41
CA ALA C 297 83.69 -51.27 -3.38
C ALA C 297 83.18 -52.20 -2.32
N VAL C 298 83.52 -51.91 -1.07
CA VAL C 298 83.07 -52.70 0.09
C VAL C 298 82.29 -51.89 1.13
N GLY C 299 82.68 -50.63 1.34
CA GLY C 299 81.94 -49.70 2.20
C GLY C 299 81.38 -48.54 1.41
N VAL C 300 80.38 -47.87 1.97
CA VAL C 300 79.68 -46.77 1.28
C VAL C 300 79.00 -45.82 2.29
N ASP C 301 79.04 -44.53 1.97
CA ASP C 301 78.40 -43.48 2.77
C ASP C 301 76.94 -43.34 2.33
N VAL C 302 76.08 -44.21 2.86
CA VAL C 302 74.69 -44.34 2.37
C VAL C 302 73.84 -43.07 2.54
N PRO C 303 73.88 -42.44 3.73
CA PRO C 303 73.08 -41.22 3.93
C PRO C 303 73.52 -40.01 3.08
N ARG C 304 74.82 -39.90 2.82
CA ARG C 304 75.36 -38.84 1.96
C ARG C 304 75.04 -39.10 0.50
N PHE C 305 75.18 -40.36 0.07
CA PHE C 305 74.76 -40.78 -1.28
C PHE C 305 73.27 -40.53 -1.51
N LEU C 306 72.44 -40.92 -0.55
CA LEU C 306 70.99 -40.69 -0.64
C LEU C 306 70.64 -39.20 -0.72
N ASN C 307 71.39 -38.36 -0.02
CA ASN C 307 71.21 -36.90 -0.09
C ASN C 307 71.70 -36.32 -1.43
N GLU C 308 72.87 -36.77 -1.88
CA GLU C 308 73.43 -36.39 -3.18
C GLU C 308 72.49 -36.77 -4.32
N PHE C 309 71.96 -38.00 -4.23
CA PHE C 309 70.99 -38.57 -5.17
C PHE C 309 69.73 -37.72 -5.32
N MET C 310 69.09 -37.42 -4.19
CA MET C 310 67.83 -36.66 -4.21
C MET C 310 68.03 -35.19 -4.61
N THR C 311 69.12 -34.57 -4.13
CA THR C 311 69.46 -33.19 -4.49
C THR C 311 69.63 -33.03 -6.00
N ARG C 312 70.42 -33.92 -6.60
CA ARG C 312 70.69 -33.88 -8.04
C ARG C 312 69.46 -34.15 -8.91
N ILE C 313 68.72 -35.19 -8.55
CA ILE C 313 67.57 -35.64 -9.36
C ILE C 313 66.35 -34.74 -9.17
N SER C 314 66.07 -34.32 -7.93
CA SER C 314 64.98 -33.36 -7.69
C SER C 314 65.26 -31.99 -8.34
N GLY C 315 66.54 -31.59 -8.40
CA GLY C 315 66.96 -30.39 -9.13
C GLY C 315 66.74 -30.49 -10.64
N LEU C 316 67.02 -31.67 -11.20
CA LEU C 316 66.79 -31.93 -12.62
C LEU C 316 65.31 -32.03 -12.97
N ALA C 317 64.55 -32.71 -12.12
CA ALA C 317 63.09 -32.85 -12.32
C ALA C 317 62.35 -31.50 -12.28
N LYS C 318 62.85 -30.56 -11.47
CA LYS C 318 62.34 -29.19 -11.43
C LYS C 318 62.54 -28.44 -12.76
N ILE C 319 63.64 -28.73 -13.45
CA ILE C 319 63.98 -28.09 -14.75
C ILE C 319 63.05 -28.51 -15.92
N ALA C 320 62.53 -29.74 -15.94
CA ALA C 320 61.57 -30.16 -16.97
C ALA C 320 60.12 -29.92 -16.52
N LYS D 5 62.24 -46.32 40.06
CA LYS D 5 60.90 -46.49 39.41
C LYS D 5 60.48 -47.96 39.45
N LYS D 6 59.18 -48.19 39.69
CA LYS D 6 58.68 -49.52 40.02
C LYS D 6 57.40 -49.90 39.28
N LEU D 7 57.34 -51.16 38.82
CA LEU D 7 56.38 -51.60 37.81
C LEU D 7 55.44 -52.68 38.34
N ILE D 8 54.14 -52.56 37.99
CA ILE D 8 53.17 -53.64 38.17
C ILE D 8 52.54 -53.93 36.82
N LEU D 9 52.58 -55.20 36.39
CA LEU D 9 51.82 -55.65 35.23
C LEU D 9 50.48 -56.24 35.68
N ASP D 10 49.44 -56.07 34.86
CA ASP D 10 48.10 -56.62 35.13
C ASP D 10 47.75 -57.44 33.90
N LEU D 11 47.88 -58.78 34.01
CA LEU D 11 48.00 -59.66 32.83
C LEU D 11 46.98 -60.80 32.76
N ASP D 12 46.45 -60.99 31.55
CA ASP D 12 45.67 -62.17 31.19
C ASP D 12 46.58 -63.13 30.44
N THR D 13 47.50 -63.75 31.17
CA THR D 13 48.68 -64.40 30.59
C THR D 13 48.38 -65.75 29.92
N GLY D 14 48.39 -65.87 28.58
CA GLY D 14 48.58 -64.79 27.58
C GLY D 14 49.93 -64.85 26.91
N VAL D 15 49.93 -64.93 25.58
CA VAL D 15 51.18 -65.08 24.79
C VAL D 15 51.95 -63.77 24.72
N ASP D 16 51.30 -62.74 24.18
CA ASP D 16 51.88 -61.39 24.18
C ASP D 16 52.09 -60.88 25.61
N ASP D 17 51.25 -61.33 26.54
CA ASP D 17 51.40 -60.98 27.95
C ASP D 17 52.73 -61.47 28.56
N THR D 18 53.22 -62.65 28.17
CA THR D 18 54.54 -63.11 28.66
C THR D 18 55.69 -62.38 27.98
N LEU D 19 55.46 -61.94 26.75
CA LEU D 19 56.44 -61.10 26.06
C LEU D 19 56.56 -59.75 26.78
N ALA D 20 55.46 -59.29 27.38
CA ALA D 20 55.48 -58.12 28.26
C ALA D 20 56.27 -58.36 29.54
N ILE D 21 56.10 -59.54 30.13
CA ILE D 21 56.89 -59.95 31.28
C ILE D 21 58.37 -60.00 30.90
N SER D 22 58.66 -60.66 29.78
CA SER D 22 60.04 -60.79 29.28
C SER D 22 60.71 -59.44 29.04
N TYR D 23 59.99 -58.50 28.41
CA TYR D 23 60.50 -57.14 28.18
C TYR D 23 60.73 -56.43 29.52
N ALA D 24 59.81 -56.62 30.47
CA ALA D 24 59.91 -56.00 31.77
C ALA D 24 61.13 -56.49 32.53
N LEU D 25 61.27 -57.81 32.65
CA LEU D 25 62.42 -58.41 33.33
C LEU D 25 63.74 -58.20 32.59
N GLY D 26 63.68 -57.98 31.29
CA GLY D 26 64.86 -57.60 30.49
C GLY D 26 65.23 -56.14 30.55
N SER D 27 64.41 -55.33 31.23
CA SER D 27 64.59 -53.88 31.30
C SER D 27 65.05 -53.45 32.69
N PRO D 28 66.30 -52.95 32.80
CA PRO D 28 66.83 -52.55 34.12
C PRO D 28 66.30 -51.23 34.71
N GLU D 29 65.51 -50.48 33.97
CA GLU D 29 65.02 -49.17 34.45
C GLU D 29 63.87 -49.31 35.46
N MET D 30 63.22 -50.47 35.47
CA MET D 30 62.08 -50.73 36.36
C MET D 30 62.39 -51.95 37.22
N GLU D 31 61.90 -51.93 38.46
CA GLU D 31 61.79 -53.13 39.27
C GLU D 31 60.35 -53.62 39.16
N LEU D 32 60.18 -54.82 38.59
CA LEU D 32 58.86 -55.43 38.51
C LEU D 32 58.46 -55.93 39.91
N ILE D 33 57.55 -55.21 40.57
CA ILE D 33 57.14 -55.54 41.93
C ILE D 33 56.25 -56.77 41.94
N GLY D 34 55.24 -56.78 41.09
CA GLY D 34 54.30 -57.90 41.00
C GLY D 34 53.53 -57.97 39.70
N ILE D 35 52.93 -59.13 39.47
CA ILE D 35 52.07 -59.37 38.33
C ILE D 35 50.67 -59.59 38.87
N THR D 36 49.81 -58.60 38.70
CA THR D 36 48.39 -58.76 38.97
C THR D 36 47.76 -59.62 37.87
N GLY D 37 46.94 -60.60 38.25
CA GLY D 37 46.32 -61.53 37.29
C GLY D 37 44.89 -61.14 36.95
N THR D 38 44.54 -61.22 35.68
CA THR D 38 43.16 -60.99 35.22
C THR D 38 42.82 -62.02 34.14
N TYR D 39 41.71 -61.80 33.43
CA TYR D 39 41.06 -62.82 32.60
C TYR D 39 40.95 -62.33 31.16
N GLY D 40 40.63 -63.23 30.23
CA GLY D 40 40.38 -62.87 28.84
C GLY D 40 40.97 -63.86 27.87
N ASN D 41 42.28 -63.72 27.62
CA ASN D 41 43.04 -64.68 26.80
C ASN D 41 42.87 -66.08 27.40
N VAL D 42 42.87 -66.15 28.72
CA VAL D 42 42.66 -67.38 29.45
C VAL D 42 41.96 -67.08 30.79
N LEU D 43 41.34 -68.10 31.37
CA LEU D 43 40.69 -68.03 32.70
C LEU D 43 41.63 -67.41 33.74
N MET D 44 41.07 -66.63 34.66
CA MET D 44 41.87 -65.81 35.58
C MET D 44 42.95 -66.61 36.32
N GLU D 45 42.55 -67.76 36.86
CA GLU D 45 43.45 -68.69 37.57
C GLU D 45 44.60 -69.16 36.69
N GLN D 46 44.28 -69.63 35.49
CA GLN D 46 45.29 -70.00 34.49
C GLN D 46 46.30 -68.88 34.25
N GLY D 47 45.82 -67.63 34.24
CA GLY D 47 46.69 -66.44 34.16
C GLY D 47 47.75 -66.40 35.25
N VAL D 48 47.35 -66.77 36.45
CA VAL D 48 48.26 -66.83 37.61
C VAL D 48 49.22 -68.01 37.51
N ARG D 49 48.74 -69.20 37.16
CA ARG D 49 49.62 -70.39 36.99
C ARG D 49 50.75 -70.11 36.01
N ASN D 50 50.40 -69.47 34.90
CA ASN D 50 51.34 -69.15 33.84
C ASN D 50 52.33 -68.10 34.32
N ALA D 51 51.81 -67.03 34.93
CA ALA D 51 52.64 -65.95 35.47
C ALA D 51 53.72 -66.46 36.41
N LEU D 52 53.32 -67.29 37.37
CA LEU D 52 54.25 -67.89 38.33
C LEU D 52 55.29 -68.76 37.63
N ALA D 53 54.81 -69.70 36.82
CA ALA D 53 55.67 -70.64 36.06
C ALA D 53 56.67 -69.95 35.15
N ILE D 54 56.26 -68.87 34.51
CA ILE D 54 57.07 -68.16 33.53
C ILE D 54 58.09 -67.25 34.21
N THR D 55 57.66 -66.51 35.24
CA THR D 55 58.59 -65.70 36.04
C THR D 55 59.72 -66.54 36.62
N ASP D 56 59.38 -67.74 37.11
CA ASP D 56 60.37 -68.74 37.51
C ASP D 56 61.33 -69.08 36.37
N LEU D 57 60.78 -69.49 35.22
CA LEU D 57 61.58 -69.94 34.07
C LEU D 57 62.61 -68.93 33.58
N LEU D 58 62.26 -67.65 33.61
CA LEU D 58 63.14 -66.57 33.13
C LEU D 58 64.24 -66.19 34.13
N GLY D 59 64.13 -66.69 35.36
CA GLY D 59 65.13 -66.53 36.41
C GLY D 59 64.77 -65.48 37.44
N HIS D 60 63.46 -65.21 37.60
CA HIS D 60 62.99 -64.18 38.53
C HIS D 60 61.79 -64.68 39.33
N PRO D 61 62.03 -65.61 40.28
CA PRO D 61 60.94 -66.07 41.15
C PRO D 61 60.61 -65.14 42.31
N GLU D 62 61.25 -63.97 42.39
CA GLU D 62 60.86 -62.93 43.36
C GLU D 62 59.57 -62.19 42.97
N VAL D 63 59.14 -62.34 41.72
CA VAL D 63 57.96 -61.65 41.22
C VAL D 63 56.72 -62.26 41.85
N LYS D 64 56.07 -61.47 42.72
CA LYS D 64 54.93 -61.94 43.50
C LYS D 64 53.67 -61.76 42.67
N VAL D 65 52.95 -62.85 42.43
CA VAL D 65 51.75 -62.85 41.60
C VAL D 65 50.50 -62.73 42.47
N TYR D 66 49.73 -61.67 42.27
CA TYR D 66 48.51 -61.42 43.04
C TYR D 66 47.29 -61.83 42.24
N LYS D 67 46.15 -61.89 42.92
CA LYS D 67 44.94 -62.51 42.39
C LYS D 67 43.84 -61.45 42.23
N GLY D 68 43.59 -61.04 40.99
CA GLY D 68 42.52 -60.10 40.68
C GLY D 68 41.16 -60.77 40.52
N LEU D 69 40.26 -60.11 39.79
CA LEU D 69 38.86 -60.55 39.66
C LEU D 69 38.67 -61.49 38.48
N SER D 70 37.74 -62.45 38.62
CA SER D 70 37.49 -63.50 37.60
C SER D 70 36.61 -63.04 36.43
N HIS D 71 35.57 -62.28 36.75
CA HIS D 71 34.56 -61.84 35.76
C HIS D 71 34.52 -60.32 35.64
N ALA D 72 33.79 -59.85 34.63
CA ALA D 72 33.68 -58.41 34.35
C ALA D 72 32.87 -57.62 35.38
N SER D 73 33.22 -56.33 35.51
CA SER D 73 32.45 -55.32 36.25
C SER D 73 30.93 -55.58 36.30
N THR D 74 30.34 -55.85 35.13
CA THR D 74 28.89 -55.98 34.97
C THR D 74 28.42 -57.38 34.50
N LYS D 75 29.23 -58.40 34.76
CA LYS D 75 28.86 -59.79 34.43
C LYS D 75 28.99 -60.68 35.68
N ASP D 76 28.26 -61.80 35.67
CA ASP D 76 28.30 -62.78 36.77
C ASP D 76 29.47 -63.76 36.64
N SER D 77 29.74 -64.20 35.41
CA SER D 77 30.74 -65.23 35.12
C SER D 77 31.69 -64.83 33.99
N PHE D 78 32.55 -65.76 33.59
CA PHE D 78 33.40 -65.59 32.41
C PHE D 78 33.87 -66.95 31.86
N GLU D 79 33.75 -67.12 30.55
CA GLU D 79 34.31 -68.26 29.82
C GLU D 79 35.30 -67.72 28.80
N VAL D 80 36.33 -68.50 28.49
CA VAL D 80 37.27 -68.15 27.43
C VAL D 80 36.57 -68.34 26.09
N LEU D 81 36.61 -67.33 25.23
CA LEU D 81 36.02 -67.42 23.89
C LEU D 81 36.89 -68.34 23.03
N PRO D 82 36.27 -69.12 22.10
CA PRO D 82 37.08 -70.07 21.32
C PRO D 82 38.10 -69.40 20.37
N ILE D 83 37.84 -68.14 20.00
CA ILE D 83 38.76 -67.34 19.18
C ILE D 83 40.09 -67.15 19.92
N SER D 84 40.02 -66.71 21.18
CA SER D 84 41.23 -66.51 22.01
C SER D 84 41.91 -67.83 22.39
N ALA D 85 41.14 -68.91 22.48
CA ALA D 85 41.69 -70.26 22.65
C ALA D 85 42.46 -70.75 21.43
N PHE D 86 42.06 -70.31 20.23
CA PHE D 86 42.79 -70.63 18.99
C PHE D 86 44.13 -69.88 18.91
N ILE D 87 44.11 -68.60 19.28
CA ILE D 87 45.29 -67.73 19.20
C ILE D 87 46.33 -68.09 20.28
N HIS D 88 45.93 -67.97 21.54
CA HIS D 88 46.83 -68.17 22.67
C HIS D 88 46.90 -69.63 23.17
N GLY D 89 46.06 -70.51 22.62
CA GLY D 89 46.02 -71.92 23.02
C GLY D 89 45.14 -72.18 24.23
N ASP D 90 45.11 -73.43 24.66
CA ASP D 90 44.25 -73.86 25.76
C ASP D 90 44.86 -73.46 27.11
N ASN D 91 46.13 -73.79 27.30
CA ASN D 91 46.89 -73.32 28.47
C ASN D 91 47.13 -71.80 28.48
N GLY D 92 47.03 -71.14 27.31
CA GLY D 92 47.24 -69.69 27.18
C GLY D 92 48.69 -69.29 26.95
N ILE D 93 49.50 -70.24 26.50
CA ILE D 93 50.97 -70.09 26.41
C ILE D 93 51.48 -70.80 25.14
N GLY D 94 50.77 -70.62 24.02
CA GLY D 94 50.89 -71.54 22.90
C GLY D 94 50.22 -72.83 23.34
N ASP D 95 50.90 -73.96 23.20
CA ASP D 95 50.53 -75.15 23.99
C ASP D 95 51.82 -75.73 24.53
N VAL D 96 52.68 -74.83 25.00
CA VAL D 96 54.04 -75.18 25.38
C VAL D 96 54.01 -75.71 26.82
N GLU D 97 54.55 -76.91 26.99
CA GLU D 97 54.58 -77.58 28.28
C GLU D 97 55.71 -76.99 29.11
N ILE D 98 55.37 -76.57 30.33
CA ILE D 98 56.30 -75.87 31.21
C ILE D 98 55.97 -76.26 32.65
N PRO D 99 56.98 -76.57 33.48
CA PRO D 99 56.68 -76.99 34.85
C PRO D 99 55.94 -75.94 35.68
N ASP D 100 54.95 -76.37 36.44
CA ASP D 100 54.24 -75.50 37.39
C ASP D 100 55.22 -74.95 38.41
N SER D 101 55.07 -73.68 38.78
CA SER D 101 55.86 -73.13 39.87
C SER D 101 55.30 -73.67 41.19
N PRO D 102 56.18 -74.10 42.10
CA PRO D 102 55.71 -74.49 43.43
C PRO D 102 55.33 -73.30 44.31
N ARG D 103 55.72 -72.07 43.92
CA ARG D 103 55.25 -70.84 44.54
C ARG D 103 53.82 -70.70 44.13
N LYS D 104 53.05 -69.99 44.95
CA LYS D 104 51.62 -69.76 44.73
C LYS D 104 51.24 -68.30 44.92
N ALA D 105 49.99 -67.97 44.61
CA ALA D 105 49.52 -66.59 44.66
C ALA D 105 49.56 -66.02 46.07
N GLU D 106 49.86 -64.73 46.18
CA GLU D 106 49.89 -64.04 47.48
C GLU D 106 48.49 -64.01 48.10
N ASP D 107 48.45 -63.77 49.40
CA ASP D 107 47.22 -63.90 50.18
C ASP D 107 46.21 -62.81 49.83
N GLU D 108 46.68 -61.56 49.80
CA GLU D 108 45.80 -60.42 49.50
C GLU D 108 45.38 -60.35 48.03
N SER D 109 44.25 -59.68 47.80
CA SER D 109 43.74 -59.46 46.44
C SER D 109 44.60 -58.44 45.70
N ALA D 110 44.56 -58.52 44.38
CA ALA D 110 45.33 -57.62 43.53
C ALA D 110 44.78 -56.20 43.56
N VAL D 111 43.47 -56.10 43.78
CA VAL D 111 42.81 -54.82 44.02
C VAL D 111 43.56 -54.06 45.14
N ASP D 112 43.72 -54.73 46.29
CA ASP D 112 44.40 -54.14 47.46
C ASP D 112 45.90 -53.96 47.28
N PHE D 113 46.54 -54.88 46.54
CA PHE D 113 47.97 -54.76 46.23
C PHE D 113 48.29 -53.49 45.46
N ILE D 114 47.44 -53.17 44.49
CA ILE D 114 47.56 -51.95 43.70
C ILE D 114 47.42 -50.73 44.60
N ILE D 115 46.34 -50.70 45.38
CA ILE D 115 46.04 -49.56 46.26
C ILE D 115 47.19 -49.34 47.24
N ASP D 116 47.66 -50.43 47.84
CA ASP D 116 48.78 -50.43 48.77
C ASP D 116 50.07 -49.94 48.09
N SER D 117 50.36 -50.50 46.91
CA SER D 117 51.55 -50.12 46.12
C SER D 117 51.56 -48.64 45.73
N VAL D 118 50.37 -48.09 45.46
CA VAL D 118 50.22 -46.66 45.16
C VAL D 118 50.62 -45.81 46.36
N LYS D 119 50.14 -46.21 47.54
CA LYS D 119 50.46 -45.47 48.77
C LYS D 119 51.92 -45.65 49.22
N LYS D 120 52.52 -46.79 48.90
CA LYS D 120 53.95 -47.01 49.20
C LYS D 120 54.86 -46.21 48.28
N TYR D 121 54.75 -46.47 46.98
CA TYR D 121 55.69 -45.95 45.99
C TYR D 121 55.24 -44.67 45.28
N GLY D 122 53.98 -44.26 45.48
CA GLY D 122 53.48 -42.98 44.98
C GLY D 122 53.75 -42.74 43.50
N LYS D 123 54.50 -41.68 43.22
CA LYS D 123 54.81 -41.29 41.84
C LYS D 123 55.98 -42.04 41.20
N ASP D 124 56.64 -42.93 41.94
CA ASP D 124 57.60 -43.88 41.36
C ASP D 124 56.90 -45.13 40.78
N LEU D 125 55.62 -45.33 41.12
CA LEU D 125 54.86 -46.51 40.64
C LEU D 125 54.33 -46.32 39.22
N VAL D 126 54.44 -47.39 38.43
CA VAL D 126 53.95 -47.42 37.06
C VAL D 126 53.13 -48.69 36.87
N TYR D 127 51.84 -48.55 36.60
CA TYR D 127 50.93 -49.70 36.45
C TYR D 127 50.62 -49.89 34.97
N VAL D 128 50.91 -51.08 34.43
CA VAL D 128 50.86 -51.34 32.99
C VAL D 128 49.95 -52.53 32.71
N PRO D 129 48.63 -52.29 32.60
CA PRO D 129 47.65 -53.35 32.39
C PRO D 129 47.46 -53.70 30.94
N THR D 130 47.75 -54.93 30.57
CA THR D 130 47.53 -55.40 29.20
C THR D 130 46.52 -56.55 29.17
N GLY D 131 45.60 -56.52 30.13
CA GLY D 131 44.38 -57.28 30.10
C GLY D 131 43.25 -56.29 30.31
N PRO D 132 42.04 -56.79 30.52
CA PRO D 132 40.92 -55.96 30.93
C PRO D 132 41.22 -55.03 32.09
N MET D 133 40.53 -53.90 32.10
CA MET D 133 40.74 -52.85 33.10
C MET D 133 40.00 -53.16 34.41
N THR D 134 39.16 -54.19 34.39
CA THR D 134 38.38 -54.68 35.54
C THR D 134 39.02 -54.47 36.91
N ASN D 135 40.31 -54.81 37.02
CA ASN D 135 41.03 -54.71 38.28
C ASN D 135 41.21 -53.27 38.75
N ILE D 136 41.86 -52.42 37.94
CA ILE D 136 42.07 -51.02 38.33
C ILE D 136 40.80 -50.15 38.40
N ALA D 137 39.72 -50.59 37.75
CA ALA D 137 38.40 -49.98 37.93
C ALA D 137 37.90 -50.18 39.36
N ALA D 138 38.00 -51.43 39.84
CA ALA D 138 37.67 -51.76 41.24
C ALA D 138 38.60 -51.05 42.24
N ALA D 139 39.87 -50.88 41.88
CA ALA D 139 40.84 -50.16 42.72
C ALA D 139 40.48 -48.68 42.83
N LEU D 140 40.25 -48.03 41.70
CA LEU D 140 39.81 -46.63 41.65
C LEU D 140 38.44 -46.42 42.30
N LYS D 141 37.55 -47.39 42.13
CA LYS D 141 36.28 -47.44 42.84
C LYS D 141 36.51 -47.39 44.36
N LYS D 142 37.21 -48.40 44.90
CA LYS D 142 37.46 -48.51 46.35
C LYS D 142 38.30 -47.35 46.90
N ALA D 143 39.33 -46.94 46.16
CA ALA D 143 40.23 -45.85 46.58
C ALA D 143 40.47 -44.86 45.43
N PRO D 144 39.58 -43.87 45.26
CA PRO D 144 39.74 -42.90 44.17
C PRO D 144 40.94 -41.96 44.29
N GLU D 145 41.52 -41.82 45.49
CA GLU D 145 42.76 -41.02 45.70
C GLU D 145 43.87 -41.39 44.72
N ILE D 146 43.96 -42.69 44.41
CA ILE D 146 44.95 -43.24 43.47
C ILE D 146 45.27 -42.32 42.29
N LYS D 147 44.21 -41.81 41.63
CA LYS D 147 44.29 -40.86 40.50
C LYS D 147 45.53 -39.97 40.53
N ASP D 148 45.61 -39.18 41.61
CA ASP D 148 46.64 -38.15 41.75
C ASP D 148 47.92 -38.71 42.37
N GLU D 149 47.77 -39.72 43.23
CA GLU D 149 48.91 -40.35 43.92
C GLU D 149 49.80 -41.20 43.00
N ILE D 150 49.21 -41.94 42.06
CA ILE D 150 49.97 -42.83 41.17
C ILE D 150 50.82 -42.05 40.16
N GLY D 151 51.96 -42.64 39.80
CA GLY D 151 52.91 -42.04 38.86
C GLY D 151 52.35 -41.99 37.46
N LYS D 152 52.13 -43.17 36.87
CA LYS D 152 51.46 -43.26 35.56
C LYS D 152 50.89 -44.64 35.28
N ILE D 153 49.77 -44.67 34.56
CA ILE D 153 49.19 -45.90 34.03
C ILE D 153 49.48 -45.91 32.52
N VAL D 154 49.83 -47.06 31.97
CA VAL D 154 50.16 -47.19 30.55
C VAL D 154 49.60 -48.51 30.03
N LEU D 155 48.35 -48.49 29.58
CA LEU D 155 47.65 -49.72 29.19
C LEU D 155 47.88 -50.10 27.73
N MET D 156 47.60 -51.36 27.42
CA MET D 156 47.45 -51.83 26.05
C MET D 156 45.99 -52.20 25.88
N GLY D 157 45.37 -51.61 24.87
CA GLY D 157 43.95 -51.82 24.60
C GLY D 157 43.34 -50.68 23.79
N GLY D 158 42.14 -50.92 23.29
CA GLY D 158 41.40 -49.95 22.49
C GLY D 158 41.91 -49.73 21.08
N ALA D 159 41.18 -48.90 20.35
CA ALA D 159 41.56 -48.43 19.02
C ALA D 159 40.84 -47.11 18.79
N LEU D 160 41.60 -46.03 18.66
CA LEU D 160 41.00 -44.69 18.51
C LEU D 160 40.72 -44.41 17.06
N THR D 161 41.78 -44.36 16.25
CA THR D 161 41.70 -43.90 14.87
C THR D 161 41.55 -45.04 13.86
N ILE D 162 41.14 -46.22 14.32
CA ILE D 162 41.16 -47.40 13.45
C ILE D 162 40.12 -48.44 13.85
N HIS D 163 39.90 -49.44 13.00
CA HIS D 163 39.02 -50.56 13.33
C HIS D 163 39.57 -51.38 14.49
N GLY D 164 38.70 -51.79 15.40
CA GLY D 164 39.04 -52.75 16.43
C GLY D 164 39.26 -54.14 15.85
N ASN D 165 39.62 -55.09 16.71
CA ASN D 165 39.86 -56.49 16.28
C ASN D 165 38.76 -57.49 16.65
N VAL D 166 37.94 -57.19 17.65
CA VAL D 166 36.81 -58.06 18.01
C VAL D 166 35.66 -57.84 17.02
N ASN D 167 35.28 -56.58 16.87
CA ASN D 167 34.35 -56.14 15.84
C ASN D 167 34.99 -54.93 15.14
N ALA D 168 34.24 -54.20 14.32
CA ALA D 168 34.79 -53.02 13.64
C ALA D 168 35.12 -51.82 14.56
N TRP D 169 34.61 -51.82 15.79
CA TRP D 169 34.74 -50.66 16.70
C TRP D 169 35.28 -50.94 18.12
N THR D 170 35.57 -52.19 18.46
CA THR D 170 36.08 -52.54 19.81
C THR D 170 37.31 -53.43 19.74
N GLU D 171 38.19 -53.27 20.71
CA GLU D 171 39.39 -54.10 20.85
C GLU D 171 39.25 -55.03 22.06
N ALA D 172 39.87 -56.21 21.96
CA ALA D 172 39.74 -57.32 22.93
C ALA D 172 39.71 -56.93 24.42
N ASN D 173 40.81 -56.40 24.94
CA ASN D 173 40.91 -56.02 26.36
C ASN D 173 39.82 -55.04 26.83
N ILE D 174 39.41 -54.14 25.95
CA ILE D 174 38.31 -53.21 26.23
C ILE D 174 36.98 -53.94 26.09
N SER D 175 36.87 -54.79 25.07
CA SER D 175 35.65 -55.58 24.81
C SER D 175 35.20 -56.40 26.01
N GLN D 176 36.16 -57.00 26.71
CA GLN D 176 35.86 -57.92 27.82
C GLN D 176 35.22 -57.22 29.01
N ASP D 177 35.65 -55.98 29.26
CA ASP D 177 35.01 -55.10 30.24
C ASP D 177 35.10 -53.64 29.80
N PRO D 178 34.08 -53.17 29.05
CA PRO D 178 34.01 -51.78 28.64
C PRO D 178 33.75 -50.82 29.78
N ASP D 179 32.86 -51.20 30.69
CA ASP D 179 32.40 -50.30 31.76
C ASP D 179 33.55 -49.93 32.68
N ALA D 180 34.42 -50.90 32.94
CA ALA D 180 35.65 -50.69 33.71
C ALA D 180 36.59 -49.73 32.99
N ALA D 181 36.84 -50.02 31.71
CA ALA D 181 37.68 -49.15 30.88
C ALA D 181 37.18 -47.71 30.87
N ASP D 182 35.86 -47.53 30.79
CA ASP D 182 35.26 -46.20 30.86
C ASP D 182 35.63 -45.50 32.17
N ILE D 183 35.44 -46.22 33.27
CA ILE D 183 35.73 -45.68 34.62
C ILE D 183 37.19 -45.22 34.70
N LEU D 184 38.10 -46.03 34.19
CA LEU D 184 39.53 -45.68 34.15
C LEU D 184 39.81 -44.42 33.35
N PHE D 185 39.28 -44.37 32.13
CA PHE D 185 39.58 -43.25 31.21
C PHE D 185 39.05 -41.94 31.78
N ARG D 186 37.80 -41.99 32.25
CA ARG D 186 37.13 -40.86 32.91
C ARG D 186 37.73 -40.47 34.26
N SER D 187 38.31 -41.43 34.98
CA SER D 187 38.93 -41.19 36.29
C SER D 187 39.77 -39.92 36.39
N GLY D 188 40.52 -39.62 35.32
CA GLY D 188 41.43 -38.49 35.32
C GLY D 188 42.84 -38.89 35.72
N ALA D 189 43.08 -40.19 35.89
CA ALA D 189 44.41 -40.69 36.20
C ALA D 189 45.27 -40.49 34.96
N PRO D 190 46.60 -40.35 35.15
CA PRO D 190 47.49 -40.10 34.01
C PRO D 190 47.72 -41.37 33.16
N VAL D 191 46.72 -41.70 32.36
CA VAL D 191 46.73 -42.89 31.50
C VAL D 191 47.41 -42.58 30.17
N THR D 192 48.01 -43.61 29.57
CA THR D 192 48.52 -43.56 28.20
C THR D 192 47.99 -44.81 27.50
N MET D 193 47.03 -44.64 26.61
CA MET D 193 46.47 -45.76 25.86
C MET D 193 47.39 -46.13 24.72
N ILE D 194 47.78 -47.39 24.64
CA ILE D 194 48.54 -47.91 23.51
C ILE D 194 47.67 -48.95 22.82
N GLY D 195 46.90 -48.46 21.84
CA GLY D 195 45.91 -49.25 21.13
C GLY D 195 46.40 -49.76 19.80
N LEU D 196 45.46 -50.32 19.05
CA LEU D 196 45.75 -51.00 17.78
C LEU D 196 46.39 -50.07 16.76
N ASP D 197 45.91 -48.83 16.72
CA ASP D 197 46.50 -47.76 15.88
C ASP D 197 48.03 -47.66 15.93
N VAL D 198 48.62 -48.11 17.04
CA VAL D 198 50.07 -48.23 17.17
C VAL D 198 50.57 -49.69 17.17
N THR D 199 49.87 -50.61 17.84
CA THR D 199 50.36 -52.00 17.98
C THR D 199 50.31 -52.82 16.68
N LEU D 200 49.40 -52.50 15.78
CA LEU D 200 49.31 -53.17 14.48
C LEU D 200 50.41 -52.75 13.51
N GLN D 201 51.14 -51.68 13.82
CA GLN D 201 52.39 -51.34 13.12
C GLN D 201 53.58 -52.21 13.54
N THR D 202 53.53 -52.74 14.77
CA THR D 202 54.55 -53.68 15.26
C THR D 202 54.39 -55.06 14.65
N LEU D 203 55.52 -55.75 14.50
CA LEU D 203 55.57 -57.04 13.82
C LEU D 203 56.80 -57.84 14.23
N LEU D 204 56.62 -59.16 14.39
CA LEU D 204 57.76 -60.09 14.33
C LEU D 204 57.36 -61.43 13.70
N THR D 205 58.34 -62.03 13.01
CA THR D 205 58.16 -63.24 12.21
C THR D 205 59.09 -64.32 12.77
N TYR D 206 59.15 -65.47 12.10
CA TYR D 206 60.07 -66.55 12.48
C TYR D 206 61.56 -66.17 12.39
N LYS D 207 61.89 -65.18 11.56
CA LYS D 207 63.25 -64.60 11.52
C LYS D 207 63.74 -64.20 12.93
N GLU D 208 62.83 -63.65 13.73
CA GLU D 208 63.13 -63.19 15.10
C GLU D 208 63.11 -64.33 16.14
N THR D 209 62.19 -65.28 16.00
CA THR D 209 62.07 -66.39 16.97
C THR D 209 63.17 -67.44 16.80
N LYS D 210 63.68 -67.59 15.57
CA LYS D 210 64.86 -68.44 15.30
C LYS D 210 66.12 -67.94 16.02
N GLN D 211 66.21 -66.63 16.27
CA GLN D 211 67.31 -66.05 17.07
C GLN D 211 67.27 -66.48 18.53
N TRP D 212 66.07 -66.60 19.09
CA TRP D 212 65.89 -67.09 20.46
C TRP D 212 66.25 -68.58 20.60
N ARG D 213 65.95 -69.38 19.57
CA ARG D 213 66.37 -70.78 19.52
C ARG D 213 67.88 -70.94 19.52
N ASP D 214 68.58 -70.03 18.84
CA ASP D 214 70.06 -70.04 18.76
C ASP D 214 70.77 -69.86 20.10
N LEU D 215 70.08 -69.26 21.09
CA LEU D 215 70.63 -69.09 22.44
C LEU D 215 70.72 -70.41 23.24
N ASN D 216 69.94 -71.41 22.84
CA ASN D 216 70.01 -72.79 23.38
C ASN D 216 69.60 -72.94 24.85
N THR D 217 68.84 -71.97 25.38
CA THR D 217 68.46 -71.98 26.80
C THR D 217 67.05 -72.56 27.00
N LYS D 218 66.72 -72.85 28.25
CA LYS D 218 65.37 -73.25 28.64
C LYS D 218 64.37 -72.15 28.23
N ALA D 219 64.71 -70.91 28.56
CA ALA D 219 63.88 -69.74 28.25
C ALA D 219 63.80 -69.43 26.75
N GLY D 220 64.93 -69.46 26.07
CA GLY D 220 65.01 -69.19 24.63
C GLY D 220 64.13 -70.12 23.81
N LYS D 221 64.22 -71.42 24.10
CA LYS D 221 63.39 -72.44 23.43
C LYS D 221 61.90 -72.26 23.75
N PHE D 222 61.58 -71.87 24.99
CA PHE D 222 60.19 -71.65 25.41
C PHE D 222 59.53 -70.51 24.64
N LEU D 223 60.14 -69.32 24.70
CA LEU D 223 59.61 -68.12 24.04
C LEU D 223 59.47 -68.30 22.53
N ALA D 224 60.40 -69.04 21.93
CA ALA D 224 60.36 -69.36 20.50
C ALA D 224 59.18 -70.29 20.17
N ASP D 225 59.11 -71.43 20.85
CA ASP D 225 57.99 -72.38 20.72
C ASP D 225 56.62 -71.71 20.92
N MET D 226 56.56 -70.83 21.91
CA MET D 226 55.34 -70.15 22.29
C MET D 226 54.82 -69.19 21.22
N THR D 227 55.67 -68.25 20.82
CA THR D 227 55.30 -67.24 19.83
C THR D 227 55.13 -67.82 18.41
N ASP D 228 55.72 -68.98 18.14
CA ASP D 228 55.51 -69.70 16.87
C ASP D 228 54.09 -70.29 16.77
N PHE D 229 53.50 -70.70 17.90
CA PHE D 229 52.08 -71.05 17.95
C PHE D 229 51.21 -69.82 17.67
N TYR D 230 51.61 -68.71 18.27
CA TYR D 230 50.95 -67.40 18.11
C TYR D 230 51.02 -66.88 16.67
N ILE D 231 52.14 -67.11 15.98
CA ILE D 231 52.29 -66.70 14.58
C ILE D 231 51.45 -67.60 13.64
N LYS D 232 51.48 -68.92 13.86
CA LYS D 232 50.69 -69.87 13.05
C LYS D 232 49.17 -69.69 13.21
N ALA D 233 48.76 -69.20 14.38
CA ALA D 233 47.39 -68.74 14.58
C ALA D 233 47.12 -67.47 13.77
N TYR D 234 48.04 -66.50 13.84
CA TYR D 234 47.96 -65.27 13.03
C TYR D 234 48.01 -65.53 11.52
N GLU D 235 48.71 -66.59 11.10
CA GLU D 235 48.69 -67.00 9.68
C GLU D 235 47.29 -67.28 9.14
N THR D 236 46.37 -67.74 9.98
CA THR D 236 44.96 -67.95 9.58
C THR D 236 44.03 -66.77 9.96
N THR D 237 44.18 -66.22 11.17
CA THR D 237 43.32 -65.10 11.63
C THR D 237 43.66 -63.75 10.98
N ALA D 238 44.88 -63.60 10.48
CA ALA D 238 45.31 -62.36 9.83
C ALA D 238 46.57 -62.59 8.95
N PRO D 239 46.40 -63.27 7.79
CA PRO D 239 47.52 -63.47 6.85
C PRO D 239 48.03 -62.19 6.14
N HIS D 240 47.26 -61.10 6.25
CA HIS D 240 47.70 -59.78 5.75
C HIS D 240 48.90 -59.15 6.50
N LEU D 241 49.30 -59.72 7.65
CA LEU D 241 50.48 -59.26 8.41
C LEU D 241 51.73 -60.17 8.24
N GLY D 242 51.53 -61.49 8.13
CA GLY D 242 52.63 -62.46 7.88
C GLY D 242 53.24 -63.09 9.13
N GLY D 243 53.40 -62.28 10.18
CA GLY D 243 53.86 -62.74 11.49
C GLY D 243 52.81 -62.40 12.54
N CYS D 244 53.23 -61.80 13.66
CA CYS D 244 52.33 -61.49 14.78
C CYS D 244 52.54 -60.07 15.31
N GLY D 245 51.49 -59.55 15.95
CA GLY D 245 51.55 -58.22 16.56
C GLY D 245 52.25 -58.26 17.91
N LEU D 246 52.96 -57.17 18.23
CA LEU D 246 53.62 -57.02 19.52
C LEU D 246 52.81 -56.04 20.36
N HIS D 247 51.66 -56.51 20.84
CA HIS D 247 50.66 -55.65 21.45
C HIS D 247 51.07 -55.24 22.86
N ASP D 248 51.08 -56.21 23.76
CA ASP D 248 51.27 -55.98 25.20
C ASP D 248 52.69 -55.53 25.56
N PRO D 249 53.74 -56.05 24.87
CA PRO D 249 55.10 -55.58 25.15
C PRO D 249 55.32 -54.10 24.93
N LEU D 250 54.68 -53.57 23.90
CA LEU D 250 54.84 -52.18 23.53
C LEU D 250 54.37 -51.23 24.64
N ALA D 251 53.31 -51.62 25.34
CA ALA D 251 52.84 -50.88 26.51
C ALA D 251 53.94 -50.75 27.57
N VAL D 252 54.66 -51.85 27.80
CA VAL D 252 55.76 -51.86 28.75
C VAL D 252 56.92 -51.01 28.22
N ALA D 253 57.23 -51.15 26.94
CA ALA D 253 58.30 -50.36 26.30
C ALA D 253 58.08 -48.85 26.42
N VAL D 254 56.82 -48.43 26.32
CA VAL D 254 56.44 -47.02 26.45
C VAL D 254 56.42 -46.57 27.92
N ALA D 255 56.13 -47.50 28.81
CA ALA D 255 56.25 -47.25 30.25
C ALA D 255 57.69 -46.92 30.63
N VAL D 256 58.65 -47.67 30.09
CA VAL D 256 60.07 -47.40 30.36
C VAL D 256 60.59 -46.19 29.59
N ASP D 257 60.19 -46.10 28.31
CA ASP D 257 60.66 -45.05 27.41
C ASP D 257 59.49 -44.46 26.62
N PRO D 258 58.86 -43.38 27.15
CA PRO D 258 57.71 -42.79 26.44
C PRO D 258 58.02 -42.14 25.08
N THR D 259 59.29 -41.96 24.74
CA THR D 259 59.69 -41.43 23.42
C THR D 259 59.55 -42.44 22.27
N LEU D 260 59.29 -43.71 22.57
CA LEU D 260 59.01 -44.71 21.52
C LEU D 260 57.71 -44.43 20.76
N VAL D 261 56.82 -43.63 21.34
CA VAL D 261 55.49 -43.39 20.82
C VAL D 261 55.23 -41.88 20.68
N THR D 262 54.37 -41.51 19.73
CA THR D 262 53.86 -40.14 19.58
C THR D 262 52.39 -40.14 19.97
N THR D 263 52.05 -39.41 21.03
CA THR D 263 50.70 -39.43 21.58
C THR D 263 49.91 -38.20 21.17
N LEU D 264 48.59 -38.32 21.31
CA LEU D 264 47.64 -37.26 21.02
C LEU D 264 46.94 -36.92 22.33
N PRO D 265 47.25 -35.75 22.94
CA PRO D 265 46.53 -35.34 24.15
C PRO D 265 45.03 -35.25 23.91
N ILE D 266 44.24 -35.99 24.69
CA ILE D 266 42.81 -36.12 24.44
C ILE D 266 42.05 -36.68 25.64
N ASN D 267 41.05 -35.95 26.10
CA ASN D 267 40.14 -36.45 27.12
C ASN D 267 39.24 -37.52 26.48
N MET D 268 39.27 -38.73 27.06
CA MET D 268 38.68 -39.93 26.46
C MET D 268 37.53 -40.51 27.27
N GLN D 269 36.83 -41.45 26.63
CA GLN D 269 35.78 -42.25 27.25
C GLN D 269 35.74 -43.59 26.56
N VAL D 270 34.90 -44.48 27.08
CA VAL D 270 34.56 -45.71 26.38
C VAL D 270 33.05 -45.77 26.28
N ASP D 271 32.57 -46.16 25.11
CA ASP D 271 31.15 -46.22 24.85
C ASP D 271 30.56 -47.41 25.58
N VAL D 272 29.49 -47.14 26.33
CA VAL D 272 28.81 -48.13 27.14
C VAL D 272 27.41 -48.46 26.61
N GLU D 273 26.64 -47.44 26.22
CA GLU D 273 25.19 -47.61 25.94
C GLU D 273 24.85 -48.05 24.52
N GLY D 274 25.45 -47.40 23.53
CA GLY D 274 24.98 -47.52 22.14
C GLY D 274 25.32 -48.83 21.45
N PRO D 275 25.05 -48.92 20.14
CA PRO D 275 25.51 -50.05 19.33
C PRO D 275 27.02 -49.97 19.02
N THR D 276 27.68 -48.88 19.44
CA THR D 276 29.13 -48.79 19.49
C THR D 276 29.72 -49.15 20.87
N ARG D 277 28.99 -49.91 21.70
CA ARG D 277 29.49 -50.31 23.03
C ARG D 277 30.86 -50.98 22.93
N GLY D 278 31.82 -50.48 23.71
CA GLY D 278 33.19 -50.99 23.75
C GLY D 278 34.21 -50.23 22.91
N ARG D 279 33.77 -49.13 22.30
CA ARG D 279 34.62 -48.29 21.46
C ARG D 279 35.34 -47.29 22.32
N THR D 280 36.63 -47.10 22.03
CA THR D 280 37.43 -46.07 22.66
C THR D 280 37.33 -44.82 21.79
N ILE D 281 36.92 -43.71 22.41
CA ILE D 281 36.62 -42.49 21.66
C ILE D 281 36.70 -41.26 22.55
N GLY D 282 37.03 -40.11 21.97
CA GLY D 282 37.09 -38.87 22.73
C GLY D 282 35.74 -38.42 23.26
N ASP D 283 35.73 -37.88 24.47
CA ASP D 283 34.52 -37.32 25.05
C ASP D 283 34.42 -35.90 24.55
N VAL D 284 33.28 -35.58 23.95
CA VAL D 284 33.05 -34.26 23.36
C VAL D 284 32.98 -33.22 24.46
N THR D 285 32.26 -33.58 25.54
CA THR D 285 32.12 -32.76 26.74
C THR D 285 33.43 -32.14 27.20
N ARG D 286 34.49 -32.93 27.17
CA ARG D 286 35.81 -32.49 27.61
C ARG D 286 36.78 -32.22 26.43
N LEU D 287 36.24 -31.82 25.28
CA LEU D 287 37.07 -31.45 24.13
C LEU D 287 37.66 -30.06 24.33
N ASN D 288 36.80 -29.12 24.71
CA ASN D 288 37.20 -27.73 24.92
C ASN D 288 37.91 -27.49 26.26
N ASP D 289 37.84 -28.45 27.18
CA ASP D 289 38.66 -28.45 28.39
C ASP D 289 40.14 -28.60 27.97
N PRO D 290 40.98 -27.56 28.20
CA PRO D 290 42.38 -27.65 27.76
C PRO D 290 43.22 -28.69 28.49
N VAL D 291 42.85 -29.02 29.73
CA VAL D 291 43.56 -30.02 30.52
C VAL D 291 43.19 -31.41 30.01
N LYS D 292 44.17 -32.08 29.40
CA LYS D 292 43.96 -33.42 28.82
C LYS D 292 44.41 -34.51 29.81
N THR D 293 43.45 -35.33 30.26
CA THR D 293 43.69 -36.34 31.31
C THR D 293 44.57 -37.50 30.85
N MET D 294 44.35 -37.99 29.63
CA MET D 294 45.15 -39.10 29.08
C MET D 294 45.57 -38.84 27.64
N GLN D 295 46.43 -39.71 27.13
CA GLN D 295 47.07 -39.53 25.82
C GLN D 295 47.00 -40.83 25.03
N VAL D 296 46.53 -40.78 23.78
CA VAL D 296 46.42 -41.97 22.95
C VAL D 296 47.57 -42.00 21.96
N ALA D 297 48.16 -43.17 21.81
CA ALA D 297 49.32 -43.35 20.95
C ALA D 297 48.81 -43.46 19.53
N VAL D 298 49.42 -42.69 18.64
CA VAL D 298 49.07 -42.69 17.21
C VAL D 298 50.25 -43.02 16.29
N GLY D 299 51.45 -42.56 16.64
CA GLY D 299 52.68 -42.91 15.93
C GLY D 299 53.63 -43.70 16.82
N VAL D 300 54.55 -44.41 16.19
CA VAL D 300 55.48 -45.29 16.90
C VAL D 300 56.77 -45.53 16.10
N ASP D 301 57.90 -45.60 16.81
CA ASP D 301 59.21 -45.87 16.21
C ASP D 301 59.40 -47.39 16.14
N VAL D 302 58.85 -48.01 15.10
CA VAL D 302 58.76 -49.49 15.00
C VAL D 302 60.12 -50.19 14.97
N PRO D 303 61.07 -49.69 14.14
CA PRO D 303 62.38 -50.36 14.08
C PRO D 303 63.21 -50.24 15.36
N ARG D 304 63.08 -49.13 16.08
CA ARG D 304 63.77 -48.94 17.36
C ARG D 304 63.12 -49.79 18.46
N PHE D 305 61.79 -49.83 18.49
CA PHE D 305 61.07 -50.71 19.40
C PHE D 305 61.42 -52.18 19.16
N LEU D 306 61.42 -52.61 17.91
CA LEU D 306 61.80 -53.98 17.55
C LEU D 306 63.24 -54.32 17.97
N ASN D 307 64.15 -53.36 17.88
CA ASN D 307 65.54 -53.54 18.36
C ASN D 307 65.62 -53.58 19.89
N GLU D 308 64.92 -52.66 20.54
CA GLU D 308 64.84 -52.61 22.01
C GLU D 308 64.25 -53.92 22.56
N PHE D 309 63.19 -54.39 21.91
CA PHE D 309 62.48 -55.64 22.24
C PHE D 309 63.40 -56.85 22.19
N MET D 310 64.10 -57.03 21.07
CA MET D 310 64.97 -58.21 20.88
C MET D 310 66.22 -58.14 21.77
N THR D 311 66.81 -56.96 21.92
CA THR D 311 67.98 -56.76 22.80
C THR D 311 67.66 -57.15 24.25
N ARG D 312 66.54 -56.65 24.76
CA ARG D 312 66.14 -56.92 26.15
C ARG D 312 65.78 -58.38 26.39
N ILE D 313 64.98 -58.95 25.49
CA ILE D 313 64.47 -60.33 25.67
C ILE D 313 65.52 -61.38 25.37
N SER D 314 66.31 -61.19 24.31
CA SER D 314 67.44 -62.10 24.01
C SER D 314 68.50 -62.07 25.11
N GLY D 315 68.71 -60.91 25.73
CA GLY D 315 69.59 -60.77 26.90
C GLY D 315 69.09 -61.53 28.12
N LEU D 316 67.78 -61.48 28.35
CA LEU D 316 67.14 -62.22 29.45
C LEU D 316 67.12 -63.73 29.21
N ALA D 317 66.81 -64.14 27.98
CA ALA D 317 66.80 -65.56 27.61
C ALA D 317 68.18 -66.22 27.74
N LYS D 318 69.24 -65.45 27.49
CA LYS D 318 70.63 -65.92 27.71
C LYS D 318 70.93 -66.20 29.19
N ILE D 319 70.32 -65.42 30.09
CA ILE D 319 70.51 -65.59 31.55
C ILE D 319 69.89 -66.89 32.14
N ALA D 320 68.78 -67.38 31.59
CA ALA D 320 68.18 -68.66 32.03
C ALA D 320 68.72 -69.84 31.21
N LYS E 5 -11.31 30.97 -57.60
CA LYS E 5 -9.86 30.82 -57.31
C LYS E 5 -9.03 31.18 -58.53
N LYS E 6 -7.90 31.85 -58.31
CA LYS E 6 -7.13 32.50 -59.39
C LYS E 6 -5.63 32.27 -59.31
N LEU E 7 -5.03 32.00 -60.46
CA LEU E 7 -3.69 31.41 -60.57
C LEU E 7 -2.68 32.33 -61.25
N ILE E 8 -1.46 32.40 -60.70
CA ILE E 8 -0.32 33.01 -61.38
C ILE E 8 0.79 31.98 -61.44
N LEU E 9 1.31 31.72 -62.65
CA LEU E 9 2.53 30.92 -62.82
C LEU E 9 3.74 31.85 -62.91
N ASP E 10 4.89 31.39 -62.40
CA ASP E 10 6.15 32.12 -62.45
C ASP E 10 7.14 31.18 -63.12
N LEU E 11 7.42 31.41 -64.41
CA LEU E 11 7.99 30.37 -65.28
C LEU E 11 9.29 30.76 -66.01
N ASP E 12 10.23 29.82 -66.01
CA ASP E 12 11.42 29.87 -66.85
C ASP E 12 11.18 28.99 -68.08
N THR E 13 10.31 29.47 -68.96
CA THR E 13 9.67 28.63 -69.99
C THR E 13 10.59 28.25 -71.16
N GLY E 14 11.09 27.01 -71.29
CA GLY E 14 10.91 25.89 -70.36
C GLY E 14 9.95 24.82 -70.88
N VAL E 15 10.43 23.58 -70.96
CA VAL E 15 9.64 22.48 -71.54
C VAL E 15 8.57 22.00 -70.58
N ASP E 16 8.99 21.57 -69.39
CA ASP E 16 8.05 21.21 -68.32
C ASP E 16 7.22 22.43 -67.90
N ASP E 17 7.79 23.63 -68.03
CA ASP E 17 7.06 24.87 -67.73
C ASP E 17 5.84 25.08 -68.64
N THR E 18 5.91 24.71 -69.93
CA THR E 18 4.73 24.80 -70.81
C THR E 18 3.71 23.72 -70.52
N LEU E 19 4.19 22.57 -70.03
CA LEU E 19 3.28 21.52 -69.60
C LEU E 19 2.50 21.99 -68.36
N ALA E 20 3.12 22.84 -67.55
CA ALA E 20 2.43 23.51 -66.43
C ALA E 20 1.38 24.50 -66.93
N ILE E 21 1.72 25.25 -67.98
CA ILE E 21 0.76 26.14 -68.63
C ILE E 21 -0.42 25.32 -69.19
N SER E 22 -0.09 24.25 -69.91
CA SER E 22 -1.09 23.36 -70.51
C SER E 22 -2.04 22.75 -69.48
N TYR E 23 -1.48 22.27 -68.36
CA TYR E 23 -2.29 21.73 -67.25
C TYR E 23 -3.18 22.83 -66.66
N ALA E 24 -2.62 24.02 -66.51
CA ALA E 24 -3.36 25.15 -65.94
C ALA E 24 -4.54 25.53 -66.82
N LEU E 25 -4.28 25.76 -68.10
CA LEU E 25 -5.33 26.13 -69.06
C LEU E 25 -6.32 24.97 -69.33
N GLY E 26 -5.89 23.73 -69.11
CA GLY E 26 -6.78 22.57 -69.16
C GLY E 26 -7.61 22.32 -67.91
N SER E 27 -7.37 23.12 -66.86
CA SER E 27 -8.00 22.95 -65.56
C SER E 27 -9.04 24.05 -65.31
N PRO E 28 -10.34 23.70 -65.25
CA PRO E 28 -11.38 24.72 -65.06
C PRO E 28 -11.54 25.28 -63.63
N GLU E 29 -10.82 24.75 -62.65
CA GLU E 29 -10.96 25.20 -61.27
C GLU E 29 -10.25 26.54 -61.00
N MET E 30 -9.30 26.90 -61.86
CA MET E 30 -8.51 28.11 -61.71
C MET E 30 -8.68 28.98 -62.95
N GLU E 31 -8.68 30.30 -62.76
CA GLU E 31 -8.47 31.24 -63.85
C GLU E 31 -7.01 31.66 -63.81
N LEU E 32 -6.27 31.32 -64.88
CA LEU E 32 -4.88 31.76 -65.01
C LEU E 32 -4.85 33.25 -65.32
N ILE E 33 -4.50 34.07 -64.34
CA ILE E 33 -4.50 35.53 -64.49
C ILE E 33 -3.32 35.97 -65.34
N GLY E 34 -2.13 35.49 -65.01
CA GLY E 34 -0.92 35.85 -65.74
C GLY E 34 0.23 34.89 -65.56
N ILE E 35 1.21 35.01 -66.44
CA ILE E 35 2.44 34.23 -66.38
C ILE E 35 3.56 35.20 -66.10
N THR E 36 4.07 35.19 -64.87
CA THR E 36 5.28 35.91 -64.53
C THR E 36 6.49 35.18 -65.13
N GLY E 37 7.40 35.92 -65.76
CA GLY E 37 8.57 35.33 -66.43
C GLY E 37 9.82 35.41 -65.58
N THR E 38 10.59 34.33 -65.55
CA THR E 38 11.89 34.31 -64.85
C THR E 38 12.89 33.53 -65.71
N TYR E 39 14.03 33.19 -65.13
CA TYR E 39 15.23 32.73 -65.87
C TYR E 39 15.66 31.35 -65.38
N GLY E 40 16.54 30.69 -66.14
CA GLY E 40 17.11 29.41 -65.72
C GLY E 40 17.24 28.44 -66.86
N ASN E 41 16.13 27.78 -67.18
CA ASN E 41 16.04 26.89 -68.34
C ASN E 41 16.43 27.66 -69.60
N VAL E 42 16.00 28.92 -69.65
CA VAL E 42 16.33 29.82 -70.74
C VAL E 42 16.40 31.26 -70.20
N LEU E 43 17.08 32.14 -70.95
CA LEU E 43 17.17 33.58 -70.65
C LEU E 43 15.79 34.18 -70.37
N MET E 44 15.72 35.13 -69.45
CA MET E 44 14.44 35.65 -68.94
C MET E 44 13.49 36.10 -70.06
N GLU E 45 14.03 36.87 -71.01
CA GLU E 45 13.30 37.37 -72.17
C GLU E 45 12.73 36.23 -73.02
N GLN E 46 13.57 35.26 -73.36
CA GLN E 46 13.14 34.04 -74.05
C GLN E 46 11.96 33.36 -73.35
N GLY E 47 11.98 33.35 -72.01
CA GLY E 47 10.86 32.86 -71.19
C GLY E 47 9.54 33.55 -71.51
N VAL E 48 9.62 34.86 -71.71
CA VAL E 48 8.45 35.67 -72.07
C VAL E 48 7.99 35.40 -73.52
N ARG E 49 8.92 35.38 -74.48
CA ARG E 49 8.59 35.09 -75.89
C ARG E 49 7.83 33.78 -76.02
N ASN E 50 8.30 32.77 -75.30
CA ASN E 50 7.72 31.43 -75.34
C ASN E 50 6.35 31.44 -74.69
N ALA E 51 6.26 32.04 -73.51
CA ALA E 51 5.00 32.15 -72.77
C ALA E 51 3.88 32.77 -73.61
N LEU E 52 4.18 33.90 -74.26
CA LEU E 52 3.22 34.59 -75.13
C LEU E 52 2.83 33.70 -76.31
N ALA E 53 3.83 33.20 -77.02
CA ALA E 53 3.61 32.34 -78.20
C ALA E 53 2.81 31.07 -77.91
N ILE E 54 3.06 30.47 -76.75
CA ILE E 54 2.43 29.20 -76.38
C ILE E 54 1.01 29.42 -75.87
N THR E 55 0.81 30.42 -75.03
CA THR E 55 -0.54 30.79 -74.57
C THR E 55 -1.47 31.08 -75.75
N ASP E 56 -0.96 31.80 -76.76
CA ASP E 56 -1.65 31.98 -78.03
C ASP E 56 -2.00 30.65 -78.69
N LEU E 57 -0.99 29.79 -78.89
CA LEU E 57 -1.16 28.52 -79.61
C LEU E 57 -2.24 27.61 -79.00
N LEU E 58 -2.34 27.59 -77.68
CA LEU E 58 -3.31 26.73 -76.98
C LEU E 58 -4.76 27.28 -76.99
N GLY E 59 -4.90 28.53 -77.43
CA GLY E 59 -6.19 29.19 -77.59
C GLY E 59 -6.55 30.15 -76.47
N HIS E 60 -5.54 30.68 -75.77
CA HIS E 60 -5.76 31.57 -74.63
C HIS E 60 -4.80 32.76 -74.68
N PRO E 61 -5.03 33.70 -75.62
CA PRO E 61 -4.20 34.91 -75.68
C PRO E 61 -4.60 35.99 -74.68
N GLU E 62 -5.57 35.73 -73.80
CA GLU E 62 -5.90 36.63 -72.69
C GLU E 62 -4.87 36.58 -71.56
N VAL E 63 -4.02 35.56 -71.55
CA VAL E 63 -3.04 35.38 -70.49
C VAL E 63 -1.96 36.42 -70.60
N LYS E 64 -1.92 37.36 -69.67
CA LYS E 64 -1.02 38.51 -69.73
C LYS E 64 0.32 38.11 -69.13
N VAL E 65 1.38 38.24 -69.91
CA VAL E 65 2.73 37.83 -69.51
C VAL E 65 3.50 39.03 -68.97
N TYR E 66 3.90 38.96 -67.69
CA TYR E 66 4.65 40.04 -67.04
C TYR E 66 6.13 39.72 -67.02
N LYS E 67 6.92 40.73 -66.66
CA LYS E 67 8.37 40.69 -66.84
C LYS E 67 9.05 40.75 -65.47
N GLY E 68 9.57 39.62 -65.00
CA GLY E 68 10.33 39.54 -63.75
C GLY E 68 11.79 39.91 -63.93
N LEU E 69 12.62 39.42 -63.01
CA LEU E 69 14.04 39.79 -62.93
C LEU E 69 14.92 38.85 -63.75
N SER E 70 15.99 39.39 -64.34
CA SER E 70 16.89 38.64 -65.25
C SER E 70 17.92 37.76 -64.53
N HIS E 71 18.50 38.30 -63.45
CA HIS E 71 19.57 37.65 -62.69
C HIS E 71 19.16 37.37 -61.25
N ALA E 72 19.99 36.60 -60.55
CA ALA E 72 19.72 36.19 -59.17
C ALA E 72 19.84 37.33 -58.16
N SER E 73 19.07 37.20 -57.07
CA SER E 73 19.17 38.00 -55.84
C SER E 73 20.56 38.58 -55.56
N THR E 74 21.57 37.72 -55.61
CA THR E 74 22.95 38.05 -55.24
C THR E 74 23.97 37.92 -56.39
N LYS E 75 23.51 38.04 -57.64
CA LYS E 75 24.40 38.02 -58.81
C LYS E 75 24.14 39.26 -59.69
N ASP E 76 25.15 39.62 -60.49
CA ASP E 76 25.03 40.73 -61.44
C ASP E 76 24.38 40.33 -62.75
N SER E 77 24.71 39.14 -63.25
CA SER E 77 24.26 38.66 -64.57
C SER E 77 23.68 37.25 -64.52
N PHE E 78 23.36 36.70 -65.69
CA PHE E 78 22.97 35.30 -65.83
C PHE E 78 23.17 34.80 -67.26
N GLU E 79 23.78 33.63 -67.40
CA GLU E 79 23.89 32.90 -68.66
C GLU E 79 23.17 31.57 -68.51
N VAL E 80 22.62 31.05 -69.60
CA VAL E 80 22.03 29.71 -69.61
C VAL E 80 23.16 28.70 -69.57
N LEU E 81 23.10 27.75 -68.62
CA LEU E 81 24.10 26.68 -68.52
C LEU E 81 23.92 25.71 -69.71
N PRO E 82 25.03 25.14 -70.23
CA PRO E 82 24.88 24.27 -71.41
C PRO E 82 24.08 22.98 -71.16
N ILE E 83 24.04 22.55 -69.89
CA ILE E 83 23.25 21.38 -69.47
C ILE E 83 21.75 21.63 -69.75
N SER E 84 21.25 22.78 -69.29
CA SER E 84 19.84 23.16 -69.50
C SER E 84 19.53 23.47 -70.99
N ALA E 85 20.53 23.94 -71.72
CA ALA E 85 20.41 24.11 -73.17
C ALA E 85 20.30 22.77 -73.92
N PHE E 86 20.91 21.71 -73.39
CA PHE E 86 20.79 20.36 -73.95
C PHE E 86 19.40 19.76 -73.71
N ILE E 87 18.88 19.96 -72.49
CA ILE E 87 17.58 19.40 -72.08
C ILE E 87 16.41 20.13 -72.76
N HIS E 88 16.30 21.43 -72.49
CA HIS E 88 15.17 22.24 -72.99
C HIS E 88 15.42 22.87 -74.37
N GLY E 89 16.64 22.73 -74.91
CA GLY E 89 16.98 23.29 -76.22
C GLY E 89 17.44 24.73 -76.15
N ASP E 90 17.71 25.31 -77.32
CA ASP E 90 18.24 26.67 -77.42
C ASP E 90 17.12 27.70 -77.24
N ASN E 91 16.04 27.50 -77.98
CA ASN E 91 14.81 28.31 -77.78
C ASN E 91 14.10 28.04 -76.43
N GLY E 92 14.38 26.90 -75.80
CA GLY E 92 13.78 26.54 -74.50
C GLY E 92 12.44 25.81 -74.62
N ILE E 93 12.18 25.23 -75.80
CA ILE E 93 10.87 24.68 -76.16
C ILE E 93 11.09 23.41 -77.02
N GLY E 94 12.03 22.57 -76.62
CA GLY E 94 12.60 21.58 -77.54
C GLY E 94 13.45 22.37 -78.52
N ASP E 95 13.25 22.17 -79.81
CA ASP E 95 13.69 23.16 -80.79
C ASP E 95 12.54 23.34 -81.78
N VAL E 96 11.34 23.40 -81.22
CA VAL E 96 10.12 23.37 -82.01
C VAL E 96 9.82 24.79 -82.49
N GLU E 97 9.67 24.93 -83.80
CA GLU E 97 9.42 26.22 -84.43
C GLU E 97 7.94 26.57 -84.25
N ILE E 98 7.70 27.77 -83.73
CA ILE E 98 6.35 28.21 -83.38
C ILE E 98 6.30 29.72 -83.62
N PRO E 99 5.21 30.22 -84.26
CA PRO E 99 5.16 31.65 -84.55
C PRO E 99 5.19 32.54 -83.29
N ASP E 100 5.96 33.63 -83.34
CA ASP E 100 5.98 34.63 -82.27
C ASP E 100 4.60 35.22 -82.09
N SER E 101 4.20 35.45 -80.84
CA SER E 101 2.95 36.17 -80.59
C SER E 101 3.18 37.65 -80.89
N PRO E 102 2.24 38.29 -81.59
CA PRO E 102 2.33 39.73 -81.78
C PRO E 102 2.00 40.54 -80.51
N ARG E 103 1.39 39.90 -79.51
CA ARG E 103 1.19 40.48 -78.17
C ARG E 103 2.57 40.53 -77.56
N LYS E 104 2.74 41.47 -76.62
CA LYS E 104 4.02 41.68 -75.94
C LYS E 104 3.82 41.78 -74.42
N ALA E 105 4.93 41.85 -73.69
CA ALA E 105 4.89 41.88 -72.24
C ALA E 105 4.21 43.12 -71.70
N GLU E 106 3.49 42.97 -70.59
CA GLU E 106 2.81 44.11 -69.95
C GLU E 106 3.82 45.13 -69.44
N ASP E 107 3.34 46.34 -69.18
CA ASP E 107 4.23 47.47 -68.87
C ASP E 107 4.87 47.32 -67.51
N GLU E 108 4.06 46.99 -66.51
CA GLU E 108 4.56 46.85 -65.14
C GLU E 108 5.41 45.59 -64.92
N SER E 109 6.25 45.64 -63.90
CA SER E 109 7.10 44.51 -63.52
C SER E 109 6.24 43.41 -62.89
N ALA E 110 6.76 42.19 -62.94
CA ALA E 110 6.07 41.04 -62.38
C ALA E 110 6.09 41.06 -60.86
N VAL E 111 7.14 41.66 -60.30
CA VAL E 111 7.23 41.94 -58.87
C VAL E 111 5.95 42.67 -58.41
N ASP E 112 5.63 43.77 -59.09
CA ASP E 112 4.45 44.60 -58.76
C ASP E 112 3.13 43.93 -59.12
N PHE E 113 3.10 43.15 -60.20
CA PHE E 113 1.91 42.40 -60.59
C PHE E 113 1.48 41.41 -59.50
N ILE E 114 2.46 40.72 -58.93
CA ILE E 114 2.22 39.79 -57.83
C ILE E 114 1.64 40.54 -56.62
N ILE E 115 2.33 41.61 -56.20
CA ILE E 115 1.93 42.39 -55.03
C ILE E 115 0.51 42.92 -55.22
N ASP E 116 0.25 43.47 -56.41
CA ASP E 116 -1.07 43.99 -56.77
C ASP E 116 -2.13 42.87 -56.76
N SER E 117 -1.81 41.74 -57.40
CA SER E 117 -2.72 40.57 -57.45
C SER E 117 -3.06 40.03 -56.07
N VAL E 118 -2.10 40.07 -55.15
CA VAL E 118 -2.32 39.67 -53.76
C VAL E 118 -3.34 40.58 -53.09
N LYS E 119 -3.20 41.89 -53.28
CA LYS E 119 -4.14 42.84 -52.69
C LYS E 119 -5.52 42.82 -53.35
N LYS E 120 -5.59 42.46 -54.64
CA LYS E 120 -6.88 42.33 -55.33
C LYS E 120 -7.62 41.07 -54.91
N TYR E 121 -6.99 39.92 -55.12
CA TYR E 121 -7.67 38.63 -54.97
C TYR E 121 -7.43 37.95 -53.62
N GLY E 122 -6.53 38.48 -52.80
CA GLY E 122 -6.32 38.00 -51.42
C GLY E 122 -6.14 36.51 -51.29
N LYS E 123 -7.06 35.86 -50.57
CA LYS E 123 -7.00 34.43 -50.31
C LYS E 123 -7.56 33.54 -51.44
N ASP E 124 -8.10 34.15 -52.49
CA ASP E 124 -8.44 33.41 -53.72
C ASP E 124 -7.24 33.25 -54.64
N LEU E 125 -6.15 33.99 -54.39
CA LEU E 125 -4.94 33.93 -55.23
C LEU E 125 -4.04 32.73 -54.88
N VAL E 126 -3.54 32.08 -55.93
CA VAL E 126 -2.63 30.95 -55.81
C VAL E 126 -1.43 31.19 -56.72
N TYR E 127 -0.24 31.33 -56.15
CA TYR E 127 0.99 31.61 -56.91
C TYR E 127 1.83 30.34 -57.00
N VAL E 128 2.14 29.89 -58.22
CA VAL E 128 2.75 28.58 -58.46
C VAL E 128 4.03 28.75 -59.26
N PRO E 129 5.15 29.05 -58.58
CA PRO E 129 6.43 29.29 -59.24
C PRO E 129 7.22 28.02 -59.51
N THR E 130 7.47 27.73 -60.78
CA THR E 130 8.29 26.58 -61.15
C THR E 130 9.57 27.01 -61.88
N GLY E 131 10.03 28.20 -61.53
CA GLY E 131 11.38 28.65 -61.83
C GLY E 131 11.98 29.08 -60.51
N PRO E 132 13.14 29.74 -60.55
CA PRO E 132 13.72 30.38 -59.40
C PRO E 132 12.75 31.26 -58.61
N MET E 133 12.99 31.35 -57.32
CA MET E 133 12.13 32.09 -56.40
C MET E 133 12.43 33.59 -56.42
N THR E 134 13.52 33.98 -57.11
CA THR E 134 13.97 35.38 -57.28
C THR E 134 12.87 36.43 -57.29
N ASN E 135 11.81 36.15 -58.05
CA ASN E 135 10.71 37.10 -58.20
C ASN E 135 9.92 37.31 -56.91
N ILE E 136 9.37 36.24 -56.35
CA ILE E 136 8.58 36.38 -55.10
C ILE E 136 9.40 36.74 -53.85
N ALA E 137 10.72 36.51 -53.89
CA ALA E 137 11.63 37.04 -52.86
C ALA E 137 11.66 38.56 -52.87
N ALA E 138 11.80 39.13 -54.07
CA ALA E 138 11.72 40.59 -54.26
C ALA E 138 10.34 41.16 -53.91
N ALA E 139 9.28 40.39 -54.19
CA ALA E 139 7.92 40.78 -53.83
C ALA E 139 7.72 40.83 -52.32
N LEU E 140 8.10 39.74 -51.65
CA LEU E 140 8.05 39.67 -50.17
C LEU E 140 8.98 40.68 -49.50
N LYS E 141 10.13 40.93 -50.11
CA LYS E 141 11.03 42.01 -49.71
C LYS E 141 10.30 43.36 -49.75
N LYS E 142 9.81 43.77 -50.92
CA LYS E 142 9.14 45.07 -51.09
C LYS E 142 7.82 45.18 -50.29
N ALA E 143 7.05 44.10 -50.26
CA ALA E 143 5.76 44.07 -49.55
C ALA E 143 5.62 42.79 -48.71
N PRO E 144 6.15 42.81 -47.48
CA PRO E 144 6.06 41.60 -46.63
C PRO E 144 4.65 41.21 -46.15
N GLU E 145 3.69 42.15 -46.22
CA GLU E 145 2.27 41.86 -45.90
C GLU E 145 1.74 40.62 -46.64
N ILE E 146 2.18 40.45 -47.88
CA ILE E 146 1.81 39.33 -48.76
C ILE E 146 1.63 38.01 -48.00
N LYS E 147 2.62 37.67 -47.17
CA LYS E 147 2.63 36.45 -46.31
C LYS E 147 1.25 35.98 -45.88
N ASP E 148 0.55 36.86 -45.18
CA ASP E 148 -0.73 36.55 -44.55
C ASP E 148 -1.90 36.79 -45.52
N GLU E 149 -1.74 37.78 -46.40
CA GLU E 149 -2.78 38.14 -47.39
C GLU E 149 -2.98 37.08 -48.50
N ILE E 150 -1.89 36.49 -48.99
CA ILE E 150 -1.97 35.51 -50.10
C ILE E 150 -2.63 34.20 -49.68
N GLY E 151 -3.35 33.58 -50.62
CA GLY E 151 -4.05 32.32 -50.39
C GLY E 151 -3.10 31.17 -50.16
N LYS E 152 -2.33 30.82 -51.19
CA LYS E 152 -1.26 29.83 -51.06
C LYS E 152 -0.21 29.91 -52.17
N ILE E 153 1.03 29.60 -51.81
CA ILE E 153 2.11 29.42 -52.77
C ILE E 153 2.38 27.92 -52.88
N VAL E 154 2.63 27.43 -54.10
CA VAL E 154 2.86 26.00 -54.34
C VAL E 154 3.96 25.86 -55.40
N LEU E 155 5.21 25.82 -54.95
CA LEU E 155 6.36 25.82 -55.85
C LEU E 155 6.77 24.44 -56.31
N MET E 156 7.54 24.38 -57.39
CA MET E 156 8.29 23.20 -57.80
C MET E 156 9.75 23.55 -57.64
N GLY E 157 10.46 22.73 -56.87
CA GLY E 157 11.86 22.94 -56.57
C GLY E 157 12.30 22.25 -55.30
N GLY E 158 13.62 22.19 -55.11
CA GLY E 158 14.22 21.57 -53.94
C GLY E 158 14.19 20.05 -53.93
N ALA E 159 14.82 19.50 -52.90
CA ALA E 159 14.79 18.07 -52.59
C ALA E 159 15.07 17.92 -51.09
N LEU E 160 14.10 17.42 -50.34
CA LEU E 160 14.24 17.30 -48.89
C LEU E 160 14.90 15.99 -48.53
N THR E 161 14.22 14.89 -48.85
CA THR E 161 14.61 13.56 -48.40
C THR E 161 15.49 12.80 -49.40
N ILE E 162 16.08 13.50 -50.37
CA ILE E 162 16.75 12.82 -51.47
C ILE E 162 17.85 13.67 -52.11
N HIS E 163 18.66 13.06 -52.96
CA HIS E 163 19.69 13.80 -53.70
C HIS E 163 19.06 14.80 -54.68
N GLY E 164 19.65 15.99 -54.74
CA GLY E 164 19.31 16.97 -55.76
C GLY E 164 19.76 16.52 -57.14
N ASN E 165 19.46 17.33 -58.16
CA ASN E 165 19.85 17.01 -59.55
C ASN E 165 21.02 17.83 -60.10
N VAL E 166 21.30 19.01 -59.54
CA VAL E 166 22.46 19.81 -59.96
C VAL E 166 23.73 19.23 -59.36
N ASN E 167 23.70 19.06 -58.04
CA ASN E 167 24.74 18.33 -57.30
C ASN E 167 24.01 17.33 -56.40
N ALA E 168 24.73 16.70 -55.46
CA ALA E 168 24.09 15.75 -54.54
C ALA E 168 23.10 16.36 -53.53
N TRP E 169 23.13 17.69 -53.34
CA TRP E 169 22.33 18.35 -52.31
C TRP E 169 21.44 19.54 -52.75
N THR E 170 21.48 19.93 -54.03
CA THR E 170 20.68 21.07 -54.52
C THR E 170 19.91 20.72 -55.80
N GLU E 171 18.74 21.34 -55.95
CA GLU E 171 17.91 21.17 -57.14
C GLU E 171 17.93 22.46 -57.97
N ALA E 172 17.79 22.32 -59.29
CA ALA E 172 17.93 23.41 -60.28
C ALA E 172 17.33 24.78 -59.90
N ASN E 173 16.01 24.83 -59.77
CA ASN E 173 15.29 26.09 -59.47
C ASN E 173 15.79 26.76 -58.15
N ILE E 174 16.15 25.96 -57.16
CA ILE E 174 16.73 26.46 -55.92
C ILE E 174 18.19 26.85 -56.14
N SER E 175 18.91 26.03 -56.90
CA SER E 175 20.32 26.27 -57.22
C SER E 175 20.58 27.63 -57.83
N GLN E 176 19.69 28.07 -58.73
CA GLN E 176 19.87 29.31 -59.49
C GLN E 176 19.80 30.55 -58.60
N ASP E 177 18.93 30.50 -57.58
CA ASP E 177 18.89 31.52 -56.53
C ASP E 177 18.48 30.91 -55.20
N PRO E 178 19.48 30.47 -54.41
CA PRO E 178 19.24 29.93 -53.08
C PRO E 178 18.77 30.98 -52.07
N ASP E 179 19.37 32.17 -52.13
CA ASP E 179 19.11 33.20 -51.13
C ASP E 179 17.67 33.64 -51.17
N ALA E 180 17.12 33.73 -52.38
CA ALA E 180 15.72 34.04 -52.60
C ALA E 180 14.81 32.95 -52.03
N ALA E 181 15.12 31.70 -52.38
CA ALA E 181 14.40 30.54 -51.87
C ALA E 181 14.37 30.51 -50.34
N ASP E 182 15.50 30.85 -49.72
CA ASP E 182 15.58 30.93 -48.25
C ASP E 182 14.57 31.96 -47.72
N ILE E 183 14.59 33.15 -48.32
CA ILE E 183 13.71 34.25 -47.92
C ILE E 183 12.24 33.81 -47.98
N LEU E 184 11.87 33.13 -49.07
CA LEU E 184 10.51 32.60 -49.23
C LEU E 184 10.13 31.60 -48.14
N PHE E 185 10.99 30.61 -47.93
CA PHE E 185 10.70 29.52 -46.98
C PHE E 185 10.55 30.07 -45.57
N ARG E 186 11.50 30.91 -45.18
CA ARG E 186 11.50 31.59 -43.89
C ARG E 186 10.38 32.62 -43.71
N SER E 187 9.94 33.23 -44.81
CA SER E 187 8.86 34.25 -44.79
C SER E 187 7.67 33.91 -43.89
N GLY E 188 7.28 32.63 -43.88
CA GLY E 188 6.12 32.18 -43.13
C GLY E 188 4.87 32.17 -43.99
N ALA E 189 5.02 32.42 -45.29
CA ALA E 189 3.91 32.32 -46.23
C ALA E 189 3.50 30.86 -46.33
N PRO E 190 2.23 30.60 -46.66
CA PRO E 190 1.74 29.22 -46.76
C PRO E 190 2.23 28.51 -48.03
N VAL E 191 3.50 28.12 -47.99
CA VAL E 191 4.17 27.46 -49.12
C VAL E 191 3.93 25.95 -49.07
N THR E 192 3.93 25.32 -50.24
CA THR E 192 3.94 23.87 -50.38
C THR E 192 5.04 23.54 -51.37
N MET E 193 6.14 22.98 -50.88
CA MET E 193 7.25 22.59 -51.75
C MET E 193 6.95 21.26 -52.42
N ILE E 194 7.04 21.23 -53.75
CA ILE E 194 6.93 19.98 -54.50
C ILE E 194 8.27 19.73 -55.17
N GLY E 195 9.12 19.00 -54.46
CA GLY E 195 10.50 18.76 -54.87
C GLY E 195 10.69 17.41 -55.52
N LEU E 196 11.96 17.07 -55.74
CA LEU E 196 12.35 15.88 -56.49
C LEU E 196 11.84 14.60 -55.84
N ASP E 197 11.88 14.56 -54.51
CA ASP E 197 11.30 13.45 -53.72
C ASP E 197 9.90 12.99 -54.15
N VAL E 198 9.15 13.90 -54.77
CA VAL E 198 7.86 13.58 -55.38
C VAL E 198 7.88 13.60 -56.92
N THR E 199 8.58 14.57 -57.54
CA THR E 199 8.53 14.71 -59.01
C THR E 199 9.27 13.63 -59.79
N LEU E 200 10.29 13.02 -59.17
CA LEU E 200 11.02 11.92 -59.79
C LEU E 200 10.26 10.60 -59.77
N GLN E 201 9.16 10.53 -59.02
CA GLN E 201 8.20 9.43 -59.13
C GLN E 201 7.28 9.56 -60.36
N THR E 202 7.08 10.78 -60.83
CA THR E 202 6.30 11.04 -62.06
C THR E 202 7.09 10.69 -63.31
N LEU E 203 6.36 10.27 -64.34
CA LEU E 203 6.96 9.78 -65.58
C LEU E 203 5.97 9.87 -66.76
N LEU E 204 6.48 10.25 -67.93
CA LEU E 204 5.78 9.93 -69.19
C LEU E 204 6.76 9.64 -70.33
N THR E 205 6.33 8.76 -71.23
CA THR E 205 7.15 8.21 -72.31
C THR E 205 6.48 8.57 -73.64
N TYR E 206 7.02 8.05 -74.74
CA TYR E 206 6.42 8.25 -76.08
C TYR E 206 5.01 7.66 -76.22
N LYS E 207 4.68 6.65 -75.41
CA LYS E 207 3.30 6.11 -75.33
C LYS E 207 2.27 7.23 -75.12
N GLU E 208 2.63 8.22 -74.29
CA GLU E 208 1.75 9.35 -73.95
C GLU E 208 1.78 10.47 -75.00
N THR E 209 2.95 10.75 -75.59
CA THR E 209 3.07 11.83 -76.57
C THR E 209 2.49 11.45 -77.94
N LYS E 210 2.51 10.15 -78.26
CA LYS E 210 1.84 9.63 -79.47
C LYS E 210 0.31 9.85 -79.43
N GLN E 211 -0.28 9.90 -78.22
CA GLN E 211 -1.71 10.22 -78.05
C GLN E 211 -2.04 11.66 -78.42
N TRP E 212 -1.12 12.58 -78.12
CA TRP E 212 -1.26 13.98 -78.51
C TRP E 212 -1.16 14.19 -80.03
N ARG E 213 -0.30 13.42 -80.69
CA ARG E 213 -0.20 13.42 -82.15
C ARG E 213 -1.49 12.95 -82.82
N ASP E 214 -2.17 11.97 -82.21
CA ASP E 214 -3.44 11.43 -82.72
C ASP E 214 -4.59 12.45 -82.79
N LEU E 215 -4.50 13.52 -81.99
CA LEU E 215 -5.51 14.59 -82.00
C LEU E 215 -5.44 15.49 -83.25
N ASN E 216 -4.29 15.47 -83.94
CA ASN E 216 -4.10 16.13 -85.25
C ASN E 216 -4.18 17.67 -85.24
N THR E 217 -4.01 18.28 -84.07
CA THR E 217 -4.14 19.74 -83.92
C THR E 217 -2.79 20.44 -83.99
N LYS E 218 -2.84 21.77 -84.13
CA LYS E 218 -1.63 22.61 -84.05
C LYS E 218 -0.97 22.40 -82.68
N ALA E 219 -1.77 22.45 -81.62
CA ALA E 219 -1.30 22.29 -80.24
C ALA E 219 -0.82 20.86 -79.93
N GLY E 220 -1.59 19.86 -80.35
CA GLY E 220 -1.24 18.45 -80.14
C GLY E 220 0.11 18.07 -80.72
N LYS E 221 0.35 18.47 -81.97
CA LYS E 221 1.63 18.24 -82.65
C LYS E 221 2.78 18.99 -81.98
N PHE E 222 2.52 20.21 -81.50
CA PHE E 222 3.54 21.01 -80.80
C PHE E 222 4.02 20.35 -79.51
N LEU E 223 3.08 20.07 -78.60
CA LEU E 223 3.40 19.47 -77.30
C LEU E 223 4.08 18.11 -77.44
N ALA E 224 3.70 17.34 -78.45
CA ALA E 224 4.33 16.06 -78.75
C ALA E 224 5.78 16.24 -79.22
N ASP E 225 5.97 17.04 -80.26
CA ASP E 225 7.32 17.39 -80.78
C ASP E 225 8.24 17.93 -79.68
N MET E 226 7.68 18.77 -78.82
CA MET E 226 8.41 19.45 -77.76
C MET E 226 8.93 18.47 -76.70
N THR E 227 8.01 17.71 -76.11
CA THR E 227 8.35 16.77 -75.04
C THR E 227 9.17 15.56 -75.54
N ASP E 228 9.11 15.27 -76.83
CA ASP E 228 9.97 14.22 -77.43
C ASP E 228 11.44 14.66 -77.51
N PHE E 229 11.71 15.95 -77.69
CA PHE E 229 13.07 16.49 -77.53
C PHE E 229 13.54 16.34 -76.08
N TYR E 230 12.62 16.65 -75.17
CA TYR E 230 12.84 16.55 -73.72
C TYR E 230 13.10 15.11 -73.26
N ILE E 231 12.42 14.14 -73.87
CA ILE E 231 12.64 12.71 -73.55
C ILE E 231 13.98 12.21 -74.11
N LYS E 232 14.30 12.57 -75.37
CA LYS E 232 15.58 12.18 -75.99
C LYS E 232 16.81 12.78 -75.31
N ALA E 233 16.62 13.95 -74.70
CA ALA E 233 17.63 14.51 -73.80
C ALA E 233 17.74 13.68 -72.51
N TYR E 234 16.59 13.34 -71.92
CA TYR E 234 16.54 12.45 -70.74
C TYR E 234 17.09 11.05 -71.01
N GLU E 235 16.94 10.56 -72.25
CA GLU E 235 17.57 9.28 -72.66
C GLU E 235 19.09 9.24 -72.43
N THR E 236 19.78 10.40 -72.55
CA THR E 236 21.22 10.48 -72.27
C THR E 236 21.53 10.99 -70.84
N THR E 237 20.82 12.01 -70.36
CA THR E 237 21.06 12.56 -69.00
C THR E 237 20.56 11.67 -67.86
N ALA E 238 19.59 10.81 -68.14
CA ALA E 238 19.03 9.90 -67.13
C ALA E 238 18.30 8.71 -67.78
N PRO E 239 19.05 7.76 -68.38
CA PRO E 239 18.44 6.54 -68.96
C PRO E 239 17.83 5.57 -67.94
N HIS E 240 18.12 5.77 -66.65
CA HIS E 240 17.48 5.00 -65.56
C HIS E 240 15.95 5.24 -65.38
N LEU E 241 15.39 6.27 -66.05
CA LEU E 241 13.94 6.54 -66.03
C LEU E 241 13.19 6.10 -67.31
N GLY E 242 13.84 6.22 -68.49
CA GLY E 242 13.25 5.78 -69.77
C GLY E 242 12.49 6.84 -70.56
N GLY E 243 11.73 7.68 -69.83
CA GLY E 243 11.03 8.83 -70.40
C GLY E 243 11.50 10.11 -69.71
N CYS E 244 10.56 10.95 -69.28
CA CYS E 244 10.88 12.25 -68.66
C CYS E 244 10.06 12.51 -67.40
N GLY E 245 10.60 13.37 -66.54
CA GLY E 245 9.94 13.78 -65.31
C GLY E 245 8.87 14.82 -65.56
N LEU E 246 7.79 14.76 -64.78
CA LEU E 246 6.72 15.76 -64.85
C LEU E 246 6.84 16.68 -63.64
N HIS E 247 7.84 17.54 -63.69
CA HIS E 247 8.24 18.33 -62.52
C HIS E 247 7.27 19.48 -62.27
N ASP E 248 7.26 20.44 -63.18
CA ASP E 248 6.53 21.69 -63.02
C ASP E 248 5.00 21.53 -63.08
N PRO E 249 4.48 20.62 -63.93
CA PRO E 249 3.03 20.40 -63.96
C PRO E 249 2.45 19.93 -62.64
N LEU E 250 3.19 19.10 -61.93
CA LEU E 250 2.72 18.53 -60.67
C LEU E 250 2.47 19.61 -59.63
N ALA E 251 3.29 20.66 -59.62
CA ALA E 251 3.06 21.80 -58.75
C ALA E 251 1.68 22.43 -59.00
N VAL E 252 1.32 22.57 -60.28
CA VAL E 252 0.02 23.10 -60.66
C VAL E 252 -1.10 22.14 -60.26
N ALA E 253 -0.88 20.85 -60.51
CA ALA E 253 -1.85 19.81 -60.14
C ALA E 253 -2.19 19.81 -58.65
N VAL E 254 -1.17 20.06 -57.82
CA VAL E 254 -1.34 20.13 -56.37
C VAL E 254 -1.97 21.45 -55.92
N ALA E 255 -1.71 22.51 -56.70
CA ALA E 255 -2.39 23.79 -56.49
C ALA E 255 -3.90 23.64 -56.66
N VAL E 256 -4.33 22.92 -57.70
CA VAL E 256 -5.76 22.69 -57.94
C VAL E 256 -6.33 21.64 -56.98
N ASP E 257 -5.58 20.57 -56.77
CA ASP E 257 -6.02 19.44 -55.96
C ASP E 257 -4.90 19.00 -55.00
N PRO E 258 -4.88 19.55 -53.77
CA PRO E 258 -3.81 19.18 -52.83
C PRO E 258 -3.82 17.72 -52.34
N THR E 259 -4.89 16.97 -52.60
CA THR E 259 -4.95 15.55 -52.26
C THR E 259 -4.12 14.64 -53.17
N LEU E 260 -3.59 15.16 -54.28
CA LEU E 260 -2.65 14.39 -55.12
C LEU E 260 -1.33 14.05 -54.43
N VAL E 261 -1.01 14.78 -53.36
CA VAL E 261 0.27 14.68 -52.68
C VAL E 261 0.06 14.44 -51.18
N THR E 262 1.03 13.77 -50.54
CA THR E 262 1.08 13.62 -49.09
C THR E 262 2.24 14.45 -48.56
N THR E 263 1.95 15.45 -47.75
CA THR E 263 2.95 16.41 -47.30
C THR E 263 3.40 16.13 -45.88
N LEU E 264 4.55 16.70 -45.53
CA LEU E 264 5.14 16.61 -44.21
C LEU E 264 5.19 18.02 -43.64
N PRO E 265 4.33 18.36 -42.66
CA PRO E 265 4.41 19.67 -42.02
C PRO E 265 5.78 19.92 -41.41
N ILE E 266 6.45 20.99 -41.83
CA ILE E 266 7.84 21.22 -41.45
C ILE E 266 8.28 22.67 -41.71
N ASN E 267 8.76 23.35 -40.66
CA ASN E 267 9.38 24.65 -40.82
C ASN E 267 10.73 24.48 -41.52
N MET E 268 10.91 25.16 -42.65
CA MET E 268 12.02 24.94 -43.57
C MET E 268 12.94 26.13 -43.72
N GLN E 269 14.08 25.87 -44.35
CA GLN E 269 15.05 26.89 -44.73
C GLN E 269 15.77 26.42 -45.99
N VAL E 270 16.62 27.29 -46.53
CA VAL E 270 17.56 26.89 -47.57
C VAL E 270 18.94 27.29 -47.10
N ASP E 271 19.89 26.39 -47.31
CA ASP E 271 21.26 26.60 -46.86
C ASP E 271 21.91 27.63 -47.78
N VAL E 272 22.50 28.64 -47.15
CA VAL E 272 23.14 29.75 -47.85
C VAL E 272 24.67 29.75 -47.67
N GLU E 273 25.15 29.51 -46.44
CA GLU E 273 26.57 29.75 -46.09
C GLU E 273 27.51 28.57 -46.39
N GLY E 274 27.12 27.37 -45.98
CA GLY E 274 28.02 26.22 -45.95
C GLY E 274 28.38 25.62 -47.30
N PRO E 275 29.11 24.49 -47.29
CA PRO E 275 29.34 23.73 -48.53
C PRO E 275 28.10 22.94 -48.97
N THR E 276 27.03 22.99 -48.17
CA THR E 276 25.70 22.55 -48.59
C THR E 276 24.82 23.69 -49.14
N ARG E 277 25.42 24.80 -49.59
CA ARG E 277 24.66 25.94 -50.13
C ARG E 277 23.71 25.48 -51.25
N GLY E 278 22.43 25.86 -51.10
CA GLY E 278 21.37 25.51 -52.06
C GLY E 278 20.52 24.30 -51.71
N ARG E 279 20.76 23.73 -50.52
CA ARG E 279 20.03 22.57 -50.03
C ARG E 279 18.76 23.02 -49.34
N THR E 280 17.67 22.32 -49.61
CA THR E 280 16.41 22.52 -48.92
C THR E 280 16.39 21.59 -47.71
N ILE E 281 16.19 22.15 -46.53
CA ILE E 281 16.31 21.39 -45.29
C ILE E 281 15.54 22.06 -44.16
N GLY E 282 15.07 21.27 -43.19
CA GLY E 282 14.36 21.81 -42.04
C GLY E 282 15.23 22.67 -41.15
N ASP E 283 14.64 23.76 -40.65
CA ASP E 283 15.32 24.62 -39.69
C ASP E 283 15.11 24.02 -38.32
N VAL E 284 16.23 23.76 -37.63
CA VAL E 284 16.20 23.12 -36.31
C VAL E 284 15.55 24.06 -35.31
N THR E 285 15.93 25.35 -35.40
CA THR E 285 15.37 26.42 -34.57
C THR E 285 13.86 26.35 -34.44
N ARG E 286 13.18 26.08 -35.55
CA ARG E 286 11.72 26.01 -35.58
C ARG E 286 11.20 24.57 -35.67
N LEU E 287 11.94 23.60 -35.12
CA LEU E 287 11.48 22.21 -35.07
C LEU E 287 10.45 22.03 -33.98
N ASN E 288 10.76 22.55 -32.80
CA ASN E 288 9.87 22.45 -31.62
C ASN E 288 8.71 23.44 -31.64
N ASP E 289 8.78 24.45 -32.52
CA ASP E 289 7.63 25.32 -32.80
C ASP E 289 6.53 24.46 -33.46
N PRO E 290 5.37 24.28 -32.78
CA PRO E 290 4.32 23.41 -33.35
C PRO E 290 3.66 23.97 -34.62
N VAL E 291 3.67 25.28 -34.79
CA VAL E 291 3.09 25.92 -35.97
C VAL E 291 4.05 25.75 -37.15
N LYS E 292 3.63 24.94 -38.12
CA LYS E 292 4.44 24.64 -39.30
C LYS E 292 4.06 25.56 -40.48
N THR E 293 5.01 26.40 -40.91
CA THR E 293 4.77 27.43 -41.92
C THR E 293 4.53 26.86 -43.32
N MET E 294 5.31 25.85 -43.71
CA MET E 294 5.17 25.21 -45.03
C MET E 294 5.20 23.69 -44.94
N GLN E 295 4.89 23.03 -46.05
CA GLN E 295 4.73 21.58 -46.11
C GLN E 295 5.46 21.03 -47.32
N VAL E 296 6.30 20.01 -47.11
CA VAL E 296 7.07 19.40 -48.20
C VAL E 296 6.41 18.10 -48.63
N ALA E 297 6.31 17.91 -49.93
CA ALA E 297 5.67 16.76 -50.51
C ALA E 297 6.62 15.61 -50.45
N VAL E 298 6.14 14.47 -49.94
CA VAL E 298 6.94 13.25 -49.83
C VAL E 298 6.34 12.04 -50.55
N GLY E 299 5.00 11.94 -50.53
CA GLY E 299 4.28 10.92 -51.30
C GLY E 299 3.39 11.56 -52.36
N VAL E 300 3.01 10.76 -53.35
CA VAL E 300 2.23 11.25 -54.49
C VAL E 300 1.45 10.11 -55.17
N ASP E 301 0.23 10.42 -55.61
CA ASP E 301 -0.63 9.48 -56.33
C ASP E 301 -0.29 9.54 -57.82
N VAL E 302 0.76 8.82 -58.23
CA VAL E 302 1.33 8.95 -59.58
C VAL E 302 0.37 8.57 -60.71
N PRO E 303 -0.34 7.43 -60.59
CA PRO E 303 -1.27 7.03 -61.66
C PRO E 303 -2.49 7.96 -61.82
N ARG E 304 -2.96 8.53 -60.72
CA ARG E 304 -4.07 9.49 -60.76
C ARG E 304 -3.61 10.83 -61.32
N PHE E 305 -2.44 11.29 -60.91
CA PHE E 305 -1.82 12.49 -61.48
C PHE E 305 -1.60 12.35 -62.99
N LEU E 306 -1.03 11.21 -63.40
CA LEU E 306 -0.81 10.93 -64.82
C LEU E 306 -2.12 10.92 -65.63
N ASN E 307 -3.20 10.42 -65.04
CA ASN E 307 -4.52 10.44 -65.68
C ASN E 307 -5.12 11.85 -65.72
N GLU E 308 -5.02 12.58 -64.61
CA GLU E 308 -5.46 13.98 -64.52
C GLU E 308 -4.71 14.84 -65.54
N PHE E 309 -3.40 14.64 -65.63
CA PHE E 309 -2.50 15.32 -66.56
C PHE E 309 -2.90 15.13 -68.03
N MET E 310 -3.08 13.88 -68.44
CA MET E 310 -3.43 13.58 -69.84
C MET E 310 -4.85 14.00 -70.21
N THR E 311 -5.80 13.81 -69.28
CA THR E 311 -7.19 14.24 -69.49
C THR E 311 -7.29 15.75 -69.73
N ARG E 312 -6.64 16.53 -68.87
CA ARG E 312 -6.66 17.99 -68.98
C ARG E 312 -5.97 18.52 -70.23
N ILE E 313 -4.77 18.00 -70.51
CA ILE E 313 -3.94 18.51 -71.61
C ILE E 313 -4.44 18.01 -72.98
N SER E 314 -4.83 16.74 -73.07
CA SER E 314 -5.44 16.22 -74.31
C SER E 314 -6.78 16.92 -74.65
N GLY E 315 -7.53 17.28 -73.61
CA GLY E 315 -8.75 18.09 -73.77
C GLY E 315 -8.48 19.49 -74.30
N LEU E 316 -7.41 20.11 -73.82
CA LEU E 316 -6.99 21.44 -74.28
C LEU E 316 -6.42 21.42 -75.69
N ALA E 317 -5.59 20.41 -75.98
CA ALA E 317 -5.00 20.23 -77.31
C ALA E 317 -6.06 19.99 -78.41
N LYS E 318 -7.17 19.34 -78.05
CA LYS E 318 -8.32 19.15 -78.95
C LYS E 318 -8.98 20.49 -79.32
N ILE E 319 -9.00 21.43 -78.38
CA ILE E 319 -9.61 22.77 -78.59
C ILE E 319 -8.85 23.67 -79.59
N ALA E 320 -7.53 23.57 -79.68
CA ALA E 320 -6.75 24.33 -80.67
C ALA E 320 -6.56 23.54 -81.97
N LYS F 5 58.07 -36.38 -49.56
CA LYS F 5 58.51 -34.96 -49.84
C LYS F 5 59.17 -34.39 -48.61
N LYS F 6 60.25 -33.62 -48.81
CA LYS F 6 61.15 -33.23 -47.71
C LYS F 6 61.56 -31.75 -47.76
N LEU F 7 61.58 -31.13 -46.57
CA LEU F 7 61.61 -29.67 -46.43
C LEU F 7 62.87 -29.17 -45.73
N ILE F 8 63.44 -28.09 -46.25
CA ILE F 8 64.48 -27.32 -45.54
C ILE F 8 64.00 -25.88 -45.43
N LEU F 9 63.98 -25.34 -44.21
CA LEU F 9 63.77 -23.91 -44.00
C LEU F 9 65.12 -23.20 -43.88
N ASP F 10 65.18 -21.96 -44.35
CA ASP F 10 66.39 -21.11 -44.27
C ASP F 10 65.95 -19.84 -43.56
N LEU F 11 66.26 -19.72 -42.28
CA LEU F 11 65.57 -18.79 -41.37
C LEU F 11 66.46 -17.80 -40.61
N ASP F 12 66.01 -16.55 -40.57
CA ASP F 12 66.56 -15.52 -39.70
C ASP F 12 65.65 -15.40 -38.47
N THR F 13 65.72 -16.42 -37.61
CA THR F 13 64.69 -16.67 -36.60
C THR F 13 64.73 -15.71 -35.40
N GLY F 14 63.80 -14.74 -35.25
CA GLY F 14 62.72 -14.40 -36.18
C GLY F 14 61.35 -14.83 -35.67
N VAL F 15 60.42 -13.88 -35.57
CA VAL F 15 59.08 -14.14 -35.00
C VAL F 15 58.20 -14.90 -35.98
N ASP F 16 58.00 -14.30 -37.15
CA ASP F 16 57.28 -14.98 -38.24
C ASP F 16 58.03 -16.23 -38.69
N ASP F 17 59.36 -16.23 -38.56
CA ASP F 17 60.17 -17.39 -38.88
C ASP F 17 59.85 -18.61 -38.00
N THR F 18 59.54 -18.42 -36.72
CA THR F 18 59.14 -19.56 -35.88
C THR F 18 57.72 -20.02 -36.17
N LEU F 19 56.88 -19.10 -36.64
CA LEU F 19 55.54 -19.45 -37.10
C LEU F 19 55.65 -20.33 -38.35
N ALA F 20 56.68 -20.10 -39.16
CA ALA F 20 57.01 -20.99 -40.29
C ALA F 20 57.46 -22.36 -39.83
N ILE F 21 58.28 -22.40 -38.79
CA ILE F 21 58.69 -23.67 -38.17
C ILE F 21 57.45 -24.39 -37.64
N SER F 22 56.61 -23.66 -36.90
CA SER F 22 55.39 -24.22 -36.32
C SER F 22 54.43 -24.79 -37.36
N TYR F 23 54.23 -24.06 -38.47
CA TYR F 23 53.40 -24.54 -39.60
C TYR F 23 54.02 -25.79 -40.22
N ALA F 24 55.35 -25.78 -40.36
CA ALA F 24 56.07 -26.91 -40.96
C ALA F 24 55.92 -28.16 -40.12
N LEU F 25 56.23 -28.05 -38.83
CA LEU F 25 56.10 -29.20 -37.91
C LEU F 25 54.65 -29.62 -37.66
N GLY F 26 53.71 -28.70 -37.85
CA GLY F 26 52.28 -29.01 -37.82
C GLY F 26 51.71 -29.62 -39.09
N SER F 27 52.54 -29.71 -40.13
CA SER F 27 52.12 -30.19 -41.44
C SER F 27 52.70 -31.58 -41.75
N PRO F 28 51.82 -32.61 -41.83
CA PRO F 28 52.31 -33.98 -42.07
C PRO F 28 52.76 -34.32 -43.50
N GLU F 29 52.57 -33.41 -44.45
CA GLU F 29 52.92 -33.69 -45.86
C GLU F 29 54.43 -33.60 -46.12
N MET F 30 55.16 -32.91 -45.24
CA MET F 30 56.59 -32.71 -45.38
C MET F 30 57.30 -33.25 -44.14
N GLU F 31 58.50 -33.80 -44.36
CA GLU F 31 59.44 -34.05 -43.27
C GLU F 31 60.43 -32.89 -43.27
N LEU F 32 60.44 -32.11 -42.19
CA LEU F 32 61.41 -31.03 -42.03
C LEU F 32 62.78 -31.65 -41.72
N ILE F 33 63.68 -31.64 -42.71
CA ILE F 33 65.00 -32.26 -42.57
C ILE F 33 65.89 -31.40 -41.69
N GLY F 34 65.95 -30.11 -41.99
CA GLY F 34 66.79 -29.19 -41.22
C GLY F 34 66.39 -27.74 -41.37
N ILE F 35 66.90 -26.91 -40.45
CA ILE F 35 66.72 -25.48 -40.48
C ILE F 35 68.08 -24.86 -40.74
N THR F 36 68.28 -24.37 -41.95
CA THR F 36 69.45 -23.56 -42.27
C THR F 36 69.29 -22.17 -41.62
N GLY F 37 70.35 -21.68 -40.98
CA GLY F 37 70.31 -20.38 -40.26
C GLY F 37 70.91 -19.27 -41.07
N THR F 38 70.26 -18.11 -41.07
CA THR F 38 70.78 -16.91 -41.74
C THR F 38 70.50 -15.70 -40.84
N TYR F 39 70.66 -14.49 -41.38
CA TYR F 39 70.75 -13.25 -40.60
C TYR F 39 69.69 -12.26 -41.07
N GLY F 40 69.46 -11.20 -40.29
CA GLY F 40 68.55 -10.13 -40.67
C GLY F 40 67.71 -9.64 -39.52
N ASN F 41 66.63 -10.38 -39.23
CA ASN F 41 65.79 -10.12 -38.06
C ASN F 41 66.65 -10.12 -36.79
N VAL F 42 67.62 -11.04 -36.77
CA VAL F 42 68.56 -11.14 -35.69
C VAL F 42 69.91 -11.67 -36.22
N LEU F 43 70.99 -11.44 -35.48
CA LEU F 43 72.33 -11.96 -35.80
C LEU F 43 72.30 -13.46 -36.11
N MET F 44 73.14 -13.90 -37.05
CA MET F 44 73.07 -15.26 -37.59
C MET F 44 73.08 -16.34 -36.51
N GLU F 45 74.00 -16.20 -35.55
CA GLU F 45 74.14 -17.12 -34.41
C GLU F 45 72.87 -17.18 -33.57
N GLN F 46 72.34 -16.01 -33.20
CA GLN F 46 71.05 -15.92 -32.50
C GLN F 46 69.93 -16.67 -33.23
N GLY F 47 69.94 -16.60 -34.56
CA GLY F 47 69.03 -17.39 -35.42
C GLY F 47 69.09 -18.88 -35.14
N VAL F 48 70.31 -19.38 -34.94
CA VAL F 48 70.54 -20.79 -34.63
C VAL F 48 70.11 -21.13 -33.20
N ARG F 49 70.48 -20.30 -32.22
CA ARG F 49 70.07 -20.53 -30.80
C ARG F 49 68.56 -20.66 -30.67
N ASN F 50 67.84 -19.79 -31.38
CA ASN F 50 66.39 -19.74 -31.34
C ASN F 50 65.82 -20.98 -32.03
N ALA F 51 66.33 -21.27 -33.21
CA ALA F 51 65.91 -22.45 -34.00
C ALA F 51 65.99 -23.74 -33.18
N LEU F 52 67.14 -23.96 -32.54
CA LEU F 52 67.35 -25.15 -31.71
C LEU F 52 66.38 -25.16 -30.53
N ALA F 53 66.35 -24.07 -29.78
CA ALA F 53 65.48 -23.93 -28.60
C ALA F 53 63.99 -24.11 -28.89
N ILE F 54 63.56 -23.60 -30.04
CA ILE F 54 62.14 -23.62 -30.42
C ILE F 54 61.73 -24.99 -30.96
N THR F 55 62.57 -25.58 -31.82
CA THR F 55 62.32 -26.94 -32.32
C THR F 55 62.20 -27.94 -31.17
N ASP F 56 63.06 -27.79 -30.16
CA ASP F 56 62.94 -28.53 -28.89
C ASP F 56 61.58 -28.31 -28.24
N LEU F 57 61.23 -27.04 -28.01
CA LEU F 57 60.00 -26.68 -27.28
C LEU F 57 58.71 -27.25 -27.90
N LEU F 58 58.66 -27.30 -29.23
CA LEU F 58 57.47 -27.80 -29.95
C LEU F 58 57.36 -29.34 -29.97
N GLY F 59 58.44 -30.01 -29.56
CA GLY F 59 58.49 -31.46 -29.42
C GLY F 59 59.20 -32.17 -30.56
N HIS F 60 60.11 -31.45 -31.24
CA HIS F 60 60.83 -32.00 -32.39
C HIS F 60 62.32 -31.64 -32.32
N PRO F 61 63.06 -32.28 -31.40
CA PRO F 61 64.50 -32.04 -31.33
C PRO F 61 65.33 -32.83 -32.34
N GLU F 62 64.68 -33.57 -33.25
CA GLU F 62 65.37 -34.21 -34.38
C GLU F 62 65.77 -33.23 -35.49
N VAL F 63 65.19 -32.02 -35.45
CA VAL F 63 65.45 -31.03 -36.48
C VAL F 63 66.87 -30.49 -36.32
N LYS F 64 67.71 -30.84 -37.31
CA LYS F 64 69.13 -30.51 -37.25
C LYS F 64 69.33 -29.10 -37.81
N VAL F 65 69.91 -28.22 -37.00
CA VAL F 65 70.10 -26.82 -37.37
C VAL F 65 71.52 -26.61 -37.90
N TYR F 66 71.62 -26.17 -39.17
CA TYR F 66 72.91 -25.94 -39.82
C TYR F 66 73.25 -24.45 -39.79
N LYS F 67 74.50 -24.15 -40.13
CA LYS F 67 75.08 -22.83 -39.92
C LYS F 67 75.42 -22.20 -41.27
N GLY F 68 74.62 -21.24 -41.70
CA GLY F 68 74.87 -20.49 -42.95
C GLY F 68 75.81 -19.32 -42.73
N LEU F 69 75.73 -18.33 -43.63
CA LEU F 69 76.67 -17.21 -43.66
C LEU F 69 76.18 -16.03 -42.81
N SER F 70 77.12 -15.30 -42.19
CA SER F 70 76.83 -14.20 -41.25
C SER F 70 76.47 -12.88 -41.93
N HIS F 71 77.19 -12.55 -43.00
CA HIS F 71 77.05 -11.26 -43.71
C HIS F 71 76.62 -11.47 -45.16
N ALA F 72 76.27 -10.38 -45.83
CA ALA F 72 75.78 -10.40 -47.21
C ALA F 72 76.86 -10.74 -48.24
N SER F 73 76.42 -11.35 -49.34
CA SER F 73 77.20 -11.56 -50.58
C SER F 73 78.29 -10.51 -50.83
N THR F 74 77.92 -9.23 -50.74
CA THR F 74 78.82 -8.11 -51.07
C THR F 74 79.13 -7.17 -49.89
N LYS F 75 79.03 -7.67 -48.66
CA LYS F 75 79.39 -6.91 -47.45
C LYS F 75 80.39 -7.67 -46.60
N ASP F 76 81.13 -6.95 -45.77
CA ASP F 76 82.13 -7.54 -44.86
C ASP F 76 81.50 -8.02 -43.55
N SER F 77 80.55 -7.24 -43.02
CA SER F 77 79.95 -7.50 -41.71
C SER F 77 78.42 -7.43 -41.76
N PHE F 78 77.80 -7.53 -40.58
CA PHE F 78 76.36 -7.31 -40.44
C PHE F 78 75.98 -6.96 -38.99
N GLU F 79 75.17 -5.92 -38.83
CA GLU F 79 74.56 -5.56 -37.55
C GLU F 79 73.05 -5.63 -37.72
N VAL F 80 72.34 -5.94 -36.64
CA VAL F 80 70.87 -5.91 -36.64
C VAL F 80 70.44 -4.44 -36.65
N LEU F 81 69.56 -4.09 -37.59
CA LEU F 81 69.02 -2.72 -37.66
C LEU F 81 68.06 -2.51 -36.48
N PRO F 82 67.99 -1.27 -35.94
CA PRO F 82 67.13 -1.06 -34.75
C PRO F 82 65.63 -1.24 -35.03
N ILE F 83 65.22 -1.07 -36.30
CA ILE F 83 63.84 -1.29 -36.73
C ILE F 83 63.43 -2.75 -36.50
N SER F 84 64.26 -3.68 -36.98
CA SER F 84 64.02 -5.12 -36.80
C SER F 84 64.16 -5.57 -35.33
N ALA F 85 64.99 -4.88 -34.56
CA ALA F 85 65.09 -5.10 -33.11
C ALA F 85 63.83 -4.65 -32.37
N PHE F 86 63.13 -3.63 -32.88
CA PHE F 86 61.85 -3.19 -32.31
C PHE F 86 60.72 -4.19 -32.59
N ILE F 87 60.69 -4.72 -33.82
CA ILE F 87 59.65 -5.65 -34.25
C ILE F 87 59.80 -7.03 -33.60
N HIS F 88 60.93 -7.67 -33.89
CA HIS F 88 61.19 -9.05 -33.43
C HIS F 88 61.87 -9.13 -32.04
N GLY F 89 62.24 -7.97 -31.47
CA GLY F 89 62.89 -7.93 -30.16
C GLY F 89 64.40 -8.14 -30.22
N ASP F 90 65.03 -8.15 -29.05
CA ASP F 90 66.48 -8.26 -28.96
C ASP F 90 66.94 -9.69 -29.18
N ASN F 91 66.32 -10.62 -28.46
CA ASN F 91 66.53 -12.06 -28.68
C ASN F 91 66.00 -12.56 -30.05
N GLY F 92 65.08 -11.81 -30.68
CA GLY F 92 64.50 -12.17 -31.97
C GLY F 92 63.28 -13.07 -31.88
N ILE F 93 62.65 -13.10 -30.71
CA ILE F 93 61.59 -14.06 -30.38
C ILE F 93 60.52 -13.36 -29.51
N GLY F 94 60.16 -12.14 -29.87
CA GLY F 94 59.49 -11.22 -28.94
C GLY F 94 60.56 -10.81 -27.95
N ASP F 95 60.30 -10.94 -26.65
CA ASP F 95 61.37 -10.98 -25.67
C ASP F 95 61.05 -12.11 -24.72
N VAL F 96 60.61 -13.22 -25.30
CA VAL F 96 60.06 -14.34 -24.54
C VAL F 96 61.22 -15.21 -24.09
N GLU F 97 61.28 -15.45 -22.78
CA GLU F 97 62.35 -16.23 -22.17
C GLU F 97 62.05 -17.70 -22.38
N ILE F 98 63.03 -18.42 -22.92
CA ILE F 98 62.88 -19.82 -23.30
C ILE F 98 64.22 -20.52 -23.08
N PRO F 99 64.21 -21.73 -22.48
CA PRO F 99 65.49 -22.39 -22.21
C PRO F 99 66.31 -22.70 -23.48
N ASP F 100 67.61 -22.47 -23.41
CA ASP F 100 68.53 -22.84 -24.49
C ASP F 100 68.48 -24.33 -24.71
N SER F 101 68.54 -24.76 -25.97
CA SER F 101 68.67 -26.18 -26.27
C SER F 101 70.11 -26.60 -25.98
N PRO F 102 70.29 -27.75 -25.30
CA PRO F 102 71.64 -28.28 -25.12
C PRO F 102 72.23 -28.89 -26.41
N ARG F 103 71.38 -29.15 -27.41
CA ARG F 103 71.83 -29.54 -28.76
C ARG F 103 72.46 -28.26 -29.34
N LYS F 104 73.37 -28.48 -30.28
CA LYS F 104 74.11 -27.43 -30.95
C LYS F 104 74.13 -27.62 -32.46
N ALA F 105 74.65 -26.62 -33.18
CA ALA F 105 74.67 -26.64 -34.64
C ALA F 105 75.50 -27.78 -35.19
N GLU F 106 75.07 -28.35 -36.31
CA GLU F 106 75.81 -29.41 -36.99
C GLU F 106 77.16 -28.91 -37.49
N ASP F 107 78.06 -29.84 -37.76
CA ASP F 107 79.46 -29.51 -38.07
C ASP F 107 79.59 -28.83 -39.41
N GLU F 108 78.96 -29.40 -40.44
CA GLU F 108 79.05 -28.84 -41.79
C GLU F 108 78.26 -27.54 -41.97
N SER F 109 78.68 -26.75 -42.96
CA SER F 109 78.01 -25.50 -43.30
C SER F 109 76.66 -25.79 -43.96
N ALA F 110 75.76 -24.81 -43.87
CA ALA F 110 74.43 -24.94 -44.44
C ALA F 110 74.47 -24.87 -45.97
N VAL F 111 75.45 -24.16 -46.49
CA VAL F 111 75.75 -24.15 -47.92
C VAL F 111 75.87 -25.59 -48.43
N ASP F 112 76.73 -26.37 -47.77
CA ASP F 112 76.98 -27.78 -48.15
C ASP F 112 75.82 -28.72 -47.83
N PHE F 113 75.10 -28.44 -46.74
CA PHE F 113 73.91 -29.23 -46.38
C PHE F 113 72.84 -29.16 -47.46
N ILE F 114 72.63 -27.96 -48.00
CA ILE F 114 71.68 -27.76 -49.09
C ILE F 114 72.12 -28.55 -50.32
N ILE F 115 73.37 -28.36 -50.72
CA ILE F 115 73.92 -29.01 -51.92
C ILE F 115 73.80 -30.53 -51.79
N ASP F 116 74.19 -31.03 -50.62
CA ASP F 116 74.11 -32.46 -50.29
C ASP F 116 72.66 -32.95 -50.32
N SER F 117 71.76 -32.22 -49.67
CA SER F 117 70.32 -32.55 -49.62
C SER F 117 69.68 -32.59 -51.02
N VAL F 118 70.13 -31.70 -51.90
CA VAL F 118 69.66 -31.69 -53.29
C VAL F 118 70.06 -32.97 -54.01
N LYS F 119 71.31 -33.40 -53.83
CA LYS F 119 71.78 -34.64 -54.45
C LYS F 119 71.19 -35.90 -53.83
N LYS F 120 70.83 -35.85 -52.55
CA LYS F 120 70.17 -36.99 -51.89
C LYS F 120 68.72 -37.12 -52.32
N TYR F 121 67.93 -36.08 -52.07
CA TYR F 121 66.48 -36.14 -52.24
C TYR F 121 65.96 -35.59 -53.57
N GLY F 122 66.83 -34.97 -54.36
CA GLY F 122 66.49 -34.54 -55.73
C GLY F 122 65.20 -33.74 -55.84
N LYS F 123 64.23 -34.28 -56.58
CA LYS F 123 62.96 -33.61 -56.81
C LYS F 123 61.91 -33.79 -55.69
N ASP F 124 62.23 -34.58 -54.66
CA ASP F 124 61.42 -34.62 -53.45
C ASP F 124 61.78 -33.48 -52.48
N LEU F 125 62.92 -32.80 -52.70
CA LEU F 125 63.36 -31.70 -51.83
C LEU F 125 62.65 -30.38 -52.13
N VAL F 126 62.27 -29.68 -51.07
CA VAL F 126 61.63 -28.36 -51.16
C VAL F 126 62.36 -27.42 -50.21
N TYR F 127 62.98 -26.37 -50.75
CA TYR F 127 63.76 -25.42 -49.96
C TYR F 127 62.96 -24.12 -49.83
N VAL F 128 62.68 -23.69 -48.60
CA VAL F 128 61.74 -22.59 -48.33
C VAL F 128 62.45 -21.53 -47.48
N PRO F 129 63.19 -20.61 -48.13
CA PRO F 129 63.94 -19.58 -47.44
C PRO F 129 63.13 -18.35 -47.14
N THR F 130 62.96 -18.02 -45.85
CA THR F 130 62.26 -16.82 -45.44
C THR F 130 63.18 -15.87 -44.68
N GLY F 131 64.47 -15.93 -45.03
CA GLY F 131 65.44 -14.92 -44.70
C GLY F 131 66.09 -14.51 -46.00
N PRO F 132 67.17 -13.72 -45.93
CA PRO F 132 67.99 -13.42 -47.09
C PRO F 132 68.39 -14.65 -47.91
N MET F 133 68.56 -14.41 -49.20
CA MET F 133 68.88 -15.48 -50.15
C MET F 133 70.36 -15.83 -50.15
N THR F 134 71.17 -15.03 -49.44
CA THR F 134 72.62 -15.22 -49.26
C THR F 134 73.12 -16.65 -49.29
N ASN F 135 72.42 -17.53 -48.55
CA ASN F 135 72.81 -18.93 -48.45
C ASN F 135 72.68 -19.68 -49.78
N ILE F 136 71.47 -19.73 -50.34
CA ILE F 136 71.25 -20.45 -51.61
C ILE F 136 71.94 -19.80 -52.85
N ALA F 137 72.28 -18.52 -52.75
CA ALA F 137 73.15 -17.89 -53.76
C ALA F 137 74.54 -18.51 -53.77
N ALA F 138 75.12 -18.66 -52.58
CA ALA F 138 76.40 -19.35 -52.41
C ALA F 138 76.34 -20.83 -52.81
N ALA F 139 75.20 -21.47 -52.55
CA ALA F 139 74.97 -22.86 -52.96
C ALA F 139 74.93 -23.02 -54.47
N LEU F 140 74.12 -22.19 -55.12
CA LEU F 140 74.03 -22.15 -56.59
C LEU F 140 75.34 -21.71 -57.26
N LYS F 141 76.05 -20.79 -56.60
CA LYS F 141 77.40 -20.42 -57.00
C LYS F 141 78.32 -21.66 -57.01
N LYS F 142 78.49 -22.30 -55.85
CA LYS F 142 79.38 -23.47 -55.71
C LYS F 142 78.92 -24.67 -56.55
N ALA F 143 77.61 -24.93 -56.59
CA ALA F 143 77.06 -26.07 -57.33
C ALA F 143 75.83 -25.62 -58.16
N PRO F 144 76.07 -25.11 -59.39
CA PRO F 144 74.95 -24.66 -60.21
C PRO F 144 74.00 -25.76 -60.73
N GLU F 145 74.44 -27.02 -60.69
CA GLU F 145 73.58 -28.17 -61.06
C GLU F 145 72.24 -28.17 -60.32
N ILE F 146 72.27 -27.73 -59.07
CA ILE F 146 71.09 -27.63 -58.18
C ILE F 146 69.82 -27.22 -58.93
N LYS F 147 69.92 -26.14 -59.72
CA LYS F 147 68.83 -25.60 -60.56
C LYS F 147 67.82 -26.64 -61.02
N ASP F 148 68.32 -27.62 -61.76
CA ASP F 148 67.51 -28.64 -62.42
C ASP F 148 67.24 -29.82 -61.48
N GLU F 149 68.19 -30.12 -60.61
CA GLU F 149 68.10 -31.24 -59.66
C GLU F 149 67.06 -31.03 -58.55
N ILE F 150 66.97 -29.81 -58.01
CA ILE F 150 66.05 -29.51 -56.89
C ILE F 150 64.58 -29.55 -57.32
N GLY F 151 63.71 -29.95 -56.39
CA GLY F 151 62.28 -30.06 -56.62
C GLY F 151 61.63 -28.72 -56.81
N LYS F 152 61.65 -27.89 -55.76
CA LYS F 152 61.20 -26.49 -55.87
C LYS F 152 61.70 -25.61 -54.74
N ILE F 153 61.95 -24.35 -55.06
CA ILE F 153 62.25 -23.32 -54.05
C ILE F 153 60.99 -22.46 -53.92
N VAL F 154 60.65 -22.07 -52.69
CA VAL F 154 59.46 -21.26 -52.42
C VAL F 154 59.79 -20.25 -51.33
N LEU F 155 60.28 -19.08 -51.74
CA LEU F 155 60.77 -18.08 -50.79
C LEU F 155 59.68 -17.14 -50.31
N MET F 156 59.96 -16.46 -49.20
CA MET F 156 59.19 -15.29 -48.76
C MET F 156 60.14 -14.11 -48.87
N GLY F 157 59.67 -13.10 -49.60
CA GLY F 157 60.46 -11.90 -49.86
C GLY F 157 60.01 -11.17 -51.10
N GLY F 158 60.51 -9.93 -51.24
CA GLY F 158 60.18 -9.08 -52.37
C GLY F 158 58.79 -8.48 -52.36
N ALA F 159 58.54 -7.64 -53.36
CA ALA F 159 57.23 -7.05 -53.64
C ALA F 159 57.22 -6.67 -55.11
N LEU F 160 56.36 -7.31 -55.90
CA LEU F 160 56.32 -7.07 -57.35
C LEU F 160 55.41 -5.91 -57.64
N THR F 161 54.13 -6.08 -57.34
CA THR F 161 53.08 -5.14 -57.74
C THR F 161 52.76 -4.09 -56.67
N ILE F 162 53.64 -3.90 -55.69
CA ILE F 162 53.31 -3.07 -54.55
C ILE F 162 54.54 -2.43 -53.90
N HIS F 163 54.32 -1.47 -53.00
CA HIS F 163 55.41 -0.88 -52.24
C HIS F 163 56.07 -1.90 -51.30
N GLY F 164 57.40 -1.86 -51.24
CA GLY F 164 58.14 -2.62 -50.25
C GLY F 164 57.92 -2.09 -48.84
N ASN F 165 58.54 -2.75 -47.86
CA ASN F 165 58.42 -2.33 -46.45
C ASN F 165 59.65 -1.63 -45.86
N VAL F 166 60.84 -1.84 -46.44
CA VAL F 166 62.05 -1.14 -45.99
C VAL F 166 62.04 0.29 -46.52
N ASN F 167 61.89 0.40 -47.84
CA ASN F 167 61.66 1.66 -48.52
C ASN F 167 60.44 1.47 -49.44
N ALA F 168 60.17 2.41 -50.34
CA ALA F 168 59.05 2.29 -51.26
C ALA F 168 59.18 1.17 -52.32
N TRP F 169 60.39 0.65 -52.52
CA TRP F 169 60.65 -0.31 -53.61
C TRP F 169 61.36 -1.62 -53.24
N THR F 170 61.74 -1.82 -51.96
CA THR F 170 62.44 -3.04 -51.52
C THR F 170 61.79 -3.64 -50.28
N GLU F 171 61.86 -4.97 -50.19
CA GLU F 171 61.38 -5.70 -49.02
C GLU F 171 62.56 -6.26 -48.23
N ALA F 172 62.37 -6.37 -46.91
CA ALA F 172 63.43 -6.75 -45.94
C ALA F 172 64.41 -7.84 -46.37
N ASN F 173 63.92 -9.06 -46.54
CA ASN F 173 64.75 -10.22 -46.91
C ASN F 173 65.57 -10.00 -48.20
N ILE F 174 64.98 -9.29 -49.16
CA ILE F 174 65.69 -8.93 -50.40
C ILE F 174 66.66 -7.77 -50.13
N SER F 175 66.21 -6.80 -49.34
CA SER F 175 67.01 -5.64 -48.97
C SER F 175 68.37 -5.99 -48.37
N GLN F 176 68.39 -7.02 -47.52
CA GLN F 176 69.60 -7.40 -46.78
C GLN F 176 70.69 -7.95 -47.69
N ASP F 177 70.28 -8.68 -48.73
CA ASP F 177 71.19 -9.11 -49.79
C ASP F 177 70.45 -9.17 -51.14
N PRO F 178 70.48 -8.05 -51.88
CA PRO F 178 69.89 -7.99 -53.21
C PRO F 178 70.64 -8.82 -54.24
N ASP F 179 71.97 -8.79 -54.19
CA ASP F 179 72.80 -9.41 -55.22
C ASP F 179 72.59 -10.92 -55.24
N ALA F 180 72.45 -11.49 -54.04
CA ALA F 180 72.14 -12.90 -53.87
C ALA F 180 70.76 -13.25 -54.45
N ALA F 181 69.77 -12.45 -54.07
CA ALA F 181 68.41 -12.61 -54.58
C ALA F 181 68.36 -12.56 -56.11
N ASP F 182 69.13 -11.65 -56.70
CA ASP F 182 69.25 -11.56 -58.16
C ASP F 182 69.76 -12.88 -58.74
N ILE F 183 70.85 -13.39 -58.17
CA ILE F 183 71.47 -14.63 -58.62
C ILE F 183 70.45 -15.79 -58.59
N LEU F 184 69.69 -15.88 -57.51
CA LEU F 184 68.63 -16.89 -57.37
C LEU F 184 67.56 -16.77 -58.46
N PHE F 185 67.03 -15.57 -58.64
CA PHE F 185 65.91 -15.35 -59.57
C PHE F 185 66.34 -15.68 -61.00
N ARG F 186 67.51 -15.14 -61.37
CA ARG F 186 68.12 -15.38 -62.68
C ARG F 186 68.59 -16.83 -62.89
N SER F 187 68.96 -17.53 -61.81
CA SER F 187 69.43 -18.93 -61.89
C SER F 187 68.62 -19.83 -62.82
N GLY F 188 67.31 -19.66 -62.82
CA GLY F 188 66.41 -20.49 -63.61
C GLY F 188 65.89 -21.66 -62.80
N ALA F 189 66.17 -21.68 -61.49
CA ALA F 189 65.63 -22.69 -60.60
C ALA F 189 64.12 -22.45 -60.48
N PRO F 190 63.35 -23.50 -60.19
CA PRO F 190 61.88 -23.35 -60.12
C PRO F 190 61.46 -22.66 -58.80
N VAL F 191 61.64 -21.34 -58.79
CA VAL F 191 61.32 -20.51 -57.63
C VAL F 191 59.85 -20.09 -57.66
N THR F 192 59.28 -19.87 -56.48
CA THR F 192 57.97 -19.25 -56.33
C THR F 192 58.14 -18.14 -55.29
N MET F 193 58.08 -16.90 -55.74
CA MET F 193 58.21 -15.76 -54.83
C MET F 193 56.88 -15.51 -54.14
N ILE F 194 56.88 -15.45 -52.81
CA ILE F 194 55.70 -15.07 -52.04
C ILE F 194 56.04 -13.78 -51.33
N GLY F 195 55.73 -12.66 -52.01
CA GLY F 195 56.07 -11.33 -51.55
C GLY F 195 54.93 -10.62 -50.88
N LEU F 196 55.16 -9.33 -50.62
CA LEU F 196 54.23 -8.50 -49.84
C LEU F 196 52.86 -8.41 -50.48
N ASP F 197 52.83 -8.31 -51.80
CA ASP F 197 51.57 -8.34 -52.61
C ASP F 197 50.59 -9.45 -52.21
N VAL F 198 51.10 -10.52 -51.63
CA VAL F 198 50.26 -11.58 -51.07
C VAL F 198 50.29 -11.62 -49.52
N THR F 199 51.45 -11.42 -48.90
CA THR F 199 51.56 -11.57 -47.43
C THR F 199 50.89 -10.46 -46.61
N LEU F 200 50.78 -9.27 -47.19
CA LEU F 200 50.07 -8.15 -46.54
C LEU F 200 48.55 -8.30 -46.57
N GLN F 201 48.03 -9.24 -47.36
CA GLN F 201 46.62 -9.66 -47.26
C GLN F 201 46.36 -10.60 -46.09
N THR F 202 47.38 -11.31 -45.62
CA THR F 202 47.30 -12.18 -44.44
C THR F 202 47.30 -11.34 -43.16
N LEU F 203 46.63 -11.88 -42.14
CA LEU F 203 46.43 -11.16 -40.89
C LEU F 203 46.11 -12.09 -39.74
N LEU F 204 46.66 -11.80 -38.56
CA LEU F 204 46.10 -12.31 -37.31
C LEU F 204 46.23 -11.31 -36.16
N THR F 205 45.24 -11.36 -35.27
CA THR F 205 45.07 -10.42 -34.17
C THR F 205 45.12 -11.21 -32.86
N TYR F 206 44.88 -10.53 -31.74
CA TYR F 206 44.81 -11.18 -30.43
C TYR F 206 43.66 -12.22 -30.31
N LYS F 207 42.62 -12.07 -31.13
CA LYS F 207 41.56 -13.10 -31.24
C LYS F 207 42.14 -14.50 -31.48
N GLU F 208 43.18 -14.57 -32.31
CA GLU F 208 43.84 -15.83 -32.69
C GLU F 208 44.87 -16.30 -31.64
N THR F 209 45.61 -15.37 -31.02
CA THR F 209 46.65 -15.74 -30.04
C THR F 209 46.04 -16.15 -28.69
N LYS F 210 44.87 -15.59 -28.36
CA LYS F 210 44.11 -16.02 -27.17
C LYS F 210 43.66 -17.49 -27.25
N GLN F 211 43.47 -18.01 -28.47
CA GLN F 211 43.16 -19.44 -28.69
C GLN F 211 44.34 -20.35 -28.33
N TRP F 212 45.55 -19.90 -28.61
CA TRP F 212 46.77 -20.63 -28.23
C TRP F 212 46.99 -20.66 -26.72
N ARG F 213 46.65 -19.57 -26.03
CA ARG F 213 46.68 -19.52 -24.57
C ARG F 213 45.72 -20.52 -23.92
N ASP F 214 44.54 -20.70 -24.55
CA ASP F 214 43.52 -21.65 -24.08
C ASP F 214 43.97 -23.13 -24.05
N LEU F 215 44.98 -23.47 -24.86
CA LEU F 215 45.53 -24.83 -24.87
C LEU F 215 46.37 -25.18 -23.63
N ASN F 216 46.84 -24.15 -22.90
CA ASN F 216 47.52 -24.28 -21.59
C ASN F 216 48.87 -24.99 -21.62
N THR F 217 49.51 -25.06 -22.79
CA THR F 217 50.78 -25.78 -22.94
C THR F 217 51.98 -24.85 -22.86
N LYS F 218 53.17 -25.45 -22.72
CA LYS F 218 54.44 -24.71 -22.79
C LYS F 218 54.53 -23.98 -24.13
N ALA F 219 54.24 -24.72 -25.21
CA ALA F 219 54.29 -24.18 -26.58
C ALA F 219 53.20 -23.14 -26.87
N GLY F 220 51.97 -23.43 -26.45
CA GLY F 220 50.83 -22.53 -26.64
C GLY F 220 51.06 -21.15 -26.03
N LYS F 221 51.51 -21.14 -24.78
CA LYS F 221 51.83 -19.89 -24.07
C LYS F 221 53.00 -19.14 -24.72
N PHE F 222 54.00 -19.88 -25.21
CA PHE F 222 55.16 -19.27 -25.89
C PHE F 222 54.76 -18.53 -27.17
N LEU F 223 54.12 -19.24 -28.09
CA LEU F 223 53.72 -18.66 -29.39
C LEU F 223 52.77 -17.47 -29.22
N ALA F 224 51.90 -17.53 -28.21
CA ALA F 224 50.99 -16.42 -27.88
C ALA F 224 51.76 -15.19 -27.38
N ASP F 225 52.58 -15.39 -26.33
CA ASP F 225 53.46 -14.33 -25.79
C ASP F 225 54.33 -13.69 -26.87
N MET F 226 54.86 -14.53 -27.75
CA MET F 226 55.78 -14.11 -28.81
C MET F 226 55.12 -13.21 -29.84
N THR F 227 54.05 -13.71 -30.45
CA THR F 227 53.34 -12.97 -31.50
C THR F 227 52.59 -11.74 -30.98
N ASP F 228 52.29 -11.71 -29.68
CA ASP F 228 51.71 -10.51 -29.05
C ASP F 228 52.71 -9.34 -28.94
N PHE F 229 54.00 -9.66 -28.77
CA PHE F 229 55.06 -8.65 -28.89
C PHE F 229 55.13 -8.13 -30.33
N TYR F 230 55.03 -9.06 -31.27
CA TYR F 230 55.05 -8.79 -32.71
C TYR F 230 53.85 -7.93 -33.15
N ILE F 231 52.68 -8.16 -32.56
CA ILE F 231 51.48 -7.36 -32.88
C ILE F 231 51.59 -5.93 -32.29
N LYS F 232 52.04 -5.83 -31.02
CA LYS F 232 52.22 -4.51 -30.38
C LYS F 232 53.28 -3.64 -31.02
N ALA F 233 54.27 -4.28 -31.65
CA ALA F 233 55.22 -3.60 -32.51
C ALA F 233 54.53 -3.12 -33.79
N TYR F 234 53.74 -4.00 -34.42
CA TYR F 234 52.94 -3.64 -35.61
C TYR F 234 51.89 -2.55 -35.33
N GLU F 235 51.37 -2.51 -34.10
CA GLU F 235 50.47 -1.41 -33.69
C GLU F 235 51.08 -0.01 -33.88
N THR F 236 52.40 0.12 -33.73
CA THR F 236 53.09 1.39 -33.97
C THR F 236 53.73 1.49 -35.39
N THR F 237 54.36 0.42 -35.87
CA THR F 237 55.00 0.44 -37.21
C THR F 237 54.02 0.39 -38.39
N ALA F 238 52.81 -0.13 -38.14
CA ALA F 238 51.78 -0.24 -39.18
C ALA F 238 50.39 -0.41 -38.58
N PRO F 239 49.82 0.67 -37.97
CA PRO F 239 48.44 0.60 -37.44
C PRO F 239 47.34 0.49 -38.52
N HIS F 240 47.69 0.70 -39.79
CA HIS F 240 46.77 0.47 -40.91
C HIS F 240 46.37 -1.00 -41.16
N LEU F 241 47.03 -1.95 -40.50
CA LEU F 241 46.68 -3.40 -40.58
C LEU F 241 45.93 -3.93 -39.33
N GLY F 242 46.23 -3.43 -38.14
CA GLY F 242 45.52 -3.75 -36.89
C GLY F 242 46.08 -4.88 -36.06
N GLY F 243 46.56 -5.91 -36.73
CA GLY F 243 47.26 -7.08 -36.07
C GLY F 243 48.64 -7.19 -36.73
N CYS F 244 49.02 -8.40 -37.17
CA CYS F 244 50.33 -8.64 -37.78
C CYS F 244 50.25 -9.47 -39.05
N GLY F 245 51.27 -9.33 -39.90
CA GLY F 245 51.32 -10.09 -41.14
C GLY F 245 51.82 -11.50 -40.91
N LEU F 246 51.32 -12.43 -41.71
CA LEU F 246 51.78 -13.83 -41.67
C LEU F 246 52.65 -14.07 -42.89
N HIS F 247 53.87 -13.52 -42.82
CA HIS F 247 54.74 -13.46 -43.99
C HIS F 247 55.38 -14.81 -44.29
N ASP F 248 56.26 -15.25 -43.38
CA ASP F 248 57.09 -16.43 -43.59
C ASP F 248 56.30 -17.75 -43.56
N PRO F 249 55.25 -17.86 -42.72
CA PRO F 249 54.43 -19.09 -42.72
C PRO F 249 53.77 -19.38 -44.05
N LEU F 250 53.32 -18.33 -44.73
CA LEU F 250 52.61 -18.48 -45.99
C LEU F 250 53.48 -19.13 -47.06
N ALA F 251 54.77 -18.82 -47.05
CA ALA F 251 55.73 -19.49 -47.94
C ALA F 251 55.72 -21.00 -47.74
N VAL F 252 55.69 -21.43 -46.48
CA VAL F 252 55.64 -22.84 -46.14
C VAL F 252 54.29 -23.43 -46.56
N ALA F 253 53.21 -22.71 -46.29
CA ALA F 253 51.85 -23.14 -46.67
C ALA F 253 51.71 -23.40 -48.17
N VAL F 254 52.37 -22.56 -48.98
CA VAL F 254 52.36 -22.69 -50.44
C VAL F 254 53.31 -23.79 -50.91
N ALA F 255 54.37 -24.04 -50.14
CA ALA F 255 55.25 -25.18 -50.38
C ALA F 255 54.48 -26.50 -50.26
N VAL F 256 53.64 -26.61 -49.22
CA VAL F 256 52.84 -27.83 -49.02
C VAL F 256 51.64 -27.87 -49.97
N ASP F 257 50.99 -26.73 -50.16
CA ASP F 257 49.78 -26.64 -50.97
C ASP F 257 49.84 -25.41 -51.89
N PRO F 258 50.36 -25.58 -53.12
CA PRO F 258 50.47 -24.42 -54.03
C PRO F 258 49.13 -23.80 -54.50
N THR F 259 48.01 -24.48 -54.26
CA THR F 259 46.69 -23.93 -54.59
C THR F 259 46.21 -22.83 -53.64
N LEU F 260 46.91 -22.58 -52.53
CA LEU F 260 46.59 -21.45 -51.65
C LEU F 260 46.83 -20.08 -52.30
N VAL F 261 47.63 -20.06 -53.37
CA VAL F 261 48.08 -18.83 -54.00
C VAL F 261 47.78 -18.88 -55.51
N THR F 262 47.58 -17.70 -56.10
CA THR F 262 47.46 -17.53 -57.56
C THR F 262 48.71 -16.80 -58.05
N THR F 263 49.50 -17.47 -58.88
CA THR F 263 50.79 -16.92 -59.32
C THR F 263 50.72 -16.36 -60.72
N LEU F 264 51.71 -15.53 -61.03
CA LEU F 264 51.86 -14.90 -62.32
C LEU F 264 53.18 -15.40 -62.92
N PRO F 265 53.12 -16.28 -63.95
CA PRO F 265 54.34 -16.74 -64.60
C PRO F 265 55.14 -15.56 -65.16
N ILE F 266 56.40 -15.42 -64.74
CA ILE F 266 57.19 -14.23 -65.05
C ILE F 266 58.68 -14.45 -64.82
N ASN F 267 59.49 -14.23 -65.85
CA ASN F 267 60.93 -14.21 -65.71
C ASN F 267 61.34 -12.95 -64.95
N MET F 268 62.04 -13.13 -63.83
CA MET F 268 62.30 -12.07 -62.86
C MET F 268 63.78 -11.74 -62.70
N GLN F 269 64.01 -10.63 -62.02
CA GLN F 269 65.35 -10.19 -61.62
C GLN F 269 65.22 -9.39 -60.34
N VAL F 270 66.36 -9.00 -59.78
CA VAL F 270 66.40 -8.03 -58.70
C VAL F 270 67.34 -6.93 -59.12
N ASP F 271 66.93 -5.69 -58.86
CA ASP F 271 67.70 -4.53 -59.26
C ASP F 271 68.90 -4.41 -58.34
N VAL F 272 70.07 -4.26 -58.96
CA VAL F 272 71.35 -4.18 -58.26
C VAL F 272 71.97 -2.78 -58.40
N GLU F 273 71.96 -2.19 -59.59
CA GLU F 273 72.77 -0.99 -59.89
C GLU F 273 72.09 0.33 -59.54
N GLY F 274 70.83 0.50 -59.94
CA GLY F 274 70.18 1.81 -59.90
C GLY F 274 69.80 2.32 -58.53
N PRO F 275 69.08 3.47 -58.47
CA PRO F 275 68.49 3.94 -57.21
C PRO F 275 67.25 3.13 -56.81
N THR F 276 66.84 2.18 -57.64
CA THR F 276 65.89 1.14 -57.27
C THR F 276 66.55 -0.18 -56.79
N ARG F 277 67.81 -0.11 -56.33
CA ARG F 277 68.53 -1.29 -55.84
C ARG F 277 67.71 -2.02 -54.77
N GLY F 278 67.52 -3.32 -54.96
CA GLY F 278 66.75 -4.18 -54.04
C GLY F 278 65.30 -4.42 -54.40
N ARG F 279 64.88 -3.92 -55.57
CA ARG F 279 63.51 -4.07 -56.06
C ARG F 279 63.39 -5.39 -56.82
N THR F 280 62.31 -6.09 -56.57
CA THR F 280 61.96 -7.30 -57.31
C THR F 280 61.11 -6.87 -58.49
N ILE F 281 61.53 -7.24 -59.69
CA ILE F 281 60.89 -6.76 -60.92
C ILE F 281 61.16 -7.70 -62.09
N GLY F 282 60.25 -7.74 -63.04
CA GLY F 282 60.42 -8.57 -64.24
C GLY F 282 61.57 -8.11 -65.11
N ASP F 283 62.31 -9.07 -65.66
CA ASP F 283 63.37 -8.77 -66.61
C ASP F 283 62.72 -8.63 -67.96
N VAL F 284 62.96 -7.48 -68.61
CA VAL F 284 62.33 -7.18 -69.91
C VAL F 284 62.91 -8.12 -70.96
N THR F 285 64.23 -8.31 -70.90
CA THR F 285 64.96 -9.22 -71.78
C THR F 285 64.26 -10.56 -71.96
N ARG F 286 63.75 -11.11 -70.86
CA ARG F 286 63.07 -12.42 -70.89
C ARG F 286 61.54 -12.29 -70.78
N LEU F 287 60.97 -11.19 -71.27
CA LEU F 287 59.51 -11.02 -71.27
C LEU F 287 58.89 -11.83 -72.39
N ASN F 288 59.47 -11.71 -73.59
CA ASN F 288 58.96 -12.42 -74.78
C ASN F 288 59.38 -13.89 -74.84
N ASP F 289 60.34 -14.29 -74.01
CA ASP F 289 60.66 -15.71 -73.80
C ASP F 289 59.44 -16.38 -73.14
N PRO F 290 58.77 -17.33 -73.84
CA PRO F 290 57.56 -17.94 -73.27
C PRO F 290 57.81 -18.83 -72.05
N VAL F 291 59.02 -19.38 -71.94
CA VAL F 291 59.40 -20.24 -70.82
C VAL F 291 59.67 -19.35 -69.60
N LYS F 292 58.78 -19.44 -68.60
CA LYS F 292 58.87 -18.65 -67.38
C LYS F 292 59.58 -19.46 -66.27
N THR F 293 60.73 -18.94 -65.83
CA THR F 293 61.56 -19.61 -64.82
C THR F 293 60.94 -19.66 -63.42
N MET F 294 60.34 -18.55 -62.99
CA MET F 294 59.70 -18.49 -61.65
C MET F 294 58.34 -17.82 -61.72
N GLN F 295 57.61 -17.87 -60.60
CA GLN F 295 56.22 -17.42 -60.54
C GLN F 295 56.04 -16.55 -59.30
N VAL F 296 55.45 -15.36 -59.45
CA VAL F 296 55.22 -14.46 -58.33
C VAL F 296 53.77 -14.53 -57.90
N ALA F 297 53.56 -14.59 -56.59
CA ALA F 297 52.23 -14.73 -56.02
C ALA F 297 51.58 -13.38 -56.04
N VAL F 298 50.36 -13.32 -56.56
CA VAL F 298 49.58 -12.08 -56.63
C VAL F 298 48.22 -12.15 -55.91
N GLY F 299 47.57 -13.32 -55.97
CA GLY F 299 46.34 -13.58 -55.22
C GLY F 299 46.54 -14.69 -54.20
N VAL F 300 45.65 -14.73 -53.20
CA VAL F 300 45.77 -15.68 -52.10
C VAL F 300 44.41 -15.93 -51.43
N ASP F 301 44.18 -17.19 -51.02
CA ASP F 301 42.96 -17.60 -50.34
C ASP F 301 43.16 -17.36 -48.83
N VAL F 302 42.93 -16.13 -48.39
CA VAL F 302 43.29 -15.70 -47.02
C VAL F 302 42.54 -16.45 -45.91
N PRO F 303 41.21 -16.61 -46.05
CA PRO F 303 40.47 -17.32 -44.99
C PRO F 303 40.80 -18.81 -44.87
N ARG F 304 41.13 -19.46 -46.00
CA ARG F 304 41.54 -20.87 -46.00
C ARG F 304 42.95 -21.02 -45.44
N PHE F 305 43.86 -20.13 -45.82
CA PHE F 305 45.20 -20.09 -45.25
C PHE F 305 45.16 -19.86 -43.74
N LEU F 306 44.37 -18.88 -43.30
CA LEU F 306 44.21 -18.60 -41.87
C LEU F 306 43.65 -19.81 -41.08
N ASN F 307 42.75 -20.57 -41.70
CA ASN F 307 42.21 -21.81 -41.10
C ASN F 307 43.25 -22.93 -41.08
N GLU F 308 43.95 -23.11 -42.20
CA GLU F 308 45.04 -24.09 -42.31
C GLU F 308 46.14 -23.81 -41.28
N PHE F 309 46.50 -22.53 -41.16
CA PHE F 309 47.50 -22.02 -40.21
C PHE F 309 47.16 -22.35 -38.76
N MET F 310 45.94 -22.00 -38.33
CA MET F 310 45.53 -22.22 -36.95
C MET F 310 45.31 -23.70 -36.63
N THR F 311 44.74 -24.46 -37.56
CA THR F 311 44.55 -25.91 -37.40
C THR F 311 45.88 -26.63 -37.16
N ARG F 312 46.86 -26.34 -38.02
CA ARG F 312 48.18 -26.99 -37.93
C ARG F 312 48.95 -26.60 -36.66
N ILE F 313 48.97 -25.30 -36.35
CA ILE F 313 49.77 -24.80 -35.23
C ILE F 313 49.12 -25.07 -33.88
N SER F 314 47.80 -24.91 -33.78
CA SER F 314 47.08 -25.26 -32.54
C SER F 314 47.14 -26.77 -32.26
N GLY F 315 47.16 -27.59 -33.31
CA GLY F 315 47.38 -29.04 -33.18
C GLY F 315 48.76 -29.39 -32.65
N LEU F 316 49.78 -28.67 -33.13
CA LEU F 316 51.15 -28.86 -32.67
C LEU F 316 51.37 -28.36 -31.24
N ALA F 317 50.80 -27.20 -30.93
CA ALA F 317 50.90 -26.63 -29.57
C ALA F 317 50.24 -27.51 -28.51
N LYS F 318 49.17 -28.22 -28.88
CA LYS F 318 48.53 -29.21 -28.00
C LYS F 318 49.46 -30.39 -27.67
N ILE F 319 50.31 -30.79 -28.61
CA ILE F 319 51.26 -31.90 -28.43
C ILE F 319 52.40 -31.62 -27.42
N ALA F 320 52.86 -30.37 -27.31
CA ALA F 320 53.88 -30.00 -26.30
C ALA F 320 53.22 -29.53 -24.99
N LYS G 5 -28.11 17.92 -3.70
CA LYS G 5 -27.47 18.18 -5.03
C LYS G 5 -25.97 17.91 -4.96
N LYS G 6 -25.42 17.33 -6.02
CA LYS G 6 -24.06 16.75 -6.00
C LYS G 6 -23.23 17.09 -7.24
N LEU G 7 -21.97 17.43 -7.01
CA LEU G 7 -21.12 18.11 -7.99
C LEU G 7 -19.90 17.27 -8.41
N ILE G 8 -19.61 17.26 -9.72
CA ILE G 8 -18.34 16.74 -10.24
C ILE G 8 -17.67 17.85 -11.04
N LEU G 9 -16.43 18.17 -10.73
CA LEU G 9 -15.61 19.05 -11.57
C LEU G 9 -14.75 18.21 -12.51
N ASP G 10 -14.50 18.74 -13.70
CA ASP G 10 -13.63 18.08 -14.71
C ASP G 10 -12.57 19.10 -15.06
N LEU G 11 -11.36 18.93 -14.51
CA LEU G 11 -10.38 20.01 -14.40
C LEU G 11 -9.00 19.74 -14.99
N ASP G 12 -8.48 20.74 -15.71
CA ASP G 12 -7.09 20.78 -16.15
C ASP G 12 -6.31 21.67 -15.18
N THR G 13 -6.11 21.16 -13.97
CA THR G 13 -5.74 21.97 -12.81
C THR G 13 -4.27 22.44 -12.83
N GLY G 14 -3.94 23.72 -13.09
CA GLY G 14 -4.86 24.81 -13.48
C GLY G 14 -5.08 25.82 -12.36
N VAL G 15 -4.81 27.10 -12.64
CA VAL G 15 -4.89 28.16 -11.63
C VAL G 15 -6.33 28.53 -11.34
N ASP G 16 -7.04 28.97 -12.39
CA ASP G 16 -8.48 29.23 -12.28
C ASP G 16 -9.24 27.95 -11.91
N ASP G 17 -8.73 26.80 -12.33
CA ASP G 17 -9.33 25.52 -11.97
C ASP G 17 -9.33 25.25 -10.46
N THR G 18 -8.28 25.65 -9.73
CA THR G 18 -8.30 25.50 -8.25
C THR G 18 -9.21 26.50 -7.58
N LEU G 19 -9.38 27.67 -8.21
CA LEU G 19 -10.34 28.66 -7.73
C LEU G 19 -11.75 28.11 -7.87
N ALA G 20 -11.98 27.27 -8.89
CA ALA G 20 -13.23 26.53 -9.03
C ALA G 20 -13.42 25.49 -7.94
N ILE G 21 -12.34 24.79 -7.59
CA ILE G 21 -12.36 23.85 -6.48
C ILE G 21 -12.66 24.61 -5.18
N SER G 22 -11.95 25.72 -4.96
CA SER G 22 -12.14 26.54 -3.77
C SER G 22 -13.57 27.07 -3.62
N TYR G 23 -14.15 27.55 -4.71
CA TYR G 23 -15.55 28.01 -4.72
C TYR G 23 -16.50 26.85 -4.43
N ALA G 24 -16.20 25.68 -5.00
CA ALA G 24 -17.03 24.50 -4.81
C ALA G 24 -17.02 24.05 -3.34
N LEU G 25 -15.83 23.88 -2.78
CA LEU G 25 -15.69 23.48 -1.38
C LEU G 25 -16.15 24.56 -0.39
N GLY G 26 -16.13 25.82 -0.82
CA GLY G 26 -16.69 26.93 -0.04
C GLY G 26 -18.20 27.08 -0.13
N SER G 27 -18.85 26.29 -0.99
CA SER G 27 -20.27 26.39 -1.26
C SER G 27 -21.03 25.20 -0.63
N PRO G 28 -21.87 25.48 0.38
CA PRO G 28 -22.59 24.39 1.07
C PRO G 28 -23.80 23.78 0.31
N GLU G 29 -24.17 24.33 -0.84
CA GLU G 29 -25.34 23.83 -1.58
C GLU G 29 -25.05 22.53 -2.34
N MET G 30 -23.76 22.26 -2.59
CA MET G 30 -23.32 21.09 -3.34
C MET G 30 -22.38 20.26 -2.49
N GLU G 31 -22.44 18.93 -2.66
CA GLU G 31 -21.39 18.04 -2.19
C GLU G 31 -20.51 17.72 -3.39
N LEU G 32 -19.25 18.12 -3.32
CA LEU G 32 -18.28 17.80 -4.37
C LEU G 32 -17.92 16.31 -4.25
N ILE G 33 -18.44 15.49 -5.16
CA ILE G 33 -18.23 14.04 -5.12
C ILE G 33 -16.81 13.70 -5.56
N GLY G 34 -16.40 14.25 -6.69
CA GLY G 34 -15.06 13.99 -7.22
C GLY G 34 -14.58 15.02 -8.22
N ILE G 35 -13.28 14.99 -8.48
CA ILE G 35 -12.63 15.84 -9.46
C ILE G 35 -12.12 14.92 -10.55
N THR G 36 -12.79 14.95 -11.69
CA THR G 36 -12.29 14.29 -12.89
C THR G 36 -11.12 15.11 -13.47
N GLY G 37 -10.03 14.46 -13.83
CA GLY G 37 -8.83 15.14 -14.32
C GLY G 37 -8.74 15.11 -15.84
N THR G 38 -8.36 16.25 -16.44
CA THR G 38 -8.14 16.33 -17.89
C THR G 38 -6.90 17.20 -18.13
N TYR G 39 -6.69 17.60 -19.39
CA TYR G 39 -5.41 18.15 -19.87
C TYR G 39 -5.62 19.54 -20.46
N GLY G 40 -4.53 20.27 -20.68
CA GLY G 40 -4.59 21.58 -21.35
C GLY G 40 -3.66 22.58 -20.72
N ASN G 41 -4.13 23.18 -19.62
CA ASN G 41 -3.30 24.09 -18.80
C ASN G 41 -2.02 23.37 -18.37
N VAL G 42 -2.17 22.09 -18.06
CA VAL G 42 -1.04 21.25 -17.70
C VAL G 42 -1.34 19.80 -18.11
N LEU G 43 -0.28 18.98 -18.24
CA LEU G 43 -0.39 17.54 -18.55
C LEU G 43 -1.41 16.85 -17.64
N MET G 44 -2.13 15.87 -18.18
CA MET G 44 -3.26 15.26 -17.49
C MET G 44 -2.92 14.78 -16.07
N GLU G 45 -1.80 14.07 -15.96
CA GLU G 45 -1.29 13.56 -14.68
C GLU G 45 -1.03 14.67 -13.68
N GLN G 46 -0.30 15.70 -14.11
CA GLN G 46 -0.09 16.91 -13.29
C GLN G 46 -1.40 17.50 -12.76
N GLY G 47 -2.44 17.47 -13.58
CA GLY G 47 -3.81 17.87 -13.17
C GLY G 47 -4.31 17.10 -11.96
N VAL G 48 -4.03 15.80 -11.94
CA VAL G 48 -4.39 14.94 -10.83
C VAL G 48 -3.54 15.20 -9.57
N ARG G 49 -2.21 15.31 -9.73
CA ARG G 49 -1.31 15.61 -8.60
C ARG G 49 -1.75 16.88 -7.87
N ASN G 50 -2.09 17.90 -8.64
CA ASN G 50 -2.49 19.19 -8.12
C ASN G 50 -3.83 19.08 -7.41
N ALA G 51 -4.80 18.44 -8.09
CA ALA G 51 -6.13 18.23 -7.54
C ALA G 51 -6.10 17.57 -6.16
N LEU G 52 -5.34 16.48 -6.05
CA LEU G 52 -5.19 15.76 -4.78
C LEU G 52 -4.55 16.65 -3.72
N ALA G 53 -3.40 17.23 -4.06
CA ALA G 53 -2.64 18.09 -3.14
C ALA G 53 -3.44 19.30 -2.64
N ILE G 54 -4.24 19.89 -3.52
CA ILE G 54 -4.99 21.11 -3.21
C ILE G 54 -6.24 20.79 -2.38
N THR G 55 -6.97 19.74 -2.77
CA THR G 55 -8.14 19.28 -2.00
C THR G 55 -7.74 18.97 -0.55
N ASP G 56 -6.60 18.31 -0.38
CA ASP G 56 -5.99 18.11 0.94
C ASP G 56 -5.75 19.44 1.66
N LEU G 57 -5.04 20.35 1.01
CA LEU G 57 -4.65 21.64 1.64
C LEU G 57 -5.83 22.47 2.15
N LEU G 58 -6.95 22.44 1.43
CA LEU G 58 -8.14 23.22 1.80
C LEU G 58 -8.97 22.58 2.94
N GLY G 59 -8.65 21.33 3.27
CA GLY G 59 -9.25 20.60 4.38
C GLY G 59 -10.30 19.59 3.95
N HIS G 60 -10.22 19.12 2.70
CA HIS G 60 -11.20 18.18 2.15
C HIS G 60 -10.51 17.05 1.39
N PRO G 61 -9.85 16.12 2.12
CA PRO G 61 -9.23 14.97 1.46
C PRO G 61 -10.20 13.84 1.13
N GLU G 62 -11.50 14.02 1.37
CA GLU G 62 -12.52 13.07 0.91
C GLU G 62 -12.79 13.14 -0.59
N VAL G 63 -12.34 14.23 -1.23
CA VAL G 63 -12.58 14.45 -2.65
C VAL G 63 -11.74 13.47 -3.47
N LYS G 64 -12.43 12.51 -4.10
CA LYS G 64 -11.79 11.43 -4.82
C LYS G 64 -11.48 11.89 -6.23
N VAL G 65 -10.20 11.85 -6.61
CA VAL G 65 -9.75 12.35 -7.91
C VAL G 65 -9.64 11.18 -8.90
N TYR G 66 -10.41 11.25 -9.99
CA TYR G 66 -10.43 10.21 -11.01
C TYR G 66 -9.57 10.62 -12.20
N LYS G 67 -9.31 9.66 -13.08
CA LYS G 67 -8.30 9.79 -14.11
C LYS G 67 -8.97 9.73 -15.49
N GLY G 68 -9.09 10.89 -16.15
CA GLY G 68 -9.64 10.97 -17.50
C GLY G 68 -8.60 10.72 -18.57
N LEU G 69 -8.86 11.23 -19.77
CA LEU G 69 -8.03 10.94 -20.96
C LEU G 69 -6.91 11.97 -21.13
N SER G 70 -5.76 11.51 -21.64
CA SER G 70 -4.54 12.34 -21.79
C SER G 70 -4.55 13.25 -23.01
N HIS G 71 -5.03 12.73 -24.14
CA HIS G 71 -5.02 13.44 -25.43
C HIS G 71 -6.43 13.65 -25.96
N ALA G 72 -6.54 14.46 -27.02
CA ALA G 72 -7.82 14.80 -27.63
C ALA G 72 -8.49 13.66 -28.38
N SER G 73 -9.83 13.71 -28.42
CA SER G 73 -10.70 12.88 -29.27
C SER G 73 -10.05 12.40 -30.57
N THR G 74 -9.45 13.34 -31.32
CA THR G 74 -8.89 13.08 -32.65
C THR G 74 -7.37 13.30 -32.76
N LYS G 75 -6.65 13.20 -31.65
CA LYS G 75 -5.18 13.31 -31.64
C LYS G 75 -4.56 12.10 -30.94
N ASP G 76 -3.29 11.83 -31.27
CA ASP G 76 -2.54 10.71 -30.66
C ASP G 76 -1.91 11.09 -29.32
N SER G 77 -1.39 12.32 -29.23
CA SER G 77 -0.65 12.79 -28.06
C SER G 77 -1.13 14.16 -27.58
N PHE G 78 -0.42 14.71 -26.60
CA PHE G 78 -0.63 16.08 -26.15
C PHE G 78 0.60 16.63 -25.41
N GLU G 79 1.01 17.84 -25.77
CA GLU G 79 2.04 18.60 -25.07
C GLU G 79 1.42 19.89 -24.54
N VAL G 80 1.92 20.39 -23.41
CA VAL G 80 1.49 21.69 -22.89
C VAL G 80 2.10 22.76 -23.79
N LEU G 81 1.26 23.69 -24.27
CA LEU G 81 1.74 24.82 -25.08
C LEU G 81 2.51 25.80 -24.19
N PRO G 82 3.56 26.45 -24.73
CA PRO G 82 4.36 27.34 -23.86
C PRO G 82 3.59 28.57 -23.34
N ILE G 83 2.53 28.97 -24.06
CA ILE G 83 1.64 30.07 -23.65
C ILE G 83 0.96 29.73 -22.31
N SER G 84 0.36 28.54 -22.23
CA SER G 84 -0.29 28.07 -21.00
C SER G 84 0.70 27.78 -19.86
N ALA G 85 1.93 27.40 -20.21
CA ALA G 85 3.02 27.27 -19.24
C ALA G 85 3.46 28.62 -18.65
N PHE G 86 3.35 29.69 -19.43
CA PHE G 86 3.64 31.06 -18.94
C PHE G 86 2.57 31.55 -17.97
N ILE G 87 1.29 31.28 -18.30
CA ILE G 87 0.16 31.75 -17.50
C ILE G 87 0.03 30.96 -16.18
N HIS G 88 -0.17 29.66 -16.31
CA HIS G 88 -0.41 28.79 -15.14
C HIS G 88 0.88 28.21 -14.52
N GLY G 89 2.03 28.45 -15.15
CA GLY G 89 3.31 27.95 -14.64
C GLY G 89 3.62 26.54 -15.10
N ASP G 90 4.75 26.01 -14.63
CA ASP G 90 5.23 24.68 -15.03
C ASP G 90 4.46 23.59 -14.30
N ASN G 91 4.40 23.72 -12.97
CA ASN G 91 3.54 22.84 -12.15
C ASN G 91 2.03 23.02 -12.40
N GLY G 92 1.62 24.17 -12.96
CA GLY G 92 0.21 24.46 -13.26
C GLY G 92 -0.54 25.09 -12.10
N ILE G 93 0.20 25.67 -11.16
CA ILE G 93 -0.34 26.16 -9.88
C ILE G 93 0.39 27.46 -9.48
N GLY G 94 0.60 28.35 -10.44
CA GLY G 94 1.61 29.41 -10.30
C GLY G 94 2.95 28.68 -10.41
N ASP G 95 3.84 28.91 -9.46
CA ASP G 95 4.95 27.98 -9.26
C ASP G 95 5.05 27.74 -7.76
N VAL G 96 3.89 27.59 -7.14
CA VAL G 96 3.77 27.55 -5.69
C VAL G 96 4.07 26.15 -5.22
N GLU G 97 5.02 26.03 -4.30
CA GLU G 97 5.46 24.74 -3.76
C GLU G 97 4.46 24.29 -2.71
N ILE G 98 3.97 23.07 -2.88
CA ILE G 98 2.90 22.53 -2.04
C ILE G 98 3.13 21.02 -1.90
N PRO G 99 3.01 20.47 -0.67
CA PRO G 99 3.30 19.04 -0.50
C PRO G 99 2.37 18.14 -1.32
N ASP G 100 2.94 17.10 -1.94
CA ASP G 100 2.16 16.08 -2.63
C ASP G 100 1.21 15.41 -1.66
N SER G 101 -0.01 15.11 -2.12
CA SER G 101 -0.92 14.30 -1.31
C SER G 101 -0.46 12.85 -1.36
N PRO G 102 -0.43 12.17 -0.21
CA PRO G 102 -0.15 10.73 -0.22
C PRO G 102 -1.29 9.87 -0.75
N ARG G 103 -2.51 10.46 -0.85
CA ARG G 103 -3.65 9.82 -1.54
C ARG G 103 -3.27 9.86 -3.01
N LYS G 104 -3.87 8.93 -3.75
CA LYS G 104 -3.63 8.77 -5.18
C LYS G 104 -4.95 8.59 -5.95
N ALA G 105 -4.85 8.58 -7.28
CA ALA G 105 -6.04 8.52 -8.13
C ALA G 105 -6.80 7.22 -7.95
N GLU G 106 -8.13 7.28 -8.04
CA GLU G 106 -8.98 6.10 -7.93
C GLU G 106 -8.72 5.13 -9.07
N ASP G 107 -9.14 3.88 -8.88
CA ASP G 107 -8.79 2.81 -9.81
C ASP G 107 -9.49 2.95 -11.14
N GLU G 108 -10.80 3.22 -11.10
CA GLU G 108 -11.60 3.35 -12.32
C GLU G 108 -11.32 4.65 -13.07
N SER G 109 -11.61 4.63 -14.38
CA SER G 109 -11.48 5.81 -15.23
C SER G 109 -12.57 6.84 -14.91
N ALA G 110 -12.28 8.08 -15.24
CA ALA G 110 -13.22 9.18 -14.99
C ALA G 110 -14.41 9.11 -15.94
N VAL G 111 -14.18 8.56 -17.13
CA VAL G 111 -15.26 8.25 -18.07
C VAL G 111 -16.34 7.43 -17.36
N ASP G 112 -15.93 6.33 -16.73
CA ASP G 112 -16.86 5.42 -16.01
C ASP G 112 -17.41 6.01 -14.72
N PHE G 113 -16.62 6.82 -14.02
CA PHE G 113 -17.07 7.50 -12.81
C PHE G 113 -18.25 8.43 -13.09
N ILE G 114 -18.16 9.17 -14.20
CA ILE G 114 -19.24 10.05 -14.65
C ILE G 114 -20.50 9.24 -14.94
N ILE G 115 -20.35 8.20 -15.77
CA ILE G 115 -21.48 7.36 -16.19
C ILE G 115 -22.15 6.74 -14.97
N ASP G 116 -21.33 6.22 -14.06
CA ASP G 116 -21.79 5.62 -12.81
C ASP G 116 -22.50 6.66 -11.93
N SER G 117 -21.88 7.83 -11.75
CA SER G 117 -22.46 8.93 -10.96
C SER G 117 -23.80 9.42 -11.50
N VAL G 118 -23.95 9.41 -12.83
CA VAL G 118 -25.22 9.77 -13.48
C VAL G 118 -26.31 8.77 -13.10
N LYS G 119 -25.99 7.48 -13.14
CA LYS G 119 -26.97 6.45 -12.78
C LYS G 119 -27.27 6.41 -11.28
N LYS G 120 -26.31 6.79 -10.44
CA LYS G 120 -26.54 6.85 -8.98
C LYS G 120 -27.40 8.05 -8.60
N TYR G 121 -26.93 9.25 -8.94
CA TYR G 121 -27.52 10.49 -8.45
C TYR G 121 -28.50 11.16 -9.43
N GLY G 122 -28.57 10.66 -10.68
CA GLY G 122 -29.57 11.11 -11.65
C GLY G 122 -29.65 12.62 -11.82
N LYS G 123 -30.82 13.17 -11.51
CA LYS G 123 -31.08 14.60 -11.67
C LYS G 123 -30.57 15.48 -10.50
N ASP G 124 -30.03 14.87 -9.46
CA ASP G 124 -29.30 15.61 -8.42
C ASP G 124 -27.84 15.88 -8.82
N LEU G 125 -27.35 15.21 -9.86
CA LEU G 125 -25.95 15.38 -10.31
C LEU G 125 -25.77 16.61 -11.19
N VAL G 126 -24.67 17.32 -10.95
CA VAL G 126 -24.28 18.51 -11.70
C VAL G 126 -22.81 18.36 -12.11
N TYR G 127 -22.54 18.29 -13.41
CA TYR G 127 -21.19 18.11 -13.93
C TYR G 127 -20.69 19.42 -14.50
N VAL G 128 -19.56 19.93 -13.99
CA VAL G 128 -19.08 21.29 -14.29
C VAL G 128 -17.66 21.21 -14.83
N PRO G 129 -17.51 20.98 -16.14
CA PRO G 129 -16.19 20.84 -16.77
C PRO G 129 -15.58 22.16 -17.19
N THR G 130 -14.43 22.50 -16.62
CA THR G 130 -13.72 23.72 -16.99
C THR G 130 -12.35 23.39 -17.59
N GLY G 131 -12.27 22.21 -18.20
CA GLY G 131 -11.19 21.86 -19.12
C GLY G 131 -11.85 21.44 -20.41
N PRO G 132 -11.07 20.86 -21.33
CA PRO G 132 -11.62 20.22 -22.51
C PRO G 132 -12.76 19.26 -22.24
N MET G 133 -13.64 19.15 -23.23
CA MET G 133 -14.85 18.33 -23.12
C MET G 133 -14.56 16.85 -23.40
N THR G 134 -13.34 16.55 -23.87
CA THR G 134 -12.85 15.20 -24.16
C THR G 134 -13.43 14.07 -23.32
N ASN G 135 -13.49 14.30 -22.01
CA ASN G 135 -13.98 13.29 -21.08
C ASN G 135 -15.47 12.99 -21.25
N ILE G 136 -16.31 14.01 -21.09
CA ILE G 136 -17.76 13.80 -21.23
C ILE G 136 -18.24 13.45 -22.66
N ALA G 137 -17.42 13.76 -23.67
CA ALA G 137 -17.66 13.27 -25.04
C ALA G 137 -17.55 11.75 -25.10
N ALA G 138 -16.48 11.22 -24.51
CA ALA G 138 -16.29 9.78 -24.38
C ALA G 138 -17.37 9.11 -23.52
N ALA G 139 -17.83 9.81 -22.49
CA ALA G 139 -18.91 9.32 -21.62
C ALA G 139 -20.23 9.22 -22.38
N LEU G 140 -20.61 10.31 -23.06
CA LEU G 140 -21.81 10.34 -23.90
C LEU G 140 -21.73 9.37 -25.09
N LYS G 141 -20.53 9.22 -25.64
CA LYS G 141 -20.24 8.19 -26.64
C LYS G 141 -20.58 6.79 -26.08
N LYS G 142 -19.91 6.39 -25.00
CA LYS G 142 -20.11 5.05 -24.40
C LYS G 142 -21.52 4.84 -23.84
N ALA G 143 -22.08 5.86 -23.20
CA ALA G 143 -23.42 5.78 -22.60
C ALA G 143 -24.25 7.03 -22.96
N PRO G 144 -24.92 7.02 -24.13
CA PRO G 144 -25.72 8.19 -24.53
C PRO G 144 -26.96 8.48 -23.68
N GLU G 145 -27.44 7.49 -22.90
CA GLU G 145 -28.56 7.68 -21.97
C GLU G 145 -28.37 8.89 -21.05
N ILE G 146 -27.12 9.13 -20.64
CA ILE G 146 -26.72 10.25 -19.77
C ILE G 146 -27.51 11.54 -20.05
N LYS G 147 -27.59 11.91 -21.33
CA LYS G 147 -28.33 13.10 -21.82
C LYS G 147 -29.54 13.48 -20.95
N ASP G 148 -30.48 12.53 -20.86
CA ASP G 148 -31.76 12.75 -20.20
C ASP G 148 -31.67 12.45 -18.70
N GLU G 149 -30.82 11.51 -18.32
CA GLU G 149 -30.64 11.10 -16.92
C GLU G 149 -29.94 12.17 -16.05
N ILE G 150 -28.92 12.85 -16.59
CA ILE G 150 -28.15 13.84 -15.82
C ILE G 150 -28.98 15.10 -15.51
N GLY G 151 -28.69 15.70 -14.35
CA GLY G 151 -29.37 16.90 -13.88
C GLY G 151 -29.05 18.10 -14.73
N LYS G 152 -27.79 18.52 -14.72
CA LYS G 152 -27.31 19.58 -15.62
C LYS G 152 -25.79 19.62 -15.78
N ILE G 153 -25.34 19.99 -16.97
CA ILE G 153 -23.94 20.26 -17.26
C ILE G 153 -23.78 21.78 -17.35
N VAL G 154 -22.69 22.31 -16.80
CA VAL G 154 -22.44 23.76 -16.79
C VAL G 154 -20.95 24.00 -17.03
N LEU G 155 -20.55 24.11 -18.29
CA LEU G 155 -19.13 24.20 -18.64
C LEU G 155 -18.62 25.63 -18.65
N MET G 156 -17.29 25.75 -18.60
CA MET G 156 -16.59 26.99 -18.92
C MET G 156 -15.80 26.73 -20.19
N GLY G 157 -16.03 27.58 -21.18
CA GLY G 157 -15.41 27.45 -22.49
C GLY G 157 -16.20 28.14 -23.59
N GLY G 158 -15.55 28.28 -24.74
CA GLY G 158 -16.16 28.91 -25.91
C GLY G 158 -16.29 30.43 -25.83
N ALA G 159 -16.76 30.99 -26.95
CA ALA G 159 -17.11 32.40 -27.06
C ALA G 159 -18.12 32.53 -28.18
N LEU G 160 -19.34 32.95 -27.84
CA LEU G 160 -20.43 33.03 -28.83
C LEU G 160 -20.38 34.36 -29.53
N THR G 161 -20.61 35.43 -28.76
CA THR G 161 -20.81 36.77 -29.31
C THR G 161 -19.54 37.61 -29.36
N ILE G 162 -18.37 36.98 -29.26
CA ILE G 162 -17.12 37.74 -29.09
C ILE G 162 -15.91 36.96 -29.62
N HIS G 163 -14.77 37.65 -29.72
CA HIS G 163 -13.53 37.00 -30.12
C HIS G 163 -13.07 35.99 -29.08
N GLY G 164 -12.59 34.85 -29.54
CA GLY G 164 -11.92 33.87 -28.68
C GLY G 164 -10.58 34.38 -28.19
N ASN G 165 -9.90 33.58 -27.37
CA ASN G 165 -8.59 33.96 -26.83
C ASN G 165 -7.38 33.23 -27.45
N VAL G 166 -7.60 32.06 -28.05
CA VAL G 166 -6.51 31.35 -28.75
C VAL G 166 -6.27 32.00 -30.10
N ASN G 167 -7.33 32.12 -30.87
CA ASN G 167 -7.34 32.90 -32.12
C ASN G 167 -8.55 33.83 -32.05
N ALA G 168 -8.92 34.47 -33.17
CA ALA G 168 -10.09 35.36 -33.20
C ALA G 168 -11.44 34.66 -33.03
N TRP G 169 -11.50 33.33 -33.20
CA TRP G 169 -12.77 32.59 -33.22
C TRP G 169 -12.87 31.36 -32.30
N THR G 170 -11.82 31.01 -31.57
CA THR G 170 -11.84 29.83 -30.66
C THR G 170 -11.31 30.17 -29.27
N GLU G 171 -11.86 29.49 -28.27
CA GLU G 171 -11.42 29.62 -26.88
C GLU G 171 -10.67 28.36 -26.43
N ALA G 172 -9.71 28.54 -25.53
CA ALA G 172 -8.77 27.48 -25.08
C ALA G 172 -9.35 26.07 -24.88
N ASN G 173 -10.26 25.92 -23.90
CA ASN G 173 -10.86 24.61 -23.57
C ASN G 173 -11.56 23.94 -24.77
N ILE G 174 -12.17 24.74 -25.64
CA ILE G 174 -12.79 24.24 -26.87
C ILE G 174 -11.71 23.95 -27.92
N SER G 175 -10.72 24.84 -28.00
CA SER G 175 -9.60 24.70 -28.94
C SER G 175 -8.88 23.37 -28.81
N GLN G 176 -8.68 22.91 -27.58
CA GLN G 176 -7.88 21.70 -27.31
C GLN G 176 -8.56 20.42 -27.83
N ASP G 177 -9.90 20.40 -27.76
CA ASP G 177 -10.69 19.34 -28.39
C ASP G 177 -12.05 19.91 -28.85
N PRO G 178 -12.09 20.38 -30.11
CA PRO G 178 -13.33 20.87 -30.70
C PRO G 178 -14.35 19.76 -30.98
N ASP G 179 -13.87 18.62 -31.47
CA ASP G 179 -14.76 17.55 -31.91
C ASP G 179 -15.58 17.00 -30.75
N ALA G 180 -14.94 16.92 -29.59
CA ALA G 180 -15.59 16.53 -28.34
C ALA G 180 -16.66 17.54 -27.92
N ALA G 181 -16.26 18.81 -27.92
CA ALA G 181 -17.17 19.91 -27.60
C ALA G 181 -18.41 19.90 -28.51
N ASP G 182 -18.21 19.62 -29.80
CA ASP G 182 -19.32 19.50 -30.75
C ASP G 182 -20.28 18.39 -30.31
N ILE G 183 -19.72 17.22 -29.99
CA ILE G 183 -20.50 16.06 -29.59
C ILE G 183 -21.37 16.41 -28.36
N LEU G 184 -20.77 17.08 -27.39
CA LEU G 184 -21.48 17.53 -26.19
C LEU G 184 -22.64 18.47 -26.51
N PHE G 185 -22.36 19.51 -27.29
CA PHE G 185 -23.35 20.56 -27.58
C PHE G 185 -24.54 19.96 -28.34
N ARG G 186 -24.22 19.18 -29.36
CA ARG G 186 -25.20 18.46 -30.17
C ARG G 186 -25.96 17.35 -29.42
N SER G 187 -25.31 16.74 -28.41
CA SER G 187 -25.92 15.67 -27.61
C SER G 187 -27.37 15.91 -27.21
N GLY G 188 -27.69 17.15 -26.85
CA GLY G 188 -29.01 17.51 -26.37
C GLY G 188 -29.09 17.45 -24.85
N ALA G 189 -27.95 17.26 -24.20
CA ALA G 189 -27.88 17.30 -22.75
C ALA G 189 -28.12 18.73 -22.30
N PRO G 190 -28.64 18.92 -21.08
CA PRO G 190 -28.95 20.27 -20.59
C PRO G 190 -27.69 21.04 -20.19
N VAL G 191 -26.96 21.52 -21.21
CA VAL G 191 -25.71 22.25 -21.03
C VAL G 191 -25.99 23.74 -20.81
N THR G 192 -25.09 24.40 -20.08
CA THR G 192 -25.06 25.86 -19.96
C THR G 192 -23.64 26.28 -20.23
N MET G 193 -23.39 26.90 -21.39
CA MET G 193 -22.05 27.38 -21.73
C MET G 193 -21.79 28.70 -21.04
N ILE G 194 -20.68 28.78 -20.30
CA ILE G 194 -20.22 30.03 -19.71
C ILE G 194 -18.90 30.38 -20.36
N GLY G 195 -18.99 31.15 -21.45
CA GLY G 195 -17.85 31.50 -22.28
C GLY G 195 -17.29 32.86 -21.99
N LEU G 196 -16.37 33.30 -22.86
CA LEU G 196 -15.61 34.52 -22.68
C LEU G 196 -16.50 35.76 -22.62
N ASP G 197 -17.55 35.77 -23.45
CA ASP G 197 -18.59 36.82 -23.43
C ASP G 197 -19.12 37.19 -22.04
N VAL G 198 -19.04 36.25 -21.10
CA VAL G 198 -19.35 36.50 -19.70
C VAL G 198 -18.10 36.53 -18.78
N THR G 199 -17.14 35.62 -18.99
CA THR G 199 -15.98 35.51 -18.07
C THR G 199 -14.98 36.67 -18.16
N LEU G 200 -14.90 37.32 -19.32
CA LEU G 200 -14.03 38.48 -19.48
C LEU G 200 -14.58 39.75 -18.82
N GLN G 201 -15.85 39.73 -18.41
CA GLN G 201 -16.41 40.78 -17.54
C GLN G 201 -15.98 40.61 -16.07
N THR G 202 -15.65 39.38 -15.66
CA THR G 202 -15.13 39.10 -14.31
C THR G 202 -13.68 39.55 -14.16
N LEU G 203 -13.34 39.94 -12.94
CA LEU G 203 -12.02 40.49 -12.64
C LEU G 203 -11.67 40.37 -11.15
N LEU G 204 -10.41 40.06 -10.85
CA LEU G 204 -9.84 40.36 -9.53
C LEU G 204 -8.36 40.74 -9.61
N THR G 205 -7.95 41.61 -8.68
CA THR G 205 -6.64 42.24 -8.65
C THR G 205 -5.96 41.87 -7.33
N TYR G 206 -4.79 42.44 -7.06
CA TYR G 206 -4.09 42.24 -5.79
C TYR G 206 -4.85 42.75 -4.56
N LYS G 207 -5.76 43.71 -4.75
CA LYS G 207 -6.68 44.16 -3.69
C LYS G 207 -7.41 42.97 -3.04
N GLU G 208 -7.80 41.99 -3.86
CA GLU G 208 -8.53 40.80 -3.42
C GLU G 208 -7.62 39.71 -2.85
N THR G 209 -6.43 39.51 -3.42
CA THR G 209 -5.50 38.46 -2.97
C THR G 209 -4.79 38.84 -1.66
N LYS G 210 -4.60 40.15 -1.43
CA LYS G 210 -4.09 40.66 -0.14
C LYS G 210 -5.03 40.35 1.03
N GLN G 211 -6.33 40.22 0.76
CA GLN G 211 -7.32 39.81 1.78
C GLN G 211 -7.13 38.35 2.22
N TRP G 212 -6.76 37.49 1.27
CA TRP G 212 -6.46 36.08 1.58
C TRP G 212 -5.17 35.93 2.41
N ARG G 213 -4.17 36.78 2.15
CA ARG G 213 -2.95 36.82 2.96
C ARG G 213 -3.23 37.22 4.41
N ASP G 214 -4.18 38.13 4.61
CA ASP G 214 -4.58 38.60 5.95
C ASP G 214 -5.16 37.51 6.86
N LEU G 215 -5.68 36.43 6.27
CA LEU G 215 -6.21 35.28 7.04
C LEU G 215 -5.12 34.43 7.71
N ASN G 216 -3.87 34.54 7.22
CA ASN G 216 -2.68 33.92 7.83
C ASN G 216 -2.65 32.39 7.84
N THR G 217 -3.42 31.75 6.96
CA THR G 217 -3.54 30.29 6.93
C THR G 217 -2.63 29.68 5.86
N LYS G 218 -2.46 28.36 5.94
CA LYS G 218 -1.75 27.60 4.91
C LYS G 218 -2.44 27.81 3.56
N ALA G 219 -3.78 27.68 3.55
CA ALA G 219 -4.60 27.86 2.34
C ALA G 219 -4.64 29.29 1.83
N GLY G 220 -4.82 30.25 2.73
CA GLY G 220 -4.87 31.68 2.38
C GLY G 220 -3.61 32.15 1.68
N LYS G 221 -2.45 31.81 2.23
CA LYS G 221 -1.15 32.13 1.64
C LYS G 221 -0.94 31.45 0.28
N PHE G 222 -1.41 30.21 0.15
CA PHE G 222 -1.31 29.46 -1.10
C PHE G 222 -2.08 30.10 -2.26
N LEU G 223 -3.39 30.31 -2.04
CA LEU G 223 -4.27 30.89 -3.06
C LEU G 223 -3.82 32.29 -3.47
N ALA G 224 -3.29 33.07 -2.52
CA ALA G 224 -2.75 34.40 -2.80
C ALA G 224 -1.49 34.32 -3.67
N ASP G 225 -0.50 33.55 -3.22
CA ASP G 225 0.75 33.32 -3.98
C ASP G 225 0.46 32.81 -5.40
N MET G 226 -0.51 31.91 -5.51
CA MET G 226 -0.87 31.26 -6.77
C MET G 226 -1.46 32.24 -7.79
N THR G 227 -2.53 32.92 -7.38
CA THR G 227 -3.22 33.86 -8.28
C THR G 227 -2.41 35.13 -8.58
N ASP G 228 -1.44 35.45 -7.73
CA ASP G 228 -0.50 36.55 -8.00
C ASP G 228 0.47 36.23 -9.15
N PHE G 229 0.85 34.96 -9.30
CA PHE G 229 1.58 34.50 -10.49
C PHE G 229 0.70 34.64 -11.74
N TYR G 230 -0.56 34.25 -11.58
CA TYR G 230 -1.58 34.33 -12.63
C TYR G 230 -1.87 35.77 -13.06
N ILE G 231 -1.86 36.72 -12.11
CA ILE G 231 -2.06 38.14 -12.43
C ILE G 231 -0.83 38.74 -13.13
N LYS G 232 0.37 38.44 -12.64
CA LYS G 232 1.63 38.93 -13.27
C LYS G 232 1.85 38.38 -14.69
N ALA G 233 1.32 37.19 -14.95
CA ALA G 233 1.24 36.67 -16.31
C ALA G 233 0.24 37.48 -17.14
N TYR G 234 -0.94 37.73 -16.58
CA TYR G 234 -1.96 38.58 -17.22
C TYR G 234 -1.49 40.03 -17.44
N GLU G 235 -0.63 40.54 -16.56
CA GLU G 235 0.00 41.86 -16.77
C GLU G 235 0.75 41.99 -18.11
N THR G 236 1.30 40.89 -18.63
CA THR G 236 1.96 40.89 -19.95
C THR G 236 1.04 40.36 -21.09
N THR G 237 0.28 39.30 -20.84
CA THR G 237 -0.62 38.71 -21.86
C THR G 237 -1.89 39.54 -22.13
N ALA G 238 -2.30 40.36 -21.15
CA ALA G 238 -3.49 41.20 -21.29
C ALA G 238 -3.48 42.36 -20.27
N PRO G 239 -2.61 43.37 -20.48
CA PRO G 239 -2.58 44.56 -19.59
C PRO G 239 -3.82 45.47 -19.69
N HIS G 240 -4.67 45.25 -20.71
CA HIS G 240 -5.96 45.95 -20.83
C HIS G 240 -7.00 45.61 -19.73
N LEU G 241 -6.76 44.56 -18.92
CA LEU G 241 -7.63 44.20 -17.80
C LEU G 241 -7.09 44.63 -16.41
N GLY G 242 -5.76 44.57 -16.21
CA GLY G 242 -5.11 45.01 -14.95
C GLY G 242 -4.89 43.91 -13.90
N GLY G 243 -5.86 43.00 -13.78
CA GLY G 243 -5.78 41.82 -12.92
C GLY G 243 -5.96 40.56 -13.77
N CYS G 244 -6.83 39.66 -13.31
CA CYS G 244 -7.06 38.37 -13.99
C CYS G 244 -8.53 38.01 -14.11
N GLY G 245 -8.84 37.18 -15.10
CA GLY G 245 -10.19 36.70 -15.32
C GLY G 245 -10.57 35.59 -14.36
N LEU G 246 -11.84 35.55 -13.97
CA LEU G 246 -12.38 34.50 -13.12
C LEU G 246 -13.21 33.56 -13.98
N HIS G 247 -12.51 32.76 -14.78
CA HIS G 247 -13.16 31.98 -15.83
C HIS G 247 -13.87 30.76 -15.26
N ASP G 248 -13.09 29.82 -14.74
CA ASP G 248 -13.59 28.52 -14.30
C ASP G 248 -14.48 28.58 -13.04
N PRO G 249 -14.16 29.48 -12.07
CA PRO G 249 -15.03 29.61 -10.90
C PRO G 249 -16.46 30.00 -11.22
N LEU G 250 -16.63 30.86 -12.21
CA LEU G 250 -17.94 31.36 -12.58
C LEU G 250 -18.87 30.25 -13.05
N ALA G 251 -18.31 29.27 -13.74
CA ALA G 251 -19.07 28.07 -14.12
C ALA G 251 -19.67 27.37 -12.90
N VAL G 252 -18.86 27.24 -11.85
CA VAL G 252 -19.30 26.63 -10.60
C VAL G 252 -20.36 27.51 -9.93
N ALA G 253 -20.10 28.82 -9.90
CA ALA G 253 -21.05 29.78 -9.31
C ALA G 253 -22.43 29.72 -9.96
N VAL G 254 -22.48 29.51 -11.27
CA VAL G 254 -23.72 29.39 -12.02
C VAL G 254 -24.37 28.02 -11.83
N ALA G 255 -23.54 27.00 -11.61
CA ALA G 255 -24.04 25.68 -11.23
C ALA G 255 -24.82 25.73 -9.92
N VAL G 256 -24.29 26.45 -8.93
CA VAL G 256 -24.99 26.59 -7.64
C VAL G 256 -26.15 27.58 -7.74
N ASP G 257 -25.93 28.69 -8.42
CA ASP G 257 -26.92 29.77 -8.53
C ASP G 257 -27.03 30.26 -9.97
N PRO G 258 -27.96 29.68 -10.76
CA PRO G 258 -28.08 30.09 -12.17
C PRO G 258 -28.57 31.53 -12.41
N THR G 259 -29.05 32.22 -11.37
CA THR G 259 -29.45 33.63 -11.48
C THR G 259 -28.26 34.61 -11.55
N LEU G 260 -27.03 34.15 -11.33
CA LEU G 260 -25.85 35.01 -11.52
C LEU G 260 -25.63 35.41 -12.99
N VAL G 261 -26.23 34.67 -13.91
CA VAL G 261 -26.00 34.85 -15.34
C VAL G 261 -27.34 35.03 -16.08
N THR G 262 -27.30 35.74 -17.20
CA THR G 262 -28.43 35.87 -18.13
C THR G 262 -28.09 35.09 -19.40
N THR G 263 -28.86 34.05 -19.69
CA THR G 263 -28.56 33.15 -20.80
C THR G 263 -29.44 33.42 -22.00
N LEU G 264 -28.98 32.93 -23.14
CA LEU G 264 -29.68 33.01 -24.41
C LEU G 264 -30.02 31.60 -24.85
N PRO G 265 -31.31 31.19 -24.77
CA PRO G 265 -31.69 29.85 -25.26
C PRO G 265 -31.32 29.67 -26.73
N ILE G 266 -30.53 28.65 -27.03
CA ILE G 266 -29.97 28.49 -28.38
C ILE G 266 -29.41 27.09 -28.62
N ASN G 267 -29.92 26.43 -29.65
CA ASN G 267 -29.34 25.16 -30.09
C ASN G 267 -27.98 25.45 -30.74
N MET G 268 -26.94 24.80 -30.23
CA MET G 268 -25.54 25.13 -30.54
C MET G 268 -24.80 23.99 -31.24
N GLN G 269 -23.62 24.34 -31.74
CA GLN G 269 -22.67 23.40 -32.32
C GLN G 269 -21.27 23.95 -32.12
N VAL G 270 -20.28 23.16 -32.50
CA VAL G 270 -18.91 23.64 -32.60
C VAL G 270 -18.43 23.32 -33.99
N ASP G 271 -17.73 24.28 -34.59
CA ASP G 271 -17.25 24.14 -35.95
C ASP G 271 -16.07 23.18 -35.95
N VAL G 272 -16.15 22.19 -36.84
CA VAL G 272 -15.14 21.14 -36.97
C VAL G 272 -14.37 21.26 -38.30
N GLU G 273 -15.08 21.49 -39.41
CA GLU G 273 -14.50 21.35 -40.76
C GLU G 273 -13.78 22.58 -41.29
N GLY G 274 -14.40 23.75 -41.16
CA GLY G 274 -13.95 24.95 -41.87
C GLY G 274 -12.69 25.60 -41.32
N PRO G 275 -12.31 26.77 -41.87
CA PRO G 275 -11.23 27.57 -41.28
C PRO G 275 -11.67 28.29 -39.99
N THR G 276 -12.94 28.16 -39.62
CA THR G 276 -13.44 28.52 -38.30
C THR G 276 -13.48 27.33 -37.31
N ARG G 277 -12.68 26.28 -37.55
CA ARG G 277 -12.64 25.11 -36.65
C ARG G 277 -12.36 25.53 -35.21
N GLY G 278 -13.22 25.07 -34.30
CA GLY G 278 -13.12 25.39 -32.87
C GLY G 278 -13.98 26.53 -32.36
N ARG G 279 -14.81 27.07 -33.25
CA ARG G 279 -15.72 28.18 -32.92
C ARG G 279 -17.01 27.63 -32.35
N THR G 280 -17.48 28.27 -31.30
CA THR G 280 -18.79 27.96 -30.72
C THR G 280 -19.81 28.86 -31.40
N ILE G 281 -20.84 28.25 -31.97
CA ILE G 281 -21.80 28.99 -32.79
C ILE G 281 -23.13 28.23 -32.89
N GLY G 282 -24.22 28.97 -33.07
CA GLY G 282 -25.54 28.35 -33.22
C GLY G 282 -25.67 27.51 -34.47
N ASP G 283 -26.36 26.38 -34.36
CA ASP G 283 -26.66 25.55 -35.50
C ASP G 283 -27.91 26.12 -36.15
N VAL G 284 -27.81 26.40 -37.45
CA VAL G 284 -28.92 27.01 -38.19
C VAL G 284 -30.05 26.01 -38.30
N THR G 285 -29.68 24.76 -38.60
CA THR G 285 -30.61 23.63 -38.70
C THR G 285 -31.62 23.60 -37.57
N ARG G 286 -31.16 23.85 -36.35
CA ARG G 286 -32.01 23.83 -35.16
C ARG G 286 -32.35 25.24 -34.64
N LEU G 287 -32.39 26.23 -35.53
CA LEU G 287 -32.79 27.59 -35.15
C LEU G 287 -34.29 27.67 -34.96
N ASN G 288 -35.02 27.16 -35.95
CA ASN G 288 -36.49 27.17 -35.94
C ASN G 288 -37.12 26.09 -35.05
N ASP G 289 -36.32 25.11 -34.61
CA ASP G 289 -36.74 24.17 -33.56
C ASP G 289 -36.93 24.98 -32.26
N PRO G 290 -38.17 25.05 -31.73
CA PRO G 290 -38.40 25.87 -30.52
C PRO G 290 -37.77 25.31 -29.26
N VAL G 291 -37.53 23.99 -29.22
CA VAL G 291 -36.91 23.34 -28.06
C VAL G 291 -35.40 23.61 -28.10
N LYS G 292 -34.94 24.42 -27.15
CA LYS G 292 -33.53 24.82 -27.08
C LYS G 292 -32.76 23.91 -26.10
N THR G 293 -31.80 23.15 -26.63
CA THR G 293 -31.08 22.13 -25.86
C THR G 293 -30.13 22.72 -24.80
N MET G 294 -29.41 23.79 -25.15
CA MET G 294 -28.50 24.45 -24.22
C MET G 294 -28.64 25.96 -24.25
N GLN G 295 -27.97 26.64 -23.30
CA GLN G 295 -28.13 28.08 -23.09
C GLN G 295 -26.75 28.71 -22.93
N VAL G 296 -26.47 29.78 -23.68
CA VAL G 296 -25.19 30.46 -23.62
C VAL G 296 -25.31 31.72 -22.79
N ALA G 297 -24.34 31.93 -21.92
CA ALA G 297 -24.34 33.07 -21.01
C ALA G 297 -23.88 34.27 -21.77
N VAL G 298 -24.65 35.36 -21.67
CA VAL G 298 -24.32 36.62 -22.32
C VAL G 298 -24.19 37.81 -21.35
N GLY G 299 -25.01 37.83 -20.30
CA GLY G 299 -24.90 38.82 -19.22
C GLY G 299 -24.56 38.16 -17.90
N VAL G 300 -24.05 38.95 -16.97
CA VAL G 300 -23.59 38.44 -15.67
C VAL G 300 -23.59 39.54 -14.60
N ASP G 301 -23.94 39.16 -13.37
CA ASP G 301 -23.96 40.07 -12.21
C ASP G 301 -22.57 40.06 -11.58
N VAL G 302 -21.66 40.87 -12.14
CA VAL G 302 -20.23 40.80 -11.78
C VAL G 302 -19.93 41.15 -10.32
N PRO G 303 -20.53 42.24 -9.79
CA PRO G 303 -20.26 42.60 -8.40
C PRO G 303 -20.81 41.61 -7.36
N ARG G 304 -21.95 40.97 -7.67
CA ARG G 304 -22.52 39.94 -6.80
C ARG G 304 -21.72 38.65 -6.86
N PHE G 305 -21.30 38.26 -8.08
CA PHE G 305 -20.41 37.12 -8.26
C PHE G 305 -19.09 37.32 -7.53
N LEU G 306 -18.48 38.49 -7.68
CA LEU G 306 -17.23 38.83 -6.98
C LEU G 306 -17.37 38.77 -5.45
N ASN G 307 -18.54 39.18 -4.94
CA ASN G 307 -18.83 39.09 -3.50
C ASN G 307 -19.06 37.64 -3.05
N GLU G 308 -19.84 36.90 -3.83
CA GLU G 308 -20.10 35.47 -3.58
C GLU G 308 -18.78 34.67 -3.58
N PHE G 309 -17.94 34.97 -4.57
CA PHE G 309 -16.60 34.37 -4.75
C PHE G 309 -15.71 34.57 -3.52
N MET G 310 -15.55 35.81 -3.09
CA MET G 310 -14.66 36.13 -1.96
C MET G 310 -15.21 35.63 -0.62
N THR G 311 -16.53 35.73 -0.41
CA THR G 311 -17.18 35.21 0.80
C THR G 311 -16.95 33.71 0.96
N ARG G 312 -17.20 32.96 -0.10
CA ARG G 312 -17.05 31.50 -0.07
C ARG G 312 -15.59 31.05 0.12
N ILE G 313 -14.68 31.65 -0.65
CA ILE G 313 -13.26 31.24 -0.65
C ILE G 313 -12.51 31.73 0.58
N SER G 314 -12.76 32.97 1.01
CA SER G 314 -12.17 33.48 2.26
C SER G 314 -12.67 32.71 3.49
N GLY G 315 -13.93 32.26 3.45
CA GLY G 315 -14.48 31.39 4.48
C GLY G 315 -13.82 30.02 4.55
N LEU G 316 -13.52 29.45 3.38
CA LEU G 316 -12.82 28.17 3.27
C LEU G 316 -11.35 28.27 3.67
N ALA G 317 -10.68 29.34 3.24
CA ALA G 317 -9.28 29.58 3.58
C ALA G 317 -9.06 29.77 5.09
N LYS G 318 -10.06 30.36 5.78
CA LYS G 318 -10.04 30.48 7.24
C LYS G 318 -10.08 29.11 7.95
N ILE G 319 -10.78 28.14 7.36
CA ILE G 319 -10.91 26.77 7.90
C ILE G 319 -9.60 25.94 7.88
N ALA G 320 -8.73 26.15 6.88
CA ALA G 320 -7.43 25.46 6.85
C ALA G 320 -6.34 26.30 7.52
N LYS H 5 28.02 3.55 -78.37
CA LYS H 5 29.27 3.80 -77.54
C LYS H 5 30.15 4.82 -78.25
N LYS H 6 30.76 5.72 -77.47
CA LYS H 6 31.41 6.92 -78.02
C LYS H 6 32.78 7.21 -77.40
N LEU H 7 33.72 7.58 -78.26
CA LEU H 7 35.15 7.57 -77.93
C LEU H 7 35.78 8.98 -77.98
N ILE H 8 36.63 9.27 -76.99
CA ILE H 8 37.52 10.45 -77.04
C ILE H 8 38.95 9.96 -76.87
N LEU H 9 39.83 10.33 -77.79
CA LEU H 9 41.26 10.12 -77.62
C LEU H 9 41.90 11.39 -77.04
N ASP H 10 42.94 11.23 -76.23
CA ASP H 10 43.70 12.34 -75.63
C ASP H 10 45.15 12.09 -76.03
N LEU H 11 45.63 12.82 -77.04
CA LEU H 11 46.82 12.43 -77.80
C LEU H 11 47.95 13.47 -77.87
N ASP H 12 49.17 12.99 -77.68
CA ASP H 12 50.40 13.75 -77.96
C ASP H 12 50.92 13.30 -79.32
N THR H 13 50.21 13.71 -80.37
CA THR H 13 50.33 13.10 -81.69
C THR H 13 51.61 13.50 -82.46
N GLY H 14 52.61 12.63 -82.62
CA GLY H 14 52.72 11.26 -82.06
C GLY H 14 52.54 10.18 -83.11
N VAL H 15 53.53 9.29 -83.24
CA VAL H 15 53.51 8.25 -84.27
C VAL H 15 52.56 7.12 -83.92
N ASP H 16 52.79 6.50 -82.76
CA ASP H 16 51.85 5.50 -82.23
C ASP H 16 50.48 6.12 -81.95
N ASP H 17 50.46 7.40 -81.62
CA ASP H 17 49.20 8.13 -81.41
C ASP H 17 48.31 8.18 -82.67
N THR H 18 48.90 8.32 -83.86
CA THR H 18 48.10 8.28 -85.10
C THR H 18 47.64 6.88 -85.44
N LEU H 19 48.43 5.88 -85.05
CA LEU H 19 48.02 4.49 -85.19
C LEU H 19 46.81 4.20 -84.31
N ALA H 20 46.72 4.89 -83.16
CA ALA H 20 45.53 4.86 -82.31
C ALA H 20 44.33 5.50 -82.98
N ILE H 21 44.56 6.64 -83.65
CA ILE H 21 43.52 7.29 -84.44
C ILE H 21 43.06 6.35 -85.56
N SER H 22 44.01 5.77 -86.28
CA SER H 22 43.73 4.86 -87.38
C SER H 22 42.92 3.63 -86.94
N TYR H 23 43.30 3.03 -85.81
CA TYR H 23 42.56 1.90 -85.24
C TYR H 23 41.14 2.34 -84.84
N ALA H 24 41.03 3.53 -84.26
CA ALA H 24 39.75 4.06 -83.82
C ALA H 24 38.80 4.27 -85.00
N LEU H 25 39.28 5.00 -86.02
CA LEU H 25 38.47 5.26 -87.22
C LEU H 25 38.23 3.99 -88.06
N GLY H 26 39.10 3.00 -87.93
CA GLY H 26 38.90 1.68 -88.54
C GLY H 26 37.95 0.76 -87.79
N SER H 27 37.51 1.17 -86.60
CA SER H 27 36.69 0.36 -85.72
C SER H 27 35.25 0.88 -85.68
N PRO H 28 34.28 0.09 -86.21
CA PRO H 28 32.89 0.55 -86.26
C PRO H 28 32.10 0.50 -84.93
N GLU H 29 32.69 -0.05 -83.86
CA GLU H 29 31.98 -0.18 -82.59
C GLU H 29 31.90 1.15 -81.81
N MET H 30 32.80 2.09 -82.15
CA MET H 30 32.87 3.38 -81.47
C MET H 30 32.68 4.50 -82.49
N GLU H 31 32.04 5.58 -82.07
CA GLU H 31 32.08 6.84 -82.80
C GLU H 31 33.12 7.71 -82.12
N LEU H 32 34.17 8.05 -82.85
CA LEU H 32 35.21 8.96 -82.33
C LEU H 32 34.64 10.38 -82.32
N ILE H 33 34.30 10.89 -81.15
CA ILE H 33 33.68 12.21 -80.99
C ILE H 33 34.72 13.31 -81.23
N GLY H 34 35.85 13.19 -80.55
CA GLY H 34 36.92 14.18 -80.66
C GLY H 34 38.27 13.69 -80.22
N ILE H 35 39.30 14.44 -80.61
CA ILE H 35 40.67 14.18 -80.22
C ILE H 35 41.10 15.34 -79.35
N THR H 36 41.20 15.08 -78.05
CA THR H 36 41.81 16.03 -77.12
C THR H 36 43.34 16.03 -77.33
N GLY H 37 43.94 17.21 -77.39
CA GLY H 37 45.40 17.34 -77.66
C GLY H 37 46.19 17.56 -76.39
N THR H 38 47.32 16.89 -76.26
CA THR H 38 48.23 17.10 -75.13
C THR H 38 49.67 17.07 -75.66
N TYR H 39 50.65 16.98 -74.76
CA TYR H 39 52.06 17.26 -75.04
C TYR H 39 52.92 16.04 -74.70
N GLY H 40 54.17 16.03 -75.15
CA GLY H 40 55.13 14.98 -74.79
C GLY H 40 55.98 14.57 -75.96
N ASN H 41 55.42 13.70 -76.80
CA ASN H 41 56.07 13.28 -78.06
C ASN H 41 56.40 14.53 -78.88
N VAL H 42 55.48 15.49 -78.86
CA VAL H 42 55.65 16.75 -79.54
C VAL H 42 54.91 17.85 -78.76
N LEU H 43 55.30 19.11 -78.99
CA LEU H 43 54.65 20.29 -78.40
C LEU H 43 53.13 20.25 -78.59
N MET H 44 52.39 20.73 -77.61
CA MET H 44 50.92 20.56 -77.56
C MET H 44 50.22 20.99 -78.85
N GLU H 45 50.59 22.18 -79.34
CA GLU H 45 50.05 22.75 -80.59
C GLU H 45 50.32 21.84 -81.79
N GLN H 46 51.57 21.41 -81.94
CA GLN H 46 51.94 20.43 -82.97
C GLN H 46 51.05 19.17 -82.93
N GLY H 47 50.71 18.72 -81.72
CA GLY H 47 49.76 17.62 -81.52
C GLY H 47 48.42 17.86 -82.19
N VAL H 48 47.94 19.09 -82.10
CA VAL H 48 46.68 19.50 -82.73
C VAL H 48 46.81 19.60 -84.25
N ARG H 49 47.88 20.23 -84.76
CA ARG H 49 48.11 20.34 -86.21
C ARG H 49 48.09 18.97 -86.88
N ASN H 50 48.75 18.02 -86.24
CA ASN H 50 48.88 16.66 -86.76
C ASN H 50 47.53 15.96 -86.71
N ALA H 51 46.86 16.06 -85.56
CA ALA H 51 45.54 15.45 -85.36
C ALA H 51 44.54 15.88 -86.45
N LEU H 52 44.46 17.19 -86.69
CA LEU H 52 43.57 17.73 -87.72
C LEU H 52 43.97 17.22 -89.11
N ALA H 53 45.24 17.39 -89.46
CA ALA H 53 45.77 16.96 -90.77
C ALA H 53 45.59 15.47 -91.06
N ILE H 54 45.75 14.64 -90.03
CA ILE H 54 45.69 13.19 -90.18
C ILE H 54 44.25 12.70 -90.25
N THR H 55 43.38 13.22 -89.37
CA THR H 55 41.95 12.89 -89.42
C THR H 55 41.35 13.21 -90.79
N ASP H 56 41.75 14.36 -91.35
CA ASP H 56 41.42 14.72 -92.74
C ASP H 56 41.91 13.65 -93.72
N LEU H 57 43.21 13.34 -93.67
CA LEU H 57 43.83 12.41 -94.63
C LEU H 57 43.17 11.01 -94.68
N LEU H 58 42.73 10.52 -93.52
CA LEU H 58 42.10 9.19 -93.44
C LEU H 58 40.64 9.15 -93.91
N GLY H 59 40.07 10.34 -94.11
CA GLY H 59 38.72 10.50 -94.66
C GLY H 59 37.67 10.83 -93.61
N HIS H 60 38.10 11.42 -92.48
CA HIS H 60 37.19 11.73 -91.38
C HIS H 60 37.47 13.12 -90.82
N PRO H 61 37.12 14.18 -91.58
CA PRO H 61 37.28 15.55 -91.09
C PRO H 61 36.18 16.02 -90.13
N GLU H 62 35.23 15.14 -89.77
CA GLU H 62 34.25 15.43 -88.72
C GLU H 62 34.83 15.39 -87.31
N VAL H 63 36.02 14.79 -87.16
CA VAL H 63 36.65 14.63 -85.87
C VAL H 63 37.13 15.99 -85.36
N LYS H 64 36.47 16.48 -84.32
CA LYS H 64 36.72 17.81 -83.79
C LYS H 64 37.88 17.74 -82.80
N VAL H 65 38.94 18.50 -83.06
CA VAL H 65 40.14 18.48 -82.24
C VAL H 65 40.11 19.62 -81.22
N TYR H 66 40.14 19.27 -79.94
CA TYR H 66 40.10 20.24 -78.85
C TYR H 66 41.50 20.49 -78.30
N LYS H 67 41.62 21.54 -77.49
CA LYS H 67 42.91 22.08 -77.09
C LYS H 67 43.08 21.92 -75.57
N GLY H 68 43.92 20.95 -75.17
CA GLY H 68 44.24 20.73 -73.76
C GLY H 68 45.37 21.62 -73.28
N LEU H 69 46.05 21.18 -72.21
CA LEU H 69 47.06 21.99 -71.53
C LEU H 69 48.46 21.77 -72.10
N SER H 70 49.28 22.82 -72.10
CA SER H 70 50.64 22.79 -72.70
C SER H 70 51.71 22.15 -71.81
N HIS H 71 51.66 22.45 -70.51
CA HIS H 71 52.67 22.01 -69.54
C HIS H 71 52.05 21.14 -68.46
N ALA H 72 52.90 20.52 -67.65
CA ALA H 72 52.48 19.60 -66.59
C ALA H 72 51.78 20.29 -65.42
N SER H 73 50.89 19.53 -64.76
CA SER H 73 50.28 19.86 -63.47
C SER H 73 51.13 20.75 -62.55
N THR H 74 52.40 20.37 -62.37
CA THR H 74 53.32 21.02 -61.43
C THR H 74 54.56 21.66 -62.10
N LYS H 75 54.45 22.01 -63.38
CA LYS H 75 55.54 22.70 -64.10
C LYS H 75 55.01 23.99 -64.75
N ASP H 76 55.93 24.93 -65.02
CA ASP H 76 55.59 26.19 -65.68
C ASP H 76 55.56 26.07 -67.20
N SER H 77 56.52 25.31 -67.75
CA SER H 77 56.70 25.20 -69.21
C SER H 77 56.84 23.74 -69.65
N PHE H 78 57.13 23.56 -70.94
CA PHE H 78 57.46 22.24 -71.49
C PHE H 78 58.24 22.37 -72.81
N GLU H 79 59.33 21.61 -72.92
CA GLU H 79 60.09 21.45 -74.15
C GLU H 79 60.05 19.96 -74.54
N VAL H 80 60.11 19.69 -75.84
CA VAL H 80 60.22 18.31 -76.32
C VAL H 80 61.63 17.82 -76.02
N LEU H 81 61.75 16.65 -75.37
CA LEU H 81 63.05 16.05 -75.09
C LEU H 81 63.66 15.53 -76.41
N PRO H 82 65.01 15.59 -76.56
CA PRO H 82 65.61 15.18 -77.84
C PRO H 82 65.44 13.68 -78.15
N ILE H 83 65.24 12.87 -77.11
CA ILE H 83 64.98 11.43 -77.26
C ILE H 83 63.68 11.21 -78.04
N SER H 84 62.60 11.88 -77.61
CA SER H 84 61.29 11.78 -78.29
C SER H 84 61.30 12.43 -79.69
N ALA H 85 62.15 13.45 -79.88
CA ALA H 85 62.37 14.04 -81.19
C ALA H 85 63.08 13.08 -82.16
N PHE H 86 63.94 12.21 -81.64
CA PHE H 86 64.60 11.16 -82.45
C PHE H 86 63.62 10.07 -82.88
N ILE H 87 62.74 9.65 -81.96
CA ILE H 87 61.79 8.56 -82.21
C ILE H 87 60.66 9.01 -83.14
N HIS H 88 59.90 10.01 -82.69
CA HIS H 88 58.72 10.49 -83.42
C HIS H 88 59.02 11.60 -84.46
N GLY H 89 60.26 12.08 -84.50
CA GLY H 89 60.67 13.14 -85.43
C GLY H 89 60.38 14.54 -84.92
N ASP H 90 60.68 15.53 -85.76
CA ASP H 90 60.53 16.94 -85.39
C ASP H 90 59.07 17.37 -85.46
N ASN H 91 58.44 17.07 -86.60
CA ASN H 91 56.98 17.27 -86.75
C ASN H 91 56.13 16.35 -85.86
N GLY H 92 56.70 15.23 -85.40
CA GLY H 92 56.01 14.26 -84.54
C GLY H 92 55.24 13.19 -85.30
N ILE H 93 55.60 13.00 -86.58
CA ILE H 93 54.84 12.16 -87.52
C ILE H 93 55.83 11.42 -88.45
N GLY H 94 56.90 10.90 -87.87
CA GLY H 94 58.08 10.54 -88.67
C GLY H 94 58.71 11.86 -89.06
N ASP H 95 59.00 12.05 -90.35
CA ASP H 95 59.19 13.41 -90.86
C ASP H 95 58.41 13.49 -92.17
N VAL H 96 57.20 12.93 -92.13
CA VAL H 96 56.41 12.73 -93.32
C VAL H 96 55.64 14.02 -93.59
N GLU H 97 55.80 14.54 -94.82
CA GLU H 97 55.18 15.78 -95.23
C GLU H 97 53.73 15.51 -95.59
N ILE H 98 52.84 16.30 -95.00
CA ILE H 98 51.40 16.09 -95.12
C ILE H 98 50.73 17.47 -95.08
N PRO H 99 49.76 17.72 -95.98
CA PRO H 99 49.14 19.06 -96.00
C PRO H 99 48.42 19.41 -94.70
N ASP H 100 48.59 20.65 -94.24
CA ASP H 100 47.87 21.17 -93.08
C ASP H 100 46.38 21.13 -93.34
N SER H 101 45.59 20.77 -92.32
CA SER H 101 44.14 20.86 -92.45
C SER H 101 43.74 22.34 -92.34
N PRO H 102 42.84 22.80 -93.24
CA PRO H 102 42.32 24.15 -93.09
C PRO H 102 41.32 24.30 -91.93
N ARG H 103 40.82 23.18 -91.39
CA ARG H 103 40.03 23.18 -90.14
C ARG H 103 41.00 23.49 -89.05
N LYS H 104 40.47 24.05 -87.96
CA LYS H 104 41.26 24.46 -86.80
C LYS H 104 40.63 23.99 -85.50
N ALA H 105 41.33 24.19 -84.39
CA ALA H 105 40.89 23.69 -83.08
C ALA H 105 39.59 24.35 -82.65
N GLU H 106 38.75 23.59 -81.96
CA GLU H 106 37.49 24.11 -81.43
C GLU H 106 37.75 25.19 -80.38
N ASP H 107 36.72 25.98 -80.10
CA ASP H 107 36.87 27.18 -79.26
C ASP H 107 37.11 26.82 -77.81
N GLU H 108 36.30 25.91 -77.28
CA GLU H 108 36.41 25.51 -75.88
C GLU H 108 37.65 24.64 -75.60
N SER H 109 38.07 24.65 -74.34
CA SER H 109 39.20 23.83 -73.88
C SER H 109 38.80 22.36 -73.84
N ALA H 110 39.80 21.48 -73.93
CA ALA H 110 39.58 20.05 -73.91
C ALA H 110 39.17 19.57 -72.52
N VAL H 111 39.64 20.27 -71.50
CA VAL H 111 39.20 20.06 -70.12
C VAL H 111 37.66 20.09 -70.07
N ASP H 112 37.07 21.17 -70.60
CA ASP H 112 35.61 21.35 -70.61
C ASP H 112 34.88 20.42 -71.57
N PHE H 113 35.51 20.09 -72.70
CA PHE H 113 34.93 19.15 -73.66
C PHE H 113 34.73 17.77 -73.04
N ILE H 114 35.71 17.33 -72.27
CA ILE H 114 35.64 16.06 -71.55
C ILE H 114 34.48 16.09 -70.54
N ILE H 115 34.46 17.12 -69.70
CA ILE H 115 33.44 17.26 -68.65
C ILE H 115 32.05 17.28 -69.27
N ASP H 116 31.91 18.07 -70.34
CA ASP H 116 30.66 18.18 -71.09
C ASP H 116 30.25 16.84 -71.71
N SER H 117 31.21 16.18 -72.37
CA SER H 117 30.98 14.86 -73.00
C SER H 117 30.56 13.80 -71.99
N VAL H 118 31.11 13.86 -70.78
CA VAL H 118 30.73 12.95 -69.69
C VAL H 118 29.25 13.15 -69.33
N LYS H 119 28.84 14.41 -69.18
CA LYS H 119 27.45 14.70 -68.84
C LYS H 119 26.47 14.43 -69.98
N LYS H 120 26.93 14.53 -71.23
CA LYS H 120 26.07 14.19 -72.38
C LYS H 120 25.90 12.69 -72.54
N TYR H 121 27.01 11.98 -72.70
CA TYR H 121 26.98 10.57 -73.08
C TYR H 121 27.12 9.59 -71.91
N GLY H 122 27.44 10.11 -70.71
CA GLY H 122 27.44 9.29 -69.48
C GLY H 122 28.24 8.01 -69.58
N LYS H 123 27.55 6.88 -69.41
CA LYS H 123 28.19 5.56 -69.43
C LYS H 123 28.41 4.98 -70.82
N ASP H 124 27.96 5.67 -71.88
CA ASP H 124 28.34 5.32 -73.24
C ASP H 124 29.69 5.91 -73.65
N LEU H 125 30.21 6.86 -72.86
CA LEU H 125 31.50 7.51 -73.15
C LEU H 125 32.70 6.68 -72.71
N VAL H 126 33.71 6.64 -73.58
CA VAL H 126 34.97 5.94 -73.32
C VAL H 126 36.12 6.89 -73.63
N TYR H 127 36.91 7.24 -72.62
CA TYR H 127 38.03 8.19 -72.78
C TYR H 127 39.34 7.40 -72.76
N VAL H 128 40.14 7.53 -73.82
CA VAL H 128 41.32 6.69 -74.05
C VAL H 128 42.55 7.57 -74.24
N PRO H 129 43.18 7.98 -73.13
CA PRO H 129 44.33 8.88 -73.18
C PRO H 129 45.65 8.15 -73.35
N THR H 130 46.35 8.42 -74.45
CA THR H 130 47.67 7.82 -74.68
C THR H 130 48.75 8.91 -74.75
N GLY H 131 48.51 9.99 -74.04
CA GLY H 131 49.53 10.97 -73.69
C GLY H 131 49.48 11.11 -72.18
N PRO H 132 50.19 12.11 -71.65
CA PRO H 132 50.07 12.48 -70.25
C PRO H 132 48.63 12.64 -69.76
N MET H 133 48.46 12.36 -68.47
CA MET H 133 47.13 12.38 -67.85
C MET H 133 46.71 13.81 -67.46
N THR H 134 47.65 14.77 -67.58
CA THR H 134 47.45 16.20 -67.29
C THR H 134 46.04 16.73 -67.54
N ASN H 135 45.47 16.37 -68.69
CA ASN H 135 44.15 16.86 -69.08
C ASN H 135 43.04 16.32 -68.17
N ILE H 136 42.89 14.99 -68.10
CA ILE H 136 41.83 14.42 -67.25
C ILE H 136 42.02 14.60 -65.73
N ALA H 137 43.25 14.89 -65.30
CA ALA H 137 43.51 15.32 -63.92
C ALA H 137 42.84 16.66 -63.63
N ALA H 138 43.03 17.62 -64.54
CA ALA H 138 42.36 18.92 -64.46
C ALA H 138 40.84 18.80 -64.59
N ALA H 139 40.36 17.86 -65.39
CA ALA H 139 38.92 17.59 -65.53
C ALA H 139 38.32 17.05 -64.24
N LEU H 140 38.95 16.01 -63.69
CA LEU H 140 38.55 15.43 -62.40
C LEU H 140 38.69 16.41 -61.24
N LYS H 141 39.73 17.24 -61.29
CA LYS H 141 39.89 18.37 -60.36
C LYS H 141 38.66 19.29 -60.43
N LYS H 142 38.38 19.88 -61.60
CA LYS H 142 37.27 20.83 -61.77
C LYS H 142 35.89 20.17 -61.54
N ALA H 143 35.71 18.95 -62.03
CA ALA H 143 34.43 18.24 -61.90
C ALA H 143 34.67 16.79 -61.45
N PRO H 144 34.77 16.56 -60.11
CA PRO H 144 35.02 15.20 -59.62
C PRO H 144 33.86 14.20 -59.82
N GLU H 145 32.65 14.69 -60.08
CA GLU H 145 31.49 13.83 -60.40
C GLU H 145 31.79 12.81 -61.51
N ILE H 146 32.58 13.24 -62.49
CA ILE H 146 33.02 12.42 -63.64
C ILE H 146 33.25 10.96 -63.28
N LYS H 147 34.03 10.73 -62.21
CA LYS H 147 34.35 9.39 -61.67
C LYS H 147 33.27 8.34 -61.92
N ASP H 148 32.08 8.62 -61.39
CA ASP H 148 30.97 7.68 -61.39
C ASP H 148 30.13 7.81 -62.67
N GLU H 149 30.07 9.02 -63.22
CA GLU H 149 29.29 9.30 -64.43
C GLU H 149 29.89 8.69 -65.71
N ILE H 150 31.22 8.72 -65.85
CA ILE H 150 31.89 8.22 -67.06
C ILE H 150 31.81 6.69 -67.19
N GLY H 151 31.75 6.22 -68.44
CA GLY H 151 31.66 4.80 -68.75
C GLY H 151 32.91 4.06 -68.38
N LYS H 152 34.01 4.38 -69.07
CA LYS H 152 35.33 3.85 -68.72
C LYS H 152 36.49 4.66 -69.29
N ILE H 153 37.59 4.71 -68.55
CA ILE H 153 38.85 5.27 -69.02
C ILE H 153 39.78 4.09 -69.30
N VAL H 154 40.55 4.17 -70.39
CA VAL H 154 41.46 3.08 -70.79
C VAL H 154 42.74 3.71 -71.33
N LEU H 155 43.70 3.97 -70.43
CA LEU H 155 44.92 4.69 -70.81
C LEU H 155 46.02 3.77 -71.32
N MET H 156 46.99 4.38 -72.01
CA MET H 156 48.27 3.75 -72.30
C MET H 156 49.31 4.53 -71.51
N GLY H 157 50.08 3.80 -70.72
CA GLY H 157 51.09 4.38 -69.85
C GLY H 157 51.44 3.51 -68.67
N GLY H 158 52.53 3.86 -68.00
CA GLY H 158 53.01 3.13 -66.82
C GLY H 158 53.66 1.79 -67.12
N ALA H 159 54.17 1.19 -66.05
CA ALA H 159 54.71 -0.18 -66.06
C ALA H 159 54.60 -0.70 -64.64
N LEU H 160 53.80 -1.75 -64.43
CA LEU H 160 53.58 -2.29 -63.09
C LEU H 160 54.64 -3.32 -62.76
N THR H 161 54.64 -4.41 -63.51
CA THR H 161 55.46 -5.58 -63.21
C THR H 161 56.82 -5.58 -63.93
N ILE H 162 57.26 -4.44 -64.44
CA ILE H 162 58.44 -4.43 -65.32
C ILE H 162 59.16 -3.07 -65.29
N HIS H 163 60.35 -3.03 -65.86
CA HIS H 163 61.10 -1.77 -65.99
C HIS H 163 60.38 -0.79 -66.91
N GLY H 164 60.36 0.47 -66.51
CA GLY H 164 59.89 1.55 -67.38
C GLY H 164 60.86 1.80 -68.53
N ASN H 165 60.51 2.74 -69.41
CA ASN H 165 61.36 3.08 -70.57
C ASN H 165 62.13 4.40 -70.46
N VAL H 166 61.68 5.32 -69.62
CA VAL H 166 62.43 6.58 -69.38
C VAL H 166 63.61 6.31 -68.46
N ASN H 167 63.30 5.71 -67.31
CA ASN H 167 64.31 5.20 -66.39
C ASN H 167 63.91 3.76 -66.05
N ALA H 168 64.54 3.15 -65.04
CA ALA H 168 64.19 1.78 -64.64
C ALA H 168 62.79 1.62 -64.01
N TRP H 169 62.17 2.72 -63.58
CA TRP H 169 60.91 2.66 -62.83
C TRP H 169 59.74 3.54 -63.33
N THR H 170 59.93 4.32 -64.40
CA THR H 170 58.87 5.19 -64.93
C THR H 170 58.72 5.05 -66.45
N GLU H 171 57.49 5.22 -66.93
CA GLU H 171 57.18 5.19 -68.35
C GLU H 171 56.84 6.60 -68.84
N ALA H 172 57.15 6.87 -70.11
CA ALA H 172 57.04 8.21 -70.74
C ALA H 172 55.81 9.05 -70.37
N ASN H 173 54.63 8.59 -70.76
CA ASN H 173 53.37 9.33 -70.52
C ASN H 173 53.13 9.65 -69.02
N ILE H 174 53.53 8.73 -68.14
CA ILE H 174 53.45 8.97 -66.70
C ILE H 174 54.58 9.89 -66.25
N SER H 175 55.78 9.68 -66.80
CA SER H 175 56.95 10.50 -66.50
C SER H 175 56.72 11.99 -66.69
N GLN H 176 56.01 12.36 -67.76
CA GLN H 176 55.81 13.77 -68.13
C GLN H 176 54.94 14.52 -67.12
N ASP H 177 53.96 13.82 -66.56
CA ASP H 177 53.17 14.34 -65.44
C ASP H 177 52.74 13.21 -64.51
N PRO H 178 53.57 12.92 -63.49
CA PRO H 178 53.25 11.91 -62.49
C PRO H 178 52.10 12.31 -61.57
N ASP H 179 52.09 13.57 -61.16
CA ASP H 179 51.13 14.05 -60.16
C ASP H 179 49.70 13.93 -60.67
N ALA H 180 49.54 14.22 -61.96
CA ALA H 180 48.26 14.07 -62.65
C ALA H 180 47.83 12.61 -62.70
N ALA H 181 48.76 11.76 -63.13
CA ALA H 181 48.51 10.31 -63.18
C ALA H 181 48.10 9.76 -61.82
N ASP H 182 48.74 10.23 -60.75
CA ASP H 182 48.36 9.84 -59.39
C ASP H 182 46.90 10.21 -59.11
N ILE H 183 46.55 11.45 -59.42
CA ILE H 183 45.19 11.95 -59.19
C ILE H 183 44.16 11.07 -59.90
N LEU H 184 44.44 10.72 -61.15
CA LEU H 184 43.58 9.83 -61.94
C LEU H 184 43.42 8.45 -61.29
N PHE H 185 44.53 7.82 -60.95
CA PHE H 185 44.52 6.45 -60.43
C PHE H 185 43.76 6.38 -59.11
N ARG H 186 44.09 7.32 -58.22
CA ARG H 186 43.42 7.49 -56.93
C ARG H 186 41.95 7.92 -57.01
N SER H 187 41.59 8.67 -58.06
CA SER H 187 40.22 9.16 -58.27
C SER H 187 39.12 8.13 -57.98
N GLY H 188 39.36 6.89 -58.37
CA GLY H 188 38.38 5.83 -58.25
C GLY H 188 37.55 5.67 -59.51
N ALA H 189 37.92 6.37 -60.57
CA ALA H 189 37.29 6.22 -61.87
C ALA H 189 37.62 4.84 -62.40
N PRO H 190 36.74 4.27 -63.24
CA PRO H 190 36.98 2.92 -63.78
C PRO H 190 38.07 2.90 -64.87
N VAL H 191 39.31 3.01 -64.42
CA VAL H 191 40.48 3.05 -65.29
C VAL H 191 40.95 1.63 -65.64
N THR H 192 41.56 1.48 -66.81
CA THR H 192 42.26 0.27 -67.21
C THR H 192 43.61 0.71 -67.73
N MET H 193 44.67 0.44 -66.96
CA MET H 193 46.03 0.80 -67.37
C MET H 193 46.54 -0.24 -68.36
N ILE H 194 47.01 0.21 -69.52
CA ILE H 194 47.68 -0.65 -70.49
C ILE H 194 49.11 -0.16 -70.62
N GLY H 195 49.97 -0.75 -69.78
CA GLY H 195 51.36 -0.33 -69.64
C GLY H 195 52.31 -1.21 -70.41
N LEU H 196 53.60 -0.99 -70.18
CA LEU H 196 54.67 -1.64 -70.92
C LEU H 196 54.65 -3.15 -70.79
N ASP H 197 54.33 -3.63 -69.58
CA ASP H 197 54.13 -5.07 -69.30
C ASP H 197 53.26 -5.82 -70.33
N VAL H 198 52.38 -5.09 -71.00
CA VAL H 198 51.60 -5.62 -72.11
C VAL H 198 52.03 -5.07 -73.49
N THR H 199 52.35 -3.77 -73.60
CA THR H 199 52.65 -3.17 -74.91
C THR H 199 53.99 -3.59 -75.52
N LEU H 200 54.95 -3.96 -74.68
CA LEU H 200 56.24 -4.45 -75.17
C LEU H 200 56.19 -5.88 -75.71
N GLN H 201 55.08 -6.59 -75.47
CA GLN H 201 54.79 -7.85 -76.15
C GLN H 201 54.29 -7.65 -77.58
N THR H 202 53.69 -6.49 -77.87
CA THR H 202 53.24 -6.13 -79.21
C THR H 202 54.41 -5.74 -80.11
N LEU H 203 54.26 -6.01 -81.39
CA LEU H 203 55.32 -5.80 -82.37
C LEU H 203 54.79 -5.67 -83.79
N LEU H 204 55.37 -4.77 -84.58
CA LEU H 204 55.28 -4.86 -86.04
C LEU H 204 56.56 -4.38 -86.73
N THR H 205 56.83 -5.00 -87.89
CA THR H 205 58.08 -4.83 -88.64
C THR H 205 57.71 -4.29 -90.03
N TYR H 206 58.70 -4.18 -90.91
CA TYR H 206 58.47 -3.77 -92.30
C TYR H 206 57.59 -4.73 -93.11
N LYS H 207 57.53 -6.01 -92.69
CA LYS H 207 56.59 -6.99 -93.26
C LYS H 207 55.15 -6.46 -93.26
N GLU H 208 54.78 -5.76 -92.18
CA GLU H 208 53.43 -5.20 -92.00
C GLU H 208 53.23 -3.85 -92.73
N THR H 209 54.26 -3.00 -92.74
CA THR H 209 54.14 -1.67 -93.38
C THR H 209 54.19 -1.75 -94.91
N LYS H 210 54.89 -2.77 -95.45
CA LYS H 210 54.88 -3.06 -96.89
C LYS H 210 53.47 -3.42 -97.40
N GLN H 211 52.63 -3.99 -96.54
CA GLN H 211 51.23 -4.28 -96.89
C GLN H 211 50.40 -3.02 -97.08
N TRP H 212 50.67 -1.99 -96.27
CA TRP H 212 50.01 -0.68 -96.42
C TRP H 212 50.43 0.05 -97.71
N ARG H 213 51.70 -0.10 -98.11
CA ARG H 213 52.18 0.43 -99.38
C ARG H 213 51.48 -0.21 -100.59
N ASP H 214 51.18 -1.51 -100.48
CA ASP H 214 50.49 -2.27 -101.54
C ASP H 214 49.07 -1.76 -101.86
N LEU H 215 48.44 -1.06 -100.90
CA LEU H 215 47.11 -0.48 -101.11
C LEU H 215 47.10 0.75 -102.04
N ASN H 216 48.28 1.37 -102.21
CA ASN H 216 48.50 2.46 -103.19
C ASN H 216 47.73 3.76 -102.92
N THR H 217 47.28 3.98 -101.68
CA THR H 217 46.47 5.14 -101.33
C THR H 217 47.33 6.25 -100.73
N LYS H 218 46.73 7.45 -100.63
CA LYS H 218 47.33 8.58 -99.93
C LYS H 218 47.62 8.18 -98.47
N ALA H 219 46.62 7.58 -97.83
CA ALA H 219 46.72 7.13 -96.43
C ALA H 219 47.68 5.95 -96.22
N GLY H 220 47.60 4.96 -97.10
CA GLY H 220 48.47 3.77 -97.04
C GLY H 220 49.95 4.13 -97.10
N LYS H 221 50.31 4.97 -98.07
CA LYS H 221 51.69 5.45 -98.21
C LYS H 221 52.15 6.30 -97.00
N PHE H 222 51.24 7.10 -96.45
CA PHE H 222 51.54 7.93 -95.28
C PHE H 222 51.90 7.09 -94.04
N LEU H 223 50.98 6.20 -93.65
CA LEU H 223 51.16 5.36 -92.47
C LEU H 223 52.41 4.46 -92.57
N ALA H 224 52.70 3.99 -93.78
CA ALA H 224 53.90 3.19 -94.06
C ALA H 224 55.18 4.03 -93.88
N ASP H 225 55.26 5.16 -94.58
CA ASP H 225 56.39 6.11 -94.45
C ASP H 225 56.62 6.52 -93.00
N MET H 226 55.53 6.78 -92.28
CA MET H 226 55.56 7.26 -90.91
C MET H 226 56.14 6.24 -89.94
N THR H 227 55.55 5.04 -89.91
CA THR H 227 55.97 3.99 -88.99
C THR H 227 57.35 3.40 -89.34
N ASP H 228 57.79 3.55 -90.59
CA ASP H 228 59.13 3.16 -90.99
C ASP H 228 60.23 4.08 -90.40
N PHE H 229 59.90 5.36 -90.22
CA PHE H 229 60.77 6.27 -89.44
C PHE H 229 60.84 5.81 -87.98
N TYR H 230 59.68 5.44 -87.45
CA TYR H 230 59.52 4.95 -86.08
C TYR H 230 60.26 3.63 -85.84
N ILE H 231 60.28 2.75 -86.84
CA ILE H 231 61.02 1.48 -86.73
C ILE H 231 62.54 1.71 -86.81
N LYS H 232 62.99 2.55 -87.74
CA LYS H 232 64.44 2.88 -87.88
C LYS H 232 65.02 3.61 -86.66
N ALA H 233 64.16 4.35 -85.96
CA ALA H 233 64.50 4.90 -84.65
C ALA H 233 64.62 3.78 -83.61
N TYR H 234 63.64 2.88 -83.60
CA TYR H 234 63.67 1.69 -82.72
C TYR H 234 64.85 0.75 -83.02
N GLU H 235 65.30 0.67 -84.27
CA GLU H 235 66.50 -0.07 -84.63
C GLU H 235 67.76 0.37 -83.85
N THR H 236 67.84 1.64 -83.46
CA THR H 236 68.95 2.14 -82.62
C THR H 236 68.59 2.21 -81.12
N THR H 237 67.39 2.68 -80.77
CA THR H 237 66.96 2.80 -79.36
C THR H 237 66.62 1.46 -78.69
N ALA H 238 66.28 0.45 -79.50
CA ALA H 238 65.93 -0.88 -78.97
C ALA H 238 66.04 -1.96 -80.07
N PRO H 239 67.28 -2.32 -80.49
CA PRO H 239 67.46 -3.40 -81.48
C PRO H 239 67.11 -4.81 -80.98
N HIS H 240 66.91 -4.98 -79.67
CA HIS H 240 66.41 -6.23 -79.10
C HIS H 240 64.96 -6.62 -79.48
N LEU H 241 64.20 -5.70 -80.10
CA LEU H 241 62.85 -5.99 -80.61
C LEU H 241 62.77 -6.20 -82.14
N GLY H 242 63.57 -5.48 -82.92
CA GLY H 242 63.65 -5.63 -84.39
C GLY H 242 62.73 -4.71 -85.20
N GLY H 243 61.52 -4.49 -84.69
CA GLY H 243 60.55 -3.55 -85.26
C GLY H 243 60.19 -2.50 -84.22
N CYS H 244 58.88 -2.24 -84.04
CA CYS H 244 58.40 -1.21 -83.11
C CYS H 244 57.24 -1.69 -82.25
N GLY H 245 57.07 -1.03 -81.11
CA GLY H 245 55.98 -1.35 -80.19
C GLY H 245 54.68 -0.72 -80.64
N LEU H 246 53.57 -1.42 -80.37
CA LEU H 246 52.23 -0.92 -80.67
C LEU H 246 51.59 -0.49 -79.36
N HIS H 247 52.05 0.64 -78.84
CA HIS H 247 51.72 1.08 -77.50
C HIS H 247 50.31 1.66 -77.42
N ASP H 248 50.12 2.80 -78.08
CA ASP H 248 48.89 3.58 -77.97
C ASP H 248 47.68 2.91 -78.66
N PRO H 249 47.88 2.23 -79.80
CA PRO H 249 46.77 1.51 -80.44
C PRO H 249 46.12 0.46 -79.57
N LEU H 250 46.93 -0.24 -78.79
CA LEU H 250 46.45 -1.33 -77.96
C LEU H 250 45.46 -0.84 -76.92
N ALA H 251 45.68 0.37 -76.39
CA ALA H 251 44.73 1.00 -75.48
C ALA H 251 43.34 1.13 -76.12
N VAL H 252 43.33 1.55 -77.38
CA VAL H 252 42.08 1.69 -78.14
C VAL H 252 41.47 0.31 -78.40
N ALA H 253 42.30 -0.65 -78.78
CA ALA H 253 41.84 -2.03 -79.02
C ALA H 253 41.15 -2.65 -77.81
N VAL H 254 41.67 -2.35 -76.62
CA VAL H 254 41.10 -2.85 -75.36
C VAL H 254 39.85 -2.06 -74.97
N ALA H 255 39.80 -0.78 -75.35
CA ALA H 255 38.59 0.02 -75.20
C ALA H 255 37.41 -0.59 -75.97
N VAL H 256 37.66 -1.01 -77.21
CA VAL H 256 36.62 -1.65 -78.03
C VAL H 256 36.35 -3.09 -77.59
N ASP H 257 37.41 -3.82 -77.31
CA ASP H 257 37.33 -5.25 -76.96
C ASP H 257 38.22 -5.56 -75.75
N PRO H 258 37.65 -5.49 -74.52
CA PRO H 258 38.47 -5.74 -73.33
C PRO H 258 38.99 -7.18 -73.17
N THR H 259 38.49 -8.13 -73.97
CA THR H 259 38.98 -9.50 -73.95
C THR H 259 40.35 -9.70 -74.63
N LEU H 260 40.88 -8.68 -75.31
CA LEU H 260 42.24 -8.74 -75.85
C LEU H 260 43.32 -8.80 -74.77
N VAL H 261 42.98 -8.42 -73.55
CA VAL H 261 43.93 -8.27 -72.45
C VAL H 261 43.44 -9.06 -71.23
N THR H 262 44.40 -9.51 -70.40
CA THR H 262 44.11 -10.12 -69.09
C THR H 262 44.58 -9.15 -68.02
N THR H 263 43.64 -8.65 -67.22
CA THR H 263 43.95 -7.62 -66.23
C THR H 263 44.05 -8.18 -64.82
N LEU H 264 44.69 -7.40 -63.96
CA LEU H 264 44.87 -7.73 -62.56
C LEU H 264 44.13 -6.66 -61.75
N PRO H 265 42.99 -7.02 -61.13
CA PRO H 265 42.28 -6.06 -60.27
C PRO H 265 43.18 -5.55 -59.15
N ILE H 266 43.37 -4.24 -59.07
CA ILE H 266 44.34 -3.66 -58.14
C ILE H 266 44.13 -2.17 -57.92
N ASN H 267 43.96 -1.76 -56.67
CA ASN H 267 43.94 -0.35 -56.32
C ASN H 267 45.36 0.21 -56.45
N MET H 268 45.50 1.25 -57.27
CA MET H 268 46.79 1.76 -57.72
C MET H 268 47.07 3.18 -57.26
N GLN H 269 48.33 3.59 -57.43
CA GLN H 269 48.80 4.94 -57.20
C GLN H 269 49.96 5.21 -58.14
N VAL H 270 50.45 6.45 -58.13
CA VAL H 270 51.70 6.79 -58.78
C VAL H 270 52.56 7.47 -57.74
N ASP H 271 53.84 7.10 -57.74
CA ASP H 271 54.77 7.63 -56.75
C ASP H 271 55.11 9.06 -57.12
N VAL H 272 54.99 9.93 -56.14
CA VAL H 272 55.23 11.36 -56.30
C VAL H 272 56.47 11.83 -55.54
N GLU H 273 56.64 11.38 -54.29
CA GLU H 273 57.65 11.95 -53.37
C GLU H 273 59.06 11.37 -53.50
N GLY H 274 59.17 10.05 -53.53
CA GLY H 274 60.45 9.36 -53.36
C GLY H 274 61.39 9.45 -54.56
N PRO H 275 62.53 8.73 -54.49
CA PRO H 275 63.40 8.57 -55.66
C PRO H 275 62.83 7.59 -56.69
N THR H 276 61.69 6.97 -56.38
CA THR H 276 60.86 6.26 -57.37
C THR H 276 59.74 7.13 -57.97
N ARG H 277 59.87 8.46 -57.93
CA ARG H 277 58.86 9.37 -58.50
C ARG H 277 58.55 9.01 -59.96
N GLY H 278 57.27 8.82 -60.26
CA GLY H 278 56.79 8.47 -61.60
C GLY H 278 56.51 6.99 -61.84
N ARG H 279 56.66 6.18 -60.79
CA ARG H 279 56.42 4.74 -60.86
C ARG H 279 54.96 4.44 -60.64
N THR H 280 54.42 3.54 -61.45
CA THR H 280 53.07 3.04 -61.27
C THR H 280 53.15 1.81 -60.37
N ILE H 281 52.39 1.83 -59.28
CA ILE H 281 52.52 0.79 -58.26
C ILE H 281 51.24 0.71 -57.42
N GLY H 282 50.95 -0.47 -56.88
CA GLY H 282 49.79 -0.66 -56.02
C GLY H 282 49.88 0.11 -54.72
N ASP H 283 48.76 0.67 -54.28
CA ASP H 283 48.69 1.34 -52.99
C ASP H 283 48.42 0.27 -51.96
N VAL H 284 49.29 0.21 -50.94
CA VAL H 284 49.19 -0.81 -49.90
C VAL H 284 47.95 -0.56 -49.07
N THR H 285 47.72 0.71 -48.75
CA THR H 285 46.54 1.17 -48.01
C THR H 285 45.25 0.54 -48.50
N ARG H 286 45.09 0.44 -49.82
CA ARG H 286 43.90 -0.12 -50.43
C ARG H 286 44.13 -1.54 -50.99
N LEU H 287 45.04 -2.30 -50.40
CA LEU H 287 45.28 -3.69 -50.81
C LEU H 287 44.17 -4.59 -50.26
N ASN H 288 43.89 -4.43 -48.96
CA ASN H 288 42.87 -5.22 -48.27
C ASN H 288 41.43 -4.76 -48.54
N ASP H 289 41.27 -3.57 -49.11
CA ASP H 289 39.98 -3.12 -49.64
C ASP H 289 39.60 -4.02 -50.82
N PRO H 290 38.51 -4.82 -50.70
CA PRO H 290 38.16 -5.75 -51.79
C PRO H 290 37.69 -5.07 -53.08
N VAL H 291 37.15 -3.85 -52.97
CA VAL H 291 36.70 -3.10 -54.13
C VAL H 291 37.90 -2.52 -54.86
N LYS H 292 38.17 -3.05 -56.06
CA LYS H 292 39.31 -2.62 -56.87
C LYS H 292 38.90 -1.56 -57.90
N THR H 293 39.45 -0.36 -57.76
CA THR H 293 39.06 0.81 -58.57
C THR H 293 39.49 0.70 -60.04
N MET H 294 40.72 0.22 -60.28
CA MET H 294 41.24 0.06 -61.65
C MET H 294 41.93 -1.27 -61.85
N GLN H 295 42.27 -1.59 -63.09
CA GLN H 295 42.80 -2.90 -63.48
C GLN H 295 44.01 -2.70 -64.38
N VAL H 296 45.13 -3.36 -64.07
CA VAL H 296 46.34 -3.25 -64.86
C VAL H 296 46.49 -4.47 -65.75
N ALA H 297 46.85 -4.23 -67.01
CA ALA H 297 46.97 -5.27 -67.99
C ALA H 297 48.29 -5.96 -67.79
N VAL H 298 48.25 -7.29 -67.72
CA VAL H 298 49.46 -8.11 -67.54
C VAL H 298 49.69 -9.13 -68.67
N GLY H 299 48.59 -9.71 -69.18
CA GLY H 299 48.64 -10.60 -70.35
C GLY H 299 47.90 -10.00 -71.53
N VAL H 300 48.21 -10.50 -72.73
CA VAL H 300 47.63 -9.97 -73.96
C VAL H 300 47.68 -11.00 -75.10
N ASP H 301 46.62 -11.00 -75.92
CA ASP H 301 46.50 -11.91 -77.07
C ASP H 301 47.17 -11.22 -78.28
N VAL H 302 48.50 -11.34 -78.37
CA VAL H 302 49.30 -10.56 -79.34
C VAL H 302 48.96 -10.86 -80.80
N PRO H 303 48.84 -12.15 -81.19
CA PRO H 303 48.52 -12.45 -82.58
C PRO H 303 47.12 -12.02 -83.04
N ARG H 304 46.15 -12.06 -82.12
CA ARG H 304 44.79 -11.61 -82.40
C ARG H 304 44.73 -10.08 -82.48
N PHE H 305 45.41 -9.41 -81.56
CA PHE H 305 45.54 -7.96 -81.60
C PHE H 305 46.21 -7.49 -82.90
N LEU H 306 47.33 -8.13 -83.26
CA LEU H 306 48.03 -7.81 -84.51
C LEU H 306 47.15 -8.01 -85.75
N ASN H 307 46.29 -9.04 -85.74
CA ASN H 307 45.33 -9.27 -86.83
C ASN H 307 44.20 -8.23 -86.84
N GLU H 308 43.66 -7.94 -85.65
CA GLU H 308 42.62 -6.91 -85.48
C GLU H 308 43.15 -5.53 -85.95
N PHE H 309 44.37 -5.23 -85.54
CA PHE H 309 45.09 -3.99 -85.90
C PHE H 309 45.23 -3.81 -87.42
N MET H 310 45.76 -4.82 -88.10
CA MET H 310 45.99 -4.72 -89.54
C MET H 310 44.69 -4.75 -90.35
N THR H 311 43.72 -5.55 -89.94
CA THR H 311 42.39 -5.61 -90.58
C THR H 311 41.70 -4.24 -90.56
N ARG H 312 41.67 -3.63 -89.38
CA ARG H 312 41.01 -2.32 -89.21
C ARG H 312 41.71 -1.20 -89.96
N ILE H 313 43.04 -1.12 -89.84
CA ILE H 313 43.82 -0.03 -90.41
C ILE H 313 44.00 -0.16 -91.93
N SER H 314 44.25 -1.39 -92.41
CA SER H 314 44.32 -1.63 -93.87
C SER H 314 42.97 -1.39 -94.56
N GLY H 315 41.86 -1.68 -93.85
CA GLY H 315 40.51 -1.36 -94.32
C GLY H 315 40.25 0.13 -94.43
N LEU H 316 40.74 0.89 -93.45
CA LEU H 316 40.63 2.37 -93.45
C LEU H 316 41.52 3.02 -94.50
N ALA H 317 42.75 2.52 -94.63
CA ALA H 317 43.70 3.04 -95.63
C ALA H 317 43.21 2.83 -97.07
N LYS H 318 42.48 1.74 -97.31
CA LYS H 318 41.82 1.48 -98.61
C LYS H 318 40.75 2.53 -98.95
N ILE H 319 40.05 3.04 -97.93
CA ILE H 319 39.00 4.06 -98.10
C ILE H 319 39.50 5.45 -98.53
N ALA H 320 40.70 5.86 -98.11
CA ALA H 320 41.30 7.13 -98.56
C ALA H 320 42.17 6.94 -99.81
N LYS I 5 98.24 -62.90 29.32
CA LYS I 5 97.46 -63.44 28.15
C LYS I 5 97.87 -64.88 27.86
N LYS I 6 96.90 -65.72 27.51
CA LYS I 6 97.09 -67.19 27.48
C LYS I 6 96.49 -67.85 26.24
N LEU I 7 97.25 -68.79 25.68
CA LEU I 7 97.03 -69.30 24.31
C LEU I 7 96.68 -70.78 24.29
N ILE I 8 95.70 -71.16 23.46
CA ILE I 8 95.44 -72.55 23.12
C ILE I 8 95.51 -72.68 21.60
N LEU I 9 96.33 -73.60 21.11
CA LEU I 9 96.31 -73.98 19.68
C LEU I 9 95.42 -75.21 19.49
N ASP I 10 94.76 -75.28 18.34
CA ASP I 10 93.90 -76.42 17.96
C ASP I 10 94.43 -76.91 16.63
N LEU I 11 95.20 -78.00 16.64
CA LEU I 11 96.12 -78.35 15.55
C LEU I 11 95.93 -79.74 14.95
N ASP I 12 95.97 -79.79 13.62
CA ASP I 12 96.08 -81.03 12.84
C ASP I 12 97.55 -81.22 12.44
N THR I 13 98.37 -81.54 13.44
CA THR I 13 99.83 -81.39 13.35
C THR I 13 100.50 -82.47 12.48
N GLY I 14 100.99 -82.17 11.26
CA GLY I 14 100.88 -80.89 10.55
C GLY I 14 102.20 -80.13 10.49
N VAL I 15 102.65 -79.80 9.28
CA VAL I 15 103.96 -79.16 9.08
C VAL I 15 103.90 -77.69 9.46
N ASP I 16 103.02 -76.94 8.80
CA ASP I 16 102.77 -75.54 9.17
C ASP I 16 102.23 -75.43 10.59
N ASP I 17 101.50 -76.46 11.04
CA ASP I 17 101.01 -76.51 12.42
C ASP I 17 102.13 -76.52 13.47
N THR I 18 103.26 -77.19 13.21
CA THR I 18 104.39 -77.13 14.15
C THR I 18 105.13 -75.80 14.09
N LEU I 19 105.10 -75.16 12.93
CA LEU I 19 105.64 -73.82 12.80
C LEU I 19 104.82 -72.83 13.62
N ALA I 20 103.52 -73.11 13.75
CA ALA I 20 102.64 -72.36 14.67
C ALA I 20 103.01 -72.60 16.14
N ILE I 21 103.31 -73.85 16.47
CA ILE I 21 103.80 -74.19 17.81
C ILE I 21 105.11 -73.47 18.07
N SER I 22 106.03 -73.55 17.12
CA SER I 22 107.35 -72.91 17.23
C SER I 22 107.26 -71.39 17.41
N TYR I 23 106.39 -70.73 16.64
CA TYR I 23 106.14 -69.29 16.78
C TYR I 23 105.55 -68.98 18.15
N ALA I 24 104.62 -69.83 18.60
CA ALA I 24 103.97 -69.64 19.89
C ALA I 24 104.97 -69.73 21.04
N LEU I 25 105.73 -70.82 21.07
CA LEU I 25 106.74 -71.03 22.12
C LEU I 25 107.92 -70.04 22.02
N GLY I 26 108.16 -69.50 20.82
CA GLY I 26 109.13 -68.42 20.62
C GLY I 26 108.64 -67.03 20.98
N SER I 27 107.36 -66.90 21.32
CA SER I 27 106.72 -65.62 21.60
C SER I 27 106.44 -65.46 23.10
N PRO I 28 107.13 -64.51 23.77
CA PRO I 28 106.94 -64.32 25.21
C PRO I 28 105.65 -63.61 25.66
N GLU I 29 104.85 -63.12 24.73
CA GLU I 29 103.62 -62.39 25.08
C GLU I 29 102.48 -63.32 25.52
N MET I 30 102.57 -64.59 25.15
CA MET I 30 101.54 -65.59 25.45
C MET I 30 102.16 -66.74 26.23
N GLU I 31 101.38 -67.31 27.15
CA GLU I 31 101.69 -68.62 27.72
C GLU I 31 100.84 -69.64 26.97
N LEU I 32 101.49 -70.55 26.27
CA LEU I 32 100.79 -71.64 25.59
C LEU I 32 100.31 -72.65 26.64
N ILE I 33 99.01 -72.65 26.93
CA ILE I 33 98.44 -73.50 27.98
C ILE I 33 98.38 -74.95 27.49
N GLY I 34 97.83 -75.15 26.30
CA GLY I 34 97.70 -76.48 25.73
C GLY I 34 97.52 -76.51 24.23
N ILE I 35 97.72 -77.69 23.66
CA ILE I 35 97.51 -77.93 22.23
C ILE I 35 96.35 -78.90 22.13
N THR I 36 95.20 -78.39 21.71
CA THR I 36 94.08 -79.23 21.35
C THR I 36 94.36 -79.92 20.00
N GLY I 37 94.10 -81.23 19.92
CA GLY I 37 94.40 -82.01 18.70
C GLY I 37 93.16 -82.21 17.84
N THR I 38 93.31 -82.05 16.53
CA THR I 38 92.23 -82.34 15.58
C THR I 38 92.83 -83.04 14.35
N TYR I 39 92.07 -83.13 13.27
CA TYR I 39 92.33 -84.04 12.15
C TYR I 39 92.43 -83.24 10.84
N GLY I 40 92.94 -83.89 9.79
CA GLY I 40 92.98 -83.27 8.46
C GLY I 40 94.27 -83.57 7.73
N ASN I 41 95.30 -82.79 8.06
CA ASN I 41 96.67 -83.02 7.54
C ASN I 41 97.09 -84.45 7.89
N VAL I 42 96.71 -84.90 9.07
CA VAL I 42 96.97 -86.25 9.52
C VAL I 42 95.85 -86.70 10.48
N LEU I 43 95.71 -88.02 10.65
CA LEU I 43 94.75 -88.63 11.58
C LEU I 43 94.85 -87.99 12.98
N MET I 44 93.72 -87.85 13.66
CA MET I 44 93.64 -87.09 14.90
C MET I 44 94.69 -87.50 15.93
N GLU I 45 94.81 -88.82 16.14
CA GLU I 45 95.79 -89.41 17.06
C GLU I 45 97.23 -89.04 16.70
N GLN I 46 97.57 -89.21 15.44
CA GLN I 46 98.88 -88.78 14.91
C GLN I 46 99.18 -87.32 15.23
N GLY I 47 98.15 -86.47 15.15
CA GLY I 47 98.23 -85.05 15.56
C GLY I 47 98.72 -84.88 16.99
N VAL I 48 98.22 -85.73 17.88
CA VAL I 48 98.61 -85.72 19.28
C VAL I 48 100.03 -86.26 19.48
N ARG I 49 100.39 -87.38 18.84
CA ARG I 49 101.75 -87.94 18.95
C ARG I 49 102.80 -86.92 18.56
N ASN I 50 102.53 -86.19 17.48
CA ASN I 50 103.45 -85.19 16.94
C ASN I 50 103.54 -84.01 17.90
N ALA I 51 102.38 -83.52 18.32
CA ALA I 51 102.29 -82.39 19.26
C ALA I 51 103.13 -82.62 20.52
N LEU I 52 102.96 -83.79 21.14
CA LEU I 52 103.72 -84.17 22.33
C LEU I 52 105.21 -84.23 22.05
N ALA I 53 105.58 -85.00 21.01
CA ALA I 53 106.98 -85.19 20.60
C ALA I 53 107.70 -83.88 20.26
N ILE I 54 106.99 -82.97 19.60
CA ILE I 54 107.57 -81.71 19.14
C ILE I 54 107.70 -80.69 20.27
N THR I 55 106.66 -80.57 21.09
CA THR I 55 106.71 -79.71 22.27
C THR I 55 107.87 -80.08 23.19
N ASP I 56 108.09 -81.39 23.37
CA ASP I 56 109.27 -81.92 24.06
C ASP I 56 110.56 -81.44 23.38
N LEU I 57 110.68 -81.69 22.08
CA LEU I 57 111.91 -81.38 21.33
C LEU I 57 112.35 -79.91 21.41
N LEU I 58 111.39 -79.00 21.41
CA LEU I 58 111.67 -77.56 21.45
C LEU I 58 112.04 -77.03 22.85
N GLY I 59 111.84 -77.88 23.87
CA GLY I 59 112.22 -77.59 25.24
C GLY I 59 111.06 -77.18 26.12
N HIS I 60 109.83 -77.58 25.76
CA HIS I 60 108.63 -77.20 26.50
C HIS I 60 107.70 -78.39 26.68
N PRO I 61 108.08 -79.35 27.55
CA PRO I 61 107.20 -80.48 27.83
C PRO I 61 106.09 -80.19 28.84
N GLU I 62 105.95 -78.94 29.29
CA GLU I 62 104.80 -78.51 30.11
C GLU I 62 103.51 -78.36 29.30
N VAL I 63 103.63 -78.30 27.97
CA VAL I 63 102.49 -78.10 27.10
C VAL I 63 101.63 -79.35 27.09
N LYS I 64 100.44 -79.24 27.68
CA LYS I 64 99.55 -80.38 27.87
C LYS I 64 98.69 -80.54 26.61
N VAL I 65 98.77 -81.71 25.99
CA VAL I 65 98.08 -81.98 24.73
C VAL I 65 96.76 -82.70 25.01
N TYR I 66 95.65 -82.08 24.62
CA TYR I 66 94.32 -82.63 24.83
C TYR I 66 93.80 -83.30 23.55
N LYS I 67 92.72 -84.05 23.70
CA LYS I 67 92.24 -84.96 22.65
C LYS I 67 90.86 -84.49 22.17
N GLY I 68 90.84 -83.90 20.97
CA GLY I 68 89.58 -83.48 20.33
C GLY I 68 88.91 -84.60 19.57
N LEU I 69 88.08 -84.23 18.59
CA LEU I 69 87.24 -85.19 17.86
C LEU I 69 87.94 -85.71 16.60
N SER I 70 87.67 -86.97 16.25
CA SER I 70 88.33 -87.66 15.12
C SER I 70 87.75 -87.33 13.75
N HIS I 71 86.42 -87.24 13.67
CA HIS I 71 85.70 -87.03 12.41
C HIS I 71 84.90 -85.72 12.44
N ALA I 72 84.37 -85.35 11.28
CA ALA I 72 83.62 -84.10 11.13
C ALA I 72 82.25 -84.11 11.80
N SER I 73 81.81 -82.91 12.20
CA SER I 73 80.44 -82.60 12.65
C SER I 73 79.36 -83.51 12.05
N THR I 74 79.38 -83.65 10.72
CA THR I 74 78.34 -84.37 9.97
C THR I 74 78.85 -85.61 9.21
N LYS I 75 79.95 -86.20 9.67
CA LYS I 75 80.48 -87.44 9.09
C LYS I 75 80.67 -88.50 10.17
N ASP I 76 80.68 -89.78 9.77
CA ASP I 76 80.90 -90.90 10.68
C ASP I 76 82.38 -91.17 10.92
N SER I 77 83.20 -91.06 9.88
CA SER I 77 84.62 -91.40 9.91
C SER I 77 85.51 -90.30 9.32
N PHE I 78 86.80 -90.59 9.20
CA PHE I 78 87.75 -89.73 8.51
C PHE I 78 89.00 -90.50 8.08
N GLU I 79 89.41 -90.31 6.83
CA GLU I 79 90.68 -90.81 6.30
C GLU I 79 91.51 -89.61 5.84
N VAL I 80 92.82 -89.72 5.91
CA VAL I 80 93.72 -88.69 5.38
C VAL I 80 93.67 -88.77 3.86
N LEU I 81 93.43 -87.65 3.20
CA LEU I 81 93.44 -87.59 1.72
C LEU I 81 94.88 -87.73 1.22
N PRO I 82 95.08 -88.39 0.05
CA PRO I 82 96.46 -88.61 -0.40
C PRO I 82 97.22 -87.32 -0.77
N ILE I 83 96.48 -86.26 -1.10
CA ILE I 83 97.04 -84.94 -1.38
C ILE I 83 97.77 -84.40 -0.13
N SER I 84 97.09 -84.41 1.01
CA SER I 84 97.68 -83.96 2.29
C SER I 84 98.80 -84.89 2.78
N ALA I 85 98.72 -86.18 2.44
CA ALA I 85 99.81 -87.13 2.71
C ALA I 85 101.07 -86.83 1.88
N PHE I 86 100.89 -86.29 0.66
CA PHE I 86 102.02 -85.87 -0.17
C PHE I 86 102.72 -84.62 0.38
N ILE I 87 101.91 -83.66 0.83
CA ILE I 87 102.42 -82.37 1.33
C ILE I 87 103.10 -82.53 2.70
N HIS I 88 102.32 -82.97 3.68
CA HIS I 88 102.79 -83.08 5.07
C HIS I 88 103.45 -84.43 5.41
N GLY I 89 103.41 -85.38 4.47
CA GLY I 89 104.01 -86.71 4.68
C GLY I 89 103.07 -87.68 5.38
N ASP I 90 103.57 -88.87 5.64
CA ASP I 90 102.77 -89.95 6.25
C ASP I 90 102.63 -89.74 7.75
N ASN I 91 103.75 -89.50 8.41
CA ASN I 91 103.75 -89.11 9.83
C ASN I 91 103.14 -87.71 10.09
N GLY I 92 103.08 -86.86 9.06
CA GLY I 92 102.52 -85.50 9.16
C GLY I 92 103.53 -84.45 9.60
N ILE I 93 104.82 -84.76 9.44
CA ILE I 93 105.92 -83.96 9.98
C ILE I 93 107.09 -83.96 8.97
N GLY I 94 106.78 -83.80 7.69
CA GLY I 94 107.71 -84.19 6.63
C GLY I 94 107.72 -85.71 6.62
N ASP I 95 108.89 -86.33 6.68
CA ASP I 95 108.98 -87.72 7.12
C ASP I 95 110.14 -87.80 8.09
N VAL I 96 110.21 -86.80 8.96
CA VAL I 96 111.35 -86.59 9.83
C VAL I 96 111.17 -87.48 11.07
N GLU I 97 112.19 -88.30 11.33
CA GLU I 97 112.16 -89.24 12.45
C GLU I 97 112.50 -88.48 13.72
N ILE I 98 111.65 -88.64 14.72
CA ILE I 98 111.73 -87.89 15.98
C ILE I 98 111.23 -88.80 17.10
N PRO I 99 111.95 -88.85 18.24
CA PRO I 99 111.50 -89.76 19.31
C PRO I 99 110.10 -89.44 19.86
N ASP I 100 109.30 -90.47 20.09
CA ASP I 100 107.99 -90.32 20.73
C ASP I 100 108.17 -89.72 22.11
N SER I 101 107.27 -88.83 22.51
CA SER I 101 107.27 -88.33 23.88
C SER I 101 106.70 -89.42 24.79
N PRO I 102 107.35 -89.68 25.94
CA PRO I 102 106.77 -90.60 26.90
C PRO I 102 105.56 -90.02 27.66
N ARG I 103 105.36 -88.70 27.59
CA ARG I 103 104.12 -88.05 28.08
C ARG I 103 103.06 -88.45 27.13
N LYS I 104 101.81 -88.43 27.61
CA LYS I 104 100.64 -88.83 26.84
C LYS I 104 99.51 -87.80 26.99
N ALA I 105 98.44 -88.00 26.23
CA ALA I 105 97.33 -87.05 26.21
C ALA I 105 96.63 -86.97 27.55
N GLU I 106 96.15 -85.78 27.90
CA GLU I 106 95.41 -85.58 29.16
C GLU I 106 94.10 -86.35 29.15
N ASP I 107 93.54 -86.54 30.33
CA ASP I 107 92.39 -87.44 30.51
C ASP I 107 91.12 -86.86 29.89
N GLU I 108 90.86 -85.59 30.16
CA GLU I 108 89.66 -84.93 29.65
C GLU I 108 89.74 -84.61 28.15
N SER I 109 88.56 -84.47 27.54
CA SER I 109 88.45 -84.11 26.12
C SER I 109 88.84 -82.65 25.92
N ALA I 110 89.25 -82.33 24.70
CA ALA I 110 89.66 -80.98 24.34
C ALA I 110 88.46 -80.04 24.28
N VAL I 111 87.30 -80.60 23.94
CA VAL I 111 86.03 -79.88 24.01
C VAL I 111 85.88 -79.25 25.42
N ASP I 112 86.02 -80.07 26.45
CA ASP I 112 85.88 -79.63 27.85
C ASP I 112 87.04 -78.75 28.33
N PHE I 113 88.25 -79.02 27.83
CA PHE I 113 89.42 -78.20 28.17
C PHE I 113 89.25 -76.75 27.71
N ILE I 114 88.70 -76.58 26.51
CA ILE I 114 88.40 -75.26 25.97
C ILE I 114 87.37 -74.55 26.86
N ILE I 115 86.26 -75.23 27.11
CA ILE I 115 85.15 -74.66 27.89
C ILE I 115 85.65 -74.25 29.29
N ASP I 116 86.42 -75.15 29.91
CA ASP I 116 87.01 -74.92 31.22
C ASP I 116 88.00 -73.74 31.18
N SER I 117 88.89 -73.73 30.18
CA SER I 117 89.87 -72.65 30.01
C SER I 117 89.22 -71.28 29.80
N VAL I 118 88.08 -71.26 29.10
CA VAL I 118 87.30 -70.03 28.92
C VAL I 118 86.80 -69.50 30.25
N LYS I 119 86.25 -70.39 31.09
CA LYS I 119 85.75 -69.98 32.40
C LYS I 119 86.86 -69.62 33.39
N LYS I 120 88.05 -70.22 33.24
CA LYS I 120 89.19 -69.86 34.09
C LYS I 120 89.80 -68.52 33.71
N TYR I 121 90.23 -68.40 32.46
CA TYR I 121 91.02 -67.25 32.01
C TYR I 121 90.21 -66.16 31.30
N GLY I 122 88.94 -66.44 31.01
CA GLY I 122 88.02 -65.42 30.46
C GLY I 122 88.55 -64.66 29.27
N LYS I 123 88.69 -63.34 29.42
CA LYS I 123 89.15 -62.47 28.35
C LYS I 123 90.67 -62.41 28.17
N ASP I 124 91.43 -63.08 29.04
CA ASP I 124 92.87 -63.28 28.80
C ASP I 124 93.14 -64.48 27.87
N LEU I 125 92.13 -65.32 27.63
CA LEU I 125 92.29 -66.50 26.76
C LEU I 125 92.19 -66.16 25.27
N VAL I 126 93.09 -66.77 24.50
CA VAL I 126 93.13 -66.61 23.05
C VAL I 126 93.21 -68.00 22.41
N TYR I 127 92.19 -68.38 21.64
CA TYR I 127 92.12 -69.70 21.02
C TYR I 127 92.42 -69.57 19.53
N VAL I 128 93.44 -70.28 19.04
CA VAL I 128 93.98 -70.09 17.68
C VAL I 128 93.97 -71.43 16.94
N PRO I 129 92.82 -71.77 16.33
CA PRO I 129 92.66 -73.04 15.62
C PRO I 129 93.13 -72.99 14.19
N THR I 130 94.13 -73.80 13.86
CA THR I 130 94.62 -73.88 12.48
C THR I 130 94.41 -75.30 11.91
N GLY I 131 93.39 -75.97 12.42
CA GLY I 131 92.82 -77.14 11.79
C GLY I 131 91.35 -76.87 11.62
N PRO I 132 90.58 -77.90 11.26
CA PRO I 132 89.12 -77.82 11.25
C PRO I 132 88.53 -77.23 12.53
N MET I 133 87.38 -76.59 12.36
CA MET I 133 86.70 -75.90 13.46
C MET I 133 85.86 -76.87 14.31
N THR I 134 85.75 -78.12 13.85
CA THR I 134 85.02 -79.21 14.52
C THR I 134 85.01 -79.16 16.04
N ASN I 135 86.18 -78.90 16.63
CA ASN I 135 86.32 -78.88 18.09
C ASN I 135 85.56 -77.71 18.73
N ILE I 136 85.88 -76.48 18.35
CA ILE I 136 85.20 -75.31 18.94
C ILE I 136 83.70 -75.16 18.57
N ALA I 137 83.28 -75.82 17.48
CA ALA I 137 81.85 -75.94 17.17
C ALA I 137 81.12 -76.77 18.22
N ALA I 138 81.71 -77.91 18.58
CA ALA I 138 81.20 -78.75 19.67
C ALA I 138 81.26 -78.05 21.04
N ALA I 139 82.29 -77.23 21.26
CA ALA I 139 82.42 -76.44 22.48
C ALA I 139 81.32 -75.39 22.59
N LEU I 140 81.14 -74.60 21.53
CA LEU I 140 80.07 -73.60 21.45
C LEU I 140 78.68 -74.21 21.48
N LYS I 141 78.54 -75.38 20.87
CA LYS I 141 77.32 -76.20 20.98
C LYS I 141 77.03 -76.51 22.46
N LYS I 142 77.95 -77.21 23.13
CA LYS I 142 77.76 -77.61 24.54
C LYS I 142 77.66 -76.43 25.51
N ALA I 143 78.49 -75.40 25.30
CA ALA I 143 78.51 -74.22 26.16
C ALA I 143 78.52 -72.93 25.31
N PRO I 144 77.33 -72.44 24.91
CA PRO I 144 77.29 -71.22 24.07
C PRO I 144 77.72 -69.92 24.77
N GLU I 145 77.74 -69.91 26.12
CA GLU I 145 78.25 -68.75 26.90
C GLU I 145 79.63 -68.28 26.44
N ILE I 146 80.47 -69.24 26.06
CA ILE I 146 81.84 -69.00 25.55
C ILE I 146 81.96 -67.72 24.72
N LYS I 147 81.05 -67.57 23.74
CA LYS I 147 80.97 -66.40 22.83
C LYS I 147 81.45 -65.09 23.46
N ASP I 148 80.80 -64.71 24.55
CA ASP I 148 81.02 -63.42 25.20
C ASP I 148 82.16 -63.51 26.24
N GLU I 149 82.30 -64.69 26.86
CA GLU I 149 83.33 -64.92 27.89
C GLU I 149 84.77 -64.96 27.34
N ILE I 150 84.96 -65.57 26.16
CA ILE I 150 86.30 -65.73 25.58
C ILE I 150 86.89 -64.39 25.10
N GLY I 151 88.22 -64.27 25.20
CA GLY I 151 88.94 -63.07 24.79
C GLY I 151 88.90 -62.86 23.30
N LYS I 152 89.52 -63.77 22.56
CA LYS I 152 89.43 -63.76 21.09
C LYS I 152 89.80 -65.10 20.45
N ILE I 153 89.14 -65.41 19.34
CA ILE I 153 89.49 -66.55 18.49
C ILE I 153 90.18 -65.98 17.24
N VAL I 154 91.23 -66.64 16.77
CA VAL I 154 91.99 -66.18 15.60
C VAL I 154 92.40 -67.40 14.77
N LEU I 155 91.53 -67.80 13.84
CA LEU I 155 91.73 -69.02 13.07
C LEU I 155 92.57 -68.82 11.82
N MET I 156 93.09 -69.92 11.30
CA MET I 156 93.64 -69.98 9.94
C MET I 156 92.72 -70.89 9.15
N GLY I 157 92.22 -70.36 8.04
CA GLY I 157 91.29 -71.09 7.18
C GLY I 157 90.46 -70.16 6.32
N GLY I 158 89.78 -70.74 5.34
CA GLY I 158 88.92 -70.01 4.42
C GLY I 158 89.64 -69.19 3.37
N ALA I 159 88.84 -68.59 2.49
CA ALA I 159 89.29 -67.64 1.49
C ALA I 159 88.11 -66.77 1.12
N LEU I 160 88.17 -65.47 1.42
CA LEU I 160 87.05 -64.56 1.18
C LEU I 160 87.12 -64.02 -0.23
N THR I 161 88.18 -63.27 -0.52
CA THR I 161 88.29 -62.49 -1.75
C THR I 161 89.04 -63.23 -2.86
N ILE I 162 89.21 -64.55 -2.75
CA ILE I 162 90.10 -65.27 -3.65
C ILE I 162 89.72 -66.74 -3.80
N HIS I 163 90.32 -67.43 -4.76
CA HIS I 163 90.11 -68.86 -4.93
C HIS I 163 90.64 -69.65 -3.73
N GLY I 164 89.87 -70.65 -3.32
CA GLY I 164 90.33 -71.63 -2.33
C GLY I 164 91.41 -72.53 -2.91
N ASN I 165 91.93 -73.44 -2.08
CA ASN I 165 92.99 -74.38 -2.52
C ASN I 165 92.52 -75.82 -2.74
N VAL I 166 91.41 -76.23 -2.13
CA VAL I 166 90.86 -77.58 -2.36
C VAL I 166 90.13 -77.60 -3.70
N ASN I 167 89.20 -76.66 -3.86
CA ASN I 167 88.53 -76.39 -5.14
C ASN I 167 88.63 -74.88 -5.37
N ALA I 168 87.91 -74.35 -6.37
CA ALA I 168 87.92 -72.90 -6.63
C ALA I 168 87.29 -72.02 -5.54
N TRP I 169 86.50 -72.61 -4.63
CA TRP I 169 85.73 -71.84 -3.64
C TRP I 169 85.88 -72.26 -2.17
N THR I 170 86.66 -73.30 -1.86
CA THR I 170 86.84 -73.75 -0.45
C THR I 170 88.32 -73.95 -0.11
N GLU I 171 88.64 -73.71 1.16
CA GLU I 171 89.99 -73.92 1.68
C GLU I 171 90.00 -75.15 2.62
N ALA I 172 91.14 -75.83 2.66
CA ALA I 172 91.32 -77.12 3.38
C ALA I 172 90.65 -77.24 4.75
N ASN I 173 91.09 -76.45 5.73
CA ASN I 173 90.55 -76.51 7.11
C ASN I 173 89.02 -76.31 7.18
N ILE I 174 88.48 -75.45 6.31
CA ILE I 174 87.04 -75.26 6.21
C ILE I 174 86.39 -76.42 5.46
N SER I 175 87.07 -76.88 4.39
CA SER I 175 86.59 -78.01 3.58
C SER I 175 86.30 -79.26 4.40
N GLN I 176 87.16 -79.55 5.36
CA GLN I 176 87.07 -80.79 6.15
C GLN I 176 85.83 -80.83 7.04
N ASP I 177 85.45 -79.67 7.57
CA ASP I 177 84.18 -79.51 8.28
C ASP I 177 83.62 -78.09 8.07
N PRO I 178 82.79 -77.93 7.02
CA PRO I 178 82.14 -76.66 6.76
C PRO I 178 81.07 -76.30 7.79
N ASP I 179 80.28 -77.29 8.21
CA ASP I 179 79.13 -77.05 9.07
C ASP I 179 79.57 -76.50 10.42
N ALA I 180 80.69 -77.01 10.91
CA ALA I 180 81.33 -76.51 12.13
C ALA I 180 81.79 -75.08 11.97
N ALA I 181 82.52 -74.83 10.89
CA ALA I 181 82.99 -73.48 10.57
C ALA I 181 81.84 -72.48 10.49
N ASP I 182 80.72 -72.88 9.90
CA ASP I 182 79.52 -72.04 9.85
C ASP I 182 79.05 -71.68 11.26
N ILE I 183 78.95 -72.70 12.12
CA ILE I 183 78.50 -72.52 13.50
C ILE I 183 79.38 -71.50 14.22
N LEU I 184 80.70 -71.63 14.06
CA LEU I 184 81.67 -70.69 14.64
C LEU I 184 81.46 -69.25 14.16
N PHE I 185 81.39 -69.08 12.84
CA PHE I 185 81.32 -67.74 12.23
C PHE I 185 80.04 -67.03 12.68
N ARG I 186 78.93 -67.77 12.58
CA ARG I 186 77.61 -67.31 13.01
C ARG I 186 77.47 -67.10 14.53
N SER I 187 78.22 -67.88 15.31
CA SER I 187 78.18 -67.78 16.79
C SER I 187 78.15 -66.37 17.35
N GLY I 188 78.92 -65.48 16.73
CA GLY I 188 79.06 -64.10 17.21
C GLY I 188 80.25 -63.94 18.12
N ALA I 189 81.07 -64.98 18.24
CA ALA I 189 82.31 -64.91 19.00
C ALA I 189 83.26 -63.98 18.26
N PRO I 190 84.18 -63.34 18.99
CA PRO I 190 85.12 -62.39 18.35
C PRO I 190 86.22 -63.11 17.56
N VAL I 191 85.84 -63.61 16.38
CA VAL I 191 86.73 -64.36 15.50
C VAL I 191 87.51 -63.39 14.60
N THR I 192 88.71 -63.82 14.19
CA THR I 192 89.50 -63.15 13.16
C THR I 192 89.95 -64.22 12.19
N MET I 193 89.36 -64.24 11.00
CA MET I 193 89.72 -65.22 9.98
C MET I 193 91.00 -64.78 9.28
N ILE I 194 92.00 -65.66 9.25
CA ILE I 194 93.22 -65.43 8.49
C ILE I 194 93.28 -66.48 7.40
N GLY I 195 92.71 -66.12 6.25
CA GLY I 195 92.55 -67.03 5.12
C GLY I 195 93.61 -66.85 4.06
N LEU I 196 93.40 -67.52 2.92
CA LEU I 196 94.37 -67.60 1.83
C LEU I 196 94.70 -66.23 1.27
N ASP I 197 93.68 -65.37 1.15
CA ASP I 197 93.86 -63.97 0.74
C ASP I 197 95.00 -63.22 1.43
N VAL I 198 95.36 -63.65 2.64
CA VAL I 198 96.54 -63.15 3.33
C VAL I 198 97.70 -64.16 3.40
N THR I 199 97.42 -65.45 3.63
CA THR I 199 98.51 -66.44 3.82
C THR I 199 99.29 -66.79 2.56
N LEU I 200 98.67 -66.65 1.39
CA LEU I 200 99.35 -66.88 0.12
C LEU I 200 100.31 -65.76 -0.27
N GLN I 201 100.22 -64.61 0.42
CA GLN I 201 101.26 -63.56 0.32
C GLN I 201 102.53 -63.90 1.11
N THR I 202 102.40 -64.74 2.15
CA THR I 202 103.55 -65.21 2.93
C THR I 202 104.34 -66.27 2.18
N LEU I 203 105.64 -66.30 2.45
CA LEU I 203 106.57 -67.18 1.74
C LEU I 203 107.85 -67.42 2.55
N LEU I 204 108.35 -68.66 2.50
CA LEU I 204 109.78 -68.92 2.82
C LEU I 204 110.36 -70.04 1.97
N THR I 205 111.66 -69.92 1.70
CA THR I 205 112.41 -70.78 0.78
C THR I 205 113.54 -71.44 1.57
N TYR I 206 114.40 -72.19 0.88
CA TYR I 206 115.58 -72.80 1.50
C TYR I 206 116.58 -71.79 2.07
N LYS I 207 116.58 -70.55 1.55
CA LYS I 207 117.37 -69.45 2.14
C LYS I 207 117.11 -69.31 3.65
N GLU I 208 115.86 -69.49 4.06
CA GLU I 208 115.43 -69.38 5.46
C GLU I 208 115.69 -70.65 6.28
N THR I 209 115.50 -71.83 5.69
CA THR I 209 115.69 -73.10 6.41
C THR I 209 117.17 -73.45 6.62
N LYS I 210 118.03 -72.99 5.70
CA LYS I 210 119.49 -73.10 5.86
C LYS I 210 120.01 -72.33 7.08
N GLN I 211 119.31 -71.26 7.48
CA GLN I 211 119.64 -70.51 8.71
C GLN I 211 119.39 -71.32 9.98
N TRP I 212 118.32 -72.12 9.97
CA TRP I 212 118.03 -73.02 11.09
C TRP I 212 119.04 -74.16 11.23
N ARG I 213 119.53 -74.66 10.08
CA ARG I 213 120.62 -75.65 10.09
C ARG I 213 121.91 -75.11 10.70
N ASP I 214 122.20 -73.82 10.45
CA ASP I 214 123.40 -73.15 10.99
C ASP I 214 123.45 -73.07 12.53
N LEU I 215 122.30 -73.17 13.19
CA LEU I 215 122.23 -73.18 14.66
C LEU I 215 122.73 -74.49 15.29
N ASN I 216 122.77 -75.57 14.51
CA ASN I 216 123.38 -76.87 14.89
C ASN I 216 122.68 -77.61 16.04
N THR I 217 121.42 -77.29 16.30
CA THR I 217 120.68 -77.88 17.42
C THR I 217 119.80 -79.06 16.96
N LYS I 218 119.30 -79.82 17.94
CA LYS I 218 118.33 -80.87 17.69
C LYS I 218 117.09 -80.27 17.01
N ALA I 219 116.60 -79.16 17.57
CA ALA I 219 115.42 -78.46 17.05
C ALA I 219 115.65 -77.78 15.70
N GLY I 220 116.78 -77.10 15.55
CA GLY I 220 117.15 -76.42 14.30
C GLY I 220 117.18 -77.36 13.10
N LYS I 221 117.86 -78.50 13.27
CA LYS I 221 117.94 -79.54 12.23
C LYS I 221 116.56 -80.14 11.91
N PHE I 222 115.73 -80.33 12.94
CA PHE I 222 114.38 -80.88 12.76
C PHE I 222 113.48 -79.97 11.90
N LEU I 223 113.33 -78.72 12.33
CA LEU I 223 112.48 -77.75 11.62
C LEU I 223 112.94 -77.52 10.17
N ALA I 224 114.25 -77.55 9.95
CA ALA I 224 114.82 -77.42 8.60
C ALA I 224 114.47 -78.63 7.73
N ASP I 225 114.81 -79.83 8.22
CA ASP I 225 114.46 -81.10 7.53
C ASP I 225 112.97 -81.20 7.21
N MET I 226 112.15 -80.77 8.17
CA MET I 226 110.70 -80.85 8.07
C MET I 226 110.13 -79.96 6.98
N THR I 227 110.43 -78.66 7.07
CA THR I 227 109.90 -77.68 6.11
C THR I 227 110.51 -77.83 4.70
N ASP I 228 111.67 -78.47 4.59
CA ASP I 228 112.25 -78.79 3.28
C ASP I 228 111.49 -79.90 2.54
N PHE I 229 110.89 -80.84 3.28
CA PHE I 229 109.93 -81.79 2.70
C PHE I 229 108.69 -81.05 2.20
N TYR I 230 108.23 -80.11 3.02
CA TYR I 230 107.07 -79.26 2.73
C TYR I 230 107.30 -78.36 1.51
N ILE I 231 108.52 -77.85 1.33
CA ILE I 231 108.85 -77.03 0.15
C ILE I 231 108.96 -77.88 -1.13
N LYS I 232 109.60 -79.04 -1.04
CA LYS I 232 109.72 -79.97 -2.19
C LYS I 232 108.38 -80.54 -2.66
N ALA I 233 107.43 -80.65 -1.73
CA ALA I 233 106.05 -80.94 -2.08
C ALA I 233 105.40 -79.74 -2.80
N TYR I 234 105.61 -78.54 -2.25
CA TYR I 234 105.14 -77.30 -2.90
C TYR I 234 105.78 -77.05 -4.28
N GLU I 235 107.03 -77.50 -4.47
CA GLU I 235 107.68 -77.45 -5.79
C GLU I 235 106.88 -78.15 -6.90
N THR I 236 106.13 -79.21 -6.56
CA THR I 236 105.25 -79.89 -7.53
C THR I 236 103.78 -79.42 -7.46
N THR I 237 103.24 -79.24 -6.25
CA THR I 237 101.82 -78.80 -6.09
C THR I 237 101.58 -77.32 -6.41
N ALA I 238 102.62 -76.50 -6.34
CA ALA I 238 102.52 -75.07 -6.64
C ALA I 238 103.90 -74.45 -6.93
N PRO I 239 104.49 -74.76 -8.11
CA PRO I 239 105.77 -74.15 -8.52
C PRO I 239 105.71 -72.64 -8.81
N HIS I 240 104.50 -72.09 -8.94
CA HIS I 240 104.31 -70.63 -9.08
C HIS I 240 104.70 -69.78 -7.84
N LEU I 241 104.96 -70.43 -6.69
CA LEU I 241 105.43 -69.73 -5.47
C LEU I 241 106.95 -69.90 -5.20
N GLY I 242 107.52 -71.07 -5.50
CA GLY I 242 108.97 -71.32 -5.36
C GLY I 242 109.40 -71.95 -4.04
N GLY I 243 108.77 -71.51 -2.95
CA GLY I 243 108.96 -72.07 -1.60
C GLY I 243 107.63 -72.56 -1.06
N CYS I 244 107.30 -72.19 0.18
CA CYS I 244 106.07 -72.65 0.84
C CYS I 244 105.32 -71.53 1.55
N GLY I 245 104.02 -71.74 1.74
CA GLY I 245 103.18 -70.78 2.44
C GLY I 245 103.34 -70.89 3.95
N LEU I 246 103.22 -69.75 4.63
CA LEU I 246 103.26 -69.70 6.08
C LEU I 246 101.84 -69.48 6.59
N HIS I 247 101.04 -70.53 6.51
CA HIS I 247 99.60 -70.42 6.74
C HIS I 247 99.28 -70.31 8.23
N ASP I 248 99.53 -71.39 8.94
CA ASP I 248 99.11 -71.54 10.34
C ASP I 248 99.89 -70.63 11.31
N PRO I 249 101.21 -70.40 11.07
CA PRO I 249 101.97 -69.49 11.94
C PRO I 249 101.42 -68.07 11.97
N LEU I 250 100.95 -67.60 10.82
CA LEU I 250 100.46 -66.24 10.69
C LEU I 250 99.26 -65.99 11.59
N ALA I 251 98.41 -66.99 11.75
CA ALA I 251 97.29 -66.91 12.68
C ALA I 251 97.77 -66.62 14.11
N VAL I 252 98.84 -67.31 14.51
CA VAL I 252 99.44 -67.10 15.83
C VAL I 252 100.07 -65.71 15.91
N ALA I 253 100.78 -65.31 14.86
CA ALA I 253 101.41 -63.99 14.80
C ALA I 253 100.41 -62.84 14.97
N VAL I 254 99.21 -63.02 14.40
CA VAL I 254 98.14 -62.02 14.50
C VAL I 254 97.43 -62.09 15.86
N ALA I 255 97.42 -63.28 16.47
CA ALA I 255 96.95 -63.44 17.83
C ALA I 255 97.80 -62.62 18.81
N VAL I 256 99.12 -62.67 18.65
CA VAL I 256 100.03 -61.88 19.50
C VAL I 256 100.04 -60.41 19.12
N ASP I 257 100.06 -60.13 17.82
CA ASP I 257 100.16 -58.77 17.30
C ASP I 257 99.15 -58.55 16.16
N PRO I 258 97.93 -58.07 16.48
CA PRO I 258 96.93 -57.88 15.43
C PRO I 258 97.25 -56.80 14.38
N THR I 259 98.27 -55.97 14.62
CA THR I 259 98.70 -54.97 13.64
C THR I 259 99.48 -55.54 12.45
N LEU I 260 99.85 -56.83 12.48
CA LEU I 260 100.47 -57.48 11.32
C LEU I 260 99.52 -57.61 10.12
N VAL I 261 98.22 -57.49 10.36
CA VAL I 261 97.20 -57.73 9.36
C VAL I 261 96.25 -56.52 9.28
N THR I 262 95.66 -56.32 8.09
CA THR I 262 94.58 -55.33 7.88
C THR I 262 93.29 -56.10 7.62
N THR I 263 92.32 -55.94 8.52
CA THR I 263 91.08 -56.71 8.47
C THR I 263 89.93 -55.91 7.91
N LEU I 264 88.91 -56.64 7.47
CA LEU I 264 87.68 -56.07 6.94
C LEU I 264 86.54 -56.49 7.86
N PRO I 265 86.01 -55.54 8.67
CA PRO I 265 84.85 -55.87 9.51
C PRO I 265 83.68 -56.39 8.69
N ILE I 266 83.21 -57.59 9.01
CA ILE I 266 82.21 -58.27 8.17
C ILE I 266 81.54 -59.43 8.89
N ASN I 267 80.21 -59.39 8.98
CA ASN I 267 79.43 -60.53 9.47
C ASN I 267 79.48 -61.65 8.41
N MET I 268 79.95 -62.82 8.82
CA MET I 268 80.30 -63.91 7.91
C MET I 268 79.44 -65.15 8.12
N GLN I 269 79.57 -66.06 7.16
CA GLN I 269 78.96 -67.39 7.21
C GLN I 269 79.84 -68.35 6.42
N VAL I 270 79.48 -69.62 6.45
CA VAL I 270 80.07 -70.61 5.56
C VAL I 270 78.93 -71.29 4.85
N ASP I 271 79.10 -71.50 3.54
CA ASP I 271 78.08 -72.09 2.71
C ASP I 271 78.01 -73.59 3.02
N VAL I 272 76.80 -74.05 3.28
CA VAL I 272 76.52 -75.44 3.65
C VAL I 272 75.74 -76.17 2.55
N GLU I 273 74.70 -75.53 1.99
CA GLU I 273 73.72 -76.23 1.13
C GLU I 273 74.11 -76.34 -0.35
N GLY I 274 74.53 -75.22 -0.93
CA GLY I 274 74.66 -75.10 -2.39
C GLY I 274 75.82 -75.86 -3.00
N PRO I 275 76.05 -75.67 -4.32
CA PRO I 275 77.26 -76.18 -4.97
C PRO I 275 78.52 -75.37 -4.63
N THR I 276 78.34 -74.28 -3.87
CA THR I 276 79.43 -73.57 -3.22
C THR I 276 79.68 -74.02 -1.76
N ARG I 277 79.25 -75.23 -1.39
CA ARG I 277 79.45 -75.75 -0.03
C ARG I 277 80.92 -75.68 0.38
N GLY I 278 81.19 -75.07 1.53
CA GLY I 278 82.54 -74.90 2.08
C GLY I 278 83.20 -73.56 1.80
N ARG I 279 82.47 -72.64 1.19
CA ARG I 279 82.96 -71.30 0.86
C ARG I 279 82.75 -70.38 2.04
N THR I 280 83.76 -69.58 2.33
CA THR I 280 83.67 -68.53 3.33
C THR I 280 83.19 -67.27 2.64
N ILE I 281 82.10 -66.69 3.13
CA ILE I 281 81.45 -65.56 2.45
C ILE I 281 80.60 -64.76 3.42
N GLY I 282 80.43 -63.48 3.15
CA GLY I 282 79.59 -62.61 3.99
C GLY I 282 78.13 -62.99 3.95
N ASP I 283 77.48 -62.90 5.11
CA ASP I 283 76.04 -63.14 5.19
C ASP I 283 75.37 -61.83 4.84
N VAL I 284 74.47 -61.89 3.86
CA VAL I 284 73.78 -60.68 3.36
C VAL I 284 72.84 -60.17 4.46
N THR I 285 72.14 -61.11 5.09
CA THR I 285 71.23 -60.83 6.20
C THR I 285 71.81 -59.87 7.23
N ARG I 286 73.09 -60.06 7.56
CA ARG I 286 73.77 -59.22 8.55
C ARG I 286 74.74 -58.23 7.90
N LEU I 287 74.46 -57.78 6.67
CA LEU I 287 75.29 -56.77 6.01
C LEU I 287 74.97 -55.39 6.57
N ASN I 288 73.68 -55.08 6.66
CA ASN I 288 73.20 -53.80 7.18
C ASN I 288 73.24 -53.67 8.70
N ASP I 289 73.40 -54.79 9.40
CA ASP I 289 73.70 -54.79 10.83
C ASP I 289 75.08 -54.14 11.04
N PRO I 290 75.14 -52.95 11.71
CA PRO I 290 76.44 -52.27 11.86
C PRO I 290 77.44 -52.99 12.77
N VAL I 291 76.93 -53.80 13.70
CA VAL I 291 77.77 -54.57 14.61
C VAL I 291 78.37 -55.76 13.87
N LYS I 292 79.68 -55.72 13.63
CA LYS I 292 80.39 -56.77 12.89
C LYS I 292 81.02 -57.78 13.86
N THR I 293 80.54 -59.03 13.79
CA THR I 293 80.94 -60.09 14.74
C THR I 293 82.40 -60.54 14.57
N MET I 294 82.84 -60.71 13.31
CA MET I 294 84.22 -61.12 13.03
C MET I 294 84.86 -60.30 11.93
N GLN I 295 86.16 -60.49 11.73
CA GLN I 295 86.97 -59.67 10.82
C GLN I 295 87.83 -60.56 9.95
N VAL I 296 87.80 -60.36 8.63
CA VAL I 296 88.60 -61.18 7.70
C VAL I 296 89.82 -60.40 7.27
N ALA I 297 90.96 -61.08 7.26
CA ALA I 297 92.23 -60.47 6.93
C ALA I 297 92.32 -60.37 5.43
N VAL I 298 92.66 -59.18 4.95
CA VAL I 298 92.82 -58.92 3.51
C VAL I 298 94.22 -58.40 3.13
N GLY I 299 94.82 -57.59 3.99
CA GLY I 299 96.20 -57.13 3.81
C GLY I 299 97.09 -57.64 4.92
N VAL I 300 98.40 -57.65 4.68
CA VAL I 300 99.38 -58.19 5.62
C VAL I 300 100.78 -57.59 5.40
N ASP I 301 101.50 -57.36 6.49
CA ASP I 301 102.86 -56.82 6.48
C ASP I 301 103.84 -58.00 6.34
N VAL I 302 104.04 -58.47 5.11
CA VAL I 302 104.77 -59.74 4.86
C VAL I 302 106.23 -59.72 5.32
N PRO I 303 106.98 -58.64 5.01
CA PRO I 303 108.39 -58.59 5.43
C PRO I 303 108.60 -58.49 6.94
N ARG I 304 107.69 -57.82 7.64
CA ARG I 304 107.74 -57.72 9.10
C ARG I 304 107.34 -59.05 9.76
N PHE I 305 106.30 -59.69 9.22
CA PHE I 305 105.90 -61.02 9.67
C PHE I 305 107.03 -62.04 9.46
N LEU I 306 107.64 -62.03 8.28
CA LEU I 306 108.77 -62.92 7.99
C LEU I 306 109.96 -62.70 8.93
N ASN I 307 110.21 -61.44 9.32
CA ASN I 307 111.25 -61.11 10.30
C ASN I 307 110.88 -61.56 11.73
N GLU I 308 109.63 -61.28 12.12
CA GLU I 308 109.09 -61.71 13.42
C GLU I 308 109.14 -63.24 13.55
N PHE I 309 108.74 -63.92 12.48
CA PHE I 309 108.74 -65.39 12.36
C PHE I 309 110.13 -65.99 12.57
N MET I 310 111.12 -65.51 11.84
CA MET I 310 112.49 -66.04 11.92
C MET I 310 113.17 -65.69 13.25
N THR I 311 112.97 -64.47 13.74
CA THR I 311 113.53 -64.05 15.03
C THR I 311 113.03 -64.94 16.18
N ARG I 312 111.72 -65.17 16.23
CA ARG I 312 111.12 -65.99 17.29
C ARG I 312 111.53 -67.45 17.22
N ILE I 313 111.47 -68.03 16.03
CA ILE I 313 111.73 -69.46 15.84
C ILE I 313 113.22 -69.81 15.90
N SER I 314 114.07 -68.97 15.30
CA SER I 314 115.53 -69.15 15.41
C SER I 314 116.02 -68.98 16.86
N GLY I 315 115.37 -68.08 17.61
CA GLY I 315 115.64 -67.92 19.04
C GLY I 315 115.27 -69.14 19.87
N LEU I 316 114.14 -69.76 19.53
CA LEU I 316 113.68 -70.99 20.19
C LEU I 316 114.53 -72.20 19.83
N ALA I 317 114.88 -72.32 18.55
CA ALA I 317 115.74 -73.42 18.07
C ALA I 317 117.14 -73.40 18.70
N LYS I 318 117.65 -72.20 19.00
CA LYS I 318 118.92 -72.04 19.73
C LYS I 318 118.85 -72.59 21.16
N ILE I 319 117.69 -72.47 21.80
CA ILE I 319 117.48 -72.96 23.18
C ILE I 319 117.49 -74.50 23.32
N ALA I 320 117.04 -75.24 22.32
CA ALA I 320 117.11 -76.73 22.35
C ALA I 320 118.41 -77.25 21.73
N LYS J 5 -11.92 -19.26 55.23
CA LYS J 5 -12.68 -18.01 55.55
C LYS J 5 -13.41 -18.18 56.88
N LYS J 6 -13.44 -17.10 57.67
CA LYS J 6 -13.85 -17.18 59.08
C LYS J 6 -14.79 -16.06 59.51
N LEU J 7 -15.82 -16.43 60.29
CA LEU J 7 -17.00 -15.60 60.52
C LEU J 7 -17.17 -15.20 61.98
N ILE J 8 -17.54 -13.93 62.21
CA ILE J 8 -18.00 -13.48 63.52
C ILE J 8 -19.38 -12.86 63.34
N LEU J 9 -20.37 -13.33 64.11
CA LEU J 9 -21.67 -12.66 64.19
C LEU J 9 -21.69 -11.71 65.39
N ASP J 10 -22.42 -10.60 65.25
CA ASP J 10 -22.58 -9.60 66.33
C ASP J 10 -24.09 -9.47 66.51
N LEU J 11 -24.64 -10.09 67.55
CA LEU J 11 -26.07 -10.40 67.63
C LEU J 11 -26.81 -9.90 68.87
N ASP J 12 -27.99 -9.34 68.65
CA ASP J 12 -28.96 -9.03 69.70
C ASP J 12 -30.00 -10.15 69.74
N THR J 13 -29.56 -11.31 70.21
CA THR J 13 -30.28 -12.58 69.99
C THR J 13 -31.55 -12.74 70.83
N GLY J 14 -32.77 -12.64 70.28
CA GLY J 14 -33.09 -12.30 68.88
C GLY J 14 -33.58 -13.49 68.07
N VAL J 15 -34.76 -13.36 67.48
CA VAL J 15 -35.39 -14.47 66.75
C VAL J 15 -34.74 -14.68 65.38
N ASP J 16 -34.76 -13.64 64.56
CA ASP J 16 -34.05 -13.65 63.28
C ASP J 16 -32.54 -13.81 63.50
N ASP J 17 -32.03 -13.32 64.62
CA ASP J 17 -30.62 -13.48 64.98
C ASP J 17 -30.21 -14.95 65.15
N THR J 18 -31.07 -15.81 65.71
CA THR J 18 -30.75 -17.25 65.79
C THR J 18 -30.86 -17.95 64.45
N LEU J 19 -31.74 -17.44 63.58
CA LEU J 19 -31.83 -17.93 62.22
C LEU J 19 -30.53 -17.62 61.47
N ALA J 20 -29.90 -16.50 61.82
CA ALA J 20 -28.56 -16.17 61.31
C ALA J 20 -27.49 -17.13 61.83
N ILE J 21 -27.58 -17.49 63.11
CA ILE J 21 -26.70 -18.50 63.69
C ILE J 21 -26.92 -19.84 62.98
N SER J 22 -28.18 -20.23 62.82
CA SER J 22 -28.54 -21.48 62.16
C SER J 22 -28.03 -21.57 60.72
N TYR J 23 -28.18 -20.48 59.95
CA TYR J 23 -27.66 -20.40 58.58
C TYR J 23 -26.13 -20.50 58.59
N ALA J 24 -25.50 -19.83 59.56
CA ALA J 24 -24.05 -19.82 59.66
C ALA J 24 -23.51 -21.22 59.94
N LEU J 25 -24.04 -21.86 60.99
CA LEU J 25 -23.63 -23.22 61.34
C LEU J 25 -24.05 -24.28 60.31
N GLY J 26 -25.09 -23.98 59.52
CA GLY J 26 -25.48 -24.83 58.38
C GLY J 26 -24.67 -24.62 57.12
N SER J 27 -23.76 -23.64 57.13
CA SER J 27 -22.98 -23.26 55.97
C SER J 27 -21.51 -23.69 56.12
N PRO J 28 -21.05 -24.66 55.29
CA PRO J 28 -19.67 -25.14 55.42
C PRO J 28 -18.56 -24.23 54.87
N GLU J 29 -18.90 -23.11 54.23
CA GLU J 29 -17.89 -22.23 53.64
C GLU J 29 -17.19 -21.35 54.69
N MET J 30 -17.82 -21.18 55.86
CA MET J 30 -17.29 -20.35 56.93
C MET J 30 -17.13 -21.18 58.19
N GLU J 31 -16.09 -20.86 58.96
CA GLU J 31 -15.99 -21.32 60.35
C GLU J 31 -16.46 -20.17 61.23
N LEU J 32 -17.54 -20.39 61.96
CA LEU J 32 -18.04 -19.41 62.92
C LEU J 32 -17.11 -19.40 64.14
N ILE J 33 -16.27 -18.36 64.24
CA ILE J 33 -15.29 -18.26 65.32
C ILE J 33 -15.97 -17.92 66.64
N GLY J 34 -16.82 -16.90 66.61
CA GLY J 34 -17.53 -16.45 67.82
C GLY J 34 -18.76 -15.63 67.53
N ILE J 35 -19.59 -15.48 68.57
CA ILE J 35 -20.77 -14.66 68.53
C ILE J 35 -20.55 -13.52 69.50
N THR J 36 -20.30 -12.34 68.96
CA THR J 36 -20.29 -11.12 69.76
C THR J 36 -21.72 -10.74 70.14
N GLY J 37 -21.94 -10.40 71.41
CA GLY J 37 -23.30 -10.08 71.92
C GLY J 37 -23.53 -8.58 71.99
N THR J 38 -24.72 -8.15 71.57
CA THR J 38 -25.12 -6.75 71.69
C THR J 38 -26.60 -6.69 72.12
N TYR J 39 -27.22 -5.52 72.02
CA TYR J 39 -28.50 -5.21 72.66
C TYR J 39 -29.52 -4.75 71.61
N GLY J 40 -30.80 -4.71 72.01
CA GLY J 40 -31.84 -4.17 71.13
C GLY J 40 -33.12 -4.99 71.21
N ASN J 41 -33.14 -6.11 70.48
CA ASN J 41 -34.24 -7.07 70.54
C ASN J 41 -34.43 -7.52 71.99
N VAL J 42 -33.31 -7.69 72.69
CA VAL J 42 -33.31 -8.07 74.08
C VAL J 42 -32.07 -7.47 74.77
N LEU J 43 -32.13 -7.35 76.10
CA LEU J 43 -31.00 -6.87 76.93
C LEU J 43 -29.70 -7.62 76.58
N MET J 44 -28.58 -6.91 76.64
CA MET J 44 -27.29 -7.44 76.15
C MET J 44 -26.95 -8.82 76.71
N GLU J 45 -27.10 -8.95 78.03
CA GLU J 45 -26.85 -10.22 78.75
C GLU J 45 -27.74 -11.35 78.25
N GLN J 46 -29.03 -11.09 78.16
CA GLN J 46 -29.98 -12.05 77.58
C GLN J 46 -29.55 -12.52 76.19
N GLY J 47 -28.98 -11.61 75.38
CA GLY J 47 -28.38 -11.95 74.08
C GLY J 47 -27.31 -13.03 74.18
N VAL J 48 -26.48 -12.94 75.22
CA VAL J 48 -25.44 -13.92 75.48
C VAL J 48 -26.01 -15.25 75.98
N ARG J 49 -26.95 -15.21 76.93
CA ARG J 49 -27.59 -16.45 77.43
C ARG J 49 -28.18 -17.28 76.31
N ASN J 50 -28.86 -16.59 75.39
CA ASN J 50 -29.54 -17.21 74.27
C ASN J 50 -28.51 -17.78 73.30
N ALA J 51 -27.51 -16.96 72.95
CA ALA J 51 -26.43 -17.37 72.05
C ALA J 51 -25.76 -18.67 72.50
N LEU J 52 -25.38 -18.73 73.77
CA LEU J 52 -24.75 -19.92 74.35
C LEU J 52 -25.68 -21.12 74.29
N ALA J 53 -26.90 -20.94 74.82
CA ALA J 53 -27.92 -22.00 74.86
C ALA J 53 -28.28 -22.57 73.48
N ILE J 54 -28.35 -21.69 72.48
CA ILE J 54 -28.77 -22.06 71.13
C ILE J 54 -27.63 -22.74 70.36
N THR J 55 -26.42 -22.18 70.45
CA THR J 55 -25.24 -22.80 69.85
C THR J 55 -25.05 -24.24 70.35
N ASP J 56 -25.24 -24.43 71.66
CA ASP J 56 -25.28 -25.77 72.26
C ASP J 56 -26.35 -26.64 71.60
N LEU J 57 -27.60 -26.16 71.58
CA LEU J 57 -28.74 -26.94 71.06
C LEU J 57 -28.56 -27.45 69.62
N LEU J 58 -27.94 -26.63 68.77
CA LEU J 58 -27.73 -26.98 67.36
C LEU J 58 -26.58 -27.98 67.13
N GLY J 59 -25.78 -28.20 68.18
CA GLY J 59 -24.68 -29.17 68.16
C GLY J 59 -23.32 -28.55 67.98
N HIS J 60 -23.16 -27.27 68.35
CA HIS J 60 -21.91 -26.55 68.18
C HIS J 60 -21.57 -25.73 69.42
N PRO J 61 -21.18 -26.41 70.53
CA PRO J 61 -20.77 -25.70 71.73
C PRO J 61 -19.34 -25.16 71.70
N GLU J 62 -18.63 -25.30 70.58
CA GLU J 62 -17.32 -24.66 70.38
C GLU J 62 -17.42 -23.15 70.13
N VAL J 63 -18.61 -22.67 69.80
CA VAL J 63 -18.83 -21.27 69.47
C VAL J 63 -18.70 -20.42 70.73
N LYS J 64 -17.62 -19.63 70.78
CA LYS J 64 -17.29 -18.85 71.97
C LYS J 64 -18.04 -17.53 71.91
N VAL J 65 -18.85 -17.25 72.92
CA VAL J 65 -19.68 -16.06 72.97
C VAL J 65 -19.00 -14.96 73.78
N TYR J 66 -18.73 -13.83 73.14
CA TYR J 66 -18.04 -12.70 73.79
C TYR J 66 -19.07 -11.65 74.19
N LYS J 67 -18.61 -10.70 75.00
CA LYS J 67 -19.48 -9.77 75.70
C LYS J 67 -19.21 -8.34 75.21
N GLY J 68 -20.11 -7.80 74.38
CA GLY J 68 -20.02 -6.42 73.91
C GLY J 68 -20.62 -5.42 74.88
N LEU J 69 -21.02 -4.27 74.35
CA LEU J 69 -21.47 -3.13 75.18
C LEU J 69 -22.99 -3.17 75.41
N SER J 70 -23.43 -2.71 76.58
CA SER J 70 -24.84 -2.76 77.00
C SER J 70 -25.71 -1.65 76.41
N HIS J 71 -25.16 -0.43 76.37
CA HIS J 71 -25.89 0.77 75.93
C HIS J 71 -25.24 1.39 74.70
N ALA J 72 -25.95 2.36 74.11
CA ALA J 72 -25.50 3.04 72.89
C ALA J 72 -24.30 3.96 73.09
N SER J 73 -23.52 4.12 72.02
CA SER J 73 -22.45 5.13 71.87
C SER J 73 -22.68 6.41 72.68
N THR J 74 -23.87 6.99 72.55
CA THR J 74 -24.23 8.29 73.14
C THR J 74 -25.37 8.22 74.17
N LYS J 75 -25.57 7.07 74.80
CA LYS J 75 -26.57 6.91 75.88
C LYS J 75 -25.91 6.32 77.14
N ASP J 76 -26.54 6.56 78.29
CA ASP J 76 -26.06 6.03 79.58
C ASP J 76 -26.55 4.60 79.83
N SER J 77 -27.80 4.33 79.47
CA SER J 77 -28.46 3.04 79.76
C SER J 77 -29.16 2.46 78.53
N PHE J 78 -29.89 1.36 78.73
CA PHE J 78 -30.76 0.79 77.71
C PHE J 78 -31.85 -0.10 78.31
N GLU J 79 -33.08 0.10 77.86
CA GLU J 79 -34.21 -0.77 78.18
C GLU J 79 -34.74 -1.36 76.88
N VAL J 80 -35.30 -2.57 76.94
CA VAL J 80 -35.95 -3.18 75.78
C VAL J 80 -37.27 -2.45 75.56
N LEU J 81 -37.51 -2.01 74.33
CA LEU J 81 -38.78 -1.35 73.98
C LEU J 81 -39.90 -2.40 73.95
N PRO J 82 -41.14 -2.03 74.34
CA PRO J 82 -42.20 -3.06 74.41
C PRO J 82 -42.60 -3.62 73.04
N ILE J 83 -42.34 -2.87 71.96
CA ILE J 83 -42.57 -3.31 70.58
C ILE J 83 -41.70 -4.54 70.28
N SER J 84 -40.41 -4.45 70.55
CA SER J 84 -39.47 -5.57 70.34
C SER J 84 -39.72 -6.76 71.30
N ALA J 85 -40.24 -6.47 72.49
CA ALA J 85 -40.70 -7.50 73.43
C ALA J 85 -41.92 -8.27 72.92
N PHE J 86 -42.79 -7.59 72.15
CA PHE J 86 -43.95 -8.25 71.52
C PHE J 86 -43.53 -9.18 70.37
N ILE J 87 -42.57 -8.72 69.55
CA ILE J 87 -42.11 -9.45 68.38
C ILE J 87 -41.25 -10.66 68.78
N HIS J 88 -40.13 -10.39 69.44
CA HIS J 88 -39.16 -11.44 69.81
C HIS J 88 -39.44 -12.10 71.17
N GLY J 89 -40.42 -11.59 71.92
CA GLY J 89 -40.78 -12.16 73.23
C GLY J 89 -39.95 -11.58 74.36
N ASP J 90 -40.18 -12.09 75.57
CA ASP J 90 -39.52 -11.59 76.77
C ASP J 90 -38.11 -12.14 76.88
N ASN J 91 -37.97 -13.46 76.73
CA ASN J 91 -36.66 -14.11 76.63
C ASN J 91 -35.89 -13.75 75.35
N GLY J 92 -36.58 -13.28 74.31
CA GLY J 92 -35.96 -12.90 73.03
C GLY J 92 -35.82 -14.04 72.04
N ILE J 93 -36.61 -15.11 72.25
CA ILE J 93 -36.47 -16.38 71.53
C ILE J 93 -37.87 -16.97 71.27
N GLY J 94 -38.82 -16.12 70.86
CA GLY J 94 -40.24 -16.46 70.99
C GLY J 94 -40.54 -16.39 72.48
N ASP J 95 -41.14 -17.43 73.03
CA ASP J 95 -41.09 -17.64 74.48
C ASP J 95 -40.78 -19.11 74.70
N VAL J 96 -39.84 -19.60 73.89
CA VAL J 96 -39.55 -21.02 73.82
C VAL J 96 -38.57 -21.36 74.94
N GLU J 97 -38.96 -22.35 75.76
CA GLU J 97 -38.17 -22.78 76.91
C GLU J 97 -37.06 -23.68 76.40
N ILE J 98 -35.83 -23.35 76.80
CA ILE J 98 -34.64 -24.04 76.33
C ILE J 98 -33.61 -24.04 77.46
N PRO J 99 -32.96 -25.19 77.71
CA PRO J 99 -32.01 -25.23 78.84
C PRO J 99 -30.84 -24.24 78.70
N ASP J 100 -30.49 -23.58 79.80
CA ASP J 100 -29.32 -22.71 79.85
C ASP J 100 -28.06 -23.52 79.54
N SER J 101 -27.13 -22.93 78.78
CA SER J 101 -25.83 -23.56 78.59
C SER J 101 -25.02 -23.39 79.86
N PRO J 102 -24.35 -24.47 80.31
CA PRO J 102 -23.43 -24.34 81.44
C PRO J 102 -22.13 -23.61 81.09
N ARG J 103 -21.83 -23.48 79.79
CA ARG J 103 -20.71 -22.63 79.29
C ARG J 103 -21.18 -21.21 79.57
N LYS J 104 -20.19 -20.34 79.69
CA LYS J 104 -20.40 -18.91 79.98
C LYS J 104 -19.56 -18.02 79.06
N ALA J 105 -19.78 -16.72 79.14
CA ALA J 105 -19.11 -15.77 78.26
C ALA J 105 -17.61 -15.74 78.48
N GLU J 106 -16.84 -15.54 77.42
CA GLU J 106 -15.38 -15.44 77.50
C GLU J 106 -14.97 -14.23 78.31
N ASP J 107 -13.72 -14.24 78.78
CA ASP J 107 -13.25 -13.23 79.73
C ASP J 107 -13.10 -11.87 79.09
N GLU J 108 -12.47 -11.83 77.91
CA GLU J 108 -12.24 -10.56 77.22
C GLU J 108 -13.52 -9.97 76.60
N SER J 109 -13.49 -8.66 76.39
CA SER J 109 -14.60 -7.95 75.75
C SER J 109 -14.65 -8.28 74.26
N ALA J 110 -15.84 -8.12 73.69
CA ALA J 110 -16.06 -8.40 72.28
C ALA J 110 -15.39 -7.35 71.39
N VAL J 111 -15.29 -6.14 71.91
CA VAL J 111 -14.50 -5.07 71.27
C VAL J 111 -13.10 -5.60 70.95
N ASP J 112 -12.41 -6.14 71.96
CA ASP J 112 -11.05 -6.67 71.82
C ASP J 112 -10.97 -7.96 71.02
N PHE J 113 -11.99 -8.81 71.13
CA PHE J 113 -12.06 -10.05 70.34
C PHE J 113 -12.08 -9.76 68.84
N ILE J 114 -12.85 -8.75 68.45
CA ILE J 114 -12.93 -8.31 67.05
C ILE J 114 -11.55 -7.82 66.59
N ILE J 115 -10.97 -6.91 67.36
CA ILE J 115 -9.68 -6.30 67.01
C ILE J 115 -8.61 -7.38 66.87
N ASP J 116 -8.59 -8.29 67.84
CA ASP J 116 -7.66 -9.43 67.86
C ASP J 116 -7.90 -10.35 66.65
N SER J 117 -9.16 -10.70 66.40
CA SER J 117 -9.54 -11.56 65.26
C SER J 117 -9.16 -10.96 63.91
N VAL J 118 -9.24 -9.63 63.80
CA VAL J 118 -8.81 -8.91 62.59
C VAL J 118 -7.32 -9.08 62.36
N LYS J 119 -6.53 -8.92 63.42
CA LYS J 119 -5.07 -9.08 63.31
C LYS J 119 -4.65 -10.53 63.11
N LYS J 120 -5.41 -11.49 63.62
CA LYS J 120 -5.12 -12.92 63.39
C LYS J 120 -5.45 -13.35 61.96
N TYR J 121 -6.71 -13.19 61.59
CA TYR J 121 -7.22 -13.76 60.33
C TYR J 121 -7.26 -12.77 59.17
N GLY J 122 -7.01 -11.49 59.41
CA GLY J 122 -6.86 -10.48 58.35
C GLY J 122 -7.99 -10.46 57.34
N LYS J 123 -7.64 -10.74 56.08
CA LYS J 123 -8.60 -10.72 54.97
C LYS J 123 -9.43 -12.01 54.82
N ASP J 124 -9.15 -13.03 55.63
CA ASP J 124 -10.03 -14.20 55.72
C ASP J 124 -11.21 -13.97 56.68
N LEU J 125 -11.14 -12.91 57.49
CA LEU J 125 -12.20 -12.60 58.48
C LEU J 125 -13.39 -11.88 57.84
N VAL J 126 -14.59 -12.29 58.24
CA VAL J 126 -15.85 -11.70 57.79
C VAL J 126 -16.71 -11.41 59.02
N TYR J 127 -17.00 -10.14 59.28
CA TYR J 127 -17.78 -9.72 60.46
C TYR J 127 -19.18 -9.34 60.01
N VAL J 128 -20.20 -9.99 60.57
CA VAL J 128 -21.58 -9.89 60.08
C VAL J 128 -22.50 -9.47 61.23
N PRO J 129 -22.59 -8.16 61.50
CA PRO J 129 -23.39 -7.64 62.61
C PRO J 129 -24.84 -7.42 62.24
N THR J 130 -25.75 -8.13 62.91
CA THR J 130 -27.18 -7.94 62.72
C THR J 130 -27.87 -7.44 63.98
N GLY J 131 -27.10 -6.70 64.78
CA GLY J 131 -27.63 -5.86 65.84
C GLY J 131 -27.07 -4.48 65.60
N PRO J 132 -27.24 -3.57 66.56
CA PRO J 132 -26.59 -2.28 66.54
C PRO J 132 -25.09 -2.34 66.25
N MET J 133 -24.61 -1.27 65.63
CA MET J 133 -23.20 -1.18 65.22
C MET J 133 -22.28 -0.77 66.37
N THR J 134 -22.88 -0.38 67.50
CA THR J 134 -22.19 0.02 68.74
C THR J 134 -20.85 -0.65 69.00
N ASN J 135 -20.81 -1.98 68.81
CA ASN J 135 -19.60 -2.75 69.07
C ASN J 135 -18.46 -2.41 68.10
N ILE J 136 -18.69 -2.59 66.80
CA ILE J 136 -17.64 -2.30 65.81
C ILE J 136 -17.27 -0.81 65.65
N ALA J 137 -18.16 0.08 66.09
CA ALA J 137 -17.82 1.51 66.21
C ALA J 137 -16.74 1.73 67.26
N ALA J 138 -16.92 1.11 68.42
CA ALA J 138 -15.91 1.12 69.49
C ALA J 138 -14.60 0.43 69.08
N ALA J 139 -14.71 -0.63 68.28
CA ALA J 139 -13.54 -1.33 67.74
C ALA J 139 -12.74 -0.47 66.78
N LEU J 140 -13.44 0.13 65.81
CA LEU J 140 -12.83 1.07 64.85
C LEU J 140 -12.30 2.33 65.52
N LYS J 141 -13.01 2.79 66.55
CA LYS J 141 -12.54 3.87 67.42
C LYS J 141 -11.17 3.49 68.04
N LYS J 142 -11.13 2.40 68.82
CA LYS J 142 -9.90 1.98 69.51
C LYS J 142 -8.78 1.57 68.54
N ALA J 143 -9.12 0.87 67.47
CA ALA J 143 -8.14 0.40 66.48
C ALA J 143 -8.63 0.69 65.05
N PRO J 144 -8.36 1.92 64.53
CA PRO J 144 -8.82 2.26 63.18
C PRO J 144 -8.14 1.49 62.03
N GLU J 145 -6.99 0.87 62.29
CA GLU J 145 -6.30 0.02 61.30
C GLU J 145 -7.22 -1.04 60.68
N ILE J 146 -8.12 -1.57 61.50
CA ILE J 146 -9.11 -2.59 61.10
C ILE J 146 -9.64 -2.39 59.68
N LYS J 147 -10.07 -1.15 59.37
CA LYS J 147 -10.58 -0.74 58.05
C LYS J 147 -9.99 -1.54 56.88
N ASP J 148 -8.67 -1.44 56.75
CA ASP J 148 -7.94 -2.00 55.62
C ASP J 148 -7.56 -3.46 55.87
N GLU J 149 -7.31 -3.80 57.13
CA GLU J 149 -6.92 -5.16 57.53
C GLU J 149 -8.05 -6.21 57.40
N ILE J 150 -9.28 -5.82 57.75
CA ILE J 150 -10.42 -6.77 57.72
C ILE J 150 -10.83 -7.15 56.30
N GLY J 151 -11.31 -8.38 56.14
CA GLY J 151 -11.75 -8.92 54.85
C GLY J 151 -12.99 -8.23 54.34
N LYS J 152 -14.10 -8.40 55.07
CA LYS J 152 -15.33 -7.66 54.77
C LYS J 152 -16.32 -7.63 55.92
N ILE J 153 -17.05 -6.52 56.03
CA ILE J 153 -18.18 -6.41 56.95
C ILE J 153 -19.45 -6.49 56.12
N VAL J 154 -20.47 -7.20 56.63
CA VAL J 154 -21.74 -7.38 55.91
C VAL J 154 -22.88 -7.31 56.92
N LEU J 155 -23.38 -6.10 57.16
CA LEU J 155 -24.39 -5.88 58.20
C LEU J 155 -25.82 -6.08 57.70
N MET J 156 -26.73 -6.25 58.65
CA MET J 156 -28.17 -6.15 58.41
C MET J 156 -28.63 -4.92 59.19
N GLY J 157 -29.27 -4.01 58.47
CA GLY J 157 -29.75 -2.76 59.04
C GLY J 157 -29.94 -1.69 57.99
N GLY J 158 -30.62 -0.61 58.40
CA GLY J 158 -30.90 0.52 57.53
C GLY J 158 -31.97 0.29 56.49
N ALA J 159 -32.27 1.36 55.76
CA ALA J 159 -33.15 1.35 54.59
C ALA J 159 -32.77 2.54 53.72
N LEU J 160 -32.28 2.27 52.51
CA LEU J 160 -31.83 3.34 51.62
C LEU J 160 -32.97 3.86 50.81
N THR J 161 -33.54 3.00 49.97
CA THR J 161 -34.53 3.40 48.97
C THR J 161 -35.97 3.24 49.44
N ILE J 162 -36.20 3.11 50.75
CA ILE J 162 -37.53 2.75 51.24
C ILE J 162 -37.78 3.25 52.66
N HIS J 163 -39.03 3.18 53.11
CA HIS J 163 -39.37 3.53 54.49
C HIS J 163 -38.72 2.57 55.48
N GLY J 164 -38.21 3.12 56.57
CA GLY J 164 -37.76 2.32 57.71
C GLY J 164 -38.92 1.66 58.43
N ASN J 165 -38.60 0.88 59.46
CA ASN J 165 -39.63 0.18 60.26
C ASN J 165 -39.90 0.77 61.64
N VAL J 166 -38.96 1.52 62.21
CA VAL J 166 -39.19 2.19 63.51
C VAL J 166 -40.04 3.44 63.29
N ASN J 167 -39.57 4.28 62.37
CA ASN J 167 -40.35 5.43 61.88
C ASN J 167 -40.30 5.37 60.35
N ALA J 168 -40.74 6.42 59.66
CA ALA J 168 -40.69 6.45 58.20
C ALA J 168 -39.28 6.49 57.57
N TRP J 169 -38.26 6.82 58.37
CA TRP J 169 -36.90 7.04 57.84
C TRP J 169 -35.75 6.28 58.54
N THR J 170 -36.03 5.50 59.59
CA THR J 170 -34.98 4.74 60.31
C THR J 170 -35.37 3.28 60.51
N GLU J 171 -34.35 2.42 60.50
CA GLU J 171 -34.54 0.99 60.77
C GLU J 171 -33.96 0.63 62.15
N ALA J 172 -34.57 -0.37 62.78
CA ALA J 172 -34.27 -0.79 64.18
C ALA J 172 -32.80 -0.78 64.61
N ASN J 173 -31.99 -1.65 64.01
CA ASN J 173 -30.56 -1.77 64.35
C ASN J 173 -29.78 -0.44 64.24
N ILE J 174 -30.14 0.38 63.25
CA ILE J 174 -29.54 1.70 63.10
C ILE J 174 -30.15 2.67 64.11
N SER J 175 -31.46 2.57 64.33
CA SER J 175 -32.18 3.41 65.28
C SER J 175 -31.58 3.38 66.68
N GLN J 176 -31.18 2.19 67.13
CA GLN J 176 -30.71 1.99 68.51
C GLN J 176 -29.38 2.71 68.78
N ASP J 177 -28.52 2.76 67.75
CA ASP J 177 -27.30 3.57 67.80
C ASP J 177 -26.96 4.09 66.40
N PRO J 178 -27.48 5.28 66.05
CA PRO J 178 -27.16 5.92 64.78
C PRO J 178 -25.72 6.40 64.69
N ASP J 179 -25.20 6.97 65.78
CA ASP J 179 -23.88 7.61 65.76
C ASP J 179 -22.79 6.59 65.46
N ALA J 180 -22.97 5.39 66.03
CA ALA J 180 -22.08 4.25 65.75
C ALA J 180 -22.14 3.83 64.30
N ALA J 181 -23.36 3.65 63.80
CA ALA J 181 -23.58 3.30 62.41
C ALA J 181 -22.95 4.30 61.44
N ASP J 182 -23.04 5.60 61.78
CA ASP J 182 -22.38 6.64 60.99
C ASP J 182 -20.87 6.42 60.94
N ILE J 183 -20.28 6.19 62.11
CA ILE J 183 -18.83 5.97 62.23
C ILE J 183 -18.39 4.80 61.35
N LEU J 184 -19.15 3.71 61.39
CA LEU J 184 -18.89 2.54 60.54
C LEU J 184 -18.93 2.85 59.05
N PHE J 185 -20.01 3.49 58.62
CA PHE J 185 -20.24 3.76 57.19
C PHE J 185 -19.15 4.68 56.64
N ARG J 186 -18.89 5.75 57.39
CA ARG J 186 -17.82 6.71 57.07
C ARG J 186 -16.41 6.14 57.19
N SER J 187 -16.20 5.16 58.06
CA SER J 187 -14.88 4.53 58.29
C SER J 187 -14.09 4.23 57.02
N GLY J 188 -14.81 3.78 55.98
CA GLY J 188 -14.18 3.38 54.72
C GLY J 188 -13.87 1.89 54.70
N ALA J 189 -14.34 1.15 55.71
CA ALA J 189 -14.21 -0.29 55.74
C ALA J 189 -15.09 -0.87 54.64
N PRO J 190 -14.75 -2.06 54.12
CA PRO J 190 -15.52 -2.65 53.03
C PRO J 190 -16.85 -3.26 53.53
N VAL J 191 -17.81 -2.36 53.79
CA VAL J 191 -19.13 -2.72 54.31
C VAL J 191 -20.06 -3.07 53.16
N THR J 192 -21.04 -3.95 53.44
CA THR J 192 -22.15 -4.24 52.54
C THR J 192 -23.41 -4.14 53.40
N MET J 193 -24.19 -3.09 53.19
CA MET J 193 -25.45 -2.91 53.92
C MET J 193 -26.53 -3.78 53.30
N ILE J 194 -27.18 -4.61 54.12
CA ILE J 194 -28.34 -5.37 53.68
C ILE J 194 -29.53 -4.88 54.50
N GLY J 195 -30.21 -3.88 53.93
CA GLY J 195 -31.31 -3.20 54.59
C GLY J 195 -32.67 -3.68 54.16
N LEU J 196 -33.69 -2.95 54.61
CA LEU J 196 -35.09 -3.33 54.41
C LEU J 196 -35.47 -3.45 52.95
N ASP J 197 -34.94 -2.53 52.14
CA ASP J 197 -35.09 -2.58 50.66
C ASP J 197 -34.86 -3.95 50.02
N VAL J 198 -34.06 -4.78 50.67
CA VAL J 198 -33.86 -6.17 50.27
C VAL J 198 -34.52 -7.19 51.23
N THR J 199 -34.46 -6.97 52.54
CA THR J 199 -34.96 -7.97 53.51
C THR J 199 -36.49 -8.10 53.56
N LEU J 200 -37.20 -7.03 53.22
CA LEU J 200 -38.67 -7.07 53.15
C LEU J 200 -39.21 -7.79 51.92
N GLN J 201 -38.34 -8.08 50.95
CA GLN J 201 -38.67 -9.01 49.85
C GLN J 201 -38.61 -10.48 50.28
N THR J 202 -37.81 -10.79 51.31
CA THR J 202 -37.73 -12.13 51.88
C THR J 202 -38.97 -12.44 52.73
N LEU J 203 -39.32 -13.73 52.76
CA LEU J 203 -40.53 -14.19 53.43
C LEU J 203 -40.46 -15.68 53.77
N LEU J 204 -40.97 -16.04 54.95
CA LEU J 204 -41.37 -17.43 55.21
C LEU J 204 -42.61 -17.50 56.11
N THR J 205 -43.41 -18.54 55.86
CA THR J 205 -44.72 -18.74 56.48
C THR J 205 -44.68 -20.08 57.23
N TYR J 206 -45.82 -20.49 57.78
CA TYR J 206 -45.94 -21.79 58.46
C TYR J 206 -45.68 -23.00 57.54
N LYS J 207 -45.87 -22.83 56.22
CA LYS J 207 -45.49 -23.85 55.23
C LYS J 207 -44.03 -24.32 55.42
N GLU J 208 -43.15 -23.37 55.74
CA GLU J 208 -41.71 -23.62 55.93
C GLU J 208 -41.38 -24.15 57.33
N THR J 209 -42.05 -23.65 58.37
CA THR J 209 -41.77 -24.08 59.75
C THR J 209 -42.33 -25.48 60.06
N LYS J 210 -43.41 -25.86 59.38
CA LYS J 210 -43.95 -27.23 59.46
C LYS J 210 -42.96 -28.28 58.93
N GLN J 211 -42.09 -27.89 58.00
CA GLN J 211 -41.01 -28.77 57.50
C GLN J 211 -39.96 -29.08 58.56
N TRP J 212 -39.65 -28.07 59.39
CA TRP J 212 -38.73 -28.26 60.52
C TRP J 212 -39.30 -29.17 61.61
N ARG J 213 -40.61 -29.08 61.84
CA ARG J 213 -41.29 -30.00 62.77
C ARG J 213 -41.23 -31.45 62.31
N ASP J 214 -41.31 -31.66 60.99
CA ASP J 214 -41.24 -33.00 60.38
C ASP J 214 -39.91 -33.75 60.63
N LEU J 215 -38.84 -33.00 60.91
CA LEU J 215 -37.53 -33.60 61.22
C LEU J 215 -37.46 -34.26 62.60
N ASN J 216 -38.39 -33.90 63.50
CA ASN J 216 -38.59 -34.55 64.81
C ASN J 216 -37.43 -34.39 65.81
N THR J 217 -36.57 -33.39 65.60
CA THR J 217 -35.38 -33.20 66.45
C THR J 217 -35.63 -32.15 67.53
N LYS J 218 -34.71 -32.10 68.50
CA LYS J 218 -34.71 -31.06 69.53
C LYS J 218 -34.62 -29.69 68.86
N ALA J 219 -33.69 -29.55 67.91
CA ALA J 219 -33.46 -28.31 67.16
C ALA J 219 -34.61 -27.94 66.22
N GLY J 220 -35.11 -28.93 65.47
CA GLY J 220 -36.22 -28.72 64.53
C GLY J 220 -37.47 -28.17 65.21
N LYS J 221 -37.85 -28.80 66.32
CA LYS J 221 -39.01 -28.35 67.12
C LYS J 221 -38.79 -26.94 67.72
N PHE J 222 -37.56 -26.64 68.14
CA PHE J 222 -37.22 -25.34 68.70
C PHE J 222 -37.39 -24.20 67.67
N LEU J 223 -36.70 -24.32 66.54
CA LEU J 223 -36.73 -23.29 65.50
C LEU J 223 -38.14 -23.06 64.95
N ALA J 224 -38.94 -24.14 64.87
CA ALA J 224 -40.34 -24.05 64.45
C ALA J 224 -41.18 -23.28 65.47
N ASP J 225 -41.15 -23.74 66.73
CA ASP J 225 -41.86 -23.06 67.84
C ASP J 225 -41.49 -21.58 67.94
N MET J 226 -40.20 -21.29 67.76
CA MET J 226 -39.64 -19.95 67.88
C MET J 226 -40.16 -19.00 66.81
N THR J 227 -39.96 -19.37 65.54
CA THR J 227 -40.36 -18.53 64.41
C THR J 227 -41.89 -18.43 64.25
N ASP J 228 -42.64 -19.39 64.81
CA ASP J 228 -44.10 -19.31 64.82
C ASP J 228 -44.62 -18.22 65.79
N PHE J 229 -43.90 -17.98 66.89
CA PHE J 229 -44.17 -16.81 67.75
C PHE J 229 -43.90 -15.51 66.98
N TYR J 230 -42.79 -15.52 66.24
CA TYR J 230 -42.34 -14.40 65.40
C TYR J 230 -43.32 -14.10 64.27
N ILE J 231 -43.93 -15.14 63.68
CA ILE J 231 -44.94 -14.95 62.61
C ILE J 231 -46.26 -14.42 63.19
N LYS J 232 -46.71 -14.98 64.32
CA LYS J 232 -47.97 -14.52 64.97
C LYS J 232 -47.89 -13.09 65.50
N ALA J 233 -46.67 -12.65 65.84
CA ALA J 233 -46.41 -11.24 66.12
C ALA J 233 -46.51 -10.41 64.83
N TYR J 234 -45.88 -10.90 63.75
CA TYR J 234 -45.99 -10.25 62.43
C TYR J 234 -47.42 -10.23 61.88
N GLU J 235 -48.23 -11.22 62.22
CA GLU J 235 -49.66 -11.22 61.87
C GLU J 235 -50.42 -9.97 62.35
N THR J 236 -49.99 -9.39 63.49
CA THR J 236 -50.58 -8.14 64.01
C THR J 236 -49.76 -6.88 63.63
N THR J 237 -48.43 -6.95 63.73
CA THR J 237 -47.57 -5.79 63.40
C THR J 237 -47.44 -5.50 61.90
N ALA J 238 -47.67 -6.51 61.07
CA ALA J 238 -47.58 -6.35 59.60
C ALA J 238 -48.33 -7.48 58.87
N PRO J 239 -49.69 -7.45 58.91
CA PRO J 239 -50.49 -8.46 58.17
C PRO J 239 -50.42 -8.34 56.64
N HIS J 240 -49.86 -7.24 56.12
CA HIS J 240 -49.60 -7.08 54.68
C HIS J 240 -48.52 -8.04 54.09
N LEU J 241 -47.78 -8.75 54.94
CA LEU J 241 -46.79 -9.75 54.50
C LEU J 241 -47.27 -11.22 54.64
N GLY J 242 -48.02 -11.53 55.70
CA GLY J 242 -48.61 -12.88 55.89
C GLY J 242 -47.79 -13.83 56.77
N GLY J 243 -46.46 -13.79 56.59
CA GLY J 243 -45.51 -14.53 57.40
C GLY J 243 -44.53 -13.56 58.06
N CYS J 244 -43.23 -13.85 57.97
CA CYS J 244 -42.19 -13.03 58.62
C CYS J 244 -41.01 -12.74 57.70
N GLY J 245 -40.30 -11.65 57.99
CA GLY J 245 -39.12 -11.28 57.24
C GLY J 245 -37.90 -12.09 57.65
N LEU J 246 -37.03 -12.36 56.69
CA LEU J 246 -35.76 -13.05 56.95
C LEU J 246 -34.65 -12.02 56.89
N HIS J 247 -34.57 -11.21 57.94
CA HIS J 247 -33.71 -10.03 57.93
C HIS J 247 -32.25 -10.40 58.15
N ASP J 248 -31.95 -10.89 59.34
CA ASP J 248 -30.58 -11.14 59.78
C ASP J 248 -29.89 -12.32 59.05
N PRO J 249 -30.64 -13.40 58.73
CA PRO J 249 -30.04 -14.50 57.97
C PRO J 249 -29.49 -14.10 56.63
N LEU J 250 -30.19 -13.20 55.94
CA LEU J 250 -29.80 -12.77 54.61
C LEU J 250 -28.44 -12.11 54.60
N ALA J 251 -28.11 -11.37 55.65
CA ALA J 251 -26.78 -10.79 55.81
C ALA J 251 -25.70 -11.87 55.80
N VAL J 252 -25.96 -12.98 56.50
CA VAL J 252 -25.04 -14.10 56.54
C VAL J 252 -24.97 -14.78 55.17
N ALA J 253 -26.13 -14.96 54.53
CA ALA J 253 -26.19 -15.57 53.20
C ALA J 253 -25.38 -14.81 52.16
N VAL J 254 -25.37 -13.48 52.26
CA VAL J 254 -24.60 -12.62 51.36
C VAL J 254 -23.12 -12.60 51.73
N ALA J 255 -22.82 -12.78 53.02
CA ALA J 255 -21.44 -12.96 53.46
C ALA J 255 -20.81 -14.20 52.82
N VAL J 256 -21.56 -15.30 52.78
CA VAL J 256 -21.06 -16.54 52.15
C VAL J 256 -21.10 -16.46 50.63
N ASP J 257 -22.19 -15.91 50.10
CA ASP J 257 -22.41 -15.85 48.66
C ASP J 257 -22.92 -14.45 48.26
N PRO J 258 -22.00 -13.53 47.90
CA PRO J 258 -22.45 -12.17 47.54
C PRO J 258 -23.28 -12.05 46.26
N THR J 259 -23.36 -13.11 45.45
CA THR J 259 -24.21 -13.11 44.26
C THR J 259 -25.71 -13.26 44.54
N LEU J 260 -26.10 -13.53 45.79
CA LEU J 260 -27.52 -13.53 46.17
C LEU J 260 -28.18 -12.16 46.09
N VAL J 261 -27.36 -11.11 46.08
CA VAL J 261 -27.83 -9.73 46.15
C VAL J 261 -27.24 -8.90 44.99
N THR J 262 -27.97 -7.86 44.58
CA THR J 262 -27.48 -6.86 43.63
C THR J 262 -27.28 -5.56 44.37
N THR J 263 -26.03 -5.09 44.45
CA THR J 263 -25.68 -3.92 45.24
C THR J 263 -25.51 -2.68 44.38
N LEU J 264 -25.58 -1.54 45.05
CA LEU J 264 -25.40 -0.24 44.44
C LEU J 264 -24.16 0.39 45.08
N PRO J 265 -23.04 0.48 44.33
CA PRO J 265 -21.84 1.15 44.87
C PRO J 265 -22.16 2.59 45.26
N ILE J 266 -21.91 2.94 46.53
CA ILE J 266 -22.34 4.24 47.05
C ILE J 266 -21.63 4.58 48.36
N ASN J 267 -20.96 5.74 48.39
CA ASN J 267 -20.41 6.27 49.63
C ASN J 267 -21.58 6.76 50.51
N MET J 268 -21.66 6.22 51.73
CA MET J 268 -22.82 6.37 52.60
C MET J 268 -22.51 7.11 53.90
N GLN J 269 -23.59 7.48 54.59
CA GLN J 269 -23.53 8.07 55.91
C GLN J 269 -24.80 7.68 56.66
N VAL J 270 -24.86 8.06 57.94
CA VAL J 270 -26.09 7.98 58.69
C VAL J 270 -26.35 9.35 59.27
N ASP J 271 -27.60 9.78 59.20
CA ASP J 271 -27.99 11.10 59.66
C ASP J 271 -27.99 11.10 61.18
N VAL J 272 -27.31 12.10 61.73
CA VAL J 272 -27.15 12.26 63.17
C VAL J 272 -27.90 13.49 63.71
N GLU J 273 -27.80 14.63 63.01
CA GLU J 273 -28.25 15.93 63.54
C GLU J 273 -29.74 16.23 63.33
N GLY J 274 -30.23 16.03 62.11
CA GLY J 274 -31.54 16.57 61.72
C GLY J 274 -32.74 15.84 62.29
N PRO J 275 -33.96 16.21 61.84
CA PRO J 275 -35.16 15.44 62.16
C PRO J 275 -35.26 14.13 61.38
N THR J 276 -34.30 13.90 60.47
CA THR J 276 -34.08 12.59 59.87
C THR J 276 -33.00 11.74 60.59
N ARG J 277 -32.72 12.03 61.86
CA ARG J 277 -31.72 11.29 62.63
C ARG J 277 -32.01 9.78 62.59
N GLY J 278 -30.99 9.00 62.21
CA GLY J 278 -31.08 7.54 62.10
C GLY J 278 -31.35 6.99 60.71
N ARG J 279 -31.38 7.87 59.71
CA ARG J 279 -31.63 7.50 58.32
C ARG J 279 -30.32 7.12 57.67
N THR J 280 -30.35 6.04 56.90
CA THR J 280 -29.23 5.62 56.08
C THR J 280 -29.37 6.29 54.72
N ILE J 281 -28.35 7.01 54.30
CA ILE J 281 -28.44 7.83 53.09
C ILE J 281 -27.05 8.11 52.52
N GLY J 282 -26.97 8.32 51.21
CA GLY J 282 -25.70 8.65 50.57
C GLY J 282 -25.15 9.99 50.99
N ASP J 283 -23.84 10.07 51.16
CA ASP J 283 -23.18 11.33 51.45
C ASP J 283 -22.93 12.01 50.12
N VAL J 284 -23.42 13.24 50.00
CA VAL J 284 -23.32 14.01 48.75
C VAL J 284 -21.86 14.35 48.49
N THR J 285 -21.17 14.76 49.57
CA THR J 285 -19.74 15.08 49.54
C THR J 285 -18.92 14.05 48.78
N ARG J 286 -19.22 12.77 48.99
CA ARG J 286 -18.49 11.68 48.35
C ARG J 286 -19.30 11.02 47.21
N LEU J 287 -20.16 11.79 46.54
CA LEU J 287 -20.91 11.27 45.39
C LEU J 287 -20.01 11.23 44.16
N ASN J 288 -19.31 12.34 43.92
CA ASN J 288 -18.42 12.46 42.76
C ASN J 288 -17.07 11.76 42.94
N ASP J 289 -16.74 11.37 44.18
CA ASP J 289 -15.60 10.49 44.46
C ASP J 289 -15.90 9.12 43.82
N PRO J 290 -15.11 8.71 42.79
CA PRO J 290 -15.40 7.43 42.11
C PRO J 290 -15.17 6.18 42.98
N VAL J 291 -14.30 6.28 43.98
CA VAL J 291 -14.01 5.18 44.89
C VAL J 291 -15.16 5.04 45.88
N LYS J 292 -15.93 3.95 45.75
CA LYS J 292 -17.08 3.69 46.61
C LYS J 292 -16.71 2.77 47.78
N THR J 293 -16.80 3.29 49.00
CA THR J 293 -16.38 2.58 50.21
C THR J 293 -17.27 1.38 50.56
N MET J 294 -18.59 1.54 50.44
CA MET J 294 -19.52 0.45 50.75
C MET J 294 -20.62 0.32 49.69
N GLN J 295 -21.39 -0.75 49.78
CA GLN J 295 -22.39 -1.12 48.76
C GLN J 295 -23.71 -1.46 49.44
N VAL J 296 -24.80 -0.86 48.98
CA VAL J 296 -26.13 -1.12 49.55
C VAL J 296 -26.90 -2.07 48.66
N ALA J 297 -27.54 -3.04 49.28
CA ALA J 297 -28.28 -4.07 48.56
C ALA J 297 -29.61 -3.49 48.17
N VAL J 298 -29.94 -3.64 46.88
CA VAL J 298 -31.22 -3.15 46.34
C VAL J 298 -32.07 -4.25 45.69
N GLY J 299 -31.43 -5.21 45.03
CA GLY J 299 -32.10 -6.40 44.49
C GLY J 299 -31.63 -7.66 45.18
N VAL J 300 -32.43 -8.72 45.07
CA VAL J 300 -32.15 -9.99 45.75
C VAL J 300 -32.84 -11.17 45.05
N ASP J 301 -32.16 -12.31 45.01
CA ASP J 301 -32.68 -13.54 44.42
C ASP J 301 -33.47 -14.30 45.51
N VAL J 302 -34.73 -13.91 45.71
CA VAL J 302 -35.53 -14.37 46.86
C VAL J 302 -35.77 -15.89 46.88
N PRO J 303 -36.16 -16.48 45.72
CA PRO J 303 -36.41 -17.93 45.70
C PRO J 303 -35.17 -18.80 45.91
N ARG J 304 -34.01 -18.33 45.43
CA ARG J 304 -32.74 -19.03 45.64
C ARG J 304 -32.26 -18.88 47.07
N PHE J 305 -32.39 -17.68 47.63
CA PHE J 305 -32.09 -17.46 49.05
C PHE J 305 -32.97 -18.32 49.96
N LEU J 306 -34.28 -18.34 49.68
CA LEU J 306 -35.22 -19.17 50.44
C LEU J 306 -34.88 -20.67 50.36
N ASN J 307 -34.39 -21.13 49.20
CA ASN J 307 -33.94 -22.51 49.04
C ASN J 307 -32.62 -22.79 49.78
N GLU J 308 -31.66 -21.86 49.64
CA GLU J 308 -30.38 -21.94 50.35
C GLU J 308 -30.60 -21.96 51.87
N PHE J 309 -31.49 -21.08 52.33
CA PHE J 309 -31.89 -20.96 53.74
C PHE J 309 -32.44 -22.26 54.32
N MET J 310 -33.44 -22.84 53.65
CA MET J 310 -34.07 -24.08 54.14
C MET J 310 -33.16 -25.30 54.03
N THR J 311 -32.40 -25.41 52.95
CA THR J 311 -31.42 -26.50 52.77
C THR J 311 -30.39 -26.52 53.91
N ARG J 312 -29.80 -25.36 54.19
CA ARG J 312 -28.78 -25.25 55.23
C ARG J 312 -29.31 -25.51 56.64
N ILE J 313 -30.45 -24.89 56.96
CA ILE J 313 -31.02 -24.96 58.31
C ILE J 313 -31.70 -26.31 58.59
N SER J 314 -32.44 -26.83 57.62
CA SER J 314 -33.03 -28.18 57.75
C SER J 314 -31.96 -29.28 57.85
N GLY J 315 -30.83 -29.08 57.16
CA GLY J 315 -29.67 -29.98 57.28
C GLY J 315 -29.03 -29.95 58.66
N LEU J 316 -28.95 -28.76 59.25
CA LEU J 316 -28.41 -28.57 60.60
C LEU J 316 -29.36 -29.11 61.68
N ALA J 317 -30.65 -28.84 61.52
CA ALA J 317 -31.68 -29.34 62.46
C ALA J 317 -31.76 -30.86 62.49
N LYS J 318 -31.49 -31.52 61.37
CA LYS J 318 -31.39 -32.99 61.30
C LYS J 318 -30.23 -33.54 62.14
N ILE J 319 -29.13 -32.79 62.21
CA ILE J 319 -27.93 -33.20 62.98
C ILE J 319 -28.12 -33.18 64.52
N ALA J 320 -28.94 -32.29 65.06
CA ALA J 320 -29.25 -32.29 66.50
C ALA J 320 -30.49 -33.14 66.82
N LYS K 5 -96.97 21.45 34.08
CA LYS K 5 -96.34 21.95 35.35
C LYS K 5 -95.91 23.40 35.18
N LYS K 6 -96.10 24.21 36.23
CA LYS K 6 -95.99 25.68 36.12
C LYS K 6 -95.21 26.31 37.27
N LEU K 7 -94.36 27.28 36.91
CA LEU K 7 -93.29 27.76 37.77
C LEU K 7 -93.44 29.24 38.15
N ILE K 8 -93.20 29.57 39.41
CA ILE K 8 -93.04 30.96 39.86
C ILE K 8 -91.68 31.08 40.55
N LEU K 9 -90.86 32.03 40.10
CA LEU K 9 -89.63 32.40 40.81
C LEU K 9 -89.91 33.59 41.73
N ASP K 10 -89.23 33.63 42.87
CA ASP K 10 -89.33 34.73 43.84
C ASP K 10 -87.91 35.24 44.04
N LEU K 11 -87.57 36.36 43.41
CA LEU K 11 -86.16 36.73 43.15
C LEU K 11 -85.74 38.11 43.65
N ASP K 12 -84.56 38.15 44.27
CA ASP K 12 -83.85 39.39 44.58
C ASP K 12 -82.79 39.62 43.51
N THR K 13 -83.25 39.97 42.32
CA THR K 13 -82.45 39.87 41.09
C THR K 13 -81.37 40.97 40.96
N GLY K 14 -80.07 40.68 41.13
CA GLY K 14 -79.49 39.39 41.53
C GLY K 14 -78.79 38.68 40.39
N VAL K 15 -77.51 38.35 40.57
CA VAL K 15 -76.68 37.75 39.51
C VAL K 15 -77.02 36.28 39.33
N ASP K 16 -76.87 35.49 40.40
CA ASP K 16 -77.31 34.09 40.39
C ASP K 16 -78.82 33.98 40.15
N ASP K 17 -79.57 34.99 40.59
CA ASP K 17 -81.01 35.03 40.35
C ASP K 17 -81.38 35.08 38.86
N THR K 18 -80.61 35.79 38.03
CA THR K 18 -80.87 35.78 36.57
C THR K 18 -80.44 34.47 35.92
N LEU K 19 -79.43 33.82 36.49
CA LEU K 19 -79.04 32.50 36.04
C LEU K 19 -80.16 31.50 36.33
N ALA K 20 -80.92 31.73 37.40
CA ALA K 20 -82.14 30.95 37.69
C ALA K 20 -83.23 31.22 36.66
N ILE K 21 -83.39 32.48 36.27
CA ILE K 21 -84.33 32.85 35.21
C ILE K 21 -83.89 32.17 33.91
N SER K 22 -82.61 32.28 33.58
CA SER K 22 -82.06 31.68 32.35
C SER K 22 -82.25 30.16 32.30
N TYR K 23 -82.00 29.47 33.41
CA TYR K 23 -82.22 28.02 33.50
C TYR K 23 -83.72 27.70 33.34
N ALA K 24 -84.57 28.53 33.95
CA ALA K 24 -86.01 28.32 33.89
C ALA K 24 -86.52 28.46 32.46
N LEU K 25 -86.19 29.57 31.81
CA LEU K 25 -86.59 29.82 30.43
C LEU K 25 -85.93 28.88 29.42
N GLY K 26 -84.76 28.33 29.78
CA GLY K 26 -84.10 27.29 29.00
C GLY K 26 -84.65 25.88 29.19
N SER K 27 -85.58 25.73 30.14
CA SER K 27 -86.11 24.43 30.51
C SER K 27 -87.57 24.27 30.02
N PRO K 28 -87.80 23.34 29.07
CA PRO K 28 -89.15 23.16 28.51
C PRO K 28 -90.16 22.42 29.40
N GLU K 29 -89.75 21.88 30.54
CA GLU K 29 -90.66 21.11 31.40
C GLU K 29 -91.61 22.00 32.21
N MET K 30 -91.24 23.28 32.37
CA MET K 30 -92.02 24.24 33.16
C MET K 30 -92.41 25.41 32.29
N GLU K 31 -93.61 25.96 32.53
CA GLU K 31 -93.98 27.27 32.02
C GLU K 31 -93.75 28.25 33.17
N LEU K 32 -92.83 29.20 32.98
CA LEU K 32 -92.59 30.25 33.96
C LEU K 32 -93.76 31.25 33.89
N ILE K 33 -94.64 31.19 34.89
CA ILE K 33 -95.84 32.04 34.92
C ILE K 33 -95.46 33.49 35.25
N GLY K 34 -94.68 33.66 36.31
CA GLY K 34 -94.26 34.98 36.75
C GLY K 34 -93.03 34.99 37.63
N ILE K 35 -92.44 36.17 37.77
CA ILE K 35 -91.32 36.40 38.66
C ILE K 35 -91.80 37.33 39.76
N THR K 36 -91.99 36.78 40.95
CA THR K 36 -92.24 37.58 42.14
C THR K 36 -90.93 38.26 42.56
N GLY K 37 -90.99 39.56 42.88
CA GLY K 37 -89.79 40.35 43.23
C GLY K 37 -89.65 40.50 44.73
N THR K 38 -88.42 40.35 45.23
CA THR K 38 -88.12 40.57 46.65
C THR K 38 -86.77 41.30 46.75
N TYR K 39 -86.21 41.36 47.96
CA TYR K 39 -85.10 42.27 48.29
C TYR K 39 -83.91 41.47 48.83
N GLY K 40 -82.75 42.11 48.92
CA GLY K 40 -81.56 41.50 49.51
C GLY K 40 -80.30 41.83 48.75
N ASN K 41 -80.08 41.09 47.66
CA ASN K 41 -78.96 41.37 46.74
C ASN K 41 -79.05 42.81 46.25
N VAL K 42 -80.29 43.25 46.02
CA VAL K 42 -80.57 44.61 45.61
C VAL K 42 -81.95 45.03 46.14
N LEU K 43 -82.18 46.35 46.21
CA LEU K 43 -83.48 46.93 46.62
C LEU K 43 -84.63 46.31 45.83
N MET K 44 -85.77 46.15 46.48
CA MET K 44 -86.90 45.37 45.92
C MET K 44 -87.29 45.83 44.50
N GLU K 45 -87.43 47.15 44.34
CA GLU K 45 -87.75 47.78 43.06
C GLU K 45 -86.74 47.45 41.97
N GLN K 46 -85.46 47.64 42.29
CA GLN K 46 -84.36 47.25 41.39
C GLN K 46 -84.48 45.78 40.94
N GLY K 47 -84.90 44.91 41.85
CA GLY K 47 -85.20 43.50 41.52
C GLY K 47 -86.21 43.34 40.41
N VAL K 48 -87.23 44.18 40.43
CA VAL K 48 -88.27 44.20 39.39
C VAL K 48 -87.75 44.78 38.08
N ARG K 49 -87.04 45.91 38.12
CA ARG K 49 -86.46 46.52 36.90
C ARG K 49 -85.60 45.52 36.13
N ASN K 50 -84.78 44.79 36.88
CA ASN K 50 -83.86 43.82 36.31
C ASN K 50 -84.62 42.64 35.73
N ALA K 51 -85.57 42.11 36.52
CA ALA K 51 -86.41 40.99 36.09
C ALA K 51 -87.10 41.26 34.75
N LEU K 52 -87.74 42.42 34.64
CA LEU K 52 -88.42 42.83 33.41
C LEU K 52 -87.42 42.95 32.25
N ALA K 53 -86.36 43.71 32.47
CA ALA K 53 -85.32 43.95 31.44
C ALA K 53 -84.65 42.67 30.94
N ILE K 54 -84.42 41.73 31.85
CA ILE K 54 -83.70 40.49 31.54
C ILE K 54 -84.62 39.48 30.83
N THR K 55 -85.85 39.32 31.34
CA THR K 55 -86.84 38.48 30.68
C THR K 55 -87.07 38.90 29.22
N ASP K 56 -87.14 40.20 29.00
CA ASP K 56 -87.16 40.79 27.65
C ASP K 56 -85.94 40.35 26.84
N LEU K 57 -84.74 40.61 27.37
CA LEU K 57 -83.47 40.34 26.66
C LEU K 57 -83.32 38.89 26.19
N LEU K 58 -83.79 37.93 26.99
CA LEU K 58 -83.67 36.50 26.68
C LEU K 58 -84.70 36.00 25.65
N GLY K 59 -85.69 36.85 25.36
CA GLY K 59 -86.71 36.59 24.35
C GLY K 59 -88.04 36.13 24.91
N HIS K 60 -88.32 36.49 26.17
CA HIS K 60 -89.55 36.07 26.84
C HIS K 60 -90.18 37.22 27.62
N PRO K 61 -90.77 38.20 26.89
CA PRO K 61 -91.46 39.31 27.55
C PRO K 61 -92.88 38.98 28.03
N GLU K 62 -93.32 37.73 27.89
CA GLU K 62 -94.59 37.27 28.47
C GLU K 62 -94.51 37.07 29.99
N VAL K 63 -93.30 37.01 30.53
CA VAL K 63 -93.10 36.76 31.96
C VAL K 63 -93.53 37.99 32.75
N LYS K 64 -94.63 37.82 33.49
CA LYS K 64 -95.24 38.93 34.22
C LYS K 64 -94.57 39.07 35.58
N VAL K 65 -94.00 40.23 35.86
CA VAL K 65 -93.25 40.48 37.08
C VAL K 65 -94.14 41.16 38.12
N TYR K 66 -94.34 40.50 39.26
CA TYR K 66 -95.19 41.01 40.34
C TYR K 66 -94.32 41.65 41.43
N LYS K 67 -94.99 42.36 42.34
CA LYS K 67 -94.32 43.24 43.27
C LYS K 67 -94.56 42.73 44.71
N GLY K 68 -93.53 42.13 45.30
CA GLY K 68 -93.59 41.67 46.69
C GLY K 68 -93.24 42.76 47.69
N LEU K 69 -92.80 42.36 48.87
CA LEU K 69 -92.58 43.27 50.00
C LEU K 69 -91.15 43.81 50.02
N SER K 70 -91.00 45.07 50.46
CA SER K 70 -89.70 45.78 50.46
C SER K 70 -88.78 45.41 51.63
N HIS K 71 -89.37 45.28 52.82
CA HIS K 71 -88.61 45.04 54.06
C HIS K 71 -89.01 43.70 54.70
N ALA K 72 -88.24 43.30 55.71
CA ALA K 72 -88.45 42.02 56.41
C ALA K 72 -89.71 41.99 57.27
N SER K 73 -90.26 40.78 57.43
CA SER K 73 -91.31 40.43 58.40
C SER K 73 -91.31 41.29 59.67
N THR K 74 -90.15 41.43 60.30
CA THR K 74 -90.00 42.11 61.59
C THR K 74 -89.10 43.36 61.55
N LYS K 75 -88.97 43.99 60.38
CA LYS K 75 -88.21 45.24 60.24
C LYS K 75 -89.08 46.32 59.57
N ASP K 76 -88.73 47.59 59.81
CA ASP K 76 -89.44 48.73 59.22
C ASP K 76 -88.96 49.05 57.81
N SER K 77 -87.65 48.97 57.59
CA SER K 77 -87.01 49.37 56.33
C SER K 77 -86.05 48.30 55.81
N PHE K 78 -85.33 48.62 54.74
CA PHE K 78 -84.24 47.79 54.23
C PHE K 78 -83.27 48.59 53.37
N GLU K 79 -81.97 48.42 53.63
CA GLU K 79 -80.90 48.95 52.79
C GLU K 79 -80.07 47.77 52.27
N VAL K 80 -79.49 47.92 51.09
CA VAL K 80 -78.58 46.92 50.54
C VAL K 80 -77.28 47.01 51.33
N LEU K 81 -76.80 45.86 51.83
CA LEU K 81 -75.52 45.80 52.55
C LEU K 81 -74.37 45.98 51.54
N PRO K 82 -73.27 46.65 51.96
CA PRO K 82 -72.19 46.90 50.99
C PRO K 82 -71.49 45.62 50.48
N ILE K 83 -71.56 44.54 51.25
CA ILE K 83 -71.03 43.23 50.86
C ILE K 83 -71.74 42.72 49.60
N SER K 84 -73.08 42.73 49.63
CA SER K 84 -73.90 42.31 48.48
C SER K 84 -73.78 43.27 47.28
N ALA K 85 -73.54 44.54 47.56
CA ALA K 85 -73.25 45.53 46.50
C ALA K 85 -71.90 45.27 45.82
N PHE K 86 -70.92 44.72 46.55
CA PHE K 86 -69.63 44.33 45.96
C PHE K 86 -69.76 43.09 45.05
N ILE K 87 -70.55 42.11 45.49
CA ILE K 87 -70.72 40.85 44.77
C ILE K 87 -71.58 41.04 43.52
N HIS K 88 -72.82 41.46 43.71
CA HIS K 88 -73.80 41.59 42.63
C HIS K 88 -73.78 42.97 41.93
N GLY K 89 -73.00 43.92 42.45
CA GLY K 89 -72.90 45.26 41.88
C GLY K 89 -73.98 46.21 42.37
N ASP K 90 -73.96 47.42 41.85
CA ASP K 90 -74.90 48.47 42.28
C ASP K 90 -76.27 48.26 41.67
N ASN K 91 -76.30 48.08 40.35
CA ASN K 91 -77.54 47.69 39.65
C ASN K 91 -78.05 46.28 40.01
N GLY K 92 -77.17 45.41 40.54
CA GLY K 92 -77.52 44.05 40.93
C GLY K 92 -77.39 43.03 39.80
N ILE K 93 -76.63 43.38 38.77
CA ILE K 93 -76.54 42.62 37.53
C ILE K 93 -75.09 42.65 37.00
N GLY K 94 -74.13 42.46 37.89
CA GLY K 94 -72.74 42.88 37.62
C GLY K 94 -72.76 44.40 37.65
N ASP K 95 -72.24 45.04 36.63
CA ASP K 95 -72.58 46.44 36.38
C ASP K 95 -72.87 46.57 34.90
N VAL K 96 -73.59 45.58 34.38
CA VAL K 96 -73.79 45.42 32.95
C VAL K 96 -74.97 46.30 32.53
N GLU K 97 -74.71 47.16 31.55
CA GLU K 97 -75.70 48.11 31.06
C GLU K 97 -76.65 47.37 30.11
N ILE K 98 -77.94 47.50 30.38
CA ILE K 98 -78.98 46.77 29.66
C ILE K 98 -80.22 47.67 29.58
N PRO K 99 -80.86 47.76 28.40
CA PRO K 99 -82.01 48.65 28.28
C PRO K 99 -83.17 48.29 29.23
N ASP K 100 -83.78 49.30 29.85
CA ASP K 100 -84.98 49.11 30.67
C ASP K 100 -86.10 48.52 29.81
N SER K 101 -86.87 47.61 30.37
CA SER K 101 -88.07 47.13 29.68
C SER K 101 -89.15 48.20 29.78
N PRO K 102 -89.83 48.48 28.66
CA PRO K 102 -90.97 49.39 28.72
C PRO K 102 -92.22 48.78 29.39
N ARG K 103 -92.24 47.45 29.55
CA ARG K 103 -93.26 46.74 30.36
C ARG K 103 -92.94 47.13 31.80
N LYS K 104 -93.98 47.06 32.63
CA LYS K 104 -93.90 47.41 34.04
C LYS K 104 -94.58 46.36 34.92
N ALA K 105 -94.43 46.51 36.23
CA ALA K 105 -94.95 45.53 37.18
C ALA K 105 -96.47 45.44 37.14
N GLU K 106 -96.99 44.23 37.33
CA GLU K 106 -98.45 44.00 37.36
C GLU K 106 -99.08 44.74 38.55
N ASP K 107 -100.39 44.93 38.47
CA ASP K 107 -101.09 45.78 39.42
C ASP K 107 -101.17 45.17 40.80
N GLU K 108 -101.54 43.89 40.86
CA GLU K 108 -101.68 43.18 42.14
C GLU K 108 -100.33 42.86 42.79
N SER K 109 -100.36 42.67 44.11
CA SER K 109 -99.19 42.29 44.89
C SER K 109 -98.81 40.85 44.59
N ALA K 110 -97.54 40.54 44.83
CA ALA K 110 -97.01 39.20 44.60
C ALA K 110 -97.52 38.21 45.64
N VAL K 111 -97.80 38.72 46.84
CA VAL K 111 -98.47 37.97 47.88
C VAL K 111 -99.76 37.34 47.31
N ASP K 112 -100.61 38.17 46.72
CA ASP K 112 -101.89 37.73 46.14
C ASP K 112 -101.73 36.91 44.86
N PHE K 113 -100.72 37.21 44.06
CA PHE K 113 -100.43 36.44 42.84
C PHE K 113 -100.11 34.98 43.18
N ILE K 114 -99.33 34.78 44.24
CA ILE K 114 -98.99 33.44 44.71
C ILE K 114 -100.25 32.70 45.15
N ILE K 115 -101.02 33.35 46.03
CA ILE K 115 -102.24 32.76 46.59
C ILE K 115 -103.21 32.37 45.47
N ASP K 116 -103.38 33.30 44.53
CA ASP K 116 -104.23 33.10 43.36
C ASP K 116 -103.71 31.95 42.48
N SER K 117 -102.41 31.96 42.19
CA SER K 117 -101.76 30.91 41.38
C SER K 117 -101.88 29.52 42.00
N VAL K 118 -101.84 29.46 43.34
CA VAL K 118 -102.04 28.20 44.07
C VAL K 118 -103.44 27.67 43.84
N LYS K 119 -104.45 28.54 43.94
CA LYS K 119 -105.83 28.12 43.72
C LYS K 119 -106.15 27.81 42.26
N LYS K 120 -105.44 28.45 41.32
CA LYS K 120 -105.63 28.13 39.89
C LYS K 120 -104.99 26.81 39.51
N TYR K 121 -103.68 26.69 39.74
CA TYR K 121 -102.90 25.57 39.23
C TYR K 121 -102.67 24.45 40.24
N GLY K 122 -103.02 24.68 41.51
CA GLY K 122 -103.00 23.63 42.54
C GLY K 122 -101.68 22.87 42.64
N LYS K 123 -101.74 21.56 42.39
CA LYS K 123 -100.57 20.69 42.48
C LYS K 123 -99.67 20.68 41.23
N ASP K 124 -100.06 21.39 40.18
CA ASP K 124 -99.17 21.64 39.05
C ASP K 124 -98.23 22.84 39.29
N LEU K 125 -98.51 23.64 40.32
CA LEU K 125 -97.70 24.83 40.64
C LEU K 125 -96.44 24.47 41.44
N VAL K 126 -95.33 25.11 41.06
CA VAL K 126 -94.05 24.94 41.71
C VAL K 126 -93.48 26.33 42.00
N TYR K 127 -93.30 26.67 43.28
CA TYR K 127 -92.80 27.99 43.69
C TYR K 127 -91.35 27.85 44.15
N VAL K 128 -90.44 28.59 43.52
CA VAL K 128 -89.00 28.42 43.70
C VAL K 128 -88.37 29.74 44.12
N PRO K 129 -88.38 30.05 45.42
CA PRO K 129 -87.86 31.30 45.95
C PRO K 129 -86.38 31.26 46.23
N THR K 130 -85.60 32.10 45.55
CA THR K 130 -84.18 32.20 45.80
C THR K 130 -83.79 33.59 46.29
N GLY K 131 -84.75 34.23 46.97
CA GLY K 131 -84.49 35.38 47.81
C GLY K 131 -85.05 35.06 49.17
N PRO K 132 -85.13 36.07 50.05
CA PRO K 132 -85.83 35.93 51.32
C PRO K 132 -87.23 35.34 51.20
N MET K 133 -87.63 34.66 52.27
CA MET K 133 -88.91 33.95 52.30
C MET K 133 -90.06 34.89 52.65
N THR K 134 -89.73 36.14 53.03
CA THR K 134 -90.69 37.22 53.36
C THR K 134 -92.02 37.16 52.63
N ASN K 135 -91.97 36.96 51.32
CA ASN K 135 -93.17 36.93 50.48
C ASN K 135 -94.09 35.75 50.80
N ILE K 136 -93.58 34.54 50.66
CA ILE K 136 -94.41 33.34 50.93
C ILE K 136 -94.81 33.15 52.41
N ALA K 137 -94.08 33.78 53.33
CA ALA K 137 -94.49 33.85 54.73
C ALA K 137 -95.79 34.66 54.88
N ALA K 138 -95.83 35.82 54.24
CA ALA K 138 -97.03 36.64 54.18
C ALA K 138 -98.19 35.95 53.44
N ALA K 139 -97.87 35.17 52.42
CA ALA K 139 -98.87 34.39 51.67
C ALA K 139 -99.49 33.31 52.54
N LEU K 140 -98.63 32.51 53.19
CA LEU K 140 -99.07 31.46 54.12
C LEU K 140 -99.79 32.04 55.35
N LYS K 141 -99.33 33.20 55.81
CA LYS K 141 -100.03 33.97 56.84
C LYS K 141 -101.47 34.28 56.39
N LYS K 142 -101.62 35.01 55.28
CA LYS K 142 -102.95 35.42 54.79
C LYS K 142 -103.83 34.24 54.36
N ALA K 143 -103.23 33.24 53.70
CA ALA K 143 -103.96 32.06 53.23
C ALA K 143 -103.20 30.77 53.57
N PRO K 144 -103.41 30.24 54.81
CA PRO K 144 -102.70 29.01 55.21
C PRO K 144 -103.08 27.73 54.45
N GLU K 145 -104.24 27.73 53.78
CA GLU K 145 -104.67 26.60 52.92
C GLU K 145 -103.59 26.17 51.92
N ILE K 146 -102.85 27.15 51.41
CA ILE K 146 -101.75 26.95 50.44
C ILE K 146 -100.95 25.67 50.70
N LYS K 147 -100.54 25.48 51.97
CA LYS K 147 -99.77 24.30 52.44
C LYS K 147 -100.07 23.02 51.66
N ASP K 148 -101.33 22.62 51.69
CA ASP K 148 -101.79 21.35 51.14
C ASP K 148 -102.14 21.49 49.66
N GLU K 149 -102.62 22.67 49.26
CA GLU K 149 -103.03 22.94 47.88
C GLU K 149 -101.84 23.03 46.89
N ILE K 150 -100.72 23.64 47.31
CA ILE K 150 -99.56 23.84 46.42
C ILE K 150 -98.85 22.52 46.10
N GLY K 151 -98.28 22.44 44.89
CA GLY K 151 -97.57 21.27 44.42
C GLY K 151 -96.28 21.04 45.17
N LYS K 152 -95.34 21.97 45.02
CA LYS K 152 -94.11 21.96 45.82
C LYS K 152 -93.39 23.30 45.85
N ILE K 153 -92.75 23.59 46.97
CA ILE K 153 -91.84 24.72 47.11
C ILE K 153 -90.42 24.17 47.11
N VAL K 154 -89.50 24.86 46.43
CA VAL K 154 -88.10 24.42 46.32
C VAL K 154 -87.20 25.64 46.41
N LEU K 155 -86.81 26.00 47.63
CA LEU K 155 -86.05 27.24 47.87
C LEU K 155 -84.55 27.05 47.75
N MET K 156 -83.85 28.17 47.58
CA MET K 156 -82.40 28.24 47.76
C MET K 156 -82.17 29.11 48.97
N GLY K 157 -81.43 28.56 49.93
CA GLY K 157 -81.15 29.24 51.19
C GLY K 157 -80.79 28.28 52.30
N GLY K 158 -80.27 28.84 53.39
CA GLY K 158 -79.87 28.06 54.57
C GLY K 158 -78.60 27.26 54.41
N ALA K 159 -78.21 26.64 55.52
CA ALA K 159 -77.11 25.68 55.57
C ALA K 159 -77.35 24.77 56.78
N LEU K 160 -77.56 23.48 56.52
CA LEU K 160 -77.89 22.54 57.60
C LEU K 160 -76.62 22.00 58.20
N THR K 161 -75.85 21.27 57.38
CA THR K 161 -74.69 20.51 57.85
C THR K 161 -73.38 21.27 57.74
N ILE K 162 -73.42 22.59 57.58
CA ILE K 162 -72.21 23.34 57.25
C ILE K 162 -72.27 24.79 57.73
N HIS K 163 -71.14 25.49 57.69
CA HIS K 163 -71.10 26.91 58.02
C HIS K 163 -71.90 27.73 57.01
N GLY K 164 -72.66 28.71 57.50
CA GLY K 164 -73.30 29.70 56.66
C GLY K 164 -72.29 30.64 56.01
N ASN K 165 -72.77 31.56 55.18
CA ASN K 165 -71.89 32.54 54.51
C ASN K 165 -71.93 33.97 55.06
N VAL K 166 -73.01 34.34 55.76
CA VAL K 166 -73.09 35.67 56.41
C VAL K 166 -72.27 35.66 57.69
N ASN K 167 -72.57 34.68 58.55
CA ASN K 167 -71.77 34.39 59.73
C ASN K 167 -71.50 32.87 59.72
N ALA K 168 -70.98 32.32 60.81
CA ALA K 168 -70.72 30.88 60.89
C ALA K 168 -71.97 29.98 60.88
N TRP K 169 -73.15 30.54 61.15
CA TRP K 169 -74.39 29.76 61.32
C TRP K 169 -75.61 30.18 60.48
N THR K 170 -75.51 31.25 59.69
CA THR K 170 -76.65 31.72 58.87
C THR K 170 -76.25 31.96 57.42
N GLU K 171 -77.20 31.74 56.51
CA GLU K 171 -77.00 32.00 55.08
C GLU K 171 -77.83 33.22 54.66
N ALA K 172 -77.33 33.95 53.66
CA ALA K 172 -77.88 35.24 53.20
C ALA K 172 -79.41 35.37 53.13
N ASN K 173 -80.04 34.59 52.25
CA ASN K 173 -81.51 34.64 52.05
C ASN K 173 -82.31 34.38 53.35
N ILE K 174 -81.79 33.51 54.21
CA ILE K 174 -82.40 33.26 55.52
C ILE K 174 -82.07 34.40 56.47
N SER K 175 -80.83 34.87 56.43
CA SER K 175 -80.36 35.98 57.27
C SER K 175 -81.22 37.23 57.17
N GLN K 176 -81.66 37.56 55.95
CA GLN K 176 -82.40 38.80 55.69
C GLN K 176 -83.79 38.80 56.34
N ASP K 177 -84.41 37.63 56.39
CA ASP K 177 -85.66 37.43 57.14
C ASP K 177 -85.73 36.00 57.69
N PRO K 178 -85.21 35.79 58.91
CA PRO K 178 -85.28 34.51 59.58
C PRO K 178 -86.70 34.13 60.00
N ASP K 179 -87.45 35.09 60.51
CA ASP K 179 -88.77 34.81 61.09
C ASP K 179 -89.72 34.28 60.03
N ALA K 180 -89.61 34.83 58.83
CA ALA K 180 -90.37 34.37 57.67
C ALA K 180 -89.99 32.94 57.29
N ALA K 181 -88.69 32.71 57.17
CA ALA K 181 -88.16 31.39 56.88
C ALA K 181 -88.64 30.34 57.88
N ASP K 182 -88.68 30.71 59.16
CA ASP K 182 -89.20 29.82 60.20
C ASP K 182 -90.66 29.45 59.92
N ILE K 183 -91.47 30.47 59.63
CA ILE K 183 -92.90 30.28 59.35
C ILE K 183 -93.09 29.30 58.19
N LEU K 184 -92.31 29.48 57.13
CA LEU K 184 -92.34 28.57 55.97
C LEU K 184 -92.00 27.13 56.33
N PHE K 185 -90.89 26.94 57.03
CA PHE K 185 -90.38 25.60 57.34
C PHE K 185 -91.37 24.85 58.22
N ARG K 186 -91.83 25.55 59.27
CA ARG K 186 -92.85 25.04 60.19
C ARG K 186 -94.23 24.85 59.58
N SER K 187 -94.57 25.64 58.56
CA SER K 187 -95.89 25.57 57.87
C SER K 187 -96.37 24.15 57.57
N GLY K 188 -95.44 23.28 57.18
CA GLY K 188 -95.77 21.92 56.79
C GLY K 188 -95.98 21.79 55.29
N ALA K 189 -95.70 22.87 54.55
CA ALA K 189 -95.76 22.85 53.10
C ALA K 189 -94.64 21.94 52.59
N PRO K 190 -94.83 21.33 51.41
CA PRO K 190 -93.81 20.42 50.87
C PRO K 190 -92.59 21.18 50.31
N VAL K 191 -91.75 21.64 51.24
CA VAL K 191 -90.55 22.41 50.91
C VAL K 191 -89.37 21.48 50.63
N THR K 192 -88.44 21.93 49.79
CA THR K 192 -87.16 21.28 49.59
C THR K 192 -86.11 22.37 49.70
N MET K 193 -85.34 22.36 50.79
CA MET K 193 -84.29 23.34 51.00
C MET K 193 -83.05 22.94 50.21
N ILE K 194 -82.55 23.85 49.38
CA ILE K 194 -81.28 23.65 48.67
C ILE K 194 -80.31 24.71 49.20
N GLY K 195 -79.58 24.31 50.24
CA GLY K 195 -78.67 25.21 50.96
C GLY K 195 -77.24 25.05 50.54
N LEU K 196 -76.37 25.71 51.31
CA LEU K 196 -74.94 25.81 50.99
C LEU K 196 -74.27 24.45 50.93
N ASP K 197 -74.65 23.56 51.85
CA ASP K 197 -74.20 22.15 51.85
C ASP K 197 -74.23 21.45 50.49
N VAL K 198 -75.11 21.91 49.60
CA VAL K 198 -75.15 21.45 48.21
C VAL K 198 -74.66 22.50 47.21
N THR K 199 -74.99 23.78 47.38
CA THR K 199 -74.64 24.81 46.38
C THR K 199 -73.16 25.17 46.32
N LEU K 200 -72.45 25.00 47.43
CA LEU K 200 -71.00 25.24 47.46
C LEU K 200 -70.18 24.15 46.78
N GLN K 201 -70.82 23.01 46.48
CA GLN K 201 -70.22 21.99 45.59
C GLN K 201 -70.30 22.37 44.11
N THR K 202 -71.28 23.21 43.75
CA THR K 202 -71.40 23.74 42.38
C THR K 202 -70.37 24.81 42.09
N LEU K 203 -69.96 24.90 40.83
CA LEU K 203 -68.89 25.80 40.41
C LEU K 203 -68.96 26.10 38.92
N LEU K 204 -68.70 27.36 38.54
CA LEU K 204 -68.28 27.66 37.17
C LEU K 204 -67.26 28.80 37.12
N THR K 205 -66.38 28.72 36.12
CA THR K 205 -65.21 29.59 35.96
C THR K 205 -65.35 30.30 34.61
N TYR K 206 -64.33 31.06 34.22
CA TYR K 206 -64.29 31.73 32.92
C TYR K 206 -64.28 30.76 31.72
N LYS K 207 -63.83 29.51 31.94
CA LYS K 207 -63.95 28.45 30.93
C LYS K 207 -65.38 28.31 30.39
N GLU K 208 -66.36 28.46 31.30
CA GLU K 208 -67.79 28.32 30.97
C GLU K 208 -68.39 29.61 30.39
N THR K 209 -67.97 30.78 30.88
CA THR K 209 -68.52 32.07 30.40
C THR K 209 -67.97 32.46 29.03
N LYS K 210 -66.74 32.02 28.71
CA LYS K 210 -66.18 32.19 27.37
C LYS K 210 -66.97 31.45 26.29
N GLN K 211 -67.64 30.36 26.67
CA GLN K 211 -68.54 29.62 25.75
C GLN K 211 -69.78 30.43 25.38
N TRP K 212 -70.32 31.20 26.34
CA TRP K 212 -71.44 32.10 26.08
C TRP K 212 -71.08 33.27 25.17
N ARG K 213 -69.85 33.78 25.31
CA ARG K 213 -69.33 34.81 24.40
C ARG K 213 -69.22 34.31 22.95
N ASP K 214 -68.85 33.05 22.79
CA ASP K 214 -68.72 32.41 21.46
C ASP K 214 -70.04 32.35 20.65
N LEU K 215 -71.18 32.41 21.34
CA LEU K 215 -72.49 32.43 20.68
C LEU K 215 -72.81 33.76 19.96
N ASN K 216 -72.12 34.83 20.35
CA ASN K 216 -72.17 36.15 19.67
C ASN K 216 -73.51 36.88 19.75
N THR K 217 -74.36 36.52 20.72
CA THR K 217 -75.70 37.10 20.84
C THR K 217 -75.74 38.23 21.86
N LYS K 218 -76.85 38.99 21.83
CA LYS K 218 -77.12 40.01 22.84
C LYS K 218 -77.14 39.36 24.24
N ALA K 219 -77.85 38.23 24.35
CA ALA K 219 -77.98 37.48 25.61
C ALA K 219 -76.68 36.81 26.06
N GLY K 220 -75.98 36.16 25.11
CA GLY K 220 -74.71 35.49 25.39
C GLY K 220 -73.66 36.42 25.97
N LYS K 221 -73.49 37.58 25.34
CA LYS K 221 -72.55 38.61 25.82
C LYS K 221 -72.96 39.17 27.18
N PHE K 222 -74.26 39.33 27.42
CA PHE K 222 -74.78 39.83 28.70
C PHE K 222 -74.46 38.89 29.87
N LEU K 223 -74.88 37.63 29.75
CA LEU K 223 -74.68 36.63 30.81
C LEU K 223 -73.19 36.41 31.11
N ALA K 224 -72.36 36.48 30.08
CA ALA K 224 -70.90 36.36 30.24
C ALA K 224 -70.32 37.55 31.01
N ASP K 225 -70.60 38.77 30.52
CA ASP K 225 -70.18 40.02 31.21
C ASP K 225 -70.64 40.06 32.66
N MET K 226 -71.87 39.61 32.89
CA MET K 226 -72.51 39.65 34.21
C MET K 226 -71.83 38.72 35.21
N THR K 227 -71.73 37.44 34.87
CA THR K 227 -71.15 36.44 35.76
C THR K 227 -69.63 36.60 35.93
N ASP K 228 -68.96 37.28 34.98
CA ASP K 228 -67.54 37.62 35.13
C ASP K 228 -67.29 38.69 36.20
N PHE K 229 -68.24 39.61 36.39
CA PHE K 229 -68.21 40.52 37.54
C PHE K 229 -68.38 39.73 38.84
N TYR K 230 -69.31 38.79 38.82
CA TYR K 230 -69.62 37.90 39.94
C TYR K 230 -68.43 36.99 40.31
N ILE K 231 -67.68 36.52 39.32
CA ILE K 231 -66.48 35.70 39.58
C ILE K 231 -65.32 36.55 40.15
N LYS K 232 -65.09 37.74 39.58
CA LYS K 232 -64.03 38.66 40.07
C LYS K 232 -64.30 39.18 41.50
N ALA K 233 -65.57 39.26 41.86
CA ALA K 233 -65.96 39.50 43.25
C ALA K 233 -65.64 38.28 44.12
N TYR K 234 -65.99 37.09 43.63
CA TYR K 234 -65.65 35.83 44.32
C TYR K 234 -64.14 35.59 44.44
N GLU K 235 -63.36 36.08 43.46
CA GLU K 235 -61.89 36.03 43.55
C GLU K 235 -61.32 36.70 44.82
N THR K 236 -62.00 37.73 45.34
CA THR K 236 -61.60 38.38 46.61
C THR K 236 -62.39 37.86 47.83
N THR K 237 -63.71 37.67 47.71
CA THR K 237 -64.54 37.20 48.83
C THR K 237 -64.37 35.70 49.15
N ALA K 238 -63.91 34.91 48.18
CA ALA K 238 -63.69 33.47 48.38
C ALA K 238 -62.76 32.90 47.30
N PRO K 239 -61.44 33.22 47.39
CA PRO K 239 -60.45 32.65 46.45
C PRO K 239 -60.20 31.13 46.60
N HIS K 240 -60.69 30.53 47.70
CA HIS K 240 -60.65 29.07 47.89
C HIS K 240 -61.54 28.26 46.91
N LEU K 241 -62.40 28.91 46.14
CA LEU K 241 -63.23 28.25 45.10
C LEU K 241 -62.71 28.47 43.65
N GLY K 242 -62.18 29.65 43.34
CA GLY K 242 -61.59 29.95 42.02
C GLY K 242 -62.53 30.61 41.01
N GLY K 243 -63.78 30.15 41.00
CA GLY K 243 -64.85 30.73 40.18
C GLY K 243 -65.99 31.19 41.08
N CYS K 244 -67.23 30.83 40.74
CA CYS K 244 -68.41 31.26 41.50
C CYS K 244 -69.38 30.11 41.76
N GLY K 245 -70.20 30.28 42.80
CA GLY K 245 -71.21 29.28 43.15
C GLY K 245 -72.45 29.41 42.27
N LEU K 246 -73.08 28.28 42.00
CA LEU K 246 -74.34 28.25 41.24
C LEU K 246 -75.47 27.98 42.22
N HIS K 247 -75.80 29.00 43.00
CA HIS K 247 -76.69 28.85 44.14
C HIS K 247 -78.15 28.74 43.69
N ASP K 248 -78.67 29.84 43.15
CA ASP K 248 -80.09 29.98 42.84
C ASP K 248 -80.55 29.09 41.66
N PRO K 249 -79.69 28.93 40.62
CA PRO K 249 -80.07 28.03 39.50
C PRO K 249 -80.35 26.61 39.93
N LEU K 250 -79.57 26.11 40.87
CA LEU K 250 -79.68 24.72 41.32
C LEU K 250 -81.05 24.44 41.93
N ALA K 251 -81.61 25.42 42.62
CA ALA K 251 -82.98 25.31 43.14
C ALA K 251 -83.98 25.05 42.01
N VAL K 252 -83.82 25.77 40.91
CA VAL K 252 -84.67 25.60 39.73
C VAL K 252 -84.42 24.23 39.10
N ALA K 253 -83.16 23.85 38.98
CA ALA K 253 -82.78 22.55 38.42
C ALA K 253 -83.41 21.37 39.17
N VAL K 254 -83.49 21.50 40.49
CA VAL K 254 -84.10 20.47 41.35
C VAL K 254 -85.64 20.53 41.29
N ALA K 255 -86.18 21.72 41.06
CA ALA K 255 -87.60 21.86 40.80
C ALA K 255 -88.03 21.08 39.56
N VAL K 256 -87.24 21.18 38.48
CA VAL K 256 -87.54 20.44 37.25
C VAL K 256 -87.19 18.95 37.38
N ASP K 257 -86.05 18.68 37.99
CA ASP K 257 -85.53 17.32 38.11
C ASP K 257 -85.02 17.06 39.53
N PRO K 258 -85.90 16.53 40.42
CA PRO K 258 -85.45 16.30 41.81
C PRO K 258 -84.38 15.21 42.01
N THR K 259 -84.08 14.42 40.97
CA THR K 259 -83.01 13.42 41.03
C THR K 259 -81.59 14.01 40.94
N LEU K 260 -81.45 15.32 40.65
CA LEU K 260 -80.15 15.98 40.71
C LEU K 260 -79.55 16.05 42.11
N VAL K 261 -80.40 15.89 43.14
CA VAL K 261 -80.03 16.09 44.53
C VAL K 261 -80.40 14.86 45.36
N THR K 262 -79.66 14.63 46.44
CA THR K 262 -79.99 13.61 47.45
C THR K 262 -80.40 14.33 48.73
N THR K 263 -81.66 14.15 49.14
CA THR K 263 -82.21 14.88 50.27
C THR K 263 -82.27 14.03 51.52
N LEU K 264 -82.40 14.71 52.65
CA LEU K 264 -82.51 14.10 53.97
C LEU K 264 -83.88 14.50 54.52
N PRO K 265 -84.83 13.55 54.58
CA PRO K 265 -86.14 13.84 55.18
C PRO K 265 -85.99 14.31 56.62
N ILE K 266 -86.50 15.50 56.92
CA ILE K 266 -86.27 16.13 58.22
C ILE K 266 -87.24 17.28 58.50
N ASN K 267 -87.96 17.19 59.62
CA ASN K 267 -88.77 18.30 60.09
C ASN K 267 -87.85 19.41 60.59
N MET K 268 -87.99 20.61 60.02
CA MET K 268 -87.05 21.71 60.20
C MET K 268 -87.65 22.93 60.89
N GLN K 269 -86.76 23.84 61.27
CA GLN K 269 -87.11 25.14 61.82
C GLN K 269 -86.01 26.12 61.47
N VAL K 270 -86.23 27.38 61.81
CA VAL K 270 -85.17 28.38 61.76
C VAL K 270 -85.11 29.02 63.13
N ASP K 271 -83.88 29.21 63.61
CA ASP K 271 -83.66 29.77 64.93
C ASP K 271 -83.98 31.27 64.89
N VAL K 272 -84.81 31.69 65.84
CA VAL K 272 -85.27 33.07 65.94
C VAL K 272 -84.70 33.77 67.19
N GLU K 273 -84.72 33.09 68.35
CA GLU K 273 -84.44 33.74 69.64
C GLU K 273 -82.97 33.85 70.03
N GLY K 274 -82.24 32.76 69.90
CA GLY K 274 -80.89 32.64 70.49
C GLY K 274 -79.81 33.44 69.79
N PRO K 275 -78.55 33.27 70.22
CA PRO K 275 -77.40 33.83 69.50
C PRO K 275 -77.08 33.04 68.22
N THR K 276 -77.80 31.95 67.97
CA THR K 276 -77.83 31.28 66.68
C THR K 276 -79.00 31.73 65.76
N ARG K 277 -79.55 32.93 66.00
CA ARG K 277 -80.65 33.46 65.18
C ARG K 277 -80.28 33.46 63.70
N GLY K 278 -81.16 32.85 62.88
CA GLY K 278 -80.97 32.73 61.43
C GLY K 278 -80.40 31.41 60.94
N ARG K 279 -80.21 30.47 61.86
CA ARG K 279 -79.66 29.15 61.54
C ARG K 279 -80.79 28.22 61.12
N THR K 280 -80.55 27.45 60.07
CA THR K 280 -81.45 26.41 59.63
C THR K 280 -81.07 25.13 60.34
N ILE K 281 -82.02 24.52 61.03
CA ILE K 281 -81.73 23.37 61.89
C ILE K 281 -82.97 22.54 62.14
N GLY K 282 -82.81 21.25 62.38
CA GLY K 282 -83.93 20.37 62.67
C GLY K 282 -84.62 20.70 63.99
N ASP K 283 -85.95 20.60 63.99
CA ASP K 283 -86.71 20.77 65.21
C ASP K 283 -86.73 19.44 65.93
N VAL K 284 -86.30 19.45 67.19
CA VAL K 284 -86.19 18.23 67.99
C VAL K 284 -87.58 17.70 68.27
N THR K 285 -88.49 18.62 68.60
CA THR K 285 -89.90 18.31 68.85
C THR K 285 -90.50 17.37 67.82
N ARG K 286 -90.18 17.61 66.55
CA ARG K 286 -90.70 16.80 65.44
C ARG K 286 -89.65 15.83 64.87
N LEU K 287 -88.70 15.38 65.70
CA LEU K 287 -87.72 14.39 65.27
C LEU K 287 -88.35 13.00 65.23
N ASN K 288 -89.05 12.65 66.30
CA ASN K 288 -89.71 11.35 66.43
C ASN K 288 -91.03 11.24 65.66
N ASP K 289 -91.58 12.36 65.20
CA ASP K 289 -92.68 12.37 64.25
C ASP K 289 -92.19 11.78 62.93
N PRO K 290 -92.73 10.61 62.51
CA PRO K 290 -92.23 9.96 61.27
C PRO K 290 -92.55 10.72 59.99
N VAL K 291 -93.61 11.53 60.00
CA VAL K 291 -94.01 12.33 58.85
C VAL K 291 -93.08 13.53 58.74
N LYS K 292 -92.24 13.54 57.70
CA LYS K 292 -91.27 14.60 57.47
C LYS K 292 -91.81 15.65 56.49
N THR K 293 -92.00 16.88 56.97
CA THR K 293 -92.65 17.96 56.20
C THR K 293 -91.80 18.46 55.03
N MET K 294 -90.49 18.63 55.26
CA MET K 294 -89.58 19.08 54.20
C MET K 294 -88.30 18.27 54.15
N GLN K 295 -87.48 18.50 53.12
CA GLN K 295 -86.29 17.70 52.83
C GLN K 295 -85.13 18.63 52.52
N VAL K 296 -83.99 18.42 53.18
CA VAL K 296 -82.80 19.25 52.96
C VAL K 296 -81.82 18.51 52.08
N ALA K 297 -81.27 19.22 51.10
CA ALA K 297 -80.35 18.66 50.13
C ALA K 297 -79.00 18.55 50.78
N VAL K 298 -78.40 17.37 50.68
CA VAL K 298 -77.07 17.10 51.23
C VAL K 298 -76.05 16.63 50.19
N GLY K 299 -76.49 15.84 49.22
CA GLY K 299 -75.67 15.42 48.08
C GLY K 299 -76.21 15.97 46.77
N VAL K 300 -75.35 16.01 45.76
CA VAL K 300 -75.71 16.60 44.45
C VAL K 300 -74.82 16.04 43.34
N ASP K 301 -75.43 15.83 42.17
CA ASP K 301 -74.74 15.35 40.96
C ASP K 301 -74.16 16.56 40.23
N VAL K 302 -72.98 17.02 40.65
CA VAL K 302 -72.41 18.30 40.19
C VAL K 302 -72.10 18.33 38.69
N PRO K 303 -71.45 17.28 38.16
CA PRO K 303 -71.14 17.29 36.72
C PRO K 303 -72.35 17.22 35.78
N ARG K 304 -73.41 16.51 36.22
CA ARG K 304 -74.66 16.45 35.46
C ARG K 304 -75.43 17.76 35.55
N PHE K 305 -75.48 18.35 36.73
CA PHE K 305 -76.06 19.68 36.91
C PHE K 305 -75.35 20.73 36.06
N LEU K 306 -74.02 20.73 36.10
CA LEU K 306 -73.22 21.66 35.29
C LEU K 306 -73.46 21.48 33.79
N ASN K 307 -73.66 20.25 33.34
CA ASN K 307 -74.01 19.96 31.93
C ASN K 307 -75.44 20.41 31.59
N GLU K 308 -76.38 20.10 32.47
CA GLU K 308 -77.79 20.51 32.32
C GLU K 308 -77.89 22.04 32.26
N PHE K 309 -77.15 22.70 33.16
CA PHE K 309 -77.06 24.17 33.27
C PHE K 309 -76.58 24.82 31.97
N MET K 310 -75.44 24.36 31.46
CA MET K 310 -74.85 24.95 30.24
C MET K 310 -75.66 24.63 28.98
N THR K 311 -76.18 23.41 28.87
CA THR K 311 -77.04 23.02 27.74
C THR K 311 -78.29 23.90 27.64
N ARG K 312 -78.98 24.08 28.76
CA ARG K 312 -80.20 24.89 28.80
C ARG K 312 -79.96 26.37 28.53
N ILE K 313 -78.95 26.94 29.18
CA ILE K 313 -78.67 28.38 29.10
C ILE K 313 -78.00 28.76 27.78
N SER K 314 -77.04 27.96 27.31
CA SER K 314 -76.42 28.19 25.99
C SER K 314 -77.44 28.04 24.84
N GLY K 315 -78.41 27.14 25.00
CA GLY K 315 -79.52 27.00 24.06
C GLY K 315 -80.44 28.21 24.03
N LEU K 316 -80.71 28.79 25.20
CA LEU K 316 -81.51 30.00 25.32
C LEU K 316 -80.78 31.24 24.80
N ALA K 317 -79.50 31.37 25.13
CA ALA K 317 -78.68 32.49 24.65
C ALA K 317 -78.53 32.52 23.12
N LYS K 318 -78.52 31.34 22.49
CA LYS K 318 -78.54 31.23 21.02
C LYS K 318 -79.82 31.79 20.39
N ILE K 319 -80.95 31.64 21.09
CA ILE K 319 -82.26 32.14 20.62
C ILE K 319 -82.40 33.68 20.59
N ALA K 320 -81.75 34.40 21.51
CA ALA K 320 -81.76 35.87 21.47
C ALA K 320 -80.57 36.43 20.67
N LYS L 5 -42.00 61.21 -38.93
CA LYS L 5 -40.80 60.28 -39.07
C LYS L 5 -40.63 59.92 -40.55
N LYS L 6 -39.37 59.87 -41.00
CA LYS L 6 -39.05 59.82 -42.43
C LYS L 6 -37.96 58.80 -42.78
N LEU L 7 -38.18 58.08 -43.88
CA LEU L 7 -37.47 56.85 -44.19
C LEU L 7 -36.64 56.95 -45.49
N ILE L 8 -35.42 56.43 -45.46
CA ILE L 8 -34.62 56.19 -46.67
C ILE L 8 -34.24 54.72 -46.71
N LEU L 9 -34.55 54.05 -47.81
CA LEU L 9 -34.04 52.70 -48.07
C LEU L 9 -32.77 52.79 -48.93
N ASP L 10 -31.84 51.86 -48.71
CA ASP L 10 -30.59 51.75 -49.48
C ASP L 10 -30.56 50.34 -50.02
N LEU L 11 -30.89 50.17 -51.30
CA LEU L 11 -31.31 48.88 -51.85
C LEU L 11 -30.53 48.39 -53.07
N ASP L 12 -30.20 47.09 -53.03
CA ASP L 12 -29.68 46.35 -54.19
C ASP L 12 -30.84 45.58 -54.82
N THR L 13 -31.74 46.32 -55.46
CA THR L 13 -33.09 45.84 -55.79
C THR L 13 -33.13 44.84 -56.97
N GLY L 14 -33.33 43.53 -56.76
CA GLY L 14 -33.47 42.83 -55.47
C GLY L 14 -34.90 42.41 -55.17
N VAL L 15 -35.10 41.10 -54.94
CA VAL L 15 -36.44 40.55 -54.74
C VAL L 15 -36.99 40.89 -53.35
N ASP L 16 -36.26 40.48 -52.32
CA ASP L 16 -36.59 40.87 -50.94
C ASP L 16 -36.52 42.39 -50.77
N ASP L 17 -35.64 43.04 -51.53
CA ASP L 17 -35.53 44.49 -51.51
C ASP L 17 -36.83 45.21 -51.95
N THR L 18 -37.55 44.66 -52.93
CA THR L 18 -38.86 45.26 -53.31
C THR L 18 -39.94 44.97 -52.29
N LEU L 19 -39.82 43.84 -51.61
CA LEU L 19 -40.73 43.53 -50.50
C LEU L 19 -40.52 44.53 -49.36
N ALA L 20 -39.29 45.01 -49.21
CA ALA L 20 -38.99 46.11 -48.28
C ALA L 20 -39.62 47.43 -48.72
N ILE L 21 -39.57 47.71 -50.02
CA ILE L 21 -40.25 48.86 -50.59
C ILE L 21 -41.76 48.75 -50.35
N SER L 22 -42.32 47.57 -50.67
CA SER L 22 -43.74 47.31 -50.50
C SER L 22 -44.21 47.48 -49.05
N TYR L 23 -43.44 46.95 -48.10
CA TYR L 23 -43.74 47.12 -46.66
C TYR L 23 -43.65 48.60 -46.27
N ALA L 24 -42.66 49.29 -46.80
CA ALA L 24 -42.47 50.71 -46.50
C ALA L 24 -43.64 51.55 -46.99
N LEU L 25 -43.97 51.40 -48.27
CA LEU L 25 -45.11 52.13 -48.86
C LEU L 25 -46.47 51.70 -48.30
N GLY L 26 -46.55 50.46 -47.79
CA GLY L 26 -47.74 49.98 -47.08
C GLY L 26 -47.85 50.43 -45.62
N SER L 27 -46.82 51.10 -45.12
CA SER L 27 -46.74 51.51 -43.72
C SER L 27 -46.93 53.02 -43.58
N PRO L 28 -48.05 53.46 -42.95
CA PRO L 28 -48.33 54.90 -42.83
C PRO L 28 -47.51 55.67 -41.77
N GLU L 29 -46.70 54.97 -40.97
CA GLU L 29 -45.93 55.63 -39.90
C GLU L 29 -44.71 56.38 -40.43
N MET L 30 -44.25 56.02 -41.64
CA MET L 30 -43.08 56.61 -42.25
C MET L 30 -43.45 57.23 -43.59
N GLU L 31 -42.80 58.34 -43.94
CA GLU L 31 -42.81 58.83 -45.31
C GLU L 31 -41.49 58.38 -45.93
N LEU L 32 -41.59 57.55 -46.97
CA LEU L 32 -40.42 57.11 -47.73
C LEU L 32 -39.93 58.29 -48.59
N ILE L 33 -38.83 58.92 -48.17
CA ILE L 33 -38.30 60.09 -48.87
C ILE L 33 -37.63 59.68 -50.18
N GLY L 34 -36.77 58.68 -50.11
CA GLY L 34 -36.06 58.21 -51.29
C GLY L 34 -35.49 56.81 -51.15
N ILE L 35 -35.13 56.23 -52.30
CA ILE L 35 -34.49 54.93 -52.36
C ILE L 35 -33.08 55.17 -52.88
N THR L 36 -32.10 55.06 -52.00
CA THR L 36 -30.71 55.04 -52.41
C THR L 36 -30.38 53.68 -53.06
N GLY L 37 -29.69 53.71 -54.20
CA GLY L 37 -29.38 52.47 -54.95
C GLY L 37 -27.97 51.99 -54.68
N THR L 38 -27.81 50.68 -54.50
CA THR L 38 -26.49 50.06 -54.34
C THR L 38 -26.48 48.74 -55.13
N TYR L 39 -25.46 47.91 -54.89
CA TYR L 39 -25.11 46.78 -55.76
C TYR L 39 -25.12 45.48 -54.96
N GLY L 40 -25.09 44.35 -55.65
CA GLY L 40 -24.98 43.03 -54.99
C GLY L 40 -25.86 42.00 -55.65
N ASN L 41 -27.14 42.01 -55.28
CA ASN L 41 -28.15 41.15 -55.91
C ASN L 41 -28.15 41.39 -57.41
N VAL L 42 -27.97 42.65 -57.79
CA VAL L 42 -27.88 43.05 -59.19
C VAL L 42 -26.97 44.28 -59.31
N LEU L 43 -26.44 44.51 -60.52
CA LEU L 43 -25.63 45.70 -60.83
C LEU L 43 -26.30 46.99 -60.36
N MET L 44 -25.49 47.95 -59.91
CA MET L 44 -26.01 49.16 -59.24
C MET L 44 -27.10 49.87 -60.04
N GLU L 45 -26.83 50.07 -61.33
CA GLU L 45 -27.76 50.71 -62.28
C GLU L 45 -29.08 49.96 -62.36
N GLN L 46 -29.01 48.65 -62.57
CA GLN L 46 -30.21 47.78 -62.55
C GLN L 46 -31.04 47.96 -61.28
N GLY L 47 -30.36 48.15 -60.14
CA GLY L 47 -31.02 48.48 -58.87
C GLY L 47 -31.88 49.72 -58.95
N VAL L 48 -31.39 50.73 -59.65
CA VAL L 48 -32.13 51.98 -59.86
C VAL L 48 -33.29 51.79 -60.85
N ARG L 49 -33.07 51.12 -61.98
CA ARG L 49 -34.14 50.86 -62.96
C ARG L 49 -35.34 50.17 -62.31
N ASN L 50 -35.04 49.19 -61.47
CA ASN L 50 -36.06 48.40 -60.78
C ASN L 50 -36.79 49.25 -59.75
N ALA L 51 -36.01 49.98 -58.95
CA ALA L 51 -36.56 50.88 -57.92
C ALA L 51 -37.58 51.87 -58.49
N LEU L 52 -37.20 52.53 -59.58
CA LEU L 52 -38.08 53.49 -60.26
C LEU L 52 -39.33 52.80 -60.80
N ALA L 53 -39.13 51.73 -61.56
CA ALA L 53 -40.23 50.96 -62.17
C ALA L 53 -41.23 50.40 -61.16
N ILE L 54 -40.72 49.95 -60.01
CA ILE L 54 -41.54 49.29 -58.99
C ILE L 54 -42.28 50.33 -58.14
N THR L 55 -41.60 51.40 -57.74
CA THR L 55 -42.25 52.50 -57.03
C THR L 55 -43.43 53.08 -57.83
N ASP L 56 -43.23 53.23 -59.14
CA ASP L 56 -44.31 53.58 -60.07
C ASP L 56 -45.46 52.56 -60.00
N LEU L 57 -45.14 51.29 -60.19
CA LEU L 57 -46.16 50.22 -60.25
C LEU L 57 -47.07 50.15 -59.01
N LEU L 58 -46.49 50.38 -57.83
CA LEU L 58 -47.24 50.31 -56.56
C LEU L 58 -48.12 51.55 -56.29
N GLY L 59 -47.92 52.60 -57.10
CA GLY L 59 -48.73 53.82 -57.04
C GLY L 59 -48.04 54.98 -56.33
N HIS L 60 -46.71 54.96 -56.29
CA HIS L 60 -45.94 55.98 -55.58
C HIS L 60 -44.74 56.45 -56.42
N PRO L 61 -45.00 57.20 -57.50
CA PRO L 61 -43.91 57.75 -58.30
C PRO L 61 -43.26 59.01 -57.73
N GLU L 62 -43.66 59.45 -56.53
CA GLU L 62 -42.98 60.53 -55.82
C GLU L 62 -41.65 60.10 -55.21
N VAL L 63 -41.43 58.79 -55.10
CA VAL L 63 -40.22 58.26 -54.47
C VAL L 63 -39.03 58.51 -55.37
N LYS L 64 -38.15 59.41 -54.91
CA LYS L 64 -37.00 59.85 -55.70
C LYS L 64 -35.85 58.88 -55.50
N VAL L 65 -35.36 58.29 -56.59
CA VAL L 65 -34.32 57.28 -56.53
C VAL L 65 -32.95 57.92 -56.79
N TYR L 66 -32.05 57.82 -55.82
CA TYR L 66 -30.71 58.41 -55.92
C TYR L 66 -29.70 57.34 -56.30
N LYS L 67 -28.50 57.78 -56.66
CA LYS L 67 -27.49 56.94 -57.30
C LYS L 67 -26.27 56.82 -56.38
N GLY L 68 -26.13 55.67 -55.73
CA GLY L 68 -24.95 55.38 -54.89
C GLY L 68 -23.77 54.86 -55.67
N LEU L 69 -22.89 54.14 -54.98
CA LEU L 69 -21.61 53.69 -55.55
C LEU L 69 -21.74 52.29 -56.20
N SER L 70 -20.98 52.07 -57.29
CA SER L 70 -21.05 50.81 -58.07
C SER L 70 -20.26 49.65 -57.46
N HIS L 71 -19.07 49.94 -56.94
CA HIS L 71 -18.16 48.92 -56.42
C HIS L 71 -17.88 49.13 -54.93
N ALA L 72 -17.23 48.15 -54.32
CA ALA L 72 -16.92 48.17 -52.89
C ALA L 72 -15.85 49.19 -52.49
N SER L 73 -15.97 49.67 -51.24
CA SER L 73 -14.94 50.47 -50.54
C SER L 73 -13.50 50.19 -50.99
N THR L 74 -13.11 48.92 -51.04
CA THR L 74 -11.73 48.51 -51.33
C THR L 74 -11.58 47.66 -52.61
N LYS L 75 -12.51 47.81 -53.56
CA LYS L 75 -12.41 47.13 -54.86
C LYS L 75 -12.52 48.15 -56.01
N ASP L 76 -12.01 47.77 -57.18
CA ASP L 76 -12.07 48.61 -58.39
C ASP L 76 -13.39 48.46 -59.13
N SER L 77 -13.89 47.22 -59.21
CA SER L 77 -15.07 46.88 -60.01
C SER L 77 -16.09 46.05 -59.21
N PHE L 78 -17.13 45.59 -59.90
CA PHE L 78 -18.09 44.64 -59.35
C PHE L 78 -18.86 43.92 -60.47
N GLU L 79 -18.96 42.59 -60.33
CA GLU L 79 -19.81 41.76 -61.18
C GLU L 79 -20.83 41.07 -60.29
N VAL L 80 -22.01 40.79 -60.85
CA VAL L 80 -23.03 40.01 -60.13
C VAL L 80 -22.56 38.56 -60.11
N LEU L 81 -22.55 37.95 -58.91
CA LEU L 81 -22.18 36.54 -58.76
C LEU L 81 -23.30 35.66 -59.35
N PRO L 82 -22.96 34.51 -59.95
CA PRO L 82 -24.03 33.69 -60.58
C PRO L 82 -25.04 33.10 -59.58
N ILE L 83 -24.62 32.96 -58.31
CA ILE L 83 -25.50 32.50 -57.22
C ILE L 83 -26.66 33.50 -57.04
N SER L 84 -26.36 34.79 -56.92
CA SER L 84 -27.37 35.83 -56.77
C SER L 84 -28.21 36.03 -58.05
N ALA L 85 -27.63 35.75 -59.21
CA ALA L 85 -28.36 35.74 -60.47
C ALA L 85 -29.38 34.58 -60.55
N PHE L 86 -29.08 33.46 -59.89
CA PHE L 86 -30.02 32.33 -59.81
C PHE L 86 -31.21 32.64 -58.89
N ILE L 87 -30.92 33.28 -57.75
CA ILE L 87 -31.94 33.59 -56.74
C ILE L 87 -32.86 34.72 -57.20
N HIS L 88 -32.27 35.89 -57.43
CA HIS L 88 -33.03 37.10 -57.78
C HIS L 88 -33.27 37.28 -59.29
N GLY L 89 -32.67 36.41 -60.12
CA GLY L 89 -32.82 36.48 -61.57
C GLY L 89 -31.84 37.43 -62.23
N ASP L 90 -31.97 37.58 -63.54
CA ASP L 90 -31.05 38.40 -64.34
C ASP L 90 -31.39 39.88 -64.18
N ASN L 91 -32.66 40.21 -64.38
CA ASN L 91 -33.16 41.57 -64.11
C ASN L 91 -33.13 41.95 -62.60
N GLY L 92 -33.09 40.95 -61.71
CA GLY L 92 -33.06 41.17 -60.26
C GLY L 92 -34.43 41.29 -59.62
N ILE L 93 -35.46 40.78 -60.32
CA ILE L 93 -36.87 40.98 -59.96
C ILE L 93 -37.66 39.70 -60.27
N GLY L 94 -37.10 38.55 -59.94
CA GLY L 94 -37.53 37.28 -60.53
C GLY L 94 -37.04 37.32 -61.97
N ASP L 95 -37.91 37.06 -62.93
CA ASP L 95 -37.64 37.50 -64.31
C ASP L 95 -38.93 38.12 -64.82
N VAL L 96 -39.55 38.92 -63.96
CA VAL L 96 -40.89 39.44 -64.20
C VAL L 96 -40.75 40.70 -65.06
N GLU L 97 -41.47 40.70 -66.17
CA GLU L 97 -41.44 41.80 -67.13
C GLU L 97 -42.32 42.92 -66.61
N ILE L 98 -41.76 44.12 -66.54
CA ILE L 98 -42.42 45.28 -65.95
C ILE L 98 -41.95 46.52 -66.71
N PRO L 99 -42.89 47.42 -67.06
CA PRO L 99 -42.48 48.59 -67.86
C PRO L 99 -41.47 49.49 -67.13
N ASP L 100 -40.46 49.97 -67.86
CA ASP L 100 -39.50 50.93 -67.35
C ASP L 100 -40.22 52.21 -66.93
N SER L 101 -39.81 52.81 -65.83
CA SER L 101 -40.32 54.12 -65.46
C SER L 101 -39.69 55.16 -66.35
N PRO L 102 -40.49 56.10 -66.88
CA PRO L 102 -39.91 57.22 -67.63
C PRO L 102 -39.19 58.26 -66.74
N ARG L 103 -39.44 58.21 -65.43
CA ARG L 103 -38.67 58.99 -64.43
C ARG L 103 -37.29 58.35 -64.42
N LYS L 104 -36.31 59.16 -64.03
CA LYS L 104 -34.91 58.75 -63.98
C LYS L 104 -34.26 59.20 -62.65
N ALA L 105 -33.04 58.76 -62.43
CA ALA L 105 -32.34 59.01 -61.17
C ALA L 105 -32.08 60.50 -60.95
N GLU L 106 -32.15 60.94 -59.70
CA GLU L 106 -31.87 62.33 -59.34
C GLU L 106 -30.42 62.70 -59.65
N ASP L 107 -30.15 64.00 -59.73
CA ASP L 107 -28.86 64.49 -60.20
C ASP L 107 -27.75 64.22 -59.21
N GLU L 108 -28.00 64.54 -57.94
CA GLU L 108 -27.00 64.35 -56.89
C GLU L 108 -26.79 62.88 -56.52
N SER L 109 -25.60 62.61 -55.96
CA SER L 109 -25.25 61.27 -55.48
C SER L 109 -26.03 60.93 -54.23
N ALA L 110 -26.19 59.63 -53.98
CA ALA L 110 -26.91 59.15 -52.81
C ALA L 110 -26.12 59.38 -51.53
N VAL L 111 -24.80 59.38 -51.65
CA VAL L 111 -23.91 59.78 -50.57
C VAL L 111 -24.35 61.15 -50.01
N ASP L 112 -24.47 62.13 -50.90
CA ASP L 112 -24.86 63.50 -50.53
C ASP L 112 -26.32 63.62 -50.12
N PHE L 113 -27.20 62.84 -50.73
CA PHE L 113 -28.62 62.82 -50.37
C PHE L 113 -28.82 62.40 -48.91
N ILE L 114 -28.08 61.38 -48.49
CA ILE L 114 -28.11 60.92 -47.11
C ILE L 114 -27.63 62.02 -46.16
N ILE L 115 -26.46 62.59 -46.46
CA ILE L 115 -25.85 63.62 -45.62
C ILE L 115 -26.82 64.81 -45.49
N ASP L 116 -27.37 65.23 -46.62
CA ASP L 116 -28.34 66.33 -46.69
C ASP L 116 -29.60 65.99 -45.89
N SER L 117 -30.15 64.79 -46.10
CA SER L 117 -31.35 64.33 -45.39
C SER L 117 -31.17 64.27 -43.88
N VAL L 118 -29.95 63.91 -43.44
CA VAL L 118 -29.61 63.91 -42.01
C VAL L 118 -29.68 65.32 -41.43
N LYS L 119 -29.11 66.29 -42.15
CA LYS L 119 -29.14 67.68 -41.69
C LYS L 119 -30.54 68.32 -41.78
N LYS L 120 -31.37 67.87 -42.72
CA LYS L 120 -32.75 68.37 -42.82
C LYS L 120 -33.63 67.80 -41.72
N TYR L 121 -33.74 66.48 -41.67
CA TYR L 121 -34.72 65.81 -40.81
C TYR L 121 -34.16 65.31 -39.48
N GLY L 122 -32.83 65.38 -39.29
CA GLY L 122 -32.19 65.08 -38.00
C GLY L 122 -32.62 63.77 -37.37
N LYS L 123 -33.22 63.85 -36.19
CA LYS L 123 -33.65 62.67 -35.44
C LYS L 123 -35.00 62.09 -35.86
N ASP L 124 -35.69 62.72 -36.81
CA ASP L 124 -36.86 62.12 -37.46
C ASP L 124 -36.47 61.18 -38.61
N LEU L 125 -35.20 61.24 -39.05
CA LEU L 125 -34.74 60.40 -40.17
C LEU L 125 -34.38 58.99 -39.72
N VAL L 126 -34.77 58.00 -40.54
CA VAL L 126 -34.49 56.59 -40.30
C VAL L 126 -33.94 56.01 -41.60
N TYR L 127 -32.68 55.55 -41.57
CA TYR L 127 -32.00 55.00 -42.76
C TYR L 127 -31.93 53.48 -42.63
N VAL L 128 -32.49 52.76 -43.60
CA VAL L 128 -32.69 51.31 -43.51
C VAL L 128 -32.04 50.63 -44.71
N PRO L 129 -30.73 50.35 -44.63
CA PRO L 129 -29.97 49.76 -45.73
C PRO L 129 -30.04 48.25 -45.74
N THR L 130 -30.59 47.67 -46.80
CA THR L 130 -30.63 46.22 -46.95
C THR L 130 -29.84 45.77 -48.19
N GLY L 131 -28.82 46.55 -48.51
CA GLY L 131 -27.75 46.14 -49.40
C GLY L 131 -26.46 46.35 -48.64
N PRO L 132 -25.32 46.25 -49.33
CA PRO L 132 -24.03 46.64 -48.79
C PRO L 132 -24.03 48.01 -48.12
N MET L 133 -23.16 48.14 -47.12
CA MET L 133 -23.06 49.37 -46.33
C MET L 133 -22.21 50.43 -47.02
N THR L 134 -21.56 50.05 -48.14
CA THR L 134 -20.72 50.93 -48.97
C THR L 134 -21.13 52.40 -49.02
N ASN L 135 -22.43 52.64 -49.20
CA ASN L 135 -22.94 54.00 -49.31
C ASN L 135 -22.81 54.79 -48.01
N ILE L 136 -23.41 54.30 -46.93
CA ILE L 136 -23.33 55.02 -45.64
C ILE L 136 -21.93 55.06 -45.00
N ALA L 137 -21.05 54.15 -45.40
CA ALA L 137 -19.63 54.23 -45.03
C ALA L 137 -18.98 55.47 -45.64
N ALA L 138 -19.22 55.68 -46.93
CA ALA L 138 -18.76 56.89 -47.63
C ALA L 138 -19.41 58.17 -47.07
N ALA L 139 -20.67 58.08 -46.64
CA ALA L 139 -21.37 59.22 -46.02
C ALA L 139 -20.76 59.58 -44.68
N LEU L 140 -20.58 58.58 -43.81
CA LEU L 140 -19.92 58.76 -42.51
C LEU L 140 -18.46 59.19 -42.64
N LYS L 141 -17.78 58.66 -43.65
CA LYS L 141 -16.45 59.12 -44.03
C LYS L 141 -16.45 60.63 -44.33
N LYS L 142 -17.24 61.06 -45.33
CA LYS L 142 -17.29 62.47 -45.74
C LYS L 142 -17.85 63.39 -44.65
N ALA L 143 -18.89 62.95 -43.95
CA ALA L 143 -19.52 63.74 -42.88
C ALA L 143 -19.75 62.88 -41.63
N PRO L 144 -18.72 62.80 -40.75
CA PRO L 144 -18.88 61.98 -39.53
C PRO L 144 -19.88 62.50 -38.48
N GLU L 145 -20.26 63.79 -38.57
CA GLU L 145 -21.30 64.37 -37.70
C GLU L 145 -22.59 63.54 -37.67
N ILE L 146 -22.94 62.97 -38.83
CA ILE L 146 -24.13 62.11 -39.01
C ILE L 146 -24.44 61.24 -37.79
N LYS L 147 -23.41 60.54 -37.30
CA LYS L 147 -23.49 59.67 -36.10
C LYS L 147 -24.53 60.10 -35.07
N ASP L 148 -24.35 61.32 -34.57
CA ASP L 148 -25.14 61.86 -33.47
C ASP L 148 -26.42 62.55 -34.00
N GLU L 149 -26.32 63.13 -35.19
CA GLU L 149 -27.44 63.85 -35.82
C GLU L 149 -28.58 62.94 -36.29
N ILE L 150 -28.25 61.77 -36.85
CA ILE L 150 -29.27 60.86 -37.40
C ILE L 150 -30.11 60.19 -36.30
N GLY L 151 -31.37 59.93 -36.63
CA GLY L 151 -32.33 59.32 -35.71
C GLY L 151 -31.97 57.89 -35.39
N LYS L 152 -32.03 57.03 -36.41
CA LYS L 152 -31.56 55.64 -36.28
C LYS L 152 -31.29 54.96 -37.61
N ILE L 153 -30.29 54.07 -37.61
CA ILE L 153 -30.01 53.20 -38.74
C ILE L 153 -30.49 51.80 -38.35
N VAL L 154 -31.11 51.08 -39.29
CA VAL L 154 -31.64 49.74 -39.03
C VAL L 154 -31.38 48.86 -40.25
N LEU L 155 -30.23 48.21 -40.29
CA LEU L 155 -29.79 47.44 -41.46
C LEU L 155 -30.29 46.00 -41.45
N MET L 156 -30.26 45.39 -42.63
CA MET L 156 -30.38 43.95 -42.78
C MET L 156 -29.04 43.46 -43.29
N GLY L 157 -28.47 42.50 -42.55
CA GLY L 157 -27.16 41.95 -42.86
C GLY L 157 -26.49 41.33 -41.66
N GLY L 158 -25.42 40.58 -41.92
CA GLY L 158 -24.64 39.91 -40.90
C GLY L 158 -25.29 38.69 -40.29
N ALA L 159 -24.54 38.04 -39.40
CA ALA L 159 -25.01 36.92 -38.59
C ALA L 159 -24.12 36.87 -37.34
N LEU L 160 -24.70 37.10 -36.16
CA LEU L 160 -23.92 37.15 -34.93
C LEU L 160 -23.79 35.76 -34.35
N THR L 161 -24.92 35.18 -33.97
CA THR L 161 -24.96 33.93 -33.21
C THR L 161 -25.12 32.69 -34.08
N ILE L 162 -24.87 32.79 -35.38
CA ILE L 162 -25.19 31.72 -36.30
C ILE L 162 -24.30 31.71 -37.54
N HIS L 163 -24.36 30.64 -38.32
CA HIS L 163 -23.64 30.57 -39.59
C HIS L 163 -24.17 31.59 -40.59
N GLY L 164 -23.25 32.24 -41.30
CA GLY L 164 -23.60 33.08 -42.43
C GLY L 164 -24.13 32.25 -43.61
N ASN L 165 -24.52 32.93 -44.69
CA ASN L 165 -25.04 32.26 -45.89
C ASN L 165 -24.07 32.21 -47.09
N VAL L 166 -23.09 33.11 -47.15
CA VAL L 166 -22.08 33.07 -48.22
C VAL L 166 -21.06 31.97 -47.90
N ASN L 167 -20.50 32.05 -46.71
CA ASN L 167 -19.65 31.00 -46.15
C ASN L 167 -20.18 30.70 -44.75
N ALA L 168 -19.44 29.93 -43.94
CA ALA L 168 -19.86 29.63 -42.57
C ALA L 168 -19.87 30.83 -41.60
N TRP L 169 -19.20 31.93 -41.96
CA TRP L 169 -19.02 33.07 -41.04
C TRP L 169 -19.40 34.47 -41.59
N THR L 170 -19.85 34.58 -42.84
CA THR L 170 -20.23 35.89 -43.42
C THR L 170 -21.59 35.83 -44.12
N GLU L 171 -22.30 36.95 -44.07
CA GLU L 171 -23.58 37.10 -44.74
C GLU L 171 -23.44 38.03 -45.96
N ALA L 172 -24.25 37.78 -46.99
CA ALA L 172 -24.18 38.46 -48.32
C ALA L 172 -23.88 39.97 -48.30
N ASN L 173 -24.80 40.76 -47.77
CA ASN L 173 -24.66 42.24 -47.73
C ASN L 173 -23.36 42.71 -47.05
N ILE L 174 -22.94 42.00 -46.01
CA ILE L 174 -21.66 42.29 -45.34
C ILE L 174 -20.49 41.76 -46.18
N SER L 175 -20.67 40.58 -46.76
CA SER L 175 -19.65 39.95 -47.62
C SER L 175 -19.19 40.85 -48.75
N GLN L 176 -20.12 41.56 -49.37
CA GLN L 176 -19.84 42.36 -50.57
C GLN L 176 -18.93 43.57 -50.25
N ASP L 177 -19.11 44.14 -49.06
CA ASP L 177 -18.20 45.17 -48.55
C ASP L 177 -18.11 45.08 -47.02
N PRO L 178 -17.14 44.29 -46.53
CA PRO L 178 -16.90 44.18 -45.09
C PRO L 178 -16.33 45.44 -44.47
N ASP L 179 -15.39 46.09 -45.18
CA ASP L 179 -14.66 47.23 -44.63
C ASP L 179 -15.60 48.39 -44.34
N ALA L 180 -16.58 48.58 -45.23
CA ALA L 180 -17.63 49.57 -45.05
C ALA L 180 -18.49 49.25 -43.83
N ALA L 181 -18.96 48.00 -43.76
CA ALA L 181 -19.74 47.53 -42.63
C ALA L 181 -19.01 47.74 -41.29
N ASP L 182 -17.70 47.48 -41.28
CA ASP L 182 -16.89 47.73 -40.08
C ASP L 182 -16.96 49.21 -39.69
N ILE L 183 -16.75 50.09 -40.67
CA ILE L 183 -16.76 51.54 -40.43
C ILE L 183 -18.09 51.98 -39.81
N LEU L 184 -19.19 51.46 -40.35
CA LEU L 184 -20.54 51.73 -39.82
C LEU L 184 -20.71 51.28 -38.38
N PHE L 185 -20.36 50.03 -38.10
CA PHE L 185 -20.57 49.44 -36.77
C PHE L 185 -19.76 50.18 -35.71
N ARG L 186 -18.48 50.41 -36.04
CA ARG L 186 -17.56 51.16 -35.20
C ARG L 186 -17.90 52.65 -35.06
N SER L 187 -18.53 53.24 -36.08
CA SER L 187 -18.91 54.65 -36.08
C SER L 187 -19.52 55.17 -34.77
N GLY L 188 -20.33 54.34 -34.15
CA GLY L 188 -21.04 54.71 -32.93
C GLY L 188 -22.43 55.27 -33.22
N ALA L 189 -22.85 55.18 -34.48
CA ALA L 189 -24.19 55.58 -34.87
C ALA L 189 -25.18 54.58 -34.25
N PRO L 190 -26.42 55.02 -33.99
CA PRO L 190 -27.41 54.14 -33.38
C PRO L 190 -27.96 53.10 -34.36
N VAL L 191 -27.14 52.07 -34.62
CA VAL L 191 -27.46 51.00 -35.56
C VAL L 191 -28.25 49.90 -34.86
N THR L 192 -29.09 49.21 -35.62
CA THR L 192 -29.75 47.98 -35.19
C THR L 192 -29.55 46.96 -36.29
N MET L 193 -28.70 45.97 -36.03
CA MET L 193 -28.44 44.92 -37.01
C MET L 193 -29.56 43.89 -36.97
N ILE L 194 -30.15 43.60 -38.12
CA ILE L 194 -31.14 42.53 -38.24
C ILE L 194 -30.55 41.50 -39.19
N GLY L 195 -29.86 40.53 -38.59
CA GLY L 195 -29.11 39.52 -39.32
C GLY L 195 -29.85 38.20 -39.43
N LEU L 196 -29.13 37.20 -39.92
CA LEU L 196 -29.70 35.89 -40.23
C LEU L 196 -30.31 35.20 -39.01
N ASP L 197 -29.64 35.35 -37.88
CA ASP L 197 -30.15 34.87 -36.56
C ASP L 197 -31.63 35.20 -36.28
N VAL L 198 -32.12 36.27 -36.90
CA VAL L 198 -33.54 36.62 -36.85
C VAL L 198 -34.28 36.40 -38.19
N THR L 199 -33.65 36.72 -39.33
CA THR L 199 -34.35 36.64 -40.63
C THR L 199 -34.62 35.22 -41.13
N LEU L 200 -33.80 34.27 -40.72
CA LEU L 200 -34.01 32.86 -41.08
C LEU L 200 -35.14 32.20 -40.30
N GLN L 201 -35.63 32.85 -39.24
CA GLN L 201 -36.87 32.45 -38.58
C GLN L 201 -38.12 32.88 -39.36
N THR L 202 -38.01 33.94 -40.17
CA THR L 202 -39.09 34.40 -41.05
C THR L 202 -39.26 33.49 -42.25
N LEU L 203 -40.50 33.39 -42.72
CA LEU L 203 -40.87 32.47 -43.80
C LEU L 203 -42.15 32.91 -44.50
N LEU L 204 -42.19 32.76 -45.83
CA LEU L 204 -43.47 32.70 -46.55
C LEU L 204 -43.40 31.74 -47.75
N THR L 205 -44.55 31.12 -48.03
CA THR L 205 -44.69 30.06 -49.02
C THR L 205 -45.71 30.53 -50.07
N TYR L 206 -46.06 29.64 -51.01
CA TYR L 206 -47.09 29.93 -52.02
C TYR L 206 -48.49 30.19 -51.43
N LYS L 207 -48.76 29.66 -50.23
CA LYS L 207 -49.98 29.99 -49.48
C LYS L 207 -50.20 31.51 -49.37
N GLU L 208 -49.11 32.24 -49.16
CA GLU L 208 -49.13 33.70 -49.00
C GLU L 208 -49.16 34.46 -50.35
N THR L 209 -48.45 33.96 -51.36
CA THR L 209 -48.39 34.64 -52.66
C THR L 209 -49.67 34.44 -53.48
N LYS L 210 -50.36 33.31 -53.27
CA LYS L 210 -51.69 33.07 -53.86
C LYS L 210 -52.73 34.09 -53.38
N GLN L 211 -52.56 34.64 -52.18
CA GLN L 211 -53.43 35.71 -51.66
C GLN L 211 -53.27 37.02 -52.43
N TRP L 212 -52.04 37.32 -52.83
CA TRP L 212 -51.76 38.50 -53.66
C TRP L 212 -52.35 38.37 -55.07
N ARG L 213 -52.33 37.16 -55.63
CA ARG L 213 -52.98 36.90 -56.92
C ARG L 213 -54.49 37.12 -56.87
N ASP L 214 -55.11 36.78 -55.74
CA ASP L 214 -56.56 36.95 -55.52
C ASP L 214 -57.04 38.41 -55.57
N LEU L 215 -56.14 39.36 -55.33
CA LEU L 215 -56.46 40.80 -55.42
C LEU L 215 -56.65 41.30 -56.87
N ASN L 216 -56.13 40.56 -57.85
CA ASN L 216 -56.35 40.80 -59.28
C ASN L 216 -55.77 42.10 -59.83
N THR L 217 -54.79 42.69 -59.14
CA THR L 217 -54.22 43.98 -59.53
C THR L 217 -52.92 43.80 -60.31
N LYS L 218 -52.48 44.90 -60.94
CA LYS L 218 -51.17 44.96 -61.61
C LYS L 218 -50.07 44.63 -60.59
N ALA L 219 -50.15 45.27 -59.41
CA ALA L 219 -49.17 45.08 -58.33
C ALA L 219 -49.24 43.69 -57.68
N GLY L 220 -50.46 43.22 -57.40
CA GLY L 220 -50.67 41.91 -56.79
C GLY L 220 -50.09 40.77 -57.61
N LYS L 221 -50.36 40.78 -58.92
CA LYS L 221 -49.82 39.78 -59.85
C LYS L 221 -48.29 39.87 -59.96
N PHE L 222 -47.74 41.09 -59.92
CA PHE L 222 -46.28 41.30 -59.99
C PHE L 222 -45.56 40.68 -58.79
N LEU L 223 -45.95 41.10 -57.59
CA LEU L 223 -45.31 40.63 -56.34
C LEU L 223 -45.41 39.11 -56.18
N ALA L 224 -46.54 38.54 -56.62
CA ALA L 224 -46.74 37.08 -56.60
C ALA L 224 -45.80 36.37 -57.57
N ASP L 225 -45.82 36.78 -58.84
CA ASP L 225 -44.91 36.25 -59.87
C ASP L 225 -43.44 36.34 -59.45
N MET L 226 -43.09 37.48 -58.85
CA MET L 226 -41.73 37.78 -58.46
C MET L 226 -41.22 36.87 -57.35
N THR L 227 -41.93 36.82 -56.24
CA THR L 227 -41.54 36.03 -55.08
C THR L 227 -41.66 34.51 -55.32
N ASP L 228 -42.48 34.10 -56.29
CA ASP L 228 -42.56 32.70 -56.71
C ASP L 228 -41.29 32.23 -57.44
N PHE L 229 -40.64 33.12 -58.19
CA PHE L 229 -39.29 32.84 -58.74
C PHE L 229 -38.29 32.68 -57.59
N TYR L 230 -38.40 33.57 -56.61
CA TYR L 230 -37.56 33.59 -55.41
C TYR L 230 -37.74 32.32 -54.55
N ILE L 231 -38.97 31.82 -54.46
CA ILE L 231 -39.24 30.58 -53.72
C ILE L 231 -38.70 29.33 -54.47
N LYS L 232 -38.93 29.27 -55.78
CA LYS L 232 -38.43 28.15 -56.62
C LYS L 232 -36.90 28.09 -56.69
N ALA L 233 -36.24 29.23 -56.54
CA ALA L 233 -34.80 29.28 -56.34
C ALA L 233 -34.43 28.73 -54.96
N TYR L 234 -35.16 29.17 -53.92
CA TYR L 234 -34.98 28.63 -52.56
C TYR L 234 -35.29 27.13 -52.44
N GLU L 235 -36.21 26.62 -53.26
CA GLU L 235 -36.48 25.17 -53.33
C GLU L 235 -35.22 24.34 -53.67
N THR L 236 -34.28 24.90 -54.43
CA THR L 236 -33.00 24.22 -54.73
C THR L 236 -31.84 24.67 -53.81
N THR L 237 -31.72 25.98 -53.53
CA THR L 237 -30.64 26.50 -52.68
C THR L 237 -30.83 26.21 -51.18
N ALA L 238 -32.07 25.97 -50.75
CA ALA L 238 -32.37 25.68 -49.34
C ALA L 238 -33.76 25.01 -49.20
N PRO L 239 -33.88 23.73 -49.61
CA PRO L 239 -35.14 22.98 -49.43
C PRO L 239 -35.51 22.65 -47.97
N HIS L 240 -34.57 22.85 -47.04
CA HIS L 240 -34.85 22.72 -45.59
C HIS L 240 -35.80 23.79 -45.00
N LEU L 241 -36.12 24.85 -45.77
CA LEU L 241 -37.09 25.88 -45.34
C LEU L 241 -38.48 25.75 -46.01
N GLY L 242 -38.53 25.33 -47.29
CA GLY L 242 -39.80 25.09 -48.01
C GLY L 242 -40.32 26.27 -48.83
N GLY L 243 -40.18 27.48 -48.28
CA GLY L 243 -40.51 28.74 -48.96
C GLY L 243 -39.29 29.63 -49.03
N CYS L 244 -39.44 30.90 -48.66
CA CYS L 244 -38.35 31.89 -48.75
C CYS L 244 -38.24 32.74 -47.49
N GLY L 245 -37.04 33.28 -47.27
CA GLY L 245 -36.77 34.16 -46.14
C GLY L 245 -37.28 35.58 -46.39
N LEU L 246 -37.74 36.24 -45.34
CA LEU L 246 -38.18 37.62 -45.41
C LEU L 246 -37.10 38.49 -44.76
N HIS L 247 -36.00 38.66 -45.49
CA HIS L 247 -34.79 39.26 -44.93
C HIS L 247 -34.92 40.77 -44.82
N ASP L 248 -34.98 41.42 -45.97
CA ASP L 248 -34.93 42.90 -46.06
C ASP L 248 -36.20 43.58 -45.53
N PRO L 249 -37.39 42.99 -45.72
CA PRO L 249 -38.61 43.60 -45.16
C PRO L 249 -38.60 43.73 -43.65
N LEU L 250 -38.02 42.74 -42.98
CA LEU L 250 -38.00 42.72 -41.53
C LEU L 250 -37.23 43.90 -40.96
N ALA L 251 -36.16 44.31 -41.64
CA ALA L 251 -35.43 45.52 -41.26
C ALA L 251 -36.34 46.75 -41.24
N VAL L 252 -37.18 46.87 -42.26
CA VAL L 252 -38.14 47.97 -42.35
C VAL L 252 -39.20 47.85 -41.25
N ALA L 253 -39.69 46.62 -41.04
CA ALA L 253 -40.69 46.36 -39.99
C ALA L 253 -40.20 46.76 -38.59
N VAL L 254 -38.91 46.54 -38.33
CA VAL L 254 -38.30 46.91 -37.05
C VAL L 254 -38.00 48.41 -36.98
N ALA L 255 -37.75 49.02 -38.13
CA ALA L 255 -37.63 50.48 -38.21
C ALA L 255 -38.93 51.15 -37.78
N VAL L 256 -40.06 50.64 -38.25
CA VAL L 256 -41.38 51.21 -37.87
C VAL L 256 -41.77 50.80 -36.45
N ASP L 257 -41.53 49.53 -36.12
CA ASP L 257 -41.94 48.96 -34.83
C ASP L 257 -40.80 48.14 -34.22
N PRO L 258 -39.94 48.76 -33.39
CA PRO L 258 -38.81 48.01 -32.81
C PRO L 258 -39.20 46.89 -31.82
N THR L 259 -40.46 46.82 -31.39
CA THR L 259 -40.92 45.73 -30.52
C THR L 259 -41.13 44.39 -31.25
N LEU L 260 -41.05 44.37 -32.57
CA LEU L 260 -41.08 43.10 -33.32
C LEU L 260 -39.87 42.19 -33.05
N VAL L 261 -38.79 42.77 -32.52
CA VAL L 261 -37.53 42.09 -32.35
C VAL L 261 -37.04 42.23 -30.89
N THR L 262 -36.27 41.25 -30.42
CA THR L 262 -35.57 41.30 -29.14
C THR L 262 -34.08 41.42 -29.42
N THR L 263 -33.48 42.54 -29.00
CA THR L 263 -32.09 42.84 -29.32
C THR L 263 -31.16 42.57 -28.16
N LEU L 264 -29.88 42.45 -28.48
CA LEU L 264 -28.82 42.26 -27.51
C LEU L 264 -27.90 43.48 -27.60
N PRO L 265 -27.94 44.38 -26.57
CA PRO L 265 -27.02 45.52 -26.57
C PRO L 265 -25.57 45.05 -26.62
N ILE L 266 -24.81 45.51 -27.61
CA ILE L 266 -23.47 45.00 -27.87
C ILE L 266 -22.67 45.91 -28.79
N ASN L 267 -21.50 46.35 -28.32
CA ASN L 267 -20.55 47.06 -29.17
C ASN L 267 -19.94 46.07 -30.17
N MET L 268 -20.08 46.38 -31.46
CA MET L 268 -19.79 45.45 -32.55
C MET L 268 -18.65 45.89 -33.45
N GLN L 269 -18.21 44.97 -34.29
CA GLN L 269 -17.23 45.21 -35.34
C GLN L 269 -17.50 44.25 -36.48
N VAL L 270 -16.76 44.41 -37.57
CA VAL L 270 -16.73 43.42 -38.62
C VAL L 270 -15.28 43.06 -38.85
N ASP L 271 -15.04 41.76 -39.02
CA ASP L 271 -13.68 41.26 -39.19
C ASP L 271 -13.20 41.61 -40.58
N VAL L 272 -12.02 42.21 -40.64
CA VAL L 272 -11.41 42.67 -41.89
C VAL L 272 -10.16 41.86 -42.25
N GLU L 273 -9.28 41.57 -41.27
CA GLU L 273 -7.95 41.04 -41.54
C GLU L 273 -7.86 39.51 -41.66
N GLY L 274 -8.49 38.80 -40.72
CA GLY L 274 -8.25 37.37 -40.56
C GLY L 274 -8.88 36.47 -41.62
N PRO L 275 -8.80 35.14 -41.44
CA PRO L 275 -9.55 34.21 -42.28
C PRO L 275 -11.04 34.18 -41.95
N THR L 276 -11.45 34.92 -40.91
CA THR L 276 -12.85 35.23 -40.64
C THR L 276 -13.31 36.57 -41.24
N ARG L 277 -12.62 37.08 -42.26
CA ARG L 277 -12.98 38.35 -42.91
C ARG L 277 -14.44 38.34 -43.36
N GLY L 278 -15.20 39.37 -42.94
CA GLY L 278 -16.62 39.52 -43.26
C GLY L 278 -17.60 39.04 -42.19
N ARG L 279 -17.06 38.63 -41.05
CA ARG L 279 -17.87 38.13 -39.93
C ARG L 279 -18.30 39.30 -39.06
N THR L 280 -19.56 39.29 -38.66
CA THR L 280 -20.10 40.25 -37.70
C THR L 280 -19.91 39.67 -36.31
N ILE L 281 -19.24 40.42 -35.44
CA ILE L 281 -18.85 39.92 -34.13
C ILE L 281 -18.60 41.05 -33.15
N GLY L 282 -18.80 40.80 -31.86
CA GLY L 282 -18.55 41.81 -30.83
C GLY L 282 -17.09 42.18 -30.71
N ASP L 283 -16.84 43.47 -30.49
CA ASP L 283 -15.48 43.94 -30.24
C ASP L 283 -15.22 43.76 -28.75
N VAL L 284 -14.13 43.05 -28.45
CA VAL L 284 -13.77 42.73 -27.07
C VAL L 284 -13.38 44.01 -26.35
N THR L 285 -12.60 44.84 -27.04
CA THR L 285 -12.16 46.15 -26.55
C THR L 285 -13.28 46.94 -25.89
N ARG L 286 -14.47 46.93 -26.52
CA ARG L 286 -15.62 47.67 -26.02
C ARG L 286 -16.67 46.75 -25.35
N LEU L 287 -16.23 45.63 -24.77
CA LEU L 287 -17.14 44.74 -24.04
C LEU L 287 -17.46 45.33 -22.68
N ASN L 288 -16.43 45.76 -21.97
CA ASN L 288 -16.57 46.33 -20.62
C ASN L 288 -17.04 47.78 -20.60
N ASP L 289 -17.01 48.45 -21.76
CA ASP L 289 -17.65 49.75 -21.95
C ASP L 289 -19.18 49.54 -21.80
N PRO L 290 -19.80 50.13 -20.75
CA PRO L 290 -21.25 49.91 -20.56
C PRO L 290 -22.15 50.54 -21.63
N VAL L 291 -21.67 51.59 -22.28
CA VAL L 291 -22.42 52.28 -23.33
C VAL L 291 -22.34 51.43 -24.61
N LYS L 292 -23.48 50.85 -24.99
CA LYS L 292 -23.58 49.98 -26.16
C LYS L 292 -24.06 50.78 -27.39
N THR L 293 -23.20 50.88 -28.40
CA THR L 293 -23.45 51.71 -29.59
C THR L 293 -24.57 51.17 -30.49
N MET L 294 -24.59 49.86 -30.70
CA MET L 294 -25.62 49.22 -31.53
C MET L 294 -26.18 47.95 -30.90
N GLN L 295 -27.25 47.42 -31.49
CA GLN L 295 -28.01 46.30 -30.91
C GLN L 295 -28.26 45.26 -31.99
N VAL L 296 -27.95 43.99 -31.71
CA VAL L 296 -28.16 42.91 -32.67
C VAL L 296 -29.41 42.14 -32.31
N ALA L 297 -30.22 41.85 -33.33
CA ALA L 297 -31.48 41.16 -33.15
C ALA L 297 -31.20 39.70 -32.99
N VAL L 298 -31.78 39.11 -31.95
CA VAL L 298 -31.62 37.68 -31.66
C VAL L 298 -32.95 36.91 -31.61
N GLY L 299 -34.00 37.55 -31.09
CA GLY L 299 -35.37 37.00 -31.10
C GLY L 299 -36.30 37.85 -31.95
N VAL L 300 -37.41 37.26 -32.36
CA VAL L 300 -38.37 37.92 -33.26
C VAL L 300 -39.77 37.31 -33.13
N ASP L 301 -40.79 38.17 -33.21
CA ASP L 301 -42.19 37.77 -33.16
C ASP L 301 -42.65 37.41 -34.58
N VAL L 302 -42.36 36.18 -35.00
CA VAL L 302 -42.53 35.77 -36.41
C VAL L 302 -43.99 35.81 -36.90
N PRO L 303 -44.94 35.28 -36.11
CA PRO L 303 -46.34 35.31 -36.55
C PRO L 303 -46.96 36.71 -36.63
N ARG L 304 -46.54 37.62 -35.74
CA ARG L 304 -47.00 39.00 -35.77
C ARG L 304 -46.37 39.77 -36.93
N PHE L 305 -45.08 39.56 -37.16
CA PHE L 305 -44.39 40.13 -38.32
C PHE L 305 -45.02 39.66 -39.62
N LEU L 306 -45.28 38.35 -39.74
CA LEU L 306 -45.93 37.79 -40.93
C LEU L 306 -47.32 38.37 -41.17
N ASN L 307 -48.06 38.64 -40.09
CA ASN L 307 -49.38 39.30 -40.19
C ASN L 307 -49.26 40.78 -40.58
N GLU L 308 -48.33 41.49 -39.94
CA GLU L 308 -48.04 42.89 -40.24
C GLU L 308 -47.61 43.04 -41.71
N PHE L 309 -46.74 42.14 -42.16
CA PHE L 309 -46.23 42.06 -43.54
C PHE L 309 -47.34 41.92 -44.57
N MET L 310 -48.20 40.91 -44.39
CA MET L 310 -49.28 40.65 -45.35
C MET L 310 -50.37 41.72 -45.33
N THR L 311 -50.73 42.23 -44.14
CA THR L 311 -51.70 43.32 -44.00
C THR L 311 -51.26 44.57 -44.77
N ARG L 312 -50.02 44.98 -44.55
CA ARG L 312 -49.47 46.18 -45.20
C ARG L 312 -49.35 46.04 -46.72
N ILE L 313 -48.79 44.92 -47.16
CA ILE L 313 -48.49 44.71 -48.59
C ILE L 313 -49.75 44.37 -49.39
N SER L 314 -50.64 43.54 -48.85
CA SER L 314 -51.93 43.26 -49.50
C SER L 314 -52.82 44.51 -49.59
N GLY L 315 -52.73 45.39 -48.59
CA GLY L 315 -53.40 46.69 -48.62
C GLY L 315 -52.88 47.62 -49.71
N LEU L 316 -51.55 47.62 -49.90
CA LEU L 316 -50.91 48.40 -50.96
C LEU L 316 -51.18 47.85 -52.35
N ALA L 317 -51.12 46.52 -52.49
CA ALA L 317 -51.40 45.86 -53.77
C ALA L 317 -52.84 46.07 -54.25
N LYS L 318 -53.79 46.20 -53.30
CA LYS L 318 -55.19 46.55 -53.62
C LYS L 318 -55.32 47.96 -54.22
N ILE L 319 -54.47 48.89 -53.77
CA ILE L 319 -54.47 50.28 -54.26
C ILE L 319 -54.01 50.46 -55.72
N ALA L 320 -53.09 49.63 -56.21
CA ALA L 320 -52.67 49.68 -57.63
C ALA L 320 -53.51 48.73 -58.49
N LYS M 5 -71.50 82.00 -29.48
CA LYS M 5 -71.16 80.55 -29.61
C LYS M 5 -71.98 79.91 -30.72
N LYS M 6 -71.36 79.00 -31.48
CA LYS M 6 -71.92 78.52 -32.74
C LYS M 6 -71.80 77.01 -32.92
N LEU M 7 -72.88 76.39 -33.42
CA LEU M 7 -73.10 74.95 -33.34
C LEU M 7 -73.16 74.29 -34.72
N ILE M 8 -72.52 73.13 -34.86
CA ILE M 8 -72.71 72.24 -36.01
C ILE M 8 -73.14 70.87 -35.49
N LEU M 9 -74.25 70.35 -35.99
CA LEU M 9 -74.64 68.97 -35.74
C LEU M 9 -74.16 68.08 -36.89
N ASP M 10 -73.81 66.83 -36.59
CA ASP M 10 -73.38 65.84 -37.59
C ASP M 10 -74.30 64.64 -37.38
N LEU M 11 -75.30 64.50 -38.27
CA LEU M 11 -76.48 63.68 -37.97
C LEU M 11 -76.80 62.59 -39.01
N ASP M 12 -77.14 61.41 -38.49
CA ASP M 12 -77.73 60.32 -39.26
C ASP M 12 -79.25 60.34 -39.04
N THR M 13 -79.89 61.35 -39.62
CA THR M 13 -81.24 61.77 -39.22
C THR M 13 -82.36 60.81 -39.72
N GLY M 14 -83.00 59.99 -38.88
CA GLY M 14 -82.72 59.78 -37.45
C GLY M 14 -83.77 60.40 -36.55
N VAL M 15 -84.37 59.59 -35.68
CA VAL M 15 -85.47 60.04 -34.82
C VAL M 15 -84.96 60.88 -33.66
N ASP M 16 -84.08 60.29 -32.86
CA ASP M 16 -83.39 61.05 -31.79
C ASP M 16 -82.55 62.19 -32.37
N ASP M 17 -82.04 62.00 -33.59
CA ASP M 17 -81.29 63.04 -34.28
C ASP M 17 -82.13 64.31 -34.55
N THR M 18 -83.41 64.17 -34.87
CA THR M 18 -84.27 65.38 -35.04
C THR M 18 -84.63 66.01 -33.71
N LEU M 19 -84.68 65.21 -32.65
CA LEU M 19 -84.88 65.74 -31.31
C LEU M 19 -83.66 66.57 -30.90
N ALA M 20 -82.48 66.20 -31.40
CA ALA M 20 -81.27 67.01 -31.24
C ALA M 20 -81.36 68.33 -32.00
N ILE M 21 -81.89 68.27 -33.23
CA ILE M 21 -82.15 69.48 -34.01
C ILE M 21 -83.15 70.36 -33.26
N SER M 22 -84.24 69.77 -32.81
CA SER M 22 -85.29 70.50 -32.07
C SER M 22 -84.76 71.17 -30.80
N TYR M 23 -83.95 70.46 -30.02
CA TYR M 23 -83.31 71.03 -28.83
C TYR M 23 -82.36 72.17 -29.21
N ALA M 24 -81.63 71.99 -30.30
CA ALA M 24 -80.68 73.00 -30.76
C ALA M 24 -81.40 74.27 -31.17
N LEU M 25 -82.39 74.14 -32.05
CA LEU M 25 -83.17 75.30 -32.51
C LEU M 25 -84.04 75.92 -31.40
N GLY M 26 -84.39 75.12 -30.38
CA GLY M 26 -85.07 75.63 -29.19
C GLY M 26 -84.17 76.30 -28.16
N SER M 27 -82.85 76.25 -28.39
CA SER M 27 -81.86 76.77 -27.45
C SER M 27 -81.24 78.07 -27.98
N PRO M 28 -81.49 79.21 -27.30
CA PRO M 28 -80.97 80.50 -27.77
C PRO M 28 -79.47 80.77 -27.52
N GLU M 29 -78.78 79.88 -26.80
CA GLU M 29 -77.36 80.10 -26.47
C GLU M 29 -76.43 79.80 -27.65
N MET M 30 -76.92 79.03 -28.63
CA MET M 30 -76.14 78.64 -29.81
C MET M 30 -76.85 79.09 -31.07
N GLU M 31 -76.07 79.47 -32.08
CA GLU M 31 -76.57 79.61 -33.44
C GLU M 31 -76.20 78.33 -34.18
N LEU M 32 -77.20 77.58 -34.62
CA LEU M 32 -76.97 76.37 -35.42
C LEU M 32 -76.55 76.80 -36.82
N ILE M 33 -75.26 76.66 -37.14
CA ILE M 33 -74.72 77.10 -38.43
C ILE M 33 -75.14 76.14 -39.53
N GLY M 34 -74.94 74.85 -39.30
CA GLY M 34 -75.28 73.82 -40.28
C GLY M 34 -75.45 72.43 -39.70
N ILE M 35 -76.06 71.57 -40.49
CA ILE M 35 -76.24 70.17 -40.16
C ILE M 35 -75.42 69.37 -41.16
N THR M 36 -74.30 68.84 -40.70
CA THR M 36 -73.54 67.88 -41.49
C THR M 36 -74.28 66.53 -41.50
N GLY M 37 -74.39 65.91 -42.67
CA GLY M 37 -75.13 64.64 -42.82
C GLY M 37 -74.21 63.44 -42.83
N THR M 38 -74.60 62.38 -42.13
CA THR M 38 -73.86 61.11 -42.15
C THR M 38 -74.88 59.96 -42.19
N TYR M 39 -74.41 58.74 -41.93
CA TYR M 39 -75.15 57.50 -42.24
C TYR M 39 -75.31 56.66 -40.97
N GLY M 40 -76.17 55.65 -41.02
CA GLY M 40 -76.34 54.71 -39.92
C GLY M 40 -77.80 54.35 -39.69
N ASN M 41 -78.50 55.22 -38.97
CA ASN M 41 -79.95 55.10 -38.76
C ASN M 41 -80.64 55.01 -40.11
N VAL M 42 -80.15 55.78 -41.08
CA VAL M 42 -80.65 55.77 -42.43
C VAL M 42 -79.50 56.12 -43.40
N LEU M 43 -79.68 55.76 -44.68
CA LEU M 43 -78.72 56.08 -45.76
C LEU M 43 -78.36 57.57 -45.74
N MET M 44 -77.10 57.88 -46.07
CA MET M 44 -76.56 59.24 -45.92
C MET M 44 -77.44 60.32 -46.56
N GLU M 45 -77.85 60.07 -47.80
CA GLU M 45 -78.72 60.97 -48.57
C GLU M 45 -80.05 61.21 -47.87
N GLN M 46 -80.71 60.13 -47.45
CA GLN M 46 -81.94 60.22 -46.64
C GLN M 46 -81.76 61.12 -45.41
N GLY M 47 -80.59 61.04 -44.77
CA GLY M 47 -80.22 61.92 -43.66
C GLY M 47 -80.31 63.41 -44.03
N VAL M 48 -79.87 63.74 -45.23
CA VAL M 48 -79.94 65.10 -45.76
C VAL M 48 -81.38 65.52 -46.10
N ARG M 49 -82.14 64.66 -46.79
CA ARG M 49 -83.55 64.96 -47.13
C ARG M 49 -84.35 65.30 -45.88
N ASN M 50 -84.14 64.52 -44.82
CA ASN M 50 -84.86 64.68 -43.57
C ASN M 50 -84.43 65.97 -42.89
N ALA M 51 -83.12 66.18 -42.81
CA ALA M 51 -82.54 67.38 -42.19
C ALA M 51 -83.13 68.66 -42.80
N LEU M 52 -83.13 68.74 -44.13
CA LEU M 52 -83.67 69.90 -44.85
C LEU M 52 -85.16 70.07 -44.56
N ALA M 53 -85.92 68.99 -44.76
CA ALA M 53 -87.38 68.99 -44.54
C ALA M 53 -87.80 69.37 -43.12
N ILE M 54 -87.04 68.90 -42.14
CA ILE M 54 -87.36 69.11 -40.73
C ILE M 54 -86.96 70.51 -40.27
N THR M 55 -85.77 70.97 -40.65
CA THR M 55 -85.34 72.33 -40.36
C THR M 55 -86.34 73.37 -40.89
N ASP M 56 -86.84 73.13 -42.11
CA ASP M 56 -87.94 73.90 -42.69
C ASP M 56 -89.17 73.87 -41.78
N LEU M 57 -89.65 72.66 -41.45
CA LEU M 57 -90.89 72.48 -40.68
C LEU M 57 -90.90 73.20 -39.33
N LEU M 58 -89.75 73.24 -38.66
CA LEU M 58 -89.63 73.88 -37.33
C LEU M 58 -89.55 75.42 -37.39
N GLY M 59 -89.35 75.95 -38.60
CA GLY M 59 -89.33 77.38 -38.85
C GLY M 59 -87.94 77.97 -39.02
N HIS M 60 -86.98 77.13 -39.42
CA HIS M 60 -85.58 77.55 -39.55
C HIS M 60 -84.97 77.00 -40.84
N PRO M 61 -85.40 77.54 -42.00
CA PRO M 61 -84.80 77.13 -43.28
C PRO M 61 -83.46 77.79 -43.60
N GLU M 62 -82.90 78.59 -42.69
CA GLU M 62 -81.53 79.11 -42.82
C GLU M 62 -80.46 78.07 -42.54
N VAL M 63 -80.85 76.95 -41.92
CA VAL M 63 -79.90 75.90 -41.55
C VAL M 63 -79.43 75.19 -42.81
N LYS M 64 -78.16 75.39 -43.14
CA LYS M 64 -77.57 74.88 -44.37
C LYS M 64 -77.08 73.46 -44.13
N VAL M 65 -77.60 72.51 -44.92
CA VAL M 65 -77.29 71.10 -44.74
C VAL M 65 -76.17 70.68 -45.69
N TYR M 66 -75.05 70.22 -45.14
CA TYR M 66 -73.89 69.81 -45.93
C TYR M 66 -73.86 68.29 -46.08
N LYS M 67 -73.00 67.81 -46.98
CA LYS M 67 -73.02 66.43 -47.44
C LYS M 67 -71.71 65.75 -47.03
N GLY M 68 -71.78 64.89 -46.00
CA GLY M 68 -70.63 64.10 -45.57
C GLY M 68 -70.46 62.81 -46.35
N LEU M 69 -69.79 61.83 -45.73
CA LEU M 69 -69.41 60.59 -46.41
C LEU M 69 -70.48 59.51 -46.25
N SER M 70 -70.62 58.66 -47.29
CA SER M 70 -71.66 57.62 -47.34
C SER M 70 -71.32 56.35 -46.56
N HIS M 71 -70.06 55.91 -46.65
CA HIS M 71 -69.60 54.66 -46.05
C HIS M 71 -68.50 54.92 -45.01
N ALA M 72 -68.16 53.87 -44.27
CA ALA M 72 -67.17 53.94 -43.20
C ALA M 72 -65.73 54.13 -43.69
N SER M 73 -64.92 54.77 -42.85
CA SER M 73 -63.46 54.86 -42.97
C SER M 73 -62.80 53.68 -43.70
N THR M 74 -63.14 52.47 -43.27
CA THR M 74 -62.51 51.23 -43.77
C THR M 74 -63.48 50.26 -44.48
N LYS M 75 -64.58 50.79 -45.03
CA LYS M 75 -65.53 49.99 -45.83
C LYS M 75 -65.75 50.63 -47.19
N ASP M 76 -66.19 49.81 -48.16
CA ASP M 76 -66.49 50.28 -49.52
C ASP M 76 -67.90 50.85 -49.64
N SER M 77 -68.86 50.21 -48.98
CA SER M 77 -70.29 50.56 -49.09
C SER M 77 -70.96 50.69 -47.71
N PHE M 78 -72.27 50.89 -47.72
CA PHE M 78 -73.08 50.85 -46.51
C PHE M 78 -74.55 50.58 -46.83
N GLU M 79 -75.16 49.67 -46.08
CA GLU M 79 -76.62 49.42 -46.11
C GLU M 79 -77.16 49.67 -44.73
N VAL M 80 -78.41 50.09 -44.67
CA VAL M 80 -79.11 50.27 -43.37
C VAL M 80 -79.43 48.88 -42.85
N LEU M 81 -79.06 48.61 -41.60
CA LEU M 81 -79.37 47.33 -40.94
C LEU M 81 -80.88 47.28 -40.65
N PRO M 82 -81.50 46.07 -40.73
CA PRO M 82 -82.96 46.02 -40.52
C PRO M 82 -83.41 46.38 -39.09
N ILE M 83 -82.50 46.23 -38.13
CA ILE M 83 -82.75 46.64 -36.73
C ILE M 83 -83.02 48.14 -36.65
N SER M 84 -82.13 48.94 -37.25
CA SER M 84 -82.29 50.42 -37.27
C SER M 84 -83.48 50.86 -38.14
N ALA M 85 -83.82 50.08 -39.16
CA ALA M 85 -85.03 50.31 -39.96
C ALA M 85 -86.32 50.06 -39.16
N PHE M 86 -86.27 49.13 -38.20
CA PHE M 86 -87.41 48.88 -37.30
C PHE M 86 -87.62 50.02 -36.30
N ILE M 87 -86.50 50.52 -35.75
CA ILE M 87 -86.55 51.58 -34.72
C ILE M 87 -86.93 52.93 -35.33
N HIS M 88 -86.10 53.41 -36.25
CA HIS M 88 -86.27 54.74 -36.86
C HIS M 88 -87.17 54.75 -38.10
N GLY M 89 -87.58 53.57 -38.57
CA GLY M 89 -88.44 53.47 -39.77
C GLY M 89 -87.66 53.46 -41.07
N ASP M 90 -88.39 53.42 -42.17
CA ASP M 90 -87.78 53.31 -43.50
C ASP M 90 -87.26 54.68 -43.96
N ASN M 91 -88.12 55.69 -43.86
CA ASN M 91 -87.71 57.08 -44.09
C ASN M 91 -86.72 57.63 -43.03
N GLY M 92 -86.66 57.00 -41.86
CA GLY M 92 -85.75 57.41 -40.77
C GLY M 92 -86.34 58.47 -39.85
N ILE M 93 -87.67 58.61 -39.86
CA ILE M 93 -88.38 59.70 -39.20
C ILE M 93 -89.71 59.17 -38.60
N GLY M 94 -89.64 58.00 -37.97
CA GLY M 94 -90.85 57.21 -37.74
C GLY M 94 -91.25 56.67 -39.11
N ASP M 95 -92.50 56.84 -39.50
CA ASP M 95 -92.86 56.77 -40.92
C ASP M 95 -93.76 57.95 -41.22
N VAL M 96 -93.36 59.10 -40.66
CA VAL M 96 -94.20 60.29 -40.68
C VAL M 96 -93.99 61.01 -42.00
N GLU M 97 -95.10 61.25 -42.70
CA GLU M 97 -95.07 61.90 -44.01
C GLU M 97 -94.91 63.39 -43.80
N ILE M 98 -93.93 63.96 -44.49
CA ILE M 98 -93.55 65.37 -44.32
C ILE M 98 -93.07 65.89 -45.69
N PRO M 99 -93.51 67.10 -46.10
CA PRO M 99 -93.11 67.58 -47.42
C PRO M 99 -91.59 67.76 -47.57
N ASP M 100 -91.05 67.35 -48.72
CA ASP M 100 -89.64 67.58 -49.04
C ASP M 100 -89.36 69.08 -49.06
N SER M 101 -88.19 69.48 -48.55
CA SER M 101 -87.77 70.86 -48.68
C SER M 101 -87.32 71.10 -50.12
N PRO M 102 -87.75 72.23 -50.72
CA PRO M 102 -87.24 72.58 -52.04
C PRO M 102 -85.78 73.09 -52.02
N ARG M 103 -85.27 73.44 -50.83
CA ARG M 103 -83.83 73.73 -50.64
C ARG M 103 -83.13 72.42 -50.77
N LYS M 104 -81.85 72.49 -51.15
CA LYS M 104 -81.01 71.31 -51.34
C LYS M 104 -79.65 71.46 -50.68
N ALA M 105 -78.86 70.38 -50.70
CA ALA M 105 -77.57 70.36 -50.01
C ALA M 105 -76.60 71.36 -50.61
N GLU M 106 -75.77 71.96 -49.75
CA GLU M 106 -74.75 72.91 -50.20
C GLU M 106 -73.72 72.23 -51.09
N ASP M 107 -72.98 73.04 -51.84
CA ASP M 107 -72.09 72.52 -52.89
C ASP M 107 -70.89 71.80 -52.31
N GLU M 108 -70.25 72.42 -51.32
CA GLU M 108 -69.05 71.84 -50.69
C GLU M 108 -69.38 70.65 -49.79
N SER M 109 -68.37 69.81 -49.58
CA SER M 109 -68.48 68.64 -48.69
C SER M 109 -68.50 69.10 -47.23
N ALA M 110 -69.07 68.26 -46.38
CA ALA M 110 -69.18 68.55 -44.96
C ALA M 110 -67.83 68.47 -44.27
N VAL M 111 -66.95 67.62 -44.80
CA VAL M 111 -65.55 67.57 -44.38
C VAL M 111 -64.94 68.98 -44.41
N ASP M 112 -65.06 69.65 -45.56
CA ASP M 112 -64.52 71.00 -45.77
C ASP M 112 -65.29 72.09 -45.00
N PHE M 113 -66.60 71.91 -44.86
CA PHE M 113 -67.41 72.86 -44.09
C PHE M 113 -66.97 72.92 -42.63
N ILE M 114 -66.67 71.76 -42.05
CA ILE M 114 -66.16 71.67 -40.68
C ILE M 114 -64.82 72.39 -40.57
N ILE M 115 -63.88 72.03 -41.46
CA ILE M 115 -62.54 72.60 -41.44
C ILE M 115 -62.59 74.13 -41.58
N ASP M 116 -63.41 74.58 -42.53
CA ASP M 116 -63.63 76.01 -42.77
C ASP M 116 -64.26 76.69 -41.54
N SER M 117 -65.31 76.08 -40.99
CA SER M 117 -66.00 76.60 -39.80
C SER M 117 -65.07 76.72 -38.58
N VAL M 118 -64.14 75.77 -38.44
CA VAL M 118 -63.13 75.80 -37.38
C VAL M 118 -62.23 77.03 -37.54
N LYS M 119 -61.77 77.28 -38.76
CA LYS M 119 -60.91 78.44 -39.02
C LYS M 119 -61.65 79.77 -38.93
N LYS M 120 -62.95 79.79 -39.23
CA LYS M 120 -63.76 81.01 -39.09
C LYS M 120 -64.05 81.33 -37.64
N TYR M 121 -64.70 80.40 -36.95
CA TYR M 121 -65.24 80.66 -35.61
C TYR M 121 -64.35 80.17 -34.46
N GLY M 122 -63.28 79.43 -34.78
CA GLY M 122 -62.28 79.05 -33.77
C GLY M 122 -62.84 78.42 -32.52
N LYS M 123 -62.60 79.08 -31.38
CA LYS M 123 -63.03 78.57 -30.08
C LYS M 123 -64.49 78.90 -29.71
N ASP M 124 -65.20 79.65 -30.56
CA ASP M 124 -66.64 79.80 -30.43
C ASP M 124 -67.41 78.64 -31.07
N LEU M 125 -66.74 77.81 -31.88
CA LEU M 125 -67.38 76.68 -32.57
C LEU M 125 -67.53 75.45 -31.65
N VAL M 126 -68.70 74.82 -31.75
CA VAL M 126 -69.02 73.60 -31.00
C VAL M 126 -69.58 72.57 -31.98
N TYR M 127 -68.89 71.45 -32.16
CA TYR M 127 -69.30 70.40 -33.09
C TYR M 127 -69.88 69.23 -32.31
N VAL M 128 -71.12 68.84 -32.59
CA VAL M 128 -71.87 67.88 -31.78
C VAL M 128 -72.37 66.74 -32.67
N PRO M 129 -71.52 65.73 -32.90
CA PRO M 129 -71.84 64.61 -33.77
C PRO M 129 -72.58 63.49 -33.06
N THR M 130 -73.81 63.21 -33.49
CA THR M 130 -74.58 62.11 -32.92
C THR M 130 -74.89 61.04 -33.99
N GLY M 131 -73.98 60.94 -34.95
CA GLY M 131 -73.89 59.79 -35.83
C GLY M 131 -72.47 59.30 -35.74
N PRO M 132 -72.08 58.37 -36.63
CA PRO M 132 -70.69 57.96 -36.78
C PRO M 132 -69.71 59.13 -36.88
N MET M 133 -68.50 58.86 -36.40
CA MET M 133 -67.44 59.87 -36.35
C MET M 133 -66.73 60.03 -37.70
N THR M 134 -67.03 59.13 -38.65
CA THR M 134 -66.49 59.11 -40.01
C THR M 134 -66.13 60.48 -40.60
N ASN M 135 -67.04 61.45 -40.44
CA ASN M 135 -66.85 62.79 -40.99
C ASN M 135 -65.70 63.54 -40.33
N ILE M 136 -65.77 63.74 -39.02
CA ILE M 136 -64.69 64.47 -38.32
C ILE M 136 -63.32 63.74 -38.26
N ALA M 137 -63.33 62.43 -38.46
CA ALA M 137 -62.09 61.67 -38.66
C ALA M 137 -61.38 62.09 -39.95
N ALA M 138 -62.16 62.17 -41.03
CA ALA M 138 -61.66 62.69 -42.32
C ALA M 138 -61.23 64.16 -42.24
N ALA M 139 -61.94 64.95 -41.43
CA ALA M 139 -61.60 66.36 -41.21
C ALA M 139 -60.27 66.51 -40.47
N LEU M 140 -60.13 65.78 -39.36
CA LEU M 140 -58.88 65.76 -38.58
C LEU M 140 -57.71 65.14 -39.36
N LYS M 141 -58.03 64.13 -40.18
CA LYS M 141 -57.07 63.58 -41.14
C LYS M 141 -56.54 64.68 -42.07
N LYS M 142 -57.44 65.31 -42.85
CA LYS M 142 -57.06 66.35 -43.82
C LYS M 142 -56.45 67.60 -43.17
N ALA M 143 -57.01 68.03 -42.04
CA ALA M 143 -56.53 69.22 -41.33
C ALA M 143 -56.40 68.94 -39.82
N PRO M 144 -55.25 68.39 -39.38
CA PRO M 144 -55.07 68.08 -37.96
C PRO M 144 -54.99 69.29 -37.02
N GLU M 145 -54.72 70.49 -37.56
CA GLU M 145 -54.71 71.75 -36.77
C GLU M 145 -55.99 71.93 -35.95
N ILE M 146 -57.13 71.50 -36.52
CA ILE M 146 -58.45 71.55 -35.89
C ILE M 146 -58.42 71.32 -34.38
N LYS M 147 -57.75 70.23 -33.98
CA LYS M 147 -57.55 69.82 -32.56
C LYS M 147 -57.55 70.99 -31.57
N ASP M 148 -56.59 71.89 -31.78
CA ASP M 148 -56.32 73.00 -30.86
C ASP M 148 -57.18 74.22 -31.20
N GLU M 149 -57.48 74.39 -32.49
CA GLU M 149 -58.29 75.53 -32.96
C GLU M 149 -59.78 75.46 -32.56
N ILE M 150 -60.37 74.26 -32.60
CA ILE M 150 -61.80 74.10 -32.29
C ILE M 150 -62.12 74.33 -30.80
N GLY M 151 -63.31 74.86 -30.53
CA GLY M 151 -63.77 75.15 -29.18
C GLY M 151 -64.00 73.89 -28.38
N LYS M 152 -64.98 73.09 -28.79
CA LYS M 152 -65.22 71.78 -28.20
C LYS M 152 -66.05 70.85 -29.08
N ILE M 153 -65.75 69.56 -29.00
CA ILE M 153 -66.56 68.51 -29.61
C ILE M 153 -67.32 67.82 -28.48
N VAL M 154 -68.59 67.48 -28.72
CA VAL M 154 -69.44 66.84 -27.70
C VAL M 154 -70.32 65.80 -28.39
N LEU M 155 -69.81 64.58 -28.50
CA LEU M 155 -70.48 63.51 -29.25
C LEU M 155 -71.48 62.73 -28.41
N MET M 156 -72.37 62.02 -29.11
CA MET M 156 -73.20 60.97 -28.52
C MET M 156 -72.74 59.67 -29.15
N GLY M 157 -72.38 58.72 -28.28
CA GLY M 157 -71.86 57.43 -28.72
C GLY M 157 -71.01 56.76 -27.66
N GLY M 158 -70.74 55.47 -27.88
CA GLY M 158 -69.93 54.67 -26.97
C GLY M 158 -70.63 54.26 -25.68
N ALA M 159 -69.90 53.45 -24.91
CA ALA M 159 -70.29 53.04 -23.56
C ALA M 159 -69.03 52.67 -22.80
N LEU M 160 -68.69 53.43 -21.76
CA LEU M 160 -67.45 53.21 -21.01
C LEU M 160 -67.68 52.18 -19.94
N THR M 161 -68.54 52.51 -18.98
CA THR M 161 -68.71 51.73 -17.76
C THR M 161 -69.85 50.70 -17.84
N ILE M 162 -70.33 50.39 -19.05
CA ILE M 162 -71.55 49.60 -19.18
C ILE M 162 -71.59 48.83 -20.50
N HIS M 163 -72.54 47.90 -20.61
CA HIS M 163 -72.74 47.16 -21.87
C HIS M 163 -73.19 48.09 -22.99
N GLY M 164 -72.64 47.88 -24.17
CA GLY M 164 -73.12 48.54 -25.39
C GLY M 164 -74.49 48.02 -25.80
N ASN M 165 -75.04 48.59 -26.87
CA ASN M 165 -76.37 48.18 -27.37
C ASN M 165 -76.36 47.32 -28.64
N VAL M 166 -75.28 47.38 -29.44
CA VAL M 166 -75.16 46.52 -30.63
C VAL M 166 -74.77 45.11 -30.21
N ASN M 167 -73.68 45.03 -29.44
CA ASN M 167 -73.27 43.81 -28.77
C ASN M 167 -73.01 44.17 -27.30
N ALA M 168 -72.40 43.27 -26.52
CA ALA M 168 -72.10 43.56 -25.11
C ALA M 168 -71.04 44.65 -24.88
N TRP M 169 -70.26 45.01 -25.90
CA TRP M 169 -69.12 45.93 -25.74
C TRP M 169 -69.06 47.13 -26.70
N THR M 170 -70.00 47.26 -27.65
CA THR M 170 -69.98 48.39 -28.61
C THR M 170 -71.35 49.06 -28.71
N GLU M 171 -71.33 50.37 -28.98
CA GLU M 171 -72.53 51.16 -29.18
C GLU M 171 -72.67 51.56 -30.65
N ALA M 172 -73.92 51.70 -31.12
CA ALA M 172 -74.27 51.91 -32.54
C ALA M 172 -73.37 52.88 -33.33
N ASN M 173 -73.37 54.17 -32.95
CA ASN M 173 -72.59 55.20 -33.66
C ASN M 173 -71.08 54.88 -33.74
N ILE M 174 -70.54 54.24 -32.70
CA ILE M 174 -69.14 53.80 -32.70
C ILE M 174 -69.00 52.52 -33.53
N SER M 175 -69.98 51.62 -33.40
CA SER M 175 -70.00 50.35 -34.15
C SER M 175 -69.88 50.54 -35.65
N GLN M 176 -70.56 51.55 -36.19
CA GLN M 176 -70.63 51.77 -37.64
C GLN M 176 -69.27 52.18 -38.24
N ASP M 177 -68.50 52.94 -37.47
CA ASP M 177 -67.11 53.25 -37.81
C ASP M 177 -66.26 53.40 -36.55
N PRO M 178 -65.67 52.28 -36.09
CA PRO M 178 -64.77 52.31 -34.94
C PRO M 178 -63.45 53.02 -35.21
N ASP M 179 -62.88 52.80 -36.39
CA ASP M 179 -61.55 53.32 -36.71
C ASP M 179 -61.53 54.83 -36.71
N ALA M 180 -62.62 55.42 -37.20
CA ALA M 180 -62.82 56.87 -37.17
C ALA M 180 -62.92 57.38 -35.74
N ALA M 181 -63.77 56.74 -34.96
CA ALA M 181 -63.94 57.07 -33.54
C ALA M 181 -62.62 57.03 -32.78
N ASP M 182 -61.79 56.02 -33.07
CA ASP M 182 -60.46 55.92 -32.48
C ASP M 182 -59.62 57.15 -32.81
N ILE M 183 -59.59 57.52 -34.10
CA ILE M 183 -58.82 58.66 -34.58
C ILE M 183 -59.24 59.93 -33.83
N LEU M 184 -60.55 60.14 -33.68
CA LEU M 184 -61.09 61.28 -32.94
C LEU M 184 -60.63 61.31 -31.48
N PHE M 185 -60.80 60.19 -30.78
CA PHE M 185 -60.52 60.11 -29.35
C PHE M 185 -59.03 60.37 -29.08
N ARG M 186 -58.20 59.68 -29.86
CA ARG M 186 -56.74 59.83 -29.83
C ARG M 186 -56.23 61.19 -30.30
N SER M 187 -56.97 61.85 -31.21
CA SER M 187 -56.58 63.17 -31.74
C SER M 187 -56.07 64.16 -30.70
N GLY M 188 -56.70 64.16 -29.53
CA GLY M 188 -56.38 65.12 -28.47
C GLY M 188 -57.26 66.34 -28.52
N ALA M 189 -58.28 66.31 -29.38
CA ALA M 189 -59.27 67.37 -29.44
C ALA M 189 -60.08 67.34 -28.16
N PRO M 190 -60.62 68.50 -27.75
CA PRO M 190 -61.41 68.56 -26.51
C PRO M 190 -62.80 67.93 -26.64
N VAL M 191 -62.82 66.60 -26.65
CA VAL M 191 -64.04 65.82 -26.82
C VAL M 191 -64.73 65.60 -25.47
N THR M 192 -66.05 65.46 -25.50
CA THR M 192 -66.84 65.03 -24.35
C THR M 192 -67.75 63.92 -24.85
N MET M 193 -67.46 62.69 -24.45
CA MET M 193 -68.27 61.54 -24.86
C MET M 193 -69.51 61.47 -23.98
N ILE M 194 -70.69 61.42 -24.60
CA ILE M 194 -71.94 61.19 -23.89
C ILE M 194 -72.50 59.87 -24.38
N GLY M 195 -72.12 58.81 -23.66
CA GLY M 195 -72.45 57.44 -24.03
C GLY M 195 -73.62 56.88 -23.27
N LEU M 196 -73.83 55.58 -23.44
CA LEU M 196 -75.00 54.88 -22.89
C LEU M 196 -75.08 54.97 -21.38
N ASP M 197 -73.93 54.87 -20.72
CA ASP M 197 -73.80 55.06 -19.26
C ASP M 197 -74.55 56.28 -18.70
N VAL M 198 -74.75 57.29 -19.54
CA VAL M 198 -75.57 58.45 -19.20
C VAL M 198 -76.92 58.50 -19.96
N THR M 199 -76.94 58.15 -21.25
CA THR M 199 -78.17 58.29 -22.06
C THR M 199 -79.27 57.28 -21.72
N LEU M 200 -78.90 56.11 -21.21
CA LEU M 200 -79.88 55.11 -20.78
C LEU M 200 -80.57 55.45 -19.46
N GLN M 201 -80.05 56.45 -18.74
CA GLN M 201 -80.76 57.05 -17.60
C GLN M 201 -81.88 58.02 -18.04
N THR M 202 -81.75 58.59 -19.23
CA THR M 202 -82.79 59.46 -19.82
C THR M 202 -83.98 58.66 -20.33
N LEU M 203 -85.15 59.27 -20.27
CA LEU M 203 -86.40 58.61 -20.62
C LEU M 203 -87.49 59.63 -20.98
N LEU M 204 -88.31 59.30 -22.00
CA LEU M 204 -89.63 59.91 -22.14
C LEU M 204 -90.67 58.95 -22.71
N THR M 205 -91.91 59.14 -22.29
CA THR M 205 -93.04 58.24 -22.57
C THR M 205 -94.11 59.04 -23.32
N TYR M 206 -95.26 58.42 -23.56
CA TYR M 206 -96.40 59.10 -24.20
C TYR M 206 -96.96 60.27 -23.37
N LYS M 207 -96.74 60.26 -22.05
CA LYS M 207 -97.07 61.41 -21.19
C LYS M 207 -96.47 62.72 -21.73
N GLU M 208 -95.25 62.63 -22.25
CA GLU M 208 -94.51 63.79 -22.79
C GLU M 208 -94.92 64.14 -24.24
N THR M 209 -95.17 63.13 -25.08
CA THR M 209 -95.52 63.37 -26.48
C THR M 209 -96.96 63.88 -26.65
N LYS M 210 -97.85 63.49 -25.73
CA LYS M 210 -99.22 64.03 -25.68
C LYS M 210 -99.24 65.54 -25.42
N GLN M 211 -98.22 66.07 -24.73
CA GLN M 211 -98.08 67.52 -24.51
C GLN M 211 -97.77 68.27 -25.80
N TRP M 212 -96.98 67.65 -26.68
CA TRP M 212 -96.68 68.24 -28.00
C TRP M 212 -97.91 68.25 -28.92
N ARG M 213 -98.75 67.23 -28.82
CA ARG M 213 -100.04 67.19 -29.55
C ARG M 213 -100.97 68.32 -29.12
N ASP M 214 -100.96 68.64 -27.82
CA ASP M 214 -101.80 69.72 -27.26
C ASP M 214 -101.50 71.12 -27.82
N LEU M 215 -100.29 71.33 -28.35
CA LEU M 215 -99.92 72.60 -28.99
C LEU M 215 -100.59 72.84 -30.35
N ASN M 216 -101.08 71.78 -30.98
CA ASN M 216 -101.90 71.84 -32.21
C ASN M 216 -101.20 72.38 -33.46
N THR M 217 -99.86 72.34 -33.47
CA THR M 217 -99.08 72.90 -34.59
C THR M 217 -98.66 71.82 -35.57
N LYS M 218 -98.17 72.26 -36.74
CA LYS M 218 -97.58 71.37 -37.73
C LYS M 218 -96.40 70.60 -37.10
N ALA M 219 -95.54 71.35 -36.41
CA ALA M 219 -94.35 70.79 -35.75
C ALA M 219 -94.69 69.89 -34.54
N GLY M 220 -95.62 70.35 -33.69
CA GLY M 220 -96.05 69.60 -32.51
C GLY M 220 -96.59 68.22 -32.85
N LYS M 221 -97.48 68.17 -33.85
CA LYS M 221 -98.05 66.90 -34.34
C LYS M 221 -96.99 65.98 -34.96
N PHE M 222 -96.02 66.58 -35.68
CA PHE M 222 -94.93 65.82 -36.30
C PHE M 222 -94.05 65.11 -35.27
N LEU M 223 -93.49 65.89 -34.33
CA LEU M 223 -92.59 65.35 -33.31
C LEU M 223 -93.27 64.30 -32.43
N ALA M 224 -94.56 64.48 -32.16
CA ALA M 224 -95.35 63.51 -31.41
C ALA M 224 -95.53 62.20 -32.18
N ASP M 225 -96.05 62.30 -33.41
CA ASP M 225 -96.21 61.14 -34.31
C ASP M 225 -94.89 60.37 -34.49
N MET M 226 -93.80 61.12 -34.64
CA MET M 226 -92.48 60.56 -34.90
C MET M 226 -91.95 59.74 -33.72
N THR M 227 -91.87 60.37 -32.55
CA THR M 227 -91.33 59.73 -31.36
C THR M 227 -92.25 58.62 -30.81
N ASP M 228 -93.53 58.64 -31.16
CA ASP M 228 -94.45 57.54 -30.82
C ASP M 228 -94.17 56.26 -31.62
N PHE M 229 -93.69 56.40 -32.86
CA PHE M 229 -93.16 55.25 -33.62
C PHE M 229 -91.90 54.70 -32.94
N TYR M 230 -91.05 55.62 -32.50
CA TYR M 230 -89.80 55.32 -31.80
C TYR M 230 -90.05 54.63 -30.45
N ILE M 231 -91.10 55.03 -29.74
CA ILE M 231 -91.46 54.38 -28.46
C ILE M 231 -92.04 52.98 -28.68
N LYS M 232 -92.95 52.83 -29.66
CA LYS M 232 -93.54 51.51 -29.98
C LYS M 232 -92.53 50.50 -30.50
N ALA M 233 -91.46 50.99 -31.14
CA ALA M 233 -90.31 50.17 -31.47
C ALA M 233 -89.55 49.77 -30.20
N TYR M 234 -89.31 50.74 -29.31
CA TYR M 234 -88.69 50.48 -27.99
C TYR M 234 -89.51 49.55 -27.10
N GLU M 235 -90.85 49.59 -27.24
CA GLU M 235 -91.72 48.63 -26.53
C GLU M 235 -91.38 47.16 -26.82
N THR M 236 -90.87 46.85 -28.02
CA THR M 236 -90.42 45.49 -28.37
C THR M 236 -88.90 45.28 -28.20
N THR M 237 -88.09 46.26 -28.62
CA THR M 237 -86.61 46.14 -28.52
C THR M 237 -86.06 46.32 -27.10
N ALA M 238 -86.81 47.00 -26.23
CA ALA M 238 -86.39 47.24 -24.84
C ALA M 238 -87.60 47.61 -23.96
N PRO M 239 -88.48 46.62 -23.65
CA PRO M 239 -89.61 46.85 -22.73
C PRO M 239 -89.22 47.10 -21.27
N HIS M 240 -87.96 46.86 -20.91
CA HIS M 240 -87.43 47.20 -19.57
C HIS M 240 -87.34 48.73 -19.27
N LEU M 241 -87.52 49.58 -20.28
CA LEU M 241 -87.55 51.04 -20.10
C LEU M 241 -88.97 51.65 -20.11
N GLY M 242 -89.87 51.13 -20.96
CA GLY M 242 -91.28 51.58 -21.05
C GLY M 242 -91.57 52.67 -22.09
N GLY M 243 -90.63 53.61 -22.24
CA GLY M 243 -90.65 54.64 -23.27
C GLY M 243 -89.40 54.54 -24.13
N CYS M 244 -88.73 55.67 -24.36
CA CYS M 244 -87.55 55.72 -25.24
C CYS M 244 -86.40 56.52 -24.64
N GLY M 245 -85.19 56.22 -25.10
CA GLY M 245 -83.99 56.92 -24.66
C GLY M 245 -83.84 58.27 -25.36
N LEU M 246 -83.31 59.25 -24.64
CA LEU M 246 -83.01 60.56 -25.20
C LEU M 246 -81.51 60.66 -25.42
N HIS M 247 -81.04 59.97 -26.45
CA HIS M 247 -79.61 59.77 -26.67
C HIS M 247 -78.96 61.03 -27.24
N ASP M 248 -79.32 61.36 -28.48
CA ASP M 248 -78.67 62.41 -29.24
C ASP M 248 -78.96 63.83 -28.71
N PRO M 249 -80.19 64.10 -28.21
CA PRO M 249 -80.47 65.41 -27.63
C PRO M 249 -79.59 65.78 -26.46
N LEU M 250 -79.27 64.80 -25.63
CA LEU M 250 -78.48 65.03 -24.43
C LEU M 250 -77.09 65.55 -24.76
N ALA M 251 -76.52 65.08 -25.86
CA ALA M 251 -75.25 65.59 -26.35
C ALA M 251 -75.32 67.10 -26.61
N VAL M 252 -76.41 67.54 -27.22
CA VAL M 252 -76.64 68.95 -27.49
C VAL M 252 -76.86 69.72 -26.18
N ALA M 253 -77.65 69.14 -25.28
CA ALA M 253 -77.91 69.74 -23.97
C ALA M 253 -76.64 70.00 -23.17
N VAL M 254 -75.68 69.08 -23.26
CA VAL M 254 -74.38 69.20 -22.59
C VAL M 254 -73.45 70.17 -23.32
N ALA M 255 -73.61 70.27 -24.63
CA ALA M 255 -72.91 71.29 -25.42
C ALA M 255 -73.29 72.69 -24.96
N VAL M 256 -74.59 72.93 -24.73
CA VAL M 256 -75.05 74.24 -24.25
C VAL M 256 -74.76 74.44 -22.76
N ASP M 257 -74.99 73.39 -21.97
CA ASP M 257 -74.84 73.45 -20.52
C ASP M 257 -74.09 72.22 -20.01
N PRO M 258 -72.74 72.31 -19.89
CA PRO M 258 -71.98 71.13 -19.43
C PRO M 258 -72.22 70.70 -17.98
N THR M 259 -72.92 71.51 -17.19
CA THR M 259 -73.27 71.14 -15.81
C THR M 259 -74.42 70.11 -15.71
N LEU M 260 -75.09 69.80 -16.82
CA LEU M 260 -76.09 68.71 -16.84
C LEU M 260 -75.49 67.33 -16.58
N VAL M 261 -74.19 67.20 -16.78
CA VAL M 261 -73.50 65.91 -16.73
C VAL M 261 -72.30 65.98 -15.76
N THR M 262 -71.95 64.84 -15.18
CA THR M 262 -70.73 64.68 -14.37
C THR M 262 -69.77 63.80 -15.15
N THR M 263 -68.62 64.35 -15.52
CA THR M 263 -67.66 63.66 -16.39
C THR M 263 -66.50 63.10 -15.61
N LEU M 264 -65.82 62.15 -16.23
CA LEU M 264 -64.63 61.51 -15.69
C LEU M 264 -63.46 61.85 -16.62
N PRO M 265 -62.54 62.73 -16.19
CA PRO M 265 -61.36 63.02 -17.01
C PRO M 265 -60.57 61.76 -17.32
N ILE M 266 -60.37 61.46 -18.61
CA ILE M 266 -59.78 60.18 -19.01
C ILE M 266 -59.29 60.21 -20.46
N ASN M 267 -58.01 59.90 -20.66
CA ASN M 267 -57.48 59.71 -22.01
C ASN M 267 -58.03 58.38 -22.56
N MET M 268 -58.69 58.47 -23.72
CA MET M 268 -59.49 57.38 -24.27
C MET M 268 -58.95 56.85 -25.59
N GLN M 269 -59.52 55.71 -26.00
CA GLN M 269 -59.27 55.10 -27.30
C GLN M 269 -60.53 54.33 -27.70
N VAL M 270 -60.51 53.77 -28.91
CA VAL M 270 -61.51 52.81 -29.33
C VAL M 270 -60.76 51.59 -29.82
N ASP M 271 -61.26 50.42 -29.43
CA ASP M 271 -60.62 49.17 -29.77
C ASP M 271 -60.88 48.88 -31.25
N VAL M 272 -59.80 48.58 -31.96
CA VAL M 272 -59.83 48.32 -33.39
C VAL M 272 -59.51 46.86 -33.71
N GLU M 273 -58.47 46.28 -33.07
CA GLU M 273 -57.91 44.99 -33.48
C GLU M 273 -58.61 43.75 -32.89
N GLY M 274 -58.87 43.77 -31.58
CA GLY M 274 -59.27 42.56 -30.86
C GLY M 274 -60.69 42.10 -31.11
N PRO M 275 -61.14 41.07 -30.37
CA PRO M 275 -62.55 40.66 -30.38
C PRO M 275 -63.44 41.62 -29.60
N THR M 276 -62.84 42.64 -28.96
CA THR M 276 -63.55 43.80 -28.43
C THR M 276 -63.59 45.00 -29.40
N ARG M 277 -63.41 44.77 -30.70
CA ARG M 277 -63.44 45.83 -31.71
C ARG M 277 -64.73 46.66 -31.58
N GLY M 278 -64.57 47.98 -31.48
CA GLY M 278 -65.69 48.93 -31.35
C GLY M 278 -66.02 49.37 -29.93
N ARG M 279 -65.22 48.94 -28.97
CA ARG M 279 -65.41 49.27 -27.56
C ARG M 279 -64.72 50.58 -27.25
N THR M 280 -65.41 51.43 -26.50
CA THR M 280 -64.84 52.67 -25.98
C THR M 280 -64.20 52.37 -24.64
N ILE M 281 -62.92 52.68 -24.50
CA ILE M 281 -62.17 52.30 -23.30
C ILE M 281 -60.95 53.19 -23.12
N GLY M 282 -60.51 53.36 -21.87
CA GLY M 282 -59.33 54.16 -21.58
C GLY M 282 -58.05 53.55 -22.14
N ASP M 283 -57.17 54.42 -22.63
CA ASP M 283 -55.85 53.99 -23.09
C ASP M 283 -54.95 53.95 -21.88
N VAL M 284 -54.33 52.79 -21.66
CA VAL M 284 -53.46 52.58 -20.50
C VAL M 284 -52.22 53.44 -20.64
N THR M 285 -51.67 53.46 -21.86
CA THR M 285 -50.51 54.28 -22.22
C THR M 285 -50.59 55.70 -21.68
N ARG M 286 -51.77 56.30 -21.79
CA ARG M 286 -51.99 57.68 -21.34
C ARG M 286 -52.78 57.75 -20.03
N LEU M 287 -52.65 56.74 -19.16
CA LEU M 287 -53.29 56.77 -17.85
C LEU M 287 -52.51 57.66 -16.90
N ASN M 288 -51.19 57.47 -16.87
CA ASN M 288 -50.30 58.24 -16.00
C ASN M 288 -49.99 59.65 -16.51
N ASP M 289 -50.30 59.92 -17.78
CA ASP M 289 -50.27 61.28 -18.33
C ASP M 289 -51.36 62.10 -17.60
N PRO M 290 -50.97 63.13 -16.81
CA PRO M 290 -51.98 63.89 -16.06
C PRO M 290 -52.93 64.73 -16.93
N VAL M 291 -52.47 65.12 -18.12
CA VAL M 291 -53.28 65.91 -19.05
C VAL M 291 -54.30 64.99 -19.72
N LYS M 292 -55.58 65.18 -19.38
CA LYS M 292 -56.67 64.37 -19.90
C LYS M 292 -57.33 65.03 -21.11
N THR M 293 -57.22 64.39 -22.28
CA THR M 293 -57.67 64.98 -23.56
C THR M 293 -59.19 65.08 -23.67
N MET M 294 -59.91 64.06 -23.24
CA MET M 294 -61.37 64.05 -23.28
C MET M 294 -62.00 63.57 -21.98
N GLN M 295 -63.31 63.72 -21.88
CA GLN M 295 -64.06 63.46 -20.64
C GLN M 295 -65.29 62.62 -20.95
N VAL M 296 -65.49 61.51 -20.23
CA VAL M 296 -66.64 60.65 -20.45
C VAL M 296 -67.69 60.90 -19.39
N ALA M 297 -68.94 60.99 -19.82
CA ALA M 297 -70.05 61.30 -18.94
C ALA M 297 -70.43 60.03 -18.22
N VAL M 298 -70.55 60.14 -16.89
CA VAL M 298 -70.94 59.00 -16.04
C VAL M 298 -72.20 59.27 -15.21
N GLY M 299 -72.37 60.51 -14.74
CA GLY M 299 -73.60 60.93 -14.05
C GLY M 299 -74.33 62.00 -14.83
N VAL M 300 -75.61 62.17 -14.54
CA VAL M 300 -76.47 63.10 -15.26
C VAL M 300 -77.68 63.54 -14.42
N ASP M 301 -78.06 64.81 -14.56
CA ASP M 301 -79.21 65.39 -13.86
C ASP M 301 -80.46 65.14 -14.72
N VAL M 302 -81.04 63.94 -14.60
CA VAL M 302 -82.11 63.49 -15.51
C VAL M 302 -83.38 64.34 -15.46
N PRO M 303 -83.88 64.68 -14.25
CA PRO M 303 -85.10 65.49 -14.17
C PRO M 303 -84.95 66.93 -14.68
N ARG M 304 -83.76 67.51 -14.51
CA ARG M 304 -83.47 68.86 -15.02
C ARG M 304 -83.30 68.83 -16.54
N PHE M 305 -82.60 67.82 -17.05
CA PHE M 305 -82.48 67.62 -18.49
C PHE M 305 -83.84 67.41 -19.15
N LEU M 306 -84.67 66.56 -18.56
CA LEU M 306 -86.03 66.32 -19.07
C LEU M 306 -86.89 67.59 -19.07
N ASN M 307 -86.70 68.46 -18.07
CA ASN M 307 -87.39 69.76 -18.02
C ASN M 307 -86.85 70.75 -19.07
N GLU M 308 -85.52 70.82 -19.17
CA GLU M 308 -84.84 71.65 -20.17
C GLU M 308 -85.26 71.23 -21.59
N PHE M 309 -85.29 69.92 -21.82
CA PHE M 309 -85.70 69.30 -23.09
C PHE M 309 -87.11 69.70 -23.51
N MET M 310 -88.08 69.51 -22.62
CA MET M 310 -89.49 69.81 -22.94
C MET M 310 -89.76 71.30 -23.06
N THR M 311 -89.14 72.12 -22.21
CA THR M 311 -89.27 73.58 -22.27
C THR M 311 -88.80 74.13 -23.62
N ARG M 312 -87.61 73.70 -24.04
CA ARG M 312 -87.02 74.16 -25.31
C ARG M 312 -87.81 73.70 -26.54
N ILE M 313 -88.17 72.42 -26.57
CA ILE M 313 -88.81 71.81 -27.74
C ILE M 313 -90.30 72.21 -27.84
N SER M 314 -91.01 72.22 -26.71
CA SER M 314 -92.40 72.69 -26.70
C SER M 314 -92.51 74.19 -27.07
N GLY M 315 -91.52 74.98 -26.67
CA GLY M 315 -91.42 76.38 -27.08
C GLY M 315 -91.20 76.57 -28.57
N LEU M 316 -90.36 75.71 -29.16
CA LEU M 316 -90.11 75.71 -30.61
C LEU M 316 -91.31 75.22 -31.42
N ALA M 317 -91.94 74.15 -30.94
CA ALA M 317 -93.14 73.59 -31.61
C ALA M 317 -94.31 74.57 -31.63
N LYS M 318 -94.42 75.42 -30.60
CA LYS M 318 -95.42 76.50 -30.56
C LYS M 318 -95.20 77.55 -31.67
N ILE M 319 -93.93 77.81 -31.99
CA ILE M 319 -93.55 78.79 -33.03
C ILE M 319 -93.93 78.37 -34.48
N ALA M 320 -93.91 77.08 -34.80
CA ALA M 320 -94.34 76.60 -36.13
C ALA M 320 -95.84 76.25 -36.14
N LYS N 5 -61.54 -8.90 67.59
CA LYS N 5 -61.79 -7.41 67.67
C LYS N 5 -61.84 -6.98 69.14
N LYS N 6 -61.25 -5.82 69.44
CA LYS N 6 -60.97 -5.42 70.82
C LYS N 6 -61.33 -3.97 71.13
N LEU N 7 -61.93 -3.76 72.30
CA LEU N 7 -62.66 -2.53 72.63
C LEU N 7 -62.04 -1.77 73.81
N ILE N 8 -61.96 -0.44 73.68
CA ILE N 8 -61.65 0.45 74.81
C ILE N 8 -62.78 1.46 74.93
N LEU N 9 -63.37 1.57 76.11
CA LEU N 9 -64.30 2.66 76.43
C LEU N 9 -63.55 3.80 77.12
N ASP N 10 -63.98 5.03 76.87
CA ASP N 10 -63.41 6.24 77.48
C ASP N 10 -64.58 6.95 78.15
N LEU N 11 -64.71 6.82 79.47
CA LEU N 11 -65.97 7.07 80.17
C LEU N 11 -65.91 8.08 81.33
N ASP N 12 -66.90 8.95 81.37
CA ASP N 12 -67.18 9.83 82.52
C ASP N 12 -68.30 9.19 83.33
N THR N 13 -67.96 8.10 84.01
CA THR N 13 -68.96 7.15 84.54
C THR N 13 -69.69 7.66 85.80
N GLY N 14 -70.97 8.06 85.73
CA GLY N 14 -71.82 8.17 84.53
C GLY N 14 -72.88 7.08 84.45
N VAL N 15 -74.14 7.48 84.34
CA VAL N 15 -75.27 6.54 84.35
C VAL N 15 -75.39 5.81 83.01
N ASP N 16 -75.56 6.59 81.94
CA ASP N 16 -75.55 6.02 80.58
C ASP N 16 -74.20 5.38 80.26
N ASP N 17 -73.13 5.89 80.87
CA ASP N 17 -71.80 5.33 80.71
C ASP N 17 -71.69 3.88 81.23
N THR N 18 -72.37 3.54 82.34
CA THR N 18 -72.37 2.15 82.82
C THR N 18 -73.25 1.25 81.96
N LEU N 19 -74.28 1.83 81.36
CA LEU N 19 -75.11 1.10 80.41
C LEU N 19 -74.28 0.74 79.17
N ALA N 20 -73.32 1.61 78.83
CA ALA N 20 -72.33 1.31 77.78
C ALA N 20 -71.39 0.17 78.17
N ILE N 21 -70.96 0.18 79.43
CA ILE N 21 -70.16 -0.92 79.98
C ILE N 21 -70.97 -2.21 79.93
N SER N 22 -72.21 -2.15 80.41
CA SER N 22 -73.11 -3.31 80.43
C SER N 22 -73.36 -3.89 79.04
N TYR N 23 -73.61 -3.03 78.05
CA TYR N 23 -73.78 -3.46 76.65
C TYR N 23 -72.49 -4.10 76.13
N ALA N 24 -71.35 -3.50 76.47
CA ALA N 24 -70.05 -4.00 76.03
C ALA N 24 -69.78 -5.39 76.58
N LEU N 25 -69.89 -5.53 77.90
CA LEU N 25 -69.67 -6.84 78.55
C LEU N 25 -70.74 -7.87 78.21
N GLY N 26 -71.93 -7.41 77.81
CA GLY N 26 -72.99 -8.31 77.29
C GLY N 26 -72.83 -8.70 75.83
N SER N 27 -71.83 -8.13 75.15
CA SER N 27 -71.63 -8.34 73.73
C SER N 27 -70.38 -9.22 73.48
N PRO N 28 -70.59 -10.44 72.95
CA PRO N 28 -69.45 -11.36 72.74
C PRO N 28 -68.55 -11.06 71.52
N GLU N 29 -68.89 -10.08 70.70
CA GLU N 29 -68.11 -9.77 69.50
C GLU N 29 -66.82 -8.99 69.82
N MET N 30 -66.78 -8.36 70.98
CA MET N 30 -65.64 -7.54 71.39
C MET N 30 -65.09 -8.06 72.71
N GLU N 31 -63.77 -7.98 72.89
CA GLU N 31 -63.16 -8.10 74.20
C GLU N 31 -62.89 -6.69 74.70
N LEU N 32 -63.54 -6.32 75.81
CA LEU N 32 -63.30 -5.04 76.45
C LEU N 32 -61.93 -5.09 77.14
N ILE N 33 -60.93 -4.43 76.56
CA ILE N 33 -59.56 -4.45 77.08
C ILE N 33 -59.47 -3.59 78.34
N GLY N 34 -59.96 -2.36 78.25
CA GLY N 34 -59.92 -1.44 79.37
C GLY N 34 -60.92 -0.31 79.29
N ILE N 35 -61.12 0.35 80.43
CA ILE N 35 -61.98 1.52 80.52
C ILE N 35 -61.08 2.69 80.87
N THR N 36 -60.84 3.55 79.89
CA THR N 36 -60.18 4.82 80.12
C THR N 36 -61.15 5.78 80.85
N GLY N 37 -60.67 6.45 81.89
CA GLY N 37 -61.53 7.34 82.71
C GLY N 37 -61.36 8.79 82.32
N THR N 38 -62.47 9.52 82.24
CA THR N 38 -62.44 10.96 81.98
C THR N 38 -63.50 11.63 82.86
N TYR N 39 -63.81 12.90 82.58
CA TYR N 39 -64.54 13.79 83.50
C TYR N 39 -65.80 14.33 82.81
N GLY N 40 -66.71 14.92 83.60
CA GLY N 40 -67.90 15.57 83.06
C GLY N 40 -69.12 15.31 83.89
N ASN N 41 -69.73 14.15 83.67
CA ASN N 41 -70.86 13.68 84.48
C ASN N 41 -70.45 13.67 85.95
N VAL N 42 -69.21 13.28 86.20
CA VAL N 42 -68.64 13.26 87.54
C VAL N 42 -67.13 13.52 87.44
N LEU N 43 -66.53 13.95 88.55
CA LEU N 43 -65.07 14.16 88.68
C LEU N 43 -64.29 12.94 88.18
N MET N 44 -63.15 13.19 87.55
CA MET N 44 -62.39 12.13 86.84
C MET N 44 -62.13 10.89 87.71
N GLU N 45 -61.68 11.13 88.94
CA GLU N 45 -61.41 10.06 89.91
C GLU N 45 -62.65 9.24 90.23
N GLN N 46 -63.75 9.92 90.53
CA GLN N 46 -65.05 9.26 90.73
C GLN N 46 -65.42 8.36 89.55
N GLY N 47 -65.12 8.79 88.33
CA GLY N 47 -65.28 7.98 87.11
C GLY N 47 -64.56 6.65 87.19
N VAL N 48 -63.35 6.67 87.74
CA VAL N 48 -62.55 5.46 87.93
C VAL N 48 -63.11 4.57 89.05
N ARG N 49 -63.45 5.15 90.21
CA ARG N 49 -64.04 4.38 91.33
C ARG N 49 -65.27 3.59 90.88
N ASN N 50 -66.11 4.26 90.10
CA ASN N 50 -67.36 3.67 89.61
C ASN N 50 -67.06 2.57 88.61
N ALA N 51 -66.18 2.87 87.65
CA ALA N 51 -65.76 1.91 86.63
C ALA N 51 -65.27 0.59 87.24
N LEU N 52 -64.37 0.69 88.21
CA LEU N 52 -63.82 -0.48 88.90
C LEU N 52 -64.93 -1.24 89.63
N ALA N 53 -65.68 -0.53 90.46
CA ALA N 53 -66.78 -1.11 91.26
C ALA N 53 -67.85 -1.80 90.41
N ILE N 54 -68.18 -1.21 89.26
CA ILE N 54 -69.25 -1.70 88.40
C ILE N 54 -68.78 -2.90 87.56
N THR N 55 -67.58 -2.81 87.00
CA THR N 55 -66.99 -3.94 86.27
C THR N 55 -66.91 -5.19 87.14
N ASP N 56 -66.51 -5.00 88.41
CA ASP N 56 -66.57 -6.06 89.43
C ASP N 56 -67.99 -6.61 89.57
N LEU N 57 -68.95 -5.73 89.84
CA LEU N 57 -70.34 -6.15 90.10
C LEU N 57 -70.98 -6.99 89.00
N LEU N 58 -70.67 -6.67 87.74
CA LEU N 58 -71.23 -7.38 86.59
C LEU N 58 -70.57 -8.74 86.31
N GLY N 59 -69.44 -9.00 86.98
CA GLY N 59 -68.73 -10.28 86.92
C GLY N 59 -67.50 -10.25 86.04
N HIS N 60 -66.92 -9.06 85.84
CA HIS N 60 -65.75 -8.90 84.97
C HIS N 60 -64.71 -7.99 85.61
N PRO N 61 -64.01 -8.50 86.65
CA PRO N 61 -62.94 -7.72 87.27
C PRO N 61 -61.61 -7.77 86.51
N GLU N 62 -61.56 -8.40 85.34
CA GLU N 62 -60.39 -8.35 84.46
C GLU N 62 -60.25 -7.01 83.72
N VAL N 63 -61.33 -6.22 83.71
CA VAL N 63 -61.34 -4.95 82.99
C VAL N 63 -60.45 -3.95 83.73
N LYS N 64 -59.33 -3.61 83.10
CA LYS N 64 -58.32 -2.74 83.70
C LYS N 64 -58.69 -1.30 83.45
N VAL N 65 -58.85 -0.53 84.52
CA VAL N 65 -59.29 0.87 84.44
C VAL N 65 -58.07 1.80 84.47
N TYR N 66 -57.88 2.58 83.41
CA TYR N 66 -56.75 3.50 83.32
C TYR N 66 -57.19 4.92 83.65
N LYS N 67 -56.21 5.79 83.83
CA LYS N 67 -56.43 7.11 84.42
C LYS N 67 -56.10 8.19 83.38
N GLY N 68 -57.13 8.81 82.82
CA GLY N 68 -56.97 9.91 81.88
C GLY N 68 -56.81 11.26 82.57
N LEU N 69 -57.13 12.33 81.84
CA LEU N 69 -56.89 13.70 82.30
C LEU N 69 -58.08 14.27 83.07
N SER N 70 -57.82 15.11 84.07
CA SER N 70 -58.85 15.67 84.96
C SER N 70 -59.61 16.86 84.39
N HIS N 71 -58.90 17.75 83.71
CA HIS N 71 -59.46 19.00 83.17
C HIS N 71 -59.33 19.06 81.65
N ALA N 72 -59.99 20.04 81.05
CA ALA N 72 -60.01 20.22 79.59
C ALA N 72 -58.68 20.66 78.99
N SER N 73 -58.48 20.27 77.73
CA SER N 73 -57.40 20.77 76.86
C SER N 73 -56.93 22.20 77.16
N THR N 74 -57.88 23.12 77.28
CA THR N 74 -57.61 24.55 77.44
C THR N 74 -58.12 25.15 78.76
N LYS N 75 -58.27 24.33 79.80
CA LYS N 75 -58.67 24.80 81.13
C LYS N 75 -57.67 24.30 82.19
N ASP N 76 -57.63 25.01 83.32
CA ASP N 76 -56.73 24.65 84.44
C ASP N 76 -57.35 23.60 85.36
N SER N 77 -58.66 23.72 85.61
CA SER N 77 -59.38 22.87 86.57
C SER N 77 -60.67 22.30 85.97
N PHE N 78 -61.46 21.62 86.81
CA PHE N 78 -62.80 21.19 86.45
C PHE N 78 -63.65 20.91 87.70
N GLU N 79 -64.88 21.43 87.70
CA GLU N 79 -65.89 21.11 88.70
C GLU N 79 -67.08 20.48 88.00
N VAL N 80 -67.79 19.60 88.70
CA VAL N 80 -69.03 19.01 88.18
C VAL N 80 -70.10 20.09 88.22
N LEU N 81 -70.78 20.32 87.10
CA LEU N 81 -71.89 21.28 87.04
C LEU N 81 -73.09 20.72 87.82
N PRO N 82 -73.88 21.59 88.48
CA PRO N 82 -75.00 21.07 89.28
C PRO N 82 -76.10 20.37 88.46
N ILE N 83 -76.20 20.73 87.18
CA ILE N 83 -77.15 20.09 86.24
C ILE N 83 -76.82 18.59 86.12
N SER N 84 -75.55 18.27 85.84
CA SER N 84 -75.10 16.87 85.72
C SER N 84 -75.14 16.12 87.05
N ALA N 85 -74.96 16.84 88.17
CA ALA N 85 -75.15 16.27 89.51
C ALA N 85 -76.61 15.91 89.80
N PHE N 86 -77.56 16.65 89.22
CA PHE N 86 -78.99 16.33 89.35
C PHE N 86 -79.37 15.07 88.54
N ILE N 87 -78.83 14.97 87.32
CA ILE N 87 -79.14 13.85 86.42
C ILE N 87 -78.49 12.55 86.88
N HIS N 88 -77.16 12.55 86.94
CA HIS N 88 -76.38 11.34 87.27
C HIS N 88 -76.13 11.15 88.78
N GLY N 89 -76.52 12.13 89.60
CA GLY N 89 -76.34 12.04 91.05
C GLY N 89 -74.98 12.53 91.50
N ASP N 90 -74.73 12.43 92.81
CA ASP N 90 -73.49 12.92 93.42
C ASP N 90 -72.34 11.94 93.17
N ASN N 91 -72.60 10.67 93.49
CA ASN N 91 -71.66 9.58 93.15
C ASN N 91 -71.52 9.34 91.64
N GLY N 92 -72.49 9.77 90.83
CA GLY N 92 -72.47 9.61 89.37
C GLY N 92 -73.07 8.29 88.89
N ILE N 93 -73.89 7.66 89.75
CA ILE N 93 -74.39 6.30 89.54
C ILE N 93 -75.83 6.21 90.05
N GLY N 94 -76.64 7.21 89.75
CA GLY N 94 -77.88 7.45 90.51
C GLY N 94 -77.43 7.97 91.87
N ASP N 95 -77.92 7.37 92.94
CA ASP N 95 -77.25 7.49 94.23
C ASP N 95 -77.20 6.11 94.84
N VAL N 96 -76.89 5.13 93.99
CA VAL N 96 -76.99 3.73 94.34
C VAL N 96 -75.71 3.32 95.06
N GLU N 97 -75.88 2.76 96.26
CA GLU N 97 -74.77 2.35 97.10
C GLU N 97 -74.24 1.01 96.58
N ILE N 98 -72.94 0.97 96.36
CA ILE N 98 -72.28 -0.19 95.75
C ILE N 98 -70.87 -0.30 96.34
N PRO N 99 -70.44 -1.53 96.73
CA PRO N 99 -69.12 -1.64 97.35
C PRO N 99 -67.97 -1.21 96.44
N ASP N 100 -67.01 -0.48 97.01
CA ASP N 100 -65.79 -0.09 96.30
C ASP N 100 -65.04 -1.34 95.86
N SER N 101 -64.47 -1.33 94.66
CA SER N 101 -63.59 -2.41 94.24
C SER N 101 -62.26 -2.27 94.97
N PRO N 102 -61.72 -3.38 95.50
CA PRO N 102 -60.38 -3.33 96.07
C PRO N 102 -59.26 -3.24 95.02
N ARG N 103 -59.59 -3.52 93.75
CA ARG N 103 -58.67 -3.27 92.62
C ARG N 103 -58.63 -1.75 92.48
N LYS N 104 -57.53 -1.28 91.91
CA LYS N 104 -57.26 0.13 91.72
C LYS N 104 -56.76 0.43 90.31
N ALA N 105 -56.63 1.70 89.98
CA ALA N 105 -56.25 2.13 88.63
C ALA N 105 -54.85 1.66 88.27
N GLU N 106 -54.65 1.32 86.99
CA GLU N 106 -53.34 0.89 86.50
C GLU N 106 -52.33 2.02 86.60
N ASP N 107 -51.05 1.67 86.53
CA ASP N 107 -49.96 2.62 86.81
C ASP N 107 -49.83 3.66 85.71
N GLU N 108 -49.84 3.20 84.46
CA GLU N 108 -49.69 4.11 83.32
C GLU N 108 -50.94 4.96 83.06
N SER N 109 -50.72 6.09 82.39
CA SER N 109 -51.81 6.99 82.00
C SER N 109 -52.63 6.38 80.87
N ALA N 110 -53.87 6.83 80.76
CA ALA N 110 -54.77 6.33 79.73
C ALA N 110 -54.39 6.83 78.34
N VAL N 111 -53.77 8.01 78.31
CA VAL N 111 -53.16 8.55 77.10
C VAL N 111 -52.22 7.50 76.49
N ASP N 112 -51.29 6.99 77.31
CA ASP N 112 -50.30 5.99 76.86
C ASP N 112 -50.91 4.61 76.62
N PHE N 113 -51.92 4.24 77.40
CA PHE N 113 -52.62 2.96 77.20
C PHE N 113 -53.27 2.88 75.81
N ILE N 114 -53.88 3.99 75.40
CA ILE N 114 -54.50 4.09 74.07
C ILE N 114 -53.42 3.94 72.99
N ILE N 115 -52.36 4.73 73.10
CA ILE N 115 -51.27 4.73 72.11
C ILE N 115 -50.66 3.34 71.99
N ASP N 116 -50.41 2.72 73.15
CA ASP N 116 -49.86 1.36 73.24
C ASP N 116 -50.83 0.34 72.62
N SER N 117 -52.11 0.43 73.00
CA SER N 117 -53.15 -0.47 72.47
C SER N 117 -53.31 -0.38 70.95
N VAL N 118 -53.14 0.83 70.40
CA VAL N 118 -53.17 1.05 68.95
C VAL N 118 -52.02 0.29 68.28
N LYS N 119 -50.83 0.40 68.84
CA LYS N 119 -49.67 -0.29 68.27
C LYS N 119 -49.71 -1.81 68.46
N LYS N 120 -50.36 -2.29 69.52
CA LYS N 120 -50.52 -3.73 69.74
C LYS N 120 -51.56 -4.33 68.80
N TYR N 121 -52.79 -3.81 68.88
CA TYR N 121 -53.94 -4.44 68.20
C TYR N 121 -54.29 -3.80 66.86
N GLY N 122 -53.67 -2.66 66.52
CA GLY N 122 -53.81 -2.05 65.18
C GLY N 122 -55.24 -1.86 64.73
N LYS N 123 -55.59 -2.52 63.62
CA LYS N 123 -56.93 -2.40 63.03
C LYS N 123 -57.99 -3.31 63.66
N ASP N 124 -57.61 -4.15 64.63
CA ASP N 124 -58.59 -4.87 65.45
C ASP N 124 -59.10 -4.02 66.63
N LEU N 125 -58.42 -2.89 66.91
CA LEU N 125 -58.82 -2.01 68.02
C LEU N 125 -59.96 -1.08 67.66
N VAL N 126 -60.90 -0.92 68.60
CA VAL N 126 -62.05 -0.04 68.46
C VAL N 126 -62.16 0.81 69.73
N TYR N 127 -62.01 2.13 69.59
CA TYR N 127 -62.04 3.05 70.73
C TYR N 127 -63.37 3.80 70.73
N VAL N 128 -64.13 3.70 71.82
CA VAL N 128 -65.52 4.19 71.88
C VAL N 128 -65.67 5.16 73.05
N PRO N 129 -65.34 6.44 72.82
CA PRO N 129 -65.39 7.46 73.88
C PRO N 129 -66.76 8.09 74.03
N THR N 130 -67.37 7.93 75.20
CA THR N 130 -68.66 8.57 75.48
C THR N 130 -68.54 9.56 76.64
N GLY N 131 -67.35 10.13 76.77
CA GLY N 131 -67.12 11.32 77.56
C GLY N 131 -66.44 12.32 76.64
N PRO N 132 -65.94 13.42 77.21
CA PRO N 132 -65.09 14.35 76.48
C PRO N 132 -63.95 13.68 75.72
N MET N 133 -63.57 14.32 74.62
CA MET N 133 -62.55 13.80 73.72
C MET N 133 -61.14 14.11 74.21
N THR N 134 -61.04 14.94 75.26
CA THR N 134 -59.78 15.34 75.92
C THR N 134 -58.65 14.30 75.89
N ASN N 135 -58.99 13.05 76.20
CA ASN N 135 -58.01 11.98 76.26
C ASN N 135 -57.42 11.65 74.88
N ILE N 136 -58.26 11.27 73.93
CA ILE N 136 -57.75 10.92 72.58
C ILE N 136 -57.17 12.10 71.78
N ALA N 137 -57.53 13.33 72.15
CA ALA N 137 -56.87 14.52 71.62
C ALA N 137 -55.40 14.58 72.03
N ALA N 138 -55.15 14.34 73.32
CA ALA N 138 -53.80 14.24 73.85
C ALA N 138 -53.02 13.05 73.27
N ALA N 139 -53.72 11.94 73.01
CA ALA N 139 -53.12 10.76 72.38
C ALA N 139 -52.69 11.04 70.94
N LEU N 140 -53.60 11.61 70.15
CA LEU N 140 -53.31 12.02 68.76
C LEU N 140 -52.26 13.13 68.69
N LYS N 141 -52.29 14.04 69.66
CA LYS N 141 -51.24 15.04 69.85
C LYS N 141 -49.87 14.35 70.00
N LYS N 142 -49.72 13.54 71.05
CA LYS N 142 -48.44 12.87 71.34
C LYS N 142 -48.01 11.87 70.25
N ALA N 143 -48.96 11.11 69.71
CA ALA N 143 -48.69 10.11 68.67
C ALA N 143 -49.70 10.22 67.53
N PRO N 144 -49.44 11.11 66.54
CA PRO N 144 -50.38 11.28 65.42
C PRO N 144 -50.51 10.08 64.47
N GLU N 145 -49.54 9.16 64.49
CA GLU N 145 -49.59 7.91 63.70
C GLU N 145 -50.91 7.15 63.89
N ILE N 146 -51.42 7.18 65.12
CA ILE N 146 -52.68 6.53 65.52
C ILE N 146 -53.76 6.57 64.42
N LYS N 147 -53.98 7.77 63.87
CA LYS N 147 -54.94 8.03 62.77
C LYS N 147 -55.16 6.83 61.85
N ASP N 148 -54.07 6.41 61.21
CA ASP N 148 -54.09 5.39 60.18
C ASP N 148 -53.97 3.98 60.78
N GLU N 149 -53.26 3.87 61.90
CA GLU N 149 -53.05 2.58 62.58
C GLU N 149 -54.31 2.03 63.27
N ILE N 150 -55.12 2.89 63.89
CA ILE N 150 -56.32 2.45 64.62
C ILE N 150 -57.42 1.93 63.68
N GLY N 151 -58.18 0.95 64.18
CA GLY N 151 -59.27 0.33 63.43
C GLY N 151 -60.42 1.28 63.20
N LYS N 152 -61.07 1.69 64.29
CA LYS N 152 -62.11 2.73 64.22
C LYS N 152 -62.42 3.37 65.57
N ILE N 153 -62.75 4.66 65.53
CA ILE N 153 -63.26 5.38 66.69
C ILE N 153 -64.76 5.57 66.48
N VAL N 154 -65.56 5.42 67.54
CA VAL N 154 -67.01 5.54 67.45
C VAL N 154 -67.52 6.25 68.71
N LEU N 155 -67.57 7.58 68.66
CA LEU N 155 -67.90 8.39 69.84
C LEU N 155 -69.40 8.61 70.01
N MET N 156 -69.78 9.00 71.22
CA MET N 156 -71.09 9.57 71.50
C MET N 156 -70.86 11.01 71.89
N GLY N 157 -71.54 11.90 71.18
CA GLY N 157 -71.40 13.34 71.39
C GLY N 157 -71.80 14.14 70.17
N GLY N 158 -71.94 15.44 70.37
CA GLY N 158 -72.32 16.37 69.31
C GLY N 158 -73.78 16.32 68.88
N ALA N 159 -74.12 17.23 67.97
CA ALA N 159 -75.42 17.27 67.31
C ALA N 159 -75.23 18.00 65.99
N LEU N 160 -75.42 17.31 64.88
CA LEU N 160 -75.19 17.89 63.55
C LEU N 160 -76.44 18.61 63.08
N THR N 161 -77.51 17.85 62.89
CA THR N 161 -78.72 18.34 62.23
C THR N 161 -79.78 18.84 63.21
N ILE N 162 -79.41 19.11 64.46
CA ILE N 162 -80.41 19.38 65.50
C ILE N 162 -79.84 20.24 66.63
N HIS N 163 -80.72 20.73 67.50
CA HIS N 163 -80.30 21.48 68.68
C HIS N 163 -79.51 20.60 69.65
N GLY N 164 -78.44 21.16 70.19
CA GLY N 164 -77.70 20.54 71.28
C GLY N 164 -78.52 20.52 72.57
N ASN N 165 -77.95 19.94 73.63
CA ASN N 165 -78.63 19.86 74.94
C ASN N 165 -78.09 20.81 76.02
N VAL N 166 -76.85 21.28 75.88
CA VAL N 166 -76.30 22.27 76.84
C VAL N 166 -76.84 23.65 76.51
N ASN N 167 -76.68 24.03 75.24
CA ASN N 167 -77.30 25.23 74.69
C ASN N 167 -77.97 24.81 73.37
N ALA N 168 -78.42 25.77 72.56
CA ALA N 168 -79.05 25.44 71.27
C ALA N 168 -78.12 24.82 70.22
N TRP N 169 -76.79 24.93 70.40
CA TRP N 169 -75.82 24.51 69.39
C TRP N 169 -74.70 23.57 69.84
N THR N 170 -74.64 23.20 71.13
CA THR N 170 -73.58 22.30 71.64
C THR N 170 -74.15 21.16 72.48
N GLU N 171 -73.48 20.02 72.43
CA GLU N 171 -73.84 18.86 73.24
C GLU N 171 -72.80 18.64 74.35
N ALA N 172 -73.25 18.09 75.48
CA ALA N 172 -72.45 17.94 76.72
C ALA N 172 -70.99 17.51 76.55
N ASN N 173 -70.76 16.29 76.05
CA ASN N 173 -69.41 15.74 75.89
C ASN N 173 -68.49 16.62 75.02
N ILE N 174 -69.07 17.27 74.00
CA ILE N 174 -68.32 18.21 73.17
C ILE N 174 -68.14 19.54 73.91
N SER N 175 -69.20 19.98 74.60
CA SER N 175 -69.19 21.22 75.39
C SER N 175 -68.04 21.29 76.38
N GLN N 176 -67.76 20.18 77.04
CA GLN N 176 -66.76 20.14 78.12
C GLN N 176 -65.33 20.37 77.61
N ASP N 177 -65.06 19.87 76.41
CA ASP N 177 -63.80 20.17 75.70
C ASP N 177 -64.04 20.19 74.18
N PRO N 178 -64.36 21.38 73.64
CA PRO N 178 -64.53 21.55 72.22
C PRO N 178 -63.23 21.45 71.44
N ASP N 179 -62.16 22.01 71.97
CA ASP N 179 -60.89 22.11 71.24
C ASP N 179 -60.32 20.73 70.96
N ALA N 180 -60.48 19.83 71.94
CA ALA N 180 -60.10 18.42 71.81
C ALA N 180 -60.92 17.74 70.73
N ALA N 181 -62.25 17.89 70.81
CA ALA N 181 -63.16 17.34 69.82
C ALA N 181 -62.82 17.79 68.40
N ASP N 182 -62.45 19.07 68.26
CA ASP N 182 -62.02 19.61 66.96
C ASP N 182 -60.80 18.84 66.45
N ILE N 183 -59.80 18.69 67.33
CA ILE N 183 -58.56 17.99 66.97
C ILE N 183 -58.85 16.58 66.48
N LEU N 184 -59.73 15.87 67.19
CA LEU N 184 -60.15 14.52 66.80
C LEU N 184 -60.82 14.49 65.42
N PHE N 185 -61.79 15.35 65.21
CA PHE N 185 -62.59 15.35 63.97
C PHE N 185 -61.70 15.65 62.77
N ARG N 186 -60.90 16.70 62.92
CA ARG N 186 -59.92 17.12 61.92
C ARG N 186 -58.77 16.13 61.70
N SER N 187 -58.40 15.36 62.73
CA SER N 187 -57.31 14.37 62.66
C SER N 187 -57.31 13.53 61.38
N GLY N 188 -58.50 13.13 60.92
CA GLY N 188 -58.63 12.25 59.77
C GLY N 188 -58.73 10.80 60.17
N ALA N 189 -58.83 10.55 61.48
CA ALA N 189 -59.03 9.20 61.99
C ALA N 189 -60.43 8.74 61.58
N PRO N 190 -60.63 7.42 61.43
CA PRO N 190 -61.94 6.91 61.01
C PRO N 190 -62.99 6.97 62.13
N VAL N 191 -63.48 8.18 62.38
CA VAL N 191 -64.46 8.44 63.43
C VAL N 191 -65.88 8.20 62.93
N THR N 192 -66.78 7.83 63.83
CA THR N 192 -68.21 7.77 63.59
C THR N 192 -68.88 8.49 64.73
N MET N 193 -69.42 9.68 64.46
CA MET N 193 -70.11 10.47 65.48
C MET N 193 -71.52 9.94 65.66
N ILE N 194 -71.88 9.61 66.90
CA ILE N 194 -73.25 9.24 67.22
C ILE N 194 -73.80 10.30 68.18
N GLY N 195 -74.40 11.32 67.58
CA GLY N 195 -74.88 12.49 68.31
C GLY N 195 -76.36 12.45 68.61
N LEU N 196 -76.87 13.58 69.09
CA LEU N 196 -78.25 13.69 69.57
C LEU N 196 -79.27 13.40 68.50
N ASP N 197 -78.99 13.84 67.27
CA ASP N 197 -79.81 13.52 66.08
C ASP N 197 -80.21 12.04 65.95
N VAL N 198 -79.41 11.15 66.53
CA VAL N 198 -79.74 9.73 66.62
C VAL N 198 -80.10 9.28 68.05
N THR N 199 -79.39 9.76 69.08
CA THR N 199 -79.61 9.26 70.46
C THR N 199 -80.93 9.71 71.09
N LEU N 200 -81.45 10.86 70.67
CA LEU N 200 -82.74 11.34 71.16
C LEU N 200 -83.94 10.58 70.58
N GLN N 201 -83.72 9.78 69.54
CA GLN N 201 -84.71 8.80 69.07
C GLN N 201 -84.80 7.55 69.97
N THR N 202 -83.70 7.23 70.67
CA THR N 202 -83.68 6.12 71.64
C THR N 202 -84.40 6.47 72.92
N LEU N 203 -84.99 5.46 73.54
CA LEU N 203 -85.82 5.64 74.74
C LEU N 203 -85.92 4.34 75.55
N LEU N 204 -85.90 4.45 76.88
CA LEU N 204 -86.44 3.40 77.75
C LEU N 204 -87.09 3.97 79.01
N THR N 205 -88.11 3.26 79.48
CA THR N 205 -88.98 3.69 80.58
C THR N 205 -88.89 2.64 81.70
N TYR N 206 -89.70 2.80 82.74
CA TYR N 206 -89.77 1.82 83.83
C TYR N 206 -90.25 0.42 83.39
N LYS N 207 -90.99 0.34 82.28
CA LYS N 207 -91.36 -0.94 81.66
C LYS N 207 -90.12 -1.85 81.45
N GLU N 208 -89.01 -1.23 81.04
CA GLU N 208 -87.75 -1.93 80.76
C GLU N 208 -86.92 -2.22 82.04
N THR N 209 -86.90 -1.29 82.99
CA THR N 209 -86.11 -1.45 84.21
C THR N 209 -86.75 -2.45 85.21
N LYS N 210 -88.09 -2.55 85.16
CA LYS N 210 -88.82 -3.58 85.94
C LYS N 210 -88.45 -5.01 85.50
N GLN N 211 -88.05 -5.18 84.24
CA GLN N 211 -87.57 -6.48 83.74
C GLN N 211 -86.23 -6.89 84.37
N TRP N 212 -85.35 -5.91 84.59
CA TRP N 212 -84.08 -6.15 85.28
C TRP N 212 -84.26 -6.52 86.75
N ARG N 213 -85.26 -5.91 87.41
CA ARG N 213 -85.62 -6.28 88.79
C ARG N 213 -86.11 -7.72 88.90
N ASP N 214 -86.84 -8.19 87.88
CA ASP N 214 -87.36 -9.57 87.83
C ASP N 214 -86.28 -10.66 87.82
N LEU N 215 -85.06 -10.31 87.38
CA LEU N 215 -83.92 -11.25 87.38
C LEU N 215 -83.37 -11.56 88.79
N ASN N 216 -83.66 -10.69 89.76
CA ASN N 216 -83.37 -10.90 91.19
C ASN N 216 -81.87 -10.96 91.56
N THR N 217 -81.01 -10.41 90.69
CA THR N 217 -79.56 -10.47 90.91
C THR N 217 -79.03 -9.19 91.54
N LYS N 218 -77.78 -9.25 92.01
CA LYS N 218 -77.07 -8.08 92.51
C LYS N 218 -77.00 -7.02 91.40
N ALA N 219 -76.62 -7.46 90.20
CA ALA N 219 -76.49 -6.57 89.03
C ALA N 219 -77.83 -6.04 88.51
N GLY N 220 -78.83 -6.92 88.42
CA GLY N 220 -80.17 -6.56 87.96
C GLY N 220 -80.81 -5.46 88.80
N LYS N 221 -80.75 -5.63 90.12
CA LYS N 221 -81.27 -4.63 91.07
C LYS N 221 -80.49 -3.30 90.98
N PHE N 222 -79.17 -3.38 90.78
CA PHE N 222 -78.33 -2.19 90.65
C PHE N 222 -78.69 -1.33 89.43
N LEU N 223 -78.66 -1.95 88.25
CA LEU N 223 -78.95 -1.25 86.99
C LEU N 223 -80.36 -0.66 86.97
N ALA N 224 -81.32 -1.36 87.58
CA ALA N 224 -82.69 -0.87 87.71
C ALA N 224 -82.77 0.36 88.62
N ASP N 225 -82.26 0.23 89.84
CA ASP N 225 -82.19 1.35 90.81
C ASP N 225 -81.49 2.58 90.21
N MET N 226 -80.41 2.33 89.48
CA MET N 226 -79.59 3.38 88.90
C MET N 226 -80.32 4.18 87.82
N THR N 227 -80.82 3.47 86.81
CA THR N 227 -81.50 4.12 85.69
C THR N 227 -82.86 4.72 86.06
N ASP N 228 -83.46 4.25 87.17
CA ASP N 228 -84.68 4.86 87.70
C ASP N 228 -84.44 6.24 88.32
N PHE N 229 -83.25 6.46 88.90
CA PHE N 229 -82.82 7.81 89.31
C PHE N 229 -82.67 8.71 88.08
N TYR N 230 -82.06 8.14 87.04
CA TYR N 230 -81.83 8.79 85.75
C TYR N 230 -83.13 9.16 85.04
N ILE N 231 -84.15 8.30 85.14
CA ILE N 231 -85.47 8.59 84.55
C ILE N 231 -86.22 9.66 85.32
N LYS N 232 -86.21 9.58 86.66
CA LYS N 232 -86.86 10.59 87.53
C LYS N 232 -86.24 11.99 87.42
N ALA N 233 -84.94 12.03 87.10
CA ALA N 233 -84.27 13.27 86.72
C ALA N 233 -84.79 13.77 85.37
N TYR N 234 -84.86 12.85 84.38
CA TYR N 234 -85.43 13.16 83.06
C TYR N 234 -86.91 13.58 83.12
N GLU N 235 -87.67 13.03 84.07
CA GLU N 235 -89.06 13.48 84.31
C GLU N 235 -89.20 14.99 84.56
N THR N 236 -88.18 15.62 85.16
CA THR N 236 -88.16 17.08 85.36
C THR N 236 -87.36 17.85 84.27
N THR N 237 -86.19 17.33 83.87
CA THR N 237 -85.36 18.00 82.85
C THR N 237 -85.89 17.86 81.42
N ALA N 238 -86.71 16.84 81.16
CA ALA N 238 -87.28 16.62 79.84
C ALA N 238 -88.52 15.69 79.91
N PRO N 239 -89.65 16.20 80.44
CA PRO N 239 -90.91 15.42 80.48
C PRO N 239 -91.55 15.14 79.10
N HIS N 240 -91.08 15.83 78.06
CA HIS N 240 -91.51 15.55 76.67
C HIS N 240 -91.07 14.16 76.11
N LEU N 241 -90.19 13.44 76.81
CA LEU N 241 -89.78 12.09 76.43
C LEU N 241 -90.44 10.96 77.26
N GLY N 242 -90.65 11.20 78.56
CA GLY N 242 -91.33 10.22 79.45
C GLY N 242 -90.40 9.27 80.21
N GLY N 243 -89.34 8.81 79.54
CA GLY N 243 -88.29 7.98 80.14
C GLY N 243 -86.94 8.67 79.99
N CYS N 244 -85.93 7.93 79.52
CA CYS N 244 -84.56 8.44 79.39
C CYS N 244 -83.92 8.07 78.06
N GLY N 245 -82.93 8.87 77.65
CA GLY N 245 -82.19 8.62 76.42
C GLY N 245 -81.13 7.54 76.61
N LEU N 246 -80.89 6.76 75.55
CA LEU N 246 -79.85 5.75 75.56
C LEU N 246 -78.69 6.25 74.72
N HIS N 247 -77.95 7.20 75.29
CA HIS N 247 -76.95 7.95 74.54
C HIS N 247 -75.67 7.13 74.33
N ASP N 248 -74.98 6.86 75.42
CA ASP N 248 -73.65 6.24 75.38
C ASP N 248 -73.68 4.77 74.93
N PRO N 249 -74.70 3.99 75.33
CA PRO N 249 -74.79 2.59 74.86
C PRO N 249 -74.85 2.45 73.35
N LEU N 250 -75.55 3.36 72.71
CA LEU N 250 -75.76 3.29 71.26
C LEU N 250 -74.43 3.39 70.51
N ALA N 251 -73.51 4.20 71.03
CA ALA N 251 -72.16 4.27 70.47
C ALA N 251 -71.48 2.90 70.44
N VAL N 252 -71.63 2.17 71.55
CA VAL N 252 -71.07 0.82 71.65
C VAL N 252 -71.80 -0.13 70.70
N ALA N 253 -73.13 -0.03 70.65
CA ALA N 253 -73.94 -0.86 69.75
C ALA N 253 -73.54 -0.71 68.28
N VAL N 254 -73.20 0.51 67.89
CA VAL N 254 -72.76 0.81 66.51
C VAL N 254 -71.31 0.38 66.28
N ALA N 255 -70.50 0.41 67.34
CA ALA N 255 -69.15 -0.16 67.29
C ALA N 255 -69.18 -1.65 66.96
N VAL N 256 -70.10 -2.40 67.60
CA VAL N 256 -70.23 -3.83 67.33
C VAL N 256 -70.95 -4.10 66.01
N ASP N 257 -72.01 -3.34 65.76
CA ASP N 257 -72.86 -3.52 64.58
C ASP N 257 -73.16 -2.18 63.91
N PRO N 258 -72.32 -1.75 62.94
CA PRO N 258 -72.56 -0.46 62.29
C PRO N 258 -73.85 -0.33 61.46
N THR N 259 -74.52 -1.45 61.19
CA THR N 259 -75.81 -1.42 60.46
C THR N 259 -77.00 -0.94 61.31
N LEU N 260 -76.82 -0.76 62.63
CA LEU N 260 -77.86 -0.16 63.48
C LEU N 260 -78.14 1.31 63.13
N VAL N 261 -77.20 1.96 62.44
CA VAL N 261 -77.26 3.39 62.18
C VAL N 261 -77.10 3.65 60.67
N THR N 262 -77.69 4.76 60.20
CA THR N 262 -77.49 5.27 58.84
C THR N 262 -76.68 6.55 58.93
N THR N 263 -75.47 6.54 58.36
CA THR N 263 -74.54 7.66 58.48
C THR N 263 -74.51 8.53 57.24
N LEU N 264 -74.00 9.74 57.42
CA LEU N 264 -73.83 10.72 56.36
C LEU N 264 -72.33 10.98 56.23
N PRO N 265 -71.68 10.48 55.14
CA PRO N 265 -70.27 10.77 54.93
C PRO N 265 -70.01 12.27 54.86
N ILE N 266 -69.14 12.79 55.73
CA ILE N 266 -68.95 14.24 55.86
C ILE N 266 -67.66 14.58 56.61
N ASN N 267 -66.81 15.39 55.97
CA ASN N 267 -65.64 15.95 56.64
C ASN N 267 -66.12 17.01 57.65
N MET N 268 -65.75 16.83 58.91
CA MET N 268 -66.30 17.59 60.03
C MET N 268 -65.27 18.44 60.76
N GLN N 269 -65.79 19.32 61.61
CA GLN N 269 -65.00 20.14 62.52
C GLN N 269 -65.83 20.42 63.76
N VAL N 270 -65.22 21.07 64.73
CA VAL N 270 -65.95 21.63 65.86
C VAL N 270 -65.59 23.10 65.95
N ASP N 271 -66.60 23.91 66.19
CA ASP N 271 -66.41 25.35 66.24
C ASP N 271 -65.71 25.71 67.56
N VAL N 272 -64.65 26.49 67.42
CA VAL N 272 -63.82 26.89 68.55
C VAL N 272 -63.93 28.40 68.82
N GLU N 273 -63.91 29.25 67.77
CA GLU N 273 -63.74 30.70 67.94
C GLU N 273 -65.04 31.48 68.17
N GLY N 274 -66.07 31.20 67.37
CA GLY N 274 -67.25 32.06 67.31
C GLY N 274 -68.18 31.96 68.51
N PRO N 275 -69.35 32.64 68.44
CA PRO N 275 -70.40 32.45 69.44
C PRO N 275 -71.15 31.12 69.27
N THR N 276 -70.80 30.36 68.23
CA THR N 276 -71.19 28.96 68.10
C THR N 276 -70.14 27.97 68.63
N ARG N 277 -69.24 28.42 69.52
CA ARG N 277 -68.20 27.55 70.09
C ARG N 277 -68.81 26.28 70.70
N GLY N 278 -68.29 25.13 70.29
CA GLY N 278 -68.76 23.81 70.76
C GLY N 278 -69.76 23.10 69.85
N ARG N 279 -70.04 23.69 68.69
CA ARG N 279 -70.97 23.12 67.72
C ARG N 279 -70.23 22.16 66.82
N THR N 280 -70.88 21.01 66.56
CA THR N 280 -70.38 20.05 65.60
C THR N 280 -70.98 20.38 64.25
N ILE N 281 -70.12 20.58 63.25
CA ILE N 281 -70.57 21.07 61.95
C ILE N 281 -69.57 20.70 60.86
N GLY N 282 -70.04 20.55 59.62
CA GLY N 282 -69.18 20.24 58.49
C GLY N 282 -68.21 21.36 58.17
N ASP N 283 -66.98 20.98 57.82
CA ASP N 283 -65.97 21.94 57.38
C ASP N 283 -66.21 22.17 55.90
N VAL N 284 -66.38 23.43 55.53
CA VAL N 284 -66.67 23.81 54.14
C VAL N 284 -65.45 23.52 53.28
N THR N 285 -64.28 23.87 53.82
CA THR N 285 -62.99 23.62 53.17
C THR N 285 -62.88 22.23 52.59
N ARG N 286 -63.35 21.23 53.34
CA ARG N 286 -63.27 19.83 52.91
C ARG N 286 -64.63 19.29 52.45
N LEU N 287 -65.50 20.15 51.91
CA LEU N 287 -66.78 19.71 51.35
C LEU N 287 -66.57 19.08 49.99
N ASN N 288 -65.80 19.75 49.14
CA ASN N 288 -65.51 19.27 47.79
C ASN N 288 -64.45 18.19 47.72
N ASP N 289 -63.70 17.98 48.80
CA ASP N 289 -62.83 16.81 48.96
C ASP N 289 -63.71 15.55 49.00
N PRO N 290 -63.60 14.66 47.98
CA PRO N 290 -64.49 13.47 47.95
C PRO N 290 -64.21 12.45 49.07
N VAL N 291 -62.98 12.43 49.58
CA VAL N 291 -62.59 11.52 50.65
C VAL N 291 -63.16 12.05 51.98
N LYS N 292 -64.13 11.33 52.53
CA LYS N 292 -64.80 11.73 53.76
C LYS N 292 -64.17 11.03 54.98
N THR N 293 -63.56 11.80 55.88
CA THR N 293 -62.79 11.26 57.00
C THR N 293 -63.66 10.59 58.07
N MET N 294 -64.81 11.20 58.39
CA MET N 294 -65.73 10.63 59.39
C MET N 294 -67.18 10.67 58.91
N GLN N 295 -68.06 10.01 59.67
CA GLN N 295 -69.45 9.81 59.28
C GLN N 295 -70.35 10.13 60.47
N VAL N 296 -71.37 10.97 60.26
CA VAL N 296 -72.29 11.34 61.33
C VAL N 296 -73.59 10.56 61.19
N ALA N 297 -74.08 10.05 62.31
CA ALA N 297 -75.27 9.23 62.34
C ALA N 297 -76.47 10.13 62.27
N VAL N 298 -77.38 9.82 61.35
CA VAL N 298 -78.62 10.60 61.17
C VAL N 298 -79.89 9.76 61.34
N GLY N 299 -79.86 8.50 60.89
CA GLY N 299 -80.96 7.55 61.11
C GLY N 299 -80.51 6.39 61.98
N VAL N 300 -81.49 5.70 62.58
CA VAL N 300 -81.22 4.62 63.52
C VAL N 300 -82.40 3.64 63.62
N ASP N 301 -82.09 2.36 63.75
CA ASP N 301 -83.08 1.29 63.89
C ASP N 301 -83.42 1.15 65.39
N VAL N 302 -84.32 2.00 65.88
CA VAL N 302 -84.59 2.13 67.32
C VAL N 302 -85.14 0.85 67.97
N PRO N 303 -86.14 0.20 67.35
CA PRO N 303 -86.68 -1.02 67.95
C PRO N 303 -85.72 -2.21 67.99
N ARG N 304 -84.85 -2.32 66.99
CA ARG N 304 -83.82 -3.36 66.95
C ARG N 304 -82.71 -3.07 67.95
N PHE N 305 -82.29 -1.81 68.05
CA PHE N 305 -81.33 -1.39 69.07
C PHE N 305 -81.86 -1.64 70.48
N LEU N 306 -83.12 -1.26 70.73
CA LEU N 306 -83.75 -1.49 72.03
C LEU N 306 -83.83 -2.98 72.38
N ASN N 307 -84.06 -3.83 71.38
CA ASN N 307 -84.06 -5.30 71.58
C ASN N 307 -82.65 -5.84 71.83
N GLU N 308 -81.69 -5.39 71.03
CA GLU N 308 -80.27 -5.76 71.17
C GLU N 308 -79.76 -5.35 72.57
N PHE N 309 -80.12 -4.13 72.98
CA PHE N 309 -79.77 -3.56 74.29
C PHE N 309 -80.27 -4.40 75.46
N MET N 310 -81.56 -4.72 75.46
CA MET N 310 -82.16 -5.49 76.56
C MET N 310 -81.69 -6.95 76.59
N THR N 311 -81.56 -7.57 75.41
CA THR N 311 -81.06 -8.95 75.29
C THR N 311 -79.66 -9.08 75.89
N ARG N 312 -78.76 -8.18 75.50
CA ARG N 312 -77.37 -8.21 75.97
C ARG N 312 -77.24 -7.94 77.47
N ILE N 313 -77.92 -6.90 77.94
CA ILE N 313 -77.79 -6.44 79.32
C ILE N 313 -78.55 -7.35 80.31
N SER N 314 -79.75 -7.78 79.94
CA SER N 314 -80.50 -8.75 80.77
C SER N 314 -79.78 -10.11 80.85
N GLY N 315 -79.10 -10.50 79.78
CA GLY N 315 -78.24 -11.69 79.78
C GLY N 315 -77.04 -11.58 80.71
N LEU N 316 -76.43 -10.40 80.74
CA LEU N 316 -75.30 -10.12 81.64
C LEU N 316 -75.74 -10.02 83.10
N ALA N 317 -76.86 -9.34 83.34
CA ALA N 317 -77.40 -9.21 84.70
C ALA N 317 -77.80 -10.56 85.33
N LYS N 318 -78.24 -11.51 84.50
CA LYS N 318 -78.52 -12.88 84.94
C LYS N 318 -77.24 -13.61 85.42
N ILE N 319 -76.11 -13.32 84.80
CA ILE N 319 -74.81 -13.93 85.16
C ILE N 319 -74.26 -13.51 86.54
N ALA N 320 -74.51 -12.27 86.99
CA ALA N 320 -74.09 -11.84 88.33
C ALA N 320 -75.18 -12.08 89.38
N LYS O 5 28.69 -31.59 48.13
CA LYS O 5 27.27 -31.14 48.00
C LYS O 5 26.34 -32.17 48.60
N LYS O 6 25.28 -31.70 49.28
CA LYS O 6 24.46 -32.55 50.15
C LYS O 6 22.95 -32.32 49.98
N LEU O 7 22.20 -33.42 49.95
CA LEU O 7 20.82 -33.44 49.46
C LEU O 7 19.80 -33.83 50.55
N ILE O 8 18.68 -33.12 50.59
CA ILE O 8 17.51 -33.54 51.36
C ILE O 8 16.32 -33.63 50.42
N LEU O 9 15.64 -34.79 50.41
CA LEU O 9 14.36 -34.93 49.72
C LEU O 9 13.22 -34.71 50.72
N ASP O 10 12.11 -34.15 50.23
CA ASP O 10 10.90 -33.92 51.04
C ASP O 10 9.77 -34.60 50.28
N LEU O 11 9.37 -35.79 50.74
CA LEU O 11 8.62 -36.73 49.91
C LEU O 11 7.29 -37.22 50.49
N ASP O 12 6.28 -37.27 49.62
CA ASP O 12 5.00 -37.92 49.89
C ASP O 12 5.03 -39.30 49.22
N THR O 13 5.83 -40.20 49.80
CA THR O 13 6.28 -41.41 49.13
C THR O 13 5.21 -42.51 49.01
N GLY O 14 4.61 -42.78 47.84
CA GLY O 14 4.81 -42.08 46.55
C GLY O 14 5.62 -42.88 45.55
N VAL O 15 5.04 -43.12 44.37
CA VAL O 15 5.66 -43.96 43.35
C VAL O 15 6.80 -43.23 42.64
N ASP O 16 6.47 -42.09 42.03
CA ASP O 16 7.51 -41.23 41.45
C ASP O 16 8.48 -40.71 42.53
N ASP O 17 7.99 -40.57 43.75
CA ASP O 17 8.84 -40.17 44.87
C ASP O 17 9.96 -41.18 45.18
N THR O 18 9.70 -42.48 45.04
CA THR O 18 10.79 -43.47 45.22
C THR O 18 11.75 -43.50 44.05
N LEU O 19 11.25 -43.17 42.86
CA LEU O 19 12.10 -43.02 41.70
C LEU O 19 13.06 -41.83 41.90
N ALA O 20 12.60 -40.82 42.63
CA ALA O 20 13.47 -39.71 43.06
C ALA O 20 14.53 -40.16 44.05
N ILE O 21 14.14 -41.01 45.00
CA ILE O 21 15.08 -41.62 45.94
C ILE O 21 16.10 -42.45 45.16
N SER O 22 15.61 -43.29 44.25
CA SER O 22 16.47 -44.15 43.44
C SER O 22 17.49 -43.37 42.59
N TYR O 23 17.03 -42.29 41.96
CA TYR O 23 17.92 -41.40 41.19
C TYR O 23 18.95 -40.74 42.12
N ALA O 24 18.51 -40.33 43.30
CA ALA O 24 19.38 -39.67 44.27
C ALA O 24 20.48 -40.62 44.73
N LEU O 25 20.10 -41.80 45.20
CA LEU O 25 21.06 -42.80 45.66
C LEU O 25 21.92 -43.39 44.53
N GLY O 26 21.42 -43.32 43.29
CA GLY O 26 22.20 -43.68 42.10
C GLY O 26 23.16 -42.60 41.60
N SER O 27 23.09 -41.42 42.21
CA SER O 27 23.86 -40.26 41.78
C SER O 27 25.00 -39.96 42.77
N PRO O 28 26.27 -40.13 42.34
CA PRO O 28 27.41 -39.90 43.24
C PRO O 28 27.77 -38.43 43.53
N GLU O 29 27.13 -37.47 42.89
CA GLU O 29 27.46 -36.05 43.08
C GLU O 29 26.90 -35.48 44.38
N MET O 30 25.89 -36.15 44.95
CA MET O 30 25.21 -35.71 46.16
C MET O 30 25.30 -36.80 47.21
N GLU O 31 25.42 -36.40 48.48
CA GLU O 31 25.17 -37.28 49.62
C GLU O 31 23.76 -37.00 50.09
N LEU O 32 22.88 -38.00 50.00
CA LEU O 32 21.51 -37.88 50.51
C LEU O 32 21.56 -37.94 52.03
N ILE O 33 21.39 -36.79 52.69
CA ILE O 33 21.48 -36.69 54.15
C ILE O 33 20.24 -37.30 54.80
N GLY O 34 19.08 -36.91 54.33
CA GLY O 34 17.81 -37.40 54.88
C GLY O 34 16.62 -37.23 53.97
N ILE O 35 15.56 -37.95 54.29
CA ILE O 35 14.28 -37.87 53.58
C ILE O 35 13.29 -37.29 54.57
N THR O 36 12.92 -36.03 54.36
CA THR O 36 11.82 -35.42 55.08
C THR O 36 10.49 -35.98 54.53
N GLY O 37 9.58 -36.37 55.42
CA GLY O 37 8.30 -36.97 55.02
C GLY O 37 7.16 -35.96 55.02
N THR O 38 6.32 -36.02 54.00
CA THR O 38 5.12 -35.18 53.93
C THR O 38 3.96 -36.02 53.37
N TYR O 39 2.87 -35.36 52.99
CA TYR O 39 1.57 -36.01 52.74
C TYR O 39 1.09 -35.70 51.31
N GLY O 40 0.08 -36.44 50.86
CA GLY O 40 -0.54 -36.16 49.55
C GLY O 40 -0.87 -37.44 48.81
N ASN O 41 0.14 -38.00 48.15
CA ASN O 41 0.03 -39.30 47.47
C ASN O 41 -0.44 -40.36 48.48
N VAL O 42 0.07 -40.25 49.71
CA VAL O 42 -0.31 -41.11 50.79
C VAL O 42 -0.21 -40.35 52.13
N LEU O 43 -0.89 -40.84 53.16
CA LEU O 43 -0.84 -40.29 54.53
C LEU O 43 0.61 -40.09 54.99
N MET O 44 0.86 -39.04 55.76
CA MET O 44 2.22 -38.63 56.11
C MET O 44 3.07 -39.76 56.69
N GLU O 45 2.48 -40.48 57.65
CA GLU O 45 3.12 -41.64 58.30
C GLU O 45 3.49 -42.73 57.29
N GLN O 46 2.55 -43.11 56.45
CA GLN O 46 2.81 -44.05 55.35
C GLN O 46 4.00 -43.63 54.50
N GLY O 47 4.14 -42.32 54.25
CA GLY O 47 5.30 -41.75 53.56
C GLY O 47 6.62 -42.10 54.22
N VAL O 48 6.63 -42.07 55.55
CA VAL O 48 7.80 -42.44 56.34
C VAL O 48 8.07 -43.95 56.31
N ARG O 49 7.04 -44.78 56.51
CA ARG O 49 7.19 -46.24 56.45
C ARG O 49 7.83 -46.70 55.15
N ASN O 50 7.36 -46.10 54.05
CA ASN O 50 7.82 -46.44 52.71
C ASN O 50 9.26 -45.98 52.53
N ALA O 51 9.53 -44.72 52.91
CA ALA O 51 10.87 -44.14 52.82
C ALA O 51 11.93 -45.00 53.51
N LEU O 52 11.65 -45.40 54.74
CA LEU O 52 12.55 -46.26 55.51
C LEU O 52 12.74 -47.61 54.83
N ALA O 53 11.63 -48.27 54.52
CA ALA O 53 11.64 -49.59 53.87
C ALA O 53 12.37 -49.62 52.53
N ILE O 54 12.21 -48.57 51.75
CA ILE O 54 12.77 -48.48 50.39
C ILE O 54 14.26 -48.13 50.44
N THR O 55 14.63 -47.16 51.27
CA THR O 55 16.04 -46.82 51.47
C THR O 55 16.86 -48.04 51.90
N ASP O 56 16.29 -48.84 52.82
CA ASP O 56 16.84 -50.15 53.19
C ASP O 56 17.01 -51.05 51.97
N LEU O 57 15.93 -51.26 51.23
CA LEU O 57 15.92 -52.20 50.09
C LEU O 57 16.98 -51.90 49.02
N LEU O 58 17.22 -50.62 48.76
CA LEU O 58 18.20 -50.20 47.74
C LEU O 58 19.67 -50.30 48.19
N GLY O 59 19.86 -50.53 49.50
CA GLY O 59 21.18 -50.75 50.09
C GLY O 59 21.73 -49.54 50.81
N HIS O 60 20.85 -48.64 51.27
CA HIS O 60 21.27 -47.40 51.93
C HIS O 60 20.41 -47.13 53.17
N PRO O 61 20.62 -47.94 54.24
CA PRO O 61 19.90 -47.69 55.50
C PRO O 61 20.48 -46.58 56.37
N GLU O 62 21.52 -45.89 55.89
CA GLU O 62 22.03 -44.67 56.56
C GLU O 62 21.12 -43.46 56.38
N VAL O 63 20.20 -43.52 55.42
CA VAL O 63 19.32 -42.39 55.12
C VAL O 63 18.31 -42.23 56.24
N LYS O 64 18.46 -41.14 57.00
CA LYS O 64 17.66 -40.88 58.18
C LYS O 64 16.38 -40.19 57.76
N VAL O 65 15.24 -40.80 58.10
CA VAL O 65 13.93 -40.29 57.69
C VAL O 65 13.31 -39.47 58.81
N TYR O 66 13.05 -38.19 58.55
CA TYR O 66 12.48 -37.28 59.53
C TYR O 66 10.98 -37.12 59.30
N LYS O 67 10.32 -36.51 60.28
CA LYS O 67 8.86 -36.51 60.35
C LYS O 67 8.35 -35.07 60.21
N GLY O 68 7.80 -34.74 59.04
CA GLY O 68 7.19 -33.43 58.80
C GLY O 68 5.74 -33.36 59.27
N LEU O 69 4.99 -32.43 58.67
CA LEU O 69 3.62 -32.12 59.11
C LEU O 69 2.58 -32.96 58.37
N SER O 70 1.49 -33.32 59.06
CA SER O 70 0.43 -34.20 58.53
C SER O 70 -0.56 -33.52 57.60
N HIS O 71 -0.97 -32.29 57.98
CA HIS O 71 -2.00 -31.53 57.26
C HIS O 71 -1.44 -30.22 56.71
N ALA O 72 -2.24 -29.55 55.88
CA ALA O 72 -1.84 -28.30 55.22
C ALA O 72 -1.74 -27.10 56.17
N SER O 73 -0.87 -26.17 55.80
CA SER O 73 -0.76 -24.82 56.39
C SER O 73 -2.07 -24.27 56.97
N THR O 74 -3.14 -24.34 56.17
CA THR O 74 -4.44 -23.74 56.51
C THR O 74 -5.59 -24.77 56.63
N LYS O 75 -5.28 -26.02 56.94
CA LYS O 75 -6.28 -27.05 57.17
C LYS O 75 -6.06 -27.74 58.52
N ASP O 76 -7.12 -28.34 59.07
CA ASP O 76 -7.05 -29.07 60.34
C ASP O 76 -6.57 -30.51 60.15
N SER O 77 -7.04 -31.16 59.08
CA SER O 77 -6.79 -32.58 58.83
C SER O 77 -6.30 -32.85 57.40
N PHE O 78 -6.17 -34.13 57.06
CA PHE O 78 -5.89 -34.55 55.69
C PHE O 78 -6.29 -36.01 55.46
N GLU O 79 -7.00 -36.26 54.37
CA GLU O 79 -7.31 -37.60 53.89
C GLU O 79 -6.69 -37.78 52.50
N VAL O 80 -6.31 -39.01 52.17
CA VAL O 80 -5.83 -39.32 50.82
C VAL O 80 -7.03 -39.32 49.89
N LEU O 81 -6.94 -38.58 48.79
CA LEU O 81 -8.01 -38.55 47.77
C LEU O 81 -8.04 -39.90 47.04
N PRO O 82 -9.23 -40.38 46.62
CA PRO O 82 -9.29 -41.70 45.97
C PRO O 82 -8.57 -41.75 44.60
N ILE O 83 -8.42 -40.59 43.96
CA ILE O 83 -7.69 -40.45 42.70
C ILE O 83 -6.21 -40.86 42.90
N SER O 84 -5.57 -40.28 43.91
CA SER O 84 -4.17 -40.60 44.25
C SER O 84 -4.00 -42.03 44.79
N ALA O 85 -5.03 -42.56 45.44
CA ALA O 85 -5.07 -43.97 45.85
C ALA O 85 -5.13 -44.94 44.66
N PHE O 86 -5.77 -44.51 43.57
CA PHE O 86 -5.81 -45.31 42.32
C PHE O 86 -4.45 -45.33 41.61
N ILE O 87 -3.79 -44.17 41.57
CA ILE O 87 -2.50 -44.02 40.88
C ILE O 87 -1.37 -44.71 41.64
N HIS O 88 -1.13 -44.24 42.87
CA HIS O 88 -0.01 -44.73 43.68
C HIS O 88 -0.36 -45.94 44.56
N GLY O 89 -1.62 -46.35 44.59
CA GLY O 89 -2.08 -47.50 45.38
C GLY O 89 -2.40 -47.13 46.82
N ASP O 90 -2.76 -48.15 47.60
CA ASP O 90 -3.19 -47.95 48.98
C ASP O 90 -1.98 -47.73 49.90
N ASN O 91 -1.00 -48.63 49.78
CA ASN O 91 0.29 -48.46 50.46
C ASN O 91 1.12 -47.26 49.94
N GLY O 92 0.83 -46.80 48.71
CA GLY O 92 1.54 -45.67 48.09
C GLY O 92 2.79 -46.07 47.32
N ILE O 93 2.88 -47.36 46.96
CA ILE O 93 4.09 -47.97 46.40
C ILE O 93 3.69 -48.99 45.30
N GLY O 94 2.73 -48.63 44.46
CA GLY O 94 1.99 -49.62 43.68
C GLY O 94 1.10 -50.34 44.68
N ASP O 95 1.13 -51.65 44.70
CA ASP O 95 0.66 -52.40 45.87
C ASP O 95 1.69 -53.48 46.16
N VAL O 96 2.96 -53.08 46.05
CA VAL O 96 4.07 -54.00 46.09
C VAL O 96 4.41 -54.27 47.55
N GLU O 97 4.44 -55.55 47.90
CA GLU O 97 4.71 -55.99 49.27
C GLU O 97 6.23 -55.94 49.49
N ILE O 98 6.62 -55.27 50.57
CA ILE O 98 8.02 -55.01 50.87
C ILE O 98 8.18 -54.99 52.40
N PRO O 99 9.22 -55.67 52.93
CA PRO O 99 9.35 -55.72 54.39
C PRO O 99 9.53 -54.34 55.03
N ASP O 100 8.85 -54.12 56.16
CA ASP O 100 9.01 -52.90 56.96
C ASP O 100 10.46 -52.79 57.42
N SER O 101 11.01 -51.60 57.42
CA SER O 101 12.33 -51.37 58.01
C SER O 101 12.19 -51.40 59.53
N PRO O 102 13.10 -52.10 60.22
CA PRO O 102 13.10 -52.04 61.68
C PRO O 102 13.65 -50.71 62.24
N ARG O 103 14.31 -49.91 61.39
CA ARG O 103 14.69 -48.52 61.73
C ARG O 103 13.42 -47.75 61.74
N LYS O 104 13.43 -46.65 62.50
CA LYS O 104 12.25 -45.79 62.66
C LYS O 104 12.62 -44.31 62.49
N ALA O 105 11.61 -43.45 62.51
CA ALA O 105 11.81 -42.02 62.27
C ALA O 105 12.64 -41.39 63.36
N GLU O 106 13.47 -40.41 62.98
CA GLU O 106 14.31 -39.68 63.94
C GLU O 106 13.44 -38.89 64.91
N ASP O 107 14.04 -38.50 66.03
CA ASP O 107 13.28 -37.90 67.14
C ASP O 107 12.79 -36.50 66.80
N GLU O 108 13.67 -35.67 66.25
CA GLU O 108 13.32 -34.29 65.90
C GLU O 108 12.40 -34.20 64.66
N SER O 109 11.68 -33.09 64.59
CA SER O 109 10.79 -32.79 63.45
C SER O 109 11.64 -32.46 62.22
N ALA O 110 11.03 -32.66 61.06
CA ALA O 110 11.68 -32.37 59.79
C ALA O 110 11.83 -30.88 59.55
N VAL O 111 10.90 -30.11 60.11
CA VAL O 111 11.01 -28.65 60.14
C VAL O 111 12.38 -28.24 60.71
N ASP O 112 12.70 -28.77 61.89
CA ASP O 112 13.97 -28.46 62.57
C ASP O 112 15.20 -29.08 61.90
N PHE O 113 15.03 -30.27 61.32
CA PHE O 113 16.12 -30.93 60.58
C PHE O 113 16.58 -30.09 59.39
N ILE O 114 15.63 -29.50 58.68
CA ILE O 114 15.92 -28.61 57.56
C ILE O 114 16.69 -27.39 58.05
N ILE O 115 16.13 -26.72 59.06
CA ILE O 115 16.73 -25.49 59.61
C ILE O 115 18.16 -25.76 60.09
N ASP O 116 18.31 -26.87 60.82
CA ASP O 116 19.62 -27.31 61.33
C ASP O 116 20.59 -27.63 60.18
N SER O 117 20.11 -28.39 59.19
CA SER O 117 20.92 -28.75 58.00
C SER O 117 21.38 -27.54 57.20
N VAL O 118 20.53 -26.51 57.14
CA VAL O 118 20.88 -25.24 56.49
C VAL O 118 22.05 -24.57 57.21
N LYS O 119 21.98 -24.52 58.54
CA LYS O 119 23.06 -23.91 59.32
C LYS O 119 24.34 -24.74 59.34
N LYS O 120 24.23 -26.06 59.21
CA LYS O 120 25.42 -26.93 59.14
C LYS O 120 26.11 -26.82 57.79
N TYR O 121 25.37 -27.14 56.72
CA TYR O 121 25.96 -27.29 55.38
C TYR O 121 25.83 -26.05 54.49
N GLY O 122 25.07 -25.05 54.92
CA GLY O 122 24.99 -23.75 54.22
C GLY O 122 24.70 -23.84 52.74
N LYS O 123 25.65 -23.36 51.94
CA LYS O 123 25.51 -23.34 50.48
C LYS O 123 25.87 -24.66 49.78
N ASP O 124 26.34 -25.66 50.52
CA ASP O 124 26.48 -27.02 49.99
C ASP O 124 25.16 -27.79 50.04
N LEU O 125 24.16 -27.30 50.79
CA LEU O 125 22.87 -27.97 50.95
C LEU O 125 21.93 -27.71 49.77
N VAL O 126 21.25 -28.78 49.33
CA VAL O 126 20.28 -28.73 48.24
C VAL O 126 19.01 -29.44 48.71
N TYR O 127 17.91 -28.70 48.81
CA TYR O 127 16.62 -29.24 49.30
C TYR O 127 15.69 -29.43 48.11
N VAL O 128 15.21 -30.65 47.88
CA VAL O 128 14.48 -31.03 46.67
C VAL O 128 13.13 -31.62 47.05
N PRO O 129 12.11 -30.78 47.28
CA PRO O 129 10.78 -31.21 47.70
C PRO O 129 9.88 -31.59 46.56
N THR O 130 9.45 -32.84 46.51
CA THR O 130 8.51 -33.30 45.47
C THR O 130 7.20 -33.77 46.09
N GLY O 131 6.87 -33.17 47.24
CA GLY O 131 5.53 -33.22 47.80
C GLY O 131 5.13 -31.78 48.03
N PRO O 132 4.01 -31.57 48.74
CA PRO O 132 3.63 -30.25 49.21
C PRO O 132 4.75 -29.48 49.89
N MET O 133 4.67 -28.16 49.77
CA MET O 133 5.69 -27.26 50.29
C MET O 133 5.51 -26.98 51.78
N THR O 134 4.38 -27.44 52.34
CA THR O 134 4.02 -27.33 53.77
C THR O 134 5.18 -27.31 54.75
N ASN O 135 6.13 -28.23 54.56
CA ASN O 135 7.27 -28.36 55.46
C ASN O 135 8.22 -27.16 55.39
N ILE O 136 8.75 -26.86 54.22
CA ILE O 136 9.68 -25.72 54.08
C ILE O 136 9.04 -24.33 54.26
N ALA O 137 7.71 -24.24 54.13
CA ALA O 137 6.97 -23.04 54.51
C ALA O 137 7.06 -22.79 56.01
N ALA O 138 6.82 -23.85 56.80
CA ALA O 138 6.99 -23.80 58.25
C ALA O 138 8.44 -23.54 58.68
N ALA O 139 9.40 -24.07 57.92
CA ALA O 139 10.83 -23.83 58.16
C ALA O 139 11.20 -22.37 57.93
N LEU O 140 10.81 -21.84 56.77
CA LEU O 140 11.02 -20.42 56.45
C LEU O 140 10.26 -19.47 57.37
N LYS O 141 9.06 -19.89 57.78
CA LYS O 141 8.30 -19.20 58.82
C LYS O 141 9.13 -19.10 60.11
N LYS O 142 9.50 -20.25 60.69
CA LYS O 142 10.26 -20.29 61.96
C LYS O 142 11.65 -19.65 61.86
N ALA O 143 12.35 -19.91 60.76
CA ALA O 143 13.71 -19.38 60.54
C ALA O 143 13.84 -18.79 59.13
N PRO O 144 13.47 -17.50 58.95
CA PRO O 144 13.55 -16.88 57.62
C PRO O 144 14.97 -16.67 57.07
N GLU O 145 15.99 -16.71 57.94
CA GLU O 145 17.42 -16.62 57.53
C GLU O 145 17.77 -17.61 56.41
N ILE O 146 17.17 -18.80 56.49
CA ILE O 146 17.34 -19.88 55.52
C ILE O 146 17.52 -19.38 54.07
N LYS O 147 16.60 -18.50 53.65
CA LYS O 147 16.59 -17.86 52.31
C LYS O 147 17.99 -17.70 51.69
N ASP O 148 18.83 -16.96 52.40
CA ASP O 148 20.15 -16.56 51.92
C ASP O 148 21.21 -17.62 52.26
N GLU O 149 21.02 -18.30 53.39
CA GLU O 149 21.96 -19.33 53.86
C GLU O 149 21.95 -20.61 53.01
N ILE O 150 20.77 -21.06 52.55
CA ILE O 150 20.65 -22.31 51.79
C ILE O 150 21.26 -22.20 50.38
N GLY O 151 21.80 -23.32 49.90
CA GLY O 151 22.43 -23.39 48.58
C GLY O 151 21.42 -23.23 47.46
N LYS O 152 20.52 -24.20 47.35
CA LYS O 152 19.40 -24.10 46.41
C LYS O 152 18.25 -25.05 46.72
N ILE O 153 17.03 -24.59 46.43
CA ILE O 153 15.83 -25.42 46.48
C ILE O 153 15.44 -25.74 45.03
N VAL O 154 15.01 -26.98 44.78
CA VAL O 154 14.64 -27.41 43.43
C VAL O 154 13.42 -28.33 43.53
N LEU O 155 12.23 -27.74 43.49
CA LEU O 155 10.98 -28.48 43.71
C LEU O 155 10.42 -29.11 42.44
N MET O 156 9.53 -30.07 42.63
CA MET O 156 8.66 -30.56 41.58
C MET O 156 7.25 -30.17 41.98
N GLY O 157 6.57 -29.47 41.07
CA GLY O 157 5.24 -28.95 41.30
C GLY O 157 4.89 -27.77 40.43
N GLY O 158 3.61 -27.42 40.41
CA GLY O 158 3.10 -26.30 39.63
C GLY O 158 3.02 -26.54 38.12
N ALA O 159 2.48 -25.53 37.45
CA ALA O 159 2.44 -25.47 35.98
C ALA O 159 2.32 -24.00 35.59
N LEU O 160 3.34 -23.47 34.92
CA LEU O 160 3.37 -22.05 34.57
C LEU O 160 2.66 -21.84 33.25
N THR O 161 3.21 -22.41 32.19
CA THR O 161 2.78 -22.13 30.83
C THR O 161 1.75 -23.13 30.30
N ILE O 162 1.11 -23.89 31.18
CA ILE O 162 0.27 -24.99 30.74
C ILE O 162 -0.84 -25.33 31.74
N HIS O 163 -1.79 -26.16 31.32
CA HIS O 163 -2.84 -26.63 32.23
C HIS O 163 -2.27 -27.51 33.35
N GLY O 164 -2.78 -27.29 34.56
CA GLY O 164 -2.48 -28.17 35.69
C GLY O 164 -3.14 -29.54 35.51
N ASN O 165 -2.89 -30.44 36.46
CA ASN O 165 -3.48 -31.80 36.41
C ASN O 165 -4.64 -32.05 37.38
N VAL O 166 -4.75 -31.27 38.46
CA VAL O 166 -5.90 -31.40 39.38
C VAL O 166 -7.13 -30.74 38.76
N ASN O 167 -6.96 -29.48 38.38
CA ASN O 167 -7.94 -28.74 37.59
C ASN O 167 -7.19 -28.12 36.40
N ALA O 168 -7.83 -27.21 35.67
CA ALA O 168 -7.17 -26.55 34.53
C ALA O 168 -6.01 -25.60 34.91
N TRP O 169 -5.91 -25.20 36.18
CA TRP O 169 -4.95 -24.18 36.61
C TRP O 169 -4.04 -24.53 37.81
N THR O 170 -4.21 -25.71 38.42
CA THR O 170 -3.38 -26.11 39.58
C THR O 170 -2.80 -27.51 39.42
N GLU O 171 -1.61 -27.71 39.98
CA GLU O 171 -0.95 -29.02 39.98
C GLU O 171 -0.97 -29.61 41.40
N ALA O 172 -1.01 -30.96 41.48
CA ALA O 172 -1.19 -31.72 42.72
C ALA O 172 -0.43 -31.21 43.97
N ASN O 173 0.90 -31.25 43.94
CA ASN O 173 1.74 -30.83 45.08
C ASN O 173 1.45 -29.37 45.55
N ILE O 174 1.14 -28.49 44.60
CA ILE O 174 0.76 -27.12 44.92
C ILE O 174 -0.68 -27.09 45.42
N SER O 175 -1.55 -27.86 44.78
CA SER O 175 -2.97 -27.96 45.15
C SER O 175 -3.19 -28.30 46.61
N GLN O 176 -2.38 -29.22 47.14
CA GLN O 176 -2.56 -29.74 48.51
C GLN O 176 -2.28 -28.67 49.57
N ASP O 177 -1.31 -27.79 49.30
CA ASP O 177 -1.06 -26.60 50.12
C ASP O 177 -0.55 -25.45 49.25
N PRO O 178 -1.47 -24.62 48.74
CA PRO O 178 -1.13 -23.44 47.97
C PRO O 178 -0.46 -22.36 48.81
N ASP O 179 -0.97 -22.13 50.01
CA ASP O 179 -0.51 -21.01 50.84
C ASP O 179 0.95 -21.16 51.21
N ALA O 180 1.34 -22.40 51.47
CA ALA O 180 2.74 -22.75 51.74
C ALA O 180 3.61 -22.49 50.52
N ALA O 181 3.17 -22.99 49.38
CA ALA O 181 3.87 -22.78 48.11
C ALA O 181 4.07 -21.29 47.81
N ASP O 182 3.05 -20.48 48.09
CA ASP O 182 3.15 -19.03 47.93
C ASP O 182 4.28 -18.48 48.80
N ILE O 183 4.28 -18.87 50.08
CA ILE O 183 5.29 -18.40 51.03
C ILE O 183 6.70 -18.72 50.54
N LEU O 184 6.89 -19.94 50.05
CA LEU O 184 8.17 -20.37 49.47
C LEU O 184 8.60 -19.51 48.29
N PHE O 185 7.71 -19.35 47.32
CA PHE O 185 8.03 -18.65 46.06
C PHE O 185 8.39 -17.19 46.35
N ARG O 186 7.54 -16.55 47.15
CA ARG O 186 7.75 -15.17 47.61
C ARG O 186 8.95 -14.98 48.53
N SER O 187 9.31 -16.02 49.29
CA SER O 187 10.46 -15.95 50.23
C SER O 187 11.71 -15.28 49.67
N GLY O 188 12.00 -15.54 48.41
CA GLY O 188 13.20 -15.03 47.76
C GLY O 188 14.34 -16.03 47.83
N ALA O 189 14.06 -17.23 48.30
CA ALA O 189 15.03 -18.32 48.31
C ALA O 189 15.32 -18.70 46.87
N PRO O 190 16.53 -19.24 46.60
CA PRO O 190 16.89 -19.63 45.24
C PRO O 190 16.20 -20.91 44.77
N VAL O 191 14.91 -20.79 44.46
CA VAL O 191 14.08 -21.91 44.04
C VAL O 191 14.21 -22.14 42.53
N THR O 192 14.02 -23.39 42.11
CA THR O 192 13.88 -23.77 40.71
C THR O 192 12.65 -24.65 40.61
N MET O 193 11.57 -24.11 40.04
CA MET O 193 10.34 -24.87 39.87
C MET O 193 10.46 -25.79 38.67
N ILE O 194 10.21 -27.09 38.86
CA ILE O 194 10.14 -28.04 37.77
C ILE O 194 8.72 -28.57 37.71
N GLY O 195 7.90 -27.89 36.92
CA GLY O 195 6.47 -28.15 36.82
C GLY O 195 6.10 -29.00 35.62
N LEU O 196 4.79 -29.09 35.39
CA LEU O 196 4.22 -29.97 34.37
C LEU O 196 4.71 -29.62 32.97
N ASP O 197 4.83 -28.31 32.70
CA ASP O 197 5.40 -27.80 31.44
C ASP O 197 6.71 -28.48 31.00
N VAL O 198 7.46 -29.03 31.95
CA VAL O 198 8.63 -29.83 31.67
C VAL O 198 8.42 -31.34 31.96
N THR O 199 7.74 -31.70 33.05
CA THR O 199 7.62 -33.12 33.45
C THR O 199 6.70 -33.96 32.55
N LEU O 200 5.73 -33.32 31.91
CA LEU O 200 4.85 -34.02 30.97
C LEU O 200 5.51 -34.34 29.63
N GLN O 201 6.68 -33.73 29.37
CA GLN O 201 7.53 -34.16 28.25
C GLN O 201 8.30 -35.46 28.54
N THR O 202 8.55 -35.75 29.82
CA THR O 202 9.19 -37.01 30.25
C THR O 202 8.24 -38.19 30.16
N LEU O 203 8.81 -39.36 29.88
CA LEU O 203 8.03 -40.57 29.66
C LEU O 203 8.88 -41.84 29.90
N LEU O 204 8.28 -42.85 30.50
CA LEU O 204 8.79 -44.23 30.38
C LEU O 204 7.67 -45.27 30.35
N THR O 205 7.93 -46.36 29.62
CA THR O 205 6.95 -47.41 29.32
C THR O 205 7.50 -48.74 29.88
N TYR O 206 6.80 -49.83 29.59
CA TYR O 206 7.25 -51.17 29.99
C TYR O 206 8.59 -51.60 29.35
N LYS O 207 8.94 -51.01 28.20
CA LYS O 207 10.25 -51.19 27.58
C LYS O 207 11.39 -50.93 28.59
N GLU O 208 11.21 -49.91 29.42
CA GLU O 208 12.20 -49.49 30.43
C GLU O 208 12.15 -50.33 31.71
N THR O 209 10.95 -50.70 32.16
CA THR O 209 10.79 -51.48 33.41
C THR O 209 11.18 -52.95 33.24
N LYS O 210 11.03 -53.48 32.02
CA LYS O 210 11.52 -54.83 31.68
C LYS O 210 13.04 -54.95 31.80
N GLN O 211 13.77 -53.84 31.61
CA GLN O 211 15.23 -53.79 31.82
C GLN O 211 15.62 -53.96 33.28
N TRP O 212 14.82 -53.40 34.18
CA TRP O 212 15.04 -53.57 35.63
C TRP O 212 14.76 -55.00 36.10
N ARG O 213 13.78 -55.66 35.50
CA ARG O 213 13.51 -57.09 35.76
C ARG O 213 14.67 -57.98 35.34
N ASP O 214 15.34 -57.63 34.24
CA ASP O 214 16.50 -58.37 33.72
C ASP O 214 17.71 -58.41 34.68
N LEU O 215 17.80 -57.45 35.60
CA LEU O 215 18.88 -57.41 36.60
C LEU O 215 18.73 -58.48 37.70
N ASN O 216 17.51 -59.01 37.87
CA ASN O 216 17.23 -60.16 38.76
C ASN O 216 17.42 -59.90 40.25
N THR O 217 17.43 -58.63 40.68
CA THR O 217 17.69 -58.27 42.07
C THR O 217 16.39 -58.03 42.84
N LYS O 218 16.52 -57.97 44.17
CA LYS O 218 15.41 -57.60 45.05
C LYS O 218 14.89 -56.21 44.65
N ALA O 219 15.82 -55.26 44.46
CA ALA O 219 15.49 -53.88 44.08
C ALA O 219 14.95 -53.75 42.66
N GLY O 220 15.58 -54.43 41.71
CA GLY O 220 15.15 -54.42 40.30
C GLY O 220 13.72 -54.88 40.11
N LYS O 221 13.37 -56.01 40.73
CA LYS O 221 12.01 -56.55 40.70
C LYS O 221 11.00 -55.62 41.38
N PHE O 222 11.40 -54.98 42.48
CA PHE O 222 10.54 -54.03 43.20
C PHE O 222 10.17 -52.82 42.35
N LEU O 223 11.18 -52.10 41.86
CA LEU O 223 10.97 -50.88 41.06
C LEU O 223 10.16 -51.15 39.79
N ALA O 224 10.37 -52.33 39.19
CA ALA O 224 9.61 -52.76 38.00
C ALA O 224 8.14 -53.00 38.35
N ASP O 225 7.89 -53.86 39.34
CA ASP O 225 6.53 -54.14 39.84
C ASP O 225 5.78 -52.86 40.23
N MET O 226 6.50 -51.95 40.88
CA MET O 226 5.93 -50.71 41.39
C MET O 226 5.48 -49.76 40.28
N THR O 227 6.40 -49.43 39.37
CA THR O 227 6.11 -48.49 38.28
C THR O 227 5.14 -49.08 37.23
N ASP O 228 5.03 -50.41 37.16
CA ASP O 228 4.05 -51.06 36.30
C ASP O 228 2.61 -50.88 36.80
N PHE O 229 2.42 -50.81 38.13
CA PHE O 229 1.13 -50.39 38.71
C PHE O 229 0.82 -48.94 38.34
N TYR O 230 1.85 -48.11 38.42
CA TYR O 230 1.80 -46.68 38.09
C TYR O 230 1.47 -46.45 36.61
N ILE O 231 2.01 -47.28 35.72
CA ILE O 231 1.73 -47.19 34.28
C ILE O 231 0.29 -47.65 33.96
N LYS O 232 -0.14 -48.78 34.54
CA LYS O 232 -1.51 -49.30 34.35
C LYS O 232 -2.61 -48.37 34.88
N ALA O 233 -2.26 -47.60 35.91
CA ALA O 233 -3.10 -46.50 36.37
C ALA O 233 -3.14 -45.38 35.33
N TYR O 234 -1.96 -45.00 34.83
CA TYR O 234 -1.85 -43.99 33.75
C TYR O 234 -2.54 -44.43 32.44
N GLU O 235 -2.57 -45.73 32.17
CA GLU O 235 -3.33 -46.27 31.03
C GLU O 235 -4.82 -45.87 31.03
N THR O 236 -5.42 -45.71 32.22
CA THR O 236 -6.81 -45.24 32.35
C THR O 236 -6.93 -43.72 32.61
N THR O 237 -6.08 -43.17 33.49
CA THR O 237 -6.13 -41.73 33.81
C THR O 237 -5.57 -40.81 32.72
N ALA O 238 -4.71 -41.35 31.84
CA ALA O 238 -4.12 -40.58 30.74
C ALA O 238 -3.56 -41.51 29.65
N PRO O 239 -4.45 -42.15 28.86
CA PRO O 239 -4.00 -43.00 27.74
C PRO O 239 -3.36 -42.25 26.55
N HIS O 240 -3.48 -40.92 26.54
CA HIS O 240 -2.79 -40.07 25.56
C HIS O 240 -1.24 -40.04 25.68
N LEU O 241 -0.68 -40.59 26.78
CA LEU O 241 0.78 -40.71 26.96
C LEU O 241 1.34 -42.12 26.71
N GLY O 242 0.59 -43.17 27.08
CA GLY O 242 0.99 -44.57 26.83
C GLY O 242 1.75 -45.25 27.97
N GLY O 243 2.64 -44.50 28.63
CA GLY O 243 3.37 -44.94 29.82
C GLY O 243 3.08 -44.00 30.97
N CYS O 244 4.13 -43.54 31.67
CA CYS O 244 3.98 -42.69 32.86
C CYS O 244 4.95 -41.50 32.85
N GLY O 245 4.58 -40.46 33.57
CA GLY O 245 5.42 -39.27 33.71
C GLY O 245 6.53 -39.49 34.73
N LEU O 246 7.68 -38.86 34.47
CA LEU O 246 8.81 -38.89 35.39
C LEU O 246 8.90 -37.55 36.08
N HIS O 247 7.98 -37.32 37.01
CA HIS O 247 7.77 -35.99 37.59
C HIS O 247 8.86 -35.68 38.64
N ASP O 248 8.82 -36.42 39.74
CA ASP O 248 9.66 -36.15 40.91
C ASP O 248 11.16 -36.42 40.66
N PRO O 249 11.51 -37.47 39.90
CA PRO O 249 12.92 -37.73 39.60
C PRO O 249 13.62 -36.59 38.89
N LEU O 250 12.90 -35.93 37.98
CA LEU O 250 13.47 -34.86 37.18
C LEU O 250 13.93 -33.69 38.04
N ALA O 251 13.19 -33.42 39.11
CA ALA O 251 13.61 -32.40 40.09
C ALA O 251 14.98 -32.71 40.66
N VAL O 252 15.20 -33.99 41.00
CA VAL O 252 16.49 -34.44 41.52
C VAL O 252 17.57 -34.34 40.44
N ALA O 253 17.23 -34.77 39.22
CA ALA O 253 18.15 -34.71 38.09
C ALA O 253 18.66 -33.30 37.81
N VAL O 254 17.77 -32.31 37.97
CA VAL O 254 18.12 -30.90 37.77
C VAL O 254 18.89 -30.33 38.97
N ALA O 255 18.62 -30.88 40.15
CA ALA O 255 19.41 -30.55 41.34
C ALA O 255 20.88 -30.93 41.14
N VAL O 256 21.13 -32.12 40.60
CA VAL O 256 22.51 -32.57 40.34
C VAL O 256 23.10 -31.89 39.11
N ASP O 257 22.29 -31.76 38.05
CA ASP O 257 22.74 -31.21 36.77
C ASP O 257 21.72 -30.21 36.23
N PRO O 258 21.88 -28.90 36.57
CA PRO O 258 20.90 -27.91 36.09
C PRO O 258 20.86 -27.68 34.57
N THR O 259 21.83 -28.19 33.82
CA THR O 259 21.83 -28.10 32.36
C THR O 259 20.83 -29.05 31.66
N LEU O 260 20.20 -29.96 32.40
CA LEU O 260 19.13 -30.80 31.84
C LEU O 260 17.88 -30.00 31.46
N VAL O 261 17.74 -28.80 32.01
CA VAL O 261 16.55 -27.99 31.86
C VAL O 261 16.91 -26.59 31.36
N THR O 262 15.97 -25.96 30.65
CA THR O 262 16.08 -24.55 30.24
C THR O 262 15.04 -23.75 31.03
N THR O 263 15.51 -22.82 31.86
CA THR O 263 14.65 -22.10 32.78
C THR O 263 14.35 -20.69 32.29
N LEU O 264 13.29 -20.11 32.85
CA LEU O 264 12.87 -18.76 32.57
C LEU O 264 12.99 -17.96 33.87
N PRO O 265 13.99 -17.06 33.98
CA PRO O 265 14.08 -16.21 35.16
C PRO O 265 12.82 -15.40 35.39
N ILE O 266 12.20 -15.55 36.56
CA ILE O 266 10.88 -14.96 36.80
C ILE O 266 10.53 -14.91 38.29
N ASN O 267 10.23 -13.72 38.80
CA ASN O 267 9.70 -13.58 40.15
C ASN O 267 8.26 -14.12 40.18
N MET O 268 8.01 -15.09 41.05
CA MET O 268 6.78 -15.89 41.04
C MET O 268 5.93 -15.71 42.30
N GLN O 269 4.71 -16.23 42.22
CA GLN O 269 3.79 -16.32 43.34
C GLN O 269 2.89 -17.52 43.12
N VAL O 270 2.04 -17.80 44.11
CA VAL O 270 0.97 -18.76 43.95
C VAL O 270 -0.32 -18.06 44.33
N ASP O 271 -1.35 -18.29 43.53
CA ASP O 271 -2.64 -17.64 43.75
C ASP O 271 -3.32 -18.28 44.95
N VAL O 272 -3.75 -17.43 45.87
CA VAL O 272 -4.38 -17.84 47.10
C VAL O 272 -5.87 -17.46 47.15
N GLU O 273 -6.22 -16.23 46.73
CA GLU O 273 -7.56 -15.66 46.97
C GLU O 273 -8.61 -16.03 45.90
N GLY O 274 -8.24 -15.89 44.63
CA GLY O 274 -9.24 -15.92 43.55
C GLY O 274 -9.80 -17.29 43.22
N PRO O 275 -10.61 -17.37 42.14
CA PRO O 275 -11.05 -18.67 41.61
C PRO O 275 -9.94 -19.41 40.86
N THR O 276 -8.77 -18.77 40.71
CA THR O 276 -7.54 -19.42 40.28
C THR O 276 -6.64 -19.87 41.45
N ARG O 277 -7.21 -20.06 42.65
CA ARG O 277 -6.45 -20.50 43.82
C ARG O 277 -5.67 -21.79 43.52
N GLY O 278 -4.36 -21.75 43.79
CA GLY O 278 -3.45 -22.88 43.56
C GLY O 278 -2.65 -22.84 42.26
N ARG O 279 -2.79 -21.75 41.52
CA ARG O 279 -2.09 -21.56 40.25
C ARG O 279 -0.72 -20.96 40.51
N THR O 280 0.27 -21.49 39.81
CA THR O 280 1.61 -20.93 39.81
C THR O 280 1.71 -19.92 38.69
N ILE O 281 2.09 -18.68 39.04
CA ILE O 281 2.06 -17.58 38.08
C ILE O 281 3.02 -16.47 38.51
N GLY O 282 3.52 -15.71 37.54
CA GLY O 282 4.41 -14.59 37.84
C GLY O 282 3.73 -13.46 38.59
N ASP O 283 4.44 -12.87 39.54
CA ASP O 283 3.96 -11.71 40.27
C ASP O 283 4.28 -10.49 39.43
N VAL O 284 3.24 -9.71 39.13
CA VAL O 284 3.38 -8.52 38.28
C VAL O 284 4.21 -7.49 39.02
N THR O 285 3.92 -7.32 40.30
CA THR O 285 4.64 -6.41 41.20
C THR O 285 6.16 -6.49 41.03
N ARG O 286 6.67 -7.72 40.91
CA ARG O 286 8.10 -7.94 40.77
C ARG O 286 8.51 -8.32 39.33
N LEU O 287 7.76 -7.83 38.34
CA LEU O 287 8.12 -8.05 36.93
C LEU O 287 9.27 -7.12 36.54
N ASN O 288 9.13 -5.83 36.89
CA ASN O 288 10.14 -4.83 36.57
C ASN O 288 11.37 -4.84 37.48
N ASP O 289 11.28 -5.55 38.60
CA ASP O 289 12.44 -5.85 39.45
C ASP O 289 13.39 -6.76 38.64
N PRO O 290 14.61 -6.28 38.29
CA PRO O 290 15.51 -7.10 37.46
C PRO O 290 16.06 -8.34 38.16
N VAL O 291 16.12 -8.32 39.49
CA VAL O 291 16.60 -9.45 40.27
C VAL O 291 15.50 -10.51 40.34
N LYS O 292 15.73 -11.64 39.66
CA LYS O 292 14.77 -12.74 39.61
C LYS O 292 15.06 -13.80 40.67
N THR O 293 14.14 -13.97 41.62
CA THR O 293 14.36 -14.81 42.80
C THR O 293 14.38 -16.31 42.47
N MET O 294 13.47 -16.76 41.59
CA MET O 294 13.41 -18.15 41.17
C MET O 294 13.26 -18.32 39.67
N GLN O 295 13.40 -19.55 39.19
CA GLN O 295 13.44 -19.86 37.76
C GLN O 295 12.52 -21.03 37.47
N VAL O 296 11.64 -20.90 36.48
CA VAL O 296 10.70 -21.96 36.11
C VAL O 296 11.20 -22.67 34.87
N ALA O 297 11.13 -24.00 34.90
CA ALA O 297 11.62 -24.83 33.84
C ALA O 297 10.58 -24.84 32.75
N VAL O 298 11.03 -24.58 31.51
CA VAL O 298 10.16 -24.59 30.34
C VAL O 298 10.59 -25.57 29.25
N GLY O 299 11.90 -25.74 29.06
CA GLY O 299 12.45 -26.75 28.15
C GLY O 299 13.26 -27.80 28.91
N VAL O 300 13.45 -28.95 28.28
CA VAL O 300 14.13 -30.08 28.91
C VAL O 300 14.74 -31.03 27.87
N ASP O 301 15.91 -31.58 28.20
CA ASP O 301 16.62 -32.53 27.34
C ASP O 301 16.11 -33.95 27.68
N VAL O 302 14.97 -34.33 27.10
CA VAL O 302 14.25 -35.56 27.50
C VAL O 302 15.05 -36.85 27.26
N PRO O 303 15.68 -37.00 26.08
CA PRO O 303 16.44 -38.23 25.83
C PRO O 303 17.70 -38.39 26.70
N ARG O 304 18.34 -37.28 27.04
CA ARG O 304 19.51 -37.31 27.94
C ARG O 304 19.09 -37.58 29.37
N PHE O 305 18.01 -36.95 29.82
CA PHE O 305 17.42 -37.23 31.13
C PHE O 305 17.01 -38.70 31.26
N LEU O 306 16.32 -39.22 30.25
CA LEU O 306 15.91 -40.63 30.24
C LEU O 306 17.11 -41.59 30.30
N ASN O 307 18.21 -41.22 29.64
CA ASN O 307 19.45 -42.01 29.70
C ASN O 307 20.14 -41.91 31.07
N GLU O 308 20.23 -40.68 31.58
CA GLU O 308 20.79 -40.42 32.92
C GLU O 308 19.99 -41.18 34.00
N PHE O 309 18.67 -41.13 33.88
CA PHE O 309 17.71 -41.82 34.77
C PHE O 309 17.93 -43.33 34.81
N MET O 310 17.97 -43.97 33.65
CA MET O 310 18.12 -45.43 33.57
C MET O 310 19.52 -45.90 33.98
N THR O 311 20.56 -45.15 33.57
CA THR O 311 21.94 -45.45 33.95
C THR O 311 22.12 -45.45 35.48
N ARG O 312 21.63 -44.40 36.13
CA ARG O 312 21.76 -44.27 37.58
C ARG O 312 20.96 -45.31 38.36
N ILE O 313 19.71 -45.52 37.97
CA ILE O 313 18.80 -46.41 38.70
C ILE O 313 19.09 -47.89 38.42
N SER O 314 19.39 -48.24 37.17
CA SER O 314 19.80 -49.62 36.84
C SER O 314 21.14 -50.00 37.51
N GLY O 315 22.04 -49.02 37.65
CA GLY O 315 23.29 -49.20 38.40
C GLY O 315 23.07 -49.45 39.89
N LEU O 316 22.12 -48.72 40.48
CA LEU O 316 21.75 -48.90 41.88
C LEU O 316 21.01 -50.22 42.13
N ALA O 317 20.08 -50.57 41.24
CA ALA O 317 19.33 -51.83 41.34
C ALA O 317 20.24 -53.07 41.24
N LYS O 318 21.32 -52.97 40.47
CA LYS O 318 22.34 -54.03 40.39
C LYS O 318 23.06 -54.25 41.73
N ILE O 319 23.27 -53.17 42.50
CA ILE O 319 23.94 -53.22 43.80
C ILE O 319 23.15 -53.96 44.91
N ALA O 320 21.82 -53.89 44.90
CA ALA O 320 20.99 -54.64 45.86
C ALA O 320 20.61 -56.03 45.33
N LYS P 5 -42.90 10.10 17.52
CA LYS P 5 -42.98 10.38 18.98
C LYS P 5 -43.08 11.87 19.24
N LYS P 6 -43.87 12.23 20.26
CA LYS P 6 -44.29 13.63 20.48
C LYS P 6 -44.21 14.07 21.93
N LEU P 7 -43.70 15.29 22.13
CA LEU P 7 -43.21 15.76 23.44
C LEU P 7 -44.00 16.94 23.98
N ILE P 8 -44.31 16.92 25.28
CA ILE P 8 -44.81 18.09 26.01
C ILE P 8 -43.88 18.36 27.17
N LEU P 9 -43.37 19.58 27.28
CA LEU P 9 -42.64 20.02 28.48
C LEU P 9 -43.60 20.75 29.42
N ASP P 10 -43.38 20.63 30.73
CA ASP P 10 -44.17 21.31 31.75
C ASP P 10 -43.16 22.09 32.59
N LEU P 11 -43.07 23.40 32.36
CA LEU P 11 -41.90 24.19 32.77
C LEU P 11 -42.19 25.42 33.63
N ASP P 12 -41.35 25.58 34.67
CA ASP P 12 -41.28 26.81 35.47
C ASP P 12 -40.11 27.64 34.95
N THR P 13 -40.28 28.20 33.76
CA THR P 13 -39.16 28.70 32.95
C THR P 13 -38.57 30.04 33.46
N GLY P 14 -37.38 30.08 34.07
CA GLY P 14 -36.51 28.94 34.41
C GLY P 14 -35.29 28.83 33.53
N VAL P 15 -34.10 28.83 34.15
CA VAL P 15 -32.83 28.82 33.40
C VAL P 15 -32.53 27.44 32.83
N ASP P 16 -32.45 26.45 33.71
CA ASP P 16 -32.31 25.05 33.27
C ASP P 16 -33.52 24.60 32.44
N ASP P 17 -34.68 25.19 32.73
CA ASP P 17 -35.90 24.91 31.96
C ASP P 17 -35.77 25.31 30.48
N THR P 18 -35.10 26.42 30.16
CA THR P 18 -34.88 26.78 28.75
C THR P 18 -33.83 25.91 28.09
N LEU P 19 -32.88 25.42 28.88
CA LEU P 19 -31.91 24.46 28.38
C LEU P 19 -32.61 23.15 28.01
N ALA P 20 -33.69 22.82 28.73
CA ALA P 20 -34.57 21.70 28.36
C ALA P 20 -35.31 21.95 27.05
N ILE P 21 -35.79 23.18 26.88
CA ILE P 21 -36.42 23.60 25.61
C ILE P 21 -35.39 23.49 24.48
N SER P 22 -34.21 24.04 24.71
CA SER P 22 -33.13 24.02 23.72
C SER P 22 -32.72 22.60 23.30
N TYR P 23 -32.58 21.70 24.29
CA TYR P 23 -32.28 20.28 24.01
C TYR P 23 -33.42 19.64 23.22
N ALA P 24 -34.66 19.97 23.59
CA ALA P 24 -35.83 19.41 22.92
C ALA P 24 -35.88 19.84 21.46
N LEU P 25 -35.81 21.14 21.22
CA LEU P 25 -35.83 21.68 19.85
C LEU P 25 -34.58 21.31 19.04
N GLY P 26 -33.47 21.02 19.72
CA GLY P 26 -32.26 20.50 19.07
C GLY P 26 -32.27 19.00 18.78
N SER P 27 -33.33 18.31 19.24
CA SER P 27 -33.44 16.87 19.12
C SER P 27 -34.50 16.49 18.07
N PRO P 28 -34.07 15.88 16.95
CA PRO P 28 -35.01 15.52 15.88
C PRO P 28 -35.91 14.29 16.13
N GLU P 29 -35.70 13.56 17.23
CA GLU P 29 -36.48 12.35 17.51
C GLU P 29 -37.90 12.66 18.02
N MET P 30 -38.09 13.87 18.54
CA MET P 30 -39.36 14.30 19.11
C MET P 30 -39.87 15.54 18.41
N GLU P 31 -41.19 15.63 18.27
CA GLU P 31 -41.85 16.90 17.91
C GLU P 31 -42.37 17.50 19.20
N LEU P 32 -41.84 18.67 19.56
CA LEU P 32 -42.32 19.40 20.74
C LEU P 32 -43.68 20.00 20.41
N ILE P 33 -44.76 19.42 20.94
CA ILE P 33 -46.12 19.86 20.65
C ILE P 33 -46.41 21.16 21.37
N GLY P 34 -46.13 21.20 22.67
CA GLY P 34 -46.39 22.39 23.48
C GLY P 34 -45.58 22.45 24.76
N ILE P 35 -45.55 23.65 25.34
CA ILE P 35 -44.91 23.89 26.62
C ILE P 35 -46.02 24.26 27.59
N THR P 36 -46.35 23.34 28.48
CA THR P 36 -47.23 23.65 29.60
C THR P 36 -46.46 24.49 30.64
N GLY P 37 -47.08 25.56 31.13
CA GLY P 37 -46.44 26.49 32.07
C GLY P 37 -46.82 26.21 33.51
N THR P 38 -45.85 26.23 34.42
CA THR P 38 -46.11 26.10 35.86
C THR P 38 -45.21 27.09 36.61
N TYR P 39 -45.10 26.91 37.93
CA TYR P 39 -44.57 27.93 38.85
C TYR P 39 -43.40 27.37 39.65
N GLY P 40 -42.65 28.25 40.30
CA GLY P 40 -41.56 27.82 41.19
C GLY P 40 -40.35 28.71 41.05
N ASN P 41 -39.54 28.43 40.03
CA ASN P 41 -38.38 29.27 39.69
C ASN P 41 -38.84 30.71 39.48
N VAL P 42 -40.01 30.85 38.87
CA VAL P 42 -40.62 32.15 38.64
C VAL P 42 -42.15 31.99 38.65
N LEU P 43 -42.87 33.11 38.88
CA LEU P 43 -44.34 33.15 38.82
C LEU P 43 -44.88 32.51 37.54
N MET P 44 -46.02 31.84 37.66
CA MET P 44 -46.56 31.03 36.55
C MET P 44 -46.64 31.77 35.21
N GLU P 45 -47.17 32.99 35.26
CA GLU P 45 -47.30 33.86 34.09
C GLU P 45 -45.95 34.18 33.46
N GLN P 46 -44.99 34.60 34.28
CA GLN P 46 -43.61 34.81 33.83
C GLN P 46 -43.04 33.59 33.10
N GLY P 47 -43.37 32.39 33.59
CA GLY P 47 -43.02 31.13 32.91
C GLY P 47 -43.51 31.06 31.48
N VAL P 48 -44.73 31.55 31.25
CA VAL P 48 -45.32 31.60 29.92
C VAL P 48 -44.67 32.67 29.04
N ARG P 49 -44.47 33.89 29.58
CA ARG P 49 -43.82 34.97 28.81
C ARG P 49 -42.45 34.53 28.28
N ASN P 50 -41.70 33.85 29.13
CA ASN P 50 -40.35 33.39 28.80
C ASN P 50 -40.42 32.29 27.76
N ALA P 51 -41.30 31.31 28.00
CA ALA P 51 -41.50 30.19 27.06
C ALA P 51 -41.78 30.66 25.64
N LEU P 52 -42.74 31.59 25.52
CA LEU P 52 -43.11 32.14 24.21
C LEU P 52 -41.91 32.88 23.57
N ALA P 53 -41.33 33.80 24.32
CA ALA P 53 -40.20 34.60 23.86
C ALA P 53 -38.97 33.77 23.43
N ILE P 54 -38.70 32.70 24.18
CA ILE P 54 -37.53 31.86 23.94
C ILE P 54 -37.76 30.91 22.77
N THR P 55 -38.93 30.28 22.71
CA THR P 55 -39.29 29.43 21.57
C THR P 55 -39.19 30.18 20.25
N ASP P 56 -39.67 31.44 20.25
CA ASP P 56 -39.47 32.37 19.13
C ASP P 56 -37.99 32.55 18.81
N LEU P 57 -37.20 32.94 19.80
CA LEU P 57 -35.77 33.26 19.60
C LEU P 57 -34.96 32.12 18.98
N LEU P 58 -35.27 30.88 19.35
CA LEU P 58 -34.54 29.70 18.85
C LEU P 58 -34.96 29.28 17.43
N GLY P 59 -36.05 29.86 16.93
CA GLY P 59 -36.53 29.65 15.57
C GLY P 59 -37.71 28.70 15.48
N HIS P 60 -38.47 28.57 16.56
CA HIS P 60 -39.61 27.65 16.61
C HIS P 60 -40.82 28.30 17.27
N PRO P 61 -41.46 29.26 16.57
CA PRO P 61 -42.68 29.87 17.08
C PRO P 61 -43.96 29.04 16.90
N GLU P 62 -43.85 27.83 16.37
CA GLU P 62 -44.97 26.88 16.32
C GLU P 62 -45.30 26.26 17.67
N VAL P 63 -44.37 26.38 18.64
CA VAL P 63 -44.55 25.77 19.95
C VAL P 63 -45.61 26.54 20.72
N LYS P 64 -46.76 25.89 20.93
CA LYS P 64 -47.92 26.50 21.54
C LYS P 64 -47.80 26.39 23.06
N VAL P 65 -47.82 27.52 23.74
CA VAL P 65 -47.62 27.57 25.19
C VAL P 65 -48.97 27.63 25.90
N TYR P 66 -49.25 26.62 26.73
CA TYR P 66 -50.51 26.53 27.46
C TYR P 66 -50.33 27.00 28.89
N LYS P 67 -51.45 27.20 29.58
CA LYS P 67 -51.49 27.90 30.86
C LYS P 67 -51.95 26.93 31.96
N GLY P 68 -51.01 26.47 32.78
CA GLY P 68 -51.31 25.61 33.93
C GLY P 68 -51.72 26.40 35.16
N LEU P 69 -51.55 25.78 36.34
CA LEU P 69 -52.04 26.32 37.61
C LEU P 69 -50.98 27.20 38.29
N SER P 70 -51.43 28.25 38.98
CA SER P 70 -50.55 29.24 39.64
C SER P 70 -49.98 28.78 40.99
N HIS P 71 -50.82 28.13 41.79
CA HIS P 71 -50.45 27.72 43.17
C HIS P 71 -50.52 26.20 43.33
N ALA P 72 -50.03 25.72 44.46
CA ALA P 72 -49.96 24.28 44.75
C ALA P 72 -51.33 23.64 45.02
N SER P 73 -51.41 22.34 44.70
CA SER P 73 -52.52 21.45 45.09
C SER P 73 -53.23 21.84 46.39
N THR P 74 -52.46 22.07 47.45
CA THR P 74 -52.97 22.32 48.80
C THR P 74 -52.62 23.71 49.37
N LYS P 75 -52.37 24.69 48.50
CA LYS P 75 -52.11 26.08 48.91
C LYS P 75 -53.06 27.03 48.18
N ASP P 76 -53.27 28.22 48.77
CA ASP P 76 -54.12 29.26 48.19
C ASP P 76 -53.37 30.12 47.18
N SER P 77 -52.11 30.45 47.50
CA SER P 77 -51.30 31.37 46.71
C SER P 77 -49.90 30.81 46.41
N PHE P 78 -49.06 31.65 45.81
CA PHE P 78 -47.65 31.33 45.60
C PHE P 78 -46.82 32.60 45.36
N GLU P 79 -45.69 32.71 46.07
CA GLU P 79 -44.70 33.75 45.83
C GLU P 79 -43.39 33.07 45.45
N VAL P 80 -42.58 33.75 44.63
CA VAL P 80 -41.24 33.25 44.30
C VAL P 80 -40.36 33.46 45.54
N LEU P 81 -39.67 32.41 45.96
CA LEU P 81 -38.73 32.49 47.10
C LEU P 81 -37.50 33.29 46.66
N PRO P 82 -36.90 34.08 47.60
CA PRO P 82 -35.75 34.90 47.18
C PRO P 82 -34.51 34.10 46.75
N ILE P 83 -34.41 32.85 47.24
CA ILE P 83 -33.33 31.92 46.85
C ILE P 83 -33.39 31.65 45.34
N SER P 84 -34.58 31.27 44.85
CA SER P 84 -34.79 31.01 43.41
C SER P 84 -34.69 32.28 42.55
N ALA P 85 -35.03 33.44 43.13
CA ALA P 85 -34.81 34.73 42.48
C ALA P 85 -33.32 35.08 42.33
N PHE P 86 -32.49 34.63 43.26
CA PHE P 86 -31.03 34.80 43.17
C PHE P 86 -30.41 33.92 42.08
N ILE P 87 -30.87 32.68 41.99
CA ILE P 87 -30.34 31.70 41.03
C ILE P 87 -30.77 32.01 39.61
N HIS P 88 -32.09 31.99 39.38
CA HIS P 88 -32.66 32.18 38.04
C HIS P 88 -32.94 33.65 37.67
N GLY P 89 -32.76 34.57 38.62
CA GLY P 89 -32.99 36.01 38.39
C GLY P 89 -34.43 36.41 38.59
N ASP P 90 -34.71 37.69 38.34
CA ASP P 90 -36.04 38.26 38.56
C ASP P 90 -37.00 37.88 37.43
N ASN P 91 -36.54 38.10 36.19
CA ASN P 91 -37.27 37.62 35.01
C ASN P 91 -37.31 36.08 34.87
N GLY P 92 -36.39 35.38 35.53
CA GLY P 92 -36.31 33.90 35.50
C GLY P 92 -35.48 33.36 34.35
N ILE P 93 -34.61 34.21 33.78
CA ILE P 93 -33.88 33.91 32.55
C ILE P 93 -32.45 34.50 32.65
N GLY P 94 -31.81 34.34 33.80
CA GLY P 94 -30.68 35.17 34.16
C GLY P 94 -31.25 36.54 34.47
N ASP P 95 -30.71 37.59 33.88
CA ASP P 95 -31.46 38.84 33.77
C ASP P 95 -31.30 39.33 32.35
N VAL P 96 -31.40 38.39 31.42
CA VAL P 96 -31.08 38.63 30.01
C VAL P 96 -32.30 39.25 29.34
N GLU P 97 -32.08 40.40 28.72
CA GLU P 97 -33.15 41.15 28.05
C GLU P 97 -33.41 40.50 26.69
N ILE P 98 -34.68 40.20 26.45
CA ILE P 98 -35.10 39.46 25.27
C ILE P 98 -36.49 39.96 24.87
N PRO P 99 -36.72 40.22 23.56
CA PRO P 99 -38.02 40.75 23.16
C PRO P 99 -39.20 39.82 23.48
N ASP P 100 -40.29 40.39 23.99
CA ASP P 100 -41.53 39.64 24.22
C ASP P 100 -42.03 39.06 22.90
N SER P 101 -42.55 37.85 22.93
CA SER P 101 -43.21 37.29 21.76
C SER P 101 -44.58 37.95 21.60
N PRO P 102 -44.93 38.35 20.38
CA PRO P 102 -46.29 38.85 20.15
C PRO P 102 -47.37 37.76 20.16
N ARG P 103 -46.95 36.48 20.06
CA ARG P 103 -47.84 35.32 20.26
C ARG P 103 -48.15 35.34 21.76
N LYS P 104 -49.28 34.74 22.09
CA LYS P 104 -49.78 34.66 23.46
C LYS P 104 -50.27 33.25 23.80
N ALA P 105 -50.60 33.03 25.06
CA ALA P 105 -50.99 31.69 25.54
C ALA P 105 -52.26 31.21 24.88
N GLU P 106 -52.36 29.91 24.63
CA GLU P 106 -53.55 29.31 24.04
C GLU P 106 -54.74 29.43 24.99
N ASP P 107 -55.94 29.26 24.44
CA ASP P 107 -57.18 29.57 25.17
C ASP P 107 -57.43 28.56 26.27
N GLU P 108 -57.31 27.28 25.94
CA GLU P 108 -57.56 26.20 26.91
C GLU P 108 -56.46 26.08 27.97
N SER P 109 -56.84 25.50 29.11
CA SER P 109 -55.90 25.24 30.20
C SER P 109 -54.95 24.10 29.82
N ALA P 110 -53.80 24.09 30.48
CA ALA P 110 -52.78 23.08 30.23
C ALA P 110 -53.20 21.71 30.78
N VAL P 111 -54.00 21.74 31.84
CA VAL P 111 -54.65 20.54 32.37
C VAL P 111 -55.37 19.80 31.22
N ASP P 112 -56.23 20.52 30.51
CA ASP P 112 -57.01 19.95 29.40
C ASP P 112 -56.18 19.63 28.16
N PHE P 113 -55.15 20.44 27.89
CA PHE P 113 -54.23 20.18 26.78
C PHE P 113 -53.52 18.83 26.92
N ILE P 114 -53.09 18.53 28.15
CA ILE P 114 -52.45 17.26 28.47
C ILE P 114 -53.44 16.10 28.23
N ILE P 115 -54.62 16.22 28.83
CA ILE P 115 -55.64 15.17 28.73
C ILE P 115 -56.00 14.92 27.26
N ASP P 116 -56.21 16.01 26.52
CA ASP P 116 -56.52 15.95 25.09
C ASP P 116 -55.37 15.32 24.30
N SER P 117 -54.13 15.78 24.56
CA SER P 117 -52.93 15.24 23.89
C SER P 117 -52.72 13.74 24.14
N VAL P 118 -53.08 13.28 25.35
CA VAL P 118 -53.02 11.85 25.68
C VAL P 118 -53.99 11.06 24.81
N LYS P 119 -55.21 11.56 24.67
CA LYS P 119 -56.21 10.88 23.84
C LYS P 119 -55.92 10.97 22.34
N LYS P 120 -55.25 12.02 21.90
CA LYS P 120 -54.85 12.14 20.48
C LYS P 120 -53.68 11.21 20.15
N TYR P 121 -52.57 11.40 20.85
CA TYR P 121 -51.31 10.74 20.49
C TYR P 121 -51.01 9.46 21.29
N GLY P 122 -51.80 9.17 22.33
CA GLY P 122 -51.72 7.91 23.05
C GLY P 122 -50.32 7.55 23.52
N LYS P 123 -49.81 6.41 23.03
CA LYS P 123 -48.50 5.90 23.42
C LYS P 123 -47.31 6.52 22.65
N ASP P 124 -47.59 7.39 21.69
CA ASP P 124 -46.54 8.21 21.07
C ASP P 124 -46.22 9.46 21.90
N LEU P 125 -47.09 9.81 22.86
CA LEU P 125 -46.90 11.00 23.70
C LEU P 125 -45.91 10.78 24.84
N VAL P 126 -45.05 11.77 25.07
CA VAL P 126 -44.07 11.77 26.14
C VAL P 126 -44.15 13.10 26.88
N TYR P 127 -44.53 13.06 28.16
CA TYR P 127 -44.70 14.27 28.97
C TYR P 127 -43.52 14.40 29.93
N VAL P 128 -42.79 15.51 29.88
CA VAL P 128 -41.52 15.69 30.57
C VAL P 128 -41.57 16.94 31.45
N PRO P 129 -42.11 16.80 32.67
CA PRO P 129 -42.28 17.93 33.59
C PRO P 129 -41.05 18.20 34.43
N THR P 130 -40.46 19.38 34.29
CA THR P 130 -39.31 19.78 35.10
C THR P 130 -39.64 21.01 35.96
N GLY P 131 -40.92 21.12 36.30
CA GLY P 131 -41.37 21.99 37.37
C GLY P 131 -42.17 21.11 38.32
N PRO P 132 -42.88 21.73 39.27
CA PRO P 132 -43.85 21.02 40.09
C PRO P 132 -44.82 20.15 39.32
N MET P 133 -45.26 19.07 39.97
CA MET P 133 -46.14 18.10 39.36
C MET P 133 -47.61 18.54 39.38
N THR P 134 -47.89 19.64 40.10
CA THR P 134 -49.22 20.25 40.21
C THR P 134 -50.16 20.08 39.02
N ASN P 135 -49.63 20.31 37.83
CA ASN P 135 -50.41 20.23 36.60
C ASN P 135 -50.88 18.81 36.29
N ILE P 136 -49.95 17.87 36.14
CA ILE P 136 -50.33 16.48 35.83
C ILE P 136 -51.07 15.74 36.96
N ALA P 137 -50.94 16.23 38.20
CA ALA P 137 -51.77 15.75 39.31
C ALA P 137 -53.24 16.08 39.08
N ALA P 138 -53.51 17.33 38.71
CA ALA P 138 -54.84 17.78 38.33
C ALA P 138 -55.39 17.06 37.09
N ALA P 139 -54.49 16.76 36.13
CA ALA P 139 -54.86 16.01 34.93
C ALA P 139 -55.27 14.57 35.26
N LEU P 140 -54.44 13.89 36.03
CA LEU P 140 -54.73 12.52 36.50
C LEU P 140 -55.95 12.46 37.42
N LYS P 141 -56.11 13.51 38.24
CA LYS P 141 -57.33 13.70 39.04
C LYS P 141 -58.57 13.74 38.12
N LYS P 142 -58.63 14.72 37.21
CA LYS P 142 -59.79 14.88 36.31
C LYS P 142 -60.00 13.69 35.35
N ALA P 143 -58.90 13.15 34.82
CA ALA P 143 -58.97 12.03 33.87
C ALA P 143 -57.94 10.94 34.24
N PRO P 144 -58.31 10.02 35.16
CA PRO P 144 -57.35 8.97 35.57
C PRO P 144 -57.00 7.94 34.49
N GLU P 145 -57.80 7.83 33.42
CA GLU P 145 -57.50 6.95 32.27
C GLU P 145 -56.09 7.15 31.72
N ILE P 146 -55.64 8.41 31.74
CA ILE P 146 -54.30 8.83 31.28
C ILE P 146 -53.21 7.79 31.58
N LYS P 147 -53.17 7.35 32.84
CA LYS P 147 -52.22 6.33 33.35
C LYS P 147 -51.76 5.32 32.29
N ASP P 148 -52.74 4.60 31.74
CA ASP P 148 -52.49 3.49 30.83
C ASP P 148 -52.40 3.98 29.38
N GLU P 149 -53.13 5.05 29.06
CA GLU P 149 -53.14 5.63 27.70
C GLU P 149 -51.83 6.33 27.31
N ILE P 150 -51.22 7.06 28.24
CA ILE P 150 -49.98 7.82 27.95
C ILE P 150 -48.77 6.91 27.69
N GLY P 151 -47.88 7.37 26.82
CA GLY P 151 -46.67 6.64 26.45
C GLY P 151 -45.70 6.55 27.60
N LYS P 152 -45.15 7.69 28.01
CA LYS P 152 -44.31 7.78 29.20
C LYS P 152 -44.17 9.19 29.76
N ILE P 153 -44.06 9.27 31.09
CA ILE P 153 -43.72 10.49 31.80
C ILE P 153 -42.27 10.38 32.24
N VAL P 154 -41.51 11.47 32.15
CA VAL P 154 -40.08 11.48 32.52
C VAL P 154 -39.77 12.81 33.20
N LEU P 155 -39.94 12.87 34.51
CA LEU P 155 -39.80 14.12 35.26
C LEU P 155 -38.37 14.39 35.73
N MET P 156 -38.12 15.65 36.06
CA MET P 156 -36.93 16.05 36.81
C MET P 156 -37.41 16.53 38.16
N GLY P 157 -36.87 15.92 39.22
CA GLY P 157 -37.26 16.22 40.58
C GLY P 157 -36.96 15.08 41.54
N GLY P 158 -37.05 15.39 42.83
CA GLY P 158 -36.80 14.42 43.89
C GLY P 158 -35.34 14.06 44.12
N ALA P 159 -35.14 13.24 45.15
CA ALA P 159 -33.83 12.65 45.46
C ALA P 159 -34.09 11.37 46.25
N LEU P 160 -33.73 10.22 45.69
CA LEU P 160 -34.00 8.93 46.32
C LEU P 160 -32.89 8.58 47.28
N THR P 161 -31.69 8.39 46.73
CA THR P 161 -30.57 7.83 47.47
C THR P 161 -29.64 8.89 48.08
N ILE P 162 -30.10 10.14 48.17
CA ILE P 162 -29.21 11.24 48.52
C ILE P 162 -29.96 12.41 49.17
N HIS P 163 -29.21 13.35 49.73
CA HIS P 163 -29.79 14.56 50.31
C HIS P 163 -30.46 15.42 49.24
N GLY P 164 -31.64 15.95 49.57
CA GLY P 164 -32.30 16.95 48.74
C GLY P 164 -31.54 18.27 48.77
N ASN P 165 -32.04 19.26 48.02
CA ASN P 165 -31.41 20.59 47.96
C ASN P 165 -32.14 21.70 48.72
N VAL P 166 -33.45 21.53 48.97
CA VAL P 166 -34.20 22.52 49.78
C VAL P 166 -33.89 22.31 51.25
N ASN P 167 -34.07 21.08 51.70
CA ASN P 167 -33.65 20.63 53.02
C ASN P 167 -32.85 19.33 52.83
N ALA P 168 -32.54 18.62 53.90
CA ALA P 168 -31.81 17.35 53.79
C ALA P 168 -32.58 16.20 53.10
N TRP P 169 -33.91 16.32 52.97
CA TRP P 169 -34.75 15.23 52.47
C TRP P 169 -35.71 15.56 51.31
N THR P 170 -35.77 16.81 50.85
CA THR P 170 -36.67 17.19 49.75
C THR P 170 -35.95 17.99 48.66
N GLU P 171 -36.41 17.84 47.42
CA GLU P 171 -35.89 18.58 46.28
C GLU P 171 -36.91 19.62 45.79
N ALA P 172 -36.41 20.73 45.25
CA ALA P 172 -37.22 21.92 44.86
C ALA P 172 -38.58 21.63 44.20
N ASN P 173 -38.57 21.05 43.00
CA ASN P 173 -39.81 20.77 42.24
C ASN P 173 -40.83 19.91 43.04
N ILE P 174 -40.34 18.98 43.84
CA ILE P 174 -41.20 18.18 44.71
C ILE P 174 -41.63 19.01 45.93
N SER P 175 -40.69 19.77 46.48
CA SER P 175 -40.96 20.65 47.64
C SER P 175 -42.14 21.59 47.43
N GLN P 176 -42.25 22.16 46.23
CA GLN P 176 -43.26 23.18 45.93
C GLN P 176 -44.68 22.60 45.95
N ASP P 177 -44.82 21.34 45.52
CA ASP P 177 -46.08 20.61 45.67
C ASP P 177 -45.79 19.11 45.85
N PRO P 178 -45.65 18.67 47.11
CA PRO P 178 -45.45 17.28 47.44
C PRO P 178 -46.69 16.41 47.17
N ASP P 179 -47.87 16.93 47.51
CA ASP P 179 -49.10 16.15 47.45
C ASP P 179 -49.41 15.74 46.02
N ALA P 180 -49.14 16.65 45.09
CA ALA P 180 -49.26 16.39 43.66
C ALA P 180 -48.29 15.31 43.20
N ALA P 181 -47.03 15.48 43.58
CA ALA P 181 -45.99 14.49 43.27
C ALA P 181 -46.35 13.10 43.77
N ASP P 182 -46.93 13.02 44.98
CA ASP P 182 -47.39 11.76 45.53
C ASP P 182 -48.45 11.12 44.61
N ILE P 183 -49.43 11.93 44.23
CA ILE P 183 -50.53 11.46 43.37
C ILE P 183 -49.98 10.88 42.06
N LEU P 184 -49.02 11.58 41.46
CA LEU P 184 -48.36 11.11 40.24
C LEU P 184 -47.66 9.77 40.42
N PHE P 185 -46.82 9.68 41.46
CA PHE P 185 -45.98 8.50 41.68
C PHE P 185 -46.86 7.27 41.93
N ARG P 186 -47.84 7.45 42.82
CA ARG P 186 -48.83 6.42 43.14
C ARG P 186 -49.78 6.08 42.00
N SER P 187 -50.06 7.03 41.11
CA SER P 187 -50.96 6.82 39.95
C SER P 187 -50.77 5.49 39.22
N GLY P 188 -49.52 5.07 39.08
CA GLY P 188 -49.17 3.87 38.33
C GLY P 188 -48.85 4.18 36.89
N ALA P 189 -48.76 5.46 36.55
CA ALA P 189 -48.34 5.88 35.22
C ALA P 189 -46.88 5.52 35.05
N PRO P 190 -46.45 5.28 33.79
CA PRO P 190 -45.06 4.92 33.52
C PRO P 190 -44.09 6.07 33.68
N VAL P 191 -43.81 6.45 34.92
CA VAL P 191 -42.93 7.57 35.26
C VAL P 191 -41.47 7.11 35.30
N THR P 192 -40.56 8.03 35.01
CA THR P 192 -39.13 7.86 35.20
C THR P 192 -38.64 9.10 35.94
N MET P 193 -38.31 8.94 37.22
CA MET P 193 -37.81 10.05 38.03
C MET P 193 -36.33 10.27 37.73
N ILE P 194 -35.96 11.50 37.37
CA ILE P 194 -34.57 11.87 37.21
C ILE P 194 -34.26 12.93 38.27
N GLY P 195 -33.80 12.45 39.42
CA GLY P 195 -33.57 13.28 40.59
C GLY P 195 -32.12 13.67 40.77
N LEU P 196 -31.84 14.27 41.93
CA LEU P 196 -30.53 14.83 42.24
C LEU P 196 -29.42 13.80 42.20
N ASP P 197 -29.73 12.59 42.70
CA ASP P 197 -28.81 11.43 42.62
C ASP P 197 -28.15 11.21 41.26
N VAL P 198 -28.81 11.67 40.20
CA VAL P 198 -28.24 11.68 38.85
C VAL P 198 -27.86 13.09 38.34
N THR P 199 -28.70 14.10 38.61
CA THR P 199 -28.46 15.46 38.04
C THR P 199 -27.27 16.20 38.64
N LEU P 200 -26.93 15.90 39.90
CA LEU P 200 -25.77 16.51 40.55
C LEU P 200 -24.43 15.94 40.06
N GLN P 201 -24.47 14.83 39.33
CA GLN P 201 -23.31 14.33 38.58
C GLN P 201 -23.03 15.13 37.29
N THR P 202 -24.09 15.74 36.72
CA THR P 202 -23.95 16.61 35.55
C THR P 202 -23.35 17.96 35.89
N LEU P 203 -22.63 18.52 34.93
CA LEU P 203 -21.90 19.78 35.13
C LEU P 203 -21.61 20.48 33.80
N LEU P 204 -21.71 21.81 33.78
CA LEU P 204 -21.03 22.62 32.76
C LEU P 204 -20.54 23.96 33.31
N THR P 205 -19.44 24.43 32.74
CA THR P 205 -18.69 25.60 33.20
C THR P 205 -18.65 26.62 32.06
N TYR P 206 -17.92 27.73 32.26
CA TYR P 206 -17.73 28.74 31.21
C TYR P 206 -17.00 28.22 29.96
N LYS P 207 -16.21 27.14 30.10
CA LYS P 207 -15.61 26.44 28.96
C LYS P 207 -16.65 26.09 27.89
N GLU P 208 -17.84 25.68 28.35
CA GLU P 208 -18.95 25.26 27.47
C GLU P 208 -19.77 26.46 26.93
N THR P 209 -19.98 27.49 27.77
CA THR P 209 -20.79 28.66 27.35
C THR P 209 -20.02 29.59 26.40
N LYS P 210 -18.69 29.62 26.51
CA LYS P 210 -17.83 30.34 25.57
C LYS P 210 -17.93 29.78 24.15
N GLN P 211 -18.23 28.48 24.02
CA GLN P 211 -18.47 27.86 22.70
C GLN P 211 -19.74 28.37 22.02
N TRP P 212 -20.78 28.63 22.82
CA TRP P 212 -22.03 29.21 22.31
C TRP P 212 -21.85 30.67 21.85
N ARG P 213 -21.00 31.42 22.55
CA ARG P 213 -20.64 32.79 22.13
C ARG P 213 -19.92 32.81 20.78
N ASP P 214 -19.07 31.80 20.54
CA ASP P 214 -18.32 31.67 19.27
C ASP P 214 -19.20 31.50 18.02
N LEU P 215 -20.44 31.04 18.20
CA LEU P 215 -21.39 30.89 17.09
C LEU P 215 -21.94 32.23 16.57
N ASN P 216 -21.85 33.29 17.39
CA ASN P 216 -22.17 34.68 17.00
C ASN P 216 -23.64 34.95 16.66
N THR P 217 -24.55 34.10 17.14
CA THR P 217 -25.98 34.22 16.82
C THR P 217 -26.74 34.93 17.93
N LYS P 218 -27.99 35.32 17.62
CA LYS P 218 -28.91 35.87 18.61
C LYS P 218 -29.11 34.85 19.74
N ALA P 219 -29.37 33.59 19.35
CA ALA P 219 -29.59 32.49 20.30
C ALA P 219 -28.33 32.09 21.09
N GLY P 220 -27.20 31.99 20.40
CA GLY P 220 -25.93 31.64 21.02
C GLY P 220 -25.52 32.59 22.13
N LYS P 221 -25.60 33.89 21.84
CA LYS P 221 -25.30 34.94 22.83
C LYS P 221 -26.30 34.92 24.01
N PHE P 222 -27.57 34.64 23.72
CA PHE P 222 -28.60 34.56 24.78
C PHE P 222 -28.33 33.44 25.77
N LEU P 223 -28.21 32.21 25.27
CA LEU P 223 -27.99 31.03 26.12
C LEU P 223 -26.70 31.13 26.93
N ALA P 224 -25.67 31.75 26.35
CA ALA P 224 -24.40 31.99 27.04
C ALA P 224 -24.56 32.99 28.19
N ASP P 225 -25.10 34.17 27.86
CA ASP P 225 -25.41 35.22 28.87
C ASP P 225 -26.28 34.69 30.01
N MET P 226 -27.27 33.88 29.65
CA MET P 226 -28.23 33.34 30.60
C MET P 226 -27.60 32.38 31.60
N THR P 227 -26.95 31.33 31.09
CA THR P 227 -26.34 30.31 31.94
C THR P 227 -25.12 30.80 32.71
N ASP P 228 -24.50 31.89 32.25
CA ASP P 228 -23.41 32.55 33.01
C ASP P 228 -23.92 33.27 34.26
N PHE P 229 -25.14 33.80 34.23
CA PHE P 229 -25.82 34.29 35.45
C PHE P 229 -26.07 33.13 36.42
N TYR P 230 -26.53 32.01 35.84
CA TYR P 230 -26.82 30.77 36.56
C TYR P 230 -25.56 30.16 37.21
N ILE P 231 -24.42 30.25 36.52
CA ILE P 231 -23.14 29.76 37.07
C ILE P 231 -22.62 30.67 38.19
N LYS P 232 -22.68 31.99 37.99
CA LYS P 232 -22.24 32.97 39.01
C LYS P 232 -23.08 32.94 40.28
N ALA P 233 -24.36 32.56 40.14
CA ALA P 233 -25.20 32.24 41.29
C ALA P 233 -24.72 30.96 41.97
N TYR P 234 -24.45 29.92 41.18
CA TYR P 234 -23.89 28.66 41.71
C TYR P 234 -22.50 28.83 42.34
N GLU P 235 -21.71 29.79 41.85
CA GLU P 235 -20.42 30.13 42.49
C GLU P 235 -20.55 30.51 43.97
N THR P 236 -21.68 31.10 44.38
CA THR P 236 -21.96 31.43 45.79
C THR P 236 -22.83 30.36 46.51
N THR P 237 -23.87 29.86 45.85
CA THR P 237 -24.76 28.85 46.46
C THR P 237 -24.16 27.44 46.55
N ALA P 238 -23.17 27.15 45.70
CA ALA P 238 -22.51 25.84 45.69
C ALA P 238 -21.14 25.91 44.99
N PRO P 239 -20.14 26.54 45.62
CA PRO P 239 -18.77 26.59 45.05
C PRO P 239 -18.03 25.24 45.01
N HIS P 240 -18.56 24.22 45.70
CA HIS P 240 -18.04 22.84 45.62
C HIS P 240 -18.22 22.15 44.24
N LEU P 241 -19.00 22.74 43.32
CA LEU P 241 -19.17 22.21 41.95
C LEU P 241 -18.36 22.99 40.87
N GLY P 242 -18.24 24.32 41.03
CA GLY P 242 -17.45 25.16 40.10
C GLY P 242 -18.22 25.78 38.93
N GLY P 243 -19.16 25.02 38.38
CA GLY P 243 -20.08 25.49 37.34
C GLY P 243 -21.52 25.31 37.80
N CYS P 244 -22.37 24.72 36.95
CA CYS P 244 -23.80 24.56 37.25
C CYS P 244 -24.31 23.17 36.90
N GLY P 245 -25.40 22.77 37.55
CA GLY P 245 -26.05 21.49 37.30
C GLY P 245 -26.91 21.54 36.05
N LEU P 246 -26.97 20.41 35.34
CA LEU P 246 -27.83 20.27 34.16
C LEU P 246 -29.02 19.41 34.54
N HIS P 247 -29.93 20.02 35.31
CA HIS P 247 -31.01 19.27 35.95
C HIS P 247 -32.11 18.92 34.95
N ASP P 248 -32.81 19.94 34.47
CA ASP P 248 -34.01 19.79 33.64
C ASP P 248 -33.72 19.23 32.24
N PRO P 249 -32.58 19.62 31.61
CA PRO P 249 -32.24 19.05 30.30
C PRO P 249 -32.09 17.54 30.29
N LEU P 250 -31.52 17.00 31.37
CA LEU P 250 -31.26 15.57 31.46
C LEU P 250 -32.54 14.76 31.41
N ALA P 251 -33.62 15.29 31.99
CA ALA P 251 -34.94 14.66 31.88
C ALA P 251 -35.37 14.49 30.43
N VAL P 252 -35.14 15.54 29.64
CA VAL P 252 -35.46 15.51 28.20
C VAL P 252 -34.54 14.52 27.48
N ALA P 253 -33.25 14.56 27.81
CA ALA P 253 -32.27 13.65 27.21
C ALA P 253 -32.63 12.18 27.41
N VAL P 254 -33.16 11.86 28.59
CA VAL P 254 -33.58 10.49 28.93
C VAL P 254 -34.92 10.14 28.28
N ALA P 255 -35.76 11.15 28.07
CA ALA P 255 -36.99 10.98 27.31
C ALA P 255 -36.69 10.54 25.88
N VAL P 256 -35.70 11.17 25.24
CA VAL P 256 -35.31 10.80 23.87
C VAL P 256 -34.49 9.50 23.86
N ASP P 257 -33.57 9.37 24.81
CA ASP P 257 -32.65 8.22 24.86
C ASP P 257 -32.55 7.69 26.29
N PRO P 258 -33.40 6.70 26.65
CA PRO P 258 -33.36 6.18 28.03
C PRO P 258 -32.08 5.43 28.43
N THR P 259 -31.20 5.11 27.47
CA THR P 259 -29.91 4.47 27.77
C THR P 259 -28.86 5.43 28.37
N LEU P 260 -29.14 6.74 28.40
CA LEU P 260 -28.25 7.68 29.10
C LEU P 260 -28.20 7.48 30.61
N VAL P 261 -29.21 6.79 31.16
CA VAL P 261 -29.38 6.64 32.59
C VAL P 261 -29.52 5.14 32.95
N THR P 262 -29.12 4.79 34.17
CA THR P 262 -29.34 3.47 34.75
C THR P 262 -30.38 3.61 35.86
N THR P 263 -31.53 2.97 35.69
CA THR P 263 -32.65 3.12 36.60
C THR P 263 -32.79 1.95 37.54
N LEU P 264 -33.51 2.19 38.63
CA LEU P 264 -33.83 1.19 39.63
C LEU P 264 -35.33 0.99 39.64
N PRO P 265 -35.83 -0.15 39.11
CA PRO P 265 -37.28 -0.42 39.18
C PRO P 265 -37.78 -0.41 40.60
N ILE P 266 -38.76 0.44 40.89
CA ILE P 266 -39.20 0.67 42.28
C ILE P 266 -40.56 1.36 42.35
N ASN P 267 -41.52 0.74 43.03
CA ASN P 267 -42.78 1.39 43.34
C ASN P 267 -42.54 2.48 44.38
N MET P 268 -42.92 3.72 44.04
CA MET P 268 -42.56 4.92 44.80
C MET P 268 -43.75 5.64 45.41
N GLN P 269 -43.43 6.58 46.29
CA GLN P 269 -44.38 7.51 46.89
C GLN P 269 -43.66 8.80 47.21
N VAL P 270 -44.42 9.79 47.68
CA VAL P 270 -43.83 10.99 48.26
C VAL P 270 -44.45 11.17 49.63
N ASP P 271 -43.60 11.52 50.59
CA ASP P 271 -44.03 11.66 51.97
C ASP P 271 -44.83 12.94 52.10
N VAL P 272 -46.00 12.82 52.70
CA VAL P 272 -46.95 13.93 52.86
C VAL P 272 -47.10 14.31 54.34
N GLU P 273 -47.24 13.32 55.24
CA GLU P 273 -47.64 13.59 56.63
C GLU P 273 -46.52 13.92 57.60
N GLY P 274 -45.44 13.15 57.56
CA GLY P 274 -44.40 13.21 58.59
C GLY P 274 -43.50 14.43 58.57
N PRO P 275 -42.47 14.45 59.43
CA PRO P 275 -41.44 15.50 59.36
C PRO P 275 -40.47 15.30 58.20
N THR P 276 -40.63 14.19 57.46
CA THR P 276 -40.01 13.98 56.16
C THR P 276 -40.90 14.40 54.97
N ARG P 277 -41.90 15.27 55.19
CA ARG P 277 -42.80 15.73 54.13
C ARG P 277 -42.01 16.29 52.94
N GLY P 278 -42.29 15.77 51.75
CA GLY P 278 -41.63 16.17 50.49
C GLY P 278 -40.49 15.27 50.03
N ARG P 279 -40.28 14.17 50.75
CA ARG P 279 -39.21 13.21 50.43
C ARG P 279 -39.75 12.20 49.42
N THR P 280 -38.92 11.90 48.42
CA THR P 280 -39.19 10.86 47.46
C THR P 280 -38.61 9.57 48.00
N ILE P 281 -39.44 8.53 48.13
CA ILE P 281 -39.04 7.30 48.78
C ILE P 281 -39.92 6.13 48.34
N GLY P 282 -39.37 4.92 48.37
CA GLY P 282 -40.13 3.72 48.00
C GLY P 282 -41.26 3.42 48.96
N ASP P 283 -42.39 2.98 48.41
CA ASP P 283 -43.52 2.55 49.22
C ASP P 283 -43.27 1.10 49.58
N VAL P 284 -43.30 0.82 50.89
CA VAL P 284 -43.02 -0.52 51.41
C VAL P 284 -44.13 -1.46 50.98
N THR P 285 -45.37 -0.97 51.09
CA THR P 285 -46.57 -1.69 50.69
C THR P 285 -46.44 -2.37 49.34
N ARG P 286 -45.83 -1.66 48.38
CA ARG P 286 -45.64 -2.19 47.03
C ARG P 286 -44.18 -2.62 46.75
N LEU P 287 -43.47 -3.05 47.79
CA LEU P 287 -42.11 -3.57 47.60
C LEU P 287 -42.15 -4.99 47.04
N ASN P 288 -42.98 -5.83 47.65
CA ASN P 288 -43.13 -7.22 47.23
C ASN P 288 -44.00 -7.43 45.99
N ASP P 289 -44.73 -6.39 45.58
CA ASP P 289 -45.41 -6.36 44.28
C ASP P 289 -44.32 -6.37 43.18
N PRO P 290 -44.24 -7.44 42.37
CA PRO P 290 -43.17 -7.50 41.34
C PRO P 290 -43.32 -6.48 40.21
N VAL P 291 -44.53 -6.02 39.95
CA VAL P 291 -44.79 -5.03 38.91
C VAL P 291 -44.38 -3.66 39.43
N LYS P 292 -43.31 -3.11 38.85
CA LYS P 292 -42.77 -1.81 39.25
C LYS P 292 -43.31 -0.69 38.36
N THR P 293 -44.08 0.23 38.97
CA THR P 293 -44.80 1.28 38.22
C THR P 293 -43.87 2.34 37.63
N MET P 294 -42.86 2.76 38.39
CA MET P 294 -41.89 3.76 37.93
C MET P 294 -40.45 3.37 38.24
N GLN P 295 -39.50 4.13 37.68
CA GLN P 295 -38.07 3.80 37.75
C GLN P 295 -37.29 5.06 38.12
N VAL P 296 -36.43 4.96 39.14
CA VAL P 296 -35.64 6.10 39.58
C VAL P 296 -34.22 5.97 39.05
N ALA P 297 -33.69 7.09 38.55
CA ALA P 297 -32.38 7.13 37.96
C ALA P 297 -31.37 7.18 39.06
N VAL P 298 -30.37 6.30 38.98
CA VAL P 298 -29.29 6.25 39.97
C VAL P 298 -27.89 6.42 39.36
N GLY P 299 -27.68 5.89 38.15
CA GLY P 299 -26.44 6.10 37.39
C GLY P 299 -26.71 6.86 36.11
N VAL P 300 -25.65 7.44 35.55
CA VAL P 300 -25.77 8.28 34.35
C VAL P 300 -24.45 8.37 33.59
N ASP P 301 -24.54 8.39 32.27
CA ASP P 301 -23.37 8.52 31.37
C ASP P 301 -23.09 10.00 31.16
N VAL P 302 -22.38 10.62 32.11
CA VAL P 302 -22.23 12.08 32.16
C VAL P 302 -21.49 12.67 30.94
N PRO P 303 -20.36 12.05 30.53
CA PRO P 303 -19.63 12.59 29.37
C PRO P 303 -20.37 12.47 28.02
N ARG P 304 -21.16 11.41 27.87
CA ARG P 304 -21.98 11.23 26.67
C ARG P 304 -23.18 12.18 26.67
N PHE P 305 -23.82 12.35 27.82
CA PHE P 305 -24.89 13.34 27.98
C PHE P 305 -24.38 14.76 27.70
N LEU P 306 -23.23 15.11 28.27
CA LEU P 306 -22.61 16.43 28.02
C LEU P 306 -22.29 16.66 26.54
N ASN P 307 -21.88 15.61 25.84
CA ASN P 307 -21.63 15.68 24.39
C ASN P 307 -22.93 15.80 23.58
N GLU P 308 -23.91 14.98 23.94
CA GLU P 308 -25.26 15.02 23.32
C GLU P 308 -25.90 16.40 23.52
N PHE P 309 -25.77 16.93 24.73
CA PHE P 309 -26.27 18.26 25.13
C PHE P 309 -25.69 19.39 24.27
N MET P 310 -24.36 19.44 24.18
CA MET P 310 -23.68 20.50 23.42
C MET P 310 -23.89 20.38 21.91
N THR P 311 -23.86 19.15 21.39
CA THR P 311 -24.11 18.90 19.95
C THR P 311 -25.49 19.40 19.54
N ARG P 312 -26.52 19.03 20.30
CA ARG P 312 -27.90 19.42 20.00
C ARG P 312 -28.14 20.92 20.12
N ILE P 313 -27.66 21.52 21.21
CA ILE P 313 -27.93 22.94 21.51
C ILE P 313 -27.07 23.87 20.66
N SER P 314 -25.79 23.54 20.47
CA SER P 314 -24.93 24.32 19.56
C SER P 314 -25.40 24.27 18.10
N GLY P 315 -25.97 23.12 17.70
CA GLY P 315 -26.61 22.97 16.39
C GLY P 315 -27.85 23.84 16.22
N LEU P 316 -28.66 23.94 17.27
CA LEU P 316 -29.85 24.79 17.28
C LEU P 316 -29.50 26.27 17.33
N ALA P 317 -28.52 26.64 18.15
CA ALA P 317 -28.06 28.03 18.24
C ALA P 317 -27.48 28.57 16.94
N LYS P 318 -26.84 27.69 16.15
CA LYS P 318 -26.35 28.04 14.81
C LYS P 318 -27.50 28.39 13.84
N ILE P 319 -28.65 27.72 13.99
CA ILE P 319 -29.83 27.96 13.14
C ILE P 319 -30.51 29.34 13.34
N ALA P 320 -30.49 29.89 14.56
CA ALA P 320 -31.03 31.24 14.79
C ALA P 320 -29.95 32.32 14.64
N LYS Q 5 7.05 -4.65 2.12
CA LYS Q 5 6.26 -5.22 3.27
C LYS Q 5 5.14 -4.26 3.64
N LYS Q 6 3.96 -4.82 3.96
CA LYS Q 6 2.72 -4.04 4.05
C LYS Q 6 1.88 -4.38 5.27
N LEU Q 7 1.33 -3.35 5.92
CA LEU Q 7 0.79 -3.43 7.28
C LEU Q 7 -0.71 -3.13 7.34
N ILE Q 8 -1.44 -3.92 8.12
CA ILE Q 8 -2.82 -3.60 8.50
C ILE Q 8 -2.89 -3.58 10.03
N LEU Q 9 -3.39 -2.49 10.60
CA LEU Q 9 -3.72 -2.43 12.02
C LEU Q 9 -5.20 -2.75 12.21
N ASP Q 10 -5.54 -3.40 13.33
CA ASP Q 10 -6.93 -3.73 13.68
C ASP Q 10 -7.14 -3.13 15.08
N LEU Q 11 -7.82 -1.98 15.14
CA LEU Q 11 -7.74 -1.08 16.31
C LEU Q 11 -9.07 -0.71 16.96
N ASP Q 12 -9.08 -0.74 18.28
CA ASP Q 12 -10.16 -0.18 19.11
C ASP Q 12 -9.71 1.20 19.59
N THR Q 13 -9.67 2.15 18.67
CA THR Q 13 -8.92 3.39 18.85
C THR Q 13 -9.60 4.41 19.80
N GLY Q 14 -9.12 4.63 21.03
CA GLY Q 14 -7.99 3.94 21.69
C GLY Q 14 -6.75 4.82 21.80
N VAL Q 15 -6.25 5.00 23.02
CA VAL Q 15 -5.11 5.89 23.27
C VAL Q 15 -3.80 5.27 22.84
N ASP Q 16 -3.49 4.11 23.41
CA ASP Q 16 -2.33 3.32 22.97
C ASP Q 16 -2.47 2.89 21.50
N ASP Q 17 -3.71 2.70 21.06
CA ASP Q 17 -3.98 2.37 19.66
C ASP Q 17 -3.53 3.46 18.68
N THR Q 18 -3.66 4.74 19.03
CA THR Q 18 -3.14 5.81 18.16
C THR Q 18 -1.63 5.93 18.21
N LEU Q 19 -1.05 5.55 19.35
CA LEU Q 19 0.40 5.47 19.46
C LEU Q 19 0.93 4.37 18.55
N ALA Q 20 0.14 3.31 18.35
CA ALA Q 20 0.44 2.27 17.36
C ALA Q 20 0.38 2.81 15.93
N ILE Q 21 -0.64 3.63 15.66
CA ILE Q 21 -0.76 4.31 14.36
C ILE Q 21 0.46 5.21 14.15
N SER Q 22 0.76 6.02 15.17
CA SER Q 22 1.90 6.95 15.11
C SER Q 22 3.23 6.24 14.86
N TYR Q 23 3.47 5.13 15.56
CA TYR Q 23 4.69 4.32 15.35
C TYR Q 23 4.70 3.75 13.93
N ALA Q 24 3.54 3.30 13.46
CA ALA Q 24 3.43 2.71 12.13
C ALA Q 24 3.75 3.74 11.05
N LEU Q 25 3.07 4.89 11.10
CA LEU Q 25 3.31 5.96 10.13
C LEU Q 25 4.70 6.60 10.27
N GLY Q 26 5.30 6.51 11.46
CA GLY Q 26 6.69 6.94 11.67
C GLY Q 26 7.75 5.94 11.22
N SER Q 27 7.32 4.74 10.80
CA SER Q 27 8.21 3.66 10.44
C SER Q 27 8.23 3.43 8.93
N PRO Q 28 9.37 3.70 8.27
CA PRO Q 28 9.45 3.57 6.80
C PRO Q 28 9.54 2.13 6.25
N GLU Q 29 9.67 1.12 7.11
CA GLU Q 29 9.82 -0.26 6.65
C GLU Q 29 8.49 -0.89 6.19
N MET Q 30 7.38 -0.30 6.62
CA MET Q 30 6.04 -0.80 6.29
C MET Q 30 5.24 0.29 5.59
N GLU Q 31 4.40 -0.11 4.65
CA GLU Q 31 3.33 0.76 4.15
C GLU Q 31 2.06 0.34 4.87
N LEU Q 32 1.49 1.27 5.65
CA LEU Q 32 0.22 1.05 6.31
C LEU Q 32 -0.89 1.10 5.27
N ILE Q 33 -1.44 -0.06 4.91
CA ILE Q 33 -2.48 -0.16 3.87
C ILE Q 33 -3.80 0.37 4.40
N GLY Q 34 -4.20 -0.12 5.57
CA GLY Q 34 -5.47 0.28 6.18
C GLY Q 34 -5.56 0.02 7.66
N ILE Q 35 -6.53 0.66 8.29
CA ILE Q 35 -6.83 0.47 9.70
C ILE Q 35 -8.20 -0.19 9.78
N THR Q 36 -8.22 -1.47 10.10
CA THR Q 36 -9.44 -2.16 10.43
C THR Q 36 -9.94 -1.71 11.82
N GLY Q 37 -11.23 -1.40 11.94
CA GLY Q 37 -11.80 -0.89 13.20
C GLY Q 37 -12.49 -1.99 13.99
N THR Q 38 -12.28 -2.00 15.30
CA THR Q 38 -12.98 -2.93 16.20
C THR Q 38 -13.36 -2.17 17.48
N TYR Q 39 -13.75 -2.91 18.52
CA TYR Q 39 -14.45 -2.36 19.69
C TYR Q 39 -13.68 -2.70 20.97
N GLY Q 40 -14.04 -2.05 22.07
CA GLY Q 40 -13.45 -2.36 23.38
C GLY Q 40 -13.17 -1.13 24.20
N ASN Q 41 -12.03 -0.50 23.90
CA ASN Q 41 -11.66 0.79 24.51
C ASN Q 41 -12.79 1.81 24.26
N VAL Q 42 -13.37 1.74 23.07
CA VAL Q 42 -14.48 2.57 22.68
C VAL Q 42 -15.38 1.81 21.68
N LEU Q 43 -16.63 2.24 21.56
CA LEU Q 43 -17.60 1.69 20.58
C LEU Q 43 -16.99 1.62 19.18
N MET Q 44 -17.36 0.59 18.43
CA MET Q 44 -16.71 0.28 17.15
C MET Q 44 -16.64 1.48 16.19
N GLU Q 45 -17.78 2.15 16.05
CA GLU Q 45 -17.92 3.36 15.21
C GLU Q 45 -16.98 4.47 15.64
N GLN Q 46 -16.98 4.78 16.93
CA GLN Q 46 -16.04 5.74 17.52
C GLN Q 46 -14.58 5.41 17.16
N GLY Q 47 -14.24 4.12 17.15
CA GLY Q 47 -12.93 3.63 16.69
C GLY Q 47 -12.57 4.09 15.30
N VAL Q 48 -13.57 4.06 14.40
CA VAL Q 48 -13.40 4.52 13.02
C VAL Q 48 -13.30 6.05 12.93
N ARG Q 49 -14.17 6.79 13.63
CA ARG Q 49 -14.10 8.26 13.64
C ARG Q 49 -12.71 8.77 14.05
N ASN Q 50 -12.17 8.13 15.08
CA ASN Q 50 -10.88 8.51 15.64
C ASN Q 50 -9.77 8.16 14.65
N ALA Q 51 -9.81 6.93 14.13
CA ALA Q 51 -8.84 6.45 13.14
C ALA Q 51 -8.70 7.40 11.95
N LEU Q 52 -9.84 7.77 11.37
CA LEU Q 52 -9.88 8.70 10.23
C LEU Q 52 -9.32 10.06 10.62
N ALA Q 53 -9.84 10.64 11.70
CA ALA Q 53 -9.42 11.95 12.20
C ALA Q 53 -7.94 12.05 12.53
N ILE Q 54 -7.39 10.98 13.10
CA ILE Q 54 -6.00 10.95 13.57
C ILE Q 54 -5.04 10.72 12.40
N THR Q 55 -5.37 9.78 11.52
CA THR Q 55 -4.58 9.55 10.30
C THR Q 55 -4.44 10.83 9.48
N ASP Q 56 -5.54 11.57 9.36
CA ASP Q 56 -5.53 12.93 8.77
C ASP Q 56 -4.55 13.85 9.50
N LEU Q 57 -4.71 13.97 10.82
CA LEU Q 57 -3.91 14.90 11.63
C LEU Q 57 -2.40 14.70 11.52
N LEU Q 58 -1.97 13.43 11.42
CA LEU Q 58 -0.55 13.10 11.34
C LEU Q 58 0.07 13.32 9.94
N GLY Q 59 -0.80 13.56 8.95
CA GLY Q 59 -0.39 13.88 7.58
C GLY Q 59 -0.51 12.72 6.63
N HIS Q 60 -1.38 11.76 6.93
CA HIS Q 60 -1.54 10.55 6.10
C HIS Q 60 -3.02 10.21 5.91
N PRO Q 61 -3.74 11.02 5.11
CA PRO Q 61 -5.14 10.71 4.81
C PRO Q 61 -5.34 9.65 3.73
N GLU Q 62 -4.27 9.04 3.23
CA GLU Q 62 -4.37 7.87 2.33
C GLU Q 62 -4.76 6.59 3.05
N VAL Q 63 -4.65 6.58 4.38
CA VAL Q 63 -4.94 5.38 5.17
C VAL Q 63 -6.44 5.13 5.18
N LYS Q 64 -6.84 4.05 4.50
CA LYS Q 64 -8.24 3.72 4.31
C LYS Q 64 -8.74 2.94 5.52
N VAL Q 65 -9.76 3.45 6.19
CA VAL Q 65 -10.29 2.86 7.41
C VAL Q 65 -11.50 1.97 7.08
N TYR Q 66 -11.40 0.68 7.38
CA TYR Q 66 -12.47 -0.28 7.11
C TYR Q 66 -13.27 -0.56 8.37
N LYS Q 67 -14.41 -1.22 8.20
CA LYS Q 67 -15.41 -1.34 9.25
C LYS Q 67 -15.57 -2.80 9.63
N GLY Q 68 -15.04 -3.18 10.80
CA GLY Q 68 -15.18 -4.53 11.34
C GLY Q 68 -16.48 -4.72 12.12
N LEU Q 69 -16.48 -5.69 13.02
CA LEU Q 69 -17.69 -6.11 13.74
C LEU Q 69 -17.87 -5.35 15.05
N SER Q 70 -19.12 -5.09 15.43
CA SER Q 70 -19.46 -4.27 16.62
C SER Q 70 -19.38 -5.03 17.95
N HIS Q 71 -19.87 -6.27 17.94
CA HIS Q 71 -19.97 -7.11 19.14
C HIS Q 71 -19.12 -8.38 19.01
N ALA Q 72 -18.98 -9.10 20.12
CA ALA Q 72 -18.16 -10.31 20.19
C ALA Q 72 -18.75 -11.50 19.43
N SER Q 73 -17.84 -12.37 18.96
CA SER Q 73 -18.16 -13.71 18.42
C SER Q 73 -19.43 -14.35 18.99
N THR Q 74 -19.54 -14.37 20.32
CA THR Q 74 -20.62 -15.06 21.04
C THR Q 74 -21.52 -14.13 21.88
N LYS Q 75 -21.60 -12.85 21.51
CA LYS Q 75 -22.49 -11.89 22.18
C LYS Q 75 -23.40 -11.19 21.14
N ASP Q 76 -24.53 -10.68 21.60
CA ASP Q 76 -25.47 -9.94 20.76
C ASP Q 76 -25.09 -8.47 20.60
N SER Q 77 -24.64 -7.86 21.70
CA SER Q 77 -24.36 -6.41 21.74
C SER Q 77 -22.98 -6.11 22.35
N PHE Q 78 -22.70 -4.83 22.54
CA PHE Q 78 -21.51 -4.38 23.26
C PHE Q 78 -21.68 -2.95 23.79
N GLU Q 79 -21.33 -2.75 25.05
CA GLU Q 79 -21.24 -1.44 25.68
C GLU Q 79 -19.80 -1.23 26.14
N VAL Q 80 -19.34 0.01 26.16
CA VAL Q 80 -18.03 0.35 26.71
C VAL Q 80 -18.11 0.24 28.23
N LEU Q 81 -17.18 -0.51 28.83
CA LEU Q 81 -17.11 -0.63 30.29
C LEU Q 81 -16.63 0.69 30.89
N PRO Q 82 -17.13 1.06 32.09
CA PRO Q 82 -16.75 2.38 32.65
C PRO Q 82 -15.25 2.49 33.01
N ILE Q 83 -14.60 1.35 33.24
CA ILE Q 83 -13.16 1.29 33.51
C ILE Q 83 -12.38 1.81 32.29
N SER Q 84 -12.68 1.29 31.11
CA SER Q 84 -12.04 1.72 29.85
C SER Q 84 -12.41 3.17 29.46
N ALA Q 85 -13.61 3.61 29.85
CA ALA Q 85 -14.02 5.00 29.69
C ALA Q 85 -13.22 5.96 30.59
N PHE Q 86 -12.80 5.48 31.76
CA PHE Q 86 -11.93 6.27 32.65
C PHE Q 86 -10.50 6.42 32.10
N ILE Q 87 -9.97 5.32 31.56
CA ILE Q 87 -8.60 5.28 31.04
C ILE Q 87 -8.46 6.06 29.73
N HIS Q 88 -9.20 5.61 28.71
CA HIS Q 88 -9.11 6.19 27.36
C HIS Q 88 -10.07 7.37 27.11
N GLY Q 89 -10.95 7.67 28.08
CA GLY Q 89 -11.90 8.77 27.96
C GLY Q 89 -13.17 8.38 27.24
N ASP Q 90 -14.06 9.35 27.06
CA ASP Q 90 -15.37 9.13 26.45
C ASP Q 90 -15.26 9.01 24.94
N ASN Q 91 -14.59 9.98 24.34
CA ASN Q 91 -14.24 9.92 22.90
C ASN Q 91 -13.23 8.80 22.55
N GLY Q 92 -12.47 8.32 23.54
CA GLY Q 92 -11.48 7.25 23.35
C GLY Q 92 -10.10 7.76 22.94
N ILE Q 93 -9.84 9.04 23.19
CA ILE Q 93 -8.65 9.74 22.69
C ILE Q 93 -8.15 10.73 23.77
N GLY Q 94 -8.12 10.29 25.02
CA GLY Q 94 -8.08 11.22 26.16
C GLY Q 94 -9.45 11.87 26.21
N ASP Q 95 -9.52 13.18 26.26
CA ASP Q 95 -10.75 13.88 25.88
C ASP Q 95 -10.34 15.04 24.98
N VAL Q 96 -9.41 14.74 24.07
CA VAL Q 96 -8.77 15.75 23.27
C VAL Q 96 -9.65 16.05 22.06
N GLU Q 97 -9.98 17.32 21.89
CA GLU Q 97 -10.85 17.78 20.81
C GLU Q 97 -10.04 17.85 19.54
N ILE Q 98 -10.56 17.21 18.49
CA ILE Q 98 -9.85 17.07 17.23
C ILE Q 98 -10.88 17.07 16.10
N PRO Q 99 -10.63 17.82 15.01
CA PRO Q 99 -11.65 17.88 13.94
C PRO Q 99 -11.95 16.52 13.30
N ASP Q 100 -13.22 16.23 13.06
CA ASP Q 100 -13.64 15.04 12.32
C ASP Q 100 -13.03 15.05 10.94
N SER Q 101 -12.61 13.89 10.46
CA SER Q 101 -12.19 13.77 9.07
C SER Q 101 -13.43 13.78 8.17
N PRO Q 102 -13.39 14.55 7.07
CA PRO Q 102 -14.48 14.47 6.10
C PRO Q 102 -14.48 13.19 5.26
N ARG Q 103 -13.37 12.45 5.27
CA ARG Q 103 -13.29 11.09 4.69
C ARG Q 103 -14.12 10.22 5.62
N LYS Q 104 -14.62 9.13 5.05
CA LYS Q 104 -15.46 8.17 5.76
C LYS Q 104 -15.02 6.74 5.49
N ALA Q 105 -15.63 5.79 6.20
CA ALA Q 105 -15.24 4.38 6.12
C ALA Q 105 -15.47 3.81 4.72
N GLU Q 106 -14.58 2.91 4.29
CA GLU Q 106 -14.72 2.25 3.00
C GLU Q 106 -15.98 1.38 2.96
N ASP Q 107 -16.41 1.04 1.75
CA ASP Q 107 -17.70 0.38 1.55
C ASP Q 107 -17.69 -1.05 2.06
N GLU Q 108 -16.65 -1.80 1.71
CA GLU Q 108 -16.55 -3.21 2.12
C GLU Q 108 -16.21 -3.38 3.61
N SER Q 109 -16.58 -4.54 4.15
CA SER Q 109 -16.28 -4.89 5.54
C SER Q 109 -14.79 -5.16 5.71
N ALA Q 110 -14.32 -5.02 6.94
CA ALA Q 110 -12.92 -5.23 7.27
C ALA Q 110 -12.56 -6.71 7.22
N VAL Q 111 -13.54 -7.56 7.52
CA VAL Q 111 -13.42 -9.00 7.33
C VAL Q 111 -12.92 -9.31 5.91
N ASP Q 112 -13.63 -8.76 4.91
CA ASP Q 112 -13.29 -8.98 3.50
C ASP Q 112 -12.02 -8.25 3.06
N PHE Q 113 -11.76 -7.08 3.62
CA PHE Q 113 -10.52 -6.33 3.33
C PHE Q 113 -9.28 -7.13 3.72
N ILE Q 114 -9.33 -7.78 4.87
CA ILE Q 114 -8.25 -8.64 5.34
C ILE Q 114 -8.06 -9.81 4.38
N ILE Q 115 -9.14 -10.52 4.09
CA ILE Q 115 -9.09 -11.70 3.22
C ILE Q 115 -8.53 -11.33 1.85
N ASP Q 116 -9.03 -10.22 1.30
CA ASP Q 116 -8.58 -9.68 0.02
C ASP Q 116 -7.09 -9.29 0.08
N SER Q 117 -6.70 -8.56 1.12
CA SER Q 117 -5.30 -8.13 1.32
C SER Q 117 -4.34 -9.31 1.44
N VAL Q 118 -4.79 -10.40 2.05
CA VAL Q 118 -4.00 -11.63 2.16
C VAL Q 118 -3.74 -12.22 0.77
N LYS Q 119 -4.78 -12.28 -0.05
CA LYS Q 119 -4.63 -12.81 -1.41
C LYS Q 119 -3.83 -11.88 -2.34
N LYS Q 120 -3.88 -10.57 -2.10
CA LYS Q 120 -3.09 -9.62 -2.90
C LYS Q 120 -1.61 -9.67 -2.53
N TYR Q 121 -1.31 -9.41 -1.25
CA TYR Q 121 0.06 -9.20 -0.81
C TYR Q 121 0.71 -10.44 -0.19
N GLY Q 122 -0.06 -11.50 0.05
CA GLY Q 122 0.48 -12.80 0.49
C GLY Q 122 1.41 -12.71 1.69
N LYS Q 123 2.66 -13.12 1.47
CA LYS Q 123 3.66 -13.14 2.54
C LYS Q 123 4.36 -11.81 2.81
N ASP Q 124 4.05 -10.78 2.02
CA ASP Q 124 4.47 -9.41 2.34
C ASP Q 124 3.52 -8.73 3.33
N LEU Q 125 2.33 -9.31 3.55
CA LEU Q 125 1.32 -8.72 4.46
C LEU Q 125 1.61 -9.06 5.93
N VAL Q 126 1.44 -8.05 6.78
CA VAL Q 126 1.61 -8.17 8.23
C VAL Q 126 0.39 -7.56 8.91
N TYR Q 127 -0.38 -8.39 9.63
CA TYR Q 127 -1.60 -7.94 10.30
C TYR Q 127 -1.33 -7.82 11.79
N VAL Q 128 -1.56 -6.63 12.36
CA VAL Q 128 -1.14 -6.32 13.74
C VAL Q 128 -2.35 -5.82 14.53
N PRO Q 129 -3.14 -6.75 15.09
CA PRO Q 129 -4.36 -6.42 15.83
C PRO Q 129 -4.11 -6.11 17.28
N THR Q 130 -4.41 -4.90 17.70
CA THR Q 130 -4.28 -4.51 19.11
C THR Q 130 -5.64 -4.13 19.71
N GLY Q 131 -6.69 -4.76 19.17
CA GLY Q 131 -7.99 -4.82 19.80
C GLY Q 131 -8.35 -6.28 19.87
N PRO Q 132 -9.61 -6.58 20.22
CA PRO Q 132 -10.15 -7.93 20.14
C PRO Q 132 -9.88 -8.62 18.81
N MET Q 133 -9.76 -9.95 18.89
CA MET Q 133 -9.45 -10.77 17.73
C MET Q 133 -10.68 -11.07 16.88
N THR Q 134 -11.86 -10.69 17.38
CA THR Q 134 -13.16 -10.85 16.70
C THR Q 134 -13.13 -10.78 15.18
N ASN Q 135 -12.41 -9.78 14.66
CA ASN Q 135 -12.35 -9.56 13.21
C ASN Q 135 -11.61 -10.70 12.48
N ILE Q 136 -10.35 -10.95 12.84
CA ILE Q 136 -9.59 -12.01 12.17
C ILE Q 136 -10.07 -13.45 12.46
N ALA Q 137 -10.83 -13.64 13.53
CA ALA Q 137 -11.54 -14.90 13.77
C ALA Q 137 -12.61 -15.15 12.70
N ALA Q 138 -13.40 -14.12 12.42
CA ALA Q 138 -14.38 -14.15 11.33
C ALA Q 138 -13.73 -14.31 9.94
N ALA Q 139 -12.56 -13.69 9.76
CA ALA Q 139 -11.79 -13.82 8.51
C ALA Q 139 -11.30 -15.24 8.31
N LEU Q 140 -10.65 -15.81 9.33
CA LEU Q 140 -10.18 -17.20 9.31
C LEU Q 140 -11.33 -18.21 9.22
N LYS Q 141 -12.45 -17.88 9.87
CA LYS Q 141 -13.70 -18.64 9.71
C LYS Q 141 -14.12 -18.68 8.22
N LYS Q 142 -14.37 -17.51 7.63
CA LYS Q 142 -14.83 -17.42 6.24
C LYS Q 142 -13.80 -17.94 5.23
N ALA Q 143 -12.52 -17.63 5.45
CA ALA Q 143 -11.44 -18.05 4.54
C ALA Q 143 -10.26 -18.62 5.34
N PRO Q 144 -10.31 -19.93 5.66
CA PRO Q 144 -9.22 -20.54 6.45
C PRO Q 144 -7.86 -20.65 5.73
N GLU Q 145 -7.84 -20.53 4.39
CA GLU Q 145 -6.60 -20.51 3.61
C GLU Q 145 -5.58 -19.49 4.12
N ILE Q 146 -6.09 -18.35 4.60
CA ILE Q 146 -5.30 -17.24 5.17
C ILE Q 146 -4.07 -17.73 5.96
N LYS Q 147 -4.31 -18.67 6.88
CA LYS Q 147 -3.27 -19.30 7.72
C LYS Q 147 -1.89 -19.36 7.08
N ASP Q 148 -1.82 -20.03 5.94
CA ASP Q 148 -0.57 -20.33 5.25
C ASP Q 148 -0.20 -19.20 4.29
N GLU Q 149 -1.20 -18.53 3.73
CA GLU Q 149 -1.00 -17.44 2.77
C GLU Q 149 -0.42 -16.15 3.40
N ILE Q 150 -0.89 -15.80 4.61
CA ILE Q 150 -0.45 -14.55 5.26
C ILE Q 150 1.01 -14.61 5.73
N GLY Q 151 1.66 -13.46 5.71
CA GLY Q 151 3.06 -13.33 6.11
C GLY Q 151 3.26 -13.56 7.58
N LYS Q 152 2.68 -12.66 8.40
CA LYS Q 152 2.67 -12.86 9.86
C LYS Q 152 1.62 -12.01 10.57
N ILE Q 153 1.06 -12.55 11.64
CA ILE Q 153 0.19 -11.82 12.55
C ILE Q 153 1.00 -11.51 13.82
N VAL Q 154 0.85 -10.31 14.37
CA VAL Q 154 1.60 -9.90 15.56
C VAL Q 154 0.67 -9.08 16.46
N LEU Q 155 -0.05 -9.76 17.34
CA LEU Q 155 -1.08 -9.11 18.17
C LEU Q 155 -0.53 -8.54 19.46
N MET Q 156 -1.31 -7.64 20.05
CA MET Q 156 -1.12 -7.21 21.43
C MET Q 156 -2.33 -7.71 22.21
N GLY Q 157 -2.05 -8.45 23.26
CA GLY Q 157 -3.09 -9.06 24.09
C GLY Q 157 -2.59 -10.26 24.86
N GLY Q 158 -3.40 -10.70 25.82
CA GLY Q 158 -3.08 -11.84 26.66
C GLY Q 158 -2.02 -11.60 27.72
N ALA Q 159 -1.81 -12.63 28.54
CA ALA Q 159 -0.74 -12.68 29.53
C ALA Q 159 -0.45 -14.15 29.80
N LEU Q 160 0.75 -14.61 29.46
CA LEU Q 160 1.11 -16.02 29.61
C LEU Q 160 1.63 -16.28 31.00
N THR Q 161 2.76 -15.66 31.32
CA THR Q 161 3.51 -15.95 32.54
C THR Q 161 3.17 -15.03 33.70
N ILE Q 162 2.04 -14.32 33.64
CA ILE Q 162 1.77 -13.26 34.61
C ILE Q 162 0.27 -13.01 34.79
N HIS Q 163 -0.09 -12.24 35.81
CA HIS Q 163 -1.49 -11.85 36.03
C HIS Q 163 -1.99 -10.96 34.89
N GLY Q 164 -3.22 -11.21 34.45
CA GLY Q 164 -3.91 -10.32 33.54
C GLY Q 164 -4.28 -9.00 34.21
N ASN Q 165 -4.88 -8.09 33.44
CA ASN Q 165 -5.30 -6.78 33.97
C ASN Q 165 -6.81 -6.61 34.20
N VAL Q 166 -7.65 -7.40 33.55
CA VAL Q 166 -9.10 -7.36 33.80
C VAL Q 166 -9.41 -8.10 35.10
N ASN Q 167 -8.95 -9.34 35.17
CA ASN Q 167 -8.97 -10.13 36.40
C ASN Q 167 -7.56 -10.70 36.59
N ALA Q 168 -7.38 -11.64 37.51
CA ALA Q 168 -6.06 -12.25 37.74
C ALA Q 168 -5.53 -13.13 36.58
N TRP Q 169 -6.40 -13.53 35.65
CA TRP Q 169 -6.03 -14.49 34.59
C TRP Q 169 -6.36 -14.08 33.15
N THR Q 170 -6.98 -12.92 32.91
CA THR Q 170 -7.33 -12.47 31.54
C THR Q 170 -6.88 -11.03 31.29
N GLU Q 171 -6.54 -10.76 30.03
CA GLU Q 171 -6.17 -9.42 29.60
C GLU Q 171 -7.27 -8.84 28.70
N ALA Q 172 -7.42 -7.51 28.75
CA ALA Q 172 -8.53 -6.76 28.08
C ALA Q 172 -8.93 -7.24 26.67
N ASN Q 173 -8.03 -7.10 25.70
CA ASN Q 173 -8.32 -7.47 24.30
C ASN Q 173 -8.78 -8.94 24.14
N ILE Q 174 -8.23 -9.84 24.95
CA ILE Q 174 -8.64 -11.24 24.95
C ILE Q 174 -9.97 -11.38 25.71
N SER Q 175 -10.10 -10.66 26.83
CA SER Q 175 -11.31 -10.67 27.65
C SER Q 175 -12.58 -10.36 26.86
N GLN Q 176 -12.49 -9.39 25.96
CA GLN Q 176 -13.66 -8.89 25.21
C GLN Q 176 -14.23 -9.94 24.25
N ASP Q 177 -13.33 -10.75 23.67
CA ASP Q 177 -13.73 -11.92 22.88
C ASP Q 177 -12.68 -13.02 23.00
N PRO Q 178 -12.87 -13.91 24.00
CA PRO Q 178 -11.99 -15.06 24.18
C PRO Q 178 -12.13 -16.11 23.08
N ASP Q 179 -13.36 -16.37 22.65
CA ASP Q 179 -13.62 -17.46 21.71
C ASP Q 179 -12.94 -17.20 20.38
N ALA Q 180 -12.94 -15.94 19.96
CA ALA Q 180 -12.24 -15.49 18.77
C ALA Q 180 -10.74 -15.68 18.90
N ALA Q 181 -10.20 -15.20 20.02
CA ALA Q 181 -8.77 -15.36 20.32
C ALA Q 181 -8.34 -16.82 20.30
N ASP Q 182 -9.18 -17.70 20.84
CA ASP Q 182 -8.91 -19.14 20.79
C ASP Q 182 -8.79 -19.62 19.34
N ILE Q 183 -9.77 -19.24 18.51
CA ILE Q 183 -9.80 -19.64 17.10
C ILE Q 183 -8.51 -19.21 16.40
N LEU Q 184 -8.08 -17.97 16.64
CA LEU Q 184 -6.83 -17.45 16.09
C LEU Q 184 -5.61 -18.26 16.50
N PHE Q 185 -5.47 -18.49 17.81
CA PHE Q 185 -4.27 -19.16 18.35
C PHE Q 185 -4.17 -20.58 17.82
N ARG Q 186 -5.30 -21.29 17.88
CA ARG Q 186 -5.44 -22.65 17.35
C ARG Q 186 -5.32 -22.76 15.84
N SER Q 187 -5.71 -21.71 15.11
CA SER Q 187 -5.66 -21.68 13.64
C SER Q 187 -4.39 -22.25 13.03
N GLY Q 188 -3.24 -21.97 13.66
CA GLY Q 188 -1.95 -22.38 13.15
C GLY Q 188 -1.31 -21.31 12.30
N ALA Q 189 -1.91 -20.13 12.27
CA ALA Q 189 -1.33 -18.98 11.57
C ALA Q 189 -0.09 -18.55 12.33
N PRO Q 190 0.88 -17.93 11.64
CA PRO Q 190 2.13 -17.53 12.30
C PRO Q 190 1.95 -16.28 13.17
N VAL Q 191 1.35 -16.49 14.34
CA VAL Q 191 1.05 -15.44 15.30
C VAL Q 191 2.26 -15.19 16.21
N THR Q 192 2.38 -13.95 16.69
CA THR Q 192 3.33 -13.59 17.74
C THR Q 192 2.54 -12.80 18.78
N MET Q 193 2.29 -13.41 19.93
CA MET Q 193 1.57 -12.73 21.00
C MET Q 193 2.51 -11.80 21.76
N ILE Q 194 2.12 -10.54 21.88
CA ILE Q 194 2.86 -9.58 22.70
C ILE Q 194 1.93 -9.16 23.83
N GLY Q 195 2.03 -9.90 24.94
CA GLY Q 195 1.15 -9.75 26.08
C GLY Q 195 1.76 -8.94 27.20
N LEU Q 196 1.08 -8.93 28.34
CA LEU Q 196 1.42 -8.09 29.47
C LEU Q 196 2.81 -8.40 30.03
N ASP Q 197 3.15 -9.68 30.04
CA ASP Q 197 4.52 -10.15 30.41
C ASP Q 197 5.67 -9.37 29.77
N VAL Q 198 5.41 -8.78 28.61
CA VAL Q 198 6.36 -7.88 27.95
C VAL Q 198 5.93 -6.40 27.99
N THR Q 199 4.64 -6.10 27.81
CA THR Q 199 4.19 -4.69 27.70
C THR Q 199 4.22 -3.91 29.03
N LEU Q 200 4.08 -4.62 30.14
CA LEU Q 200 4.18 -3.99 31.46
C LEU Q 200 5.60 -3.62 31.87
N GLN Q 201 6.60 -4.13 31.14
CA GLN Q 201 7.99 -3.64 31.26
C GLN Q 201 8.21 -2.30 30.55
N THR Q 202 7.39 -2.00 29.54
CA THR Q 202 7.43 -0.71 28.84
C THR Q 202 6.81 0.41 29.67
N LEU Q 203 7.31 1.61 29.49
CA LEU Q 203 6.93 2.77 30.30
C LEU Q 203 7.24 4.08 29.58
N LEU Q 204 6.32 5.05 29.70
CA LEU Q 204 6.69 6.46 29.48
C LEU Q 204 5.92 7.41 30.41
N THR Q 205 6.57 8.50 30.77
CA THR Q 205 6.11 9.47 31.76
C THR Q 205 5.98 10.84 31.08
N TYR Q 206 5.67 11.87 31.84
CA TYR Q 206 5.59 13.24 31.33
C TYR Q 206 6.92 13.77 30.78
N LYS Q 207 8.05 13.22 31.24
CA LYS Q 207 9.38 13.51 30.66
C LYS Q 207 9.38 13.34 29.13
N GLU Q 208 8.69 12.30 28.66
CA GLU Q 208 8.60 11.97 27.22
C GLU Q 208 7.55 12.79 26.46
N THR Q 209 6.40 13.07 27.10
CA THR Q 209 5.32 13.82 26.44
C THR Q 209 5.63 15.33 26.34
N LYS Q 210 6.41 15.84 27.30
CA LYS Q 210 6.91 17.23 27.22
C LYS Q 210 7.82 17.47 26.01
N GLN Q 211 8.50 16.42 25.53
CA GLN Q 211 9.31 16.49 24.31
C GLN Q 211 8.45 16.69 23.05
N TRP Q 212 7.28 16.05 23.03
CA TRP Q 212 6.33 16.23 21.92
C TRP Q 212 5.71 17.65 21.90
N ARG Q 213 5.48 18.23 23.07
CA ARG Q 213 5.02 19.62 23.18
C ARG Q 213 6.05 20.61 22.63
N ASP Q 214 7.34 20.32 22.84
CA ASP Q 214 8.45 21.16 22.35
C ASP Q 214 8.52 21.29 20.83
N LEU Q 215 7.95 20.33 20.09
CA LEU Q 215 7.91 20.37 18.62
C LEU Q 215 6.91 21.43 18.07
N ASN Q 216 5.96 21.86 18.90
CA ASN Q 216 5.03 22.97 18.59
C ASN Q 216 4.05 22.73 17.44
N THR Q 217 3.82 21.46 17.09
CA THR Q 217 2.96 21.12 15.95
C THR Q 217 1.54 20.78 16.40
N LYS Q 218 0.62 20.72 15.43
CA LYS Q 218 -0.74 20.25 15.66
C LYS Q 218 -0.71 18.83 16.24
N ALA Q 219 0.10 17.97 15.61
CA ALA Q 219 0.25 16.56 16.02
C ALA Q 219 0.96 16.39 17.36
N GLY Q 220 2.06 17.13 17.55
CA GLY Q 220 2.84 17.08 18.80
C GLY Q 220 2.02 17.43 20.03
N LYS Q 221 1.26 18.52 19.94
CA LYS Q 221 0.36 18.95 21.02
C LYS Q 221 -0.76 17.93 21.27
N PHE Q 222 -1.29 17.33 20.20
CA PHE Q 222 -2.35 16.32 20.33
C PHE Q 222 -1.89 15.07 21.09
N LEU Q 223 -0.81 14.44 20.62
CA LEU Q 223 -0.29 13.22 21.23
C LEU Q 223 0.13 13.43 22.69
N ALA Q 224 0.65 14.62 22.99
CA ALA Q 224 1.02 14.98 24.36
C ALA Q 224 -0.22 15.11 25.27
N ASP Q 225 -1.17 15.95 24.84
CA ASP Q 225 -2.46 16.12 25.56
C ASP Q 225 -3.17 14.77 25.79
N MET Q 226 -3.13 13.92 24.76
CA MET Q 226 -3.82 12.63 24.78
C MET Q 226 -3.23 11.66 25.80
N THR Q 227 -1.94 11.41 25.68
CA THR Q 227 -1.25 10.46 26.56
C THR Q 227 -1.12 10.96 28.01
N ASP Q 228 -1.22 12.28 28.22
CA ASP Q 228 -1.25 12.85 29.57
C ASP Q 228 -2.58 12.55 30.30
N PHE Q 229 -3.68 12.46 29.56
CA PHE Q 229 -4.95 11.94 30.12
C PHE Q 229 -4.78 10.47 30.52
N TYR Q 230 -4.13 9.72 29.64
CA TYR Q 230 -3.83 8.30 29.81
C TYR Q 230 -2.91 8.04 31.02
N ILE Q 231 -1.94 8.92 31.25
CA ILE Q 231 -1.04 8.80 32.41
C ILE Q 231 -1.76 9.14 33.73
N LYS Q 232 -2.55 10.23 33.72
CA LYS Q 232 -3.33 10.64 34.91
C LYS Q 232 -4.40 9.62 35.32
N ALA Q 233 -4.90 8.88 34.34
CA ALA Q 233 -5.74 7.72 34.62
C ALA Q 233 -4.92 6.60 35.25
N TYR Q 234 -3.75 6.31 34.68
CA TYR Q 234 -2.81 5.33 35.25
C TYR Q 234 -2.30 5.71 36.64
N GLU Q 235 -2.18 7.01 36.92
CA GLU Q 235 -1.85 7.47 38.29
C GLU Q 235 -2.80 6.96 39.37
N THR Q 236 -4.09 6.74 39.03
CA THR Q 236 -5.07 6.16 39.96
C THR Q 236 -5.25 4.63 39.78
N THR Q 237 -5.32 4.15 38.54
CA THR Q 237 -5.53 2.71 38.26
C THR Q 237 -4.27 1.85 38.51
N ALA Q 238 -3.10 2.46 38.47
CA ALA Q 238 -1.83 1.74 38.70
C ALA Q 238 -0.69 2.71 39.05
N PRO Q 239 -0.72 3.29 40.29
CA PRO Q 239 0.38 4.17 40.75
C PRO Q 239 1.73 3.47 40.98
N HIS Q 240 1.73 2.13 41.00
CA HIS Q 240 2.97 1.33 41.07
C HIS Q 240 3.89 1.43 39.83
N LEU Q 241 3.40 2.03 38.73
CA LEU Q 241 4.22 2.26 37.52
C LEU Q 241 4.71 3.72 37.35
N GLY Q 242 3.87 4.70 37.73
CA GLY Q 242 4.24 6.13 37.69
C GLY Q 242 3.84 6.88 36.43
N GLY Q 243 3.97 6.20 35.28
CA GLY Q 243 3.52 6.71 33.98
C GLY Q 243 2.51 5.75 33.37
N CYS Q 244 2.69 5.39 32.10
CA CYS Q 244 1.76 4.52 31.38
C CYS Q 244 2.46 3.42 30.58
N GLY Q 245 1.72 2.35 30.32
CA GLY Q 245 2.23 1.24 29.52
C GLY Q 245 2.18 1.53 28.04
N LEU Q 246 3.16 1.01 27.30
CA LEU Q 246 3.20 1.13 25.84
C LEU Q 246 2.81 -0.21 25.24
N HIS Q 247 1.51 -0.51 25.32
CA HIS Q 247 1.02 -1.84 25.01
C HIS Q 247 0.96 -2.08 23.50
N ASP Q 248 0.08 -1.35 22.84
CA ASP Q 248 -0.24 -1.56 21.42
C ASP Q 248 0.91 -1.17 20.48
N PRO Q 249 1.66 -0.09 20.78
CA PRO Q 249 2.80 0.27 19.93
C PRO Q 249 3.86 -0.80 19.82
N LEU Q 250 4.10 -1.52 20.91
CA LEU Q 250 5.13 -2.53 20.95
C LEU Q 250 4.85 -3.66 19.98
N ALA Q 251 3.57 -4.01 19.81
CA ALA Q 251 3.18 -4.99 18.81
C ALA Q 251 3.62 -4.57 17.41
N VAL Q 252 3.45 -3.30 17.09
CA VAL Q 252 3.88 -2.74 15.81
C VAL Q 252 5.40 -2.75 15.71
N ALA Q 253 6.07 -2.34 16.78
CA ALA Q 253 7.54 -2.33 16.84
C ALA Q 253 8.15 -3.69 16.57
N VAL Q 254 7.51 -4.74 17.07
CA VAL Q 254 7.95 -6.13 16.87
C VAL Q 254 7.59 -6.64 15.47
N ALA Q 255 6.49 -6.12 14.91
CA ALA Q 255 6.15 -6.38 13.52
C ALA Q 255 7.23 -5.88 12.57
N VAL Q 256 7.75 -4.68 12.82
CA VAL Q 256 8.83 -4.13 11.99
C VAL Q 256 10.18 -4.76 12.31
N ASP Q 257 10.45 -4.95 13.61
CA ASP Q 257 11.73 -5.46 14.08
C ASP Q 257 11.52 -6.54 15.15
N PRO Q 258 11.44 -7.82 14.74
CA PRO Q 258 11.20 -8.88 15.73
C PRO Q 258 12.33 -9.11 16.75
N THR Q 259 13.51 -8.52 16.55
CA THR Q 259 14.61 -8.61 17.52
C THR Q 259 14.43 -7.75 18.77
N LEU Q 260 13.42 -6.87 18.80
CA LEU Q 260 13.08 -6.11 20.02
C LEU Q 260 12.59 -7.01 21.17
N VAL Q 261 12.14 -8.22 20.85
CA VAL Q 261 11.52 -9.11 21.80
C VAL Q 261 12.20 -10.49 21.78
N THR Q 262 12.16 -11.19 22.91
CA THR Q 262 12.60 -12.58 23.02
C THR Q 262 11.36 -13.45 23.23
N THR Q 263 11.10 -14.34 22.28
CA THR Q 263 9.87 -15.15 22.30
C THR Q 263 10.12 -16.56 22.77
N LEU Q 264 9.05 -17.22 23.17
CA LEU Q 264 9.05 -18.60 23.61
C LEU Q 264 8.18 -19.39 22.63
N PRO Q 265 8.81 -20.22 21.77
CA PRO Q 265 8.01 -21.07 20.87
C PRO Q 265 7.07 -21.97 21.65
N ILE Q 266 5.77 -21.88 21.35
CA ILE Q 266 4.75 -22.56 22.15
C ILE Q 266 3.40 -22.64 21.44
N ASN Q 267 2.88 -23.85 21.27
CA ASN Q 267 1.52 -24.04 20.78
C ASN Q 267 0.54 -23.61 21.86
N MET Q 268 -0.34 -22.66 21.52
CA MET Q 268 -1.19 -21.96 22.49
C MET Q 268 -2.68 -22.20 22.27
N GLN Q 269 -3.44 -21.77 23.28
CA GLN Q 269 -4.89 -21.78 23.24
C GLN Q 269 -5.40 -20.62 24.10
N VAL Q 270 -6.70 -20.41 24.09
CA VAL Q 270 -7.35 -19.53 25.05
C VAL Q 270 -8.44 -20.33 25.72
N ASP Q 271 -8.54 -20.16 27.03
CA ASP Q 271 -9.51 -20.90 27.82
C ASP Q 271 -10.89 -20.32 27.56
N VAL Q 272 -11.83 -21.21 27.25
CA VAL Q 272 -13.19 -20.86 26.92
C VAL Q 272 -14.19 -21.34 27.99
N GLU Q 273 -14.04 -22.57 28.47
CA GLU Q 273 -15.06 -23.24 29.30
C GLU Q 273 -14.99 -22.94 30.79
N GLY Q 274 -13.78 -23.03 31.37
CA GLY Q 274 -13.64 -23.07 32.83
C GLY Q 274 -13.84 -21.73 33.53
N PRO Q 275 -13.57 -21.69 34.86
CA PRO Q 275 -13.53 -20.42 35.58
C PRO Q 275 -12.26 -19.62 35.29
N THR Q 276 -11.35 -20.18 34.49
CA THR Q 276 -10.26 -19.44 33.87
C THR Q 276 -10.56 -18.93 32.45
N ARG Q 277 -11.85 -18.80 32.09
CA ARG Q 277 -12.24 -18.32 30.75
C ARG Q 277 -11.56 -16.98 30.43
N GLY Q 278 -10.90 -16.92 29.28
CA GLY Q 278 -10.19 -15.72 28.81
C GLY Q 278 -8.68 -15.70 29.07
N ARG Q 279 -8.16 -16.80 29.61
CA ARG Q 279 -6.74 -16.93 29.92
C ARG Q 279 -6.00 -17.43 28.70
N THR Q 280 -4.85 -16.82 28.45
CA THR Q 280 -3.94 -17.28 27.41
C THR Q 280 -2.98 -18.29 28.03
N ILE Q 281 -2.92 -19.49 27.46
CA ILE Q 281 -2.17 -20.58 28.07
C ILE Q 281 -1.80 -21.63 27.02
N GLY Q 282 -0.70 -22.33 27.23
CA GLY Q 282 -0.26 -23.39 26.32
C GLY Q 282 -1.22 -24.57 26.29
N ASP Q 283 -1.42 -25.12 25.10
CA ASP Q 283 -2.22 -26.31 24.93
C ASP Q 283 -1.32 -27.50 25.20
N VAL Q 284 -1.73 -28.35 26.14
CA VAL Q 284 -0.93 -29.50 26.55
C VAL Q 284 -0.86 -30.50 25.40
N THR Q 285 -2.00 -30.70 24.75
CA THR Q 285 -2.12 -31.58 23.59
C THR Q 285 -1.01 -31.38 22.58
N ARG Q 286 -0.66 -30.12 22.32
CA ARG Q 286 0.38 -29.78 21.34
C ARG Q 286 1.70 -29.35 22.01
N LEU Q 287 1.98 -29.87 23.21
CA LEU Q 287 3.25 -29.57 23.89
C LEU Q 287 4.39 -30.38 23.27
N ASN Q 288 4.14 -31.68 23.10
CA ASN Q 288 5.14 -32.60 22.53
C ASN Q 288 5.25 -32.54 21.01
N ASP Q 289 4.28 -31.88 20.35
CA ASP Q 289 4.40 -31.53 18.93
C ASP Q 289 5.56 -30.53 18.78
N PRO Q 290 6.66 -30.91 18.08
CA PRO Q 290 7.81 -30.00 17.98
C PRO Q 290 7.55 -28.75 17.14
N VAL Q 291 6.59 -28.82 16.22
CA VAL Q 291 6.24 -27.68 15.36
C VAL Q 291 5.40 -26.70 16.17
N LYS Q 292 5.97 -25.54 16.47
CA LYS Q 292 5.32 -24.51 17.28
C LYS Q 292 4.65 -23.47 16.38
N THR Q 293 3.31 -23.38 16.46
CA THR Q 293 2.52 -22.52 15.58
C THR Q 293 2.71 -21.02 15.86
N MET Q 294 2.75 -20.64 17.13
CA MET Q 294 2.95 -19.23 17.51
C MET Q 294 3.98 -19.07 18.62
N GLN Q 295 4.36 -17.82 18.90
CA GLN Q 295 5.44 -17.49 19.83
C GLN Q 295 5.00 -16.39 20.77
N VAL Q 296 5.18 -16.59 22.08
CA VAL Q 296 4.79 -15.59 23.08
C VAL Q 296 6.01 -14.84 23.55
N ALA Q 297 5.87 -13.52 23.65
CA ALA Q 297 6.96 -12.65 24.02
C ALA Q 297 7.09 -12.70 25.53
N VAL Q 298 8.33 -12.92 25.97
CA VAL Q 298 8.65 -12.99 27.41
C VAL Q 298 9.70 -11.97 27.86
N GLY Q 299 10.69 -11.70 27.00
CA GLY Q 299 11.69 -10.65 27.25
C GLY Q 299 11.59 -9.55 26.21
N VAL Q 300 12.13 -8.38 26.53
CA VAL Q 300 12.04 -7.21 25.66
C VAL Q 300 13.17 -6.21 25.95
N ASP Q 301 13.68 -5.58 24.88
CA ASP Q 301 14.73 -4.56 24.97
C ASP Q 301 14.07 -3.20 25.20
N VAL Q 302 13.74 -2.91 26.47
CA VAL Q 302 12.91 -1.74 26.81
C VAL Q 302 13.54 -0.39 26.43
N PRO Q 303 14.83 -0.18 26.75
CA PRO Q 303 15.45 1.11 26.42
C PRO Q 303 15.61 1.37 24.91
N ARG Q 304 15.83 0.31 24.13
CA ARG Q 304 15.93 0.41 22.67
C ARG Q 304 14.55 0.65 22.05
N PHE Q 305 13.54 -0.07 22.54
CA PHE Q 305 12.16 0.16 22.12
C PHE Q 305 11.71 1.58 22.43
N LEU Q 306 11.99 2.06 23.65
CA LEU Q 306 11.65 3.43 24.05
C LEU Q 306 12.33 4.48 23.16
N ASN Q 307 13.58 4.21 22.74
CA ASN Q 307 14.31 5.09 21.82
C ASN Q 307 13.73 5.03 20.39
N GLU Q 308 13.46 3.82 19.91
CA GLU Q 308 12.84 3.59 18.60
C GLU Q 308 11.46 4.29 18.53
N PHE Q 309 10.69 4.13 19.61
CA PHE Q 309 9.36 4.74 19.78
C PHE Q 309 9.39 6.26 19.67
N MET Q 310 10.24 6.91 20.44
CA MET Q 310 10.32 8.37 20.46
C MET Q 310 10.91 8.94 19.17
N THR Q 311 11.94 8.29 18.61
CA THR Q 311 12.55 8.70 17.34
C THR Q 311 11.52 8.71 16.21
N ARG Q 312 10.77 7.62 16.08
CA ARG Q 312 9.77 7.49 15.02
C ARG Q 312 8.60 8.47 15.17
N ILE Q 313 8.06 8.58 16.38
CA ILE Q 313 6.86 9.39 16.63
C ILE Q 313 7.18 10.89 16.68
N SER Q 314 8.30 11.27 17.31
CA SER Q 314 8.74 12.68 17.29
C SER Q 314 9.10 13.16 15.87
N GLY Q 315 9.63 12.25 15.04
CA GLY Q 315 9.88 12.53 13.63
C GLY Q 315 8.61 12.76 12.83
N LEU Q 316 7.58 11.96 13.12
CA LEU Q 316 6.26 12.11 12.47
C LEU Q 316 5.52 13.36 12.94
N ALA Q 317 5.57 13.63 14.24
CA ALA Q 317 4.93 14.83 14.81
C ALA Q 317 5.53 16.14 14.28
N LYS Q 318 6.83 16.13 13.96
CA LYS Q 318 7.51 17.27 13.32
C LYS Q 318 6.96 17.55 11.91
N ILE Q 319 6.58 16.49 11.19
CA ILE Q 319 6.04 16.59 9.82
C ILE Q 319 4.64 17.26 9.73
N ALA Q 320 3.78 17.08 10.73
CA ALA Q 320 2.47 17.75 10.76
C ALA Q 320 2.54 19.11 11.49
N LYS R 5 -60.51 47.65 14.72
CA LYS R 5 -60.77 47.16 13.32
C LYS R 5 -59.81 46.03 12.98
N LYS R 6 -60.31 45.02 12.26
CA LYS R 6 -59.60 43.74 12.10
C LYS R 6 -59.61 43.22 10.66
N LEU R 7 -58.46 42.71 10.22
CA LEU R 7 -58.16 42.49 8.81
C LEU R 7 -57.94 41.00 8.49
N ILE R 8 -58.49 40.55 7.36
CA ILE R 8 -58.14 39.26 6.76
C ILE R 8 -57.68 39.50 5.33
N LEU R 9 -56.49 39.01 4.99
CA LEU R 9 -56.03 38.99 3.59
C LEU R 9 -56.36 37.62 2.99
N ASP R 10 -56.67 37.61 1.69
CA ASP R 10 -56.94 36.38 0.93
C ASP R 10 -55.97 36.40 -0.24
N LEU R 11 -54.89 35.62 -0.16
CA LEU R 11 -53.69 35.83 -0.97
C LEU R 11 -53.21 34.63 -1.78
N ASP R 12 -52.84 34.90 -3.03
CA ASP R 12 -52.12 33.96 -3.90
C ASP R 12 -50.65 34.34 -3.86
N THR R 13 -50.01 34.07 -2.72
CA THR R 13 -48.72 34.68 -2.37
C THR R 13 -47.52 34.10 -3.14
N GLY R 14 -46.91 34.80 -4.11
CA GLY R 14 -47.30 36.11 -4.64
C GLY R 14 -46.38 37.23 -4.21
N VAL R 15 -45.82 37.95 -5.19
CA VAL R 15 -44.81 39.00 -4.90
C VAL R 15 -45.48 40.26 -4.37
N ASP R 16 -46.40 40.82 -5.14
CA ASP R 16 -47.22 41.95 -4.68
C ASP R 16 -48.07 41.55 -3.47
N ASP R 17 -48.45 40.28 -3.39
CA ASP R 17 -49.20 39.76 -2.25
C ASP R 17 -48.42 39.87 -0.92
N THR R 18 -47.10 39.66 -0.93
CA THR R 18 -46.31 39.85 0.31
C THR R 18 -46.11 41.32 0.64
N LEU R 19 -46.10 42.17 -0.39
CA LEU R 19 -46.05 43.61 -0.17
C LEU R 19 -47.35 44.07 0.51
N ALA R 20 -48.46 43.38 0.21
CA ALA R 20 -49.72 43.59 0.92
C ALA R 20 -49.65 43.15 2.38
N ILE R 21 -49.01 42.01 2.63
CA ILE R 21 -48.74 41.54 3.99
C ILE R 21 -47.87 42.57 4.72
N SER R 22 -46.79 42.99 4.08
CA SER R 22 -45.86 43.97 4.65
C SER R 22 -46.53 45.30 5.00
N TYR R 23 -47.37 45.81 4.10
CA TYR R 23 -48.14 47.04 4.36
C TYR R 23 -49.11 46.82 5.53
N ALA R 24 -49.75 45.64 5.57
CA ALA R 24 -50.70 45.33 6.62
C ALA R 24 -50.02 45.29 7.98
N LEU R 25 -48.95 44.50 8.10
CA LEU R 25 -48.20 44.40 9.35
C LEU R 25 -47.46 45.70 9.73
N GLY R 26 -47.17 46.55 8.74
CA GLY R 26 -46.63 47.89 8.99
C GLY R 26 -47.67 48.94 9.38
N SER R 27 -48.95 48.57 9.34
CA SER R 27 -50.05 49.49 9.58
C SER R 27 -50.71 49.22 10.94
N PRO R 28 -50.59 50.16 11.90
CA PRO R 28 -51.15 49.94 13.24
C PRO R 28 -52.69 50.09 13.38
N GLU R 29 -53.38 50.50 12.32
CA GLU R 29 -54.83 50.72 12.40
C GLU R 29 -55.64 49.41 12.35
N MET R 30 -55.01 48.34 11.84
CA MET R 30 -55.66 47.04 11.70
C MET R 30 -54.87 45.99 12.47
N GLU R 31 -55.58 45.02 13.03
CA GLU R 31 -54.97 43.78 13.50
C GLU R 31 -55.22 42.75 12.40
N LEU R 32 -54.13 42.25 11.82
CA LEU R 32 -54.22 41.18 10.82
C LEU R 32 -54.53 39.88 11.54
N ILE R 33 -55.77 39.41 11.43
CA ILE R 33 -56.23 38.19 12.12
C ILE R 33 -55.64 36.95 11.45
N GLY R 34 -55.78 36.88 10.14
CA GLY R 34 -55.28 35.73 9.38
C GLY R 34 -55.09 36.00 7.91
N ILE R 35 -54.35 35.10 7.27
CA ILE R 35 -54.12 35.13 5.84
C ILE R 35 -54.80 33.90 5.26
N THR R 36 -55.92 34.12 4.59
CA THR R 36 -56.55 33.07 3.81
C THR R 36 -55.73 32.83 2.52
N GLY R 37 -55.47 31.56 2.19
CA GLY R 37 -54.64 31.21 1.02
C GLY R 37 -55.48 30.84 -0.18
N THR R 38 -55.10 31.32 -1.36
CA THR R 38 -55.75 30.94 -2.61
C THR R 38 -54.67 30.76 -3.69
N TYR R 39 -55.08 30.67 -4.95
CA TYR R 39 -54.25 30.18 -6.05
C TYR R 39 -54.16 31.23 -7.16
N GLY R 40 -53.22 31.04 -8.09
CA GLY R 40 -53.10 31.92 -9.25
C GLY R 40 -51.67 32.22 -9.60
N ASN R 41 -51.09 33.18 -8.88
CA ASN R 41 -49.66 33.51 -9.01
C ASN R 41 -48.83 32.26 -8.76
N VAL R 42 -49.28 31.45 -7.80
CA VAL R 42 -48.66 30.18 -7.48
C VAL R 42 -49.73 29.19 -6.97
N LEU R 43 -49.42 27.90 -7.03
CA LEU R 43 -50.27 26.82 -6.49
C LEU R 43 -50.74 27.12 -5.07
N MET R 44 -51.96 26.73 -4.76
CA MET R 44 -52.60 27.13 -3.48
C MET R 44 -51.75 26.85 -2.25
N GLU R 45 -51.21 25.62 -2.19
CA GLU R 45 -50.32 25.18 -1.11
C GLU R 45 -49.08 26.06 -0.98
N GLN R 46 -48.40 26.29 -2.11
CA GLN R 46 -47.26 27.20 -2.15
C GLN R 46 -47.60 28.59 -1.57
N GLY R 47 -48.82 29.07 -1.84
CA GLY R 47 -49.35 30.30 -1.25
C GLY R 47 -49.31 30.30 0.27
N VAL R 48 -49.65 29.16 0.86
CA VAL R 48 -49.61 28.97 2.31
C VAL R 48 -48.19 28.87 2.84
N ARG R 49 -47.32 28.09 2.20
CA ARG R 49 -45.90 27.98 2.61
C ARG R 49 -45.23 29.34 2.69
N ASN R 50 -45.49 30.16 1.68
CA ASN R 50 -44.91 31.49 1.58
C ASN R 50 -45.48 32.40 2.66
N ALA R 51 -46.80 32.39 2.79
CA ALA R 51 -47.49 33.19 3.81
C ALA R 51 -46.94 32.95 5.22
N LEU R 52 -46.82 31.69 5.60
CA LEU R 52 -46.27 31.30 6.90
C LEU R 52 -44.83 31.77 7.04
N ALA R 53 -43.99 31.41 6.08
CA ALA R 53 -42.56 31.77 6.08
C ALA R 53 -42.30 33.27 6.14
N ILE R 54 -43.12 34.04 5.44
CA ILE R 54 -42.94 35.49 5.33
C ILE R 54 -43.45 36.20 6.57
N THR R 55 -44.62 35.82 7.07
CA THR R 55 -45.16 36.36 8.32
C THR R 55 -44.17 36.17 9.48
N ASP R 56 -43.56 34.98 9.53
CA ASP R 56 -42.45 34.71 10.45
C ASP R 56 -41.30 35.70 10.25
N LEU R 57 -40.79 35.79 9.02
CA LEU R 57 -39.62 36.64 8.71
C LEU R 57 -39.78 38.10 9.12
N LEU R 58 -40.98 38.65 8.97
CA LEU R 58 -41.26 40.06 9.29
C LEU R 58 -41.42 40.33 10.80
N GLY R 59 -41.52 39.25 11.58
CA GLY R 59 -41.60 39.32 13.04
C GLY R 59 -43.01 39.14 13.59
N HIS R 60 -43.88 38.48 12.83
CA HIS R 60 -45.28 38.31 13.22
C HIS R 60 -45.75 36.87 12.96
N PRO R 61 -45.25 35.90 13.76
CA PRO R 61 -45.70 34.53 13.62
C PRO R 61 -47.05 34.22 14.29
N GLU R 62 -47.73 35.23 14.84
CA GLU R 62 -49.11 35.08 15.34
C GLU R 62 -50.14 35.01 14.21
N VAL R 63 -49.76 35.40 12.99
CA VAL R 63 -50.66 35.44 11.86
C VAL R 63 -51.00 34.01 11.43
N LYS R 64 -52.25 33.61 11.67
CA LYS R 64 -52.70 32.25 11.42
C LYS R 64 -53.11 32.11 9.96
N VAL R 65 -52.47 31.20 9.24
CA VAL R 65 -52.71 31.01 7.81
C VAL R 65 -53.71 29.88 7.58
N TYR R 66 -54.85 30.19 6.97
CA TYR R 66 -55.90 29.21 6.70
C TYR R 66 -55.83 28.73 5.27
N LYS R 67 -56.57 27.67 4.98
CA LYS R 67 -56.42 26.92 3.73
C LYS R 67 -57.72 27.03 2.92
N GLY R 68 -57.70 27.83 1.86
CA GLY R 68 -58.83 27.97 0.95
C GLY R 68 -58.86 26.90 -0.14
N LEU R 69 -59.52 27.21 -1.25
CA LEU R 69 -59.77 26.23 -2.32
C LEU R 69 -58.65 26.25 -3.38
N SER R 70 -58.36 25.07 -3.95
CA SER R 70 -57.26 24.89 -4.92
C SER R 70 -57.60 25.33 -6.34
N HIS R 71 -58.81 25.02 -6.79
CA HIS R 71 -59.24 25.28 -8.18
C HIS R 71 -60.44 26.24 -8.22
N ALA R 72 -60.77 26.69 -9.43
CA ALA R 72 -61.86 27.65 -9.63
C ALA R 72 -63.25 27.07 -9.41
N SER R 73 -64.18 27.94 -9.00
CA SER R 73 -65.62 27.70 -8.95
C SER R 73 -66.13 26.67 -9.97
N THR R 74 -65.75 26.86 -11.24
CA THR R 74 -66.24 26.04 -12.36
C THR R 74 -65.15 25.23 -13.10
N LYS R 75 -64.06 24.92 -12.41
CA LYS R 75 -62.99 24.07 -12.96
C LYS R 75 -62.69 22.90 -12.02
N ASP R 76 -62.11 21.84 -12.57
CA ASP R 76 -61.75 20.63 -11.81
C ASP R 76 -60.39 20.78 -11.14
N SER R 77 -59.42 21.38 -11.86
CA SER R 77 -58.03 21.48 -11.43
C SER R 77 -57.49 22.90 -11.59
N PHE R 78 -56.19 23.06 -11.33
CA PHE R 78 -55.48 24.31 -11.60
C PHE R 78 -53.97 24.09 -11.74
N GLU R 79 -53.39 24.68 -12.79
CA GLU R 79 -51.95 24.72 -12.99
C GLU R 79 -51.54 26.21 -13.01
N VAL R 80 -50.32 26.50 -12.58
CA VAL R 80 -49.77 27.84 -12.69
C VAL R 80 -49.43 28.10 -14.15
N LEU R 81 -49.92 29.22 -14.69
CA LEU R 81 -49.60 29.60 -16.08
C LEU R 81 -48.14 30.04 -16.16
N PRO R 82 -47.46 29.77 -17.30
CA PRO R 82 -46.02 30.10 -17.37
C PRO R 82 -45.73 31.62 -17.32
N ILE R 83 -46.71 32.43 -17.70
CA ILE R 83 -46.62 33.90 -17.62
C ILE R 83 -46.43 34.34 -16.15
N SER R 84 -47.30 33.84 -15.27
CA SER R 84 -47.22 34.16 -13.83
C SER R 84 -45.98 33.54 -13.16
N ALA R 85 -45.51 32.40 -13.68
CA ALA R 85 -44.25 31.81 -13.24
C ALA R 85 -43.02 32.66 -13.62
N PHE R 86 -43.11 33.38 -14.75
CA PHE R 86 -42.04 34.31 -15.15
C PHE R 86 -42.00 35.56 -14.26
N ILE R 87 -43.18 36.10 -13.94
CA ILE R 87 -43.30 37.32 -13.14
C ILE R 87 -42.93 37.08 -11.66
N HIS R 88 -43.70 36.20 -11.02
CA HIS R 88 -43.55 35.93 -9.58
C HIS R 88 -42.55 34.81 -9.26
N GLY R 89 -42.03 34.13 -10.28
CA GLY R 89 -41.06 33.05 -10.08
C GLY R 89 -41.71 31.71 -9.83
N ASP R 90 -40.88 30.69 -9.59
CA ASP R 90 -41.36 29.31 -9.40
C ASP R 90 -41.91 29.13 -7.99
N ASN R 91 -41.12 29.54 -7.00
CA ASN R 91 -41.59 29.58 -5.61
C ASN R 91 -42.70 30.62 -5.35
N GLY R 92 -42.83 31.63 -6.22
CA GLY R 92 -43.86 32.67 -6.11
C GLY R 92 -43.42 33.86 -5.26
N ILE R 93 -42.10 34.01 -5.08
CA ILE R 93 -41.51 34.98 -4.14
C ILE R 93 -40.23 35.57 -4.75
N GLY R 94 -40.28 35.91 -6.04
CA GLY R 94 -39.04 36.08 -6.83
C GLY R 94 -38.50 34.68 -7.03
N ASP R 95 -37.23 34.46 -6.72
CA ASP R 95 -36.74 33.11 -6.46
C ASP R 95 -35.89 33.18 -5.21
N VAL R 96 -36.39 33.92 -4.23
CA VAL R 96 -35.63 34.26 -3.05
C VAL R 96 -35.76 33.12 -2.05
N GLU R 97 -34.61 32.61 -1.61
CA GLU R 97 -34.54 31.48 -0.68
C GLU R 97 -34.80 32.00 0.71
N ILE R 98 -35.75 31.36 1.40
CA ILE R 98 -36.22 31.81 2.71
C ILE R 98 -36.61 30.56 3.51
N PRO R 99 -36.20 30.48 4.79
CA PRO R 99 -36.52 29.26 5.56
C PRO R 99 -38.01 29.01 5.72
N ASP R 100 -38.42 27.74 5.56
CA ASP R 100 -39.80 27.33 5.81
C ASP R 100 -40.18 27.62 7.25
N SER R 101 -41.41 28.08 7.48
CA SER R 101 -41.91 28.21 8.84
C SER R 101 -42.24 26.82 9.38
N PRO R 102 -41.82 26.52 10.62
CA PRO R 102 -42.24 25.26 11.24
C PRO R 102 -43.71 25.25 11.67
N ARG R 103 -44.37 26.43 11.72
CA ARG R 103 -45.82 26.54 11.91
C ARG R 103 -46.42 26.03 10.60
N LYS R 104 -47.65 25.56 10.71
CA LYS R 104 -48.40 25.00 9.60
C LYS R 104 -49.83 25.55 9.56
N ALA R 105 -50.56 25.23 8.49
CA ALA R 105 -51.89 25.76 8.28
C ALA R 105 -52.87 25.31 9.36
N GLU R 106 -53.80 26.18 9.72
CA GLU R 106 -54.83 25.85 10.71
C GLU R 106 -55.74 24.73 10.21
N ASP R 107 -56.45 24.11 11.13
CA ASP R 107 -57.20 22.88 10.83
C ASP R 107 -58.41 23.16 9.95
N GLU R 108 -59.18 24.19 10.32
CA GLU R 108 -60.39 24.54 9.57
C GLU R 108 -60.09 25.19 8.22
N SER R 109 -61.06 25.10 7.31
CA SER R 109 -60.97 25.72 5.99
C SER R 109 -61.10 27.24 6.11
N ALA R 110 -60.56 27.93 5.11
CA ALA R 110 -60.60 29.38 5.08
C ALA R 110 -62.01 29.90 4.79
N VAL R 111 -62.78 29.10 4.05
CA VAL R 111 -64.19 29.36 3.84
C VAL R 111 -64.88 29.58 5.20
N ASP R 112 -64.70 28.62 6.12
CA ASP R 112 -65.31 28.68 7.46
C ASP R 112 -64.69 29.73 8.37
N PHE R 113 -63.39 29.97 8.23
CA PHE R 113 -62.70 31.01 9.00
C PHE R 113 -63.28 32.39 8.71
N ILE R 114 -63.56 32.66 7.43
CA ILE R 114 -64.18 33.92 7.01
C ILE R 114 -65.57 34.04 7.63
N ILE R 115 -66.40 33.01 7.46
CA ILE R 115 -67.78 33.01 7.95
C ILE R 115 -67.80 33.23 9.46
N ASP R 116 -66.93 32.49 10.15
CA ASP R 116 -66.78 32.60 11.61
C ASP R 116 -66.31 34.00 12.01
N SER R 117 -65.29 34.51 11.34
CA SER R 117 -64.74 35.86 11.61
C SER R 117 -65.78 36.97 11.39
N VAL R 118 -66.66 36.79 10.41
CA VAL R 118 -67.76 37.72 10.15
C VAL R 118 -68.71 37.75 11.35
N LYS R 119 -69.08 36.58 11.85
CA LYS R 119 -69.98 36.50 13.00
C LYS R 119 -69.34 36.96 14.31
N LYS R 120 -68.02 36.80 14.44
CA LYS R 120 -67.32 37.30 15.64
C LYS R 120 -67.17 38.82 15.63
N TYR R 121 -66.53 39.34 14.59
CA TYR R 121 -66.12 40.75 14.56
C TYR R 121 -67.09 41.66 13.80
N GLY R 122 -68.07 41.08 13.09
CA GLY R 122 -69.14 41.86 12.46
C GLY R 122 -68.65 43.01 11.58
N LYS R 123 -69.05 44.22 11.94
CA LYS R 123 -68.70 45.41 11.19
C LYS R 123 -67.28 45.99 11.48
N ASP R 124 -66.57 45.41 12.43
CA ASP R 124 -65.15 45.72 12.61
C ASP R 124 -64.24 44.92 11.66
N LEU R 125 -64.80 43.88 11.01
CA LEU R 125 -64.03 43.03 10.09
C LEU R 125 -63.89 43.66 8.70
N VAL R 126 -62.68 43.55 8.14
CA VAL R 126 -62.35 44.04 6.80
C VAL R 126 -61.64 42.93 6.05
N TYR R 127 -62.25 42.43 4.97
CA TYR R 127 -61.69 41.33 4.18
C TYR R 127 -61.11 41.89 2.88
N VAL R 128 -59.83 41.65 2.63
CA VAL R 128 -59.09 42.30 1.53
C VAL R 128 -58.45 41.25 0.65
N PRO R 129 -59.21 40.70 -0.32
CA PRO R 129 -58.74 39.64 -1.20
C PRO R 129 -58.00 40.16 -2.41
N THR R 130 -56.72 39.81 -2.54
CA THR R 130 -55.93 40.18 -3.70
C THR R 130 -55.47 38.94 -4.48
N GLY R 131 -56.28 37.90 -4.40
CA GLY R 131 -56.22 36.77 -5.32
C GLY R 131 -57.61 36.61 -5.88
N PRO R 132 -57.85 35.50 -6.59
CA PRO R 132 -59.19 35.13 -7.02
C PRO R 132 -60.24 35.19 -5.91
N MET R 133 -61.47 35.47 -6.33
CA MET R 133 -62.59 35.64 -5.41
C MET R 133 -63.18 34.29 -4.98
N THR R 134 -62.74 33.20 -5.63
CA THR R 134 -63.15 31.82 -5.35
C THR R 134 -63.53 31.51 -3.90
N ASN R 135 -62.70 31.98 -2.96
CA ASN R 135 -62.93 31.72 -1.55
C ASN R 135 -64.19 32.41 -1.01
N ILE R 136 -64.25 33.74 -1.11
CA ILE R 136 -65.43 34.47 -0.60
C ILE R 136 -66.74 34.23 -1.39
N ALA R 137 -66.64 33.73 -2.62
CA ALA R 137 -67.80 33.25 -3.37
C ALA R 137 -68.42 32.02 -2.68
N ALA R 138 -67.56 31.07 -2.33
CA ALA R 138 -67.96 29.89 -1.56
C ALA R 138 -68.49 30.24 -0.16
N ALA R 139 -67.90 31.28 0.46
CA ALA R 139 -68.35 31.77 1.76
C ALA R 139 -69.76 32.38 1.69
N LEU R 140 -69.94 33.29 0.73
CA LEU R 140 -71.26 33.90 0.47
C LEU R 140 -72.30 32.88 0.01
N LYS R 141 -71.86 31.90 -0.78
CA LYS R 141 -72.68 30.74 -1.13
C LYS R 141 -73.18 30.03 0.14
N LYS R 142 -72.26 29.52 0.95
CA LYS R 142 -72.62 28.77 2.17
C LYS R 142 -73.37 29.62 3.22
N ALA R 143 -72.94 30.86 3.40
CA ALA R 143 -73.55 31.78 4.38
C ALA R 143 -73.80 33.16 3.75
N PRO R 144 -74.95 33.33 3.08
CA PRO R 144 -75.24 34.63 2.43
C PRO R 144 -75.49 35.81 3.40
N GLU R 145 -75.78 35.53 4.68
CA GLU R 145 -75.92 36.56 5.72
C GLU R 145 -74.74 37.54 5.76
N ILE R 146 -73.54 37.01 5.52
CA ILE R 146 -72.28 37.77 5.48
C ILE R 146 -72.44 39.18 4.90
N LYS R 147 -73.08 39.25 3.73
CA LYS R 147 -73.38 40.52 3.01
C LYS R 147 -73.55 41.73 3.92
N ASP R 148 -74.53 41.63 4.81
CA ASP R 148 -74.95 42.73 5.67
C ASP R 148 -74.13 42.76 6.96
N GLU R 149 -73.72 41.58 7.45
CA GLU R 149 -72.94 41.45 8.69
C GLU R 149 -71.51 41.98 8.58
N ILE R 150 -70.84 41.75 7.45
CA ILE R 150 -69.44 42.16 7.28
C ILE R 150 -69.27 43.69 7.18
N GLY R 151 -68.15 44.19 7.68
CA GLY R 151 -67.84 45.61 7.68
C GLY R 151 -67.60 46.14 6.28
N LYS R 152 -66.54 45.65 5.64
CA LYS R 152 -66.28 45.97 4.22
C LYS R 152 -65.33 44.99 3.56
N ILE R 153 -65.55 44.75 2.27
CA ILE R 153 -64.62 44.01 1.42
C ILE R 153 -63.92 45.03 0.53
N VAL R 154 -62.61 44.85 0.31
CA VAL R 154 -61.82 45.78 -0.51
C VAL R 154 -60.82 44.97 -1.33
N LEU R 155 -61.24 44.54 -2.52
CA LEU R 155 -60.44 43.64 -3.35
C LEU R 155 -59.47 44.39 -4.26
N MET R 156 -58.48 43.65 -4.75
CA MET R 156 -57.65 44.07 -5.87
C MET R 156 -57.96 43.12 -7.00
N GLY R 157 -58.33 43.70 -8.14
CA GLY R 157 -58.72 42.94 -9.32
C GLY R 157 -59.61 43.74 -10.26
N GLY R 158 -59.77 43.22 -11.46
CA GLY R 158 -60.60 43.84 -12.49
C GLY R 158 -59.99 45.06 -13.15
N ALA R 159 -60.71 45.57 -14.15
CA ALA R 159 -60.42 46.82 -14.83
C ALA R 159 -61.72 47.34 -15.43
N LEU R 160 -62.20 48.48 -14.95
CA LEU R 160 -63.48 49.03 -15.40
C LEU R 160 -63.28 49.86 -16.63
N THR R 161 -62.53 50.95 -16.49
CA THR R 161 -62.40 51.98 -17.53
C THR R 161 -61.19 51.78 -18.43
N ILE R 162 -60.59 50.59 -18.43
CA ILE R 162 -59.31 50.40 -19.10
C ILE R 162 -59.10 48.96 -19.57
N HIS R 163 -58.07 48.74 -20.40
CA HIS R 163 -57.71 47.39 -20.81
C HIS R 163 -57.23 46.55 -19.62
N GLY R 164 -57.65 45.29 -19.59
CA GLY R 164 -57.11 44.31 -18.66
C GLY R 164 -55.68 43.94 -19.00
N ASN R 165 -55.08 43.08 -18.17
CA ASN R 165 -53.69 42.64 -18.39
C ASN R 165 -53.53 41.21 -18.92
N VAL R 166 -54.53 40.35 -18.75
CA VAL R 166 -54.49 38.99 -19.31
C VAL R 166 -54.82 39.04 -20.80
N ASN R 167 -55.95 39.67 -21.11
CA ASN R 167 -56.34 40.00 -22.47
C ASN R 167 -56.75 41.48 -22.47
N ALA R 168 -57.36 41.96 -23.56
CA ALA R 168 -57.80 43.37 -23.61
C ALA R 168 -58.95 43.74 -22.65
N TRP R 169 -59.66 42.74 -22.11
CA TRP R 169 -60.87 42.99 -21.32
C TRP R 169 -60.95 42.32 -19.93
N THR R 170 -59.94 41.53 -19.54
CA THR R 170 -59.95 40.84 -18.22
C THR R 170 -58.63 41.03 -17.48
N GLU R 171 -58.73 41.07 -16.15
CA GLU R 171 -57.57 41.17 -15.28
C GLU R 171 -57.33 39.84 -14.55
N ALA R 172 -56.06 39.55 -14.26
CA ALA R 172 -55.61 38.25 -13.69
C ALA R 172 -56.50 37.61 -12.62
N ASN R 173 -56.63 38.25 -11.46
CA ASN R 173 -57.42 37.73 -10.33
C ASN R 173 -58.89 37.42 -10.70
N ILE R 174 -59.46 38.24 -11.58
CA ILE R 174 -60.82 38.00 -12.08
C ILE R 174 -60.79 36.89 -13.13
N SER R 175 -59.78 36.91 -13.99
CA SER R 175 -59.60 35.92 -15.05
C SER R 175 -59.60 34.48 -14.53
N GLN R 176 -58.95 34.27 -13.40
CA GLN R 176 -58.77 32.91 -12.84
C GLN R 176 -60.08 32.29 -12.38
N ASP R 177 -60.97 33.12 -11.85
CA ASP R 177 -62.35 32.71 -11.53
C ASP R 177 -63.31 33.89 -11.71
N PRO R 178 -63.86 34.02 -12.93
CA PRO R 178 -64.86 35.06 -13.22
C PRO R 178 -66.19 34.82 -12.52
N ASP R 179 -66.64 33.56 -12.49
CA ASP R 179 -67.97 33.24 -11.98
C ASP R 179 -68.10 33.58 -10.50
N ALA R 180 -67.01 33.34 -9.77
CA ALA R 180 -66.91 33.71 -8.36
C ALA R 180 -66.96 35.22 -8.18
N ALA R 181 -66.14 35.92 -8.95
CA ALA R 181 -66.13 37.38 -8.93
C ALA R 181 -67.51 37.98 -9.22
N ASP R 182 -68.24 37.38 -10.16
CA ASP R 182 -69.61 37.80 -10.47
C ASP R 182 -70.50 37.68 -9.22
N ILE R 183 -70.43 36.50 -8.59
CA ILE R 183 -71.23 36.22 -7.39
C ILE R 183 -70.97 37.26 -6.30
N LEU R 184 -69.70 37.59 -6.08
CA LEU R 184 -69.29 38.62 -5.12
C LEU R 184 -69.88 39.99 -5.45
N PHE R 185 -69.71 40.43 -6.68
CA PHE R 185 -70.12 41.78 -7.11
C PHE R 185 -71.63 41.93 -6.98
N ARG R 186 -72.34 40.94 -7.50
CA ARG R 186 -73.80 40.86 -7.42
C ARG R 186 -74.35 40.65 -6.01
N SER R 187 -73.59 40.00 -5.13
CA SER R 187 -73.99 39.73 -3.74
C SER R 187 -74.66 40.90 -3.03
N GLY R 188 -74.14 42.11 -3.27
CA GLY R 188 -74.62 43.30 -2.61
C GLY R 188 -73.82 43.63 -1.36
N ALA R 189 -72.73 42.89 -1.14
CA ALA R 189 -71.83 43.15 -0.03
C ALA R 189 -71.12 44.48 -0.33
N PRO R 190 -70.69 45.21 0.73
CA PRO R 190 -70.06 46.50 0.53
C PRO R 190 -68.60 46.37 0.01
N VAL R 191 -68.49 46.07 -1.28
CA VAL R 191 -67.22 45.86 -1.94
C VAL R 191 -66.64 47.19 -2.43
N THR R 192 -65.32 47.27 -2.51
CA THR R 192 -64.61 48.37 -3.15
C THR R 192 -63.58 47.73 -4.08
N MET R 193 -63.82 47.81 -5.39
CA MET R 193 -62.90 47.25 -6.36
C MET R 193 -61.75 48.20 -6.58
N ILE R 194 -60.52 47.71 -6.44
CA ILE R 194 -59.32 48.48 -6.76
C ILE R 194 -58.64 47.77 -7.91
N GLY R 195 -59.01 48.19 -9.13
CA GLY R 195 -58.56 47.56 -10.35
C GLY R 195 -57.43 48.31 -11.02
N LEU R 196 -57.11 47.87 -12.24
CA LEU R 196 -55.95 48.35 -12.99
C LEU R 196 -56.01 49.85 -13.25
N ASP R 197 -57.22 50.35 -13.54
CA ASP R 197 -57.48 51.80 -13.70
C ASP R 197 -56.87 52.69 -12.61
N VAL R 198 -56.67 52.12 -11.42
CA VAL R 198 -55.95 52.79 -10.33
C VAL R 198 -54.55 52.20 -10.06
N THR R 199 -54.39 50.88 -10.11
CA THR R 199 -53.10 50.24 -9.75
C THR R 199 -51.97 50.46 -10.75
N LEU R 200 -52.31 50.66 -12.01
CA LEU R 200 -51.31 50.96 -13.06
C LEU R 200 -50.79 52.39 -12.99
N GLN R 201 -51.42 53.25 -12.21
CA GLN R 201 -50.86 54.56 -11.86
C GLN R 201 -49.77 54.47 -10.77
N THR R 202 -49.82 53.42 -9.95
CA THR R 202 -48.79 53.15 -8.93
C THR R 202 -47.52 52.60 -9.56
N LEU R 203 -46.39 52.91 -8.94
CA LEU R 203 -45.07 52.54 -9.47
C LEU R 203 -44.01 52.53 -8.37
N LEU R 204 -43.12 51.55 -8.44
CA LEU R 204 -41.81 51.67 -7.76
C LEU R 204 -40.68 51.01 -8.55
N THR R 205 -39.49 51.59 -8.42
CA THR R 205 -38.31 51.24 -9.19
C THR R 205 -37.21 50.80 -8.21
N TYR R 206 -36.01 50.54 -8.71
CA TYR R 206 -34.87 50.19 -7.87
C TYR R 206 -34.44 51.30 -6.89
N LYS R 207 -34.77 52.57 -7.21
CA LYS R 207 -34.61 53.69 -6.27
C LYS R 207 -35.22 53.39 -4.90
N GLU R 208 -36.38 52.75 -4.91
CA GLU R 208 -37.13 52.41 -3.68
C GLU R 208 -36.63 51.12 -3.00
N THR R 209 -36.23 50.11 -3.78
CA THR R 209 -35.77 48.84 -3.22
C THR R 209 -34.34 48.93 -2.64
N LYS R 210 -33.53 49.83 -3.19
CA LYS R 210 -32.20 50.14 -2.64
C LYS R 210 -32.28 50.74 -1.22
N GLN R 211 -33.39 51.41 -0.90
CA GLN R 211 -33.64 51.93 0.46
C GLN R 211 -33.86 50.81 1.48
N TRP R 212 -34.54 49.74 1.05
CA TRP R 212 -34.75 48.56 1.90
C TRP R 212 -33.44 47.80 2.17
N ARG R 213 -32.56 47.75 1.17
CA ARG R 213 -31.22 47.16 1.34
C ARG R 213 -30.38 47.92 2.38
N ASP R 214 -30.53 49.26 2.41
CA ASP R 214 -29.82 50.12 3.35
C ASP R 214 -30.14 49.86 4.84
N LEU R 215 -31.31 49.26 5.11
CA LEU R 215 -31.70 48.89 6.49
C LEU R 215 -30.91 47.69 7.05
N ASN R 216 -30.30 46.89 6.17
CA ASN R 216 -29.38 45.80 6.54
C ASN R 216 -30.00 44.63 7.32
N THR R 217 -31.34 44.48 7.24
CA THR R 217 -32.04 43.45 8.01
C THR R 217 -32.31 42.21 7.16
N LYS R 218 -32.71 41.13 7.83
CA LYS R 218 -33.16 39.90 7.17
C LYS R 218 -34.34 40.23 6.25
N ALA R 219 -35.31 40.98 6.78
CA ALA R 219 -36.52 41.39 6.05
C ALA R 219 -36.24 42.39 4.92
N GLY R 220 -35.43 43.40 5.20
CA GLY R 220 -35.06 44.43 4.22
C GLY R 220 -34.41 43.84 2.97
N LYS R 221 -33.43 42.96 3.18
CA LYS R 221 -32.75 42.27 2.08
C LYS R 221 -33.71 41.35 1.29
N PHE R 222 -34.63 40.69 2.00
CA PHE R 222 -35.61 39.81 1.36
C PHE R 222 -36.55 40.56 0.41
N LEU R 223 -37.23 41.58 0.94
CA LEU R 223 -38.20 42.37 0.15
C LEU R 223 -37.53 43.05 -1.05
N ALA R 224 -36.28 43.48 -0.89
CA ALA R 224 -35.51 44.09 -1.98
C ALA R 224 -35.19 43.05 -3.07
N ASP R 225 -34.57 41.94 -2.67
CA ASP R 225 -34.27 40.82 -3.60
C ASP R 225 -35.52 40.34 -4.35
N MET R 226 -36.62 40.26 -3.62
CA MET R 226 -37.88 39.76 -4.15
C MET R 226 -38.48 40.66 -5.23
N THR R 227 -38.69 41.93 -4.89
CA THR R 227 -39.30 42.89 -5.81
C THR R 227 -38.38 43.25 -6.99
N ASP R 228 -37.07 43.05 -6.84
CA ASP R 228 -36.12 43.23 -7.95
C ASP R 228 -36.26 42.14 -9.03
N PHE R 229 -36.62 40.92 -8.63
CA PHE R 229 -37.03 39.88 -9.59
C PHE R 229 -38.30 40.28 -10.33
N TYR R 230 -39.24 40.83 -9.56
CA TYR R 230 -40.53 41.32 -10.05
C TYR R 230 -40.37 42.50 -11.02
N ILE R 231 -39.41 43.38 -10.76
CA ILE R 231 -39.14 44.52 -11.67
C ILE R 231 -38.46 44.05 -12.97
N LYS R 232 -37.46 43.16 -12.85
CA LYS R 232 -36.76 42.61 -14.04
C LYS R 232 -37.67 41.77 -14.95
N ALA R 233 -38.70 41.16 -14.36
CA ALA R 233 -39.77 40.54 -15.13
C ALA R 233 -40.62 41.61 -15.84
N TYR R 234 -40.99 42.66 -15.10
CA TYR R 234 -41.72 43.81 -15.68
C TYR R 234 -40.91 44.56 -16.76
N GLU R 235 -39.59 44.57 -16.65
CA GLU R 235 -38.72 45.12 -17.70
C GLU R 235 -38.94 44.48 -19.08
N THR R 236 -39.31 43.20 -19.12
CA THR R 236 -39.64 42.50 -20.39
C THR R 236 -41.17 42.47 -20.68
N THR R 237 -42.00 42.19 -19.67
CA THR R 237 -43.46 42.11 -19.87
C THR R 237 -44.15 43.47 -20.04
N ALA R 238 -43.52 44.54 -19.55
CA ALA R 238 -44.07 45.89 -19.67
C ALA R 238 -42.98 46.97 -19.47
N PRO R 239 -42.07 47.13 -20.46
CA PRO R 239 -41.04 48.18 -20.39
C PRO R 239 -41.57 49.62 -20.49
N HIS R 240 -42.83 49.79 -20.87
CA HIS R 240 -43.50 51.10 -20.88
C HIS R 240 -43.74 51.72 -19.47
N LEU R 241 -43.53 50.95 -18.39
CA LEU R 241 -43.63 51.46 -17.01
C LEU R 241 -42.26 51.72 -16.33
N GLY R 242 -41.25 50.88 -16.62
CA GLY R 242 -39.88 51.08 -16.09
C GLY R 242 -39.55 50.33 -14.81
N GLY R 243 -40.52 50.29 -13.88
CA GLY R 243 -40.43 49.53 -12.64
C GLY R 243 -41.58 48.53 -12.57
N CYS R 244 -42.30 48.49 -11.44
CA CYS R 244 -43.39 47.53 -11.23
C CYS R 244 -44.63 48.17 -10.61
N GLY R 245 -45.77 47.53 -10.83
CA GLY R 245 -47.03 48.02 -10.28
C GLY R 245 -47.18 47.62 -8.82
N LEU R 246 -47.85 48.47 -8.05
CA LEU R 246 -48.15 48.19 -6.65
C LEU R 246 -49.63 47.84 -6.54
N HIS R 247 -49.97 46.65 -7.00
CA HIS R 247 -51.36 46.25 -7.20
C HIS R 247 -52.03 45.90 -5.87
N ASP R 248 -51.58 44.82 -5.26
CA ASP R 248 -52.22 44.24 -4.08
C ASP R 248 -52.08 45.10 -2.81
N PRO R 249 -50.90 45.77 -2.62
CA PRO R 249 -50.76 46.65 -1.46
C PRO R 249 -51.76 47.78 -1.40
N LEU R 250 -52.10 48.34 -2.56
CA LEU R 250 -53.00 49.47 -2.64
C LEU R 250 -54.39 49.12 -2.12
N ALA R 251 -54.83 47.90 -2.36
CA ALA R 251 -56.08 47.41 -1.78
C ALA R 251 -56.08 47.50 -0.26
N VAL R 252 -54.97 47.11 0.35
CA VAL R 252 -54.79 47.18 1.80
C VAL R 252 -54.75 48.64 2.26
N ALA R 253 -54.00 49.46 1.52
CA ALA R 253 -53.90 50.90 1.83
C ALA R 253 -55.26 51.60 1.84
N VAL R 254 -56.14 51.21 0.93
CA VAL R 254 -57.50 51.77 0.84
C VAL R 254 -58.42 51.18 1.91
N ALA R 255 -58.15 49.94 2.32
CA ALA R 255 -58.84 49.34 3.45
C ALA R 255 -58.58 50.13 4.74
N VAL R 256 -57.33 50.53 4.96
CA VAL R 256 -56.99 51.34 6.15
C VAL R 256 -57.43 52.79 5.99
N ASP R 257 -57.20 53.35 4.80
CA ASP R 257 -57.48 54.75 4.53
C ASP R 257 -58.21 54.90 3.18
N PRO R 258 -59.55 54.90 3.19
CA PRO R 258 -60.29 55.01 1.92
C PRO R 258 -60.15 56.35 1.16
N THR R 259 -59.58 57.37 1.81
CA THR R 259 -59.33 58.66 1.15
C THR R 259 -58.14 58.64 0.17
N LEU R 260 -57.36 57.56 0.14
CA LEU R 260 -56.29 57.41 -0.87
C LEU R 260 -56.83 57.28 -2.31
N VAL R 261 -58.10 56.93 -2.43
CA VAL R 261 -58.71 56.63 -3.72
C VAL R 261 -59.99 57.45 -3.92
N THR R 262 -60.32 57.74 -5.18
CA THR R 262 -61.59 58.36 -5.57
C THR R 262 -62.43 57.31 -6.30
N THR R 263 -63.57 56.95 -5.73
CA THR R 263 -64.39 55.86 -6.26
C THR R 263 -65.59 56.38 -7.03
N LEU R 264 -66.15 55.49 -7.85
CA LEU R 264 -67.33 55.75 -8.66
C LEU R 264 -68.43 54.81 -8.17
N PRO R 265 -69.45 55.33 -7.46
CA PRO R 265 -70.57 54.47 -7.05
C PRO R 265 -71.24 53.82 -8.25
N ILE R 266 -71.31 52.48 -8.25
CA ILE R 266 -71.77 51.75 -9.42
C ILE R 266 -72.13 50.30 -9.11
N ASN R 267 -73.36 49.90 -9.42
CA ASN R 267 -73.75 48.50 -9.34
C ASN R 267 -73.06 47.73 -10.46
N MET R 268 -72.32 46.69 -10.09
CA MET R 268 -71.39 46.00 -10.99
C MET R 268 -71.76 44.53 -11.22
N GLN R 269 -71.09 43.94 -12.21
CA GLN R 269 -71.17 42.53 -12.52
C GLN R 269 -69.84 42.09 -13.12
N VAL R 270 -69.71 40.80 -13.37
CA VAL R 270 -68.61 40.27 -14.17
C VAL R 270 -69.24 39.46 -15.28
N ASP R 271 -68.69 39.62 -16.48
CA ASP R 271 -69.20 38.94 -17.65
C ASP R 271 -68.80 37.48 -17.58
N VAL R 272 -69.79 36.62 -17.76
CA VAL R 272 -69.62 35.17 -17.68
C VAL R 272 -69.81 34.49 -19.06
N GLU R 273 -70.84 34.89 -19.81
CA GLU R 273 -71.26 34.14 -21.02
C GLU R 273 -70.53 34.51 -22.31
N GLY R 274 -70.39 35.79 -22.58
CA GLY R 274 -69.98 36.27 -23.90
C GLY R 274 -68.51 36.07 -24.23
N PRO R 275 -68.06 36.61 -25.38
CA PRO R 275 -66.63 36.67 -25.70
C PRO R 275 -65.88 37.73 -24.90
N THR R 276 -66.61 38.51 -24.09
CA THR R 276 -66.03 39.35 -23.04
C THR R 276 -65.99 38.68 -21.66
N ARG R 277 -66.03 37.35 -21.60
CA ARG R 277 -66.00 36.62 -20.32
C ARG R 277 -64.78 37.04 -19.47
N GLY R 278 -65.05 37.43 -18.23
CA GLY R 278 -64.02 37.88 -17.28
C GLY R 278 -63.83 39.38 -17.16
N ARG R 279 -64.69 40.14 -17.84
CA ARG R 279 -64.64 41.61 -17.83
C ARG R 279 -65.45 42.12 -16.64
N THR R 280 -64.89 43.10 -15.96
CA THR R 280 -65.60 43.82 -14.91
C THR R 280 -66.32 45.00 -15.54
N ILE R 281 -67.63 45.08 -15.32
CA ILE R 281 -68.46 46.07 -16.02
C ILE R 281 -69.74 46.33 -15.25
N GLY R 282 -70.30 47.53 -15.39
CA GLY R 282 -71.56 47.88 -14.74
C GLY R 282 -72.74 47.07 -15.25
N ASP R 283 -73.63 46.69 -14.35
CA ASP R 283 -74.87 46.01 -14.73
C ASP R 283 -75.86 47.09 -15.09
N VAL R 284 -76.42 46.99 -16.30
CA VAL R 284 -77.36 47.98 -16.81
C VAL R 284 -78.64 47.91 -16.00
N THR R 285 -79.09 46.68 -15.73
CA THR R 285 -80.27 46.40 -14.92
C THR R 285 -80.34 47.24 -13.65
N ARG R 286 -79.19 47.39 -12.97
CA ARG R 286 -79.12 48.14 -11.73
C ARG R 286 -78.45 49.52 -11.91
N LEU R 287 -78.58 50.12 -13.11
CA LEU R 287 -78.06 51.46 -13.34
C LEU R 287 -78.99 52.50 -12.73
N ASN R 288 -80.29 52.35 -12.99
CA ASN R 288 -81.31 53.27 -12.48
C ASN R 288 -81.68 53.04 -11.01
N ASP R 289 -81.28 51.90 -10.44
CA ASP R 289 -81.34 51.67 -8.99
C ASP R 289 -80.38 52.66 -8.30
N PRO R 290 -80.91 53.62 -7.50
CA PRO R 290 -80.04 54.63 -6.87
C PRO R 290 -79.08 54.06 -5.81
N VAL R 291 -79.45 52.95 -5.20
CA VAL R 291 -78.62 52.30 -4.18
C VAL R 291 -77.48 51.56 -4.87
N LYS R 292 -76.25 52.06 -4.69
CA LYS R 292 -75.06 51.48 -5.32
C LYS R 292 -74.36 50.51 -4.35
N THR R 293 -74.31 49.23 -4.71
CA THR R 293 -73.80 48.17 -3.84
C THR R 293 -72.28 48.23 -3.63
N MET R 294 -71.53 48.51 -4.69
CA MET R 294 -70.07 48.62 -4.61
C MET R 294 -69.53 49.84 -5.35
N GLN R 295 -68.25 50.12 -5.16
CA GLN R 295 -67.61 51.33 -5.68
C GLN R 295 -66.29 50.96 -6.35
N VAL R 296 -66.08 51.44 -7.59
CA VAL R 296 -64.85 51.15 -8.32
C VAL R 296 -63.92 52.35 -8.26
N ALA R 297 -62.65 52.07 -8.02
CA ALA R 297 -61.64 53.10 -7.87
C ALA R 297 -61.24 53.57 -9.24
N VAL R 298 -61.25 54.88 -9.43
CA VAL R 298 -60.88 55.50 -10.71
C VAL R 298 -59.71 56.50 -10.59
N GLY R 299 -59.66 57.24 -9.49
CA GLY R 299 -58.53 58.14 -9.18
C GLY R 299 -57.81 57.69 -7.93
N VAL R 300 -56.56 58.14 -7.78
CA VAL R 300 -55.70 57.73 -6.68
C VAL R 300 -54.60 58.77 -6.39
N ASP R 301 -54.29 58.96 -5.10
CA ASP R 301 -53.25 59.87 -4.65
C ASP R 301 -51.91 59.11 -4.65
N VAL R 302 -51.27 59.04 -5.81
CA VAL R 302 -50.10 58.16 -6.02
C VAL R 302 -48.89 58.53 -5.15
N PRO R 303 -48.53 59.82 -5.08
CA PRO R 303 -47.37 60.20 -4.27
C PRO R 303 -47.56 60.01 -2.76
N ARG R 304 -48.79 60.18 -2.27
CA ARG R 304 -49.11 59.95 -0.86
C ARG R 304 -49.14 58.46 -0.54
N PHE R 305 -49.74 57.66 -1.44
CA PHE R 305 -49.72 56.21 -1.31
C PHE R 305 -48.29 55.67 -1.31
N LEU R 306 -47.47 56.14 -2.25
CA LEU R 306 -46.05 55.73 -2.33
C LEU R 306 -45.28 56.09 -1.05
N ASN R 307 -45.59 57.23 -0.44
CA ASN R 307 -44.98 57.63 0.84
C ASN R 307 -45.49 56.78 2.01
N GLU R 308 -46.81 56.57 2.06
CA GLU R 308 -47.43 55.72 3.07
C GLU R 308 -46.87 54.29 3.01
N PHE R 309 -46.74 53.77 1.78
CA PHE R 309 -46.19 52.44 1.47
C PHE R 309 -44.76 52.27 2.00
N MET R 310 -43.87 53.19 1.65
CA MET R 310 -42.47 53.09 2.05
C MET R 310 -42.27 53.32 3.55
N THR R 311 -43.00 54.28 4.13
CA THR R 311 -42.95 54.55 5.57
C THR R 311 -43.33 53.31 6.40
N ARG R 312 -44.45 52.69 6.04
CA ARG R 312 -44.95 51.51 6.75
C ARG R 312 -44.03 50.29 6.60
N ILE R 313 -43.60 50.01 5.37
CA ILE R 313 -42.81 48.80 5.08
C ILE R 313 -41.36 48.94 5.52
N SER R 314 -40.74 50.10 5.30
CA SER R 314 -39.38 50.36 5.81
C SER R 314 -39.32 50.36 7.34
N GLY R 315 -40.40 50.82 8.00
CA GLY R 315 -40.53 50.72 9.45
C GLY R 315 -40.63 49.29 9.97
N LEU R 316 -41.36 48.44 9.23
CA LEU R 316 -41.48 47.02 9.57
C LEU R 316 -40.19 46.25 9.29
N ALA R 317 -39.54 46.52 8.17
CA ALA R 317 -38.27 45.89 7.82
C ALA R 317 -37.15 46.20 8.81
N LYS R 318 -37.17 47.39 9.39
CA LYS R 318 -36.24 47.77 10.48
C LYS R 318 -36.43 46.92 11.74
N ILE R 319 -37.66 46.52 12.03
CA ILE R 319 -38.00 45.69 13.21
C ILE R 319 -37.47 44.24 13.15
N ALA R 320 -37.39 43.64 11.96
CA ALA R 320 -36.81 42.29 11.81
C ALA R 320 -35.30 42.35 11.51
#